data_7Z1O
#
_entry.id   7Z1O
#
loop_
_entity.id
_entity.type
_entity.pdbx_description
1 polymer 'DNA-directed RNA polymerase III subunit RPC1'
2 polymer 'DNA-directed RNA polymerase III subunit RPC2'
3 polymer 'DNA-directed RNA polymerases I and III subunit RPAC1'
4 polymer 'DNA-directed RNA polymerase III subunit RPC9'
5 polymer 'DNA-directed RNA polymerases I, II, and III subunit RPABC1'
6 polymer 'DNA-directed RNA polymerases I, II, and III subunit RPABC2'
7 polymer 'DNA-directed RNA polymerase III subunit RPC8'
8 polymer 'DNA-directed RNA polymerases I, II, and III subunit RPABC3'
9 polymer 'DNA-directed RNA polymerase III subunit RPC10'
10 polymer 'DNA-directed RNA polymerases I, II, and III subunit RPABC5'
11 polymer 'DNA-directed RNA polymerases I and III subunit RPAC2'
12 polymer 'DNA-directed RNA polymerases I, II, and III subunit RPABC4'
13 polymer 'DNA-directed RNA polymerase III subunit RPC5'
14 polymer 'DNA-directed RNA polymerase III subunit RPC4'
15 polymer 'DNA-directed RNA polymerase III subunit RPC3'
16 polymer 'DNA-directed RNA polymerase III subunit RPC6'
17 polymer 'DNA-directed RNA polymerase III subunit RPC7'
18 polymer RNA
19 polymer NT-DNA
20 polymer T-DNA
21 non-polymer 'ZINC ION'
22 non-polymer 'MAGNESIUM ION'
23 non-polymer CHAPSO
#
loop_
_entity_poly.entity_id
_entity_poly.type
_entity_poly.pdbx_seq_one_letter_code
_entity_poly.pdbx_strand_id
1 'polypeptide(L)'
;MKEVVVSETPKRIKGLEFSALSAADIVAQSEVEVSTRDLFDLEKDRAPKANGALDPKMGVSSSSLECATCHGNLASCHGH
FGHLKLALPVFHIGYFKATIQILQGICKNCSAILLSETDKRQFLHELRRPGVDNLRRMGILKKILDQCKKQRRCLHCGAL
NGVVKKAAAGAGSAALKIIHDTFRWVGKKSAPEKDIWVGEWKEVLAHNPELERYVKRCMDDLNPLKTLNLFKQIKSADCE
LLGIDATVPSGRPETYIWRYLPAPPVCIRPSVMMQDSPASNEDDLTVKLTEIVWTSSLIKAGLDKGISINNMMEHWDYLQ
LTVAMYINSDSVNPAMLPGSSNGGGKVKPIRGFCQRLKGKQGRFRGNLSGKRVDFSGRTVISPDPNLSIDEVAVPDRVAK
VLTYPEKVTRYNRHKLQELIVNGPNVHPGANYLLKRNEDARRNLRYGDRMKLAKNLQIGDVVERHLEDGDVVLFNRQPSL
HRLSILSHYAKIRPWRTFRLNECVCTPYNADFDGDEMNLHVPQTEEARAEAINLMGVKNNLLTPKSGEPIIAATQDFITG
SYLISHKDSFYDRATLTQLLSMMSDGIEHFDIPPPAIMKPYYLWTGKQVFSLLIKPNHNSPVVINLDAKNKVFVPPKSKS
LPNEMSQNDGFVIIRGSQILSGVMDKSVLGDGKKHSVFYTILRDYGPQEAANAMNRMAKLCARFLGNRGFSIGINDVTPA
DDLKQKKEELVEIAYHKCDELITLFNKGELETQPGCNEEQTLEAKIGGLLSKVREEVGDVCINELDNWNAPLIMATCGSK
GSTLNVSQMVAVVGQQIISGNRVPDGFQDRSLPHFPKNSKTPQSKGFVRNSFFSGLSPPEFLFHAISGREGLVDTAVKTA
ETGYMSRRLMKSLEDLSCQYDNTVRTSANGIVQFTYGGDGLDPLEMEGNAQPVNFNRSWDHAYNITFNNQDKGLLPYAIM
ETANEILGPLEERLVRYDNSGCLVKREDLNKAEYVDQYDAERDFYHSLREYINGKATALANLRKSRGMLGLLEPPAKELQ
GIDPDETVPDNVKTSVSQLYRISEKSVRKFLEIALFKYRKARLEPGTAIGAIGAQSIGEPGTQMTLKTFHFAGVASMNVT
LGVPRIKEIINASKVISTPIINAVLVNDNDERAARVVKGRVEKTLLSDVAFYVQDVYKDNLSFIQVRIDLGTIDKLQLEL
TIEDIAVAITRASKLKIQASDVNIIGKDRIAINVFPEGYKAKSISTSAKEPSENDVFYRMQQLRRALPDVVVKGLPDISR
AVINIRDDGKRELLVEGYGLRDVMCTDGVIGSRTTTNHVLEVFSVLGIEAARYSIIREINYTMSNHGMSVDPRHIQLLGD
VMTYKGEVLGITRFGLSKMRDSVLQLASFEKTTDHLFDAAFYMKKDAVEGVSECIILGQTMSIGTGSFKVVKGTNISEKD
LVPKRCLFESLSNEAALKAN
;
A
2 'polypeptide(L)'
;MVAATKRRKTHIHKHVKDEAFDDLLKPVYKGKKLTDEINTAQDKWHLLPAFLKVKGLVKQHLDSFNYFVDTDLKKIIKAN
QLILSDVDPEFYLKYVDIRVGKKSSSSTKDYLTPPHECRLRDMTYSAPIYVDIEYTRGRNIIMHKDVEIGRMPIMLRSNK
CILYDADESKMAKLNECPLDPGGYFIVNGTEKVILVQEQLSKNRIIVEADEKKGIVQASVTSSTHERKSKTYVITKNGKI
YLKHNSIAEEIPIAIVLKACGILSDLEIMQLVCGNDSSYQDIFAVNLEESSKLDIYTQQQALEYIGAKVKTMRRQKLTIL
QEGIEAIATTVIAHLTVEALDFREKALYIAMMTRRVVMAMYNPKMIDDRDYVGNKRLELAGQLISLLFEDLFKKFNNDFK
LSIDKVLKKPNRAMEYDALLSINVHSNNITSGLNRAISTGNWSLKRFKMERAGVTHVLSRLSYISALGMMTRISSQFEKS
RKVSGPRALQPSQFGMLCTADTPEGEACGLVKNLALMTHITTDDEEEPIKKLCYVLGVEDITLIDSASLHLNYGVYLNGT
LIGSIRFPTKFVTQFRHLRRTGKVSEFISIYSNSHQMAVHIATDGGRICRPLIIVSDGQSRVKDIHLRKLLDGELDFDDF
LKLGLVEYLDVNEENDSYIALYEKDIVPSMTHLEIEPFTILGAVAGLIPYPHHNQSPRNTYQCAMGKQAIGAIAYNQFKR
IDTLLYLMTYPQQPMVKTKTIELIDYDKLPAGQNATVAVMSYSGYDIEDALVLNKSSIDRGFGRCETRRKTTTVLKRYAN
HTQDIIGGMRVDENGDPIWQHQSLGPDGLGEVGMKVQSGQIYINKSVPTNSADAPNPNNVNVQTQYREAPVIYRGPEPSH
IDQVMMSVSDNDQALIKVLLRQNRRPELGDKFSSRHGQKGVCGIIVKQEDMPFNDQGIVPDIIMNPHGFPSRMTVGKMIE
LISGKAGVLNGTLEYGTCFGGSKLEDMSKILVDQGFNYSGKDMLYSGITGECLQAYIFFGPIYYQKLKHMVLDKMHARAR
GPRAVLTRQPTEGRSRDGGLRLGEMERDCVIAYGASQLLLERLMISSDAFEVDVCDKCGLMGYSGWCTTCKSAENIIKMT
IPYAAKLLFQELLSMNIAPRLRLEDIFQQ
;
B
3 'polypeptide(L)'
;MSNIVGIEYNRVTNTTSTDFPGFSKDAENEWNVEKFKKDFEVNISSLDAREANFDLINIDTSIANAFRRIMISEVPSVAA
EYVYFFNNTSVIQDEVLAHRIGLVPLKVDPDMLTWVDSNLPDDEKFTDENTIVLSLNVKCTRNPDAPKGSTDPKELYNNA
HVYARDLKFEPQGRQSTTFADCPVVPADPDILLAKLRPGQEISLKAHCILGIGGDHAKFSPVSTASYRLLPQINILQPIK
GESARRFQKCFPPGVIGIDEGSDEAYVKDARKDTVSREVLRYEEFADKVKLGRVRNHFIFNVESAGAMTPEEIFFKSVRI
LKNKAEYLKNCPITQ
;
C
4 'polypeptide(L)'
;MKVLEERNAFLSDYEVLKFLTDLEKKHLWDQKSLAALKKSRSKGKQNRPYNHPELQGITRNVVNYLSINKNFINQEDEGE
ERESSGAKDAEKSGISKMSDESFAELMTKLNSFKLFKAEKLQIVNQLPANMVHLYSIVEECDARFDEKTIEEMLEIISGY
A
;
D
5 'polypeptide(L)'
;MDQENERNISRLWRAFRTVKEMVKDRGYFITQEEVELPLEDFKAKYCDSMGRPQRKMMSFQANPTEESISKFPDMGSLWV
EFCDEPSVGVKTMKTFVIHIQEKNFQTGIFVYQNNITPSAMKLVPSIPPATIETFNEAALVVNITHHELVPKHIRLSSDE
KRELLKRYRLKESQLPRIQRADPVALYLGLKRGEVVKIIRKSETSGRYASYRICM
;
E
6 'polypeptide(L)'
;MSDYEEAFNDGNENFEDFDVEHFSDEETYEEKPQFKDGETTDANGKTIVTGGNGPEDFQQHEQIRRKTLKEKAIPKDQRA
TTPYMTKYERARILGTRALQISMNAPVFVDLEGETDPLRIAMKELAEKKIPLVIRRYLPDGSFEDWSVEELIVDL
;
F
7 'polypeptide(L)'
;MFILSKIADLVRIPPDQFHRDTISAITHQLNNKFANKIIPNVGLCITIYDLLTVEEGQLKPGDGSSYINVTFRAVVFKPF
LGEIVTGWISKCTAEGIKVSLLGIFDDIFIPQNMLFEGCYYTPEESAWIWPMDEETKLYFDVNEKIRFRIEREVFVDVKP
KSPKERELEERAQLENEIEGKNEETPQNEKPPAYALLGSCQTDGMGLVSWWE
;
G
8 'polypeptide(L)'
;MSNTLFDDIFQVSEVDPGRYNKVCRIEAASTTQDQCKLTLDINVELFPVAAQDSLTVTIASSLNLEDTPANDSSATRSWR
PPQAGDRSLADDYDYVMYGTAYKFEEVSKDLIAVYYSFGGLLMRLEGNYRNLNNLKQENAYLLIRR
;
H
9 'polypeptide(L)'
;MLSFCPSCNNMLLITSGDSGVYTLACRSCPYEFPIEGIEIYDRKKLPRKEVDDVLGGGWDNVDQTKTQCPNYDTCGGESA
YFFQLQIRSADEPMTTFYKCVNCGHRWKEN
;
I
10 'polypeptide(L)' MIVPVRCFSCGKVVGDKWESYLNLLQEDELDEGTALSRLGLKRYCCRRMILTHVDLIEKFLRYNPLEKRD J
11 'polypeptide(L)'
;MTEDIEQKKTATEVTPQEPKHIQEEEEQDVDMTGDEEQEEEPDREKIKLLTQATSEDGTSASFQIVEEDHTLGNALRYVI
MKNPDVEFCGYSIPHPSENLLNIRIQTYGETTAVDALQKGLKDLMDLCDVVESKFTEKIKSM
;
K
12 'polypeptide(L)' MSREGFQIPTNLDAAAAGTSQARTATLKYICAECSSKLSLSRTDAVRCKDCGHRILLKARTKRLVQFEAR L
13 'polypeptide(L)'
;MSIDNKLFVTEEDEEDRTQDRADVEDESNDIDMIADENGTNSAIANEQEEKSEEVKAEDDTGEEEEDDPVIEEFPLKISG
EEESLHVFQYANRPRLVGRKPAEHPFISAARYKPKSHLWEIDIPLDEQAFYNKDKAESEWNGVNVQTLKGVGVENNGQYA
AFVKDMQVYLVPIERVAQLKPFFKYIDDANVTRKQEDARRNPNPSSQRAQVVTMSVKSVNDPSQNRLTGSLLAHKVADEE
ANIELTWAEGTFEQFKDTIVKEAEDKTLVALEKQEDYIDNLV
;
M
14 'polypeptide(L)'
;MSSNKGNGRLPSLKDSSSNGGGSAKPSLKFKPKAVARKSKEEREAAASKVKLEEESKRGNDKKHFNNKNKRVTGAGGQQR
RMAKYLNNTHVISSGPLAAGNFVSEKGDLRRGFIKSEGSGSSLVQKGLETIDNGAESSENEAEDDDNEGVASKSKKKFNM
GKEFEARNLIEDEDDGESEKSSDVDMDDEEWRSKRIEQLFPVRPVRVRHEDVETVKREIQEALSEKPTREPTPSVKTEPV
GTGLQSYLEERERQVNEKLADLGLEKEFQSVDGKEAAAELELLNADHQHILRKLKKMNNKPERFMVFQLPTRLPAFERPA
VKEEKEDMETQASDPSKKKKNIKKKDTKDALSTRELAGKVGSIRVHKSGKLSVKIGNVVMDIGKGAETTFLQDVIALSIA
DDASSAELLGRVDGKIVVTPQI
;
N
15 'polypeptide(L)'
;MDELLGEALSAENQTGESTVESEKLVTPEDVMTISSLEQRTLNPDLFLYKELVKAHLGERAASVIGMLVALGRLSVRELV
EKIDGMDVDSVKTTLVSLTQLRCVKYLQETAISGKKTTYYYYNEEGIHILLYSGLIIDEIITQMRVNDEEEHKQLVAEIV
QNVISLGSLTVEDYLSSVTSDSMKYTISSLFVQLCEMGYLIQISKLHYTPIEDLWQFLYEKHYKNIPRNSPLSDLKKRSQ
AKMNAKTDFAKIINKPNELSQILTVDPKTSLRIVKPTVSLTINLDRFMKGRRSKQLINLAKTRVGSVTAQVYKIALRLTE
QKSPKIRDPLTQTGLLQDLEEAKSFQDEAELVEEKTPGLTFNAIDLARHLPAELDLRGSLLSRKPSDNKKRSGSNAAASL
PSKKLKTEDGFVIPALPAAVSKSLQESGDTQEEDEEEEDLDADTEDPHSASLINSHLKILASSNFPFLNETKPGVYYVPY
SKLMPVLKSSVYEYVIASTLGPSAMRLSRCIRDNKLVSEKIINSTALMKEKDIRSTLASLIRYNSVEIQEVPRTADRSAS
RAVFLFRCKETHSYNFMRQNLEWNMANLLFKKEKLKQENSTLLKKANRDDVKGRENELLLPSELNQLKMVNERELNVFAR
LSRLLSLWEVFQMA
;
O
16 'polypeptide(L)'
;MSGMIENGLQLSDNAKTLHSQMMSKGIGALFTQQELQKQMGIGSLTDLMSIVQELLDKNLIKLVKQNDELKFQGVLESEA
QKKATMSAEEALVYSYIEASGREGIWSKTIKARTNLHQHVVLKCLKSLESQRYVKSVKSVKFPTRKIYMLYSLQPSVDIT
GGPWFTDGELDIEFINSLLTIVWRFISENTFPNGFKNFENGPKKNVFYAPNVKNYSTTQEILEFITAAQVANVELTPSNI
RSLCEVLVYDDKLEKVTHDCYRVTLESILQMNQGEGEPEAGNKALEDEEEFSIFNYFKMFPASKHDKEVVYFDEWTI
;
P
17 'polypeptide(L)'
;MSSYRGGSRGGGSNYMSNLPFGLGYGDVGKNHITEFPSIPLPINGPITNKERSLAVKYINFGKTVKDGPFYTGSMSLIID
QQENSKSGKRKPNIILDEDDTNDGIERYSDKYLKKRKIGISIDDHPYNLNLFPNELYNVMGINKKKLLAISKFNNADDVF
TGTGLQDENIGLSMLAKLKELAEDVDDASTGDGAAKGSKTGEGEDDDLADDDFEEDEDEEDDDDYNAEKYFNNGDDDDYG
DEEDPNEEAAF
;
Q
18 'polyribonucleotide' UAUGCAUAACGCCACAGAGCA R
19 'polydeoxyribonucleotide'
;(DG)(DA)(DA)(DT)(DC)(DT)(DC)(DT)(DT)(DA)(DG)(DC)(DA)(DA)(DC)(DC)(DA)(DT)(DT)(DA)
(DT)(DT)(DT)(DT)(DT)(DT)(DT)(DG)(DC)(DC)(DT)(DT)(DC)(DC)(DG)(DA)(DA)(DA)(DA)(DT)
(DT)(DT)(DT)(DG)
;
S
20 'polydeoxyribonucleotide'
;(DC)(DA)(DA)(DA)(DA)(DT)(DT)(DT)(DT)(DC)(DG)(DG)(DA)(DA)(DG)(DG)(DC)(DA)(DT)(DG)
(DC)(DT)(DC)(DT)(DG)(DT)(DG)(DG)(DC)(DT)(DT)(DT)(DG)(DC)(DT)(DA)(DA)(DG)(DA)(DG)
(DA)(DT)(DT)(DC)
;
T
#
# COMPACT_ATOMS: atom_id res chain seq x y z
N MET A 1 -36.38 12.30 -48.14
CA MET A 1 -37.54 13.08 -47.71
C MET A 1 -37.11 14.27 -46.87
N LYS A 2 -37.14 14.10 -45.56
CA LYS A 2 -36.83 15.16 -44.62
C LYS A 2 -35.80 14.79 -43.57
N GLU A 3 -35.40 13.52 -43.47
CA GLU A 3 -34.43 13.13 -42.46
C GLU A 3 -33.04 13.64 -42.81
N VAL A 4 -32.29 14.02 -41.79
CA VAL A 4 -30.95 14.57 -41.93
C VAL A 4 -29.96 13.43 -41.74
N VAL A 5 -28.88 13.43 -42.53
CA VAL A 5 -27.86 12.40 -42.43
C VAL A 5 -27.16 12.51 -41.09
N VAL A 6 -27.14 11.40 -40.35
CA VAL A 6 -26.45 11.31 -39.07
C VAL A 6 -25.13 10.59 -39.28
N SER A 7 -24.07 11.11 -38.68
CA SER A 7 -22.73 10.55 -38.81
C SER A 7 -22.15 10.34 -37.42
N GLU A 8 -21.91 9.08 -37.06
CA GLU A 8 -21.32 8.72 -35.78
C GLU A 8 -19.91 8.18 -36.04
N THR A 9 -18.91 8.83 -35.44
CA THR A 9 -17.53 8.43 -35.61
C THR A 9 -17.02 7.82 -34.32
N PRO A 10 -16.45 6.60 -34.36
CA PRO A 10 -15.86 6.03 -33.14
C PRO A 10 -14.71 6.88 -32.64
N LYS A 11 -14.63 7.02 -31.32
CA LYS A 11 -13.62 7.88 -30.71
C LYS A 11 -13.09 7.25 -29.44
N ARG A 12 -11.86 7.58 -29.10
CA ARG A 12 -11.18 7.16 -27.88
C ARG A 12 -10.84 8.40 -27.06
N ILE A 13 -10.08 8.20 -25.99
CA ILE A 13 -9.64 9.30 -25.14
C ILE A 13 -8.19 9.62 -25.46
N LYS A 14 -7.95 10.82 -25.97
CA LYS A 14 -6.61 11.29 -26.27
C LYS A 14 -5.86 11.72 -25.02
N GLY A 15 -6.53 12.32 -24.05
CA GLY A 15 -5.88 12.75 -22.84
C GLY A 15 -6.87 13.41 -21.90
N LEU A 16 -6.34 13.81 -20.75
CA LEU A 16 -7.11 14.48 -19.71
C LEU A 16 -6.50 15.85 -19.46
N GLU A 17 -7.36 16.84 -19.24
CA GLU A 17 -6.93 18.22 -18.95
C GLU A 17 -7.47 18.57 -17.57
N PHE A 18 -6.67 18.31 -16.54
CA PHE A 18 -7.05 18.64 -15.18
C PHE A 18 -7.06 20.14 -14.98
N SER A 19 -8.06 20.63 -14.26
CA SER A 19 -8.23 22.04 -13.96
C SER A 19 -9.18 22.15 -12.78
N ALA A 20 -9.61 23.37 -12.49
CA ALA A 20 -10.58 23.64 -11.44
C ALA A 20 -11.78 24.36 -12.02
N LEU A 21 -12.98 24.00 -11.54
CA LEU A 21 -14.19 24.64 -12.04
C LEU A 21 -14.31 26.05 -11.50
N SER A 22 -14.62 26.99 -12.39
CA SER A 22 -14.94 28.34 -11.96
C SER A 22 -16.39 28.39 -11.45
N ALA A 23 -16.79 29.60 -11.02
CA ALA A 23 -18.17 29.78 -10.56
C ALA A 23 -19.17 29.56 -11.69
N ALA A 24 -18.86 30.07 -12.89
CA ALA A 24 -19.75 29.90 -14.03
C ALA A 24 -19.86 28.44 -14.44
N ASP A 25 -18.75 27.70 -14.34
CA ASP A 25 -18.79 26.28 -14.69
C ASP A 25 -19.57 25.48 -13.66
N ILE A 26 -19.49 25.87 -12.38
CA ILE A 26 -20.22 25.16 -11.34
C ILE A 26 -21.71 25.41 -11.48
N VAL A 27 -22.10 26.67 -11.69
CA VAL A 27 -23.52 26.99 -11.84
C VAL A 27 -24.09 26.44 -13.15
N ALA A 28 -23.29 26.46 -14.22
CA ALA A 28 -23.77 26.02 -15.53
C ALA A 28 -24.15 24.54 -15.53
N GLN A 29 -23.36 23.70 -14.87
CA GLN A 29 -23.68 22.28 -14.79
C GLN A 29 -24.68 21.96 -13.70
N SER A 30 -25.05 22.94 -12.88
CA SER A 30 -26.00 22.71 -11.80
C SER A 30 -27.42 22.61 -12.33
N GLU A 31 -28.27 21.93 -11.55
CA GLU A 31 -29.69 21.81 -11.87
C GLU A 31 -30.60 22.39 -10.81
N VAL A 32 -30.12 22.56 -9.57
CA VAL A 32 -30.91 23.18 -8.51
C VAL A 32 -29.94 23.80 -7.52
N GLU A 33 -30.37 24.88 -6.88
CA GLU A 33 -29.59 25.53 -5.83
C GLU A 33 -30.04 25.02 -4.48
N VAL A 34 -29.12 24.43 -3.73
CA VAL A 34 -29.44 23.90 -2.40
C VAL A 34 -29.58 25.07 -1.45
N SER A 35 -30.81 25.42 -1.10
CA SER A 35 -31.12 26.55 -0.24
C SER A 35 -32.16 26.16 0.80
N THR A 36 -31.94 25.02 1.45
CA THR A 36 -32.81 24.55 2.52
C THR A 36 -32.05 23.54 3.36
N ARG A 37 -32.08 23.74 4.68
CA ARG A 37 -31.46 22.78 5.59
C ARG A 37 -32.24 21.48 5.69
N ASP A 38 -33.56 21.55 5.61
CA ASP A 38 -34.41 20.38 5.86
C ASP A 38 -34.32 19.39 4.71
N LEU A 39 -34.07 18.12 5.03
CA LEU A 39 -33.96 17.10 4.00
C LEU A 39 -35.33 16.67 3.48
N PHE A 40 -36.29 16.47 4.38
CA PHE A 40 -37.62 16.02 4.03
C PHE A 40 -38.66 16.96 4.62
N ASP A 41 -39.85 16.96 4.02
CA ASP A 41 -40.99 17.68 4.55
C ASP A 41 -41.91 16.69 5.25
N LEU A 42 -42.25 16.96 6.51
CA LEU A 42 -43.04 16.03 7.31
C LEU A 42 -44.51 15.99 6.88
N GLU A 43 -44.95 16.92 6.04
CA GLU A 43 -46.34 17.00 5.63
C GLU A 43 -46.64 16.17 4.38
N LYS A 44 -45.62 15.58 3.76
CA LYS A 44 -45.78 14.82 2.51
C LYS A 44 -45.13 13.46 2.63
N ASP A 45 -45.43 12.75 3.73
CA ASP A 45 -44.96 11.39 4.04
C ASP A 45 -43.46 11.22 3.80
N ARG A 46 -42.68 12.21 4.26
CA ARG A 46 -41.22 12.21 4.19
C ARG A 46 -40.73 12.06 2.75
N ALA A 47 -41.28 12.88 1.87
CA ALA A 47 -40.78 13.01 0.50
C ALA A 47 -39.55 13.89 0.48
N PRO A 48 -38.69 13.77 -0.55
CA PRO A 48 -37.57 14.70 -0.68
C PRO A 48 -38.05 16.13 -0.84
N LYS A 49 -37.35 17.06 -0.19
CA LYS A 49 -37.76 18.46 -0.18
C LYS A 49 -37.18 19.21 -1.36
N ALA A 50 -37.97 20.11 -1.91
CA ALA A 50 -37.51 20.95 -3.01
C ALA A 50 -36.44 21.91 -2.54
N ASN A 51 -35.42 22.12 -3.39
CA ASN A 51 -34.28 22.98 -3.11
C ASN A 51 -33.55 22.58 -1.84
N GLY A 52 -33.47 21.27 -1.60
CA GLY A 52 -32.77 20.74 -0.46
C GLY A 52 -31.55 19.92 -0.88
N ALA A 53 -30.92 19.30 0.13
CA ALA A 53 -29.73 18.50 -0.14
C ALA A 53 -30.07 17.17 -0.80
N LEU A 54 -31.31 16.72 -0.69
CA LEU A 54 -31.77 15.49 -1.33
C LEU A 54 -32.84 15.78 -2.37
N ASP A 55 -32.66 16.87 -3.11
CA ASP A 55 -33.66 17.28 -4.10
C ASP A 55 -33.75 16.23 -5.21
N PRO A 56 -34.96 15.89 -5.67
CA PRO A 56 -35.07 14.88 -6.74
C PRO A 56 -34.38 15.29 -8.02
N LYS A 57 -34.28 16.58 -8.32
CA LYS A 57 -33.62 17.05 -9.53
C LYS A 57 -32.16 16.64 -9.61
N MET A 58 -31.55 16.30 -8.48
CA MET A 58 -30.15 15.89 -8.41
C MET A 58 -29.98 14.39 -8.63
N GLY A 59 -31.06 13.65 -8.83
CA GLY A 59 -31.05 12.22 -9.01
C GLY A 59 -32.00 11.55 -8.05
N VAL A 60 -31.93 10.22 -8.01
CA VAL A 60 -32.74 9.43 -7.09
C VAL A 60 -31.84 8.44 -6.36
N SER A 61 -32.18 8.16 -5.10
CA SER A 61 -31.45 7.17 -4.31
C SER A 61 -32.20 5.86 -4.17
N SER A 62 -33.50 5.84 -4.44
CA SER A 62 -34.31 4.64 -4.39
C SER A 62 -34.71 4.21 -5.80
N SER A 63 -35.30 3.03 -5.88
CA SER A 63 -35.71 2.46 -7.17
C SER A 63 -37.16 2.79 -7.54
N SER A 64 -37.87 3.55 -6.71
CA SER A 64 -39.26 3.85 -6.97
C SER A 64 -39.51 5.29 -7.40
N LEU A 65 -38.57 6.19 -7.17
CA LEU A 65 -38.76 7.60 -7.48
C LEU A 65 -38.32 7.91 -8.91
N GLU A 66 -38.61 9.13 -9.34
CA GLU A 66 -38.22 9.62 -10.66
C GLU A 66 -37.32 10.85 -10.50
N CYS A 67 -36.46 11.06 -11.50
CA CYS A 67 -35.42 12.09 -11.37
C CYS A 67 -35.99 13.49 -11.54
N ALA A 68 -37.04 13.65 -12.34
CA ALA A 68 -37.67 14.91 -12.70
C ALA A 68 -36.74 15.87 -13.43
N THR A 69 -35.55 15.41 -13.83
CA THR A 69 -34.67 16.15 -14.73
C THR A 69 -34.46 15.40 -16.04
N CYS A 70 -34.10 14.11 -15.96
CA CYS A 70 -34.05 13.23 -17.11
C CYS A 70 -35.17 12.21 -17.13
N HIS A 71 -35.97 12.13 -16.07
CA HIS A 71 -37.10 11.20 -15.94
C HIS A 71 -36.65 9.76 -16.11
N GLY A 72 -35.79 9.32 -15.18
CA GLY A 72 -35.28 7.97 -15.21
C GLY A 72 -35.18 7.41 -13.81
N ASN A 73 -35.17 6.08 -13.73
CA ASN A 73 -35.08 5.39 -12.46
C ASN A 73 -33.63 5.37 -11.97
N LEU A 74 -33.35 4.57 -10.93
CA LEU A 74 -32.01 4.52 -10.37
C LEU A 74 -31.01 3.90 -11.35
N ALA A 75 -31.46 2.97 -12.18
CA ALA A 75 -30.56 2.29 -13.11
C ALA A 75 -30.17 3.16 -14.29
N SER A 76 -31.09 3.99 -14.79
CA SER A 76 -30.88 4.73 -16.02
C SER A 76 -30.51 6.20 -15.78
N CYS A 77 -30.22 6.59 -14.55
CA CYS A 77 -29.88 7.97 -14.24
C CYS A 77 -28.39 8.10 -13.96
N HIS A 78 -27.76 9.06 -14.63
CA HIS A 78 -26.34 9.33 -14.43
C HIS A 78 -26.08 10.28 -13.27
N GLY A 79 -27.12 10.82 -12.64
CA GLY A 79 -26.94 11.78 -11.58
C GLY A 79 -26.69 13.18 -12.11
N HIS A 80 -27.20 14.19 -11.40
CA HIS A 80 -27.05 15.58 -11.81
C HIS A 80 -26.56 16.40 -10.64
N PHE A 81 -25.81 17.45 -10.95
CA PHE A 81 -25.16 18.26 -9.94
C PHE A 81 -26.07 19.38 -9.46
N GLY A 82 -25.87 19.79 -8.21
CA GLY A 82 -26.42 21.03 -7.70
C GLY A 82 -25.30 21.99 -7.36
N HIS A 83 -25.70 23.19 -6.94
CA HIS A 83 -24.72 24.17 -6.50
C HIS A 83 -25.23 24.87 -5.24
N LEU A 84 -24.28 25.38 -4.46
CA LEU A 84 -24.57 26.02 -3.18
C LEU A 84 -23.69 27.24 -3.05
N LYS A 85 -24.30 28.40 -2.84
CA LYS A 85 -23.55 29.65 -2.73
C LYS A 85 -23.25 29.94 -1.27
N LEU A 86 -21.97 30.04 -0.93
CA LEU A 86 -21.57 30.40 0.42
C LEU A 86 -21.77 31.88 0.66
N ALA A 87 -22.16 32.24 1.89
CA ALA A 87 -22.33 33.65 2.24
C ALA A 87 -21.01 34.39 2.17
N LEU A 88 -19.94 33.77 2.66
CA LEU A 88 -18.59 34.32 2.58
C LEU A 88 -17.66 33.27 2.00
N PRO A 89 -16.65 33.70 1.25
CA PRO A 89 -15.69 32.73 0.72
C PRO A 89 -14.85 32.09 1.82
N VAL A 90 -14.46 30.84 1.59
CA VAL A 90 -13.58 30.11 2.49
C VAL A 90 -12.47 29.47 1.68
N PHE A 91 -11.40 29.08 2.38
CA PHE A 91 -10.25 28.48 1.73
C PHE A 91 -10.53 27.02 1.38
N HIS A 92 -9.98 26.59 0.25
CA HIS A 92 -10.01 25.20 -0.14
C HIS A 92 -8.87 24.47 0.57
N ILE A 93 -9.19 23.38 1.26
CA ILE A 93 -8.16 22.65 2.01
C ILE A 93 -7.17 21.99 1.07
N GLY A 94 -7.65 21.53 -0.10
CA GLY A 94 -6.75 20.95 -1.07
C GLY A 94 -5.80 21.97 -1.69
N TYR A 95 -6.31 23.16 -1.98
CA TYR A 95 -5.51 24.22 -2.61
C TYR A 95 -4.93 25.19 -1.60
N PHE A 96 -4.89 24.82 -0.32
CA PHE A 96 -4.39 25.75 0.70
C PHE A 96 -2.91 26.03 0.54
N LYS A 97 -2.11 24.98 0.31
CA LYS A 97 -0.68 25.15 0.09
C LYS A 97 -0.42 25.93 -1.19
N ALA A 98 -1.22 25.68 -2.23
CA ALA A 98 -1.10 26.44 -3.46
C ALA A 98 -1.46 27.91 -3.25
N THR A 99 -2.48 28.18 -2.42
CA THR A 99 -2.85 29.55 -2.10
C THR A 99 -1.72 30.26 -1.37
N ILE A 100 -1.09 29.57 -0.42
CA ILE A 100 0.05 30.15 0.31
C ILE A 100 1.21 30.42 -0.65
N GLN A 101 1.45 29.50 -1.58
CA GLN A 101 2.54 29.69 -2.54
C GLN A 101 2.26 30.86 -3.48
N ILE A 102 1.00 31.04 -3.89
CA ILE A 102 0.66 32.21 -4.70
C ILE A 102 0.85 33.50 -3.90
N LEU A 103 0.43 33.49 -2.63
CA LEU A 103 0.56 34.68 -1.80
C LEU A 103 2.03 35.02 -1.52
N GLN A 104 2.89 34.01 -1.44
CA GLN A 104 4.32 34.25 -1.20
C GLN A 104 5.01 34.84 -2.41
N GLY A 105 4.39 34.81 -3.59
CA GLY A 105 5.02 35.29 -4.79
C GLY A 105 4.44 36.57 -5.34
N ILE A 106 3.42 37.12 -4.68
CA ILE A 106 2.77 38.35 -5.13
C ILE A 106 2.89 39.40 -4.04
N CYS A 107 2.84 40.66 -4.45
CA CYS A 107 2.81 41.76 -3.49
C CYS A 107 1.46 41.79 -2.79
N LYS A 108 1.49 41.90 -1.47
CA LYS A 108 0.27 41.90 -0.67
C LYS A 108 -0.41 43.26 -0.64
N ASN A 109 0.06 44.21 -1.46
CA ASN A 109 -0.51 45.54 -1.55
C ASN A 109 -1.07 45.87 -2.92
N CYS A 110 -0.52 45.29 -3.99
CA CYS A 110 -0.96 45.59 -5.34
C CYS A 110 -1.12 44.36 -6.22
N SER A 111 -0.91 43.16 -5.69
CA SER A 111 -1.07 41.89 -6.42
C SER A 111 -0.19 41.82 -7.66
N ALA A 112 1.05 42.31 -7.55
CA ALA A 112 2.04 42.17 -8.61
C ALA A 112 3.10 41.19 -8.19
N ILE A 113 3.60 40.42 -9.14
CA ILE A 113 4.59 39.39 -8.83
C ILE A 113 5.92 40.06 -8.47
N LEU A 114 6.59 39.52 -7.45
CA LEU A 114 7.82 40.11 -6.93
C LEU A 114 8.99 39.58 -7.73
N LEU A 115 9.09 40.03 -8.97
CA LEU A 115 10.14 39.60 -9.87
C LEU A 115 10.49 40.75 -10.81
N SER A 116 11.79 40.96 -11.02
CA SER A 116 12.23 41.91 -12.03
C SER A 116 11.90 41.37 -13.42
N GLU A 117 11.82 42.28 -14.39
CA GLU A 117 11.42 41.89 -15.74
C GLU A 117 12.48 41.01 -16.40
N THR A 118 13.75 41.20 -16.05
CA THR A 118 14.81 40.34 -16.60
C THR A 118 14.67 38.91 -16.09
N ASP A 119 14.51 38.76 -14.76
CA ASP A 119 14.30 37.43 -14.18
C ASP A 119 12.99 36.82 -14.67
N LYS A 120 11.95 37.65 -14.80
CA LYS A 120 10.68 37.18 -15.33
C LYS A 120 10.82 36.61 -16.74
N ARG A 121 11.51 37.35 -17.62
CA ARG A 121 11.71 36.87 -18.98
C ARG A 121 12.57 35.63 -19.02
N GLN A 122 13.63 35.56 -18.21
CA GLN A 122 14.49 34.38 -18.16
C GLN A 122 13.72 33.16 -17.69
N PHE A 123 12.89 33.30 -16.65
CA PHE A 123 12.14 32.17 -16.13
C PHE A 123 11.05 31.74 -17.11
N LEU A 124 10.42 32.69 -17.79
CA LEU A 124 9.44 32.32 -18.82
C LEU A 124 10.12 31.59 -19.98
N HIS A 125 11.31 32.02 -20.36
CA HIS A 125 12.06 31.34 -21.41
C HIS A 125 12.44 29.94 -21.00
N GLU A 126 12.81 29.75 -19.73
CA GLU A 126 13.10 28.41 -19.23
C GLU A 126 11.85 27.54 -19.20
N LEU A 127 10.71 28.13 -18.82
CA LEU A 127 9.46 27.38 -18.75
C LEU A 127 8.92 27.02 -20.13
N ARG A 128 9.23 27.79 -21.16
CA ARG A 128 8.65 27.59 -22.48
C ARG A 128 9.55 26.81 -23.41
N ARG A 129 10.57 26.11 -22.89
CA ARG A 129 11.38 25.24 -23.74
C ARG A 129 10.56 24.04 -24.20
N PRO A 130 10.83 23.54 -25.41
CA PRO A 130 10.03 22.41 -25.93
C PRO A 130 10.12 21.14 -25.11
N GLY A 131 11.25 20.89 -24.45
CA GLY A 131 11.46 19.63 -23.77
C GLY A 131 11.19 19.65 -22.28
N VAL A 132 10.44 20.64 -21.80
CA VAL A 132 10.18 20.76 -20.37
C VAL A 132 9.21 19.69 -19.91
N ASP A 133 9.62 18.94 -18.89
CA ASP A 133 8.79 17.93 -18.25
C ASP A 133 8.33 18.45 -16.88
N ASN A 134 7.68 17.58 -16.11
CA ASN A 134 7.11 18.00 -14.84
C ASN A 134 8.19 18.35 -13.82
N LEU A 135 9.27 17.57 -13.77
CA LEU A 135 10.31 17.80 -12.78
C LEU A 135 11.03 19.13 -13.01
N ARG A 136 11.39 19.41 -14.26
CA ARG A 136 12.02 20.68 -14.59
C ARG A 136 11.08 21.86 -14.33
N ARG A 137 9.79 21.69 -14.64
CA ARG A 137 8.81 22.74 -14.38
C ARG A 137 8.68 23.03 -12.90
N MET A 138 8.61 21.99 -12.06
CA MET A 138 8.52 22.20 -10.62
C MET A 138 9.80 22.84 -10.08
N GLY A 139 10.96 22.46 -10.61
CA GLY A 139 12.20 23.09 -10.19
C GLY A 139 12.25 24.57 -10.54
N ILE A 140 11.82 24.93 -11.75
CA ILE A 140 11.82 26.32 -12.16
C ILE A 140 10.83 27.13 -11.32
N LEU A 141 9.66 26.55 -11.04
CA LEU A 141 8.68 27.25 -10.21
C LEU A 141 9.19 27.43 -8.78
N LYS A 142 9.91 26.44 -8.25
CA LYS A 142 10.50 26.58 -6.91
C LYS A 142 11.56 27.68 -6.91
N LYS A 143 12.36 27.76 -7.96
CA LYS A 143 13.33 28.86 -8.06
C LYS A 143 12.63 30.22 -8.14
N ILE A 144 11.52 30.29 -8.88
CA ILE A 144 10.75 31.52 -8.97
C ILE A 144 10.23 31.93 -7.59
N LEU A 145 9.70 30.96 -6.84
CA LEU A 145 9.18 31.24 -5.52
C LEU A 145 10.29 31.68 -4.56
N ASP A 146 11.46 31.04 -4.65
CA ASP A 146 12.57 31.42 -3.79
C ASP A 146 13.06 32.83 -4.12
N GLN A 147 13.08 33.20 -5.40
CA GLN A 147 13.47 34.55 -5.78
C GLN A 147 12.42 35.57 -5.33
N CYS A 148 11.15 35.20 -5.39
CA CYS A 148 10.09 36.10 -4.91
C CYS A 148 10.18 36.30 -3.41
N LYS A 149 10.59 35.26 -2.67
CA LYS A 149 10.73 35.39 -1.22
C LYS A 149 11.84 36.34 -0.85
N LYS A 150 12.88 36.44 -1.67
CA LYS A 150 14.00 37.32 -1.40
C LYS A 150 13.70 38.79 -1.67
N GLN A 151 12.60 39.08 -2.37
CA GLN A 151 12.26 40.46 -2.71
C GLN A 151 11.67 41.15 -1.49
N ARG A 152 12.44 42.08 -0.91
CA ARG A 152 12.03 42.79 0.29
C ARG A 152 10.97 43.84 0.05
N ARG A 153 11.06 44.56 -1.07
CA ARG A 153 10.09 45.59 -1.42
C ARG A 153 9.63 45.37 -2.85
N CYS A 154 8.38 45.72 -3.11
CA CYS A 154 7.79 45.52 -4.42
C CYS A 154 8.43 46.47 -5.44
N LEU A 155 8.15 46.21 -6.71
CA LEU A 155 8.73 46.99 -7.79
C LEU A 155 7.76 48.03 -8.36
N HIS A 156 6.49 47.65 -8.52
CA HIS A 156 5.51 48.61 -9.03
C HIS A 156 5.08 49.59 -7.95
N CYS A 157 5.14 49.19 -6.69
CA CYS A 157 4.90 50.08 -5.56
C CYS A 157 6.03 49.88 -4.55
N GLY A 158 6.08 50.75 -3.56
CA GLY A 158 7.16 50.69 -2.59
C GLY A 158 6.81 49.90 -1.35
N ALA A 159 5.80 49.04 -1.44
CA ALA A 159 5.30 48.32 -0.29
C ALA A 159 6.31 47.30 0.21
N LEU A 160 6.36 47.12 1.52
CA LEU A 160 7.26 46.16 2.14
C LEU A 160 6.57 44.81 2.25
N ASN A 161 7.24 43.76 1.78
CA ASN A 161 6.69 42.42 1.77
C ASN A 161 7.45 41.54 2.75
N GLY A 162 6.74 40.93 3.68
CA GLY A 162 7.35 40.08 4.68
C GLY A 162 7.31 38.61 4.31
N VAL A 163 6.95 37.76 5.27
CA VAL A 163 6.85 36.33 5.05
C VAL A 163 5.40 35.91 5.27
N VAL A 164 4.90 35.07 4.37
CA VAL A 164 3.54 34.57 4.41
C VAL A 164 3.58 33.11 4.85
N LYS A 165 2.83 32.76 5.88
CA LYS A 165 2.89 31.41 6.42
C LYS A 165 1.56 31.06 7.08
N LYS A 166 1.48 29.83 7.58
CA LYS A 166 0.32 29.42 8.36
C LYS A 166 0.38 30.02 9.76
N ALA A 167 -0.79 30.11 10.40
CA ALA A 167 -0.86 30.72 11.72
C ALA A 167 -0.20 29.84 12.77
N ALA A 168 -0.55 28.55 12.78
CA ALA A 168 -0.04 27.65 13.82
C ALA A 168 0.49 26.33 13.29
N ALA A 169 0.09 25.89 12.08
CA ALA A 169 0.53 24.64 11.48
C ALA A 169 0.21 23.44 12.38
N GLY A 170 -1.08 23.24 12.63
CA GLY A 170 -1.52 22.14 13.46
C GLY A 170 -2.64 21.34 12.82
N ALA A 171 -3.74 21.15 13.55
CA ALA A 171 -4.87 20.40 13.03
C ALA A 171 -6.21 21.04 13.36
N GLY A 172 -6.25 22.34 13.65
CA GLY A 172 -7.47 23.02 13.98
C GLY A 172 -7.81 24.14 13.00
N SER A 173 -8.57 25.12 13.50
CA SER A 173 -8.91 26.27 12.67
C SER A 173 -7.69 27.13 12.40
N ALA A 174 -6.76 27.20 13.37
CA ALA A 174 -5.54 27.97 13.18
C ALA A 174 -4.66 27.38 12.08
N ALA A 175 -4.82 26.09 11.79
CA ALA A 175 -4.13 25.47 10.67
C ALA A 175 -4.69 25.90 9.32
N LEU A 176 -5.86 26.52 9.30
CA LEU A 176 -6.49 27.02 8.08
C LEU A 176 -6.48 28.53 8.03
N LYS A 177 -5.46 29.14 8.63
CA LYS A 177 -5.29 30.59 8.65
C LYS A 177 -3.94 30.96 8.07
N ILE A 178 -3.90 32.11 7.40
CA ILE A 178 -2.68 32.61 6.76
C ILE A 178 -2.33 33.94 7.41
N ILE A 179 -1.08 34.05 7.87
CA ILE A 179 -0.58 35.27 8.50
C ILE A 179 0.58 35.80 7.67
N HIS A 180 0.76 37.11 7.71
CA HIS A 180 1.76 37.83 6.91
C HIS A 180 2.59 38.69 7.85
N ASP A 181 3.78 38.19 8.21
CA ASP A 181 4.71 38.95 9.04
C ASP A 181 5.39 39.97 8.14
N THR A 182 4.89 41.21 8.15
CA THR A 182 5.41 42.25 7.27
C THR A 182 6.76 42.77 7.72
N PHE A 183 7.00 42.86 9.03
CA PHE A 183 8.18 43.49 9.58
C PHE A 183 9.22 42.50 10.09
N ARG A 184 9.38 41.37 9.42
CA ARG A 184 10.38 40.42 9.84
C ARG A 184 11.75 40.74 9.27
N TRP A 185 11.79 41.33 8.07
CA TRP A 185 13.04 41.74 7.44
C TRP A 185 13.29 43.23 7.52
N VAL A 186 12.53 43.97 8.33
CA VAL A 186 12.66 45.43 8.34
C VAL A 186 14.00 45.85 8.94
N GLY A 187 14.46 45.13 9.96
CA GLY A 187 15.72 45.48 10.60
C GLY A 187 15.61 46.81 11.33
N LYS A 188 16.59 47.69 11.10
CA LYS A 188 16.66 49.01 11.73
C LYS A 188 16.91 50.09 10.69
N LYS A 189 16.14 50.04 9.59
CA LYS A 189 16.32 51.00 8.50
C LYS A 189 15.19 52.02 8.42
N SER A 190 14.29 52.03 9.42
CA SER A 190 13.23 53.03 9.54
C SER A 190 12.31 53.04 8.32
N ALA A 191 11.62 51.92 8.12
CA ALA A 191 10.66 51.83 7.03
C ALA A 191 9.45 52.72 7.31
N PRO A 192 8.85 53.33 6.29
CA PRO A 192 7.67 54.16 6.52
C PRO A 192 6.45 53.38 6.98
N GLU A 193 6.37 52.09 6.69
CA GLU A 193 5.25 51.28 7.17
C GLU A 193 5.32 51.07 8.68
N LYS A 194 6.54 50.99 9.23
CA LYS A 194 6.68 50.83 10.68
C LYS A 194 6.18 52.07 11.41
N ASP A 195 6.39 53.25 10.83
CA ASP A 195 5.88 54.47 11.45
C ASP A 195 4.35 54.47 11.50
N ILE A 196 3.71 54.03 10.41
CA ILE A 196 2.25 53.92 10.40
C ILE A 196 1.79 52.89 11.41
N TRP A 197 2.51 51.77 11.52
CA TRP A 197 2.15 50.71 12.46
C TRP A 197 2.23 51.21 13.91
N VAL A 198 3.32 51.88 14.27
CA VAL A 198 3.47 52.36 15.64
C VAL A 198 2.50 53.50 15.92
N GLY A 199 2.17 54.29 14.90
CA GLY A 199 1.13 55.31 15.08
C GLY A 199 -0.23 54.69 15.34
N GLU A 200 -0.58 53.64 14.60
CA GLU A 200 -1.83 52.93 14.81
C GLU A 200 -1.90 52.37 16.22
N TRP A 201 -0.82 51.73 16.67
CA TRP A 201 -0.87 51.09 17.99
C TRP A 201 -0.79 52.11 19.11
N LYS A 202 -0.12 53.24 18.90
CA LYS A 202 -0.16 54.32 19.87
C LYS A 202 -1.57 54.90 19.98
N GLU A 203 -2.26 55.04 18.84
CA GLU A 203 -3.62 55.56 18.85
C GLU A 203 -4.58 54.61 19.56
N VAL A 204 -4.44 53.30 19.32
CA VAL A 204 -5.43 52.37 19.86
C VAL A 204 -5.08 51.99 21.30
N LEU A 205 -3.81 52.07 21.69
CA LEU A 205 -3.42 51.69 23.04
C LEU A 205 -3.80 52.73 24.07
N ALA A 206 -4.15 53.95 23.65
CA ALA A 206 -4.63 54.96 24.59
C ALA A 206 -6.01 54.61 25.14
N HIS A 207 -6.76 53.76 24.45
CA HIS A 207 -8.07 53.34 24.90
C HIS A 207 -8.09 51.96 25.54
N ASN A 208 -7.28 51.03 25.05
CA ASN A 208 -7.19 49.68 25.61
C ASN A 208 -5.72 49.32 25.84
N PRO A 209 -5.15 49.73 26.98
CA PRO A 209 -3.75 49.36 27.28
C PRO A 209 -3.52 47.87 27.41
N GLU A 210 -4.56 47.09 27.72
CA GLU A 210 -4.39 45.65 27.98
C GLU A 210 -3.88 44.91 26.76
N LEU A 211 -4.11 45.45 25.57
CA LEU A 211 -3.63 44.84 24.34
C LEU A 211 -2.13 44.97 24.13
N GLU A 212 -1.44 45.73 24.99
CA GLU A 212 -0.01 45.98 24.83
C GLU A 212 0.80 44.69 24.81
N ARG A 213 0.38 43.69 25.58
CA ARG A 213 1.12 42.43 25.62
C ARG A 213 0.96 41.65 24.32
N TYR A 214 -0.16 41.86 23.61
CA TYR A 214 -0.45 41.09 22.40
C TYR A 214 -0.01 41.79 21.12
N VAL A 215 0.70 42.91 21.22
CA VAL A 215 1.11 43.64 20.02
C VAL A 215 2.14 42.85 19.22
N LYS A 216 3.03 42.13 19.91
CA LYS A 216 4.10 41.39 19.24
C LYS A 216 3.54 40.28 18.35
N ARG A 217 2.53 39.57 18.82
CA ARG A 217 1.94 38.50 18.03
C ARG A 217 0.97 38.99 16.97
N CYS A 218 0.59 40.26 17.00
CA CYS A 218 -0.37 40.79 16.04
C CYS A 218 0.28 40.93 14.66
N MET A 219 -0.31 40.28 13.67
CA MET A 219 0.20 40.29 12.31
C MET A 219 -0.95 40.49 11.34
N ASP A 220 -0.60 40.87 10.12
CA ASP A 220 -1.60 41.11 9.06
C ASP A 220 -2.17 39.78 8.62
N ASP A 221 -3.34 39.42 9.14
CA ASP A 221 -3.98 38.17 8.77
C ASP A 221 -4.59 38.29 7.37
N LEU A 222 -4.62 37.16 6.66
CA LEU A 222 -5.14 37.09 5.30
C LEU A 222 -6.37 36.20 5.32
N ASN A 223 -7.53 36.80 5.59
CA ASN A 223 -8.78 36.09 5.56
C ASN A 223 -9.14 35.72 4.12
N PRO A 224 -10.01 34.72 3.92
CA PRO A 224 -10.35 34.32 2.55
C PRO A 224 -10.94 35.42 1.69
N LEU A 225 -11.65 36.38 2.28
CA LEU A 225 -12.22 37.47 1.51
C LEU A 225 -11.13 38.42 1.00
N LYS A 226 -10.19 38.80 1.89
CA LYS A 226 -9.09 39.66 1.46
C LYS A 226 -8.18 38.95 0.47
N THR A 227 -7.94 37.65 0.68
CA THR A 227 -7.14 36.87 -0.27
C THR A 227 -7.84 36.78 -1.63
N LEU A 228 -9.16 36.60 -1.63
CA LEU A 228 -9.91 36.54 -2.88
C LEU A 228 -9.84 37.87 -3.62
N ASN A 229 -10.03 38.98 -2.91
CA ASN A 229 -9.98 40.29 -3.54
C ASN A 229 -8.57 40.64 -3.99
N LEU A 230 -7.55 40.09 -3.32
CA LEU A 230 -6.17 40.28 -3.77
C LEU A 230 -5.90 39.45 -5.02
N PHE A 231 -6.46 38.25 -5.10
CA PHE A 231 -6.27 37.39 -6.25
C PHE A 231 -7.02 37.92 -7.47
N LYS A 232 -8.11 38.66 -7.25
CA LYS A 232 -8.92 39.13 -8.37
C LYS A 232 -8.18 40.16 -9.22
N GLN A 233 -7.18 40.84 -8.65
CA GLN A 233 -6.43 41.87 -9.37
C GLN A 233 -5.00 41.44 -9.65
N ILE A 234 -4.79 40.14 -9.85
CA ILE A 234 -3.50 39.62 -10.31
C ILE A 234 -3.49 39.68 -11.83
N LYS A 235 -2.42 40.26 -12.39
CA LYS A 235 -2.28 40.33 -13.83
C LYS A 235 -2.17 38.92 -14.42
N SER A 236 -2.83 38.71 -15.56
CA SER A 236 -2.83 37.39 -16.18
C SER A 236 -1.46 37.02 -16.74
N ALA A 237 -0.63 38.02 -17.03
CA ALA A 237 0.71 37.74 -17.56
C ALA A 237 1.61 37.12 -16.50
N ASP A 238 1.30 37.32 -15.23
CA ASP A 238 2.08 36.78 -14.12
C ASP A 238 1.56 35.44 -13.64
N CYS A 239 0.51 34.91 -14.25
CA CYS A 239 -0.05 33.63 -13.81
C CYS A 239 0.81 32.46 -14.25
N GLU A 240 1.55 32.61 -15.35
CA GLU A 240 2.38 31.51 -15.84
C GLU A 240 3.53 31.21 -14.88
N LEU A 241 4.05 32.25 -14.22
CA LEU A 241 5.14 32.04 -13.27
C LEU A 241 4.67 31.45 -11.95
N LEU A 242 3.37 31.47 -11.68
CA LEU A 242 2.80 30.83 -10.51
C LEU A 242 2.30 29.42 -10.80
N GLY A 243 2.39 28.96 -12.04
CA GLY A 243 1.95 27.62 -12.40
C GLY A 243 0.56 27.52 -12.98
N ILE A 244 -0.06 28.63 -13.34
CA ILE A 244 -1.45 28.65 -13.80
C ILE A 244 -1.49 29.10 -15.25
N ASP A 245 -2.22 28.35 -16.09
CA ASP A 245 -2.40 28.68 -17.50
C ASP A 245 -3.53 29.68 -17.62
N ALA A 246 -3.20 30.90 -18.06
CA ALA A 246 -4.17 31.99 -18.12
C ALA A 246 -4.86 32.12 -19.47
N THR A 247 -4.58 31.22 -20.42
CA THR A 247 -5.22 31.29 -21.72
C THR A 247 -6.68 30.85 -21.70
N VAL A 248 -7.11 30.15 -20.65
CA VAL A 248 -8.49 29.70 -20.52
C VAL A 248 -9.16 30.51 -19.42
N PRO A 249 -10.48 30.71 -19.46
CA PRO A 249 -11.12 31.52 -18.40
C PRO A 249 -11.04 30.92 -17.02
N SER A 250 -10.86 29.61 -16.90
CA SER A 250 -10.80 28.95 -15.60
C SER A 250 -9.42 29.00 -14.97
N GLY A 251 -8.44 29.57 -15.67
CA GLY A 251 -7.08 29.65 -15.15
C GLY A 251 -6.80 30.93 -14.40
N ARG A 252 -7.47 31.14 -13.27
CA ARG A 252 -7.24 32.29 -12.43
C ARG A 252 -7.05 31.80 -10.99
N PRO A 253 -6.27 32.53 -10.18
CA PRO A 253 -6.09 32.12 -8.78
C PRO A 253 -7.38 32.11 -7.98
N GLU A 254 -8.31 33.02 -8.27
CA GLU A 254 -9.56 33.09 -7.53
C GLU A 254 -10.45 31.87 -7.74
N THR A 255 -10.15 31.04 -8.74
CA THR A 255 -10.84 29.76 -8.89
C THR A 255 -10.53 28.81 -7.75
N TYR A 256 -9.37 28.95 -7.10
CA TYR A 256 -8.95 28.05 -6.05
C TYR A 256 -9.39 28.52 -4.66
N ILE A 257 -10.43 29.35 -4.60
CA ILE A 257 -11.04 29.79 -3.34
C ILE A 257 -12.53 29.49 -3.44
N TRP A 258 -13.08 28.81 -2.42
CA TRP A 258 -14.47 28.40 -2.41
C TRP A 258 -15.43 29.58 -2.43
N ARG A 259 -16.13 29.77 -3.54
CA ARG A 259 -17.27 30.68 -3.60
C ARG A 259 -18.57 29.94 -3.88
N TYR A 260 -18.55 28.99 -4.82
CA TYR A 260 -19.67 28.13 -5.10
C TYR A 260 -19.24 26.69 -4.84
N LEU A 261 -20.00 25.98 -4.02
CA LEU A 261 -19.71 24.59 -3.71
C LEU A 261 -20.60 23.69 -4.56
N PRO A 262 -20.04 22.85 -5.42
CA PRO A 262 -20.87 21.93 -6.21
C PRO A 262 -21.40 20.79 -5.34
N ALA A 263 -22.71 20.77 -5.14
CA ALA A 263 -23.34 19.71 -4.38
C ALA A 263 -23.41 18.46 -5.24
N PRO A 264 -22.87 17.33 -4.78
CA PRO A 264 -22.73 16.15 -5.63
C PRO A 264 -24.07 15.48 -5.86
N PRO A 265 -24.22 14.72 -6.95
CA PRO A 265 -25.48 14.00 -7.18
C PRO A 265 -25.71 12.95 -6.11
N VAL A 266 -26.99 12.68 -5.84
CA VAL A 266 -27.34 11.72 -4.82
C VAL A 266 -27.10 10.28 -5.27
N CYS A 267 -26.77 10.07 -6.54
CA CYS A 267 -26.40 8.74 -7.01
C CYS A 267 -25.00 8.35 -6.53
N ILE A 268 -24.19 9.30 -6.06
CA ILE A 268 -22.89 8.98 -5.49
C ILE A 268 -22.87 9.08 -3.98
N ARG A 269 -23.92 9.64 -3.38
CA ARG A 269 -24.10 9.64 -1.93
C ARG A 269 -25.51 9.18 -1.59
N PRO A 270 -25.84 7.92 -1.86
CA PRO A 270 -27.21 7.46 -1.70
C PRO A 270 -27.59 7.28 -0.24
N SER A 271 -28.87 7.47 0.04
CA SER A 271 -29.39 7.21 1.38
C SER A 271 -29.56 5.72 1.58
N VAL A 272 -28.85 5.18 2.57
CA VAL A 272 -28.81 3.73 2.81
C VAL A 272 -30.06 3.34 3.59
N MET A 273 -30.88 2.47 3.01
CA MET A 273 -32.03 1.94 3.71
C MET A 273 -31.59 1.01 4.83
N MET A 274 -32.29 1.09 5.97
CA MET A 274 -32.03 0.23 7.11
C MET A 274 -33.16 -0.77 7.27
N GLN A 275 -33.03 -1.61 8.29
CA GLN A 275 -34.04 -2.62 8.59
C GLN A 275 -35.34 -1.96 9.07
N ASP A 276 -35.23 -0.76 9.63
CA ASP A 276 -36.42 -0.03 10.06
C ASP A 276 -36.98 0.80 8.90
N SER A 277 -38.25 0.58 8.60
CA SER A 277 -38.88 1.27 7.47
C SER A 277 -38.98 2.79 7.61
N PRO A 278 -39.44 3.39 8.73
CA PRO A 278 -39.63 4.85 8.74
C PRO A 278 -38.34 5.66 8.58
N ALA A 279 -37.21 5.14 9.04
CA ALA A 279 -35.97 5.90 9.06
C ALA A 279 -34.99 5.38 8.03
N SER A 280 -34.34 6.30 7.33
CA SER A 280 -33.31 6.00 6.35
C SER A 280 -32.03 6.76 6.71
N ASN A 281 -30.94 6.03 6.85
CA ASN A 281 -29.66 6.66 7.17
C ASN A 281 -29.12 7.41 5.97
N GLU A 282 -28.51 8.56 6.23
CA GLU A 282 -27.97 9.41 5.18
C GLU A 282 -26.45 9.37 5.19
N ASP A 283 -25.86 9.61 4.02
CA ASP A 283 -24.41 9.66 3.90
C ASP A 283 -23.87 10.89 4.62
N ASP A 284 -22.59 10.82 4.99
CA ASP A 284 -21.96 11.93 5.72
C ASP A 284 -21.87 13.18 4.85
N LEU A 285 -21.75 13.01 3.53
CA LEU A 285 -21.67 14.16 2.64
C LEU A 285 -22.95 14.98 2.66
N THR A 286 -24.10 14.31 2.69
CA THR A 286 -25.38 15.02 2.71
C THR A 286 -25.57 15.79 4.01
N VAL A 287 -25.21 15.18 5.14
CA VAL A 287 -25.30 15.86 6.43
C VAL A 287 -24.37 17.06 6.49
N LYS A 288 -23.14 16.89 5.98
CA LYS A 288 -22.21 18.01 5.93
C LYS A 288 -22.70 19.11 5.01
N LEU A 289 -23.38 18.74 3.92
CA LEU A 289 -23.94 19.73 3.00
C LEU A 289 -25.04 20.53 3.68
N THR A 290 -25.90 19.86 4.45
CA THR A 290 -26.93 20.57 5.23
C THR A 290 -26.31 21.48 6.27
N GLU A 291 -25.22 21.03 6.92
CA GLU A 291 -24.53 21.86 7.89
C GLU A 291 -23.93 23.10 7.22
N ILE A 292 -23.38 22.94 6.02
CA ILE A 292 -22.84 24.08 5.29
C ILE A 292 -23.94 25.07 4.94
N VAL A 293 -25.11 24.56 4.51
CA VAL A 293 -26.24 25.44 4.24
C VAL A 293 -26.65 26.20 5.49
N TRP A 294 -26.72 25.51 6.62
CA TRP A 294 -27.12 26.14 7.88
C TRP A 294 -26.13 27.23 8.30
N THR A 295 -24.83 26.93 8.25
CA THR A 295 -23.83 27.92 8.65
C THR A 295 -23.77 29.11 7.70
N SER A 296 -23.91 28.89 6.39
CA SER A 296 -23.91 30.00 5.45
C SER A 296 -25.15 30.87 5.62
N SER A 297 -26.31 30.25 5.87
CA SER A 297 -27.51 31.02 6.15
C SER A 297 -27.36 31.84 7.43
N LEU A 298 -26.73 31.25 8.45
CA LEU A 298 -26.46 31.96 9.69
C LEU A 298 -25.55 33.17 9.46
N ILE A 299 -24.50 32.98 8.65
CA ILE A 299 -23.58 34.08 8.36
C ILE A 299 -24.28 35.19 7.59
N LYS A 300 -25.11 34.83 6.61
CA LYS A 300 -25.82 35.83 5.83
C LYS A 300 -26.83 36.60 6.68
N ALA A 301 -27.56 35.89 7.54
CA ALA A 301 -28.51 36.57 8.41
C ALA A 301 -27.80 37.45 9.43
N GLY A 302 -26.61 37.04 9.88
CA GLY A 302 -25.83 37.89 10.75
C GLY A 302 -25.32 39.14 10.05
N LEU A 303 -24.93 39.00 8.79
CA LEU A 303 -24.54 40.18 8.01
C LEU A 303 -25.72 41.13 7.83
N ASP A 304 -26.91 40.59 7.60
CA ASP A 304 -28.07 41.45 7.38
C ASP A 304 -28.53 42.11 8.68
N LYS A 305 -28.50 41.39 9.80
CA LYS A 305 -29.06 41.88 11.05
C LYS A 305 -27.98 42.38 12.03
N GLY A 306 -26.72 42.37 11.62
CA GLY A 306 -25.67 42.97 12.41
C GLY A 306 -25.34 42.28 13.72
N ILE A 307 -24.96 40.99 13.66
CA ILE A 307 -24.49 40.31 14.85
C ILE A 307 -23.07 40.79 15.20
N SER A 308 -22.62 40.39 16.38
CA SER A 308 -21.28 40.76 16.84
C SER A 308 -20.21 40.17 15.93
N ILE A 309 -19.09 40.90 15.81
CA ILE A 309 -18.05 40.53 14.87
C ILE A 309 -17.34 39.26 15.28
N ASN A 310 -17.21 39.03 16.59
CA ASN A 310 -16.62 37.79 17.07
C ASN A 310 -17.45 36.58 16.65
N ASN A 311 -18.78 36.69 16.75
CA ASN A 311 -19.65 35.61 16.28
C ASN A 311 -19.55 35.41 14.78
N MET A 312 -19.46 36.51 14.03
CA MET A 312 -19.29 36.44 12.58
C MET A 312 -18.02 35.66 12.22
N MET A 313 -16.89 36.02 12.85
CA MET A 313 -15.64 35.36 12.53
C MET A 313 -15.62 33.91 13.01
N GLU A 314 -16.27 33.64 14.15
CA GLU A 314 -16.37 32.27 14.64
C GLU A 314 -17.17 31.39 13.69
N HIS A 315 -18.29 31.92 13.17
CA HIS A 315 -19.09 31.13 12.24
C HIS A 315 -18.42 31.02 10.88
N TRP A 316 -17.63 32.03 10.48
CA TRP A 316 -16.82 31.91 9.28
C TRP A 316 -15.80 30.79 9.41
N ASP A 317 -15.12 30.72 10.57
CA ASP A 317 -14.17 29.65 10.82
C ASP A 317 -14.85 28.29 10.88
N TYR A 318 -16.05 28.24 11.46
CA TYR A 318 -16.81 26.99 11.50
C TYR A 318 -17.21 26.54 10.12
N LEU A 319 -17.61 27.48 9.25
CA LEU A 319 -17.91 27.14 7.87
C LEU A 319 -16.68 26.61 7.14
N GLN A 320 -15.52 27.24 7.37
CA GLN A 320 -14.29 26.76 6.77
C GLN A 320 -13.96 25.35 7.22
N LEU A 321 -14.09 25.08 8.53
CA LEU A 321 -13.81 23.74 9.04
C LEU A 321 -14.81 22.72 8.52
N THR A 322 -16.08 23.12 8.39
CA THR A 322 -17.10 22.21 7.87
C THR A 322 -16.82 21.82 6.43
N VAL A 323 -16.45 22.80 5.59
CA VAL A 323 -16.12 22.49 4.21
C VAL A 323 -14.83 21.66 4.14
N ALA A 324 -13.88 21.93 5.03
CA ALA A 324 -12.66 21.14 5.08
C ALA A 324 -12.94 19.68 5.43
N MET A 325 -13.80 19.44 6.41
CA MET A 325 -14.20 18.07 6.72
C MET A 325 -15.00 17.45 5.59
N TYR A 326 -15.79 18.26 4.89
CA TYR A 326 -16.52 17.77 3.72
C TYR A 326 -15.58 17.31 2.63
N ILE A 327 -14.41 17.93 2.52
CA ILE A 327 -13.41 17.48 1.55
C ILE A 327 -12.46 16.45 2.15
N ASN A 328 -11.82 16.77 3.28
CA ASN A 328 -10.87 15.88 3.92
C ASN A 328 -11.13 15.87 5.42
N SER A 329 -11.69 14.77 5.93
CA SER A 329 -12.05 14.71 7.34
C SER A 329 -10.82 14.60 8.24
N ASP A 330 -9.72 14.05 7.72
CA ASP A 330 -8.50 13.94 8.52
C ASP A 330 -7.70 15.22 8.55
N SER A 331 -8.11 16.25 7.81
CA SER A 331 -7.37 17.50 7.78
C SER A 331 -7.50 18.29 9.08
N VAL A 332 -8.68 18.31 9.68
CA VAL A 332 -8.92 19.09 10.88
C VAL A 332 -9.59 18.22 11.93
N ASN A 333 -9.39 18.57 13.20
CA ASN A 333 -9.94 17.80 14.30
C ASN A 333 -11.44 18.04 14.41
N PRO A 334 -12.27 17.00 14.40
CA PRO A 334 -13.72 17.21 14.58
C PRO A 334 -14.10 17.77 15.95
N ALA A 335 -13.22 17.67 16.95
CA ALA A 335 -13.57 18.13 18.29
C ALA A 335 -13.68 19.65 18.36
N MET A 336 -13.09 20.37 17.39
CA MET A 336 -13.14 21.82 17.41
C MET A 336 -14.53 22.36 17.09
N LEU A 337 -15.33 21.62 16.33
CA LEU A 337 -16.70 22.05 16.03
C LEU A 337 -17.55 21.99 17.30
N PRO A 338 -18.52 22.90 17.43
CA PRO A 338 -19.37 22.89 18.65
C PRO A 338 -20.21 21.64 18.79
N GLY A 339 -20.59 21.00 17.68
CA GLY A 339 -21.40 19.80 17.77
C GLY A 339 -20.67 18.63 18.39
N SER A 340 -19.39 18.47 18.05
CA SER A 340 -18.58 17.40 18.61
C SER A 340 -17.65 17.93 19.70
N VAL A 347 -15.15 10.00 18.76
CA VAL A 347 -16.09 10.17 17.66
C VAL A 347 -15.48 9.64 16.37
N LYS A 348 -16.22 8.79 15.68
CA LYS A 348 -15.76 8.23 14.41
C LYS A 348 -15.73 9.33 13.35
N PRO A 349 -14.61 9.54 12.66
CA PRO A 349 -14.55 10.61 11.66
C PRO A 349 -15.36 10.26 10.42
N ILE A 350 -15.94 11.28 9.80
CA ILE A 350 -16.78 11.07 8.64
C ILE A 350 -15.94 10.64 7.45
N ARG A 351 -16.61 10.06 6.46
CA ARG A 351 -15.93 9.60 5.24
C ARG A 351 -16.06 10.71 4.20
N GLY A 352 -15.04 11.56 4.12
CA GLY A 352 -15.03 12.63 3.16
C GLY A 352 -14.64 12.15 1.78
N PHE A 353 -14.50 13.11 0.86
CA PHE A 353 -14.14 12.77 -0.50
C PHE A 353 -12.71 12.26 -0.59
N CYS A 354 -11.81 12.79 0.24
CA CYS A 354 -10.44 12.30 0.28
C CYS A 354 -10.39 10.89 0.86
N GLN A 355 -11.27 10.59 1.82
CA GLN A 355 -11.32 9.26 2.40
C GLN A 355 -11.90 8.23 1.45
N ARG A 356 -12.71 8.65 0.49
CA ARG A 356 -13.25 7.75 -0.52
C ARG A 356 -12.29 7.47 -1.65
N LEU A 357 -11.18 8.21 -1.74
CA LEU A 357 -10.24 8.07 -2.84
C LEU A 357 -8.93 7.40 -2.45
N LYS A 358 -8.59 7.40 -1.17
CA LYS A 358 -7.31 6.87 -0.71
C LYS A 358 -7.50 5.57 0.07
N GLY A 359 -6.41 4.80 0.15
CA GLY A 359 -6.40 3.53 0.85
C GLY A 359 -6.65 2.36 -0.06
N LYS A 360 -6.63 1.17 0.55
CA LYS A 360 -6.92 -0.05 -0.19
C LYS A 360 -8.40 -0.20 -0.52
N GLN A 361 -9.27 0.51 0.21
CA GLN A 361 -10.71 0.42 0.01
C GLN A 361 -11.27 1.64 -0.72
N GLY A 362 -10.41 2.45 -1.32
CA GLY A 362 -10.83 3.63 -2.05
C GLY A 362 -11.24 3.31 -3.48
N ARG A 363 -11.41 4.38 -4.26
CA ARG A 363 -11.77 4.20 -5.66
C ARG A 363 -10.62 3.59 -6.46
N PHE A 364 -9.41 4.11 -6.26
CA PHE A 364 -8.30 3.76 -7.14
C PHE A 364 -7.81 2.34 -6.88
N ARG A 365 -7.62 1.98 -5.62
CA ARG A 365 -7.09 0.66 -5.28
C ARG A 365 -8.17 -0.36 -4.96
N GLY A 366 -9.44 0.03 -4.98
CA GLY A 366 -10.51 -0.87 -4.63
C GLY A 366 -11.57 -1.02 -5.70
N ASN A 367 -11.64 -0.06 -6.63
CA ASN A 367 -12.66 -0.08 -7.66
C ASN A 367 -12.15 0.24 -9.06
N LEU A 368 -10.92 0.74 -9.21
CA LEU A 368 -10.39 1.11 -10.51
C LEU A 368 -9.23 0.20 -10.93
N SER A 369 -8.19 0.07 -10.11
CA SER A 369 -7.10 -0.84 -10.43
C SER A 369 -7.54 -2.29 -10.31
N GLY A 370 -8.27 -2.61 -9.24
CA GLY A 370 -8.82 -3.94 -9.06
C GLY A 370 -10.27 -3.85 -8.65
N LYS A 371 -11.06 -4.81 -9.14
CA LYS A 371 -12.49 -4.77 -8.91
C LYS A 371 -13.06 -6.18 -8.96
N ARG A 372 -14.25 -6.31 -8.37
CA ARG A 372 -15.00 -7.56 -8.42
C ARG A 372 -15.42 -7.85 -9.85
N VAL A 373 -15.29 -9.11 -10.26
CA VAL A 373 -15.63 -9.51 -11.62
C VAL A 373 -16.71 -10.57 -11.59
N ASP A 374 -17.50 -10.62 -12.65
CA ASP A 374 -18.52 -11.65 -12.82
C ASP A 374 -17.92 -12.90 -13.46
N PHE A 375 -18.73 -13.96 -13.49
CA PHE A 375 -18.38 -15.23 -14.12
C PHE A 375 -17.09 -15.80 -13.55
N SER A 376 -17.01 -15.84 -12.22
CA SER A 376 -15.86 -16.38 -11.52
C SER A 376 -16.33 -17.31 -10.41
N GLY A 377 -15.48 -18.27 -10.07
CA GLY A 377 -15.79 -19.21 -9.02
C GLY A 377 -14.55 -19.53 -8.20
N ARG A 378 -14.78 -19.90 -6.95
CA ARG A 378 -13.69 -20.21 -6.03
C ARG A 378 -13.94 -21.57 -5.41
N THR A 379 -12.94 -22.46 -5.46
CA THR A 379 -13.15 -23.80 -4.95
C THR A 379 -11.82 -24.35 -4.44
N VAL A 380 -11.91 -25.24 -3.45
CA VAL A 380 -10.77 -26.01 -2.99
C VAL A 380 -10.25 -26.90 -4.11
N ILE A 381 -8.93 -27.07 -4.17
CA ILE A 381 -8.26 -27.86 -5.19
C ILE A 381 -7.90 -29.23 -4.62
N SER A 382 -7.88 -30.23 -5.49
CA SER A 382 -7.44 -31.58 -5.20
C SER A 382 -6.70 -32.11 -6.42
N PRO A 383 -5.78 -33.05 -6.24
CA PRO A 383 -4.97 -33.50 -7.38
C PRO A 383 -5.73 -34.40 -8.34
N ASP A 384 -5.23 -34.44 -9.58
CA ASP A 384 -5.73 -35.32 -10.62
C ASP A 384 -4.64 -35.56 -11.67
N PRO A 385 -3.89 -36.65 -11.57
CA PRO A 385 -2.80 -36.87 -12.53
C PRO A 385 -3.25 -37.29 -13.90
N ASN A 386 -4.47 -37.82 -14.05
CA ASN A 386 -4.96 -38.28 -15.33
C ASN A 386 -5.34 -37.13 -16.26
N LEU A 387 -5.53 -35.93 -15.74
CA LEU A 387 -5.78 -34.77 -16.58
C LEU A 387 -4.50 -34.36 -17.30
N SER A 388 -4.67 -33.82 -18.51
CA SER A 388 -3.56 -33.20 -19.21
C SER A 388 -3.15 -31.93 -18.49
N ILE A 389 -1.89 -31.53 -18.67
CA ILE A 389 -1.35 -30.39 -17.94
C ILE A 389 -2.02 -29.09 -18.34
N ASP A 390 -2.60 -29.02 -19.54
CA ASP A 390 -3.38 -27.86 -19.97
C ASP A 390 -4.87 -28.04 -19.71
N GLU A 391 -5.24 -28.87 -18.74
CA GLU A 391 -6.63 -29.15 -18.42
C GLU A 391 -6.86 -29.01 -16.93
N VAL A 392 -7.99 -28.40 -16.57
CA VAL A 392 -8.45 -28.31 -15.19
C VAL A 392 -9.85 -28.88 -15.13
N ALA A 393 -10.15 -29.60 -14.06
CA ALA A 393 -11.46 -30.22 -13.89
C ALA A 393 -12.35 -29.32 -13.05
N VAL A 394 -13.49 -28.93 -13.63
CA VAL A 394 -14.46 -28.04 -13.01
C VAL A 394 -15.61 -28.92 -12.50
N PRO A 395 -16.13 -28.66 -11.30
CA PRO A 395 -17.31 -29.39 -10.84
C PRO A 395 -18.50 -29.16 -11.75
N ASP A 396 -19.35 -30.19 -11.83
CA ASP A 396 -20.56 -30.09 -12.65
C ASP A 396 -21.51 -29.02 -12.13
N ARG A 397 -21.52 -28.78 -10.81
CA ARG A 397 -22.37 -27.75 -10.24
C ARG A 397 -21.87 -26.36 -10.62
N VAL A 398 -20.55 -26.17 -10.64
CA VAL A 398 -19.98 -24.88 -11.02
C VAL A 398 -20.18 -24.62 -12.50
N ALA A 399 -20.05 -25.66 -13.33
CA ALA A 399 -20.19 -25.50 -14.76
C ALA A 399 -21.62 -25.14 -15.18
N LYS A 400 -22.61 -25.44 -14.34
CA LYS A 400 -23.98 -25.08 -14.63
C LYS A 400 -24.32 -23.64 -14.24
N VAL A 401 -23.41 -22.95 -13.55
CA VAL A 401 -23.58 -21.55 -13.21
C VAL A 401 -22.73 -20.66 -14.11
N LEU A 402 -21.44 -20.98 -14.24
CA LEU A 402 -20.56 -20.25 -15.13
C LEU A 402 -20.91 -20.54 -16.57
N THR A 403 -21.32 -19.51 -17.30
CA THR A 403 -21.82 -19.67 -18.66
C THR A 403 -20.95 -18.89 -19.64
N TYR A 404 -20.97 -19.34 -20.89
CA TYR A 404 -20.31 -18.66 -21.99
C TYR A 404 -21.35 -18.22 -23.01
N PRO A 405 -21.38 -16.95 -23.40
CA PRO A 405 -22.33 -16.49 -24.43
C PRO A 405 -21.83 -16.81 -25.82
N GLU A 406 -22.43 -17.81 -26.45
CA GLU A 406 -22.10 -18.19 -27.81
C GLU A 406 -23.09 -17.56 -28.76
N LYS A 407 -22.58 -16.89 -29.79
CA LYS A 407 -23.41 -16.27 -30.81
C LYS A 407 -23.74 -17.30 -31.87
N VAL A 408 -25.01 -17.40 -32.25
CA VAL A 408 -25.44 -18.43 -33.19
C VAL A 408 -24.92 -18.08 -34.58
N THR A 409 -24.22 -19.04 -35.20
CA THR A 409 -23.68 -18.90 -36.54
C THR A 409 -24.26 -19.99 -37.42
N ARG A 410 -23.80 -20.04 -38.67
CA ARG A 410 -24.18 -21.12 -39.56
C ARG A 410 -23.45 -22.41 -39.25
N TYR A 411 -22.43 -22.38 -38.39
CA TYR A 411 -21.63 -23.54 -38.06
C TYR A 411 -22.04 -24.20 -36.75
N ASN A 412 -22.85 -23.54 -35.93
CA ASN A 412 -23.17 -24.09 -34.61
C ASN A 412 -24.65 -23.94 -34.27
N ARG A 413 -25.52 -23.96 -35.27
CA ARG A 413 -26.94 -23.79 -34.98
C ARG A 413 -27.54 -25.03 -34.32
N HIS A 414 -27.21 -26.21 -34.84
CA HIS A 414 -27.77 -27.45 -34.31
C HIS A 414 -27.32 -27.70 -32.87
N LYS A 415 -26.05 -27.41 -32.58
CA LYS A 415 -25.53 -27.61 -31.24
C LYS A 415 -26.25 -26.74 -30.22
N LEU A 416 -26.44 -25.46 -30.55
CA LEU A 416 -27.12 -24.57 -29.62
C LEU A 416 -28.61 -24.86 -29.53
N GLN A 417 -29.20 -25.38 -30.60
CA GLN A 417 -30.57 -25.87 -30.52
C GLN A 417 -30.69 -27.02 -29.53
N GLU A 418 -29.74 -27.96 -29.60
CA GLU A 418 -29.73 -29.07 -28.66
C GLU A 418 -29.50 -28.59 -27.22
N LEU A 419 -28.63 -27.60 -27.04
CA LEU A 419 -28.38 -27.06 -25.71
C LEU A 419 -29.62 -26.36 -25.15
N ILE A 420 -30.34 -25.64 -26.00
CA ILE A 420 -31.57 -24.97 -25.55
C ILE A 420 -32.64 -26.00 -25.20
N VAL A 421 -32.73 -27.08 -25.99
CA VAL A 421 -33.68 -28.14 -25.69
C VAL A 421 -33.35 -28.83 -24.37
N ASN A 422 -32.06 -29.03 -24.10
CA ASN A 422 -31.65 -29.72 -22.88
C ASN A 422 -32.05 -28.94 -21.63
N GLY A 423 -31.85 -27.63 -21.65
CA GLY A 423 -32.33 -26.79 -20.58
C GLY A 423 -31.28 -26.45 -19.55
N PRO A 424 -31.67 -25.67 -18.54
CA PRO A 424 -30.70 -25.24 -17.52
C PRO A 424 -30.28 -26.32 -16.55
N ASN A 425 -31.02 -27.43 -16.45
CA ASN A 425 -30.74 -28.42 -15.43
C ASN A 425 -29.78 -29.51 -15.91
N VAL A 426 -30.01 -30.05 -17.10
CA VAL A 426 -29.05 -30.99 -17.70
C VAL A 426 -27.81 -30.21 -18.10
N HIS A 427 -26.63 -30.74 -17.73
CA HIS A 427 -25.41 -29.95 -17.83
C HIS A 427 -25.05 -29.51 -19.26
N PRO A 428 -25.06 -30.38 -20.30
CA PRO A 428 -24.85 -29.85 -21.64
C PRO A 428 -26.07 -29.05 -22.09
N GLY A 429 -26.21 -27.84 -21.56
CA GLY A 429 -27.37 -27.03 -21.82
C GLY A 429 -27.10 -25.55 -21.75
N ALA A 430 -28.16 -24.75 -21.64
CA ALA A 430 -28.05 -23.31 -21.64
C ALA A 430 -28.96 -22.72 -20.57
N ASN A 431 -28.64 -21.51 -20.13
CA ASN A 431 -29.40 -20.83 -19.09
C ASN A 431 -30.19 -19.63 -19.60
N TYR A 432 -29.64 -18.86 -20.55
CA TYR A 432 -30.30 -17.66 -21.02
C TYR A 432 -30.21 -17.58 -22.53
N LEU A 433 -31.16 -16.88 -23.13
CA LEU A 433 -31.20 -16.62 -24.57
C LEU A 433 -31.48 -15.15 -24.80
N LEU A 434 -30.69 -14.51 -25.64
CA LEU A 434 -30.86 -13.10 -25.98
C LEU A 434 -31.06 -13.01 -27.49
N LYS A 435 -32.25 -12.59 -27.90
CA LYS A 435 -32.59 -12.51 -29.31
C LYS A 435 -31.87 -11.32 -29.94
N ARG A 436 -31.81 -11.35 -31.28
CA ARG A 436 -31.08 -10.31 -32.01
C ARG A 436 -31.76 -8.95 -31.88
N ASN A 437 -33.08 -8.92 -31.96
CA ASN A 437 -33.82 -7.67 -31.93
C ASN A 437 -34.33 -7.30 -30.53
N GLU A 438 -34.01 -8.08 -29.51
CA GLU A 438 -34.46 -7.82 -28.16
C GLU A 438 -33.34 -7.21 -27.31
N ASP A 439 -33.71 -6.71 -26.15
CA ASP A 439 -32.78 -6.07 -25.23
C ASP A 439 -32.64 -6.77 -23.89
N ALA A 440 -33.60 -7.59 -23.49
CA ALA A 440 -33.57 -8.30 -22.22
C ALA A 440 -33.49 -9.79 -22.49
N ARG A 441 -32.51 -10.46 -21.91
CA ARG A 441 -32.38 -11.90 -22.05
C ARG A 441 -33.51 -12.61 -21.31
N ARG A 442 -33.96 -13.73 -21.87
CA ARG A 442 -35.07 -14.48 -21.31
C ARG A 442 -34.54 -15.74 -20.62
N ASN A 443 -35.02 -15.98 -19.41
CA ASN A 443 -34.63 -17.17 -18.68
C ASN A 443 -35.22 -18.41 -19.33
N LEU A 444 -34.42 -19.46 -19.44
CA LEU A 444 -34.86 -20.72 -20.02
C LEU A 444 -35.49 -21.65 -18.98
N ARG A 445 -35.62 -21.18 -17.75
CA ARG A 445 -36.27 -21.95 -16.70
C ARG A 445 -37.77 -21.81 -16.72
N TYR A 446 -38.31 -20.95 -17.60
CA TYR A 446 -39.75 -20.69 -17.65
C TYR A 446 -40.36 -20.84 -19.03
N GLY A 447 -39.57 -20.79 -20.09
CA GLY A 447 -40.10 -20.84 -21.44
C GLY A 447 -40.45 -22.26 -21.87
N ASP A 448 -40.84 -22.36 -23.15
CA ASP A 448 -41.19 -23.66 -23.71
C ASP A 448 -39.96 -24.51 -23.97
N ARG A 449 -38.84 -23.88 -24.32
CA ARG A 449 -37.54 -24.49 -24.62
C ARG A 449 -37.55 -25.36 -25.88
N MET A 450 -38.68 -25.47 -26.58
CA MET A 450 -38.75 -26.16 -27.86
C MET A 450 -39.10 -25.24 -29.01
N LYS A 451 -39.99 -24.26 -28.77
CA LYS A 451 -40.24 -23.22 -29.76
C LYS A 451 -39.05 -22.29 -29.89
N LEU A 452 -38.34 -22.04 -28.78
CA LEU A 452 -37.17 -21.17 -28.81
C LEU A 452 -36.05 -21.78 -29.65
N ALA A 453 -35.86 -23.10 -29.54
CA ALA A 453 -34.84 -23.77 -30.34
C ALA A 453 -35.20 -23.75 -31.83
N LYS A 454 -36.48 -23.96 -32.15
CA LYS A 454 -36.89 -23.97 -33.55
C LYS A 454 -36.78 -22.57 -34.16
N ASN A 455 -37.05 -21.53 -33.37
CA ASN A 455 -36.95 -20.15 -33.81
C ASN A 455 -35.61 -19.51 -33.50
N LEU A 456 -34.54 -20.30 -33.45
CA LEU A 456 -33.21 -19.78 -33.16
C LEU A 456 -32.65 -19.09 -34.41
N GLN A 457 -32.46 -17.78 -34.33
CA GLN A 457 -32.04 -17.00 -35.48
C GLN A 457 -30.54 -17.12 -35.70
N ILE A 458 -30.02 -16.26 -36.58
CA ILE A 458 -28.65 -16.36 -37.04
C ILE A 458 -27.77 -15.29 -36.34
N GLY A 459 -28.33 -14.57 -35.38
CA GLY A 459 -27.56 -13.58 -34.66
C GLY A 459 -27.82 -13.56 -33.17
N ASP A 460 -28.58 -14.54 -32.69
CA ASP A 460 -28.91 -14.62 -31.28
C ASP A 460 -27.69 -15.02 -30.45
N VAL A 461 -27.76 -14.74 -29.16
CA VAL A 461 -26.67 -15.05 -28.23
C VAL A 461 -27.24 -15.94 -27.13
N VAL A 462 -26.75 -17.17 -27.05
CA VAL A 462 -27.24 -18.15 -26.08
C VAL A 462 -26.14 -18.40 -25.06
N GLU A 463 -26.48 -18.29 -23.78
CA GLU A 463 -25.50 -18.44 -22.70
C GLU A 463 -25.46 -19.91 -22.30
N ARG A 464 -24.55 -20.65 -22.93
CA ARG A 464 -24.48 -22.08 -22.71
C ARG A 464 -23.60 -22.39 -21.50
N HIS A 465 -23.76 -23.60 -20.98
CA HIS A 465 -22.96 -24.02 -19.84
C HIS A 465 -21.51 -24.21 -20.23
N LEU A 466 -20.63 -24.16 -19.24
CA LEU A 466 -19.22 -24.44 -19.48
C LEU A 466 -19.04 -25.92 -19.81
N GLU A 467 -18.62 -26.19 -21.04
CA GLU A 467 -18.44 -27.55 -21.54
C GLU A 467 -16.96 -27.85 -21.67
N ASP A 468 -16.67 -29.05 -22.17
CA ASP A 468 -15.29 -29.47 -22.36
C ASP A 468 -14.63 -28.66 -23.46
N GLY A 469 -13.37 -28.29 -23.24
CA GLY A 469 -12.62 -27.47 -24.17
C GLY A 469 -12.74 -25.98 -23.95
N ASP A 470 -13.55 -25.54 -23.01
CA ASP A 470 -13.69 -24.12 -22.73
C ASP A 470 -12.43 -23.58 -22.06
N VAL A 471 -12.03 -22.39 -22.49
CA VAL A 471 -10.83 -21.75 -21.95
C VAL A 471 -11.18 -21.03 -20.66
N VAL A 472 -10.49 -21.38 -19.59
CA VAL A 472 -10.74 -20.80 -18.27
C VAL A 472 -9.43 -20.30 -17.67
N LEU A 473 -9.47 -19.13 -17.06
CA LEU A 473 -8.32 -18.60 -16.33
C LEU A 473 -8.31 -19.19 -14.93
N PHE A 474 -7.17 -19.72 -14.53
CA PHE A 474 -7.02 -20.39 -13.24
C PHE A 474 -5.97 -19.64 -12.44
N ASN A 475 -6.34 -19.22 -11.23
CA ASN A 475 -5.58 -18.21 -10.50
C ASN A 475 -5.46 -18.60 -9.03
N ARG A 476 -4.27 -18.39 -8.48
CA ARG A 476 -4.04 -18.47 -7.05
C ARG A 476 -3.74 -17.06 -6.55
N GLN A 477 -4.44 -16.64 -5.50
CA GLN A 477 -4.50 -15.22 -5.13
C GLN A 477 -3.16 -14.59 -4.75
N PRO A 478 -2.25 -15.25 -3.99
CA PRO A 478 -0.93 -14.62 -3.78
C PRO A 478 -0.12 -14.57 -5.06
N SER A 479 -0.47 -13.65 -5.96
CA SER A 479 0.12 -13.57 -7.28
C SER A 479 1.48 -12.88 -7.17
N LEU A 480 2.53 -13.69 -7.16
CA LEU A 480 3.88 -13.15 -7.05
C LEU A 480 4.50 -12.94 -8.41
N HIS A 481 4.42 -13.95 -9.27
CA HIS A 481 4.92 -13.89 -10.64
C HIS A 481 3.78 -14.22 -11.59
N ARG A 482 4.03 -14.03 -12.89
CA ARG A 482 2.96 -14.11 -13.87
C ARG A 482 2.44 -15.53 -14.06
N LEU A 483 3.21 -16.54 -13.67
CA LEU A 483 2.73 -17.92 -13.78
C LEU A 483 1.70 -18.26 -12.71
N SER A 484 1.44 -17.37 -11.75
CA SER A 484 0.43 -17.61 -10.74
C SER A 484 -0.99 -17.55 -11.30
N ILE A 485 -1.18 -17.00 -12.49
CA ILE A 485 -2.45 -17.06 -13.20
C ILE A 485 -2.18 -17.61 -14.60
N LEU A 486 -2.82 -18.72 -14.93
CA LEU A 486 -2.61 -19.38 -16.21
C LEU A 486 -3.96 -19.61 -16.88
N SER A 487 -3.92 -20.25 -18.05
CA SER A 487 -5.12 -20.57 -18.81
C SER A 487 -5.17 -22.07 -19.07
N HIS A 488 -6.31 -22.68 -18.77
CA HIS A 488 -6.50 -24.11 -18.89
C HIS A 488 -7.70 -24.40 -19.76
N TYR A 489 -7.76 -25.64 -20.24
CA TYR A 489 -8.95 -26.16 -20.90
C TYR A 489 -9.82 -26.85 -19.86
N ALA A 490 -11.12 -26.61 -19.93
CA ALA A 490 -12.03 -27.14 -18.92
C ALA A 490 -12.44 -28.57 -19.26
N LYS A 491 -12.38 -29.44 -18.26
CA LYS A 491 -13.03 -30.74 -18.27
C LYS A 491 -14.08 -30.72 -17.17
N ILE A 492 -15.14 -31.49 -17.32
CA ILE A 492 -16.25 -31.46 -16.37
C ILE A 492 -16.24 -32.76 -15.56
N ARG A 493 -16.20 -32.63 -14.24
CA ARG A 493 -16.12 -33.76 -13.34
C ARG A 493 -17.12 -33.56 -12.21
N PRO A 494 -17.62 -34.64 -11.60
CA PRO A 494 -18.75 -34.51 -10.65
C PRO A 494 -18.38 -34.39 -9.17
N TRP A 495 -17.13 -34.14 -8.79
CA TRP A 495 -16.72 -34.31 -7.40
C TRP A 495 -16.48 -33.00 -6.65
N ARG A 496 -17.08 -31.89 -7.09
CA ARG A 496 -17.22 -30.67 -6.30
C ARG A 496 -15.88 -29.99 -5.96
N THR A 497 -14.79 -30.32 -6.64
CA THR A 497 -13.52 -29.66 -6.41
C THR A 497 -12.84 -29.36 -7.73
N PHE A 498 -12.01 -28.32 -7.74
CA PHE A 498 -11.13 -28.10 -8.87
C PHE A 498 -9.99 -29.11 -8.85
N ARG A 499 -9.61 -29.57 -10.04
CA ARG A 499 -8.55 -30.57 -10.14
C ARG A 499 -7.59 -30.18 -11.25
N LEU A 500 -6.32 -30.05 -10.89
CA LEU A 500 -5.26 -29.75 -11.83
C LEU A 500 -4.15 -30.77 -11.67
N ASN A 501 -3.41 -30.98 -12.76
CA ASN A 501 -2.30 -31.93 -12.73
C ASN A 501 -1.21 -31.43 -11.78
N GLU A 502 -0.55 -32.38 -11.11
CA GLU A 502 0.46 -32.04 -10.11
C GLU A 502 1.75 -31.50 -10.71
N CYS A 503 1.92 -31.59 -12.02
CA CYS A 503 3.03 -30.90 -12.67
C CYS A 503 2.77 -29.41 -12.81
N VAL A 504 1.56 -28.95 -12.52
CA VAL A 504 1.16 -27.57 -12.71
C VAL A 504 1.06 -26.82 -11.38
N CYS A 505 1.07 -27.53 -10.25
CA CYS A 505 0.95 -26.87 -8.96
C CYS A 505 2.22 -26.14 -8.52
N THR A 506 3.32 -26.30 -9.24
CA THR A 506 4.57 -25.63 -8.87
C THR A 506 4.60 -24.16 -9.29
N PRO A 507 4.17 -23.76 -10.51
CA PRO A 507 4.02 -22.32 -10.76
C PRO A 507 3.01 -21.63 -9.86
N TYR A 508 1.95 -22.33 -9.45
CA TYR A 508 0.98 -21.74 -8.56
C TYR A 508 1.45 -21.65 -7.12
N ASN A 509 2.57 -22.32 -6.79
CA ASN A 509 3.03 -22.48 -5.41
C ASN A 509 1.93 -23.07 -4.54
N ALA A 510 1.23 -24.05 -5.09
CA ALA A 510 0.02 -24.60 -4.48
C ALA A 510 0.23 -26.03 -4.05
N ASP A 511 -0.33 -26.37 -2.90
CA ASP A 511 -0.33 -27.73 -2.39
C ASP A 511 -1.72 -28.09 -1.87
N PHE A 512 -2.04 -29.38 -1.91
CA PHE A 512 -3.40 -29.86 -1.65
C PHE A 512 -3.59 -30.17 -0.17
N ASP A 513 -3.69 -29.10 0.62
CA ASP A 513 -3.93 -29.21 2.05
C ASP A 513 -4.94 -28.17 2.51
N GLY A 514 -5.86 -27.78 1.63
CA GLY A 514 -6.84 -26.76 1.91
C GLY A 514 -6.74 -25.54 1.03
N ASP A 515 -5.90 -25.57 0.01
CA ASP A 515 -5.77 -24.44 -0.90
C ASP A 515 -7.02 -24.26 -1.73
N GLU A 516 -7.38 -23.00 -1.98
CA GLU A 516 -8.51 -22.64 -2.82
C GLU A 516 -8.00 -21.81 -3.98
N MET A 517 -8.48 -22.09 -5.19
CA MET A 517 -8.15 -21.25 -6.32
C MET A 517 -9.42 -20.74 -7.01
N ASN A 518 -9.19 -19.75 -7.87
CA ASN A 518 -10.23 -19.01 -8.57
C ASN A 518 -10.22 -19.37 -10.06
N LEU A 519 -11.42 -19.34 -10.63
CA LEU A 519 -11.66 -19.72 -12.02
C LEU A 519 -12.46 -18.61 -12.67
N HIS A 520 -11.84 -17.90 -13.61
CA HIS A 520 -12.50 -16.89 -14.41
C HIS A 520 -12.84 -17.48 -15.78
N VAL A 521 -13.95 -17.04 -16.34
CA VAL A 521 -14.40 -17.46 -17.66
C VAL A 521 -14.47 -16.24 -18.56
N PRO A 522 -13.52 -16.07 -19.48
CA PRO A 522 -13.60 -14.95 -20.42
C PRO A 522 -14.85 -15.05 -21.29
N GLN A 523 -15.48 -13.90 -21.51
CA GLN A 523 -16.77 -13.81 -22.18
C GLN A 523 -16.67 -13.28 -23.60
N THR A 524 -15.46 -13.14 -24.13
CA THR A 524 -15.25 -12.58 -25.45
C THR A 524 -14.29 -13.47 -26.21
N GLU A 525 -14.51 -13.60 -27.53
CA GLU A 525 -13.66 -14.44 -28.36
C GLU A 525 -12.22 -13.94 -28.37
N GLU A 526 -12.03 -12.61 -28.41
CA GLU A 526 -10.69 -12.05 -28.38
C GLU A 526 -9.98 -12.37 -27.07
N ALA A 527 -10.69 -12.20 -25.94
CA ALA A 527 -10.11 -12.51 -24.64
C ALA A 527 -9.82 -14.00 -24.52
N ARG A 528 -10.72 -14.84 -25.04
CA ARG A 528 -10.52 -16.28 -25.01
C ARG A 528 -9.28 -16.70 -25.78
N ALA A 529 -9.11 -16.14 -26.99
CA ALA A 529 -7.96 -16.48 -27.81
C ALA A 529 -6.67 -15.96 -27.19
N GLU A 530 -6.68 -14.75 -26.65
CA GLU A 530 -5.49 -14.21 -26.00
C GLU A 530 -5.09 -15.03 -24.79
N ALA A 531 -6.08 -15.45 -24.00
CA ALA A 531 -5.79 -16.30 -22.85
C ALA A 531 -5.22 -17.64 -23.26
N ILE A 532 -5.82 -18.28 -24.27
CA ILE A 532 -5.35 -19.61 -24.64
C ILE A 532 -4.03 -19.58 -25.40
N ASN A 533 -3.67 -18.46 -26.02
CA ASN A 533 -2.45 -18.42 -26.81
C ASN A 533 -1.27 -17.80 -26.06
N LEU A 534 -1.52 -16.86 -25.16
CA LEU A 534 -0.44 -16.22 -24.42
C LEU A 534 -0.33 -16.71 -22.98
N MET A 535 -1.41 -17.23 -22.41
CA MET A 535 -1.42 -17.61 -21.00
C MET A 535 -1.60 -19.12 -20.82
N GLY A 536 -1.43 -19.88 -21.89
CA GLY A 536 -1.63 -21.32 -21.81
C GLY A 536 -0.53 -22.01 -21.04
N VAL A 537 -0.86 -23.19 -20.51
CA VAL A 537 0.11 -23.98 -19.78
C VAL A 537 1.19 -24.50 -20.71
N LYS A 538 0.81 -24.87 -21.93
CA LYS A 538 1.78 -25.38 -22.89
C LYS A 538 2.77 -24.30 -23.32
N ASN A 539 2.30 -23.07 -23.47
CA ASN A 539 3.13 -21.96 -23.91
C ASN A 539 3.83 -21.24 -22.76
N ASN A 540 3.69 -21.73 -21.54
CA ASN A 540 4.33 -21.12 -20.37
C ASN A 540 5.05 -22.18 -19.55
N LEU A 541 5.77 -23.08 -20.23
CA LEU A 541 6.52 -24.11 -19.54
C LEU A 541 7.81 -23.59 -18.92
N LEU A 542 8.23 -22.37 -19.26
CA LEU A 542 9.47 -21.78 -18.75
C LEU A 542 9.15 -20.50 -18.01
N THR A 543 9.74 -20.33 -16.84
CA THR A 543 9.58 -19.08 -16.11
C THR A 543 10.37 -17.97 -16.79
N PRO A 544 9.84 -16.75 -16.82
CA PRO A 544 10.61 -15.64 -17.42
C PRO A 544 11.68 -15.08 -16.53
N LYS A 545 11.81 -15.57 -15.30
CA LYS A 545 12.87 -15.12 -14.40
C LYS A 545 14.24 -15.53 -14.92
N SER A 546 14.38 -16.79 -15.35
CA SER A 546 15.65 -17.28 -15.87
C SER A 546 15.53 -18.11 -17.13
N GLY A 547 14.33 -18.41 -17.61
CA GLY A 547 14.17 -19.27 -18.77
C GLY A 547 14.16 -20.75 -18.46
N GLU A 548 14.27 -21.13 -17.19
CA GLU A 548 14.28 -22.52 -16.76
C GLU A 548 12.86 -23.08 -16.70
N PRO A 549 12.69 -24.38 -16.88
CA PRO A 549 11.36 -24.98 -16.75
C PRO A 549 10.81 -24.83 -15.34
N ILE A 550 9.51 -24.62 -15.26
CA ILE A 550 8.82 -24.45 -13.98
C ILE A 550 7.69 -25.47 -13.90
N ILE A 551 7.21 -25.93 -15.05
CA ILE A 551 6.20 -26.97 -15.13
C ILE A 551 6.93 -28.25 -15.54
N ALA A 552 7.17 -29.12 -14.58
CA ALA A 552 7.94 -30.34 -14.80
C ALA A 552 7.55 -31.36 -13.74
N ALA A 553 8.38 -32.38 -13.59
CA ALA A 553 8.13 -33.43 -12.61
C ALA A 553 8.21 -32.87 -11.20
N THR A 554 7.29 -33.31 -10.36
CA THR A 554 7.25 -32.96 -8.95
C THR A 554 7.49 -34.20 -8.11
N GLN A 555 7.33 -34.06 -6.80
CA GLN A 555 7.44 -35.21 -5.89
C GLN A 555 6.41 -36.27 -6.25
N ASP A 556 6.79 -37.53 -6.02
CA ASP A 556 6.07 -38.78 -6.25
C ASP A 556 6.05 -39.09 -7.76
N PHE A 557 6.49 -38.17 -8.61
CA PHE A 557 6.76 -38.47 -10.01
C PHE A 557 8.25 -38.64 -10.28
N ILE A 558 9.09 -37.90 -9.57
CA ILE A 558 10.53 -38.10 -9.67
C ILE A 558 10.93 -39.43 -9.05
N THR A 559 10.32 -39.79 -7.92
CA THR A 559 10.68 -41.02 -7.23
C THR A 559 10.28 -42.25 -8.04
N GLY A 560 9.07 -42.24 -8.61
CA GLY A 560 8.65 -43.36 -9.45
C GLY A 560 9.51 -43.49 -10.69
N SER A 561 9.88 -42.35 -11.29
CA SER A 561 10.76 -42.38 -12.46
C SER A 561 12.15 -42.92 -12.10
N TYR A 562 12.66 -42.54 -10.94
CA TYR A 562 13.94 -43.05 -10.48
C TYR A 562 13.88 -44.55 -10.23
N LEU A 563 12.78 -45.03 -9.65
CA LEU A 563 12.67 -46.47 -9.39
C LEU A 563 12.48 -47.26 -10.68
N ILE A 564 11.84 -46.67 -11.69
CA ILE A 564 11.76 -47.33 -13.00
C ILE A 564 13.13 -47.36 -13.66
N SER A 565 13.83 -46.23 -13.65
CA SER A 565 15.12 -46.10 -14.32
C SER A 565 16.29 -46.58 -13.47
N HIS A 566 16.02 -47.13 -12.29
CA HIS A 566 17.08 -47.68 -11.46
C HIS A 566 17.72 -48.87 -12.17
N LYS A 567 19.03 -49.05 -11.96
CA LYS A 567 19.80 -49.98 -12.77
C LYS A 567 19.38 -51.43 -12.59
N ASP A 568 18.84 -51.79 -11.43
CA ASP A 568 18.40 -53.17 -11.20
C ASP A 568 16.90 -53.33 -11.42
N SER A 569 16.34 -52.62 -12.39
CA SER A 569 14.94 -52.74 -12.77
C SER A 569 14.87 -53.43 -14.12
N PHE A 570 14.54 -54.72 -14.11
CA PHE A 570 14.41 -55.51 -15.33
C PHE A 570 12.97 -56.01 -15.43
N TYR A 571 12.36 -55.80 -16.59
CA TYR A 571 10.97 -56.14 -16.82
C TYR A 571 10.86 -57.11 -17.98
N ASP A 572 10.00 -58.11 -17.84
CA ASP A 572 9.67 -58.99 -18.95
C ASP A 572 8.68 -58.28 -19.88
N ARG A 573 8.25 -58.99 -20.93
CA ARG A 573 7.40 -58.36 -21.93
C ARG A 573 6.02 -58.04 -21.39
N ALA A 574 5.48 -58.88 -20.49
CA ALA A 574 4.17 -58.61 -19.92
C ALA A 574 4.18 -57.33 -19.08
N THR A 575 5.19 -57.19 -18.21
CA THR A 575 5.29 -56.00 -17.37
C THR A 575 5.60 -54.76 -18.21
N LEU A 576 6.49 -54.90 -19.20
CA LEU A 576 6.79 -53.80 -20.11
C LEU A 576 5.53 -53.31 -20.83
N THR A 577 4.76 -54.25 -21.38
CA THR A 577 3.57 -53.89 -22.14
C THR A 577 2.52 -53.27 -21.23
N GLN A 578 2.36 -53.81 -20.01
CA GLN A 578 1.44 -53.20 -19.06
C GLN A 578 1.85 -51.78 -18.72
N LEU A 579 3.14 -51.54 -18.48
CA LEU A 579 3.61 -50.19 -18.18
C LEU A 579 3.38 -49.24 -19.35
N LEU A 580 3.58 -49.72 -20.57
CA LEU A 580 3.37 -48.87 -21.74
C LEU A 580 1.90 -48.54 -21.94
N SER A 581 1.00 -49.48 -21.63
CA SER A 581 -0.42 -49.17 -21.70
C SER A 581 -0.85 -48.25 -20.56
N MET A 582 -0.13 -48.31 -19.44
CA MET A 582 -0.40 -47.46 -18.29
C MET A 582 -0.12 -45.99 -18.57
N MET A 583 0.88 -45.69 -19.41
CA MET A 583 1.22 -44.30 -19.68
C MET A 583 0.46 -43.71 -20.87
N SER A 584 -0.29 -44.52 -21.61
CA SER A 584 -0.92 -44.04 -22.83
C SER A 584 -2.42 -44.28 -22.87
N ASP A 585 -3.00 -44.80 -21.79
CA ASP A 585 -4.44 -45.08 -21.68
C ASP A 585 -4.93 -46.03 -22.77
N GLY A 586 -4.07 -46.94 -23.21
CA GLY A 586 -4.43 -47.90 -24.25
C GLY A 586 -4.78 -47.28 -25.59
N ILE A 587 -4.08 -46.23 -25.98
CA ILE A 587 -4.35 -45.50 -27.22
C ILE A 587 -3.15 -45.54 -28.17
N GLU A 588 -1.98 -45.17 -27.66
CA GLU A 588 -0.80 -45.02 -28.51
C GLU A 588 -0.28 -46.36 -28.98
N HIS A 589 0.34 -46.35 -30.16
CA HIS A 589 0.96 -47.53 -30.73
C HIS A 589 2.44 -47.56 -30.35
N PHE A 590 2.89 -48.68 -29.81
CA PHE A 590 4.24 -48.82 -29.28
C PHE A 590 5.02 -49.83 -30.10
N ASP A 591 6.22 -49.45 -30.52
CA ASP A 591 7.15 -50.35 -31.22
C ASP A 591 8.14 -50.86 -30.18
N ILE A 592 8.01 -52.13 -29.82
CA ILE A 592 8.83 -52.73 -28.77
C ILE A 592 10.26 -52.88 -29.26
N PRO A 593 11.24 -52.31 -28.58
CA PRO A 593 12.63 -52.47 -28.98
C PRO A 593 13.16 -53.83 -28.54
N PRO A 594 14.23 -54.32 -29.17
CA PRO A 594 14.82 -55.59 -28.73
C PRO A 594 15.35 -55.48 -27.31
N PRO A 595 15.25 -56.56 -26.54
CA PRO A 595 15.59 -56.48 -25.11
C PRO A 595 17.08 -56.34 -24.87
N ALA A 596 17.40 -55.82 -23.68
CA ALA A 596 18.78 -55.67 -23.27
C ALA A 596 19.43 -56.98 -22.87
N ILE A 597 18.65 -57.97 -22.44
CA ILE A 597 19.14 -59.29 -22.09
C ILE A 597 18.34 -60.31 -22.89
N MET A 598 19.03 -61.26 -23.52
CA MET A 598 18.35 -62.20 -24.41
C MET A 598 18.54 -63.67 -24.07
N LYS A 599 19.72 -64.09 -23.60
CA LYS A 599 19.99 -65.53 -23.52
C LYS A 599 19.23 -66.19 -22.37
N PRO A 600 19.41 -65.80 -21.07
CA PRO A 600 18.66 -66.49 -20.02
C PRO A 600 17.16 -66.24 -20.14
N TYR A 601 16.76 -64.97 -20.12
CA TYR A 601 15.38 -64.55 -20.33
C TYR A 601 15.37 -63.36 -21.27
N TYR A 602 14.19 -62.83 -21.55
CA TYR A 602 14.03 -61.59 -22.30
C TYR A 602 13.60 -60.52 -21.32
N LEU A 603 14.51 -59.61 -20.99
CA LEU A 603 14.27 -58.60 -19.97
C LEU A 603 14.55 -57.21 -20.54
N TRP A 604 13.67 -56.27 -20.24
CA TRP A 604 13.83 -54.88 -20.64
C TRP A 604 14.18 -54.03 -19.42
N THR A 605 15.11 -53.12 -19.59
CA THR A 605 15.48 -52.19 -18.53
C THR A 605 14.53 -50.99 -18.56
N GLY A 606 14.30 -50.39 -17.38
CA GLY A 606 13.39 -49.26 -17.29
C GLY A 606 13.85 -48.05 -18.08
N LYS A 607 15.15 -47.97 -18.37
CA LYS A 607 15.64 -46.92 -19.26
C LYS A 607 15.05 -47.08 -20.66
N GLN A 608 14.84 -48.33 -21.10
CA GLN A 608 14.13 -48.54 -22.36
C GLN A 608 12.66 -48.14 -22.25
N VAL A 609 12.06 -48.31 -21.07
CA VAL A 609 10.69 -47.83 -20.86
C VAL A 609 10.63 -46.33 -21.03
N PHE A 610 11.61 -45.60 -20.49
CA PHE A 610 11.61 -44.14 -20.64
C PHE A 610 11.97 -43.71 -22.05
N SER A 611 12.80 -44.51 -22.74
CA SER A 611 13.05 -44.26 -24.15
C SER A 611 11.77 -44.37 -24.97
N LEU A 612 10.95 -45.37 -24.66
CA LEU A 612 9.63 -45.47 -25.29
C LEU A 612 8.69 -44.35 -24.86
N LEU A 613 8.83 -43.87 -23.62
CA LEU A 613 8.01 -42.75 -23.17
C LEU A 613 8.33 -41.48 -23.95
N ILE A 614 9.62 -41.25 -24.24
CA ILE A 614 10.00 -40.08 -25.03
C ILE A 614 9.56 -40.25 -26.48
N LYS A 615 9.80 -41.43 -27.06
CA LYS A 615 9.46 -41.72 -28.45
C LYS A 615 8.72 -43.05 -28.51
N PRO A 616 7.39 -43.02 -28.63
CA PRO A 616 6.64 -44.29 -28.64
C PRO A 616 6.89 -45.15 -29.86
N ASN A 617 6.77 -44.59 -31.06
CA ASN A 617 6.87 -45.36 -32.29
C ASN A 617 7.72 -44.59 -33.29
N HIS A 618 7.87 -45.16 -34.49
CA HIS A 618 8.69 -44.52 -35.52
C HIS A 618 8.01 -43.30 -36.12
N ASN A 619 6.68 -43.20 -36.02
CA ASN A 619 5.97 -42.04 -36.52
C ASN A 619 6.14 -40.82 -35.62
N SER A 620 6.57 -41.00 -34.38
CA SER A 620 6.79 -39.87 -33.50
C SER A 620 8.04 -39.11 -33.92
N PRO A 621 7.99 -37.78 -33.99
CA PRO A 621 9.14 -37.00 -34.45
C PRO A 621 10.12 -36.58 -33.36
N VAL A 622 9.93 -37.04 -32.12
CA VAL A 622 10.75 -36.57 -31.01
C VAL A 622 12.07 -37.34 -31.00
N VAL A 623 13.15 -36.68 -31.37
CA VAL A 623 14.50 -37.23 -31.34
C VAL A 623 15.36 -36.21 -30.60
N ILE A 624 15.68 -36.49 -29.34
CA ILE A 624 16.38 -35.54 -28.48
C ILE A 624 17.70 -36.14 -28.01
N ASN A 625 18.75 -35.33 -28.03
CA ASN A 625 20.07 -35.73 -27.60
C ASN A 625 20.55 -34.78 -26.51
N LEU A 626 20.99 -35.33 -25.39
CA LEU A 626 21.45 -34.48 -24.30
C LEU A 626 22.41 -35.25 -23.40
N ASP A 627 23.26 -34.50 -22.72
CA ASP A 627 24.18 -35.03 -21.72
C ASP A 627 24.01 -34.19 -20.47
N ALA A 628 23.75 -34.83 -19.33
CA ALA A 628 23.47 -34.05 -18.13
C ALA A 628 23.93 -34.81 -16.90
N LYS A 629 24.12 -34.06 -15.82
CA LYS A 629 24.53 -34.59 -14.53
C LYS A 629 23.33 -34.66 -13.59
N ASN A 630 23.30 -35.70 -12.76
CA ASN A 630 22.24 -35.84 -11.78
C ASN A 630 22.53 -34.99 -10.55
N LYS A 631 21.59 -34.99 -9.60
CA LYS A 631 21.76 -34.24 -8.37
C LYS A 631 22.91 -34.79 -7.54
N VAL A 632 23.00 -36.12 -7.44
CA VAL A 632 24.06 -36.79 -6.69
C VAL A 632 24.98 -37.44 -7.72
N PHE A 633 26.15 -36.85 -7.91
CA PHE A 633 27.12 -37.32 -8.91
C PHE A 633 28.43 -37.67 -8.20
N VAL A 634 28.77 -38.95 -8.21
CA VAL A 634 30.04 -39.43 -7.68
C VAL A 634 30.98 -39.65 -8.87
N PRO A 635 32.12 -38.96 -8.93
CA PRO A 635 33.00 -39.07 -10.10
C PRO A 635 33.61 -40.45 -10.21
N PRO A 636 34.00 -40.87 -11.41
CA PRO A 636 34.56 -42.21 -11.58
C PRO A 636 35.92 -42.36 -10.90
N LYS A 637 36.42 -43.61 -10.94
CA LYS A 637 37.65 -43.94 -10.22
C LYS A 637 38.85 -43.19 -10.77
N SER A 638 38.94 -43.08 -12.09
CA SER A 638 40.04 -42.40 -12.75
C SER A 638 39.55 -41.13 -13.43
N LYS A 639 40.35 -40.08 -13.38
CA LYS A 639 39.97 -38.81 -13.99
C LYS A 639 40.01 -38.88 -15.51
N SER A 640 40.73 -39.85 -16.09
CA SER A 640 40.76 -39.97 -17.54
C SER A 640 39.46 -40.54 -18.10
N LEU A 641 38.71 -41.26 -17.27
CA LEU A 641 37.45 -41.82 -17.70
C LEU A 641 36.40 -40.71 -17.87
N PRO A 642 35.46 -40.89 -18.80
CA PRO A 642 34.43 -39.87 -19.00
C PRO A 642 33.39 -39.90 -17.89
N ASN A 643 32.42 -38.99 -17.97
CA ASN A 643 31.45 -38.84 -16.88
C ASN A 643 30.42 -39.97 -16.84
N GLU A 644 30.15 -40.63 -17.97
CA GLU A 644 29.18 -41.72 -17.97
C GLU A 644 29.67 -42.97 -17.28
N MET A 645 30.98 -43.11 -17.07
CA MET A 645 31.55 -44.24 -16.35
C MET A 645 31.57 -44.02 -14.85
N SER A 646 30.74 -43.11 -14.35
CA SER A 646 30.69 -42.80 -12.93
C SER A 646 29.90 -43.86 -12.17
N GLN A 647 30.06 -43.84 -10.86
CA GLN A 647 29.25 -44.70 -10.00
C GLN A 647 27.84 -44.14 -9.89
N ASN A 648 26.92 -44.98 -9.41
CA ASN A 648 25.51 -44.69 -9.10
C ASN A 648 24.77 -43.98 -10.26
N ASP A 649 25.24 -44.18 -11.49
CA ASP A 649 24.61 -43.63 -12.70
C ASP A 649 24.45 -42.11 -12.61
N GLY A 650 25.56 -41.42 -12.36
CA GLY A 650 25.49 -39.98 -12.19
C GLY A 650 25.17 -39.23 -13.47
N PHE A 651 25.70 -39.71 -14.60
CA PHE A 651 25.61 -38.99 -15.87
C PHE A 651 24.58 -39.64 -16.78
N VAL A 652 23.65 -38.83 -17.28
CA VAL A 652 22.62 -39.29 -18.21
C VAL A 652 23.00 -38.86 -19.62
N ILE A 653 22.92 -39.80 -20.56
CA ILE A 653 23.19 -39.56 -21.97
C ILE A 653 22.00 -40.08 -22.76
N ILE A 654 21.41 -39.21 -23.58
CA ILE A 654 20.31 -39.57 -24.47
C ILE A 654 20.76 -39.29 -25.90
N ARG A 655 20.85 -40.34 -26.70
CA ARG A 655 21.20 -40.25 -28.11
C ARG A 655 20.05 -40.80 -28.94
N GLY A 656 19.66 -40.06 -29.98
CA GLY A 656 18.47 -40.41 -30.71
C GLY A 656 17.25 -40.15 -29.84
N SER A 657 16.64 -41.21 -29.33
CA SER A 657 15.71 -41.10 -28.22
C SER A 657 16.00 -42.14 -27.15
N GLN A 658 17.07 -42.91 -27.29
CA GLN A 658 17.41 -43.95 -26.34
C GLN A 658 18.18 -43.37 -25.17
N ILE A 659 17.87 -43.85 -23.96
CA ILE A 659 18.61 -43.47 -22.76
C ILE A 659 19.70 -44.51 -22.55
N LEU A 660 20.95 -44.07 -22.62
CA LEU A 660 22.10 -44.98 -22.59
C LEU A 660 22.74 -45.08 -21.21
N SER A 661 22.53 -44.10 -20.34
CA SER A 661 23.16 -44.09 -19.03
C SER A 661 22.34 -43.18 -18.12
N GLY A 662 22.59 -43.33 -16.82
CA GLY A 662 22.06 -42.40 -15.84
C GLY A 662 20.64 -42.73 -15.40
N VAL A 663 20.24 -42.11 -14.30
CA VAL A 663 18.91 -42.25 -13.75
C VAL A 663 18.18 -40.93 -13.92
N MET A 664 16.85 -40.99 -13.90
CA MET A 664 16.02 -39.82 -14.07
C MET A 664 15.64 -39.27 -12.70
N ASP A 665 16.01 -38.03 -12.45
CA ASP A 665 15.78 -37.37 -11.16
C ASP A 665 15.36 -35.93 -11.43
N LYS A 666 15.43 -35.10 -10.40
CA LYS A 666 15.02 -33.71 -10.52
C LYS A 666 15.90 -32.94 -11.50
N SER A 667 17.14 -33.38 -11.70
CA SER A 667 18.03 -32.68 -12.62
C SER A 667 17.68 -32.96 -14.09
N VAL A 668 16.97 -34.05 -14.35
CA VAL A 668 16.66 -34.47 -15.71
C VAL A 668 15.18 -34.36 -16.02
N LEU A 669 14.32 -34.61 -15.04
CA LEU A 669 12.88 -34.51 -15.25
C LEU A 669 12.22 -33.38 -14.48
N GLY A 670 12.86 -32.85 -13.44
CA GLY A 670 12.28 -31.82 -12.61
C GLY A 670 12.52 -30.43 -13.17
N ASP A 671 12.33 -29.44 -12.30
CA ASP A 671 12.41 -28.04 -12.66
C ASP A 671 13.72 -27.41 -12.19
N GLY A 672 14.03 -26.25 -12.78
CA GLY A 672 15.18 -25.46 -12.37
C GLY A 672 16.46 -25.72 -13.12
N LYS A 673 16.45 -26.61 -14.12
CA LYS A 673 17.64 -26.93 -14.89
C LYS A 673 17.34 -26.85 -16.38
N LYS A 674 18.29 -26.32 -17.14
CA LYS A 674 18.14 -26.13 -18.58
C LYS A 674 18.63 -27.30 -19.41
N HIS A 675 19.04 -28.40 -18.77
CA HIS A 675 19.46 -29.61 -19.49
C HIS A 675 18.48 -30.76 -19.32
N SER A 676 17.21 -30.45 -19.04
CA SER A 676 16.22 -31.49 -18.77
C SER A 676 15.64 -32.03 -20.07
N VAL A 677 14.97 -33.18 -19.94
CA VAL A 677 14.37 -33.84 -21.10
C VAL A 677 13.24 -33.01 -21.68
N PHE A 678 12.34 -32.54 -20.81
CA PHE A 678 11.18 -31.78 -21.27
C PHE A 678 11.58 -30.45 -21.87
N TYR A 679 12.62 -29.82 -21.31
CA TYR A 679 13.14 -28.59 -21.91
C TYR A 679 13.68 -28.84 -23.31
N THR A 680 14.42 -29.95 -23.48
CA THR A 680 14.97 -30.27 -24.80
C THR A 680 13.85 -30.55 -25.80
N ILE A 681 12.81 -31.28 -25.39
CA ILE A 681 11.69 -31.55 -26.28
C ILE A 681 10.97 -30.26 -26.64
N LEU A 682 10.77 -29.37 -25.67
CA LEU A 682 10.09 -28.10 -25.92
C LEU A 682 10.90 -27.22 -26.87
N ARG A 683 12.22 -27.17 -26.70
CA ARG A 683 13.05 -26.33 -27.56
C ARG A 683 13.14 -26.89 -28.97
N ASP A 684 13.20 -28.22 -29.11
CA ASP A 684 13.48 -28.79 -30.43
C ASP A 684 12.20 -29.04 -31.23
N TYR A 685 11.12 -29.47 -30.58
CA TYR A 685 9.93 -29.94 -31.30
C TYR A 685 8.63 -29.30 -30.82
N GLY A 686 8.71 -28.19 -30.10
CA GLY A 686 7.53 -27.45 -29.74
C GLY A 686 6.94 -27.86 -28.41
N PRO A 687 5.93 -27.12 -27.95
CA PRO A 687 5.37 -27.36 -26.62
C PRO A 687 4.42 -28.54 -26.53
N GLN A 688 3.78 -28.89 -27.65
CA GLN A 688 2.80 -29.99 -27.63
C GLN A 688 3.45 -31.32 -27.32
N GLU A 689 4.63 -31.59 -27.90
CA GLU A 689 5.32 -32.85 -27.62
C GLU A 689 5.79 -32.92 -26.18
N ALA A 690 6.28 -31.79 -25.64
CA ALA A 690 6.67 -31.75 -24.24
C ALA A 690 5.47 -32.00 -23.32
N ALA A 691 4.32 -31.42 -23.66
CA ALA A 691 3.11 -31.66 -22.89
C ALA A 691 2.68 -33.11 -22.95
N ASN A 692 2.78 -33.73 -24.13
CA ASN A 692 2.44 -35.15 -24.26
C ASN A 692 3.38 -36.02 -23.44
N ALA A 693 4.67 -35.72 -23.46
CA ALA A 693 5.63 -36.49 -22.67
C ALA A 693 5.37 -36.33 -21.18
N MET A 694 5.05 -35.10 -20.74
CA MET A 694 4.75 -34.88 -19.33
C MET A 694 3.49 -35.60 -18.90
N ASN A 695 2.45 -35.62 -19.74
CA ASN A 695 1.23 -36.36 -19.42
C ASN A 695 1.51 -37.86 -19.34
N ARG A 696 2.31 -38.38 -20.27
CA ARG A 696 2.66 -39.80 -20.24
C ARG A 696 3.43 -40.16 -18.98
N MET A 697 4.40 -39.33 -18.61
CA MET A 697 5.18 -39.57 -17.41
C MET A 697 4.31 -39.49 -16.16
N ALA A 698 3.39 -38.52 -16.11
CA ALA A 698 2.51 -38.38 -14.96
C ALA A 698 1.61 -39.60 -14.81
N LYS A 699 1.03 -40.09 -15.92
CA LYS A 699 0.19 -41.28 -15.84
C LYS A 699 0.98 -42.51 -15.43
N LEU A 700 2.18 -42.67 -16.00
CA LEU A 700 3.00 -43.84 -15.68
C LEU A 700 3.40 -43.85 -14.21
N CYS A 701 3.85 -42.70 -13.70
CA CYS A 701 4.29 -42.65 -12.30
C CYS A 701 3.12 -42.57 -11.33
N ALA A 702 1.92 -42.23 -11.80
CA ALA A 702 0.74 -42.30 -10.96
C ALA A 702 0.17 -43.69 -10.84
N ARG A 703 0.33 -44.53 -11.87
CA ARG A 703 -0.17 -45.89 -11.79
C ARG A 703 0.90 -46.93 -11.46
N PHE A 704 2.19 -46.57 -11.48
CA PHE A 704 3.23 -47.57 -11.27
C PHE A 704 3.55 -47.77 -9.80
N LEU A 705 3.67 -46.68 -9.04
CA LEU A 705 4.11 -46.79 -7.65
C LEU A 705 3.07 -47.44 -6.75
N GLY A 706 1.82 -47.54 -7.21
CA GLY A 706 0.84 -48.31 -6.47
C GLY A 706 1.12 -49.80 -6.53
N ASN A 707 1.50 -50.30 -7.71
CA ASN A 707 1.76 -51.73 -7.88
C ASN A 707 3.18 -52.13 -7.51
N ARG A 708 4.09 -51.16 -7.42
CA ARG A 708 5.44 -51.37 -6.91
C ARG A 708 5.58 -50.45 -5.71
N GLY A 709 5.42 -51.01 -4.52
CA GLY A 709 5.25 -50.17 -3.34
C GLY A 709 6.48 -49.36 -2.99
N PHE A 710 6.25 -48.25 -2.31
CA PHE A 710 7.31 -47.40 -1.79
C PHE A 710 6.83 -46.84 -0.46
N SER A 711 7.54 -47.15 0.61
CA SER A 711 7.11 -46.78 1.95
C SER A 711 8.29 -46.25 2.74
N ILE A 712 7.98 -45.45 3.76
CA ILE A 712 8.96 -44.96 4.72
C ILE A 712 8.55 -45.46 6.10
N GLY A 713 9.53 -45.96 6.85
CA GLY A 713 9.28 -46.52 8.15
C GLY A 713 10.32 -46.05 9.14
N ILE A 714 10.22 -46.58 10.37
CA ILE A 714 11.16 -46.17 11.41
C ILE A 714 12.48 -46.88 11.22
N ASN A 715 12.48 -48.01 10.51
CA ASN A 715 13.74 -48.69 10.19
C ASN A 715 14.61 -47.84 9.28
N ASP A 716 13.99 -46.98 8.47
CA ASP A 716 14.71 -46.03 7.64
C ASP A 716 15.26 -44.85 8.44
N VAL A 717 14.85 -44.70 9.70
CA VAL A 717 15.30 -43.60 10.53
C VAL A 717 16.20 -44.04 11.68
N THR A 718 16.04 -45.26 12.19
CA THR A 718 16.83 -45.69 13.34
C THR A 718 18.30 -45.84 12.97
N PRO A 719 19.23 -45.38 13.80
CA PRO A 719 20.65 -45.60 13.52
C PRO A 719 21.10 -46.99 13.91
N ALA A 720 22.19 -47.43 13.30
CA ALA A 720 22.73 -48.74 13.58
C ALA A 720 23.50 -48.71 14.91
N ASP A 721 24.02 -49.88 15.30
CA ASP A 721 24.69 -50.01 16.59
C ASP A 721 26.03 -49.27 16.59
N ASP A 722 26.76 -49.31 15.48
CA ASP A 722 28.09 -48.71 15.46
C ASP A 722 28.03 -47.18 15.35
N LEU A 723 26.91 -46.63 14.90
CA LEU A 723 26.80 -45.18 14.76
C LEU A 723 26.71 -44.50 16.11
N LYS A 724 26.03 -45.13 17.08
CA LYS A 724 25.82 -44.52 18.39
C LYS A 724 27.10 -44.40 19.19
N GLN A 725 28.13 -45.19 18.86
CA GLN A 725 29.42 -45.06 19.51
C GLN A 725 30.29 -44.00 18.84
N LYS A 726 30.30 -43.97 17.51
CA LYS A 726 31.07 -42.96 16.79
C LYS A 726 30.56 -41.56 17.07
N LYS A 727 29.23 -41.40 17.08
CA LYS A 727 28.64 -40.10 17.39
C LYS A 727 28.98 -39.68 18.82
N GLU A 728 28.90 -40.62 19.76
CA GLU A 728 29.21 -40.31 21.15
C GLU A 728 30.66 -39.87 21.32
N GLU A 729 31.60 -40.60 20.69
CA GLU A 729 33.01 -40.24 20.83
C GLU A 729 33.32 -38.92 20.13
N LEU A 730 32.69 -38.64 18.99
CA LEU A 730 32.94 -37.39 18.30
C LEU A 730 32.39 -36.20 19.07
N VAL A 731 31.19 -36.34 19.63
CA VAL A 731 30.61 -35.27 20.43
C VAL A 731 31.40 -35.07 21.72
N GLU A 732 31.92 -36.15 22.30
CA GLU A 732 32.76 -36.01 23.49
C GLU A 732 34.06 -35.28 23.18
N ILE A 733 34.67 -35.58 22.03
CA ILE A 733 35.89 -34.87 21.64
C ILE A 733 35.60 -33.38 21.43
N ALA A 734 34.51 -33.07 20.73
CA ALA A 734 34.14 -31.68 20.49
C ALA A 734 33.83 -30.97 21.81
N TYR A 735 33.14 -31.64 22.73
CA TYR A 735 32.80 -31.04 24.02
C TYR A 735 34.05 -30.77 24.85
N HIS A 736 35.00 -31.70 24.84
CA HIS A 736 36.24 -31.50 25.59
C HIS A 736 37.05 -30.34 25.02
N LYS A 737 37.12 -30.24 23.68
CA LYS A 737 37.84 -29.12 23.07
C LYS A 737 37.14 -27.79 23.37
N CYS A 738 35.80 -27.78 23.31
CA CYS A 738 35.06 -26.57 23.65
C CYS A 738 35.28 -26.17 25.10
N ASP A 739 35.34 -27.15 26.00
CA ASP A 739 35.62 -26.85 27.40
C ASP A 739 37.02 -26.30 27.58
N GLU A 740 37.98 -26.79 26.80
CA GLU A 740 39.34 -26.24 26.86
C GLU A 740 39.37 -24.78 26.43
N LEU A 741 38.68 -24.46 25.33
CA LEU A 741 38.58 -23.04 24.93
C LEU A 741 37.81 -22.21 25.97
N ILE A 742 36.80 -22.81 26.62
CA ILE A 742 36.04 -22.06 27.61
C ILE A 742 36.91 -21.71 28.81
N THR A 743 37.69 -22.67 29.31
CA THR A 743 38.55 -22.37 30.45
C THR A 743 39.70 -21.46 30.06
N LEU A 744 40.14 -21.55 28.80
CA LEU A 744 41.16 -20.61 28.30
C LEU A 744 40.61 -19.19 28.27
N PHE A 745 39.36 -19.02 27.84
CA PHE A 745 38.73 -17.70 27.82
C PHE A 745 38.50 -17.19 29.24
N ASN A 746 38.12 -18.09 30.16
CA ASN A 746 37.89 -17.69 31.54
C ASN A 746 39.18 -17.23 32.21
N LYS A 747 40.29 -17.93 31.94
CA LYS A 747 41.58 -17.49 32.48
C LYS A 747 42.00 -16.15 31.87
N GLY A 748 41.77 -15.97 30.57
CA GLY A 748 42.04 -14.71 29.91
C GLY A 748 43.13 -14.73 28.86
N GLU A 749 43.72 -15.89 28.57
CA GLU A 749 44.79 -15.98 27.58
C GLU A 749 44.31 -16.56 26.25
N LEU A 750 43.06 -16.28 25.87
CA LEU A 750 42.52 -16.73 24.59
C LEU A 750 42.83 -15.68 23.54
N GLU A 751 43.63 -16.06 22.53
CA GLU A 751 44.00 -15.13 21.48
C GLU A 751 42.80 -14.78 20.62
N THR A 752 42.75 -13.53 20.15
CA THR A 752 41.60 -13.05 19.41
C THR A 752 41.80 -13.19 17.91
N GLN A 753 40.69 -13.20 17.19
CA GLN A 753 40.68 -13.18 15.73
C GLN A 753 41.12 -11.80 15.25
N PRO A 754 41.57 -11.69 13.99
CA PRO A 754 42.04 -10.38 13.50
C PRO A 754 41.00 -9.27 13.55
N GLY A 755 39.72 -9.59 13.34
CA GLY A 755 38.67 -8.59 13.38
C GLY A 755 37.70 -8.68 14.53
N CYS A 756 37.97 -9.50 15.55
CA CYS A 756 37.00 -9.79 16.61
C CYS A 756 37.67 -9.69 17.97
N ASN A 757 36.84 -9.45 18.99
CA ASN A 757 37.31 -9.47 20.36
C ASN A 757 37.25 -10.89 20.93
N GLU A 758 37.47 -11.00 22.24
CA GLU A 758 37.59 -12.31 22.88
C GLU A 758 36.26 -13.07 22.87
N GLU A 759 35.17 -12.39 23.21
CA GLU A 759 33.85 -13.00 23.18
C GLU A 759 33.48 -13.45 21.77
N GLN A 760 33.71 -12.58 20.78
CA GLN A 760 33.34 -12.90 19.41
C GLN A 760 34.19 -14.04 18.86
N THR A 761 35.50 -14.05 19.15
CA THR A 761 36.32 -15.13 18.64
C THR A 761 36.00 -16.45 19.34
N LEU A 762 35.63 -16.40 20.62
CA LEU A 762 35.21 -17.62 21.31
C LEU A 762 33.93 -18.17 20.70
N GLU A 763 32.95 -17.31 20.44
CA GLU A 763 31.71 -17.76 19.81
C GLU A 763 31.97 -18.33 18.42
N ALA A 764 32.81 -17.65 17.64
CA ALA A 764 33.11 -18.13 16.29
C ALA A 764 33.81 -19.48 16.31
N LYS A 765 34.78 -19.65 17.21
CA LYS A 765 35.51 -20.92 17.28
C LYS A 765 34.60 -22.05 17.74
N ILE A 766 33.78 -21.81 18.76
CA ILE A 766 32.87 -22.84 19.25
C ILE A 766 31.86 -23.22 18.17
N GLY A 767 31.32 -22.23 17.46
CA GLY A 767 30.42 -22.52 16.36
C GLY A 767 31.09 -23.31 15.25
N GLY A 768 32.36 -23.01 14.96
CA GLY A 768 33.09 -23.77 13.96
C GLY A 768 33.27 -25.23 14.34
N LEU A 769 33.69 -25.48 15.59
CA LEU A 769 33.84 -26.87 16.04
C LEU A 769 32.50 -27.61 16.07
N LEU A 770 31.43 -26.94 16.48
CA LEU A 770 30.14 -27.62 16.53
C LEU A 770 29.60 -27.92 15.13
N SER A 771 29.80 -27.00 14.18
CA SER A 771 29.42 -27.27 12.80
C SER A 771 30.26 -28.41 12.23
N LYS A 772 31.55 -28.45 12.57
CA LYS A 772 32.42 -29.52 12.08
C LYS A 772 31.98 -30.89 12.62
N VAL A 773 31.63 -30.97 13.90
CA VAL A 773 31.22 -32.27 14.44
C VAL A 773 29.85 -32.66 13.89
N ARG A 774 28.97 -31.68 13.65
CA ARG A 774 27.70 -31.96 12.98
C ARG A 774 27.93 -32.57 11.61
N GLU A 775 28.78 -31.94 10.80
CA GLU A 775 29.03 -32.42 9.45
C GLU A 775 29.70 -33.78 9.46
N GLU A 776 30.63 -34.01 10.41
CA GLU A 776 31.33 -35.29 10.47
C GLU A 776 30.40 -36.42 10.87
N VAL A 777 29.54 -36.19 11.87
CA VAL A 777 28.60 -37.23 12.28
C VAL A 777 27.58 -37.49 11.18
N GLY A 778 27.13 -36.44 10.48
CA GLY A 778 26.24 -36.64 9.36
C GLY A 778 26.87 -37.43 8.23
N ASP A 779 28.14 -37.15 7.93
CA ASP A 779 28.84 -37.89 6.87
C ASP A 779 29.05 -39.35 7.24
N VAL A 780 29.34 -39.62 8.52
CA VAL A 780 29.42 -41.01 8.97
C VAL A 780 28.06 -41.69 8.87
N CYS A 781 26.99 -40.95 9.17
CA CYS A 781 25.65 -41.53 9.13
C CYS A 781 25.21 -41.87 7.71
N ILE A 782 25.44 -40.98 6.75
CA ILE A 782 24.89 -41.14 5.42
C ILE A 782 25.55 -42.31 4.69
N ASN A 783 26.86 -42.45 4.81
CA ASN A 783 27.57 -43.55 4.16
C ASN A 783 27.23 -44.91 4.77
N GLU A 784 26.57 -44.94 5.92
CA GLU A 784 26.24 -46.18 6.60
C GLU A 784 24.85 -46.71 6.27
N LEU A 785 23.95 -45.84 5.80
CA LEU A 785 22.61 -46.28 5.45
C LEU A 785 22.63 -47.20 4.24
N ASP A 786 21.87 -48.28 4.31
CA ASP A 786 21.81 -49.25 3.23
C ASP A 786 20.98 -48.71 2.07
N ASN A 787 21.08 -49.38 0.93
CA ASN A 787 20.25 -49.05 -0.22
C ASN A 787 18.80 -49.43 0.07
N TRP A 788 17.90 -48.94 -0.78
CA TRP A 788 16.45 -49.01 -0.58
C TRP A 788 16.04 -48.39 0.76
N ASN A 789 16.71 -47.31 1.13
CA ASN A 789 16.35 -46.50 2.28
C ASN A 789 15.56 -45.31 1.76
N ALA A 790 14.33 -45.15 2.25
CA ALA A 790 13.41 -44.19 1.65
C ALA A 790 13.86 -42.73 1.76
N PRO A 791 14.30 -42.22 2.93
CA PRO A 791 14.85 -40.85 2.93
C PRO A 791 16.08 -40.70 2.06
N LEU A 792 16.94 -41.72 2.02
CA LEU A 792 18.13 -41.65 1.17
C LEU A 792 17.75 -41.62 -0.31
N ILE A 793 16.77 -42.42 -0.71
CA ILE A 793 16.30 -42.41 -2.09
C ILE A 793 15.69 -41.07 -2.43
N MET A 794 14.84 -40.53 -1.54
CA MET A 794 14.18 -39.26 -1.81
C MET A 794 15.17 -38.10 -1.85
N ALA A 795 16.28 -38.20 -1.10
CA ALA A 795 17.31 -37.17 -1.17
C ALA A 795 18.13 -37.31 -2.45
N THR A 796 18.39 -38.54 -2.88
CA THR A 796 19.14 -38.76 -4.12
C THR A 796 18.35 -38.28 -5.33
N CYS A 797 17.04 -38.55 -5.36
CA CYS A 797 16.20 -38.07 -6.46
C CYS A 797 16.08 -36.56 -6.46
N GLY A 798 16.08 -35.95 -5.28
CA GLY A 798 15.71 -34.55 -5.16
C GLY A 798 14.22 -34.33 -5.12
N SER A 799 13.42 -35.39 -5.02
CA SER A 799 11.97 -35.24 -4.97
C SER A 799 11.53 -34.51 -3.70
N LYS A 800 12.07 -34.90 -2.55
CA LYS A 800 11.73 -34.26 -1.30
C LYS A 800 12.83 -34.55 -0.29
N GLY A 801 13.18 -33.53 0.50
CA GLY A 801 14.18 -33.70 1.53
C GLY A 801 15.59 -33.48 1.03
N SER A 802 16.54 -33.67 1.94
CA SER A 802 17.94 -33.48 1.63
C SER A 802 18.77 -34.33 2.59
N THR A 803 20.09 -34.27 2.40
CA THR A 803 21.01 -34.99 3.27
C THR A 803 20.95 -34.47 4.70
N LEU A 804 20.77 -33.16 4.87
CA LEU A 804 20.74 -32.56 6.20
C LEU A 804 19.56 -33.07 7.02
N ASN A 805 18.39 -33.22 6.40
CA ASN A 805 17.22 -33.72 7.11
C ASN A 805 17.41 -35.16 7.56
N VAL A 806 18.01 -35.99 6.69
CA VAL A 806 18.29 -37.37 7.07
C VAL A 806 19.30 -37.42 8.20
N SER A 807 20.32 -36.56 8.15
CA SER A 807 21.31 -36.51 9.22
C SER A 807 20.69 -36.04 10.52
N GLN A 808 19.67 -35.17 10.45
CA GLN A 808 18.99 -34.74 11.66
C GLN A 808 18.12 -35.84 12.24
N MET A 809 17.43 -36.59 11.37
CA MET A 809 16.55 -37.65 11.87
C MET A 809 17.34 -38.82 12.44
N VAL A 810 18.42 -39.24 11.77
CA VAL A 810 19.14 -40.42 12.20
C VAL A 810 20.28 -40.09 13.17
N ALA A 811 20.92 -38.93 13.01
CA ALA A 811 22.09 -38.56 13.79
C ALA A 811 21.86 -37.20 14.45
N VAL A 812 22.94 -36.59 14.96
CA VAL A 812 22.84 -35.36 15.75
C VAL A 812 22.10 -34.27 14.98
N VAL A 813 21.18 -33.59 15.68
CA VAL A 813 20.42 -32.51 15.06
C VAL A 813 21.32 -31.31 14.79
N GLY A 814 22.14 -30.95 15.76
CA GLY A 814 23.16 -29.91 15.57
C GLY A 814 22.83 -28.62 16.29
N GLN A 815 23.69 -27.65 16.05
CA GLN A 815 23.57 -26.36 16.72
C GLN A 815 22.36 -25.58 16.20
N GLN A 816 21.64 -24.95 17.12
CA GLN A 816 20.50 -24.10 16.80
C GLN A 816 20.98 -22.66 16.69
N ILE A 817 20.70 -22.03 15.56
CA ILE A 817 21.15 -20.67 15.27
C ILE A 817 19.95 -19.74 15.38
N ILE A 818 20.07 -18.73 16.24
CA ILE A 818 19.03 -17.73 16.44
C ILE A 818 19.63 -16.36 16.15
N SER A 819 19.10 -15.69 15.13
CA SER A 819 19.53 -14.35 14.70
C SER A 819 21.03 -14.32 14.39
N GLY A 820 21.53 -15.41 13.79
CA GLY A 820 22.91 -15.49 13.42
C GLY A 820 23.86 -15.91 14.52
N ASN A 821 23.40 -15.96 15.76
CA ASN A 821 24.21 -16.33 16.91
C ASN A 821 23.64 -17.60 17.54
N ARG A 822 24.21 -17.97 18.68
CA ARG A 822 23.68 -19.08 19.46
C ARG A 822 22.48 -18.60 20.29
N VAL A 823 22.06 -19.44 21.23
CA VAL A 823 20.88 -19.08 22.02
C VAL A 823 21.22 -17.93 22.96
N PRO A 824 20.47 -16.82 22.91
CA PRO A 824 20.77 -15.69 23.81
C PRO A 824 20.43 -16.02 25.25
N ASP A 825 21.06 -15.29 26.16
CA ASP A 825 20.84 -15.46 27.59
C ASP A 825 19.48 -14.87 27.95
N GLY A 826 18.47 -15.73 28.03
CA GLY A 826 17.15 -15.28 28.46
C GLY A 826 17.14 -14.84 29.92
N PHE A 827 17.86 -15.55 30.76
CA PHE A 827 18.02 -15.19 32.16
C PHE A 827 19.31 -14.41 32.34
N GLN A 828 19.71 -14.19 33.59
CA GLN A 828 20.91 -13.42 33.90
C GLN A 828 22.13 -14.31 33.74
N ASP A 829 22.96 -14.00 32.75
CA ASP A 829 24.25 -14.65 32.49
C ASP A 829 24.12 -16.14 32.18
N ARG A 830 22.93 -16.59 31.79
CA ARG A 830 22.74 -17.98 31.40
C ARG A 830 21.48 -18.07 30.56
N SER A 831 21.35 -19.19 29.85
CA SER A 831 20.20 -19.39 28.97
C SER A 831 18.98 -19.90 29.75
N LEU A 832 19.19 -20.82 30.67
CA LEU A 832 18.11 -21.45 31.42
C LEU A 832 18.55 -21.62 32.87
N PRO A 833 17.61 -21.69 33.81
CA PRO A 833 17.98 -21.96 35.20
C PRO A 833 18.57 -23.34 35.44
N HIS A 834 18.41 -24.27 34.48
CA HIS A 834 18.92 -25.62 34.62
C HIS A 834 20.40 -25.74 34.31
N PHE A 835 21.08 -24.62 34.08
CA PHE A 835 22.51 -24.56 33.81
C PHE A 835 23.16 -23.60 34.79
N PRO A 836 24.44 -23.79 35.10
CA PRO A 836 25.11 -22.88 36.04
C PRO A 836 25.24 -21.48 35.47
N LYS A 837 25.47 -20.53 36.38
CA LYS A 837 25.66 -19.15 35.96
C LYS A 837 26.97 -19.00 35.21
N ASN A 838 26.97 -18.11 34.20
CA ASN A 838 28.11 -17.86 33.32
C ASN A 838 28.60 -19.13 32.64
N SER A 839 27.65 -19.98 32.23
CA SER A 839 27.97 -21.21 31.52
C SER A 839 27.89 -20.97 30.02
N LYS A 840 28.94 -21.36 29.31
CA LYS A 840 29.00 -21.23 27.86
C LYS A 840 29.27 -22.56 27.19
N THR A 841 28.95 -23.66 27.86
CA THR A 841 29.12 -25.00 27.29
C THR A 841 28.17 -25.19 26.11
N PRO A 842 28.53 -26.05 25.16
CA PRO A 842 27.66 -26.25 23.99
C PRO A 842 26.25 -26.72 24.33
N GLN A 843 26.10 -27.59 25.34
CA GLN A 843 24.77 -28.08 25.69
C GLN A 843 23.94 -27.02 26.42
N SER A 844 24.56 -25.93 26.88
CA SER A 844 23.86 -24.87 27.58
C SER A 844 23.54 -23.68 26.68
N LYS A 845 23.90 -23.73 25.39
CA LYS A 845 23.67 -22.58 24.52
C LYS A 845 23.05 -22.98 23.17
N GLY A 846 22.53 -24.19 23.05
CA GLY A 846 21.75 -24.53 21.87
C GLY A 846 22.30 -25.61 20.97
N PHE A 847 23.03 -26.57 21.52
CA PHE A 847 23.47 -27.73 20.76
C PHE A 847 22.59 -28.91 21.10
N VAL A 848 21.86 -29.41 20.11
CA VAL A 848 20.95 -30.54 20.29
C VAL A 848 21.74 -31.79 19.90
N ARG A 849 22.29 -32.46 20.92
CA ARG A 849 23.04 -33.68 20.69
C ARG A 849 22.15 -34.81 20.20
N ASN A 850 20.93 -34.89 20.73
CA ASN A 850 20.03 -35.99 20.42
C ASN A 850 19.49 -35.87 18.99
N SER A 851 19.22 -37.02 18.40
CA SER A 851 18.53 -37.09 17.12
C SER A 851 17.02 -36.94 17.32
N PHE A 852 16.31 -36.73 16.22
CA PHE A 852 14.86 -36.73 16.30
C PHE A 852 14.30 -38.12 16.56
N PHE A 853 15.06 -39.16 16.26
CA PHE A 853 14.64 -40.52 16.58
C PHE A 853 14.80 -40.82 18.06
N SER A 854 15.86 -40.33 18.68
CA SER A 854 16.15 -40.61 20.08
C SER A 854 15.43 -39.69 21.04
N GLY A 855 14.80 -38.63 20.55
CA GLY A 855 14.03 -37.75 21.41
C GLY A 855 14.85 -36.63 22.01
N LEU A 856 14.29 -35.44 22.06
CA LEU A 856 15.00 -34.26 22.52
C LEU A 856 14.79 -34.05 24.02
N SER A 857 15.84 -33.61 24.70
CA SER A 857 15.74 -33.22 26.10
C SER A 857 14.99 -31.90 26.22
N PRO A 858 14.44 -31.59 27.39
CA PRO A 858 13.64 -30.34 27.56
C PRO A 858 14.39 -29.08 27.19
N PRO A 859 15.69 -28.90 27.54
CA PRO A 859 16.36 -27.69 27.05
C PRO A 859 16.59 -27.69 25.55
N GLU A 860 16.96 -28.83 24.97
CA GLU A 860 17.07 -28.92 23.53
C GLU A 860 15.72 -28.70 22.86
N PHE A 861 14.65 -29.20 23.49
CA PHE A 861 13.30 -28.95 23.00
C PHE A 861 13.00 -27.45 22.96
N LEU A 862 13.36 -26.74 24.04
CA LEU A 862 13.12 -25.30 24.08
C LEU A 862 13.92 -24.55 23.03
N PHE A 863 15.20 -24.91 22.86
CA PHE A 863 16.03 -24.21 21.88
C PHE A 863 15.54 -24.45 20.45
N HIS A 864 15.16 -25.70 20.15
CA HIS A 864 14.60 -26.01 18.84
C HIS A 864 13.28 -25.27 18.62
N ALA A 865 12.49 -25.13 19.69
CA ALA A 865 11.25 -24.34 19.60
C ALA A 865 11.55 -22.88 19.32
N ILE A 866 12.62 -22.33 19.92
CA ILE A 866 12.99 -20.95 19.65
C ILE A 866 13.35 -20.77 18.18
N SER A 867 14.16 -21.68 17.63
CA SER A 867 14.55 -21.58 16.23
C SER A 867 13.34 -21.71 15.30
N GLY A 868 12.45 -22.66 15.60
CA GLY A 868 11.26 -22.83 14.77
C GLY A 868 10.32 -21.64 14.84
N ARG A 869 10.16 -21.07 16.04
CA ARG A 869 9.33 -19.88 16.19
C ARG A 869 9.91 -18.71 15.41
N GLU A 870 11.24 -18.57 15.41
CA GLU A 870 11.87 -17.52 14.62
C GLU A 870 11.59 -17.71 13.13
N GLY A 871 11.66 -18.96 12.65
CA GLY A 871 11.37 -19.23 11.26
C GLY A 871 9.93 -18.91 10.88
N LEU A 872 8.98 -19.32 11.72
CA LEU A 872 7.57 -19.01 11.47
C LEU A 872 7.30 -17.52 11.53
N VAL A 873 7.92 -16.81 12.46
CA VAL A 873 7.72 -15.37 12.57
C VAL A 873 8.24 -14.67 11.32
N ASP A 874 9.41 -15.11 10.80
CA ASP A 874 9.93 -14.52 9.57
C ASP A 874 9.00 -14.80 8.40
N THR A 875 8.50 -16.04 8.30
CA THR A 875 7.56 -16.38 7.23
C THR A 875 6.30 -15.51 7.32
N ALA A 876 5.87 -15.19 8.54
CA ALA A 876 4.67 -14.38 8.71
C ALA A 876 4.91 -12.90 8.42
N VAL A 877 6.10 -12.36 8.69
CA VAL A 877 6.27 -10.92 8.64
C VAL A 877 6.97 -10.45 7.35
N LYS A 878 7.66 -11.34 6.64
CA LYS A 878 8.36 -10.91 5.44
C LYS A 878 7.42 -10.65 4.28
N THR A 879 6.18 -11.17 4.34
CA THR A 879 5.25 -11.04 3.24
C THR A 879 4.82 -9.60 3.02
N ALA A 880 4.70 -8.82 4.10
CA ALA A 880 4.31 -7.42 3.97
C ALA A 880 5.35 -6.63 3.19
N GLU A 881 6.63 -6.76 3.57
CA GLU A 881 7.69 -6.06 2.87
C GLU A 881 7.82 -6.54 1.43
N THR A 882 7.69 -7.85 1.21
CA THR A 882 7.78 -8.38 -0.16
C THR A 882 6.65 -7.84 -1.03
N GLY A 883 5.42 -7.80 -0.50
CA GLY A 883 4.30 -7.30 -1.28
C GLY A 883 4.40 -5.82 -1.59
N TYR A 884 4.82 -5.02 -0.60
CA TYR A 884 5.00 -3.59 -0.85
C TYR A 884 6.10 -3.34 -1.87
N MET A 885 7.22 -4.07 -1.76
CA MET A 885 8.31 -3.91 -2.71
C MET A 885 7.89 -4.31 -4.12
N SER A 886 7.13 -5.40 -4.25
CA SER A 886 6.64 -5.81 -5.56
C SER A 886 5.69 -4.79 -6.15
N ARG A 887 4.80 -4.24 -5.32
CA ARG A 887 3.87 -3.21 -5.79
C ARG A 887 4.63 -1.98 -6.28
N ARG A 888 5.64 -1.53 -5.53
CA ARG A 888 6.44 -0.39 -5.95
C ARG A 888 7.15 -0.66 -7.26
N LEU A 889 7.80 -1.83 -7.36
CA LEU A 889 8.57 -2.17 -8.56
C LEU A 889 7.67 -2.24 -9.79
N MET A 890 6.48 -2.82 -9.64
CA MET A 890 5.60 -2.93 -10.79
C MET A 890 4.98 -1.59 -11.17
N LYS A 891 4.64 -0.74 -10.18
CA LYS A 891 4.16 0.59 -10.52
C LYS A 891 5.23 1.44 -11.17
N SER A 892 6.51 1.13 -10.91
CA SER A 892 7.58 1.85 -11.57
C SER A 892 7.97 1.28 -12.94
N LEU A 893 7.71 -0.01 -13.18
CA LEU A 893 8.22 -0.69 -14.36
C LEU A 893 7.14 -1.15 -15.33
N GLU A 894 5.87 -0.81 -15.12
CA GLU A 894 4.81 -1.39 -15.94
C GLU A 894 4.78 -0.80 -17.34
N ASP A 895 5.18 0.46 -17.48
CA ASP A 895 4.97 1.17 -18.74
C ASP A 895 5.95 0.77 -19.84
N LEU A 896 7.06 0.13 -19.49
CA LEU A 896 8.09 -0.18 -20.47
C LEU A 896 7.64 -1.27 -21.44
N SER A 897 8.15 -1.19 -22.67
CA SER A 897 7.87 -2.19 -23.69
C SER A 897 8.98 -2.18 -24.72
N CYS A 898 9.10 -3.28 -25.44
CA CYS A 898 10.04 -3.39 -26.54
C CYS A 898 9.33 -3.01 -27.84
N GLN A 899 9.75 -1.92 -28.45
CA GLN A 899 9.12 -1.43 -29.66
C GLN A 899 9.61 -2.22 -30.87
N TYR A 900 9.12 -1.85 -32.05
CA TYR A 900 9.44 -2.58 -33.27
C TYR A 900 10.78 -2.17 -33.88
N ASP A 901 11.46 -1.19 -33.30
CA ASP A 901 12.84 -0.86 -33.68
C ASP A 901 13.85 -1.40 -32.66
N ASN A 902 13.44 -2.35 -31.83
CA ASN A 902 14.29 -3.05 -30.86
C ASN A 902 14.87 -2.10 -29.81
N THR A 903 14.15 -1.03 -29.48
CA THR A 903 14.54 -0.11 -28.42
C THR A 903 13.48 -0.14 -27.33
N VAL A 904 13.93 -0.32 -26.09
CA VAL A 904 13.01 -0.32 -24.95
C VAL A 904 12.65 1.13 -24.61
N ARG A 905 11.36 1.41 -24.58
CA ARG A 905 10.86 2.77 -24.39
C ARG A 905 9.77 2.79 -23.34
N THR A 906 9.58 3.97 -22.74
CA THR A 906 8.49 4.18 -21.81
C THR A 906 7.21 4.51 -22.56
N SER A 907 6.13 4.73 -21.80
CA SER A 907 4.85 5.07 -22.42
C SER A 907 4.87 6.44 -23.07
N ALA A 908 5.73 7.35 -22.60
CA ALA A 908 5.88 8.67 -23.20
C ALA A 908 6.89 8.70 -24.34
N ASN A 909 7.20 7.54 -24.91
CA ASN A 909 8.10 7.39 -26.07
C ASN A 909 9.49 7.94 -25.76
N GLY A 910 10.03 7.59 -24.60
CA GLY A 910 11.40 7.95 -24.24
C GLY A 910 12.22 6.70 -24.00
N ILE A 911 13.45 6.71 -24.49
CA ILE A 911 14.28 5.51 -24.46
C ILE A 911 14.90 5.33 -23.09
N VAL A 912 14.71 4.14 -22.52
CA VAL A 912 15.48 3.67 -21.37
C VAL A 912 16.71 2.89 -21.82
N GLN A 913 16.53 1.93 -22.73
CA GLN A 913 17.61 1.16 -23.31
C GLN A 913 17.49 1.20 -24.82
N PHE A 914 18.63 1.38 -25.50
CA PHE A 914 18.63 1.34 -26.95
C PHE A 914 18.52 -0.09 -27.47
N THR A 915 19.13 -1.03 -26.78
CA THR A 915 18.97 -2.46 -27.06
C THR A 915 18.85 -3.17 -25.73
N TYR A 916 17.91 -4.10 -25.63
CA TYR A 916 17.59 -4.74 -24.36
C TYR A 916 18.77 -5.58 -23.86
N GLY A 917 19.35 -5.16 -22.74
CA GLY A 917 20.47 -5.86 -22.16
C GLY A 917 21.78 -5.73 -22.91
N GLY A 918 21.84 -4.83 -23.89
CA GLY A 918 23.03 -4.67 -24.71
C GLY A 918 23.12 -5.61 -25.89
N ASP A 919 22.27 -6.64 -25.93
CA ASP A 919 22.28 -7.61 -27.01
C ASP A 919 20.91 -7.95 -27.57
N GLY A 920 19.83 -7.54 -26.93
CA GLY A 920 18.48 -7.80 -27.42
C GLY A 920 18.08 -9.25 -27.38
N LEU A 921 18.44 -9.97 -26.32
CA LEU A 921 18.12 -11.38 -26.18
C LEU A 921 17.14 -11.58 -25.03
N ASP A 922 16.12 -12.39 -25.29
CA ASP A 922 15.11 -12.71 -24.28
C ASP A 922 15.69 -13.69 -23.26
N PRO A 923 15.59 -13.39 -21.96
CA PRO A 923 15.97 -14.39 -20.95
C PRO A 923 15.14 -15.67 -21.01
N LEU A 924 13.92 -15.59 -21.55
CA LEU A 924 13.06 -16.75 -21.68
C LEU A 924 13.51 -17.70 -22.77
N GLU A 925 14.32 -17.25 -23.73
CA GLU A 925 14.64 -18.03 -24.91
C GLU A 925 16.11 -18.41 -25.05
N MET A 926 16.95 -18.11 -24.06
CA MET A 926 18.35 -18.51 -24.12
C MET A 926 18.50 -19.93 -23.59
N GLU A 927 19.28 -20.74 -24.29
CA GLU A 927 19.41 -22.16 -23.99
C GLU A 927 20.76 -22.51 -23.37
N GLY A 928 21.59 -21.52 -23.05
CA GLY A 928 22.89 -21.75 -22.48
C GLY A 928 23.13 -20.90 -21.24
N ASN A 929 24.34 -21.01 -20.71
CA ASN A 929 24.76 -20.24 -19.55
C ASN A 929 25.06 -18.82 -20.02
N ALA A 930 24.01 -17.98 -20.00
CA ALA A 930 24.05 -16.61 -20.49
C ALA A 930 24.51 -16.54 -21.94
N GLN A 931 24.09 -17.52 -22.76
CA GLN A 931 24.40 -17.58 -24.16
C GLN A 931 23.13 -17.87 -24.94
N PRO A 932 23.01 -17.36 -26.18
CA PRO A 932 21.80 -17.64 -26.97
C PRO A 932 21.59 -19.10 -27.30
N VAL A 933 22.66 -19.88 -27.51
CA VAL A 933 22.53 -21.27 -27.90
C VAL A 933 23.61 -22.09 -27.19
N ASN A 934 23.29 -23.34 -26.88
CA ASN A 934 24.24 -24.29 -26.31
C ASN A 934 24.92 -25.00 -27.47
N PHE A 935 26.24 -24.85 -27.57
CA PHE A 935 26.95 -25.35 -28.75
C PHE A 935 27.09 -26.87 -28.74
N ASN A 936 27.39 -27.44 -27.56
CA ASN A 936 27.68 -28.87 -27.49
C ASN A 936 26.45 -29.72 -27.77
N ARG A 937 25.31 -29.35 -27.16
CA ARG A 937 24.07 -30.11 -27.39
C ARG A 937 23.61 -29.97 -28.83
N SER A 938 23.74 -28.77 -29.41
CA SER A 938 23.35 -28.58 -30.81
C SER A 938 24.24 -29.39 -31.74
N TRP A 939 25.55 -29.44 -31.45
CA TRP A 939 26.46 -30.23 -32.27
C TRP A 939 26.14 -31.72 -32.18
N ASP A 940 25.87 -32.20 -30.97
CA ASP A 940 25.52 -33.61 -30.80
C ASP A 940 24.19 -33.94 -31.51
N HIS A 941 23.23 -33.03 -31.41
CA HIS A 941 21.95 -33.23 -32.10
C HIS A 941 22.12 -33.28 -33.61
N ALA A 942 22.94 -32.36 -34.15
CA ALA A 942 23.18 -32.33 -35.58
C ALA A 942 23.92 -33.57 -36.04
N TYR A 943 24.87 -34.06 -35.24
CA TYR A 943 25.59 -35.27 -35.58
C TYR A 943 24.68 -36.48 -35.56
N ASN A 944 23.76 -36.54 -34.59
CA ASN A 944 22.90 -37.71 -34.47
C ASN A 944 21.83 -37.75 -35.55
N ILE A 945 21.16 -36.61 -35.81
CA ILE A 945 20.05 -36.61 -36.76
C ILE A 945 20.51 -36.65 -38.21
N THR A 946 21.80 -36.40 -38.47
CA THR A 946 22.36 -36.52 -39.80
C THR A 946 23.36 -37.68 -39.89
N PHE A 947 23.21 -38.68 -39.03
CA PHE A 947 24.14 -39.80 -39.00
C PHE A 947 23.97 -40.69 -40.22
N ASN A 948 25.09 -41.07 -40.83
CA ASN A 948 25.09 -41.96 -41.99
C ASN A 948 26.46 -42.60 -42.09
N ASN A 949 26.52 -43.92 -41.99
CA ASN A 949 27.79 -44.62 -42.07
C ASN A 949 28.39 -44.60 -43.47
N GLN A 950 27.58 -44.31 -44.49
CA GLN A 950 28.04 -44.26 -45.87
C GLN A 950 28.47 -42.86 -46.31
N ASP A 951 28.47 -41.88 -45.40
CA ASP A 951 28.83 -40.52 -45.74
C ASP A 951 30.31 -40.29 -45.47
N LYS A 952 31.01 -39.75 -46.46
CA LYS A 952 32.44 -39.51 -46.33
C LYS A 952 32.70 -38.32 -45.41
N GLY A 953 33.70 -38.47 -44.54
CA GLY A 953 34.05 -37.39 -43.65
C GLY A 953 34.74 -36.24 -44.35
N LEU A 954 34.86 -35.13 -43.64
CA LEU A 954 35.45 -33.91 -44.17
C LEU A 954 36.78 -33.64 -43.50
N LEU A 955 37.73 -33.14 -44.30
CA LEU A 955 38.99 -32.66 -43.77
C LEU A 955 38.76 -31.36 -42.99
N PRO A 956 39.66 -31.02 -42.07
CA PRO A 956 39.44 -29.80 -41.26
C PRO A 956 39.30 -28.52 -42.06
N TYR A 957 40.07 -28.38 -43.15
CA TYR A 957 39.93 -27.20 -44.00
C TYR A 957 38.59 -27.19 -44.71
N ALA A 958 38.04 -28.36 -45.04
CA ALA A 958 36.72 -28.42 -45.63
C ALA A 958 35.65 -27.98 -44.64
N ILE A 959 35.79 -28.37 -43.38
CA ILE A 959 34.85 -27.94 -42.34
C ILE A 959 34.92 -26.42 -42.16
N MET A 960 36.14 -25.88 -42.14
CA MET A 960 36.30 -24.43 -42.02
C MET A 960 35.74 -23.71 -43.23
N GLU A 961 35.92 -24.29 -44.43
CA GLU A 961 35.39 -23.67 -45.65
C GLU A 961 33.88 -23.67 -45.65
N THR A 962 33.25 -24.76 -45.20
CA THR A 962 31.79 -24.81 -45.12
C THR A 962 31.28 -23.79 -44.10
N ALA A 963 31.93 -23.71 -42.94
CA ALA A 963 31.53 -22.74 -41.92
C ALA A 963 31.67 -21.32 -42.43
N ASN A 964 32.77 -21.03 -43.14
CA ASN A 964 32.97 -19.70 -43.70
C ASN A 964 31.93 -19.38 -44.77
N GLU A 965 31.60 -20.36 -45.62
CA GLU A 965 30.59 -20.13 -46.66
C GLU A 965 29.23 -19.84 -46.05
N ILE A 966 28.87 -20.55 -44.98
CA ILE A 966 27.60 -20.27 -44.32
C ILE A 966 27.62 -18.92 -43.61
N LEU A 967 28.71 -18.61 -42.91
CA LEU A 967 28.74 -17.46 -42.01
C LEU A 967 29.25 -16.18 -42.67
N GLY A 968 29.68 -16.21 -43.93
CA GLY A 968 30.22 -15.05 -44.58
C GLY A 968 29.24 -13.91 -44.79
N PRO A 969 28.20 -14.14 -45.59
CA PRO A 969 27.22 -13.06 -45.85
C PRO A 969 26.49 -12.58 -44.62
N LEU A 970 26.45 -13.37 -43.54
CA LEU A 970 25.76 -12.94 -42.33
C LEU A 970 26.52 -11.84 -41.62
N GLU A 971 27.85 -11.95 -41.53
CA GLU A 971 28.66 -10.91 -40.91
C GLU A 971 29.23 -9.91 -41.92
N GLU A 972 29.00 -10.14 -43.22
CA GLU A 972 29.37 -9.14 -44.22
C GLU A 972 28.28 -8.12 -44.47
N ARG A 973 27.02 -8.44 -44.16
CA ARG A 973 25.96 -7.45 -44.23
C ARG A 973 25.95 -6.53 -43.01
N LEU A 974 26.68 -6.86 -41.96
CA LEU A 974 26.80 -6.01 -40.78
C LEU A 974 27.98 -5.05 -40.95
N VAL A 975 27.81 -4.11 -41.87
CA VAL A 975 28.85 -3.12 -42.14
C VAL A 975 28.98 -2.17 -40.95
N ARG A 976 30.21 -1.81 -40.62
CA ARG A 976 30.48 -0.95 -39.48
C ARG A 976 30.58 0.49 -39.96
N TYR A 977 29.74 1.35 -39.40
CA TYR A 977 29.75 2.77 -39.70
C TYR A 977 30.23 3.55 -38.49
N ASP A 978 30.94 4.66 -38.74
CA ASP A 978 31.37 5.50 -37.64
C ASP A 978 30.20 6.37 -37.15
N ASN A 979 30.49 7.24 -36.19
CA ASN A 979 29.46 8.10 -35.65
C ASN A 979 29.01 9.15 -36.67
N SER A 980 29.88 9.54 -37.58
CA SER A 980 29.51 10.49 -38.62
C SER A 980 28.50 9.89 -39.59
N GLY A 981 28.70 8.63 -39.97
CA GLY A 981 27.78 7.95 -40.87
C GLY A 981 28.42 7.38 -42.11
N CYS A 982 29.75 7.28 -42.12
CA CYS A 982 30.48 6.71 -43.23
C CYS A 982 31.21 5.45 -42.79
N LEU A 983 31.80 4.75 -43.76
CA LEU A 983 32.43 3.47 -43.50
C LEU A 983 33.69 3.64 -42.66
N VAL A 984 34.06 2.57 -41.95
CA VAL A 984 35.20 2.55 -41.07
C VAL A 984 36.31 1.76 -41.74
N LYS A 985 37.53 2.29 -41.70
CA LYS A 985 38.68 1.62 -42.30
C LYS A 985 39.00 0.34 -41.55
N ARG A 986 39.70 -0.58 -42.24
CA ARG A 986 40.03 -1.87 -41.64
C ARG A 986 41.03 -1.74 -40.51
N GLU A 987 41.89 -0.71 -40.54
CA GLU A 987 42.93 -0.56 -39.53
C GLU A 987 42.40 -0.14 -38.16
N ASP A 988 41.16 0.32 -38.07
CA ASP A 988 40.60 0.75 -36.80
C ASP A 988 39.17 0.25 -36.63
N LEU A 989 38.93 -1.02 -36.99
CA LEU A 989 37.60 -1.59 -36.85
C LEU A 989 37.27 -1.93 -35.40
N ASN A 990 38.28 -2.19 -34.58
CA ASN A 990 38.07 -2.64 -33.21
C ASN A 990 38.23 -1.53 -32.17
N LYS A 991 38.21 -0.28 -32.61
CA LYS A 991 38.30 0.83 -31.66
C LYS A 991 37.00 0.97 -30.87
N ALA A 992 37.11 1.59 -29.69
CA ALA A 992 35.96 1.69 -28.80
C ALA A 992 34.91 2.66 -29.34
N GLU A 993 35.33 3.72 -30.03
CA GLU A 993 34.40 4.74 -30.48
C GLU A 993 33.53 4.29 -31.65
N TYR A 994 33.81 3.13 -32.26
CA TYR A 994 33.04 2.63 -33.38
C TYR A 994 32.14 1.45 -32.98
N VAL A 995 31.83 1.31 -31.70
CA VAL A 995 30.98 0.23 -31.24
C VAL A 995 29.55 0.50 -31.64
N ASP A 996 28.93 -0.46 -32.32
CA ASP A 996 27.57 -0.36 -32.82
C ASP A 996 26.66 -1.31 -32.06
N GLN A 997 25.40 -1.39 -32.52
CA GLN A 997 24.42 -2.28 -31.93
C GLN A 997 24.49 -3.69 -32.50
N TYR A 998 25.35 -3.93 -33.49
CA TYR A 998 25.50 -5.25 -34.09
C TYR A 998 26.69 -6.02 -33.55
N ASP A 999 27.31 -5.56 -32.47
CA ASP A 999 28.47 -6.25 -31.93
C ASP A 999 28.11 -7.59 -31.32
N ALA A 1000 26.89 -7.72 -30.81
CA ALA A 1000 26.45 -9.01 -30.25
C ALA A 1000 26.37 -10.08 -31.33
N GLU A 1001 25.82 -9.74 -32.49
CA GLU A 1001 25.75 -10.70 -33.59
C GLU A 1001 27.13 -11.09 -34.08
N ARG A 1002 28.04 -10.10 -34.18
CA ARG A 1002 29.40 -10.40 -34.61
C ARG A 1002 30.12 -11.28 -33.60
N ASP A 1003 29.92 -11.03 -32.31
CA ASP A 1003 30.52 -11.88 -31.29
C ASP A 1003 29.95 -13.29 -31.34
N PHE A 1004 28.65 -13.43 -31.60
CA PHE A 1004 28.05 -14.74 -31.74
C PHE A 1004 28.62 -15.50 -32.93
N TYR A 1005 28.77 -14.82 -34.07
CA TYR A 1005 29.34 -15.47 -35.24
C TYR A 1005 30.80 -15.86 -35.01
N HIS A 1006 31.56 -14.99 -34.33
CA HIS A 1006 32.95 -15.32 -34.01
C HIS A 1006 33.04 -16.52 -33.08
N SER A 1007 32.16 -16.58 -32.07
CA SER A 1007 32.17 -17.73 -31.16
C SER A 1007 31.79 -19.02 -31.88
N LEU A 1008 30.81 -18.94 -32.79
CA LEU A 1008 30.41 -20.11 -33.56
C LEU A 1008 31.54 -20.60 -34.46
N ARG A 1009 32.23 -19.66 -35.11
CA ARG A 1009 33.38 -20.02 -35.94
C ARG A 1009 34.50 -20.61 -35.09
N GLU A 1010 34.71 -20.07 -33.88
CA GLU A 1010 35.75 -20.59 -32.99
C GLU A 1010 35.42 -22.02 -32.53
N TYR A 1011 34.14 -22.29 -32.25
CA TYR A 1011 33.75 -23.65 -31.87
C TYR A 1011 33.97 -24.63 -33.01
N ILE A 1012 33.58 -24.25 -34.22
CA ILE A 1012 33.79 -25.12 -35.38
C ILE A 1012 35.28 -25.31 -35.64
N ASN A 1013 36.06 -24.26 -35.44
CA ASN A 1013 37.51 -24.36 -35.60
C ASN A 1013 38.13 -25.24 -34.52
N GLY A 1014 37.57 -25.24 -33.31
CA GLY A 1014 38.06 -26.15 -32.29
C GLY A 1014 37.80 -27.61 -32.64
N LYS A 1015 36.62 -27.90 -33.18
CA LYS A 1015 36.33 -29.26 -33.63
C LYS A 1015 37.27 -29.67 -34.76
N ALA A 1016 37.49 -28.77 -35.73
CA ALA A 1016 38.40 -29.06 -36.83
C ALA A 1016 39.84 -29.23 -36.34
N THR A 1017 40.22 -28.46 -35.32
CA THR A 1017 41.56 -28.56 -34.74
C THR A 1017 41.74 -29.91 -34.04
N ALA A 1018 40.71 -30.38 -33.34
CA ALA A 1018 40.79 -31.69 -32.72
C ALA A 1018 40.94 -32.79 -33.76
N LEU A 1019 40.17 -32.68 -34.85
CA LEU A 1019 40.29 -33.66 -35.94
C LEU A 1019 41.68 -33.62 -36.56
N ALA A 1020 42.23 -32.42 -36.79
CA ALA A 1020 43.56 -32.29 -37.38
C ALA A 1020 44.64 -32.83 -36.44
N ASN A 1021 44.48 -32.60 -35.13
CA ASN A 1021 45.46 -33.10 -34.18
C ASN A 1021 45.47 -34.62 -34.13
N LEU A 1022 44.29 -35.24 -34.16
CA LEU A 1022 44.29 -36.71 -34.15
C LEU A 1022 44.76 -37.27 -35.49
N ARG A 1023 44.52 -36.54 -36.59
CA ARG A 1023 45.10 -36.96 -37.87
C ARG A 1023 46.61 -36.91 -37.83
N LYS A 1024 47.16 -35.87 -37.18
CA LYS A 1024 48.61 -35.78 -36.99
C LYS A 1024 49.12 -36.92 -36.12
N SER A 1025 48.36 -37.29 -35.09
CA SER A 1025 48.81 -38.32 -34.15
C SER A 1025 48.86 -39.70 -34.80
N ARG A 1026 48.01 -39.95 -35.79
CA ARG A 1026 47.95 -41.24 -36.46
C ARG A 1026 48.91 -41.34 -37.65
N GLY A 1027 49.96 -40.52 -37.66
CA GLY A 1027 50.93 -40.56 -38.74
C GLY A 1027 50.42 -40.08 -40.07
N MET A 1028 49.59 -39.05 -40.08
CA MET A 1028 49.03 -38.49 -41.31
C MET A 1028 49.24 -36.98 -41.31
N LEU A 1029 48.86 -36.36 -42.42
CA LEU A 1029 48.99 -34.91 -42.55
C LEU A 1029 47.75 -34.23 -41.99
N GLY A 1030 47.95 -33.30 -41.07
CA GLY A 1030 46.84 -32.55 -40.50
C GLY A 1030 46.52 -31.32 -41.31
N LEU A 1031 45.49 -31.39 -42.15
CA LEU A 1031 45.15 -30.31 -43.06
C LEU A 1031 44.22 -29.31 -42.36
N LEU A 1032 44.79 -28.62 -41.37
CA LEU A 1032 44.04 -27.57 -40.69
C LEU A 1032 43.94 -26.33 -41.58
N GLU A 1033 45.01 -26.02 -42.31
CA GLU A 1033 45.04 -24.94 -43.27
C GLU A 1033 44.65 -25.45 -44.65
N PRO A 1034 44.11 -24.58 -45.51
CA PRO A 1034 43.79 -25.01 -46.86
C PRO A 1034 45.03 -25.47 -47.60
N PRO A 1035 44.91 -26.49 -48.43
CA PRO A 1035 46.08 -27.00 -49.16
C PRO A 1035 46.44 -26.11 -50.33
N ALA A 1036 47.48 -26.51 -51.05
CA ALA A 1036 47.94 -25.76 -52.21
C ALA A 1036 46.98 -25.94 -53.38
N LYS A 1037 47.29 -25.26 -54.49
CA LYS A 1037 46.35 -25.14 -55.59
C LYS A 1037 46.36 -26.35 -56.52
N GLU A 1038 47.24 -27.33 -56.29
CA GLU A 1038 47.29 -28.48 -57.19
C GLU A 1038 46.03 -29.33 -57.09
N LEU A 1039 45.50 -29.53 -55.87
CA LEU A 1039 44.25 -30.25 -55.59
C LEU A 1039 44.17 -31.60 -56.31
N GLN A 1040 45.30 -32.29 -56.35
CA GLN A 1040 45.41 -33.58 -57.04
C GLN A 1040 44.97 -34.76 -56.18
N GLY A 1041 44.23 -34.52 -55.12
CA GLY A 1041 43.84 -35.59 -54.22
C GLY A 1041 44.66 -35.55 -52.94
N ILE A 1042 44.08 -36.08 -51.87
CA ILE A 1042 44.69 -36.04 -50.55
C ILE A 1042 44.76 -37.44 -49.97
N ASP A 1043 45.93 -37.77 -49.41
CA ASP A 1043 46.22 -39.07 -48.81
C ASP A 1043 45.85 -40.27 -49.69
N PRO A 1044 46.38 -40.32 -50.94
CA PRO A 1044 45.97 -41.41 -51.83
C PRO A 1044 46.60 -42.75 -51.50
N ASP A 1045 47.92 -42.74 -51.25
CA ASP A 1045 48.69 -43.97 -51.12
C ASP A 1045 49.60 -44.04 -49.90
N GLU A 1046 50.10 -42.91 -49.40
CA GLU A 1046 50.99 -42.95 -48.24
C GLU A 1046 50.25 -43.34 -46.97
N THR A 1047 48.92 -43.23 -47.00
CA THR A 1047 48.08 -43.60 -45.86
C THR A 1047 47.53 -45.00 -46.06
N VAL A 1048 47.75 -45.86 -45.07
CA VAL A 1048 47.31 -47.25 -45.17
C VAL A 1048 45.78 -47.31 -45.11
N PRO A 1049 45.11 -47.94 -46.08
CA PRO A 1049 43.63 -47.87 -46.12
C PRO A 1049 42.94 -48.58 -44.97
N ASP A 1050 43.27 -49.85 -44.72
CA ASP A 1050 42.51 -50.63 -43.75
C ASP A 1050 42.89 -50.26 -42.33
N ASN A 1051 44.13 -49.86 -42.10
CA ASN A 1051 44.62 -49.69 -40.73
C ASN A 1051 44.26 -48.32 -40.17
N VAL A 1052 44.69 -47.25 -40.82
CA VAL A 1052 44.63 -45.93 -40.22
C VAL A 1052 43.57 -45.00 -40.82
N LYS A 1053 43.03 -45.29 -42.01
CA LYS A 1053 41.88 -44.53 -42.47
C LYS A 1053 40.64 -44.89 -41.66
N THR A 1054 40.45 -46.17 -41.37
CA THR A 1054 39.27 -46.61 -40.63
C THR A 1054 39.31 -46.12 -39.19
N SER A 1055 40.50 -45.99 -38.59
CA SER A 1055 40.59 -45.52 -37.22
C SER A 1055 40.14 -44.06 -37.10
N VAL A 1056 40.66 -43.20 -37.97
CA VAL A 1056 40.28 -41.79 -37.93
C VAL A 1056 38.84 -41.62 -38.40
N SER A 1057 38.34 -42.55 -39.23
CA SER A 1057 36.93 -42.52 -39.58
C SER A 1057 36.05 -42.89 -38.39
N GLN A 1058 36.51 -43.81 -37.55
CA GLN A 1058 35.77 -44.17 -36.35
C GLN A 1058 35.75 -43.02 -35.35
N LEU A 1059 36.91 -42.43 -35.06
CA LEU A 1059 36.98 -41.53 -33.92
C LEU A 1059 36.35 -40.17 -34.20
N TYR A 1060 36.56 -39.60 -35.39
CA TYR A 1060 35.86 -38.39 -35.80
C TYR A 1060 35.50 -38.46 -37.27
N ARG A 1061 34.19 -38.39 -37.55
CA ARG A 1061 33.70 -38.35 -38.93
C ARG A 1061 32.70 -37.21 -39.02
N ILE A 1062 33.18 -36.02 -39.39
CA ILE A 1062 32.35 -34.84 -39.53
C ILE A 1062 31.98 -34.71 -41.00
N SER A 1063 30.69 -34.82 -41.30
CA SER A 1063 30.21 -34.71 -42.67
C SER A 1063 29.71 -33.29 -42.94
N GLU A 1064 29.53 -32.99 -44.23
CA GLU A 1064 29.02 -31.68 -44.62
C GLU A 1064 27.59 -31.48 -44.13
N LYS A 1065 26.78 -32.55 -44.18
CA LYS A 1065 25.42 -32.46 -43.67
C LYS A 1065 25.40 -32.13 -42.19
N SER A 1066 26.32 -32.70 -41.42
CA SER A 1066 26.35 -32.47 -39.98
C SER A 1066 26.67 -31.01 -39.65
N VAL A 1067 27.71 -30.46 -40.28
CA VAL A 1067 28.10 -29.08 -39.99
C VAL A 1067 27.06 -28.10 -40.51
N ARG A 1068 26.46 -28.39 -41.68
CA ARG A 1068 25.41 -27.52 -42.19
C ARG A 1068 24.18 -27.53 -41.28
N LYS A 1069 23.80 -28.71 -40.80
CA LYS A 1069 22.66 -28.80 -39.88
C LYS A 1069 22.96 -28.10 -38.56
N PHE A 1070 24.19 -28.23 -38.06
CA PHE A 1070 24.57 -27.55 -36.83
C PHE A 1070 24.52 -26.03 -36.99
N LEU A 1071 25.02 -25.52 -38.13
CA LEU A 1071 24.97 -24.09 -38.37
C LEU A 1071 23.53 -23.60 -38.50
N GLU A 1072 22.69 -24.36 -39.20
CA GLU A 1072 21.28 -24.01 -39.32
C GLU A 1072 20.59 -23.99 -37.97
N ILE A 1073 20.89 -24.98 -37.12
CA ILE A 1073 20.29 -25.04 -35.79
C ILE A 1073 20.73 -23.84 -34.95
N ALA A 1074 22.03 -23.53 -34.98
CA ALA A 1074 22.53 -22.41 -34.17
C ALA A 1074 21.92 -21.08 -34.61
N LEU A 1075 21.85 -20.86 -35.92
CA LEU A 1075 21.26 -19.61 -36.43
C LEU A 1075 19.78 -19.53 -36.13
N PHE A 1076 19.05 -20.65 -36.24
CA PHE A 1076 17.63 -20.67 -35.90
C PHE A 1076 17.41 -20.36 -34.43
N LYS A 1077 18.25 -20.92 -33.55
CA LYS A 1077 18.14 -20.63 -32.13
C LYS A 1077 18.46 -19.17 -31.83
N TYR A 1078 19.42 -18.61 -32.56
CA TYR A 1078 19.78 -17.20 -32.34
C TYR A 1078 18.66 -16.27 -32.76
N ARG A 1079 18.02 -16.54 -33.91
CA ARG A 1079 16.98 -15.63 -34.37
C ARG A 1079 15.72 -15.70 -33.52
N LYS A 1080 15.45 -16.84 -32.88
CA LYS A 1080 14.28 -16.95 -32.02
C LYS A 1080 14.55 -16.54 -30.59
N ALA A 1081 15.80 -16.22 -30.26
CA ALA A 1081 16.16 -15.74 -28.92
C ALA A 1081 16.03 -14.23 -28.79
N ARG A 1082 15.79 -13.52 -29.88
CA ARG A 1082 15.64 -12.07 -29.82
C ARG A 1082 14.34 -11.68 -29.14
N LEU A 1083 14.35 -10.52 -28.49
CA LEU A 1083 13.18 -10.04 -27.77
C LEU A 1083 12.10 -9.66 -28.77
N GLU A 1084 10.91 -10.24 -28.62
CA GLU A 1084 9.83 -9.97 -29.54
C GLU A 1084 9.27 -8.57 -29.27
N PRO A 1085 9.02 -7.78 -30.32
CA PRO A 1085 8.44 -6.45 -30.13
C PRO A 1085 7.06 -6.51 -29.51
N GLY A 1086 6.77 -5.52 -28.67
CA GLY A 1086 5.53 -5.46 -27.95
C GLY A 1086 5.57 -6.11 -26.58
N THR A 1087 6.66 -6.79 -26.23
CA THR A 1087 6.76 -7.47 -24.95
C THR A 1087 6.80 -6.46 -23.80
N ALA A 1088 6.03 -6.74 -22.75
CA ALA A 1088 6.05 -5.92 -21.53
C ALA A 1088 7.22 -6.38 -20.67
N ILE A 1089 8.42 -6.00 -21.11
CA ILE A 1089 9.63 -6.50 -20.48
C ILE A 1089 9.84 -5.86 -19.11
N GLY A 1090 9.30 -4.67 -18.90
CA GLY A 1090 9.39 -4.05 -17.59
C GLY A 1090 8.62 -4.79 -16.52
N ALA A 1091 7.40 -5.23 -16.86
CA ALA A 1091 6.61 -6.02 -15.91
C ALA A 1091 7.26 -7.36 -15.63
N ILE A 1092 7.84 -7.98 -16.66
CA ILE A 1092 8.54 -9.25 -16.48
C ILE A 1092 9.74 -9.07 -15.56
N GLY A 1093 10.51 -8.00 -15.75
CA GLY A 1093 11.64 -7.75 -14.87
C GLY A 1093 11.21 -7.43 -13.44
N ALA A 1094 10.13 -6.65 -13.30
CA ALA A 1094 9.63 -6.32 -11.98
C ALA A 1094 9.20 -7.57 -11.22
N GLN A 1095 8.51 -8.48 -11.90
CA GLN A 1095 8.13 -9.74 -11.26
C GLN A 1095 9.35 -10.62 -10.97
N SER A 1096 10.31 -10.64 -11.89
CA SER A 1096 11.49 -11.49 -11.72
C SER A 1096 12.41 -10.98 -10.62
N ILE A 1097 12.25 -9.72 -10.22
CA ILE A 1097 12.96 -9.23 -9.04
C ILE A 1097 12.12 -9.39 -7.77
N GLY A 1098 10.81 -9.10 -7.85
CA GLY A 1098 9.98 -9.15 -6.67
C GLY A 1098 9.74 -10.55 -6.14
N GLU A 1099 9.51 -11.51 -7.04
CA GLU A 1099 9.19 -12.87 -6.62
C GLU A 1099 10.30 -13.57 -5.82
N PRO A 1100 11.59 -13.48 -6.17
CA PRO A 1100 12.61 -14.14 -5.33
C PRO A 1100 12.71 -13.59 -3.92
N GLY A 1101 12.17 -12.40 -3.66
CA GLY A 1101 12.16 -11.88 -2.30
C GLY A 1101 11.30 -12.70 -1.37
N THR A 1102 10.32 -13.42 -1.92
CA THR A 1102 9.46 -14.26 -1.09
C THR A 1102 10.21 -15.47 -0.55
N GLN A 1103 11.03 -16.11 -1.38
CA GLN A 1103 11.76 -17.31 -0.96
C GLN A 1103 13.04 -17.01 -0.22
N MET A 1104 13.39 -15.73 -0.02
CA MET A 1104 14.60 -15.37 0.70
C MET A 1104 14.35 -15.50 2.20
N THR A 1105 14.77 -16.61 2.79
CA THR A 1105 14.69 -16.78 4.22
C THR A 1105 15.84 -16.02 4.90
N LEU A 1106 15.80 -16.00 6.23
CA LEU A 1106 16.81 -15.26 6.98
C LEU A 1106 18.15 -15.98 6.95
N LYS A 1107 19.21 -15.22 6.69
CA LYS A 1107 20.58 -15.69 6.84
C LYS A 1107 21.43 -14.50 7.27
N THR A 1108 22.38 -14.77 8.17
CA THR A 1108 23.33 -13.76 8.61
C THR A 1108 24.66 -14.01 7.92
N PHE A 1109 25.12 -13.03 7.15
CA PHE A 1109 26.32 -13.15 6.35
C PHE A 1109 27.46 -12.33 6.96
N HIS A 1110 28.68 -12.73 6.61
CA HIS A 1110 29.88 -12.06 7.06
C HIS A 1110 30.77 -11.77 5.86
N PHE A 1111 31.56 -10.70 5.96
CA PHE A 1111 32.34 -10.21 4.83
C PHE A 1111 33.69 -10.90 4.81
N ALA A 1112 33.74 -12.08 4.19
CA ALA A 1112 34.97 -12.78 3.82
C ALA A 1112 35.85 -13.08 5.05
N GLY A 1113 35.32 -13.91 5.94
CA GLY A 1113 36.09 -14.39 7.07
C GLY A 1113 36.20 -13.46 8.25
N VAL A 1114 35.47 -12.34 8.24
CA VAL A 1114 35.44 -11.42 9.38
C VAL A 1114 34.09 -11.59 10.06
N ALA A 1115 34.10 -12.09 11.30
CA ALA A 1115 32.89 -12.43 12.02
C ALA A 1115 32.36 -11.25 12.85
N SER A 1116 32.73 -10.02 12.50
CA SER A 1116 32.28 -8.84 13.22
C SER A 1116 31.63 -7.79 12.34
N MET A 1117 31.60 -7.98 11.03
CA MET A 1117 31.11 -6.93 10.14
C MET A 1117 29.59 -7.02 9.97
N ASN A 1118 29.09 -8.21 9.61
CA ASN A 1118 27.66 -8.48 9.49
C ASN A 1118 27.00 -7.54 8.48
N VAL A 1119 27.41 -7.67 7.22
CA VAL A 1119 26.83 -6.88 6.15
C VAL A 1119 25.41 -7.37 5.89
N THR A 1120 24.50 -6.44 5.62
CA THR A 1120 23.11 -6.79 5.42
C THR A 1120 22.86 -7.24 3.98
N LEU A 1121 22.24 -8.41 3.83
CA LEU A 1121 21.88 -8.94 2.53
C LEU A 1121 20.42 -9.39 2.58
N GLY A 1122 19.90 -9.80 1.43
CA GLY A 1122 18.53 -10.27 1.35
C GLY A 1122 17.54 -9.17 1.04
N VAL A 1123 16.32 -9.32 1.57
CA VAL A 1123 15.25 -8.35 1.27
C VAL A 1123 15.57 -6.95 1.77
N PRO A 1124 16.10 -6.73 3.00
CA PRO A 1124 16.47 -5.34 3.36
C PRO A 1124 17.51 -4.71 2.45
N ARG A 1125 18.46 -5.49 1.94
CA ARG A 1125 19.45 -4.94 1.01
C ARG A 1125 18.81 -4.53 -0.31
N ILE A 1126 17.91 -5.38 -0.83
CA ILE A 1126 17.18 -5.02 -2.05
C ILE A 1126 16.35 -3.77 -1.84
N LYS A 1127 15.69 -3.69 -0.67
CA LYS A 1127 14.90 -2.51 -0.34
C LYS A 1127 15.75 -1.24 -0.33
N GLU A 1128 16.88 -1.28 0.39
CA GLU A 1128 17.69 -0.08 0.50
C GLU A 1128 18.50 0.22 -0.76
N ILE A 1129 18.56 -0.71 -1.72
CA ILE A 1129 19.15 -0.41 -3.02
C ILE A 1129 18.14 0.21 -3.96
N ILE A 1130 16.96 -0.40 -4.10
CA ILE A 1130 16.00 0.05 -5.11
C ILE A 1130 15.42 1.41 -4.80
N ASN A 1131 15.58 1.91 -3.58
CA ASN A 1131 15.26 3.29 -3.27
C ASN A 1131 16.55 4.08 -3.01
N ALA A 1132 16.48 5.38 -3.24
CA ALA A 1132 17.66 6.24 -3.06
C ALA A 1132 17.82 6.55 -1.58
N SER A 1133 18.30 5.54 -0.84
CA SER A 1133 18.50 5.68 0.59
C SER A 1133 19.80 6.43 0.85
N LYS A 1134 19.69 7.59 1.49
CA LYS A 1134 20.86 8.41 1.77
C LYS A 1134 21.78 7.71 2.78
N VAL A 1135 21.20 7.07 3.78
CA VAL A 1135 21.95 6.39 4.83
C VAL A 1135 21.52 4.92 4.82
N ILE A 1136 22.50 4.03 4.72
CA ILE A 1136 22.26 2.60 4.75
C ILE A 1136 22.92 2.00 5.98
N SER A 1137 22.50 0.80 6.33
CA SER A 1137 23.06 0.06 7.46
C SER A 1137 24.27 -0.71 6.99
N THR A 1138 25.38 -0.55 7.72
CA THR A 1138 26.68 -1.17 7.44
C THR A 1138 27.17 -0.93 6.02
N PRO A 1139 27.61 0.29 5.68
CA PRO A 1139 28.30 0.49 4.41
C PRO A 1139 29.77 0.13 4.52
N ILE A 1140 30.29 -0.45 3.44
CA ILE A 1140 31.66 -0.97 3.42
C ILE A 1140 32.38 -0.39 2.22
N ILE A 1141 33.56 0.18 2.46
CA ILE A 1141 34.44 0.66 1.40
C ILE A 1141 35.66 -0.27 1.38
N ASN A 1142 35.94 -0.85 0.22
CA ASN A 1142 36.97 -1.86 0.06
C ASN A 1142 38.14 -1.23 -0.69
N ALA A 1143 39.09 -0.65 0.06
CA ALA A 1143 40.27 -0.05 -0.54
C ALA A 1143 41.32 -1.11 -0.83
N VAL A 1144 41.92 -1.01 -2.02
CA VAL A 1144 43.00 -1.88 -2.44
C VAL A 1144 44.32 -1.16 -2.20
N LEU A 1145 45.21 -1.79 -1.44
CA LEU A 1145 46.44 -1.15 -1.03
C LEU A 1145 47.49 -1.20 -2.14
N VAL A 1146 48.35 -0.19 -2.18
CA VAL A 1146 49.49 -0.22 -3.10
C VAL A 1146 50.48 -1.29 -2.69
N ASN A 1147 50.79 -1.36 -1.39
CA ASN A 1147 51.63 -2.42 -0.82
C ASN A 1147 50.69 -3.45 -0.22
N ASP A 1148 50.48 -4.54 -0.95
CA ASP A 1148 49.51 -5.56 -0.60
C ASP A 1148 50.11 -6.80 0.04
N ASN A 1149 51.39 -6.78 0.40
CA ASN A 1149 52.05 -7.94 0.99
C ASN A 1149 52.89 -7.56 2.19
N ASP A 1150 52.51 -6.50 2.90
CA ASP A 1150 53.22 -6.06 4.09
C ASP A 1150 52.21 -5.70 5.17
N GLU A 1151 52.33 -6.33 6.34
CA GLU A 1151 51.46 -5.99 7.45
C GLU A 1151 51.73 -4.58 7.97
N ARG A 1152 53.01 -4.19 8.02
CA ARG A 1152 53.38 -2.88 8.52
C ARG A 1152 52.82 -1.77 7.63
N ALA A 1153 52.97 -1.92 6.31
CA ALA A 1153 52.46 -0.92 5.39
C ALA A 1153 50.93 -0.85 5.44
N ALA A 1154 50.28 -2.02 5.53
CA ALA A 1154 48.83 -2.06 5.62
C ALA A 1154 48.33 -1.34 6.88
N ARG A 1155 49.00 -1.56 8.01
CA ARG A 1155 48.54 -0.94 9.25
C ARG A 1155 48.87 0.55 9.29
N VAL A 1156 49.98 0.94 8.64
CA VAL A 1156 50.29 2.37 8.49
C VAL A 1156 49.21 3.05 7.66
N VAL A 1157 48.77 2.39 6.58
CA VAL A 1157 47.70 2.96 5.76
C VAL A 1157 46.40 3.01 6.54
N LYS A 1158 46.13 1.99 7.37
CA LYS A 1158 44.95 2.04 8.24
C LYS A 1158 45.01 3.23 9.19
N GLY A 1159 46.19 3.53 9.72
CA GLY A 1159 46.35 4.70 10.58
C GLY A 1159 46.07 6.02 9.89
N ARG A 1160 46.03 6.05 8.56
CA ARG A 1160 45.72 7.25 7.82
C ARG A 1160 44.22 7.46 7.60
N VAL A 1161 43.42 6.42 7.66
CA VAL A 1161 41.99 6.50 7.36
C VAL A 1161 41.14 6.29 8.62
N GLU A 1162 41.60 5.44 9.54
CA GLU A 1162 40.84 5.21 10.76
C GLU A 1162 40.91 6.44 11.66
N LYS A 1163 39.75 6.85 12.17
CA LYS A 1163 39.69 8.04 13.00
C LYS A 1163 40.33 7.75 14.36
N THR A 1164 41.12 8.70 14.85
CA THR A 1164 41.76 8.60 16.14
C THR A 1164 41.32 9.79 16.99
N LEU A 1165 40.55 9.51 18.03
CA LEU A 1165 40.04 10.56 18.89
C LEU A 1165 41.16 11.13 19.75
N LEU A 1166 40.91 12.30 20.33
CA LEU A 1166 41.88 12.91 21.23
C LEU A 1166 42.04 12.07 22.50
N SER A 1167 41.02 11.31 22.88
CA SER A 1167 41.13 10.43 24.03
C SER A 1167 42.14 9.33 23.81
N ASP A 1168 42.38 8.95 22.56
CA ASP A 1168 43.31 7.87 22.24
C ASP A 1168 44.76 8.32 22.17
N VAL A 1169 45.04 9.61 22.32
CA VAL A 1169 46.37 10.13 22.06
C VAL A 1169 46.84 10.98 23.24
N ALA A 1170 45.95 11.25 24.18
CA ALA A 1170 46.24 12.17 25.28
C ALA A 1170 46.30 11.43 26.60
N PHE A 1171 47.36 11.71 27.37
CA PHE A 1171 47.44 11.18 28.74
C PHE A 1171 46.37 11.77 29.64
N TYR A 1172 46.24 13.09 29.64
CA TYR A 1172 45.21 13.70 30.47
C TYR A 1172 44.77 15.04 29.88
N VAL A 1173 43.55 15.41 30.23
CA VAL A 1173 42.99 16.73 30.01
C VAL A 1173 42.58 17.29 31.36
N GLN A 1174 42.92 18.54 31.64
CA GLN A 1174 42.64 19.13 32.94
C GLN A 1174 42.27 20.60 32.79
N ASP A 1175 41.51 21.09 33.77
CA ASP A 1175 41.14 22.50 33.86
C ASP A 1175 41.99 23.16 34.94
N VAL A 1176 42.68 24.24 34.56
CA VAL A 1176 43.61 24.92 35.46
C VAL A 1176 43.14 26.36 35.60
N TYR A 1177 42.95 26.78 36.85
CA TYR A 1177 42.64 28.16 37.21
C TYR A 1177 43.82 28.77 37.95
N LYS A 1178 44.19 29.97 37.56
CA LYS A 1178 45.25 30.73 38.20
C LYS A 1178 44.65 32.02 38.76
N ASP A 1179 45.54 32.95 39.16
CA ASP A 1179 45.11 34.18 39.80
C ASP A 1179 44.16 34.98 38.91
N ASN A 1180 44.44 35.05 37.61
CA ASN A 1180 43.56 35.77 36.70
C ASN A 1180 43.36 35.08 35.36
N LEU A 1181 43.89 33.87 35.15
CA LEU A 1181 43.80 33.19 33.87
C LEU A 1181 43.31 31.75 34.06
N SER A 1182 42.51 31.28 33.11
CA SER A 1182 41.94 29.94 33.14
C SER A 1182 42.16 29.25 31.79
N PHE A 1183 42.62 28.00 31.82
CA PHE A 1183 42.95 27.32 30.59
C PHE A 1183 42.83 25.80 30.78
N ILE A 1184 42.65 25.11 29.67
CA ILE A 1184 42.65 23.65 29.61
C ILE A 1184 44.04 23.20 29.22
N GLN A 1185 44.65 22.36 30.04
CA GLN A 1185 45.95 21.78 29.74
C GLN A 1185 45.76 20.33 29.31
N VAL A 1186 46.26 19.99 28.13
CA VAL A 1186 46.18 18.64 27.59
C VAL A 1186 47.61 18.14 27.37
N ARG A 1187 47.91 16.96 27.89
CA ARG A 1187 49.24 16.39 27.71
C ARG A 1187 49.08 15.10 26.92
N ILE A 1188 49.74 15.03 25.77
CA ILE A 1188 49.54 13.94 24.81
C ILE A 1188 50.72 12.99 24.89
N ASP A 1189 50.57 11.84 24.23
CA ASP A 1189 51.57 10.78 24.24
C ASP A 1189 52.20 10.68 22.86
N LEU A 1190 53.47 11.04 22.75
CA LEU A 1190 54.22 10.79 21.53
C LEU A 1190 54.62 9.33 21.40
N GLY A 1191 54.70 8.61 22.52
CA GLY A 1191 55.04 7.20 22.46
C GLY A 1191 53.99 6.37 21.75
N THR A 1192 52.72 6.64 22.06
CA THR A 1192 51.64 5.94 21.36
C THR A 1192 51.58 6.33 19.89
N ILE A 1193 51.89 7.60 19.59
CA ILE A 1193 51.94 8.05 18.20
C ILE A 1193 53.02 7.29 17.44
N ASP A 1194 54.20 7.13 18.03
CA ASP A 1194 55.28 6.41 17.38
C ASP A 1194 54.99 4.92 17.29
N LYS A 1195 54.29 4.36 18.29
CA LYS A 1195 54.00 2.94 18.28
C LYS A 1195 52.91 2.58 17.29
N LEU A 1196 51.97 3.50 17.05
CA LEU A 1196 50.94 3.29 16.04
C LEU A 1196 51.28 3.93 14.70
N GLN A 1197 52.39 4.68 14.63
CA GLN A 1197 52.90 5.27 13.38
C GLN A 1197 51.87 6.19 12.72
N LEU A 1198 51.27 7.08 13.50
CA LEU A 1198 50.47 8.16 12.93
C LEU A 1198 51.37 9.29 12.49
N GLU A 1199 51.20 9.74 11.24
CA GLU A 1199 51.94 10.91 10.75
C GLU A 1199 51.27 12.15 11.34
N LEU A 1200 51.54 12.40 12.62
CA LEU A 1200 50.84 13.42 13.39
C LEU A 1200 51.85 14.16 14.24
N THR A 1201 51.70 15.48 14.30
CA THR A 1201 52.56 16.34 15.10
C THR A 1201 51.70 17.16 16.06
N ILE A 1202 52.36 18.01 16.84
CA ILE A 1202 51.66 18.79 17.85
C ILE A 1202 50.78 19.86 17.21
N GLU A 1203 51.31 20.52 16.17
CA GLU A 1203 50.54 21.53 15.46
C GLU A 1203 49.35 20.91 14.74
N ASP A 1204 49.44 19.64 14.37
CA ASP A 1204 48.29 18.95 13.80
C ASP A 1204 47.14 18.86 14.81
N ILE A 1205 47.46 18.52 16.06
CA ILE A 1205 46.42 18.48 17.10
C ILE A 1205 45.91 19.90 17.38
N ALA A 1206 46.81 20.90 17.34
CA ALA A 1206 46.39 22.27 17.57
C ALA A 1206 45.39 22.74 16.51
N VAL A 1207 45.69 22.47 15.23
CA VAL A 1207 44.80 22.91 14.17
C VAL A 1207 43.53 22.06 14.13
N ALA A 1208 43.62 20.80 14.59
CA ALA A 1208 42.42 19.97 14.68
C ALA A 1208 41.49 20.48 15.78
N ILE A 1209 42.05 20.92 16.91
CA ILE A 1209 41.25 21.53 17.96
C ILE A 1209 40.63 22.84 17.47
N THR A 1210 41.41 23.63 16.73
CA THR A 1210 40.91 24.90 16.20
C THR A 1210 39.77 24.67 15.21
N ARG A 1211 39.88 23.64 14.37
CA ARG A 1211 38.86 23.38 13.35
C ARG A 1211 37.54 22.88 13.92
N ALA A 1212 37.51 22.49 15.19
CA ALA A 1212 36.28 21.99 15.81
C ALA A 1212 35.32 23.15 16.00
N SER A 1213 34.33 23.25 15.11
CA SER A 1213 33.40 24.39 15.15
C SER A 1213 32.45 24.31 16.33
N LYS A 1214 32.07 23.10 16.75
CA LYS A 1214 31.17 22.96 17.88
C LYS A 1214 31.82 23.37 19.20
N LEU A 1215 33.16 23.36 19.28
CA LEU A 1215 33.84 23.75 20.50
C LEU A 1215 33.84 25.26 20.69
N LYS A 1216 33.61 26.03 19.62
CA LYS A 1216 33.65 27.49 19.64
C LYS A 1216 35.00 28.01 20.15
N ILE A 1217 36.07 27.58 19.49
CA ILE A 1217 37.42 27.97 19.85
C ILE A 1217 38.12 28.50 18.61
N GLN A 1218 39.18 29.28 18.84
CA GLN A 1218 39.93 29.91 17.76
C GLN A 1218 41.42 29.69 17.96
N ALA A 1219 42.18 29.92 16.89
CA ALA A 1219 43.62 29.66 16.91
C ALA A 1219 44.36 30.64 17.83
N SER A 1220 43.75 31.78 18.16
CA SER A 1220 44.39 32.72 19.07
C SER A 1220 44.48 32.21 20.49
N ASP A 1221 43.62 31.25 20.86
CA ASP A 1221 43.60 30.72 22.22
C ASP A 1221 44.54 29.53 22.41
N VAL A 1222 44.70 28.71 21.38
CA VAL A 1222 45.53 27.51 21.50
C VAL A 1222 47.00 27.88 21.48
N ASN A 1223 47.74 27.36 22.47
CA ASN A 1223 49.16 27.63 22.60
C ASN A 1223 49.86 26.31 22.91
N ILE A 1224 51.15 26.25 22.55
CA ILE A 1224 51.96 25.06 22.73
C ILE A 1224 52.96 25.30 23.85
N ILE A 1225 52.92 24.45 24.87
CA ILE A 1225 53.84 24.50 25.99
C ILE A 1225 54.62 23.19 26.00
N GLY A 1226 55.95 23.30 25.98
CA GLY A 1226 56.80 22.14 25.91
C GLY A 1226 56.65 21.44 24.57
N LYS A 1227 56.94 20.14 24.58
CA LYS A 1227 56.74 19.32 23.39
C LYS A 1227 55.45 18.52 23.45
N ASP A 1228 54.81 18.46 24.62
CA ASP A 1228 53.66 17.59 24.83
C ASP A 1228 52.43 18.31 25.34
N ARG A 1229 52.52 19.60 25.65
CA ARG A 1229 51.44 20.30 26.34
C ARG A 1229 50.74 21.26 25.39
N ILE A 1230 49.40 21.22 25.41
CA ILE A 1230 48.57 22.14 24.64
C ILE A 1230 47.66 22.86 25.61
N ALA A 1231 47.70 24.19 25.57
CA ALA A 1231 46.93 25.03 26.48
C ALA A 1231 45.87 25.79 25.70
N ILE A 1232 44.62 25.63 26.11
CA ILE A 1232 43.48 26.29 25.47
C ILE A 1232 42.94 27.29 26.49
N ASN A 1233 43.23 28.57 26.29
CA ASN A 1233 42.80 29.58 27.24
C ASN A 1233 41.32 29.92 27.04
N VAL A 1234 40.66 30.32 28.12
CA VAL A 1234 39.29 30.80 28.08
C VAL A 1234 39.25 32.18 28.70
N PHE A 1235 38.70 33.15 27.96
CA PHE A 1235 38.61 34.51 28.42
C PHE A 1235 37.15 34.94 28.57
N PRO A 1236 36.84 35.77 29.58
CA PRO A 1236 35.49 36.31 29.76
C PRO A 1236 35.07 37.24 28.63
N GLU A 1253 28.13 36.66 34.53
CA GLU A 1253 28.84 36.68 35.81
C GLU A 1253 29.42 35.32 36.13
N ASN A 1254 28.91 34.28 35.46
CA ASN A 1254 29.36 32.91 35.69
C ASN A 1254 29.50 32.12 34.39
N ASP A 1255 29.65 32.82 33.26
CA ASP A 1255 29.74 32.12 31.98
C ASP A 1255 31.10 31.45 31.79
N VAL A 1256 32.12 31.94 32.48
CA VAL A 1256 33.47 31.37 32.32
C VAL A 1256 33.50 29.93 32.81
N PHE A 1257 32.90 29.66 33.98
CA PHE A 1257 32.90 28.31 34.52
C PHE A 1257 32.10 27.36 33.65
N TYR A 1258 30.93 27.80 33.16
CA TYR A 1258 30.10 26.94 32.32
C TYR A 1258 30.79 26.62 31.00
N ARG A 1259 31.37 27.63 30.35
CA ARG A 1259 32.11 27.40 29.12
C ARG A 1259 33.32 26.52 29.36
N MET A 1260 33.96 26.69 30.52
CA MET A 1260 35.16 25.94 30.85
C MET A 1260 34.82 24.45 31.01
N GLN A 1261 33.74 24.16 31.74
CA GLN A 1261 33.29 22.79 31.91
C GLN A 1261 32.82 22.18 30.59
N GLN A 1262 32.09 22.95 29.78
CA GLN A 1262 31.61 22.43 28.50
C GLN A 1262 32.78 22.10 27.57
N LEU A 1263 33.79 22.98 27.53
CA LEU A 1263 34.96 22.72 26.70
C LEU A 1263 35.74 21.51 27.20
N ARG A 1264 35.87 21.37 28.52
CA ARG A 1264 36.58 20.21 29.06
C ARG A 1264 35.84 18.92 28.73
N ARG A 1265 34.50 18.93 28.81
CA ARG A 1265 33.74 17.73 28.49
C ARG A 1265 33.79 17.39 27.00
N ALA A 1266 33.75 18.40 26.14
CA ALA A 1266 33.67 18.14 24.70
C ALA A 1266 35.05 18.00 24.03
N LEU A 1267 36.12 18.36 24.72
CA LEU A 1267 37.45 18.29 24.11
C LEU A 1267 37.94 16.88 23.78
N PRO A 1268 37.86 15.86 24.69
CA PRO A 1268 38.46 14.56 24.33
C PRO A 1268 37.65 13.74 23.34
N ASP A 1269 36.64 14.36 22.73
CA ASP A 1269 35.84 13.72 21.68
C ASP A 1269 36.07 14.35 20.31
N VAL A 1270 37.15 15.11 20.14
CA VAL A 1270 37.47 15.69 18.84
C VAL A 1270 38.34 14.73 18.05
N VAL A 1271 38.34 14.89 16.73
CA VAL A 1271 39.06 14.00 15.84
C VAL A 1271 40.33 14.73 15.38
N VAL A 1272 41.48 14.18 15.77
CA VAL A 1272 42.76 14.79 15.38
C VAL A 1272 43.36 14.16 14.14
N LYS A 1273 42.95 12.94 13.80
CA LYS A 1273 43.44 12.27 12.59
C LYS A 1273 42.38 11.29 12.13
N GLY A 1274 42.37 11.03 10.83
CA GLY A 1274 41.41 10.14 10.22
C GLY A 1274 40.19 10.86 9.68
N LEU A 1275 39.39 10.10 8.96
CA LEU A 1275 38.20 10.66 8.33
C LEU A 1275 37.05 10.73 9.35
N PRO A 1276 36.20 11.76 9.26
CA PRO A 1276 35.19 11.96 10.31
C PRO A 1276 34.04 10.97 10.26
N ASP A 1277 33.84 10.27 9.14
CA ASP A 1277 32.68 9.40 8.97
C ASP A 1277 33.02 7.92 8.95
N ILE A 1278 34.28 7.56 9.16
CA ILE A 1278 34.71 6.16 9.14
C ILE A 1278 34.61 5.61 10.55
N SER A 1279 33.76 4.60 10.73
CA SER A 1279 33.59 3.99 12.05
C SER A 1279 34.81 3.16 12.43
N ARG A 1280 35.26 2.29 11.54
CA ARG A 1280 36.40 1.43 11.83
C ARG A 1280 37.00 0.93 10.51
N ALA A 1281 38.21 0.37 10.61
CA ALA A 1281 38.96 -0.13 9.48
C ALA A 1281 39.61 -1.45 9.85
N VAL A 1282 39.57 -2.41 8.93
CA VAL A 1282 40.16 -3.73 9.16
C VAL A 1282 40.96 -4.12 7.93
N ILE A 1283 42.18 -4.59 8.15
CA ILE A 1283 42.98 -5.25 7.11
C ILE A 1283 42.51 -6.69 7.02
N ASN A 1284 42.08 -7.09 5.82
CA ASN A 1284 41.63 -8.45 5.56
C ASN A 1284 42.62 -9.15 4.65
N ILE A 1285 43.10 -10.32 5.08
CA ILE A 1285 43.99 -11.15 4.28
C ILE A 1285 43.12 -12.16 3.54
N ARG A 1286 43.07 -12.05 2.22
CA ARG A 1286 42.20 -12.89 1.42
C ARG A 1286 42.82 -14.26 1.21
N ASP A 1287 42.19 -15.06 0.36
CA ASP A 1287 42.73 -16.38 0.01
C ASP A 1287 44.03 -16.27 -0.76
N ASP A 1288 44.16 -15.23 -1.59
CA ASP A 1288 45.37 -15.05 -2.38
C ASP A 1288 46.55 -14.59 -1.54
N GLY A 1289 46.31 -14.15 -0.31
CA GLY A 1289 47.35 -13.63 0.55
C GLY A 1289 47.52 -12.12 0.48
N LYS A 1290 46.98 -11.47 -0.54
CA LYS A 1290 47.03 -10.03 -0.64
C LYS A 1290 46.07 -9.39 0.37
N ARG A 1291 46.44 -8.22 0.86
CA ARG A 1291 45.73 -7.56 1.95
C ARG A 1291 44.90 -6.40 1.41
N GLU A 1292 43.63 -6.35 1.80
CA GLU A 1292 42.74 -5.26 1.44
C GLU A 1292 42.24 -4.55 2.68
N LEU A 1293 42.16 -3.23 2.62
CA LEU A 1293 41.73 -2.43 3.75
C LEU A 1293 40.25 -2.12 3.58
N LEU A 1294 39.40 -2.78 4.35
CA LEU A 1294 37.96 -2.59 4.25
C LEU A 1294 37.46 -1.86 5.48
N VAL A 1295 36.70 -0.79 5.24
CA VAL A 1295 36.33 0.17 6.28
C VAL A 1295 34.82 0.31 6.30
N GLU A 1296 34.29 0.75 7.43
CA GLU A 1296 32.89 1.10 7.59
C GLU A 1296 32.79 2.62 7.62
N GLY A 1297 32.04 3.19 6.69
CA GLY A 1297 31.88 4.63 6.65
C GLY A 1297 31.33 5.10 5.32
N TYR A 1298 31.41 6.41 5.11
CA TYR A 1298 30.81 7.06 3.96
C TYR A 1298 31.78 7.97 3.21
N GLY A 1299 33.07 7.96 3.55
CA GLY A 1299 34.03 8.77 2.83
C GLY A 1299 34.75 8.07 1.71
N LEU A 1300 34.07 7.76 0.60
CA LEU A 1300 34.73 7.08 -0.50
C LEU A 1300 35.81 7.95 -1.13
N ARG A 1301 35.51 9.23 -1.34
CA ARG A 1301 36.47 10.13 -1.99
C ARG A 1301 37.72 10.30 -1.14
N ASP A 1302 37.57 10.42 0.17
CA ASP A 1302 38.74 10.60 1.04
C ASP A 1302 39.56 9.33 1.13
N VAL A 1303 38.91 8.16 1.08
CA VAL A 1303 39.66 6.90 1.08
C VAL A 1303 40.43 6.73 -0.21
N MET A 1304 39.80 6.99 -1.36
CA MET A 1304 40.49 6.80 -2.62
C MET A 1304 41.44 7.95 -2.94
N CYS A 1305 41.46 9.00 -2.14
CA CYS A 1305 42.45 10.05 -2.24
C CYS A 1305 43.61 9.87 -1.27
N THR A 1306 43.46 8.95 -0.32
CA THR A 1306 44.50 8.72 0.70
C THR A 1306 45.72 8.05 0.07
N ASP A 1307 46.90 8.50 0.45
CA ASP A 1307 48.14 7.91 -0.03
C ASP A 1307 48.25 6.46 0.44
N GLY A 1308 48.74 5.59 -0.44
CA GLY A 1308 48.84 4.18 -0.17
C GLY A 1308 47.63 3.38 -0.60
N VAL A 1309 46.60 4.02 -1.13
CA VAL A 1309 45.38 3.35 -1.58
C VAL A 1309 45.21 3.61 -3.06
N ILE A 1310 45.05 2.54 -3.84
CA ILE A 1310 44.81 2.68 -5.28
C ILE A 1310 43.39 3.18 -5.48
N GLY A 1311 43.26 4.41 -5.96
CA GLY A 1311 41.95 5.02 -6.15
C GLY A 1311 41.18 4.53 -7.35
N SER A 1312 41.83 3.79 -8.25
CA SER A 1312 41.18 3.26 -9.44
C SER A 1312 40.50 1.91 -9.20
N ARG A 1313 40.63 1.35 -8.00
CA ARG A 1313 40.03 0.06 -7.71
C ARG A 1313 39.24 0.06 -6.40
N THR A 1314 38.95 1.22 -5.82
CA THR A 1314 38.21 1.31 -4.57
C THR A 1314 36.73 1.43 -4.86
N THR A 1315 35.93 0.55 -4.25
CA THR A 1315 34.50 0.49 -4.49
C THR A 1315 33.75 0.58 -3.17
N THR A 1316 32.44 0.83 -3.29
CA THR A 1316 31.55 0.93 -2.14
C THR A 1316 30.24 0.22 -2.47
N ASN A 1317 29.66 -0.44 -1.47
CA ASN A 1317 28.34 -1.04 -1.68
C ASN A 1317 27.25 0.02 -1.73
N HIS A 1318 27.47 1.17 -1.08
CA HIS A 1318 26.55 2.28 -1.19
C HIS A 1318 26.57 2.86 -2.59
N VAL A 1319 25.40 3.20 -3.11
CA VAL A 1319 25.28 3.58 -4.51
C VAL A 1319 25.18 5.09 -4.69
N LEU A 1320 24.55 5.81 -3.76
CA LEU A 1320 24.49 7.27 -3.89
C LEU A 1320 25.85 7.89 -3.63
N GLU A 1321 26.67 7.26 -2.79
CA GLU A 1321 28.05 7.68 -2.59
C GLU A 1321 28.86 7.55 -3.88
N VAL A 1322 28.68 6.42 -4.59
CA VAL A 1322 29.34 6.23 -5.88
C VAL A 1322 28.81 7.22 -6.90
N PHE A 1323 27.52 7.54 -6.84
CA PHE A 1323 26.94 8.54 -7.74
C PHE A 1323 27.54 9.92 -7.49
N SER A 1324 27.75 10.27 -6.22
CA SER A 1324 28.31 11.58 -5.89
C SER A 1324 29.78 11.66 -6.28
N VAL A 1325 30.52 10.57 -6.16
CA VAL A 1325 31.96 10.60 -6.43
C VAL A 1325 32.26 10.43 -7.92
N LEU A 1326 31.72 9.38 -8.54
CA LEU A 1326 32.18 8.96 -9.87
C LEU A 1326 31.22 9.27 -11.01
N GLY A 1327 29.93 9.34 -10.77
CA GLY A 1327 28.97 9.67 -11.81
C GLY A 1327 27.78 8.74 -11.83
N ILE A 1328 27.01 8.84 -12.92
CA ILE A 1328 25.74 8.12 -12.99
C ILE A 1328 25.93 6.72 -13.56
N GLU A 1329 26.88 6.55 -14.49
CA GLU A 1329 27.14 5.22 -15.03
C GLU A 1329 27.78 4.31 -13.99
N ALA A 1330 28.66 4.86 -13.16
CA ALA A 1330 29.19 4.09 -12.04
C ALA A 1330 28.10 3.72 -11.05
N ALA A 1331 27.13 4.61 -10.84
CA ALA A 1331 25.99 4.29 -9.98
C ALA A 1331 25.15 3.15 -10.58
N ARG A 1332 24.98 3.16 -11.90
CA ARG A 1332 24.25 2.09 -12.57
C ARG A 1332 24.97 0.75 -12.41
N TYR A 1333 26.29 0.75 -12.60
CA TYR A 1333 27.06 -0.48 -12.38
C TYR A 1333 27.00 -0.93 -10.93
N SER A 1334 27.02 0.02 -10.00
CA SER A 1334 26.91 -0.34 -8.58
C SER A 1334 25.57 -0.97 -8.27
N ILE A 1335 24.48 -0.42 -8.83
CA ILE A 1335 23.15 -1.01 -8.65
C ILE A 1335 23.13 -2.44 -9.17
N ILE A 1336 23.62 -2.64 -10.39
CA ILE A 1336 23.58 -3.97 -11.00
C ILE A 1336 24.42 -4.96 -10.20
N ARG A 1337 25.64 -4.56 -9.81
CA ARG A 1337 26.51 -5.47 -9.07
C ARG A 1337 25.95 -5.80 -7.70
N GLU A 1338 25.43 -4.80 -6.98
CA GLU A 1338 24.89 -5.06 -5.66
C GLU A 1338 23.64 -5.95 -5.70
N ILE A 1339 22.73 -5.69 -6.64
CA ILE A 1339 21.54 -6.54 -6.74
C ILE A 1339 21.93 -7.95 -7.15
N ASN A 1340 22.87 -8.09 -8.09
CA ASN A 1340 23.31 -9.42 -8.52
C ASN A 1340 23.98 -10.18 -7.38
N TYR A 1341 24.80 -9.50 -6.59
CA TYR A 1341 25.44 -10.13 -5.44
C TYR A 1341 24.41 -10.57 -4.41
N THR A 1342 23.41 -9.72 -4.14
CA THR A 1342 22.37 -10.09 -3.18
C THR A 1342 21.56 -11.29 -3.66
N MET A 1343 21.22 -11.34 -4.95
CA MET A 1343 20.50 -12.48 -5.48
C MET A 1343 21.35 -13.74 -5.48
N SER A 1344 22.63 -13.62 -5.81
CA SER A 1344 23.49 -14.78 -5.94
C SER A 1344 23.90 -15.36 -4.59
N ASN A 1345 23.90 -14.54 -3.53
CA ASN A 1345 24.21 -15.06 -2.20
C ASN A 1345 23.16 -16.07 -1.75
N HIS A 1346 21.89 -15.79 -2.01
CA HIS A 1346 20.80 -16.70 -1.70
C HIS A 1346 20.60 -17.77 -2.77
N GLY A 1347 21.30 -17.67 -3.89
CA GLY A 1347 21.15 -18.64 -4.97
C GLY A 1347 19.80 -18.65 -5.64
N MET A 1348 19.25 -17.47 -5.94
CA MET A 1348 17.93 -17.41 -6.55
C MET A 1348 17.97 -17.53 -8.07
N SER A 1349 19.14 -17.29 -8.68
CA SER A 1349 19.36 -17.46 -10.12
C SER A 1349 18.41 -16.59 -10.94
N VAL A 1350 18.56 -15.27 -10.78
CA VAL A 1350 17.82 -14.30 -11.55
C VAL A 1350 18.68 -13.85 -12.74
N ASP A 1351 18.07 -13.79 -13.92
CA ASP A 1351 18.80 -13.37 -15.10
C ASP A 1351 19.26 -11.92 -14.97
N PRO A 1352 20.51 -11.62 -15.33
CA PRO A 1352 21.03 -10.26 -15.11
C PRO A 1352 20.42 -9.19 -15.99
N ARG A 1353 19.70 -9.56 -17.05
CA ARG A 1353 19.11 -8.55 -17.94
C ARG A 1353 17.98 -7.80 -17.24
N HIS A 1354 17.21 -8.48 -16.39
CA HIS A 1354 16.20 -7.80 -15.59
C HIS A 1354 16.84 -6.80 -14.64
N ILE A 1355 17.98 -7.17 -14.05
CA ILE A 1355 18.69 -6.27 -13.15
C ILE A 1355 19.22 -5.07 -13.91
N GLN A 1356 19.70 -5.28 -15.14
CA GLN A 1356 20.14 -4.18 -15.97
C GLN A 1356 18.99 -3.25 -16.33
N LEU A 1357 17.81 -3.82 -16.60
CA LEU A 1357 16.64 -2.99 -16.87
C LEU A 1357 16.27 -2.15 -15.66
N LEU A 1358 16.31 -2.73 -14.46
CA LEU A 1358 16.02 -1.98 -13.24
C LEU A 1358 17.04 -0.86 -13.04
N GLY A 1359 18.32 -1.17 -13.26
CA GLY A 1359 19.36 -0.16 -13.09
C GLY A 1359 19.25 0.97 -14.11
N ASP A 1360 18.85 0.64 -15.33
CA ASP A 1360 18.66 1.67 -16.35
C ASP A 1360 17.44 2.54 -16.05
N VAL A 1361 16.37 1.92 -15.55
CA VAL A 1361 15.16 2.66 -15.20
C VAL A 1361 15.42 3.59 -14.03
N MET A 1362 16.23 3.17 -13.07
CA MET A 1362 16.56 4.06 -11.96
C MET A 1362 17.41 5.24 -12.37
N THR A 1363 18.21 5.11 -13.43
CA THR A 1363 19.25 6.09 -13.75
C THR A 1363 19.18 6.53 -15.21
N TYR A 1364 17.98 6.88 -15.70
CA TYR A 1364 17.87 7.40 -17.05
C TYR A 1364 17.39 8.83 -17.10
N LYS A 1365 17.09 9.45 -15.95
CA LYS A 1365 16.74 10.86 -15.89
C LYS A 1365 17.90 11.72 -15.42
N GLY A 1366 19.11 11.16 -15.38
CA GLY A 1366 20.29 11.89 -14.97
C GLY A 1366 20.69 11.73 -13.52
N GLU A 1367 19.87 11.07 -12.71
CA GLU A 1367 20.18 10.88 -11.30
C GLU A 1367 19.54 9.59 -10.83
N VAL A 1368 19.93 9.16 -9.63
CA VAL A 1368 19.40 7.94 -9.04
C VAL A 1368 18.10 8.29 -8.32
N LEU A 1369 16.97 7.89 -8.89
CA LEU A 1369 15.68 8.28 -8.33
C LEU A 1369 15.27 7.39 -7.17
N GLY A 1370 15.11 6.10 -7.45
CA GLY A 1370 14.62 5.19 -6.43
C GLY A 1370 13.15 4.86 -6.62
N ILE A 1371 12.80 3.63 -6.25
CA ILE A 1371 11.42 3.14 -6.47
C ILE A 1371 10.64 3.48 -5.21
N THR A 1372 10.19 4.73 -5.14
CA THR A 1372 9.37 5.21 -4.04
C THR A 1372 8.34 6.19 -4.56
N ARG A 1373 7.52 6.70 -3.65
CA ARG A 1373 6.58 7.77 -3.95
C ARG A 1373 7.30 9.00 -4.48
N PHE A 1374 8.40 9.38 -3.84
CA PHE A 1374 9.17 10.54 -4.27
C PHE A 1374 9.87 10.28 -5.61
N GLY A 1375 10.36 9.06 -5.82
CA GLY A 1375 11.00 8.74 -7.08
C GLY A 1375 10.03 8.71 -8.25
N LEU A 1376 8.86 8.09 -8.06
CA LEU A 1376 7.86 8.07 -9.12
C LEU A 1376 7.26 9.45 -9.35
N SER A 1377 7.24 10.29 -8.31
CA SER A 1377 6.76 11.66 -8.51
C SER A 1377 7.66 12.47 -9.45
N LYS A 1378 8.91 12.03 -9.65
CA LYS A 1378 9.81 12.69 -10.58
C LYS A 1378 9.94 11.95 -11.90
N MET A 1379 9.94 10.62 -11.86
CA MET A 1379 10.08 9.83 -13.08
C MET A 1379 8.87 9.97 -14.00
N ARG A 1380 7.68 9.78 -13.45
CA ARG A 1380 6.45 9.70 -14.24
C ARG A 1380 5.73 11.04 -14.21
N ASP A 1381 5.38 11.54 -15.39
CA ASP A 1381 4.60 12.77 -15.54
C ASP A 1381 3.11 12.52 -15.63
N SER A 1382 2.67 11.27 -15.61
CA SER A 1382 1.26 10.94 -15.63
C SER A 1382 0.63 11.20 -14.26
N VAL A 1383 -0.63 11.63 -14.28
CA VAL A 1383 -1.33 12.00 -13.05
C VAL A 1383 -2.05 10.81 -12.44
N LEU A 1384 -2.81 10.07 -13.25
CA LEU A 1384 -3.62 8.99 -12.73
C LEU A 1384 -2.78 7.82 -12.24
N GLN A 1385 -1.60 7.61 -12.81
CA GLN A 1385 -0.72 6.54 -12.35
C GLN A 1385 -0.16 6.86 -10.97
N LEU A 1386 0.23 8.10 -10.74
CA LEU A 1386 0.73 8.50 -9.42
C LEU A 1386 -0.40 8.56 -8.40
N ALA A 1387 -1.60 8.96 -8.84
CA ALA A 1387 -2.72 9.07 -7.92
C ALA A 1387 -3.16 7.70 -7.42
N SER A 1388 -3.04 6.68 -8.26
CA SER A 1388 -3.45 5.33 -7.88
C SER A 1388 -2.43 4.62 -7.00
N PHE A 1389 -1.23 5.17 -6.83
CA PHE A 1389 -0.19 4.51 -6.04
C PHE A 1389 -0.20 5.01 -4.60
N GLU A 1390 0.12 6.29 -4.39
CA GLU A 1390 0.18 6.90 -3.07
C GLU A 1390 -0.03 8.40 -3.22
N LYS A 1391 -0.53 9.01 -2.14
CA LYS A 1391 -0.86 10.43 -2.08
C LYS A 1391 -1.80 10.82 -3.23
N THR A 1392 -2.99 10.21 -3.21
CA THR A 1392 -3.95 10.43 -4.28
C THR A 1392 -4.44 11.88 -4.30
N THR A 1393 -4.87 12.39 -3.15
CA THR A 1393 -5.48 13.71 -3.09
C THR A 1393 -4.47 14.80 -3.38
N ASP A 1394 -3.26 14.68 -2.82
CA ASP A 1394 -2.22 15.68 -3.05
C ASP A 1394 -1.85 15.76 -4.53
N HIS A 1395 -1.67 14.59 -5.16
CA HIS A 1395 -1.32 14.57 -6.58
C HIS A 1395 -2.45 15.12 -7.44
N LEU A 1396 -3.70 14.75 -7.14
CA LEU A 1396 -4.81 15.25 -7.94
C LEU A 1396 -4.99 16.75 -7.79
N PHE A 1397 -4.84 17.28 -6.58
CA PHE A 1397 -4.98 18.72 -6.39
C PHE A 1397 -3.81 19.48 -6.98
N ASP A 1398 -2.60 18.92 -6.93
CA ASP A 1398 -1.47 19.55 -7.61
C ASP A 1398 -1.67 19.57 -9.12
N ALA A 1399 -2.20 18.49 -9.67
CA ALA A 1399 -2.49 18.45 -11.11
C ALA A 1399 -3.55 19.48 -11.48
N ALA A 1400 -4.59 19.61 -10.65
CA ALA A 1400 -5.63 20.60 -10.91
C ALA A 1400 -5.08 22.02 -10.82
N PHE A 1401 -4.21 22.28 -9.84
CA PHE A 1401 -3.67 23.62 -9.66
C PHE A 1401 -2.70 24.00 -10.78
N TYR A 1402 -1.78 23.10 -11.11
CA TYR A 1402 -0.80 23.37 -12.15
C TYR A 1402 -1.36 23.15 -13.55
N MET A 1403 -2.57 22.61 -13.66
CA MET A 1403 -3.31 22.48 -14.92
C MET A 1403 -2.53 21.65 -15.94
N LYS A 1404 -1.95 20.55 -15.48
CA LYS A 1404 -1.14 19.71 -16.35
C LYS A 1404 -2.01 18.76 -17.16
N LYS A 1405 -1.59 18.49 -18.38
CA LYS A 1405 -2.29 17.60 -19.30
C LYS A 1405 -1.69 16.20 -19.17
N ASP A 1406 -2.53 15.21 -18.96
CA ASP A 1406 -2.11 13.82 -18.78
C ASP A 1406 -2.53 13.04 -20.01
N ALA A 1407 -1.56 12.66 -20.84
CA ALA A 1407 -1.84 11.84 -22.00
C ALA A 1407 -2.14 10.41 -21.57
N VAL A 1408 -3.16 9.81 -22.18
CA VAL A 1408 -3.56 8.44 -21.87
C VAL A 1408 -2.69 7.54 -22.74
N GLU A 1409 -1.51 7.20 -22.23
CA GLU A 1409 -0.58 6.35 -22.98
C GLU A 1409 -0.08 5.22 -22.09
N GLY A 1410 -0.09 5.43 -20.78
CA GLY A 1410 0.35 4.40 -19.87
C GLY A 1410 -0.71 3.33 -19.67
N VAL A 1411 -0.26 2.23 -19.05
CA VAL A 1411 -1.13 1.07 -18.86
C VAL A 1411 -2.19 1.36 -17.81
N SER A 1412 -1.81 2.04 -16.72
CA SER A 1412 -2.71 2.21 -15.59
C SER A 1412 -3.92 3.07 -15.93
N GLU A 1413 -3.71 4.21 -16.60
CA GLU A 1413 -4.86 5.06 -16.92
C GLU A 1413 -5.66 4.50 -18.08
N CYS A 1414 -5.04 3.67 -18.92
CA CYS A 1414 -5.80 2.93 -19.92
C CYS A 1414 -6.74 1.93 -19.26
N ILE A 1415 -6.28 1.28 -18.19
CA ILE A 1415 -7.15 0.41 -17.41
C ILE A 1415 -8.25 1.21 -16.73
N ILE A 1416 -7.88 2.37 -16.15
CA ILE A 1416 -8.83 3.19 -15.41
C ILE A 1416 -9.93 3.70 -16.32
N LEU A 1417 -9.58 4.13 -17.53
CA LEU A 1417 -10.56 4.62 -18.49
C LEU A 1417 -11.16 3.51 -19.36
N GLY A 1418 -10.63 2.30 -19.28
CA GLY A 1418 -11.19 1.18 -20.01
C GLY A 1418 -10.99 1.22 -21.50
N GLN A 1419 -9.72 1.18 -21.94
CA GLN A 1419 -9.42 1.10 -23.36
C GLN A 1419 -8.12 0.33 -23.54
N THR A 1420 -7.86 -0.05 -24.79
CA THR A 1420 -6.76 -0.97 -25.08
C THR A 1420 -5.41 -0.33 -24.80
N MET A 1421 -4.57 -1.06 -24.07
CA MET A 1421 -3.22 -0.59 -23.76
C MET A 1421 -2.30 -0.81 -24.96
N SER A 1422 -1.20 -0.07 -24.96
CA SER A 1422 -0.28 -0.04 -26.10
C SER A 1422 0.87 -1.02 -25.97
N ILE A 1423 0.75 -2.03 -25.12
CA ILE A 1423 1.78 -3.06 -24.97
C ILE A 1423 1.13 -4.41 -25.21
N GLY A 1424 1.94 -5.37 -25.62
CA GLY A 1424 1.44 -6.73 -25.88
C GLY A 1424 0.70 -6.82 -27.21
N THR A 1425 -0.61 -7.07 -27.14
CA THR A 1425 -1.43 -7.22 -28.32
C THR A 1425 -1.94 -5.89 -28.86
N GLY A 1426 -1.65 -4.78 -28.19
CA GLY A 1426 -2.03 -3.46 -28.66
C GLY A 1426 -0.93 -2.66 -29.29
N SER A 1427 0.22 -3.27 -29.58
CA SER A 1427 1.35 -2.57 -30.18
C SER A 1427 1.25 -2.46 -31.70
N PHE A 1428 0.18 -2.99 -32.29
CA PHE A 1428 -0.01 -3.00 -33.73
C PHE A 1428 -1.51 -2.94 -34.00
N LYS A 1429 -1.85 -2.67 -35.26
CA LYS A 1429 -3.23 -2.56 -35.69
C LYS A 1429 -3.50 -3.61 -36.75
N VAL A 1430 -4.60 -4.34 -36.59
CA VAL A 1430 -5.00 -5.34 -37.58
C VAL A 1430 -5.85 -4.65 -38.65
N VAL A 1431 -5.46 -4.82 -39.90
CA VAL A 1431 -6.12 -4.19 -41.04
C VAL A 1431 -6.56 -5.28 -42.00
N LYS A 1432 -7.81 -5.21 -42.45
CA LYS A 1432 -8.33 -6.15 -43.43
C LYS A 1432 -8.10 -5.57 -44.82
N GLY A 1433 -7.27 -6.24 -45.61
CA GLY A 1433 -6.93 -5.76 -46.93
C GLY A 1433 -8.08 -5.85 -47.90
N THR A 1434 -8.61 -4.71 -48.30
CA THR A 1434 -9.67 -4.69 -49.31
C THR A 1434 -9.12 -5.15 -50.65
N ASN A 1435 -9.95 -5.87 -51.40
CA ASN A 1435 -9.54 -6.43 -52.69
C ASN A 1435 -9.99 -5.60 -53.87
N ILE A 1436 -10.16 -4.29 -53.69
CA ILE A 1436 -10.59 -3.41 -54.75
C ILE A 1436 -9.36 -2.93 -55.52
N SER A 1437 -9.29 -3.27 -56.80
CA SER A 1437 -8.20 -2.81 -57.64
C SER A 1437 -8.48 -1.38 -58.10
N GLU A 1438 -7.42 -0.74 -58.62
CA GLU A 1438 -7.56 0.63 -59.13
C GLU A 1438 -8.42 0.66 -60.38
N LYS A 1439 -8.34 -0.39 -61.21
CA LYS A 1439 -9.13 -0.46 -62.44
C LYS A 1439 -10.62 -0.45 -62.15
N ASP A 1440 -11.04 -0.99 -61.02
CA ASP A 1440 -12.44 -0.97 -60.65
C ASP A 1440 -12.90 0.39 -60.14
N LEU A 1441 -11.99 1.32 -59.89
CA LEU A 1441 -12.34 2.63 -59.33
C LEU A 1441 -12.15 3.76 -60.33
N VAL A 1442 -12.33 3.49 -61.61
CA VAL A 1442 -12.27 4.56 -62.61
C VAL A 1442 -13.53 5.42 -62.50
N PRO A 1443 -13.43 6.73 -62.69
CA PRO A 1443 -14.65 7.57 -62.69
C PRO A 1443 -15.61 7.15 -63.78
N LYS A 1444 -16.90 7.25 -63.48
CA LYS A 1444 -17.92 6.89 -64.44
C LYS A 1444 -18.13 8.01 -65.46
N ARG A 1445 -18.98 7.72 -66.44
CA ARG A 1445 -19.22 8.65 -67.54
C ARG A 1445 -20.03 9.84 -67.08
N CYS A 1446 -19.50 11.05 -67.31
CA CYS A 1446 -20.19 12.30 -67.06
C CYS A 1446 -20.33 13.00 -68.40
N LEU A 1447 -21.46 12.77 -69.08
CA LEU A 1447 -21.59 13.16 -70.47
C LEU A 1447 -21.76 14.66 -70.63
N PHE A 1448 -22.56 15.29 -69.76
CA PHE A 1448 -22.91 16.70 -69.96
C PHE A 1448 -21.72 17.62 -69.76
N GLU A 1449 -20.94 17.40 -68.70
CA GLU A 1449 -19.78 18.25 -68.44
C GLU A 1449 -18.66 18.04 -69.45
N SER A 1450 -18.67 16.91 -70.17
CA SER A 1450 -17.64 16.62 -71.15
C SER A 1450 -18.01 17.11 -72.55
N LEU A 1451 -19.27 16.96 -72.95
CA LEU A 1451 -19.68 17.32 -74.31
C LEU A 1451 -20.01 18.80 -74.46
N SER A 1452 -20.16 19.53 -73.36
CA SER A 1452 -20.55 20.93 -73.42
C SER A 1452 -19.31 21.82 -73.34
N ASN A 1453 -19.25 22.81 -74.24
CA ASN A 1453 -18.17 23.78 -74.25
C ASN A 1453 -18.73 25.18 -74.48
N GLU A 1454 -17.98 26.18 -74.07
CA GLU A 1454 -18.37 27.58 -74.18
C GLU A 1454 -17.48 28.32 -75.16
N ALA A 1455 -17.05 27.64 -76.22
CA ALA A 1455 -16.20 28.26 -77.23
C ALA A 1455 -16.98 29.21 -78.15
N ALA A 1456 -18.25 28.94 -78.38
CA ALA A 1456 -19.08 29.78 -79.24
C ALA A 1456 -20.54 29.76 -78.81
N LEU A 1457 -20.18 31.81 -76.30
CA LEU A 1457 -19.54 33.09 -76.08
C LEU A 1457 -18.02 32.98 -76.21
N LYS A 1458 -17.34 34.09 -75.91
CA LYS A 1458 -15.88 34.18 -75.93
C LYS A 1458 -15.27 33.76 -77.27
N ILE B 38 7.87 -50.26 46.31
CA ILE B 38 6.82 -50.20 45.31
C ILE B 38 6.75 -48.80 44.72
N ASN B 39 7.21 -47.81 45.49
CA ASN B 39 7.22 -46.42 45.06
C ASN B 39 8.64 -45.90 45.01
N THR B 40 9.03 -45.36 43.86
CA THR B 40 10.29 -44.65 43.69
C THR B 40 9.97 -43.23 43.26
N ALA B 41 10.87 -42.30 43.62
CA ALA B 41 10.55 -40.87 43.53
C ALA B 41 10.26 -40.39 42.11
N GLN B 42 10.65 -41.18 41.09
CA GLN B 42 10.41 -40.78 39.71
C GLN B 42 8.93 -40.63 39.39
N ASP B 43 8.04 -41.23 40.19
CA ASP B 43 6.61 -40.96 40.04
C ASP B 43 6.17 -39.82 40.96
N LYS B 44 6.96 -38.76 40.93
CA LYS B 44 6.58 -37.48 41.52
C LYS B 44 5.54 -36.74 40.69
N TRP B 45 5.30 -37.21 39.45
CA TRP B 45 4.33 -36.58 38.57
C TRP B 45 2.91 -36.65 39.14
N HIS B 46 2.68 -37.51 40.14
CA HIS B 46 1.38 -37.55 40.81
C HIS B 46 1.08 -36.26 41.57
N LEU B 47 2.09 -35.42 41.81
CA LEU B 47 1.82 -34.10 42.35
C LEU B 47 1.04 -33.24 41.37
N LEU B 48 1.18 -33.50 40.07
CA LEU B 48 0.52 -32.68 39.06
C LEU B 48 -1.00 -32.81 39.07
N PRO B 49 -1.62 -34.01 39.17
CA PRO B 49 -3.08 -34.05 39.29
C PRO B 49 -3.62 -33.36 40.53
N ALA B 50 -2.98 -33.57 41.68
CA ALA B 50 -3.44 -32.97 42.93
C ALA B 50 -3.43 -31.45 42.84
N PHE B 51 -2.37 -30.89 42.25
CA PHE B 51 -2.32 -29.46 41.96
C PHE B 51 -3.50 -29.05 41.09
N LEU B 52 -3.76 -29.82 40.03
CA LEU B 52 -4.90 -29.52 39.17
C LEU B 52 -6.22 -29.77 39.85
N LYS B 53 -6.23 -30.45 41.00
CA LYS B 53 -7.42 -30.59 41.80
C LYS B 53 -7.74 -29.32 42.58
N VAL B 54 -6.74 -28.48 42.87
CA VAL B 54 -6.96 -27.30 43.71
C VAL B 54 -6.71 -26.02 42.91
N LYS B 55 -5.48 -25.83 42.45
CA LYS B 55 -5.12 -24.62 41.72
C LYS B 55 -5.51 -24.68 40.26
N GLY B 56 -5.33 -25.83 39.61
CA GLY B 56 -5.85 -26.05 38.28
C GLY B 56 -5.21 -25.25 37.18
N LEU B 57 -5.74 -25.40 35.95
CA LEU B 57 -5.29 -24.64 34.81
C LEU B 57 -6.34 -23.68 34.27
N VAL B 58 -7.62 -23.92 34.57
CA VAL B 58 -8.65 -22.94 34.27
C VAL B 58 -8.86 -21.98 35.43
N LYS B 59 -8.63 -22.43 36.66
CA LYS B 59 -9.04 -21.71 37.87
C LYS B 59 -8.26 -20.42 38.14
N GLN B 60 -7.38 -19.97 37.25
CA GLN B 60 -6.86 -18.61 37.39
C GLN B 60 -7.97 -17.59 37.21
N HIS B 61 -8.85 -17.79 36.22
CA HIS B 61 -10.00 -16.91 36.03
C HIS B 61 -10.91 -16.94 37.25
N LEU B 62 -11.17 -18.15 37.77
CA LEU B 62 -12.04 -18.29 38.94
C LEU B 62 -11.44 -17.62 40.16
N ASP B 63 -10.14 -17.81 40.40
CA ASP B 63 -9.48 -17.19 41.54
C ASP B 63 -9.48 -15.68 41.43
N SER B 64 -9.23 -15.16 40.23
CA SER B 64 -9.24 -13.70 40.03
C SER B 64 -10.63 -13.13 40.26
N PHE B 65 -11.67 -13.79 39.74
CA PHE B 65 -13.03 -13.28 39.93
C PHE B 65 -13.44 -13.35 41.39
N ASN B 66 -13.07 -14.44 42.09
CA ASN B 66 -13.40 -14.55 43.50
C ASN B 66 -12.68 -13.49 44.32
N TYR B 67 -11.41 -13.21 44.00
CA TYR B 67 -10.69 -12.16 44.70
C TYR B 67 -11.29 -10.79 44.42
N PHE B 68 -11.75 -10.56 43.18
CA PHE B 68 -12.35 -9.27 42.86
C PHE B 68 -13.67 -9.08 43.59
N VAL B 69 -14.52 -10.10 43.59
CA VAL B 69 -15.84 -9.96 44.21
C VAL B 69 -15.72 -9.89 45.73
N ASP B 70 -14.91 -10.76 46.33
CA ASP B 70 -14.81 -10.84 47.78
C ASP B 70 -13.97 -9.73 48.39
N THR B 71 -12.90 -9.29 47.72
CA THR B 71 -11.94 -8.37 48.33
C THR B 71 -11.83 -7.04 47.60
N ASP B 72 -11.66 -7.06 46.28
CA ASP B 72 -11.31 -5.84 45.55
C ASP B 72 -12.45 -4.85 45.48
N LEU B 73 -13.71 -5.33 45.49
CA LEU B 73 -14.85 -4.42 45.46
C LEU B 73 -14.88 -3.54 46.70
N LYS B 74 -14.52 -4.09 47.86
CA LYS B 74 -14.44 -3.29 49.07
C LYS B 74 -13.38 -2.20 48.94
N LYS B 75 -12.25 -2.51 48.31
CA LYS B 75 -11.21 -1.50 48.10
C LYS B 75 -11.69 -0.41 47.17
N ILE B 76 -12.39 -0.77 46.09
CA ILE B 76 -12.94 0.23 45.18
C ILE B 76 -13.97 1.11 45.90
N ILE B 77 -14.77 0.50 46.78
CA ILE B 77 -15.75 1.27 47.55
C ILE B 77 -15.04 2.24 48.50
N LYS B 78 -14.02 1.76 49.20
CA LYS B 78 -13.32 2.62 50.16
C LYS B 78 -12.54 3.72 49.45
N ALA B 79 -12.20 3.52 48.18
CA ALA B 79 -11.58 4.59 47.41
C ALA B 79 -12.53 5.76 47.19
N ASN B 80 -13.81 5.46 46.91
CA ASN B 80 -14.80 6.47 46.55
C ASN B 80 -16.06 6.35 47.40
N GLN B 81 -15.91 6.27 48.72
CA GLN B 81 -17.07 6.01 49.58
C GLN B 81 -17.93 7.25 49.79
N LEU B 82 -17.31 8.43 49.85
CA LEU B 82 -18.00 9.62 50.33
C LEU B 82 -18.54 10.44 49.16
N ILE B 83 -19.83 10.76 49.23
CA ILE B 83 -20.47 11.72 48.33
C ILE B 83 -20.93 12.89 49.18
N LEU B 84 -20.42 14.07 48.88
CA LEU B 84 -20.72 15.29 49.62
C LEU B 84 -21.37 16.30 48.67
N SER B 85 -22.46 16.90 49.11
CA SER B 85 -23.15 17.89 48.29
C SER B 85 -22.52 19.27 48.48
N ASP B 86 -22.29 19.96 47.37
CA ASP B 86 -21.75 21.32 47.44
C ASP B 86 -22.80 22.30 47.95
N VAL B 87 -24.07 21.98 47.74
CA VAL B 87 -25.15 22.88 48.17
C VAL B 87 -25.24 22.93 49.69
N ASP B 88 -25.24 21.77 50.35
CA ASP B 88 -25.45 21.69 51.78
C ASP B 88 -24.26 21.01 52.45
N PRO B 89 -23.53 21.71 53.31
CA PRO B 89 -22.36 21.08 53.96
C PRO B 89 -22.68 19.90 54.85
N GLU B 90 -23.87 19.88 55.46
CA GLU B 90 -24.17 18.83 56.44
C GLU B 90 -24.44 17.50 55.76
N PHE B 91 -24.85 17.52 54.50
CA PHE B 91 -25.24 16.29 53.81
C PHE B 91 -24.01 15.46 53.45
N TYR B 92 -24.07 14.17 53.77
CA TYR B 92 -23.09 13.21 53.27
C TYR B 92 -23.76 11.86 53.09
N LEU B 93 -23.30 11.14 52.07
CA LEU B 93 -23.74 9.77 51.78
C LEU B 93 -22.51 8.89 51.64
N LYS B 94 -22.45 7.81 52.41
CA LYS B 94 -21.26 6.97 52.48
C LYS B 94 -21.63 5.52 52.18
N TYR B 95 -20.74 4.84 51.47
CA TYR B 95 -20.83 3.42 51.22
C TYR B 95 -19.91 2.72 52.21
N VAL B 96 -20.47 1.82 53.03
CA VAL B 96 -19.66 1.18 54.06
C VAL B 96 -19.39 -0.30 53.80
N ASP B 97 -20.16 -0.95 52.93
CA ASP B 97 -19.92 -2.35 52.57
C ASP B 97 -20.62 -2.63 51.25
N ILE B 98 -20.06 -3.58 50.50
CA ILE B 98 -20.59 -3.97 49.20
C ILE B 98 -20.65 -5.49 49.12
N ARG B 99 -21.72 -6.01 48.52
CA ARG B 99 -21.93 -7.45 48.37
C ARG B 99 -22.51 -7.73 46.99
N VAL B 100 -22.29 -8.96 46.52
CA VAL B 100 -22.79 -9.40 45.23
C VAL B 100 -23.64 -10.64 45.43
N GLY B 101 -24.92 -10.56 45.08
CA GLY B 101 -25.79 -11.71 45.10
C GLY B 101 -26.10 -12.28 46.45
N LYS B 102 -25.95 -11.51 47.51
CA LYS B 102 -26.20 -12.00 48.87
C LYS B 102 -26.60 -10.84 49.76
N LYS B 103 -27.86 -10.84 50.18
CA LYS B 103 -28.33 -9.86 51.15
C LYS B 103 -27.81 -10.21 52.53
N SER B 104 -27.51 -9.18 53.33
CA SER B 104 -27.08 -9.40 54.71
C SER B 104 -28.21 -10.01 55.54
N SER B 105 -29.45 -9.59 55.28
CA SER B 105 -30.59 -10.14 56.02
C SER B 105 -30.88 -11.57 55.59
N SER B 106 -30.72 -11.87 54.31
CA SER B 106 -31.05 -13.20 53.79
C SER B 106 -30.06 -14.25 54.29
N SER B 107 -30.60 -15.42 54.63
CA SER B 107 -29.74 -16.50 55.12
C SER B 107 -28.99 -17.18 53.99
N THR B 108 -29.61 -17.30 52.82
CA THR B 108 -29.03 -17.99 51.68
C THR B 108 -28.95 -17.05 50.49
N LYS B 109 -28.27 -17.51 49.44
CA LYS B 109 -28.16 -16.74 48.22
C LYS B 109 -29.49 -16.66 47.51
N ASP B 110 -29.74 -15.54 46.84
CA ASP B 110 -31.00 -15.36 46.12
C ASP B 110 -31.05 -16.24 44.87
N TYR B 111 -32.25 -16.49 44.39
CA TYR B 111 -32.44 -17.38 43.25
C TYR B 111 -31.94 -16.71 41.97
N LEU B 112 -31.19 -17.48 41.18
CA LEU B 112 -30.68 -17.02 39.90
C LEU B 112 -31.09 -18.02 38.82
N THR B 113 -31.30 -17.53 37.62
CA THR B 113 -31.68 -18.40 36.51
C THR B 113 -30.51 -19.32 36.15
N PRO B 114 -30.79 -20.56 35.75
CA PRO B 114 -29.70 -21.46 35.38
C PRO B 114 -28.98 -20.96 34.15
N PRO B 115 -27.69 -21.29 34.00
CA PRO B 115 -26.93 -20.82 32.83
C PRO B 115 -27.49 -21.29 31.50
N HIS B 116 -28.06 -22.50 31.45
CA HIS B 116 -28.62 -23.00 30.20
C HIS B 116 -29.88 -22.22 29.81
N GLU B 117 -30.69 -21.83 30.81
CA GLU B 117 -31.86 -21.00 30.52
C GLU B 117 -31.45 -19.64 29.99
N CYS B 118 -30.37 -19.07 30.54
CA CYS B 118 -29.86 -17.79 30.03
C CYS B 118 -29.29 -17.95 28.62
N ARG B 119 -28.67 -19.10 28.34
CA ARG B 119 -28.19 -19.38 26.98
C ARG B 119 -29.34 -19.47 26.00
N LEU B 120 -30.43 -20.15 26.40
CA LEU B 120 -31.54 -20.36 25.47
C LEU B 120 -32.36 -19.09 25.26
N ARG B 121 -32.64 -18.35 26.34
CA ARG B 121 -33.51 -17.19 26.26
C ARG B 121 -32.78 -15.91 25.93
N ASP B 122 -31.48 -15.98 25.66
CA ASP B 122 -30.65 -14.81 25.34
C ASP B 122 -30.69 -13.76 26.45
N MET B 123 -30.62 -14.23 27.69
CA MET B 123 -30.55 -13.36 28.85
C MET B 123 -29.11 -13.24 29.32
N THR B 124 -28.91 -12.55 30.44
CA THR B 124 -27.60 -12.35 31.04
C THR B 124 -27.55 -13.02 32.39
N TYR B 125 -26.54 -13.86 32.60
CA TYR B 125 -26.33 -14.54 33.87
C TYR B 125 -25.66 -13.58 34.83
N SER B 126 -26.40 -13.07 35.81
CA SER B 126 -25.90 -12.01 36.67
C SER B 126 -26.51 -12.13 38.06
N ALA B 127 -25.86 -11.48 39.01
CA ALA B 127 -26.32 -11.39 40.39
C ALA B 127 -26.33 -9.93 40.83
N PRO B 128 -27.31 -9.53 41.63
CA PRO B 128 -27.41 -8.11 42.01
C PRO B 128 -26.27 -7.67 42.91
N ILE B 129 -25.91 -6.39 42.78
CA ILE B 129 -24.87 -5.77 43.60
C ILE B 129 -25.56 -5.04 44.73
N TYR B 130 -25.30 -5.47 45.97
CA TYR B 130 -25.88 -4.87 47.15
C TYR B 130 -24.81 -4.07 47.88
N VAL B 131 -25.18 -2.85 48.28
CA VAL B 131 -24.28 -1.94 48.97
C VAL B 131 -24.96 -1.41 50.22
N ASP B 132 -24.19 -1.19 51.27
CA ASP B 132 -24.71 -0.65 52.52
C ASP B 132 -24.44 0.86 52.52
N ILE B 133 -25.50 1.66 52.59
CA ILE B 133 -25.41 3.10 52.39
C ILE B 133 -25.90 3.82 53.65
N GLU B 134 -25.02 4.62 54.24
CA GLU B 134 -25.35 5.45 55.39
C GLU B 134 -25.38 6.91 54.94
N TYR B 135 -26.54 7.54 55.04
CA TYR B 135 -26.71 8.90 54.52
C TYR B 135 -27.41 9.76 55.55
N THR B 136 -27.18 11.07 55.45
CA THR B 136 -27.86 12.03 56.31
C THR B 136 -29.22 12.36 55.72
N ARG B 137 -30.28 12.11 56.48
CA ARG B 137 -31.63 12.49 56.10
C ARG B 137 -32.18 13.44 57.16
N GLY B 138 -32.67 14.60 56.72
CA GLY B 138 -33.22 15.56 57.65
C GLY B 138 -32.18 16.03 58.64
N ARG B 139 -32.31 15.55 59.88
CA ARG B 139 -31.40 15.89 60.96
C ARG B 139 -30.67 14.69 61.54
N ASN B 140 -30.89 13.49 61.01
CA ASN B 140 -30.27 12.29 61.57
C ASN B 140 -29.64 11.43 60.48
N ILE B 141 -28.64 10.65 60.86
CA ILE B 141 -27.98 9.73 59.93
C ILE B 141 -28.72 8.39 59.98
N ILE B 142 -29.09 7.88 58.80
CA ILE B 142 -29.79 6.61 58.70
C ILE B 142 -29.04 5.74 57.71
N MET B 143 -28.89 4.46 58.06
CA MET B 143 -28.17 3.50 57.23
C MET B 143 -29.15 2.47 56.69
N HIS B 144 -28.95 2.08 55.44
CA HIS B 144 -29.82 1.14 54.75
C HIS B 144 -28.97 0.01 54.18
N LYS B 145 -29.33 -1.22 54.51
CA LYS B 145 -28.66 -2.38 53.97
C LYS B 145 -29.37 -2.88 52.71
N ASP B 146 -28.64 -3.66 51.92
CA ASP B 146 -29.16 -4.35 50.74
C ASP B 146 -29.76 -3.35 49.74
N VAL B 147 -28.94 -2.41 49.31
CA VAL B 147 -29.33 -1.40 48.33
C VAL B 147 -28.76 -1.81 46.98
N GLU B 148 -29.64 -2.07 46.02
CA GLU B 148 -29.24 -2.59 44.73
C GLU B 148 -28.92 -1.45 43.77
N ILE B 149 -27.68 -1.44 43.26
CA ILE B 149 -27.21 -0.35 42.40
C ILE B 149 -26.75 -0.89 41.05
N GLY B 150 -27.06 -2.14 40.77
CA GLY B 150 -26.70 -2.73 39.49
C GLY B 150 -26.72 -4.24 39.57
N ARG B 151 -26.23 -4.87 38.51
CA ARG B 151 -26.16 -6.33 38.45
C ARG B 151 -24.81 -6.73 37.86
N MET B 152 -24.01 -7.45 38.65
CA MET B 152 -22.72 -7.93 38.20
C MET B 152 -22.91 -9.22 37.42
N PRO B 153 -22.47 -9.29 36.15
CA PRO B 153 -22.52 -10.57 35.43
C PRO B 153 -21.50 -11.55 35.97
N ILE B 154 -21.96 -12.61 36.63
CA ILE B 154 -21.07 -13.51 37.34
C ILE B 154 -20.48 -14.53 36.37
N MET B 155 -19.26 -14.98 36.68
CA MET B 155 -18.60 -15.97 35.86
C MET B 155 -18.99 -17.37 36.34
N LEU B 156 -19.14 -18.28 35.38
CA LEU B 156 -19.63 -19.62 35.68
C LEU B 156 -18.61 -20.39 36.54
N ARG B 157 -19.14 -21.20 37.45
CA ARG B 157 -18.38 -22.02 38.39
C ARG B 157 -17.47 -21.20 39.30
N SER B 158 -17.84 -19.95 39.55
CA SER B 158 -17.23 -19.18 40.62
C SER B 158 -18.03 -19.39 41.91
N ASN B 159 -17.62 -18.71 42.97
CA ASN B 159 -18.27 -18.88 44.26
C ASN B 159 -19.67 -18.26 44.32
N LYS B 160 -20.01 -17.37 43.38
CA LYS B 160 -21.33 -16.77 43.31
C LYS B 160 -22.26 -17.50 42.34
N CYS B 161 -21.81 -18.58 41.72
CA CYS B 161 -22.57 -19.28 40.70
C CYS B 161 -23.36 -20.44 41.30
N ILE B 162 -24.37 -20.89 40.56
CA ILE B 162 -25.19 -22.01 40.99
C ILE B 162 -24.47 -23.34 40.77
N LEU B 163 -23.46 -23.36 39.91
CA LEU B 163 -22.73 -24.58 39.59
C LEU B 163 -21.53 -24.82 40.50
N TYR B 164 -21.32 -23.99 41.50
CA TYR B 164 -20.21 -24.17 42.43
C TYR B 164 -20.39 -25.48 43.21
N ASP B 165 -19.29 -26.24 43.29
CA ASP B 165 -19.15 -27.53 44.00
C ASP B 165 -20.41 -28.40 43.93
N ALA B 166 -20.95 -28.51 42.73
CA ALA B 166 -22.17 -29.27 42.48
C ALA B 166 -21.82 -30.61 41.85
N ASP B 167 -22.52 -31.67 42.27
CA ASP B 167 -22.27 -33.00 41.76
C ASP B 167 -22.84 -33.15 40.35
N GLU B 168 -22.61 -34.32 39.76
CA GLU B 168 -23.00 -34.55 38.37
C GLU B 168 -24.52 -34.64 38.22
N SER B 169 -25.21 -35.13 39.25
CA SER B 169 -26.67 -35.19 39.19
C SER B 169 -27.28 -33.79 39.14
N LYS B 170 -26.75 -32.87 39.94
CA LYS B 170 -27.22 -31.49 39.91
C LYS B 170 -26.93 -30.84 38.55
N MET B 171 -25.78 -31.17 37.97
CA MET B 171 -25.44 -30.66 36.64
C MET B 171 -26.41 -31.19 35.59
N ALA B 172 -26.80 -32.46 35.70
CA ALA B 172 -27.80 -33.01 34.79
C ALA B 172 -29.16 -32.36 35.01
N LYS B 173 -29.49 -32.01 36.25
CA LYS B 173 -30.74 -31.32 36.53
C LYS B 173 -30.76 -29.92 35.95
N LEU B 174 -29.62 -29.22 36.00
CA LEU B 174 -29.51 -27.86 35.51
C LEU B 174 -29.15 -27.78 34.03
N ASN B 175 -29.08 -28.92 33.34
CA ASN B 175 -28.75 -29.01 31.92
C ASN B 175 -27.39 -28.39 31.62
N GLU B 176 -26.41 -28.65 32.48
CA GLU B 176 -25.05 -28.18 32.30
C GLU B 176 -24.10 -29.36 32.32
N CYS B 177 -23.11 -29.34 31.43
CA CYS B 177 -22.16 -30.43 31.33
C CYS B 177 -21.19 -30.39 32.51
N PRO B 178 -20.92 -31.54 33.14
CA PRO B 178 -19.93 -31.56 34.23
C PRO B 178 -18.50 -31.35 33.76
N LEU B 179 -18.20 -31.56 32.48
CA LEU B 179 -16.86 -31.39 31.95
C LEU B 179 -16.62 -30.00 31.38
N ASP B 180 -17.59 -29.11 31.46
CA ASP B 180 -17.40 -27.74 30.99
C ASP B 180 -16.37 -27.03 31.87
N PRO B 181 -15.36 -26.40 31.28
CA PRO B 181 -14.33 -25.75 32.11
C PRO B 181 -14.84 -24.54 32.88
N GLY B 182 -15.90 -23.90 32.41
CA GLY B 182 -16.33 -22.67 33.02
C GLY B 182 -15.40 -21.53 32.65
N GLY B 183 -15.52 -20.45 33.41
CA GLY B 183 -14.66 -19.30 33.21
C GLY B 183 -15.15 -18.28 32.21
N TYR B 184 -16.44 -18.27 31.88
CA TYR B 184 -16.98 -17.35 30.90
C TYR B 184 -18.26 -16.71 31.43
N PHE B 185 -18.65 -15.62 30.79
CA PHE B 185 -19.86 -14.87 31.13
C PHE B 185 -20.90 -15.07 30.04
N ILE B 186 -22.13 -15.38 30.43
CA ILE B 186 -23.23 -15.47 29.49
C ILE B 186 -23.89 -14.09 29.46
N VAL B 187 -23.57 -13.31 28.44
CA VAL B 187 -24.13 -11.99 28.24
C VAL B 187 -24.99 -12.03 26.98
N ASN B 188 -26.29 -11.74 27.14
CA ASN B 188 -27.27 -11.72 26.05
C ASN B 188 -27.29 -13.05 25.29
N GLY B 189 -27.09 -14.14 26.02
CA GLY B 189 -27.05 -15.47 25.45
C GLY B 189 -25.69 -15.88 24.91
N THR B 190 -24.88 -14.90 24.52
CA THR B 190 -23.56 -15.19 24.00
C THR B 190 -22.57 -15.41 25.14
N GLU B 191 -21.79 -16.48 25.05
CA GLU B 191 -20.79 -16.80 26.06
C GLU B 191 -19.45 -16.17 25.66
N LYS B 192 -18.96 -15.28 26.52
CA LYS B 192 -17.79 -14.47 26.26
C LYS B 192 -16.74 -14.70 27.33
N VAL B 193 -15.48 -14.64 26.92
CA VAL B 193 -14.34 -14.93 27.78
C VAL B 193 -13.44 -13.70 27.80
N ILE B 194 -13.10 -13.23 29.00
CA ILE B 194 -12.15 -12.14 29.14
C ILE B 194 -10.74 -12.72 29.05
N LEU B 195 -10.04 -12.38 27.98
CA LEU B 195 -8.71 -12.93 27.75
C LEU B 195 -7.69 -12.30 28.69
N VAL B 196 -6.67 -13.08 29.04
CA VAL B 196 -5.60 -12.59 29.89
C VAL B 196 -4.73 -11.63 29.08
N GLN B 197 -4.31 -10.54 29.72
CA GLN B 197 -3.54 -9.50 29.05
C GLN B 197 -2.11 -9.45 29.59
N GLU B 198 -1.13 -9.38 28.69
CA GLU B 198 0.23 -9.01 29.05
C GLU B 198 0.33 -7.51 29.16
N GLN B 199 0.90 -7.03 30.26
CA GLN B 199 1.28 -5.64 30.40
C GLN B 199 2.67 -5.59 31.01
N LEU B 200 3.32 -4.44 30.91
CA LEU B 200 4.57 -4.28 31.64
C LEU B 200 4.26 -4.17 33.13
N SER B 201 5.26 -4.52 33.94
CA SER B 201 5.04 -4.63 35.38
C SER B 201 4.75 -3.26 35.98
N LYS B 202 3.66 -3.19 36.74
CA LYS B 202 3.26 -1.95 37.39
C LYS B 202 4.04 -1.76 38.68
N ASN B 203 4.21 -0.49 39.06
CA ASN B 203 4.96 -0.07 40.24
C ASN B 203 6.41 -0.57 40.19
N ARG B 204 6.97 -0.68 38.99
CA ARG B 204 8.35 -1.07 38.80
C ARG B 204 9.01 -0.13 37.80
N ILE B 205 10.33 -0.02 37.89
CA ILE B 205 11.10 0.83 36.99
C ILE B 205 11.58 -0.01 35.82
N ILE B 206 11.22 0.41 34.61
CA ILE B 206 11.64 -0.27 33.39
C ILE B 206 12.58 0.66 32.64
N VAL B 207 13.81 0.19 32.40
CA VAL B 207 14.85 0.97 31.75
C VAL B 207 15.01 0.47 30.33
N GLU B 208 14.89 1.37 29.35
CA GLU B 208 15.03 1.02 27.95
C GLU B 208 15.91 2.03 27.26
N ALA B 209 16.53 1.59 26.16
CA ALA B 209 17.47 2.42 25.42
C ALA B 209 17.18 2.31 23.92
N ASP B 210 17.44 3.41 23.22
CA ASP B 210 17.37 3.45 21.76
C ASP B 210 18.78 3.76 21.25
N GLU B 211 19.48 2.73 20.78
CA GLU B 211 20.86 2.90 20.34
C GLU B 211 20.93 3.77 19.09
N LYS B 212 19.98 3.59 18.17
CA LYS B 212 19.97 4.38 16.95
C LYS B 212 19.60 5.83 17.20
N LYS B 213 18.85 6.12 18.27
CA LYS B 213 18.51 7.49 18.63
C LYS B 213 19.41 8.06 19.72
N GLY B 214 20.09 7.20 20.48
CA GLY B 214 21.04 7.65 21.48
C GLY B 214 20.45 8.01 22.83
N ILE B 215 19.12 7.92 22.98
CA ILE B 215 18.47 8.31 24.22
C ILE B 215 18.13 7.08 25.03
N VAL B 216 18.09 7.24 26.35
CA VAL B 216 17.64 6.21 27.27
C VAL B 216 16.53 6.79 28.12
N GLN B 217 15.71 5.91 28.69
CA GLN B 217 14.63 6.36 29.56
C GLN B 217 14.26 5.26 30.54
N ALA B 218 13.94 5.69 31.76
CA ALA B 218 13.39 4.82 32.79
C ALA B 218 11.95 5.25 33.04
N SER B 219 11.01 4.35 32.78
CA SER B 219 9.59 4.64 32.93
C SER B 219 9.01 3.84 34.10
N VAL B 220 8.09 4.46 34.82
CA VAL B 220 7.34 3.80 35.87
C VAL B 220 5.85 4.01 35.60
N THR B 221 5.09 2.92 35.68
CA THR B 221 3.64 2.95 35.47
C THR B 221 2.99 2.78 36.84
N SER B 222 2.75 3.90 37.50
CA SER B 222 2.16 3.87 38.84
C SER B 222 0.68 3.52 38.74
N SER B 223 0.28 2.48 39.47
CA SER B 223 -1.09 1.98 39.41
C SER B 223 -1.58 1.75 40.82
N THR B 224 -2.61 2.50 41.22
CA THR B 224 -3.21 2.39 42.53
C THR B 224 -4.71 2.60 42.36
N HIS B 225 -5.50 2.06 43.29
CA HIS B 225 -6.95 2.25 43.25
C HIS B 225 -7.34 3.71 43.40
N GLU B 226 -6.46 4.56 43.92
CA GLU B 226 -6.76 5.98 44.03
C GLU B 226 -6.43 6.72 42.74
N ARG B 227 -5.29 6.43 42.13
CA ARG B 227 -4.87 7.14 40.94
C ARG B 227 -3.88 6.29 40.16
N LYS B 228 -3.83 6.54 38.85
CA LYS B 228 -2.92 5.84 37.93
C LYS B 228 -2.24 6.86 37.04
N SER B 229 -0.94 6.67 36.81
CA SER B 229 -0.17 7.63 36.03
C SER B 229 1.08 6.95 35.49
N LYS B 230 1.82 7.67 34.65
CA LYS B 230 3.05 7.18 34.07
C LYS B 230 4.10 8.29 34.12
N THR B 231 5.29 7.98 34.61
CA THR B 231 6.36 8.95 34.74
C THR B 231 7.59 8.47 34.00
N TYR B 232 8.27 9.39 33.30
CA TYR B 232 9.47 9.05 32.57
C TYR B 232 10.65 9.88 33.08
N VAL B 233 11.81 9.26 33.17
CA VAL B 233 13.07 9.95 33.37
C VAL B 233 13.89 9.67 32.11
N ILE B 234 14.04 10.67 31.27
CA ILE B 234 14.62 10.50 29.94
C ILE B 234 15.96 11.23 29.88
N THR B 235 16.75 10.86 28.88
CA THR B 235 18.00 11.54 28.57
C THR B 235 17.88 12.27 27.25
N LYS B 236 18.16 13.58 27.27
CA LYS B 236 18.22 14.39 26.06
C LYS B 236 19.48 15.23 26.10
N ASN B 237 20.28 15.17 25.03
CA ASN B 237 21.48 15.99 24.86
C ASN B 237 22.49 15.76 25.98
N GLY B 238 22.59 14.53 26.48
CA GLY B 238 23.47 14.23 27.59
C GLY B 238 22.95 14.64 28.95
N LYS B 239 21.73 15.15 29.02
CA LYS B 239 21.15 15.70 30.24
C LYS B 239 19.95 14.85 30.64
N ILE B 240 19.62 14.87 31.92
CA ILE B 240 18.57 14.01 32.47
C ILE B 240 17.37 14.88 32.83
N TYR B 241 16.20 14.52 32.30
CA TYR B 241 14.97 15.25 32.55
C TYR B 241 13.90 14.30 33.07
N LEU B 242 12.92 14.86 33.78
CA LEU B 242 11.76 14.12 34.26
C LEU B 242 10.53 14.68 33.55
N LYS B 243 9.76 13.80 32.91
CA LYS B 243 8.57 14.21 32.18
C LYS B 243 7.36 13.40 32.60
N HIS B 244 6.21 14.06 32.52
CA HIS B 244 4.92 13.53 32.94
C HIS B 244 3.85 14.17 32.07
N ASN B 245 2.70 13.52 31.99
CA ASN B 245 1.61 14.03 31.15
C ASN B 245 1.06 15.34 31.71
N SER B 246 1.02 15.47 33.03
CA SER B 246 0.48 16.69 33.63
C SER B 246 1.44 17.86 33.50
N ILE B 247 2.75 17.61 33.62
CA ILE B 247 3.73 18.68 33.53
C ILE B 247 3.88 19.10 32.07
N ALA B 248 3.82 20.40 31.81
CA ALA B 248 3.83 20.90 30.44
C ALA B 248 5.20 20.70 29.78
N GLU B 249 6.28 20.91 30.53
CA GLU B 249 7.62 20.80 30.00
C GLU B 249 8.47 19.90 30.89
N GLU B 250 9.56 19.39 30.32
CA GLU B 250 10.43 18.49 31.05
C GLU B 250 11.18 19.23 32.15
N ILE B 251 11.21 18.65 33.34
CA ILE B 251 11.86 19.24 34.50
C ILE B 251 13.23 18.60 34.68
N PRO B 252 14.29 19.38 34.91
CA PRO B 252 15.59 18.80 35.23
C PRO B 252 15.55 17.99 36.51
N ILE B 253 16.40 16.96 36.57
CA ILE B 253 16.33 16.01 37.68
C ILE B 253 16.84 16.64 38.97
N ALA B 254 17.76 17.60 38.89
CA ALA B 254 18.23 18.27 40.09
C ALA B 254 17.11 19.09 40.74
N ILE B 255 16.29 19.75 39.90
CA ILE B 255 15.19 20.55 40.43
C ILE B 255 14.14 19.68 41.10
N VAL B 256 13.77 18.56 40.46
CA VAL B 256 12.73 17.71 41.02
C VAL B 256 13.25 16.98 42.25
N LEU B 257 14.56 16.73 42.33
CA LEU B 257 15.12 16.17 43.56
C LEU B 257 15.21 17.23 44.65
N LYS B 258 15.40 18.49 44.29
CA LYS B 258 15.43 19.56 45.29
C LYS B 258 14.04 19.87 45.82
N ALA B 259 13.01 19.69 45.00
CA ALA B 259 11.64 19.88 45.48
C ALA B 259 11.25 18.84 46.52
N CYS B 260 11.93 17.71 46.55
CA CYS B 260 11.74 16.69 47.57
C CYS B 260 12.65 17.03 48.77
N GLY B 261 12.85 16.06 49.67
CA GLY B 261 13.53 16.35 50.92
C GLY B 261 14.99 16.74 50.76
N ILE B 262 15.59 16.38 49.62
CA ILE B 262 17.00 16.70 49.41
C ILE B 262 17.15 18.18 49.06
N LEU B 263 18.11 18.85 49.70
CA LEU B 263 18.40 20.25 49.43
C LEU B 263 19.87 20.53 49.09
N SER B 264 20.70 19.51 48.97
CA SER B 264 22.12 19.71 48.70
C SER B 264 22.55 18.89 47.49
N ASP B 265 23.48 19.45 46.71
CA ASP B 265 23.92 18.79 45.48
C ASP B 265 24.80 17.59 45.76
N LEU B 266 25.59 17.64 46.84
CA LEU B 266 26.42 16.50 47.20
C LEU B 266 25.58 15.28 47.54
N GLU B 267 24.47 15.49 48.25
CA GLU B 267 23.57 14.39 48.57
C GLU B 267 22.93 13.81 47.30
N ILE B 268 22.56 14.68 46.36
CA ILE B 268 22.01 14.23 45.08
C ILE B 268 23.02 13.37 44.33
N MET B 269 24.27 13.82 44.27
CA MET B 269 25.30 13.07 43.55
C MET B 269 25.61 11.76 44.26
N GLN B 270 25.63 11.76 45.60
CA GLN B 270 25.90 10.53 46.33
C GLN B 270 24.78 9.52 46.17
N LEU B 271 23.53 9.98 46.08
CA LEU B 271 22.42 9.07 45.85
C LEU B 271 22.45 8.53 44.43
N VAL B 272 22.64 9.40 43.43
CA VAL B 272 22.58 8.97 42.04
C VAL B 272 23.81 8.16 41.66
N CYS B 273 25.00 8.65 42.02
CA CYS B 273 26.25 8.03 41.59
C CYS B 273 26.91 7.19 42.68
N GLY B 274 27.16 7.77 43.84
CA GLY B 274 27.84 7.06 44.90
C GLY B 274 29.33 7.31 44.86
N ASN B 275 30.11 6.23 44.88
CA ASN B 275 31.56 6.34 44.89
C ASN B 275 32.20 6.06 43.53
N ASP B 276 31.40 5.94 42.48
CA ASP B 276 31.91 5.63 41.15
C ASP B 276 32.25 6.92 40.41
N SER B 277 33.47 6.98 39.86
CA SER B 277 33.92 8.19 39.18
C SER B 277 33.24 8.36 37.83
N SER B 278 32.98 7.25 37.13
CA SER B 278 32.35 7.33 35.81
C SER B 278 30.92 7.84 35.92
N TYR B 279 30.17 7.37 36.91
CA TYR B 279 28.81 7.85 37.10
C TYR B 279 28.79 9.33 37.46
N GLN B 280 29.74 9.77 38.29
CA GLN B 280 29.84 11.18 38.63
C GLN B 280 30.17 12.02 37.41
N ASP B 281 31.07 11.52 36.55
CA ASP B 281 31.42 12.25 35.33
C ASP B 281 30.23 12.35 34.39
N ILE B 282 29.41 11.31 34.32
CA ILE B 282 28.22 11.36 33.47
C ILE B 282 27.18 12.31 34.05
N PHE B 283 26.99 12.28 35.37
CA PHE B 283 25.88 12.99 36.02
C PHE B 283 26.22 14.43 36.42
N ALA B 284 27.50 14.84 36.33
CA ALA B 284 27.88 16.16 36.80
C ALA B 284 27.30 17.29 35.95
N VAL B 285 26.77 16.99 34.77
CA VAL B 285 26.16 18.02 33.94
C VAL B 285 24.88 18.54 34.59
N ASN B 286 24.09 17.65 35.18
CA ASN B 286 22.76 18.02 35.67
C ASN B 286 22.86 18.84 36.95
N LEU B 287 23.98 18.79 37.66
CA LEU B 287 24.13 19.60 38.87
C LEU B 287 24.24 21.09 38.53
N GLU B 288 24.73 21.41 37.33
CA GLU B 288 24.89 22.81 36.94
C GLU B 288 23.56 23.48 36.59
N GLU B 289 22.51 22.68 36.32
CA GLU B 289 21.23 23.27 35.94
C GLU B 289 20.53 23.92 37.13
N SER B 290 20.79 23.44 38.35
CA SER B 290 20.26 24.13 39.52
C SER B 290 20.94 25.49 39.70
N SER B 291 22.20 25.61 39.32
CA SER B 291 22.89 26.89 39.39
C SER B 291 22.49 27.82 38.26
N LYS B 292 22.24 27.28 37.06
CA LYS B 292 21.90 28.12 35.92
C LYS B 292 20.54 28.79 36.09
N LEU B 293 19.56 28.04 36.59
CA LEU B 293 18.21 28.55 36.74
C LEU B 293 17.96 29.20 38.09
N ASP B 294 18.98 29.27 38.95
CA ASP B 294 18.93 29.94 40.25
C ASP B 294 17.82 29.37 41.13
N ILE B 295 17.76 28.04 41.19
CA ILE B 295 16.84 27.33 42.07
C ILE B 295 17.68 26.67 43.15
N TYR B 296 17.48 27.08 44.40
CA TYR B 296 18.33 26.63 45.48
C TYR B 296 17.57 26.22 46.74
N THR B 297 16.26 26.40 46.78
CA THR B 297 15.46 26.02 47.94
C THR B 297 14.33 25.10 47.49
N GLN B 298 13.71 24.45 48.47
CA GLN B 298 12.58 23.57 48.17
C GLN B 298 11.40 24.36 47.64
N GLN B 299 11.14 25.54 48.22
CA GLN B 299 10.02 26.37 47.78
C GLN B 299 10.24 26.86 46.35
N GLN B 300 11.47 27.24 46.01
CA GLN B 300 11.75 27.69 44.64
C GLN B 300 11.57 26.57 43.64
N ALA B 301 12.01 25.36 43.99
CA ALA B 301 11.82 24.21 43.10
C ALA B 301 10.35 23.88 42.93
N LEU B 302 9.56 23.99 44.01
CA LEU B 302 8.13 23.75 43.92
C LEU B 302 7.45 24.83 43.07
N GLU B 303 7.90 26.08 43.18
CA GLU B 303 7.43 27.13 42.27
C GLU B 303 7.70 26.77 40.82
N TYR B 304 8.94 26.34 40.53
CA TYR B 304 9.33 26.05 39.16
C TYR B 304 8.53 24.88 38.60
N ILE B 305 8.29 23.86 39.42
CA ILE B 305 7.51 22.71 38.96
C ILE B 305 6.06 23.10 38.75
N GLY B 306 5.45 23.80 39.71
CA GLY B 306 4.04 24.14 39.61
C GLY B 306 3.73 25.26 38.64
N ALA B 307 4.74 25.97 38.15
CA ALA B 307 4.49 27.00 37.16
C ALA B 307 4.11 26.44 35.80
N LYS B 308 4.35 25.16 35.56
CA LYS B 308 4.11 24.55 34.25
C LYS B 308 3.40 23.20 34.40
N VAL B 309 2.37 23.16 35.24
CA VAL B 309 1.53 21.98 35.39
C VAL B 309 0.19 22.25 34.71
N LYS B 310 -0.23 21.35 33.85
CA LYS B 310 -1.48 21.51 33.10
C LYS B 310 -2.69 20.94 33.82
N THR B 311 -2.52 20.44 35.04
CA THR B 311 -3.64 19.87 35.77
C THR B 311 -4.66 20.94 36.14
N MET B 312 -5.93 20.66 35.83
CA MET B 312 -7.03 21.55 36.16
C MET B 312 -7.84 20.93 37.29
N ARG B 313 -8.10 21.72 38.33
CA ARG B 313 -8.74 21.22 39.54
C ARG B 313 -9.99 22.05 39.83
N ARG B 314 -10.87 21.47 40.66
CA ARG B 314 -12.08 22.18 41.06
C ARG B 314 -11.76 23.40 41.90
N GLN B 315 -10.80 23.28 42.83
CA GLN B 315 -10.45 24.37 43.73
C GLN B 315 -9.28 25.17 43.16
N LYS B 316 -9.31 26.47 43.36
CA LYS B 316 -8.18 27.31 42.99
C LYS B 316 -7.03 27.09 43.96
N LEU B 317 -5.84 26.87 43.42
CA LEU B 317 -4.69 26.49 44.23
C LEU B 317 -3.54 27.46 44.01
N THR B 318 -2.83 27.73 45.10
CA THR B 318 -1.61 28.52 45.02
C THR B 318 -0.56 27.76 44.22
N ILE B 319 0.28 28.51 43.49
CA ILE B 319 1.28 27.90 42.61
C ILE B 319 2.26 27.04 43.41
N LEU B 320 2.65 27.49 44.60
CA LEU B 320 3.48 26.65 45.47
C LEU B 320 2.70 25.43 45.94
N GLN B 321 1.44 25.62 46.33
CA GLN B 321 0.59 24.49 46.70
C GLN B 321 0.37 23.56 45.52
N GLU B 322 0.24 24.12 44.32
CA GLU B 322 0.06 23.30 43.13
C GLU B 322 1.31 22.46 42.86
N GLY B 323 2.49 23.05 43.07
CA GLY B 323 3.72 22.28 42.93
C GLY B 323 3.85 21.18 43.97
N ILE B 324 3.44 21.46 45.21
CA ILE B 324 3.43 20.43 46.25
C ILE B 324 2.50 19.30 45.86
N GLU B 325 1.31 19.63 45.34
CA GLU B 325 0.37 18.60 44.93
C GLU B 325 0.92 17.78 43.77
N ALA B 326 1.59 18.44 42.82
CA ALA B 326 2.17 17.73 41.68
C ALA B 326 3.28 16.77 42.12
N ILE B 327 4.10 17.19 43.10
CA ILE B 327 5.15 16.31 43.59
C ILE B 327 4.55 15.16 44.40
N ALA B 328 3.56 15.45 45.24
CA ALA B 328 3.03 14.44 46.15
C ALA B 328 2.21 13.39 45.42
N THR B 329 1.28 13.82 44.55
CA THR B 329 0.28 12.92 44.00
C THR B 329 0.29 12.79 42.48
N THR B 330 1.24 13.40 41.79
CA THR B 330 1.23 13.33 40.33
C THR B 330 2.51 12.76 39.74
N VAL B 331 3.67 13.06 40.32
CA VAL B 331 4.93 12.58 39.76
C VAL B 331 5.03 11.07 39.88
N ILE B 332 4.76 10.53 41.06
CA ILE B 332 4.73 9.08 41.30
C ILE B 332 3.46 8.80 42.10
N ALA B 333 2.50 8.12 41.48
CA ALA B 333 1.18 8.01 42.09
C ALA B 333 1.15 6.98 43.20
N HIS B 334 1.86 5.85 43.05
CA HIS B 334 1.73 4.78 44.03
C HIS B 334 2.46 5.12 45.32
N LEU B 335 3.38 6.07 45.27
CA LEU B 335 4.00 6.61 46.48
C LEU B 335 3.31 7.92 46.84
N THR B 336 2.58 7.92 47.95
CA THR B 336 1.90 9.11 48.43
C THR B 336 2.50 9.53 49.77
N VAL B 337 2.41 10.83 50.04
CA VAL B 337 2.91 11.41 51.28
C VAL B 337 1.76 12.12 51.97
N GLU B 338 1.71 12.01 53.30
CA GLU B 338 0.67 12.65 54.10
C GLU B 338 1.25 13.64 55.10
N ALA B 339 2.51 14.02 54.94
CA ALA B 339 3.19 14.90 55.88
C ALA B 339 4.20 15.73 55.09
N LEU B 340 5.14 16.35 55.82
CA LEU B 340 6.13 17.21 55.19
C LEU B 340 7.36 16.46 54.69
N ASP B 341 7.43 15.15 54.91
CA ASP B 341 8.62 14.38 54.58
C ASP B 341 8.49 13.82 53.17
N PHE B 342 9.56 13.93 52.39
CA PHE B 342 9.60 13.50 50.99
C PHE B 342 10.71 12.50 50.72
N ARG B 343 11.12 11.72 51.73
CA ARG B 343 12.32 10.90 51.59
C ARG B 343 12.10 9.73 50.62
N GLU B 344 10.95 9.07 50.71
CA GLU B 344 10.70 7.91 49.86
C GLU B 344 10.59 8.31 48.39
N LYS B 345 9.88 9.42 48.12
CA LYS B 345 9.78 9.91 46.75
C LYS B 345 11.13 10.31 46.20
N ALA B 346 11.94 11.00 47.01
CA ALA B 346 13.27 11.42 46.59
C ALA B 346 14.15 10.22 46.30
N LEU B 347 14.08 9.20 47.14
CA LEU B 347 14.92 8.02 46.94
C LEU B 347 14.48 7.25 45.70
N TYR B 348 13.17 7.18 45.44
CA TYR B 348 12.67 6.52 44.24
C TYR B 348 13.16 7.23 42.98
N ILE B 349 13.04 8.56 42.95
CA ILE B 349 13.50 9.32 41.78
C ILE B 349 15.02 9.22 41.65
N ALA B 350 15.73 9.21 42.78
CA ALA B 350 17.18 9.11 42.74
C ALA B 350 17.63 7.77 42.18
N MET B 351 16.95 6.67 42.54
CA MET B 351 17.35 5.38 42.00
C MET B 351 16.90 5.21 40.56
N MET B 352 15.81 5.87 40.16
CA MET B 352 15.48 5.93 38.73
C MET B 352 16.58 6.61 37.94
N THR B 353 17.08 7.74 38.45
CA THR B 353 18.18 8.44 37.80
C THR B 353 19.46 7.62 37.83
N ARG B 354 19.68 6.84 38.89
CA ARG B 354 20.84 5.96 38.96
C ARG B 354 20.77 4.88 37.91
N ARG B 355 19.58 4.30 37.70
CA ARG B 355 19.41 3.31 36.64
C ARG B 355 19.64 3.93 35.26
N VAL B 356 19.18 5.17 35.07
CA VAL B 356 19.43 5.86 33.81
C VAL B 356 20.93 6.08 33.60
N VAL B 357 21.64 6.49 34.65
CA VAL B 357 23.09 6.72 34.55
C VAL B 357 23.83 5.43 34.25
N MET B 358 23.43 4.34 34.91
CA MET B 358 24.04 3.03 34.64
C MET B 358 23.78 2.59 33.20
N ALA B 359 22.58 2.88 32.68
CA ALA B 359 22.28 2.55 31.29
C ALA B 359 23.11 3.40 30.33
N MET B 360 23.37 4.66 30.69
CA MET B 360 24.20 5.51 29.82
C MET B 360 25.66 5.08 29.84
N TYR B 361 26.15 4.57 30.98
CA TYR B 361 27.54 4.14 31.03
C TYR B 361 27.78 2.95 30.12
N ASN B 362 26.95 1.92 30.22
CA ASN B 362 26.99 0.79 29.29
C ASN B 362 25.57 0.41 28.94
N PRO B 363 25.26 0.19 27.65
CA PRO B 363 23.89 -0.13 27.26
C PRO B 363 23.44 -1.54 27.63
N LYS B 364 24.30 -2.36 28.23
CA LYS B 364 23.94 -3.72 28.61
C LYS B 364 23.26 -3.80 29.96
N MET B 365 23.13 -2.69 30.67
CA MET B 365 22.42 -2.66 31.94
C MET B 365 20.97 -2.23 31.81
N ILE B 366 20.43 -2.23 30.59
CA ILE B 366 19.02 -1.94 30.37
C ILE B 366 18.22 -3.18 30.74
N ASP B 367 16.91 -3.00 30.91
CA ASP B 367 16.01 -4.09 31.26
C ASP B 367 15.42 -4.69 29.99
N ASP B 368 15.41 -6.02 29.91
CA ASP B 368 14.83 -6.70 28.76
C ASP B 368 13.31 -6.58 28.81
N ARG B 369 12.74 -5.91 27.80
CA ARG B 369 11.30 -5.67 27.79
C ARG B 369 10.52 -6.97 27.59
N ASP B 370 11.13 -7.98 26.96
CA ASP B 370 10.44 -9.24 26.70
C ASP B 370 10.56 -10.24 27.83
N TYR B 371 11.31 -9.90 28.89
CA TYR B 371 11.45 -10.78 30.04
C TYR B 371 10.11 -11.00 30.72
N VAL B 372 9.79 -12.25 31.03
CA VAL B 372 8.50 -12.58 31.63
C VAL B 372 8.38 -11.99 33.02
N GLY B 373 9.49 -11.90 33.75
CA GLY B 373 9.48 -11.25 35.05
C GLY B 373 9.17 -9.77 35.00
N ASN B 374 9.42 -9.12 33.87
CA ASN B 374 9.08 -7.72 33.67
C ASN B 374 7.65 -7.54 33.19
N LYS B 375 6.90 -8.62 33.01
CA LYS B 375 5.53 -8.56 32.52
C LYS B 375 4.58 -9.14 33.57
N ARG B 376 3.37 -8.59 33.58
CA ARG B 376 2.32 -9.01 34.49
C ARG B 376 1.07 -9.36 33.70
N LEU B 377 0.28 -10.26 34.26
CA LEU B 377 -0.89 -10.81 33.59
C LEU B 377 -2.15 -10.29 34.24
N GLU B 378 -2.95 -9.56 33.46
CA GLU B 378 -4.23 -9.04 33.90
C GLU B 378 -5.32 -10.07 33.56
N LEU B 379 -5.99 -10.56 34.59
CA LEU B 379 -7.03 -11.56 34.44
C LEU B 379 -8.38 -10.87 34.31
N ALA B 380 -9.45 -11.65 34.43
CA ALA B 380 -10.80 -11.08 34.37
C ALA B 380 -11.07 -10.17 35.56
N GLY B 381 -10.60 -10.57 36.75
CA GLY B 381 -10.91 -9.81 37.95
C GLY B 381 -10.33 -8.41 37.94
N GLN B 382 -9.06 -8.28 37.54
CA GLN B 382 -8.41 -6.97 37.51
C GLN B 382 -9.06 -6.06 36.48
N LEU B 383 -9.40 -6.59 35.30
CA LEU B 383 -10.02 -5.77 34.27
C LEU B 383 -11.43 -5.35 34.67
N ILE B 384 -12.21 -6.26 35.26
CA ILE B 384 -13.55 -5.89 35.72
C ILE B 384 -13.45 -4.88 36.87
N SER B 385 -12.43 -5.00 37.72
CA SER B 385 -12.22 -4.00 38.78
C SER B 385 -11.93 -2.62 38.19
N LEU B 386 -11.06 -2.58 37.18
CA LEU B 386 -10.71 -1.31 36.54
C LEU B 386 -11.91 -0.71 35.80
N LEU B 387 -12.78 -1.56 35.25
CA LEU B 387 -14.00 -1.05 34.60
C LEU B 387 -15.02 -0.57 35.62
N PHE B 388 -15.20 -1.32 36.70
CA PHE B 388 -16.17 -0.97 37.71
C PHE B 388 -15.76 0.28 38.49
N GLU B 389 -14.46 0.55 38.57
CA GLU B 389 -14.01 1.82 39.16
C GLU B 389 -14.54 3.01 38.36
N ASP B 390 -14.38 2.96 37.04
CA ASP B 390 -14.88 4.04 36.18
C ASP B 390 -16.40 4.10 36.22
N LEU B 391 -17.07 2.95 36.20
CA LEU B 391 -18.52 2.92 36.26
C LEU B 391 -19.05 3.51 37.56
N PHE B 392 -18.42 3.16 38.68
CA PHE B 392 -18.85 3.68 39.97
C PHE B 392 -18.53 5.15 40.11
N LYS B 393 -17.42 5.61 39.52
CA LYS B 393 -17.13 7.04 39.54
C LYS B 393 -18.17 7.83 38.75
N LYS B 394 -18.56 7.33 37.57
CA LYS B 394 -19.60 7.99 36.78
C LYS B 394 -20.93 7.98 37.51
N PHE B 395 -21.27 6.84 38.15
CA PHE B 395 -22.49 6.74 38.92
C PHE B 395 -22.50 7.72 40.08
N ASN B 396 -21.38 7.83 40.79
CA ASN B 396 -21.28 8.77 41.91
C ASN B 396 -21.40 10.22 41.44
N ASN B 397 -20.76 10.55 40.31
CA ASN B 397 -20.85 11.91 39.79
C ASN B 397 -22.28 12.25 39.37
N ASP B 398 -22.95 11.33 38.67
CA ASP B 398 -24.34 11.58 38.27
C ASP B 398 -25.26 11.68 39.48
N PHE B 399 -25.05 10.82 40.49
CA PHE B 399 -25.85 10.87 41.70
C PHE B 399 -25.64 12.17 42.46
N LYS B 400 -24.39 12.63 42.54
CA LYS B 400 -24.11 13.91 43.19
C LYS B 400 -24.73 15.07 42.43
N LEU B 401 -24.70 15.02 41.09
CA LEU B 401 -25.34 16.07 40.30
C LEU B 401 -26.84 16.09 40.52
N SER B 402 -27.48 14.92 40.57
CA SER B 402 -28.92 14.87 40.83
C SER B 402 -29.25 15.38 42.23
N ILE B 403 -28.46 14.99 43.23
CA ILE B 403 -28.68 15.45 44.59
C ILE B 403 -28.53 16.96 44.67
N ASP B 404 -27.48 17.51 44.06
CA ASP B 404 -27.30 18.96 44.03
C ASP B 404 -28.43 19.66 43.31
N LYS B 405 -28.96 19.05 42.25
CA LYS B 405 -30.09 19.63 41.53
C LYS B 405 -31.32 19.71 42.43
N VAL B 406 -31.59 18.65 43.20
CA VAL B 406 -32.78 18.66 44.05
C VAL B 406 -32.62 19.63 45.22
N LEU B 407 -31.44 19.65 45.86
CA LEU B 407 -31.27 20.49 47.05
C LEU B 407 -31.18 21.97 46.72
N LYS B 408 -31.08 22.34 45.43
CA LYS B 408 -31.19 23.75 45.09
C LYS B 408 -32.61 24.28 45.32
N LYS B 409 -33.60 23.39 45.30
CA LYS B 409 -34.97 23.80 45.58
C LYS B 409 -35.14 24.00 47.07
N PRO B 410 -35.53 25.20 47.52
CA PRO B 410 -35.60 25.44 48.98
C PRO B 410 -36.79 24.79 49.64
N ASN B 411 -37.82 24.40 48.88
CA ASN B 411 -39.03 23.85 49.49
C ASN B 411 -38.78 22.47 50.08
N ARG B 412 -37.83 21.72 49.51
CA ARG B 412 -37.50 20.38 50.00
C ARG B 412 -36.60 20.51 51.23
N ALA B 413 -37.22 20.86 52.35
CA ALA B 413 -36.49 20.89 53.63
C ALA B 413 -36.08 19.48 54.04
N MET B 414 -36.97 18.50 53.86
CA MET B 414 -36.63 17.11 54.09
C MET B 414 -35.64 16.64 53.02
N GLU B 415 -34.78 15.70 53.40
CA GLU B 415 -33.77 15.18 52.48
C GLU B 415 -34.34 14.19 51.47
N TYR B 416 -35.67 14.11 51.35
CA TYR B 416 -36.45 13.43 50.31
C TYR B 416 -36.09 11.97 50.09
N ASP B 417 -35.36 11.32 51.01
CA ASP B 417 -34.95 9.93 50.87
C ASP B 417 -34.16 9.72 49.59
N ALA B 418 -32.94 10.28 49.55
CA ALA B 418 -32.17 10.38 48.30
C ALA B 418 -31.94 9.03 47.63
N LEU B 419 -31.98 7.94 48.39
CA LEU B 419 -31.89 6.60 47.82
C LEU B 419 -32.98 6.33 46.79
N LEU B 420 -34.13 7.01 46.91
CA LEU B 420 -35.21 6.82 45.94
C LEU B 420 -34.80 7.26 44.54
N SER B 421 -33.70 8.01 44.42
CA SER B 421 -33.21 8.43 43.12
C SER B 421 -32.03 7.59 42.61
N ILE B 422 -31.72 6.45 43.23
CA ILE B 422 -30.58 5.66 42.73
C ILE B 422 -30.93 4.96 41.42
N ASN B 423 -32.19 4.51 41.28
CA ASN B 423 -32.51 3.50 40.27
C ASN B 423 -32.33 4.04 38.86
N VAL B 424 -32.65 5.31 38.64
CA VAL B 424 -32.53 5.91 37.31
C VAL B 424 -31.08 5.88 36.83
N HIS B 425 -30.13 5.86 37.77
CA HIS B 425 -28.73 5.73 37.42
C HIS B 425 -28.20 4.32 37.61
N SER B 426 -28.93 3.46 38.34
CA SER B 426 -28.41 2.14 38.70
C SER B 426 -28.16 1.29 37.45
N ASN B 427 -29.12 1.29 36.52
CA ASN B 427 -28.94 0.56 35.27
C ASN B 427 -27.75 1.06 34.46
N ASN B 428 -27.35 2.32 34.65
CA ASN B 428 -26.18 2.83 33.95
C ASN B 428 -24.92 2.06 34.34
N ILE B 429 -24.90 1.44 35.52
CA ILE B 429 -23.83 0.52 35.83
C ILE B 429 -24.02 -0.78 35.05
N THR B 430 -25.22 -1.36 35.13
CA THR B 430 -25.45 -2.72 34.62
C THR B 430 -25.17 -2.81 33.13
N SER B 431 -25.79 -1.94 32.35
CA SER B 431 -25.50 -1.88 30.92
C SER B 431 -24.04 -1.59 30.68
N GLY B 432 -23.47 -0.67 31.46
CA GLY B 432 -22.06 -0.34 31.30
C GLY B 432 -21.15 -1.53 31.55
N LEU B 433 -21.61 -2.48 32.37
CA LEU B 433 -20.89 -3.74 32.47
C LEU B 433 -21.14 -4.61 31.24
N ASN B 434 -22.41 -4.84 30.91
CA ASN B 434 -22.77 -5.86 29.92
C ASN B 434 -22.21 -5.52 28.56
N ARG B 435 -22.39 -4.28 28.11
CA ARG B 435 -21.82 -3.84 26.84
C ARG B 435 -20.31 -4.03 26.81
N ALA B 436 -19.64 -3.71 27.92
CA ALA B 436 -18.19 -3.84 27.97
C ALA B 436 -17.75 -5.29 27.86
N ILE B 437 -18.64 -6.24 28.20
CA ILE B 437 -18.35 -7.63 27.95
C ILE B 437 -18.96 -8.09 26.63
N SER B 438 -20.04 -7.46 26.18
CA SER B 438 -20.69 -7.87 24.94
C SER B 438 -19.94 -7.34 23.72
N THR B 439 -19.73 -6.01 23.67
CA THR B 439 -19.00 -5.42 22.56
C THR B 439 -17.53 -5.81 22.59
N GLY B 440 -16.94 -5.91 23.78
CA GLY B 440 -15.53 -6.17 23.93
C GLY B 440 -14.66 -4.95 23.87
N ASN B 441 -15.23 -3.77 23.73
CA ASN B 441 -14.48 -2.52 23.65
C ASN B 441 -14.31 -1.96 25.05
N TRP B 442 -13.08 -1.63 25.40
CA TRP B 442 -12.73 -1.11 26.72
C TRP B 442 -12.15 0.29 26.52
N SER B 443 -13.05 1.28 26.53
CA SER B 443 -12.70 2.68 26.37
C SER B 443 -12.96 3.39 27.68
N LEU B 444 -11.89 3.77 28.36
CA LEU B 444 -11.96 4.43 29.67
C LEU B 444 -11.14 5.71 29.55
N LYS B 445 -11.83 6.84 29.42
CA LYS B 445 -11.15 8.11 29.22
C LYS B 445 -10.46 8.61 30.48
N ARG B 446 -10.85 8.10 31.65
CA ARG B 446 -10.19 8.48 32.89
C ARG B 446 -8.72 8.04 32.88
N PHE B 447 -8.47 6.81 32.43
CA PHE B 447 -7.13 6.24 32.40
C PHE B 447 -6.52 6.26 31.01
N LYS B 448 -7.17 6.93 30.05
CA LYS B 448 -6.71 7.01 28.66
C LYS B 448 -6.51 5.62 28.05
N MET B 449 -7.47 4.73 28.30
CA MET B 449 -7.41 3.34 27.84
C MET B 449 -8.35 3.17 26.66
N GLU B 450 -7.85 2.60 25.58
CA GLU B 450 -8.62 2.39 24.35
C GLU B 450 -8.37 0.96 23.84
N ARG B 451 -8.52 -0.01 24.73
CA ARG B 451 -8.26 -1.39 24.36
C ARG B 451 -9.45 -1.98 23.61
N ALA B 452 -9.16 -2.81 22.63
CA ALA B 452 -10.21 -3.42 21.81
C ALA B 452 -9.87 -4.88 21.58
N GLY B 453 -10.75 -5.77 22.02
CA GLY B 453 -10.55 -7.19 21.83
C GLY B 453 -10.24 -7.93 23.12
N VAL B 454 -10.72 -7.40 24.25
CA VAL B 454 -10.49 -8.06 25.52
C VAL B 454 -11.30 -9.34 25.62
N THR B 455 -12.57 -9.30 25.25
CA THR B 455 -13.46 -10.45 25.33
C THR B 455 -13.60 -11.11 23.97
N HIS B 456 -13.70 -12.44 24.00
CA HIS B 456 -13.86 -13.25 22.79
C HIS B 456 -15.04 -14.19 22.96
N VAL B 457 -15.71 -14.49 21.86
CA VAL B 457 -16.83 -15.42 21.88
C VAL B 457 -16.29 -16.82 22.15
N LEU B 458 -16.94 -17.56 23.03
CA LEU B 458 -16.42 -18.86 23.44
C LEU B 458 -16.56 -19.87 22.31
N SER B 459 -15.41 -20.38 21.84
CA SER B 459 -15.40 -21.27 20.70
C SER B 459 -15.87 -22.66 21.09
N ARG B 460 -16.84 -23.18 20.34
CA ARG B 460 -17.41 -24.49 20.61
C ARG B 460 -17.24 -25.42 19.42
N LEU B 461 -16.08 -25.36 18.78
CA LEU B 461 -15.79 -26.30 17.70
C LEU B 461 -15.31 -27.64 18.23
N SER B 462 -14.77 -27.67 19.45
CA SER B 462 -14.30 -28.89 20.08
C SER B 462 -14.21 -28.60 21.58
N TYR B 463 -14.10 -29.68 22.35
CA TYR B 463 -13.86 -29.53 23.78
C TYR B 463 -12.50 -28.89 24.04
N ILE B 464 -11.49 -29.32 23.30
CA ILE B 464 -10.15 -28.78 23.46
C ILE B 464 -10.08 -27.34 22.96
N SER B 465 -10.93 -26.96 22.02
CA SER B 465 -10.95 -25.57 21.55
C SER B 465 -11.43 -24.63 22.65
N ALA B 466 -12.53 -25.00 23.32
CA ALA B 466 -13.01 -24.21 24.45
C ALA B 466 -12.01 -24.21 25.58
N LEU B 467 -11.42 -25.37 25.89
CA LEU B 467 -10.44 -25.44 26.96
C LEU B 467 -9.22 -24.59 26.68
N GLY B 468 -8.78 -24.56 25.42
CA GLY B 468 -7.59 -23.83 25.04
C GLY B 468 -7.78 -22.38 24.71
N MET B 469 -9.02 -21.89 24.54
CA MET B 469 -9.15 -20.45 24.35
C MET B 469 -9.06 -19.74 25.70
N MET B 470 -9.60 -20.34 26.76
CA MET B 470 -9.10 -19.96 28.07
C MET B 470 -7.64 -20.36 28.18
N THR B 471 -6.90 -19.62 29.00
CA THR B 471 -5.44 -19.61 29.10
C THR B 471 -4.76 -19.12 27.83
N ARG B 472 -5.44 -18.31 27.01
CA ARG B 472 -4.76 -17.52 25.99
C ARG B 472 -4.37 -16.17 26.58
N ILE B 473 -3.19 -15.70 26.21
CA ILE B 473 -2.66 -14.44 26.71
C ILE B 473 -2.55 -13.47 25.54
N SER B 474 -3.14 -12.29 25.69
CA SER B 474 -3.11 -11.27 24.65
C SER B 474 -1.93 -10.35 24.89
N SER B 475 -1.06 -10.22 23.89
CA SER B 475 0.13 -9.39 24.02
C SER B 475 -0.22 -7.91 23.99
N GLN B 476 0.65 -7.10 24.60
CA GLN B 476 0.43 -5.67 24.62
C GLN B 476 0.59 -5.06 23.23
N PHE B 477 1.71 -5.37 22.56
CA PHE B 477 2.02 -4.77 21.27
C PHE B 477 1.53 -5.70 20.17
N GLU B 478 0.42 -5.33 19.54
CA GLU B 478 -0.17 -6.11 18.46
C GLU B 478 0.22 -5.62 17.07
N LYS B 479 1.00 -4.54 16.98
CA LYS B 479 1.46 -4.01 15.71
C LYS B 479 2.94 -4.22 15.46
N SER B 480 3.65 -4.91 16.35
CA SER B 480 5.09 -5.11 16.19
C SER B 480 5.35 -6.13 15.09
N ARG B 481 5.93 -5.65 13.98
CA ARG B 481 6.25 -6.50 12.85
C ARG B 481 7.73 -6.90 12.79
N LYS B 482 8.50 -6.58 13.83
CA LYS B 482 9.93 -6.81 13.84
C LYS B 482 10.23 -8.21 14.38
N VAL B 483 11.40 -8.71 14.02
CA VAL B 483 11.84 -10.03 14.48
C VAL B 483 12.64 -9.87 15.78
N SER B 484 12.60 -10.92 16.61
CA SER B 484 13.27 -10.99 17.90
C SER B 484 12.76 -9.94 18.88
N GLY B 485 11.53 -9.49 18.70
CA GLY B 485 10.88 -8.62 19.65
C GLY B 485 9.87 -9.39 20.46
N PRO B 486 8.63 -8.89 20.53
CA PRO B 486 7.58 -9.62 21.25
C PRO B 486 7.21 -10.95 20.61
N ARG B 487 7.57 -11.18 19.35
CA ARG B 487 7.19 -12.40 18.66
C ARG B 487 8.18 -13.54 18.88
N ALA B 488 9.33 -13.28 19.49
CA ALA B 488 10.30 -14.34 19.72
C ALA B 488 9.94 -15.14 20.97
N LEU B 489 10.38 -16.41 20.97
CA LEU B 489 10.14 -17.31 22.10
C LEU B 489 11.30 -17.11 23.08
N GLN B 490 11.05 -16.33 24.13
CA GLN B 490 12.09 -16.10 25.11
C GLN B 490 12.33 -17.37 25.94
N PRO B 491 13.57 -17.64 26.34
CA PRO B 491 13.81 -18.76 27.26
C PRO B 491 13.21 -18.54 28.63
N SER B 492 12.82 -17.31 28.96
CA SER B 492 12.26 -17.00 30.27
C SER B 492 10.90 -17.63 30.51
N GLN B 493 10.21 -18.06 29.45
CA GLN B 493 8.87 -18.62 29.57
C GLN B 493 8.89 -20.15 29.68
N PHE B 494 10.05 -20.73 29.96
CA PHE B 494 10.16 -22.18 30.16
C PHE B 494 9.35 -22.61 31.39
N GLY B 495 8.29 -23.36 31.15
CA GLY B 495 7.42 -23.82 32.22
C GLY B 495 6.37 -22.84 32.65
N MET B 496 6.41 -21.61 32.14
CA MET B 496 5.43 -20.59 32.45
C MET B 496 4.39 -20.43 31.34
N LEU B 497 4.84 -20.41 30.09
CA LEU B 497 3.99 -20.30 28.92
C LEU B 497 4.31 -21.42 27.95
N CYS B 498 3.34 -21.78 27.12
CA CYS B 498 3.53 -22.90 26.21
C CYS B 498 4.54 -22.57 25.12
N THR B 499 5.39 -23.53 24.81
CA THR B 499 6.44 -23.37 23.82
C THR B 499 5.99 -23.71 22.41
N ALA B 500 4.78 -24.21 22.23
CA ALA B 500 4.29 -24.63 20.92
C ALA B 500 2.93 -24.06 20.55
N ASP B 501 2.14 -23.62 21.52
CA ASP B 501 0.77 -23.17 21.23
C ASP B 501 0.79 -21.70 20.86
N THR B 502 0.84 -21.43 19.56
CA THR B 502 0.69 -20.09 19.02
C THR B 502 0.17 -20.23 17.60
N PRO B 503 -0.68 -19.33 17.13
CA PRO B 503 -1.18 -19.44 15.75
C PRO B 503 -0.14 -18.99 14.74
N GLU B 504 -0.28 -19.47 13.51
CA GLU B 504 0.54 -19.00 12.41
C GLU B 504 -0.23 -17.93 11.66
N GLY B 505 0.48 -16.90 11.20
CA GLY B 505 -0.15 -15.78 10.55
C GLY B 505 0.26 -14.45 11.15
N GLU B 506 -0.62 -13.44 11.02
CA GLU B 506 -0.29 -12.11 11.49
C GLU B 506 -0.21 -12.01 13.01
N ALA B 507 -0.73 -13.00 13.73
CA ALA B 507 -0.67 -13.02 15.19
C ALA B 507 0.31 -14.04 15.72
N CYS B 508 1.35 -14.37 14.95
CA CYS B 508 2.32 -15.38 15.37
C CYS B 508 3.28 -14.79 16.39
N GLY B 509 3.32 -15.39 17.59
CA GLY B 509 4.19 -14.95 18.64
C GLY B 509 3.60 -13.91 19.57
N LEU B 510 2.52 -13.25 19.16
CA LEU B 510 1.89 -12.25 20.03
C LEU B 510 0.96 -12.91 21.03
N VAL B 511 -0.09 -13.57 20.55
CA VAL B 511 -0.99 -14.30 21.44
C VAL B 511 -0.37 -15.66 21.75
N LYS B 512 -0.46 -16.06 23.02
CA LYS B 512 0.25 -17.24 23.51
C LYS B 512 -0.55 -17.86 24.65
N ASN B 513 -0.14 -19.05 25.06
CA ASN B 513 -0.92 -19.86 25.98
C ASN B 513 -0.13 -20.19 27.23
N LEU B 514 -0.86 -20.39 28.33
CA LEU B 514 -0.24 -20.75 29.59
C LEU B 514 0.22 -22.21 29.59
N ALA B 515 1.09 -22.54 30.54
CA ALA B 515 1.53 -23.91 30.72
C ALA B 515 0.49 -24.69 31.50
N LEU B 516 0.77 -25.99 31.66
CA LEU B 516 -0.18 -26.86 32.36
C LEU B 516 -0.24 -26.55 33.85
N MET B 517 0.93 -26.42 34.49
CA MET B 517 1.02 -26.28 35.94
C MET B 517 1.61 -24.90 36.22
N THR B 518 0.72 -23.90 36.28
CA THR B 518 1.10 -22.52 36.58
C THR B 518 0.06 -21.91 37.49
N HIS B 519 0.47 -20.88 38.22
CA HIS B 519 -0.43 -20.12 39.06
C HIS B 519 -0.15 -18.63 38.84
N ILE B 520 -1.22 -17.84 38.82
CA ILE B 520 -1.11 -16.39 38.66
C ILE B 520 -1.45 -15.75 40.00
N THR B 521 -0.52 -14.97 40.52
CA THR B 521 -0.61 -14.42 41.86
C THR B 521 -1.71 -13.38 41.97
N THR B 522 -2.40 -13.38 43.11
CA THR B 522 -3.31 -12.32 43.50
C THR B 522 -2.64 -11.43 44.53
N ASP B 523 -3.15 -10.20 44.65
CA ASP B 523 -2.52 -9.21 45.51
C ASP B 523 -2.62 -9.59 46.98
N ASP B 524 -1.53 -9.38 47.70
CA ASP B 524 -1.46 -9.62 49.14
C ASP B 524 -1.06 -8.33 49.85
N GLU B 525 -1.35 -8.28 51.15
CA GLU B 525 -1.05 -7.11 51.96
C GLU B 525 0.46 -6.94 52.09
N GLU B 526 0.92 -5.68 52.02
CA GLU B 526 2.36 -5.44 52.02
C GLU B 526 2.84 -4.92 53.37
N GLU B 527 1.94 -4.33 54.16
CA GLU B 527 2.34 -3.80 55.47
C GLU B 527 2.84 -4.86 56.45
N PRO B 528 2.21 -6.04 56.60
CA PRO B 528 2.86 -7.07 57.42
C PRO B 528 4.23 -7.49 56.91
N ILE B 529 4.42 -7.55 55.60
CA ILE B 529 5.74 -7.85 55.05
C ILE B 529 6.71 -6.71 55.34
N LYS B 530 6.21 -5.47 55.33
CA LYS B 530 7.04 -4.33 55.68
C LYS B 530 7.52 -4.41 57.13
N LYS B 531 6.61 -4.74 58.04
CA LYS B 531 7.00 -4.89 59.45
C LYS B 531 7.92 -6.08 59.64
N LEU B 532 7.73 -7.15 58.87
CA LEU B 532 8.63 -8.30 58.94
C LEU B 532 10.02 -7.93 58.44
N CYS B 533 10.10 -7.10 57.41
CA CYS B 533 11.38 -6.60 56.94
C CYS B 533 12.06 -5.78 58.02
N TYR B 534 11.29 -4.92 58.71
CA TYR B 534 11.88 -4.09 59.75
C TYR B 534 12.35 -4.92 60.93
N VAL B 535 11.62 -5.98 61.30
CA VAL B 535 12.05 -6.79 62.44
C VAL B 535 13.22 -7.70 62.07
N LEU B 536 13.31 -8.11 60.81
CA LEU B 536 14.41 -8.99 60.41
C LEU B 536 15.75 -8.29 60.33
N GLY B 537 15.79 -6.96 60.37
CA GLY B 537 17.06 -6.26 60.43
C GLY B 537 17.31 -5.27 59.33
N VAL B 538 16.27 -4.89 58.59
CA VAL B 538 16.41 -3.91 57.52
C VAL B 538 16.40 -2.51 58.13
N GLU B 539 17.45 -1.74 57.82
CA GLU B 539 17.53 -0.34 58.23
C GLU B 539 16.39 0.44 57.59
N ASP B 540 15.83 1.38 58.33
CA ASP B 540 14.77 2.21 57.78
C ASP B 540 15.34 3.24 56.82
N ILE B 541 14.52 3.65 55.84
CA ILE B 541 14.98 4.59 54.82
C ILE B 541 15.15 5.99 55.40
N THR B 542 14.47 6.29 56.51
CA THR B 542 14.48 7.62 57.07
C THR B 542 15.59 7.87 58.08
N LEU B 543 16.49 6.89 58.29
CA LEU B 543 17.53 7.04 59.29
C LEU B 543 18.88 6.51 58.80
N ILE B 544 19.07 6.45 57.48
CA ILE B 544 20.31 5.94 56.91
C ILE B 544 21.03 7.07 56.18
N ASP B 545 22.33 6.87 55.99
CA ASP B 545 23.14 7.85 55.28
C ASP B 545 22.89 7.77 53.78
N SER B 546 22.87 8.92 53.14
CA SER B 546 22.85 8.96 51.68
C SER B 546 24.21 8.64 51.10
N ALA B 547 25.29 8.94 51.84
CA ALA B 547 26.63 8.69 51.35
C ALA B 547 26.93 7.19 51.30
N SER B 548 26.50 6.44 52.31
CA SER B 548 26.77 5.01 52.40
C SER B 548 25.56 4.16 52.01
N LEU B 549 24.69 4.69 51.15
CA LEU B 549 23.54 3.91 50.69
C LEU B 549 23.98 2.79 49.76
N HIS B 550 24.93 3.06 48.87
CA HIS B 550 25.38 2.10 47.87
C HIS B 550 26.56 1.26 48.35
N LEU B 551 27.01 1.45 49.59
CA LEU B 551 28.03 0.59 50.16
C LEU B 551 27.48 -0.72 50.69
N ASN B 552 26.16 -0.87 50.72
CA ASN B 552 25.53 -2.09 51.20
C ASN B 552 24.24 -2.32 50.41
N TYR B 553 23.76 -3.56 50.48
CA TYR B 553 22.61 -3.97 49.69
C TYR B 553 21.35 -3.22 50.12
N GLY B 554 20.50 -2.89 49.15
CA GLY B 554 19.22 -2.29 49.42
C GLY B 554 18.11 -3.31 49.34
N VAL B 555 16.99 -2.99 49.98
CA VAL B 555 15.82 -3.87 50.04
C VAL B 555 14.66 -3.16 49.35
N TYR B 556 13.96 -3.88 48.48
CA TYR B 556 12.90 -3.31 47.66
C TYR B 556 11.62 -4.10 47.88
N LEU B 557 10.63 -3.47 48.52
CA LEU B 557 9.32 -4.06 48.72
C LEU B 557 8.40 -3.53 47.63
N ASN B 558 8.04 -4.39 46.68
CA ASN B 558 7.19 -4.04 45.53
C ASN B 558 7.79 -2.89 44.72
N GLY B 559 9.10 -2.92 44.53
CA GLY B 559 9.79 -1.92 43.74
C GLY B 559 10.14 -0.64 44.46
N THR B 560 9.72 -0.47 45.70
CA THR B 560 9.96 0.73 46.48
C THR B 560 11.07 0.45 47.50
N LEU B 561 12.06 1.34 47.56
CA LEU B 561 13.21 1.15 48.42
C LEU B 561 12.79 1.30 49.87
N ILE B 562 12.65 0.16 50.57
CA ILE B 562 12.24 0.17 51.96
C ILE B 562 13.41 0.50 52.88
N GLY B 563 14.63 0.18 52.48
CA GLY B 563 15.78 0.47 53.32
C GLY B 563 17.01 -0.28 52.85
N SER B 564 17.94 -0.49 53.77
CA SER B 564 19.20 -1.17 53.49
C SER B 564 19.41 -2.32 54.45
N ILE B 565 20.09 -3.36 53.98
CA ILE B 565 20.36 -4.56 54.77
C ILE B 565 21.87 -4.79 54.77
N ARG B 566 22.40 -5.18 55.93
CA ARG B 566 23.84 -5.41 56.03
C ARG B 566 24.21 -6.80 55.50
N PHE B 567 23.40 -7.81 55.80
CA PHE B 567 23.62 -9.17 55.34
C PHE B 567 22.50 -9.60 54.42
N PRO B 568 22.68 -9.56 53.10
CA PRO B 568 21.58 -9.91 52.19
C PRO B 568 21.28 -11.40 52.15
N THR B 569 22.29 -12.26 52.13
CA THR B 569 22.05 -13.70 51.98
C THR B 569 21.33 -14.27 53.20
N LYS B 570 21.72 -13.85 54.40
CA LYS B 570 21.04 -14.32 55.60
C LYS B 570 19.59 -13.84 55.64
N PHE B 571 19.35 -12.60 55.21
CA PHE B 571 17.99 -12.07 55.14
C PHE B 571 17.15 -12.88 54.16
N VAL B 572 17.71 -13.19 53.00
CA VAL B 572 16.99 -13.98 51.99
C VAL B 572 16.70 -15.38 52.51
N THR B 573 17.68 -16.00 53.17
CA THR B 573 17.49 -17.35 53.71
C THR B 573 16.43 -17.37 54.80
N GLN B 574 16.45 -16.38 55.69
CA GLN B 574 15.44 -16.32 56.75
C GLN B 574 14.05 -16.07 56.18
N PHE B 575 13.95 -15.20 55.17
CA PHE B 575 12.65 -14.96 54.54
C PHE B 575 12.12 -16.21 53.84
N ARG B 576 13.01 -16.95 53.17
CA ARG B 576 12.60 -18.21 52.54
C ARG B 576 12.17 -19.23 53.58
N HIS B 577 12.86 -19.26 54.72
CA HIS B 577 12.48 -20.17 55.80
C HIS B 577 11.09 -19.83 56.34
N LEU B 578 10.81 -18.53 56.50
CA LEU B 578 9.49 -18.12 56.96
C LEU B 578 8.42 -18.47 55.93
N ARG B 579 8.75 -18.32 54.65
CA ARG B 579 7.79 -18.69 53.59
C ARG B 579 7.51 -20.18 53.59
N ARG B 580 8.55 -21.01 53.76
CA ARG B 580 8.36 -22.46 53.72
C ARG B 580 7.67 -22.97 54.97
N THR B 581 7.91 -22.34 56.12
CA THR B 581 7.21 -22.71 57.34
C THR B 581 5.74 -22.34 57.30
N GLY B 582 5.40 -21.21 56.70
CA GLY B 582 4.01 -20.77 56.60
C GLY B 582 3.68 -19.48 57.29
N LYS B 583 4.67 -18.75 57.79
CA LYS B 583 4.42 -17.52 58.52
C LYS B 583 4.03 -16.36 57.60
N VAL B 584 4.41 -16.42 56.33
CA VAL B 584 3.99 -15.44 55.34
C VAL B 584 3.36 -16.18 54.17
N SER B 585 2.80 -15.41 53.23
CA SER B 585 2.14 -15.99 52.08
C SER B 585 3.14 -16.73 51.20
N GLU B 586 2.69 -17.83 50.60
CA GLU B 586 3.56 -18.64 49.76
C GLU B 586 3.86 -18.00 48.42
N PHE B 587 3.16 -16.92 48.06
CA PHE B 587 3.35 -16.25 46.78
C PHE B 587 4.23 -15.01 46.88
N ILE B 588 4.81 -14.74 48.05
CA ILE B 588 5.75 -13.64 48.21
C ILE B 588 7.08 -14.08 47.61
N SER B 589 7.61 -13.29 46.68
CA SER B 589 8.84 -13.69 45.98
C SER B 589 10.02 -12.88 46.48
N ILE B 590 11.07 -13.59 46.89
CA ILE B 590 12.32 -13.00 47.35
C ILE B 590 13.42 -13.34 46.36
N TYR B 591 14.18 -12.34 45.92
CA TYR B 591 15.31 -12.62 45.04
C TYR B 591 16.34 -11.51 45.11
N SER B 592 17.61 -11.89 45.13
CA SER B 592 18.71 -10.94 45.25
C SER B 592 19.38 -10.75 43.90
N ASN B 593 19.49 -9.48 43.49
CA ASN B 593 20.19 -9.10 42.26
C ASN B 593 21.52 -8.47 42.66
N SER B 594 22.61 -9.15 42.31
CA SER B 594 23.94 -8.67 42.68
C SER B 594 24.41 -7.51 41.81
N HIS B 595 23.98 -7.48 40.55
CA HIS B 595 24.39 -6.39 39.66
C HIS B 595 23.82 -5.05 40.13
N GLN B 596 22.58 -5.04 40.56
CA GLN B 596 21.97 -3.84 41.12
C GLN B 596 22.29 -3.65 42.60
N MET B 597 22.88 -4.66 43.25
CA MET B 597 23.08 -4.71 44.70
C MET B 597 21.77 -4.44 45.43
N ALA B 598 20.81 -5.35 45.24
CA ALA B 598 19.50 -5.19 45.82
C ALA B 598 18.92 -6.56 46.17
N VAL B 599 17.97 -6.56 47.09
CA VAL B 599 17.09 -7.70 47.33
C VAL B 599 15.67 -7.23 47.11
N HIS B 600 14.92 -7.97 46.30
CA HIS B 600 13.58 -7.57 45.88
C HIS B 600 12.56 -8.51 46.49
N ILE B 601 11.50 -7.93 47.03
CA ILE B 601 10.37 -8.64 47.60
C ILE B 601 9.13 -8.23 46.82
N ALA B 602 8.54 -9.18 46.12
CA ALA B 602 7.33 -8.93 45.33
C ALA B 602 6.13 -9.55 46.04
N THR B 603 5.10 -8.73 46.20
CA THR B 603 3.87 -9.10 46.89
C THR B 603 2.63 -8.95 46.02
N ASP B 604 2.63 -8.03 45.06
CA ASP B 604 1.45 -7.73 44.26
C ASP B 604 1.12 -8.89 43.31
N GLY B 605 -0.07 -8.81 42.73
CA GLY B 605 -0.55 -9.84 41.83
C GLY B 605 -0.06 -9.64 40.40
N GLY B 606 -0.49 -10.55 39.54
CA GLY B 606 -0.12 -10.53 38.14
C GLY B 606 1.12 -11.32 37.79
N ARG B 607 1.83 -11.85 38.78
CA ARG B 607 3.06 -12.60 38.54
C ARG B 607 2.74 -14.05 38.26
N ILE B 608 3.41 -14.62 37.27
CA ILE B 608 3.25 -16.02 36.91
C ILE B 608 4.16 -16.86 37.80
N CYS B 609 3.62 -17.94 38.35
CA CYS B 609 4.33 -18.79 39.28
C CYS B 609 4.29 -20.24 38.81
N ARG B 610 5.11 -21.07 39.46
CA ARG B 610 5.24 -22.47 39.08
C ARG B 610 5.81 -23.27 40.25
N PRO B 611 5.16 -24.34 40.67
CA PRO B 611 5.66 -25.10 41.83
C PRO B 611 6.85 -25.97 41.46
N LEU B 612 7.78 -26.08 42.42
CA LEU B 612 9.00 -26.86 42.23
C LEU B 612 9.35 -27.53 43.55
N ILE B 613 10.01 -28.69 43.44
CA ILE B 613 10.43 -29.45 44.60
C ILE B 613 11.77 -28.92 45.09
N ILE B 614 11.84 -28.61 46.38
CA ILE B 614 13.05 -28.05 46.99
C ILE B 614 14.11 -29.12 47.14
N VAL B 615 15.35 -28.77 46.85
CA VAL B 615 16.50 -29.65 47.03
C VAL B 615 17.41 -29.02 48.07
N SER B 616 17.69 -29.76 49.14
CA SER B 616 18.58 -29.31 50.20
C SER B 616 19.67 -30.35 50.42
N ASP B 617 20.92 -29.90 50.46
CA ASP B 617 22.10 -30.73 50.68
C ASP B 617 22.22 -31.84 49.63
N GLY B 618 21.83 -31.53 48.39
CA GLY B 618 21.96 -32.48 47.31
C GLY B 618 20.93 -33.59 47.31
N GLN B 619 19.88 -33.48 48.09
CA GLN B 619 18.83 -34.50 48.17
C GLN B 619 17.48 -33.86 47.95
N SER B 620 16.62 -34.53 47.18
CA SER B 620 15.26 -34.05 47.00
C SER B 620 14.47 -34.17 48.29
N ARG B 621 13.71 -33.13 48.61
CA ARG B 621 12.97 -33.09 49.86
C ARG B 621 11.69 -33.93 49.82
N VAL B 622 11.27 -34.37 48.64
CA VAL B 622 10.11 -35.26 48.52
C VAL B 622 10.63 -36.69 48.51
N LYS B 623 10.23 -37.47 49.52
CA LYS B 623 10.68 -38.84 49.66
C LYS B 623 9.58 -39.80 49.18
N ASP B 624 9.86 -41.09 49.30
CA ASP B 624 8.89 -42.10 48.90
C ASP B 624 7.71 -42.16 49.86
N ILE B 625 7.94 -41.85 51.14
CA ILE B 625 6.85 -41.88 52.13
C ILE B 625 5.83 -40.79 51.82
N HIS B 626 6.29 -39.62 51.39
CA HIS B 626 5.37 -38.56 51.02
C HIS B 626 4.53 -38.93 49.80
N LEU B 627 5.15 -39.57 48.81
CA LEU B 627 4.41 -39.99 47.63
C LEU B 627 3.40 -41.08 47.95
N ARG B 628 3.76 -42.03 48.81
CA ARG B 628 2.81 -43.09 49.13
C ARG B 628 1.67 -42.55 50.00
N LYS B 629 1.95 -41.56 50.85
CA LYS B 629 0.88 -40.91 51.59
C LYS B 629 -0.04 -40.13 50.66
N LEU B 630 0.52 -39.46 49.65
CA LEU B 630 -0.30 -38.74 48.67
C LEU B 630 -1.17 -39.71 47.87
N LEU B 631 -0.62 -40.86 47.48
CA LEU B 631 -1.41 -41.82 46.72
C LEU B 631 -2.45 -42.52 47.59
N ASP B 632 -2.18 -42.65 48.89
CA ASP B 632 -3.14 -43.29 49.79
C ASP B 632 -4.41 -42.45 49.97
N GLY B 633 -4.28 -41.12 49.95
CA GLY B 633 -5.45 -40.28 50.06
C GLY B 633 -5.25 -39.02 50.88
N GLU B 634 -4.32 -39.06 51.84
CA GLU B 634 -4.00 -37.89 52.63
C GLU B 634 -2.85 -37.14 52.01
N LEU B 635 -2.37 -36.09 52.71
CA LEU B 635 -1.23 -35.29 52.30
C LEU B 635 -1.46 -34.67 50.90
N ASP B 636 -2.40 -33.74 50.85
CA ASP B 636 -2.71 -33.06 49.61
C ASP B 636 -1.66 -31.98 49.33
N PHE B 637 -1.85 -31.25 48.23
CA PHE B 637 -0.81 -30.34 47.73
C PHE B 637 -0.60 -29.15 48.67
N ASP B 638 -1.68 -28.66 49.28
CA ASP B 638 -1.55 -27.58 50.26
C ASP B 638 -0.68 -28.01 51.43
N ASP B 639 -0.74 -29.29 51.80
CA ASP B 639 0.05 -29.72 52.94
C ASP B 639 1.46 -30.13 52.52
N PHE B 640 1.70 -30.36 51.22
CA PHE B 640 3.08 -30.27 50.73
C PHE B 640 3.63 -28.86 50.86
N LEU B 641 2.80 -27.86 50.57
CA LEU B 641 3.24 -26.48 50.76
C LEU B 641 3.55 -26.18 52.23
N LYS B 642 2.70 -26.67 53.15
CA LYS B 642 2.88 -26.34 54.55
C LYS B 642 4.11 -27.00 55.16
N LEU B 643 4.38 -28.26 54.81
CA LEU B 643 5.62 -28.91 55.26
C LEU B 643 6.87 -28.39 54.57
N GLY B 644 6.73 -27.59 53.52
CA GLY B 644 7.90 -27.02 52.89
C GLY B 644 8.64 -27.93 51.94
N LEU B 645 7.97 -28.96 51.41
CA LEU B 645 8.58 -29.84 50.42
C LEU B 645 8.62 -29.20 49.03
N VAL B 646 7.57 -28.45 48.67
CA VAL B 646 7.50 -27.77 47.39
C VAL B 646 7.24 -26.29 47.63
N GLU B 647 7.59 -25.47 46.66
CA GLU B 647 7.36 -24.04 46.77
C GLU B 647 7.17 -23.43 45.40
N TYR B 648 6.49 -22.29 45.37
CA TYR B 648 6.20 -21.58 44.13
C TYR B 648 7.34 -20.63 43.80
N LEU B 649 7.84 -20.71 42.57
CA LEU B 649 8.88 -19.82 42.09
C LEU B 649 8.37 -19.05 40.88
N ASP B 650 8.48 -17.73 40.93
CA ASP B 650 8.23 -16.95 39.73
C ASP B 650 9.53 -16.86 38.92
N VAL B 651 9.48 -16.11 37.81
CA VAL B 651 10.62 -16.04 36.90
C VAL B 651 11.81 -15.36 37.58
N ASN B 652 11.54 -14.28 38.32
CA ASN B 652 12.62 -13.54 38.97
C ASN B 652 13.30 -14.37 40.04
N GLU B 653 12.54 -15.16 40.79
CA GLU B 653 13.16 -16.06 41.76
C GLU B 653 13.81 -17.25 41.08
N GLU B 654 13.30 -17.64 39.90
CA GLU B 654 13.96 -18.68 39.12
C GLU B 654 15.32 -18.22 38.61
N ASN B 655 15.49 -16.90 38.46
CA ASN B 655 16.79 -16.36 38.04
C ASN B 655 17.87 -16.67 39.07
N ASP B 656 17.55 -16.52 40.35
CA ASP B 656 18.47 -16.88 41.43
C ASP B 656 18.12 -18.28 41.96
N SER B 657 18.32 -19.26 41.08
CA SER B 657 18.00 -20.65 41.40
C SER B 657 18.78 -21.55 40.45
N TYR B 658 18.82 -22.84 40.80
CA TYR B 658 19.51 -23.84 39.98
C TYR B 658 18.63 -25.09 40.02
N ILE B 659 17.85 -25.29 38.97
CA ILE B 659 16.79 -26.29 38.93
C ILE B 659 17.29 -27.53 38.21
N ALA B 660 17.05 -28.69 38.78
CA ALA B 660 17.41 -29.97 38.18
C ALA B 660 16.18 -30.60 37.55
N LEU B 661 16.34 -31.07 36.30
CA LEU B 661 15.21 -31.65 35.59
C LEU B 661 14.87 -33.05 36.09
N TYR B 662 15.88 -33.85 36.41
CA TYR B 662 15.67 -35.21 36.88
C TYR B 662 16.45 -35.42 38.18
N GLU B 663 16.04 -36.44 38.93
CA GLU B 663 16.70 -36.74 40.19
C GLU B 663 18.12 -37.27 39.98
N LYS B 664 18.39 -37.86 38.82
CA LYS B 664 19.73 -38.34 38.52
C LYS B 664 20.70 -37.23 38.17
N ASP B 665 20.21 -36.01 37.96
CA ASP B 665 21.03 -34.87 37.59
C ASP B 665 21.29 -33.92 38.76
N ILE B 666 21.01 -34.35 39.99
CA ILE B 666 21.15 -33.47 41.14
C ILE B 666 22.62 -33.41 41.56
N VAL B 667 23.18 -32.21 41.53
CA VAL B 667 24.50 -31.91 42.06
C VAL B 667 24.25 -31.15 43.36
N PRO B 668 25.17 -31.10 44.33
CA PRO B 668 24.83 -30.44 45.60
C PRO B 668 24.73 -28.93 45.52
N SER B 669 24.93 -28.32 44.36
CA SER B 669 24.67 -26.90 44.17
C SER B 669 23.23 -26.63 43.73
N MET B 670 22.43 -27.67 43.47
CA MET B 670 21.05 -27.48 43.08
C MET B 670 20.24 -26.90 44.23
N THR B 671 19.25 -26.07 43.88
CA THR B 671 18.32 -25.50 44.84
C THR B 671 16.89 -25.97 44.66
N HIS B 672 16.53 -26.47 43.48
CA HIS B 672 15.16 -26.88 43.21
C HIS B 672 15.17 -28.06 42.26
N LEU B 673 14.05 -28.79 42.24
CA LEU B 673 13.86 -29.93 41.36
C LEU B 673 12.53 -29.78 40.63
N GLU B 674 12.53 -30.11 39.35
CA GLU B 674 11.31 -30.03 38.55
C GLU B 674 10.32 -31.10 39.00
N ILE B 675 9.05 -30.71 39.14
CA ILE B 675 8.02 -31.69 39.45
C ILE B 675 7.83 -32.65 38.28
N GLU B 676 7.68 -32.11 37.08
CA GLU B 676 7.54 -32.93 35.88
C GLU B 676 7.77 -32.05 34.64
N PRO B 677 8.54 -32.51 33.66
CA PRO B 677 8.93 -31.62 32.55
C PRO B 677 7.83 -31.25 31.58
N PHE B 678 6.88 -32.15 31.26
CA PHE B 678 5.94 -31.85 30.18
C PHE B 678 4.96 -30.75 30.53
N THR B 679 5.11 -30.17 31.73
CA THR B 679 4.45 -28.94 32.09
C THR B 679 4.77 -27.83 31.09
N ILE B 680 5.95 -27.85 30.48
CA ILE B 680 6.31 -26.79 29.54
C ILE B 680 5.44 -26.81 28.29
N LEU B 681 4.66 -27.85 28.08
CA LEU B 681 3.65 -27.89 27.03
C LEU B 681 2.27 -27.67 27.64
N GLY B 682 1.43 -26.90 26.95
CA GLY B 682 0.13 -26.55 27.45
C GLY B 682 -0.90 -27.63 27.24
N ALA B 683 -2.17 -27.23 27.35
CA ALA B 683 -3.27 -28.17 27.24
C ALA B 683 -3.42 -28.70 25.81
N VAL B 684 -3.39 -27.79 24.82
CA VAL B 684 -3.53 -28.20 23.43
C VAL B 684 -2.29 -28.97 22.98
N ALA B 685 -1.10 -28.45 23.28
CA ALA B 685 0.15 -29.11 22.92
C ALA B 685 0.32 -30.46 23.61
N GLY B 686 -0.45 -30.73 24.66
CA GLY B 686 -0.43 -32.03 25.28
C GLY B 686 -1.13 -33.12 24.50
N LEU B 687 -1.89 -32.77 23.46
CA LEU B 687 -2.50 -33.79 22.63
C LEU B 687 -1.48 -34.49 21.73
N ILE B 688 -0.38 -33.82 21.41
CA ILE B 688 0.60 -34.33 20.46
C ILE B 688 1.34 -35.50 21.07
N PRO B 689 1.34 -36.67 20.44
CA PRO B 689 2.07 -37.81 20.98
C PRO B 689 3.52 -37.80 20.51
N TYR B 690 4.45 -38.01 21.44
CA TYR B 690 5.88 -37.91 21.21
C TYR B 690 6.25 -36.59 20.52
N PRO B 691 5.96 -35.43 21.12
CA PRO B 691 6.28 -34.18 20.43
C PRO B 691 7.75 -33.84 20.41
N HIS B 692 8.56 -34.48 21.24
CA HIS B 692 10.00 -34.25 21.24
C HIS B 692 10.72 -35.06 20.18
N HIS B 693 10.00 -35.92 19.45
CA HIS B 693 10.54 -36.58 18.28
C HIS B 693 10.20 -35.86 16.98
N ASN B 694 9.44 -34.77 17.06
CA ASN B 694 9.00 -34.00 15.91
C ASN B 694 9.81 -32.72 15.79
N GLN B 695 9.43 -31.92 14.81
CA GLN B 695 9.95 -30.57 14.63
C GLN B 695 8.96 -29.56 15.22
N SER B 696 9.49 -28.45 15.72
CA SER B 696 8.65 -27.44 16.35
C SER B 696 7.57 -26.84 15.46
N PRO B 697 7.80 -26.52 14.18
CA PRO B 697 6.68 -26.02 13.35
C PRO B 697 5.51 -26.96 13.24
N ARG B 698 5.75 -28.28 13.22
CA ARG B 698 4.65 -29.22 13.15
C ARG B 698 3.82 -29.21 14.43
N ASN B 699 4.49 -29.09 15.58
CA ASN B 699 3.79 -28.96 16.85
C ASN B 699 2.96 -27.68 16.89
N THR B 700 3.51 -26.59 16.36
CA THR B 700 2.75 -25.32 16.32
C THR B 700 1.53 -25.45 15.42
N TYR B 701 1.71 -26.05 14.24
CA TYR B 701 0.59 -26.21 13.32
C TYR B 701 -0.49 -27.11 13.90
N GLN B 702 -0.11 -28.12 14.67
CA GLN B 702 -1.15 -28.97 15.22
C GLN B 702 -1.77 -28.38 16.48
N CYS B 703 -1.04 -27.52 17.20
CA CYS B 703 -1.69 -26.69 18.21
C CYS B 703 -2.75 -25.80 17.58
N ALA B 704 -2.49 -25.33 16.35
CA ALA B 704 -3.48 -24.54 15.64
C ALA B 704 -4.67 -25.40 15.18
N MET B 705 -4.41 -26.60 14.67
CA MET B 705 -5.46 -27.41 14.06
C MET B 705 -6.21 -28.30 15.04
N GLY B 706 -5.73 -28.44 16.29
CA GLY B 706 -6.48 -29.20 17.26
C GLY B 706 -7.77 -28.52 17.69
N LYS B 707 -7.81 -27.20 17.60
CA LYS B 707 -9.00 -26.44 17.95
C LYS B 707 -10.04 -26.41 16.85
N GLN B 708 -9.73 -26.97 15.68
CA GLN B 708 -10.68 -27.07 14.58
C GLN B 708 -11.17 -28.48 14.35
N ALA B 709 -10.81 -29.43 15.21
CA ALA B 709 -11.21 -30.81 15.02
C ALA B 709 -12.68 -31.01 15.33
N ILE B 710 -13.37 -31.75 14.48
CA ILE B 710 -14.79 -32.04 14.68
C ILE B 710 -14.92 -33.21 15.64
N GLY B 711 -15.69 -33.02 16.70
CA GLY B 711 -15.89 -34.07 17.66
C GLY B 711 -16.98 -33.70 18.64
N ALA B 712 -17.05 -34.47 19.73
CA ALA B 712 -18.02 -34.20 20.77
C ALA B 712 -17.68 -32.89 21.48
N ILE B 713 -18.71 -32.15 21.86
CA ILE B 713 -18.56 -30.84 22.48
C ILE B 713 -18.75 -30.92 23.99
N ALA B 714 -19.89 -31.44 24.42
CA ALA B 714 -20.23 -31.57 25.83
C ALA B 714 -21.28 -32.64 25.97
N TYR B 715 -21.58 -33.00 27.22
CA TYR B 715 -22.59 -34.02 27.47
C TYR B 715 -24.00 -33.53 27.17
N ASN B 716 -24.21 -32.21 27.09
CA ASN B 716 -25.50 -31.64 26.77
C ASN B 716 -25.51 -31.01 25.37
N GLN B 717 -24.74 -31.57 24.45
CA GLN B 717 -24.63 -30.97 23.12
C GLN B 717 -25.92 -31.07 22.32
N PHE B 718 -26.82 -31.97 22.70
CA PHE B 718 -28.11 -32.08 22.03
C PHE B 718 -29.20 -31.26 22.70
N LYS B 719 -28.94 -30.70 23.88
CA LYS B 719 -29.82 -29.74 24.51
C LYS B 719 -29.40 -28.30 24.22
N ARG B 720 -28.31 -28.11 23.49
CA ARG B 720 -27.80 -26.78 23.19
C ARG B 720 -28.27 -26.34 21.80
N ILE B 721 -28.45 -25.03 21.66
CA ILE B 721 -28.81 -24.42 20.38
C ILE B 721 -27.76 -23.34 20.12
N ASP B 722 -26.71 -23.72 19.38
CA ASP B 722 -25.61 -22.83 19.05
C ASP B 722 -25.66 -22.44 17.58
N THR B 723 -24.95 -21.36 17.24
CA THR B 723 -25.03 -20.82 15.89
C THR B 723 -24.32 -21.70 14.87
N LEU B 724 -23.38 -22.52 15.32
CA LEU B 724 -22.69 -23.46 14.43
C LEU B 724 -22.04 -24.54 15.29
N LEU B 725 -22.41 -25.79 15.05
CA LEU B 725 -21.92 -26.90 15.85
C LEU B 725 -21.63 -28.09 14.95
N TYR B 726 -20.37 -28.53 14.93
CA TYR B 726 -19.98 -29.72 14.20
C TYR B 726 -19.82 -30.87 15.19
N LEU B 727 -20.51 -31.97 14.93
CA LEU B 727 -20.47 -33.14 15.80
C LEU B 727 -20.06 -34.36 14.99
N MET B 728 -19.34 -35.26 15.63
CA MET B 728 -18.90 -36.50 15.01
C MET B 728 -19.77 -37.65 15.48
N THR B 729 -20.20 -38.49 14.52
CA THR B 729 -21.13 -39.57 14.84
C THR B 729 -20.49 -40.64 15.71
N TYR B 730 -19.26 -41.04 15.39
CA TYR B 730 -18.56 -42.12 16.09
C TYR B 730 -17.18 -41.67 16.52
N PRO B 731 -17.07 -40.84 17.56
CA PRO B 731 -15.76 -40.45 18.06
C PRO B 731 -15.09 -41.60 18.79
N GLN B 732 -13.75 -41.62 18.73
CA GLN B 732 -12.96 -42.65 19.38
C GLN B 732 -11.79 -42.00 20.11
N GLN B 733 -11.44 -42.57 21.26
CA GLN B 733 -10.24 -42.10 21.94
C GLN B 733 -9.00 -42.69 21.29
N PRO B 734 -7.87 -41.96 21.33
CA PRO B 734 -6.67 -42.45 20.65
C PRO B 734 -6.03 -43.61 21.38
N MET B 735 -5.29 -44.43 20.64
CA MET B 735 -4.46 -45.44 21.27
C MET B 735 -3.27 -44.82 21.99
N VAL B 736 -2.54 -43.95 21.31
CA VAL B 736 -1.35 -43.33 21.88
C VAL B 736 -1.79 -42.08 22.61
N LYS B 737 -2.07 -42.22 23.89
CA LYS B 737 -2.57 -41.14 24.72
C LYS B 737 -1.40 -40.31 25.26
N THR B 738 -1.72 -39.39 26.16
CA THR B 738 -0.74 -38.58 26.86
C THR B 738 -1.29 -38.35 28.27
N LYS B 739 -0.40 -38.10 29.22
CA LYS B 739 -0.85 -37.77 30.57
C LYS B 739 -1.71 -36.52 30.56
N THR B 740 -1.36 -35.54 29.73
CA THR B 740 -2.15 -34.32 29.62
C THR B 740 -3.56 -34.61 29.14
N ILE B 741 -3.72 -35.62 28.27
CA ILE B 741 -5.04 -36.01 27.81
C ILE B 741 -5.90 -36.51 28.97
N GLU B 742 -5.32 -37.34 29.83
CA GLU B 742 -6.06 -37.85 30.98
C GLU B 742 -6.35 -36.76 32.00
N LEU B 743 -5.43 -35.81 32.17
CA LEU B 743 -5.62 -34.76 33.18
C LEU B 743 -6.66 -33.74 32.76
N ILE B 744 -6.83 -33.50 31.46
CA ILE B 744 -7.81 -32.54 30.97
C ILE B 744 -9.10 -33.22 30.50
N ASP B 745 -9.19 -34.55 30.66
CA ASP B 745 -10.38 -35.33 30.31
C ASP B 745 -10.74 -35.18 28.82
N TYR B 746 -9.72 -35.19 27.97
CA TYR B 746 -9.95 -35.18 26.53
C TYR B 746 -10.44 -36.53 26.02
N ASP B 747 -10.07 -37.60 26.70
CA ASP B 747 -10.51 -38.94 26.31
C ASP B 747 -11.99 -39.19 26.60
N LYS B 748 -12.61 -38.37 27.45
CA LYS B 748 -14.04 -38.48 27.67
C LYS B 748 -14.84 -37.91 26.51
N LEU B 749 -14.35 -36.85 25.87
CA LEU B 749 -15.00 -36.23 24.73
C LEU B 749 -14.00 -36.11 23.60
N PRO B 750 -13.71 -37.21 22.91
CA PRO B 750 -12.68 -37.19 21.87
C PRO B 750 -13.17 -36.54 20.59
N ALA B 751 -12.20 -36.17 19.76
CA ALA B 751 -12.46 -35.54 18.45
C ALA B 751 -11.50 -36.18 17.44
N GLY B 752 -11.93 -37.26 16.82
CA GLY B 752 -11.12 -37.95 15.85
C GLY B 752 -11.35 -39.45 15.92
N GLN B 753 -10.87 -40.14 14.89
CA GLN B 753 -11.04 -41.58 14.79
C GLN B 753 -9.69 -42.23 14.49
N ASN B 754 -9.55 -43.48 14.92
CA ASN B 754 -8.35 -44.26 14.65
C ASN B 754 -8.50 -44.91 13.28
N ALA B 755 -7.62 -44.54 12.35
CA ALA B 755 -7.68 -45.05 10.99
C ALA B 755 -6.49 -45.95 10.72
N THR B 756 -6.74 -47.05 10.03
CA THR B 756 -5.67 -47.93 9.58
C THR B 756 -4.95 -47.24 8.43
N VAL B 757 -3.72 -46.84 8.65
CA VAL B 757 -2.94 -46.06 7.69
C VAL B 757 -1.83 -46.93 7.13
N ALA B 758 -1.72 -46.91 5.80
CA ALA B 758 -0.60 -47.49 5.07
C ALA B 758 0.17 -46.33 4.46
N VAL B 759 1.38 -46.10 4.95
CA VAL B 759 2.22 -45.03 4.41
C VAL B 759 2.86 -45.52 3.12
N MET B 760 2.23 -45.20 1.99
CA MET B 760 2.73 -45.64 0.70
C MET B 760 2.21 -44.71 -0.38
N SER B 761 2.84 -44.79 -1.55
CA SER B 761 2.41 -44.03 -2.72
C SER B 761 1.44 -44.91 -3.50
N TYR B 762 0.14 -44.66 -3.33
CA TYR B 762 -0.87 -45.50 -3.97
C TYR B 762 -1.18 -45.04 -5.40
N SER B 763 -1.55 -43.77 -5.55
CA SER B 763 -1.79 -43.24 -6.89
C SER B 763 -1.17 -41.86 -7.01
N GLY B 764 -1.50 -41.14 -8.08
CA GLY B 764 -1.09 -39.76 -8.15
C GLY B 764 -1.92 -38.82 -7.34
N TYR B 765 -2.97 -39.32 -6.70
CA TYR B 765 -3.91 -38.49 -5.96
C TYR B 765 -3.49 -38.25 -4.52
N ASP B 766 -2.33 -38.74 -4.10
CA ASP B 766 -1.80 -38.48 -2.76
C ASP B 766 -0.62 -37.52 -2.78
N ILE B 767 -0.39 -36.85 -3.90
CA ILE B 767 0.73 -35.93 -4.05
C ILE B 767 0.39 -34.61 -3.40
N GLU B 768 1.38 -34.00 -2.74
CA GLU B 768 1.25 -32.70 -2.07
C GLU B 768 0.18 -32.74 -0.99
N ASP B 769 0.43 -33.56 0.02
CA ASP B 769 -0.33 -33.67 1.26
C ASP B 769 -1.72 -34.28 1.11
N ALA B 770 -2.12 -34.61 -0.12
CA ALA B 770 -3.45 -35.15 -0.33
C ALA B 770 -3.52 -36.60 0.17
N LEU B 771 -4.74 -37.05 0.49
CA LEU B 771 -4.96 -38.33 1.11
C LEU B 771 -5.91 -39.18 0.27
N VAL B 772 -5.72 -40.50 0.33
CA VAL B 772 -6.58 -41.46 -0.33
C VAL B 772 -7.49 -42.09 0.72
N LEU B 773 -8.80 -42.00 0.51
CA LEU B 773 -9.78 -42.54 1.43
C LEU B 773 -10.37 -43.82 0.88
N ASN B 774 -10.81 -44.69 1.78
CA ASN B 774 -11.46 -45.94 1.42
C ASN B 774 -12.97 -45.71 1.36
N LYS B 775 -13.59 -46.06 0.23
CA LYS B 775 -15.02 -45.84 0.06
C LYS B 775 -15.84 -46.71 1.01
N SER B 776 -15.43 -47.97 1.19
CA SER B 776 -16.15 -48.86 2.09
C SER B 776 -16.02 -48.41 3.54
N SER B 777 -14.88 -47.82 3.90
CA SER B 777 -14.71 -47.28 5.24
C SER B 777 -15.63 -46.08 5.47
N ILE B 778 -15.79 -45.23 4.46
CA ILE B 778 -16.69 -44.09 4.58
C ILE B 778 -18.14 -44.56 4.66
N ASP B 779 -18.48 -45.61 3.89
CA ASP B 779 -19.83 -46.14 3.93
C ASP B 779 -20.18 -46.78 5.27
N ARG B 780 -19.17 -47.16 6.06
CA ARG B 780 -19.40 -47.78 7.35
C ARG B 780 -19.32 -46.79 8.50
N GLY B 781 -19.11 -45.52 8.22
CA GLY B 781 -19.19 -44.48 9.24
C GLY B 781 -17.90 -43.74 9.56
N PHE B 782 -16.84 -43.93 8.79
CA PHE B 782 -15.58 -43.24 9.06
C PHE B 782 -15.68 -41.79 8.59
N GLY B 783 -15.45 -40.86 9.51
CA GLY B 783 -15.48 -39.45 9.18
C GLY B 783 -16.86 -38.84 9.06
N ARG B 784 -17.92 -39.60 9.35
CA ARG B 784 -19.27 -39.05 9.26
C ARG B 784 -19.48 -37.99 10.33
N CYS B 785 -20.08 -36.87 9.92
CA CYS B 785 -20.30 -35.76 10.84
C CYS B 785 -21.66 -35.15 10.58
N GLU B 786 -22.10 -34.30 11.50
CA GLU B 786 -23.31 -33.53 11.32
C GLU B 786 -23.05 -32.08 11.68
N THR B 787 -23.71 -31.19 10.96
CA THR B 787 -23.59 -29.75 11.16
C THR B 787 -24.94 -29.21 11.61
N ARG B 788 -24.94 -28.45 12.71
CA ARG B 788 -26.14 -27.88 13.29
C ARG B 788 -26.03 -26.37 13.28
N ARG B 789 -27.07 -25.71 12.79
CA ARG B 789 -27.13 -24.26 12.66
C ARG B 789 -28.39 -23.74 13.33
N LYS B 790 -28.33 -22.50 13.77
CA LYS B 790 -29.42 -21.87 14.50
C LYS B 790 -29.93 -20.65 13.75
N THR B 791 -31.25 -20.55 13.62
CA THR B 791 -31.90 -19.35 13.09
C THR B 791 -32.83 -18.81 14.16
N THR B 792 -32.64 -17.54 14.53
CA THR B 792 -33.40 -16.92 15.60
C THR B 792 -34.24 -15.77 15.04
N THR B 793 -35.45 -15.63 15.57
CA THR B 793 -36.35 -14.53 15.23
C THR B 793 -36.97 -13.98 16.50
N VAL B 794 -37.25 -12.69 16.49
CA VAL B 794 -37.88 -12.00 17.60
C VAL B 794 -39.15 -11.34 17.08
N LEU B 795 -40.29 -11.69 17.68
CA LEU B 795 -41.57 -11.06 17.33
C LEU B 795 -41.72 -9.81 18.19
N LYS B 796 -41.02 -8.75 17.77
CA LYS B 796 -40.94 -7.54 18.58
C LYS B 796 -42.26 -6.76 18.53
N ARG B 797 -42.57 -6.10 19.63
CA ARG B 797 -43.78 -5.31 19.74
C ARG B 797 -43.44 -3.84 19.49
N TYR B 798 -44.10 -3.24 18.51
CA TYR B 798 -43.81 -1.86 18.14
C TYR B 798 -44.55 -0.89 19.04
N ALA B 799 -44.25 0.40 18.87
CA ALA B 799 -44.88 1.44 19.67
C ALA B 799 -46.34 1.66 19.30
N ASN B 800 -46.76 1.23 18.11
CA ASN B 800 -48.13 1.39 17.65
C ASN B 800 -49.08 0.30 18.14
N HIS B 801 -48.67 -0.43 19.19
CA HIS B 801 -49.43 -1.57 19.72
C HIS B 801 -49.70 -2.62 18.65
N THR B 802 -48.70 -2.85 17.79
CA THR B 802 -48.77 -3.89 16.77
C THR B 802 -47.55 -4.78 16.91
N GLN B 803 -47.75 -6.08 16.69
CA GLN B 803 -46.70 -7.06 16.87
C GLN B 803 -46.65 -7.99 15.67
N ASP B 804 -45.50 -8.61 15.48
CA ASP B 804 -45.33 -9.59 14.42
C ASP B 804 -46.12 -10.86 14.74
N ILE B 805 -46.52 -11.58 13.68
CA ILE B 805 -47.27 -12.82 13.83
C ILE B 805 -46.55 -13.91 13.06
N ILE B 806 -46.85 -15.16 13.44
CA ILE B 806 -46.19 -16.31 12.87
C ILE B 806 -47.16 -17.23 12.12
N GLY B 807 -48.42 -17.30 12.55
CA GLY B 807 -49.34 -18.27 11.99
C GLY B 807 -49.64 -18.01 10.52
N GLY B 808 -49.98 -19.10 9.83
CA GLY B 808 -50.26 -19.03 8.41
C GLY B 808 -49.70 -20.21 7.65
N MET B 809 -50.55 -20.89 6.87
CA MET B 809 -50.14 -22.05 6.08
C MET B 809 -51.01 -22.08 4.84
N ARG B 810 -50.44 -21.66 3.70
CA ARG B 810 -51.19 -21.55 2.45
C ARG B 810 -51.42 -22.94 1.89
N VAL B 811 -52.68 -23.37 1.89
CA VAL B 811 -53.07 -24.67 1.36
C VAL B 811 -53.59 -24.48 -0.06
N ASP B 812 -53.36 -25.48 -0.91
CA ASP B 812 -53.80 -25.40 -2.30
C ASP B 812 -55.27 -25.76 -2.41
N GLU B 813 -55.76 -25.95 -3.63
CA GLU B 813 -57.16 -26.29 -3.83
C GLU B 813 -57.46 -27.73 -3.43
N ASN B 814 -56.47 -28.62 -3.52
CA ASN B 814 -56.71 -30.03 -3.23
C ASN B 814 -56.80 -30.29 -1.73
N GLY B 815 -56.02 -29.58 -0.92
CA GLY B 815 -56.02 -29.80 0.51
C GLY B 815 -54.65 -30.14 1.06
N ASP B 816 -53.61 -29.72 0.36
CA ASP B 816 -52.22 -29.95 0.75
C ASP B 816 -51.46 -28.64 0.72
N PRO B 817 -50.43 -28.48 1.55
CA PRO B 817 -49.65 -27.25 1.53
C PRO B 817 -48.87 -27.09 0.23
N ILE B 818 -48.60 -25.84 -0.12
CA ILE B 818 -47.79 -25.51 -1.29
C ILE B 818 -46.35 -25.92 -1.03
N TRP B 819 -45.54 -25.90 -2.09
CA TRP B 819 -44.17 -26.41 -1.98
C TRP B 819 -43.33 -25.57 -1.02
N GLN B 820 -43.56 -24.27 -0.97
CA GLN B 820 -42.83 -23.42 -0.04
C GLN B 820 -43.23 -23.68 1.41
N HIS B 821 -44.42 -24.24 1.64
CA HIS B 821 -44.94 -24.48 2.97
C HIS B 821 -45.06 -25.97 3.27
N GLN B 822 -44.27 -26.81 2.60
CA GLN B 822 -44.44 -28.26 2.72
C GLN B 822 -44.04 -28.77 4.10
N SER B 823 -43.12 -28.09 4.77
CA SER B 823 -42.63 -28.50 6.09
C SER B 823 -42.74 -27.34 7.06
N LEU B 824 -43.89 -26.69 7.08
CA LEU B 824 -44.07 -25.47 7.84
C LEU B 824 -45.03 -25.62 9.02
N GLY B 825 -45.92 -26.60 9.00
CA GLY B 825 -46.76 -26.89 10.14
C GLY B 825 -47.91 -25.91 10.31
N PRO B 826 -48.87 -26.27 11.16
CA PRO B 826 -50.06 -25.40 11.31
C PRO B 826 -49.78 -24.13 12.08
N ASP B 827 -48.85 -24.15 13.02
CA ASP B 827 -48.60 -22.99 13.88
C ASP B 827 -47.67 -21.96 13.24
N GLY B 828 -47.16 -22.21 12.05
CA GLY B 828 -46.28 -21.30 11.36
C GLY B 828 -44.81 -21.59 11.53
N LEU B 829 -44.45 -22.44 12.49
CA LEU B 829 -43.07 -22.83 12.72
C LEU B 829 -42.87 -24.26 12.24
N GLY B 830 -41.73 -24.51 11.59
CA GLY B 830 -41.54 -25.76 10.88
C GLY B 830 -41.55 -26.96 11.80
N GLU B 831 -42.03 -28.08 11.26
CA GLU B 831 -42.16 -29.31 12.03
C GLU B 831 -40.81 -29.95 12.29
N VAL B 832 -40.66 -30.53 13.47
CA VAL B 832 -39.41 -31.16 13.85
C VAL B 832 -39.28 -32.50 13.17
N GLY B 833 -38.16 -32.71 12.46
CA GLY B 833 -37.87 -33.96 11.81
C GLY B 833 -38.06 -33.97 10.31
N MET B 834 -38.69 -32.94 9.74
CA MET B 834 -38.93 -32.93 8.31
C MET B 834 -37.78 -32.26 7.56
N LYS B 835 -37.61 -32.68 6.31
CA LYS B 835 -36.56 -32.16 5.46
C LYS B 835 -36.96 -30.79 4.90
N VAL B 836 -35.99 -29.88 4.83
CA VAL B 836 -36.20 -28.56 4.27
C VAL B 836 -35.21 -28.36 3.13
N GLN B 837 -35.72 -28.11 1.94
CA GLN B 837 -34.90 -27.85 0.77
C GLN B 837 -34.78 -26.34 0.55
N SER B 838 -34.01 -25.98 -0.47
CA SER B 838 -33.79 -24.57 -0.77
C SER B 838 -35.07 -23.94 -1.31
N GLY B 839 -35.46 -22.81 -0.71
CA GLY B 839 -36.66 -22.12 -1.08
C GLY B 839 -37.83 -22.32 -0.14
N GLN B 840 -37.76 -23.31 0.74
CA GLN B 840 -38.84 -23.57 1.68
C GLN B 840 -38.75 -22.65 2.90
N ILE B 841 -39.84 -22.59 3.65
CA ILE B 841 -39.97 -21.70 4.80
C ILE B 841 -40.11 -22.55 6.05
N TYR B 842 -39.30 -22.25 7.06
CA TYR B 842 -39.43 -22.88 8.37
C TYR B 842 -39.84 -21.92 9.47
N ILE B 843 -39.81 -20.61 9.22
CA ILE B 843 -40.37 -19.61 10.13
C ILE B 843 -41.17 -18.63 9.27
N ASN B 844 -42.48 -18.62 9.44
CA ASN B 844 -43.36 -17.80 8.61
C ASN B 844 -43.72 -16.51 9.33
N LYS B 845 -42.75 -15.60 9.39
CA LYS B 845 -42.95 -14.33 10.09
C LYS B 845 -43.64 -13.33 9.18
N SER B 846 -44.50 -12.52 9.79
CA SER B 846 -45.19 -11.42 9.11
C SER B 846 -45.00 -10.14 9.92
N VAL B 847 -44.76 -9.04 9.23
CA VAL B 847 -44.48 -7.75 9.86
C VAL B 847 -45.61 -6.79 9.50
N PRO B 848 -46.18 -6.06 10.46
CA PRO B 848 -47.20 -5.06 10.11
C PRO B 848 -46.64 -3.96 9.23
N THR B 849 -47.46 -3.51 8.27
CA THR B 849 -46.99 -2.53 7.29
C THR B 849 -46.88 -1.14 7.91
N ASN B 850 -47.84 -0.76 8.75
CA ASN B 850 -47.84 0.58 9.33
C ASN B 850 -46.77 0.77 10.40
N SER B 851 -46.17 -0.30 10.90
CA SER B 851 -45.13 -0.19 11.91
C SER B 851 -43.81 0.27 11.29
N GLN B 863 -58.07 -2.88 11.84
CA GLN B 863 -57.48 -4.13 11.38
C GLN B 863 -56.22 -3.85 10.55
N THR B 864 -55.06 -4.09 11.15
CA THR B 864 -53.80 -3.84 10.46
C THR B 864 -53.53 -4.91 9.41
N GLN B 865 -52.75 -4.54 8.40
CA GLN B 865 -52.37 -5.43 7.32
C GLN B 865 -50.92 -5.86 7.49
N TYR B 866 -50.66 -7.16 7.42
CA TYR B 866 -49.33 -7.71 7.63
C TYR B 866 -48.73 -8.10 6.29
N ARG B 867 -47.50 -7.65 6.04
CA ARG B 867 -46.73 -8.07 4.89
C ARG B 867 -45.89 -9.30 5.27
N GLU B 868 -45.60 -10.13 4.29
CA GLU B 868 -44.89 -11.39 4.54
C GLU B 868 -43.39 -11.15 4.48
N ALA B 869 -42.70 -11.47 5.56
CA ALA B 869 -41.24 -11.44 5.63
C ALA B 869 -40.76 -12.77 6.18
N PRO B 870 -40.87 -13.85 5.40
CA PRO B 870 -40.58 -15.18 5.94
C PRO B 870 -39.09 -15.44 6.02
N VAL B 871 -38.75 -16.49 6.77
CA VAL B 871 -37.37 -16.97 6.86
C VAL B 871 -37.25 -18.15 5.90
N ILE B 872 -36.50 -17.97 4.82
CA ILE B 872 -36.40 -18.93 3.73
C ILE B 872 -35.05 -19.63 3.83
N TYR B 873 -35.07 -20.96 3.80
CA TYR B 873 -33.84 -21.72 3.82
C TYR B 873 -33.17 -21.68 2.45
N ARG B 874 -31.92 -21.22 2.42
CA ARG B 874 -31.16 -21.13 1.18
C ARG B 874 -29.81 -21.78 1.39
N GLY B 875 -29.63 -22.97 0.83
CA GLY B 875 -28.39 -23.70 0.95
C GLY B 875 -28.24 -24.70 -0.17
N PRO B 876 -27.01 -25.18 -0.40
CA PRO B 876 -26.79 -26.11 -1.51
C PRO B 876 -27.34 -27.50 -1.26
N GLU B 877 -27.49 -27.89 0.00
CA GLU B 877 -27.95 -29.23 0.37
C GLU B 877 -29.12 -29.14 1.32
N PRO B 878 -30.01 -30.12 1.29
CA PRO B 878 -31.16 -30.11 2.21
C PRO B 878 -30.73 -30.32 3.66
N SER B 879 -31.57 -29.79 4.56
CA SER B 879 -31.35 -29.91 5.99
C SER B 879 -32.65 -30.34 6.66
N HIS B 880 -32.51 -30.91 7.85
CA HIS B 880 -33.65 -31.38 8.64
C HIS B 880 -33.83 -30.49 9.85
N ILE B 881 -35.09 -30.16 10.17
CA ILE B 881 -35.39 -29.37 11.35
C ILE B 881 -35.21 -30.26 12.57
N ASP B 882 -34.22 -29.95 13.39
CA ASP B 882 -33.94 -30.78 14.55
C ASP B 882 -34.65 -30.29 15.80
N GLN B 883 -34.76 -28.97 15.97
CA GLN B 883 -35.37 -28.46 17.20
C GLN B 883 -36.05 -27.13 16.93
N VAL B 884 -37.19 -26.92 17.59
CA VAL B 884 -37.89 -25.64 17.56
C VAL B 884 -38.18 -25.25 19.00
N MET B 885 -37.79 -24.04 19.38
CA MET B 885 -37.90 -23.57 20.75
C MET B 885 -38.54 -22.20 20.76
N MET B 886 -39.58 -22.03 21.57
CA MET B 886 -40.22 -20.74 21.78
C MET B 886 -40.04 -20.32 23.23
N SER B 887 -39.80 -19.03 23.43
CA SER B 887 -39.63 -18.51 24.78
C SER B 887 -39.98 -17.03 24.76
N VAL B 888 -39.85 -16.38 25.91
CA VAL B 888 -40.11 -14.96 26.06
C VAL B 888 -38.87 -14.32 26.68
N SER B 889 -38.36 -13.27 26.04
CA SER B 889 -37.14 -12.63 26.52
C SER B 889 -37.44 -11.79 27.75
N ASP B 890 -36.42 -11.07 28.24
CA ASP B 890 -36.57 -10.27 29.44
C ASP B 890 -37.48 -9.07 29.21
N ASN B 891 -37.54 -8.57 27.98
CA ASN B 891 -38.38 -7.42 27.65
C ASN B 891 -39.75 -7.83 27.11
N ASP B 892 -40.21 -9.05 27.45
CA ASP B 892 -41.54 -9.55 27.09
C ASP B 892 -41.76 -9.57 25.57
N GLN B 893 -40.80 -10.14 24.85
CA GLN B 893 -40.88 -10.32 23.42
C GLN B 893 -40.70 -11.80 23.09
N ALA B 894 -41.53 -12.30 22.17
CA ALA B 894 -41.44 -13.70 21.79
C ALA B 894 -40.16 -13.97 21.02
N LEU B 895 -39.44 -15.02 21.41
CA LEU B 895 -38.19 -15.42 20.79
C LEU B 895 -38.33 -16.84 20.28
N ILE B 896 -38.01 -17.06 19.01
CA ILE B 896 -38.14 -18.37 18.38
C ILE B 896 -36.79 -18.77 17.82
N LYS B 897 -36.30 -19.93 18.22
CA LYS B 897 -35.04 -20.48 17.73
C LYS B 897 -35.30 -21.81 17.03
N VAL B 898 -34.86 -21.92 15.79
CA VAL B 898 -34.98 -23.15 15.02
C VAL B 898 -33.58 -23.67 14.74
N LEU B 899 -33.30 -24.89 15.19
CA LEU B 899 -32.02 -25.54 15.00
C LEU B 899 -32.17 -26.60 13.92
N LEU B 900 -31.45 -26.41 12.83
CA LEU B 900 -31.40 -27.32 11.70
C LEU B 900 -30.13 -28.17 11.76
N ARG B 901 -30.22 -29.39 11.24
CA ARG B 901 -29.08 -30.28 11.19
C ARG B 901 -28.97 -30.88 9.79
N GLN B 902 -27.74 -31.13 9.36
CA GLN B 902 -27.51 -31.85 8.12
C GLN B 902 -26.33 -32.80 8.27
N ASN B 903 -26.48 -34.00 7.71
CA ASN B 903 -25.48 -35.05 7.82
C ASN B 903 -24.54 -34.98 6.63
N ARG B 904 -23.24 -34.91 6.91
CA ARG B 904 -22.21 -34.84 5.88
C ARG B 904 -21.27 -36.03 6.02
N ARG B 905 -20.97 -36.65 4.89
CA ARG B 905 -19.97 -37.70 4.79
C ARG B 905 -18.73 -37.16 4.10
N PRO B 906 -17.56 -37.75 4.36
CA PRO B 906 -16.33 -37.24 3.72
C PRO B 906 -16.39 -37.35 2.20
N GLU B 907 -15.87 -36.33 1.54
CA GLU B 907 -15.82 -36.28 0.08
C GLU B 907 -14.49 -35.66 -0.32
N LEU B 908 -14.35 -35.39 -1.62
CA LEU B 908 -13.15 -34.73 -2.12
C LEU B 908 -13.12 -33.28 -1.65
N GLY B 909 -11.98 -32.86 -1.13
CA GLY B 909 -11.82 -31.53 -0.58
C GLY B 909 -11.97 -31.44 0.92
N ASP B 910 -12.42 -32.51 1.58
CA ASP B 910 -12.54 -32.50 3.02
C ASP B 910 -11.18 -32.61 3.69
N LYS B 911 -10.92 -31.74 4.66
CA LYS B 911 -9.62 -31.59 5.27
C LYS B 911 -9.47 -32.54 6.45
N PHE B 912 -8.35 -33.27 6.48
CA PHE B 912 -8.03 -34.19 7.57
C PHE B 912 -6.67 -33.84 8.13
N SER B 913 -6.52 -33.98 9.45
CA SER B 913 -5.26 -33.78 10.14
C SER B 913 -4.88 -35.05 10.89
N SER B 914 -3.60 -35.16 11.24
CA SER B 914 -3.07 -36.40 11.80
C SER B 914 -2.38 -36.23 13.14
N ARG B 915 -2.64 -35.13 13.85
CA ARG B 915 -2.17 -34.83 15.20
C ARG B 915 -0.64 -34.66 15.25
N HIS B 916 0.02 -34.60 14.09
CA HIS B 916 1.42 -34.20 13.98
C HIS B 916 1.55 -33.14 12.89
N GLY B 917 0.61 -32.21 12.85
CA GLY B 917 0.48 -31.39 11.66
C GLY B 917 -0.09 -32.25 10.55
N GLN B 918 0.58 -32.23 9.40
CA GLN B 918 0.27 -33.11 8.26
C GLN B 918 -1.18 -32.96 7.81
N LYS B 919 -1.61 -31.72 7.62
CA LYS B 919 -2.94 -31.45 7.10
C LYS B 919 -3.02 -31.89 5.64
N GLY B 920 -4.21 -32.34 5.25
CA GLY B 920 -4.42 -32.77 3.88
C GLY B 920 -5.89 -32.90 3.55
N VAL B 921 -6.21 -32.70 2.28
CA VAL B 921 -7.55 -32.90 1.76
C VAL B 921 -7.59 -34.23 1.03
N CYS B 922 -8.81 -34.77 0.87
CA CYS B 922 -8.97 -36.00 0.13
C CYS B 922 -8.79 -35.75 -1.36
N GLY B 923 -7.99 -36.59 -2.02
CA GLY B 923 -7.77 -36.48 -3.43
C GLY B 923 -8.61 -37.46 -4.23
N ILE B 924 -8.81 -38.65 -3.67
CA ILE B 924 -9.60 -39.69 -4.34
C ILE B 924 -10.24 -40.57 -3.27
N ILE B 925 -11.40 -41.12 -3.62
CA ILE B 925 -12.10 -42.09 -2.79
C ILE B 925 -12.24 -43.35 -3.63
N VAL B 926 -11.49 -44.39 -3.27
CA VAL B 926 -11.46 -45.62 -4.05
C VAL B 926 -12.08 -46.75 -3.24
N LYS B 927 -12.46 -47.81 -3.95
CA LYS B 927 -13.17 -48.92 -3.34
C LYS B 927 -12.23 -49.78 -2.51
N GLN B 928 -12.83 -50.65 -1.69
CA GLN B 928 -12.04 -51.54 -0.84
C GLN B 928 -11.23 -52.53 -1.66
N GLU B 929 -11.80 -53.00 -2.78
CA GLU B 929 -11.11 -53.95 -3.64
C GLU B 929 -9.87 -53.36 -4.30
N ASP B 930 -9.81 -52.05 -4.48
CA ASP B 930 -8.68 -51.40 -5.10
C ASP B 930 -7.56 -51.07 -4.12
N MET B 931 -7.80 -51.23 -2.83
CA MET B 931 -6.82 -50.99 -1.78
C MET B 931 -5.86 -52.17 -1.62
N PRO B 932 -4.65 -51.92 -1.14
CA PRO B 932 -3.77 -53.03 -0.75
C PRO B 932 -4.30 -53.72 0.50
N PHE B 933 -3.87 -54.96 0.68
CA PHE B 933 -4.31 -55.77 1.82
C PHE B 933 -3.18 -56.66 2.28
N ASN B 934 -3.21 -57.01 3.56
CA ASN B 934 -2.21 -57.89 4.15
C ASN B 934 -2.73 -59.33 4.17
N ASP B 935 -2.05 -60.18 4.93
CA ASP B 935 -2.42 -61.59 5.00
C ASP B 935 -3.79 -61.78 5.65
N GLN B 936 -4.08 -61.02 6.70
CA GLN B 936 -5.33 -61.16 7.42
C GLN B 936 -6.52 -60.53 6.70
N GLY B 937 -6.28 -59.75 5.66
CA GLY B 937 -7.35 -59.06 4.96
C GLY B 937 -7.63 -57.66 5.43
N ILE B 938 -6.79 -57.10 6.30
CA ILE B 938 -7.00 -55.74 6.78
C ILE B 938 -6.74 -54.75 5.65
N VAL B 939 -7.66 -53.81 5.49
CA VAL B 939 -7.63 -52.84 4.40
C VAL B 939 -7.46 -51.46 5.02
N PRO B 940 -6.51 -50.66 4.56
CA PRO B 940 -6.34 -49.31 5.12
C PRO B 940 -7.54 -48.41 4.80
N ASP B 941 -7.81 -47.50 5.73
CA ASP B 941 -8.83 -46.48 5.52
C ASP B 941 -8.25 -45.21 4.91
N ILE B 942 -7.03 -44.85 5.28
CA ILE B 942 -6.35 -43.68 4.74
C ILE B 942 -4.96 -44.12 4.28
N ILE B 943 -4.58 -43.74 3.07
CA ILE B 943 -3.23 -43.96 2.55
C ILE B 943 -2.53 -42.61 2.52
N MET B 944 -1.38 -42.53 3.18
CA MET B 944 -0.60 -41.30 3.26
C MET B 944 0.66 -41.43 2.43
N ASN B 945 1.00 -40.36 1.70
CA ASN B 945 2.20 -40.33 0.88
C ASN B 945 3.45 -40.36 1.77
N PRO B 946 4.47 -41.14 1.41
CA PRO B 946 5.70 -41.16 2.22
C PRO B 946 6.51 -39.89 2.17
N HIS B 947 6.25 -39.01 1.20
CA HIS B 947 7.09 -37.84 0.97
C HIS B 947 6.88 -36.73 2.00
N GLY B 948 5.86 -36.82 2.85
CA GLY B 948 5.66 -35.80 3.85
C GLY B 948 6.58 -35.92 5.06
N PHE B 949 7.22 -37.06 5.23
CA PHE B 949 8.09 -37.32 6.39
C PHE B 949 9.51 -36.75 6.29
N PRO B 950 10.24 -36.88 5.17
CA PRO B 950 11.65 -36.43 5.20
C PRO B 950 11.84 -34.93 5.39
N SER B 951 11.09 -34.10 4.66
CA SER B 951 11.29 -32.66 4.77
C SER B 951 10.69 -32.08 6.04
N ARG B 952 9.81 -32.81 6.72
CA ARG B 952 9.16 -32.33 7.93
C ARG B 952 9.63 -33.03 9.20
N MET B 953 10.20 -34.22 9.08
CA MET B 953 10.89 -34.92 10.18
C MET B 953 9.94 -35.19 11.35
N THR B 954 8.83 -35.87 11.04
CA THR B 954 7.87 -36.28 12.05
C THR B 954 8.06 -37.75 12.40
N VAL B 955 9.12 -38.00 13.18
CA VAL B 955 9.37 -39.35 13.69
C VAL B 955 8.35 -39.73 14.74
N GLY B 956 7.76 -38.74 15.42
CA GLY B 956 6.72 -39.02 16.39
C GLY B 956 5.51 -39.71 15.80
N LYS B 957 5.20 -39.41 14.53
CA LYS B 957 4.13 -40.13 13.84
C LYS B 957 4.46 -41.61 13.67
N MET B 958 5.71 -41.92 13.33
CA MET B 958 6.14 -43.31 13.18
C MET B 958 6.06 -44.04 14.51
N ILE B 959 6.54 -43.41 15.57
CA ILE B 959 6.47 -44.02 16.91
C ILE B 959 5.02 -44.16 17.35
N GLU B 960 4.16 -43.21 16.97
CA GLU B 960 2.74 -43.33 17.28
C GLU B 960 2.13 -44.54 16.57
N LEU B 961 2.49 -44.75 15.30
CA LEU B 961 1.96 -45.91 14.58
C LEU B 961 2.38 -47.21 15.25
N ILE B 962 3.66 -47.32 15.61
CA ILE B 962 4.13 -48.56 16.23
C ILE B 962 3.51 -48.76 17.60
N SER B 963 3.42 -47.69 18.40
CA SER B 963 2.83 -47.78 19.73
C SER B 963 1.36 -48.15 19.65
N GLY B 964 0.64 -47.59 18.68
CA GLY B 964 -0.76 -47.94 18.50
C GLY B 964 -0.95 -49.38 18.07
N LYS B 965 -0.10 -49.86 17.16
CA LYS B 965 -0.17 -51.26 16.73
C LYS B 965 0.07 -52.20 17.91
N ALA B 966 1.14 -51.94 18.68
CA ALA B 966 1.46 -52.79 19.82
C ALA B 966 0.39 -52.70 20.90
N GLY B 967 -0.20 -51.51 21.08
CA GLY B 967 -1.24 -51.37 22.08
C GLY B 967 -2.53 -52.09 21.71
N VAL B 968 -2.92 -52.01 20.43
CA VAL B 968 -4.11 -52.72 19.98
C VAL B 968 -3.90 -54.23 20.10
N LEU B 969 -2.73 -54.71 19.67
CA LEU B 969 -2.46 -56.13 19.76
C LEU B 969 -2.36 -56.62 21.20
N ASN B 970 -1.78 -55.81 22.09
CA ASN B 970 -1.68 -56.16 23.50
C ASN B 970 -2.97 -55.86 24.27
N GLY B 971 -3.79 -54.94 23.78
CA GLY B 971 -5.05 -54.64 24.41
C GLY B 971 -5.06 -53.46 25.36
N THR B 972 -4.01 -52.66 25.40
CA THR B 972 -3.91 -51.54 26.33
C THR B 972 -3.60 -50.26 25.57
N LEU B 973 -4.27 -49.18 25.95
CA LEU B 973 -3.95 -47.87 25.39
C LEU B 973 -2.55 -47.45 25.79
N GLU B 974 -1.80 -46.92 24.84
CA GLU B 974 -0.40 -46.57 25.06
C GLU B 974 -0.27 -45.08 25.38
N TYR B 975 0.92 -44.72 25.87
CA TYR B 975 1.20 -43.36 26.30
C TYR B 975 2.29 -42.76 25.42
N GLY B 976 2.04 -41.56 24.92
CA GLY B 976 3.02 -40.83 24.14
C GLY B 976 3.41 -39.53 24.80
N THR B 977 3.60 -39.57 26.11
CA THR B 977 3.89 -38.37 26.89
C THR B 977 5.24 -37.78 26.49
N CYS B 978 5.30 -36.45 26.53
CA CYS B 978 6.53 -35.75 26.17
C CYS B 978 7.64 -36.05 27.17
N PHE B 979 8.87 -36.16 26.65
CA PHE B 979 10.06 -36.51 27.44
C PHE B 979 9.88 -37.82 28.19
N GLY B 980 9.26 -38.79 27.52
CA GLY B 980 8.98 -40.07 28.13
C GLY B 980 8.04 -40.91 27.32
N GLY B 981 7.00 -41.44 27.95
CA GLY B 981 6.03 -42.24 27.26
C GLY B 981 6.49 -43.67 27.06
N SER B 982 5.80 -44.35 26.15
CA SER B 982 6.10 -45.75 25.88
C SER B 982 7.35 -45.88 25.03
N LYS B 983 8.30 -46.70 25.49
CA LYS B 983 9.54 -46.89 24.77
C LYS B 983 9.33 -47.75 23.54
N LEU B 984 10.20 -47.57 22.55
CA LEU B 984 10.05 -48.27 21.27
C LEU B 984 10.42 -49.75 21.38
N GLU B 985 11.37 -50.08 22.25
CA GLU B 985 11.83 -51.46 22.36
C GLU B 985 10.72 -52.38 22.88
N ASP B 986 9.96 -51.92 23.86
CA ASP B 986 8.86 -52.73 24.40
C ASP B 986 7.78 -52.99 23.35
N MET B 987 7.46 -51.97 22.55
CA MET B 987 6.45 -52.13 21.52
C MET B 987 6.95 -53.01 20.38
N SER B 988 8.24 -52.92 20.06
CA SER B 988 8.83 -53.84 19.10
C SER B 988 8.78 -55.27 19.61
N LYS B 989 9.03 -55.47 20.91
CA LYS B 989 8.96 -56.80 21.49
C LYS B 989 7.53 -57.34 21.45
N ILE B 990 6.55 -56.49 21.73
CA ILE B 990 5.15 -56.90 21.64
C ILE B 990 4.79 -57.29 20.21
N LEU B 991 5.23 -56.50 19.24
CA LEU B 991 4.95 -56.80 17.84
C LEU B 991 5.61 -58.09 17.40
N VAL B 992 6.83 -58.35 17.86
CA VAL B 992 7.51 -59.61 17.54
C VAL B 992 6.78 -60.79 18.16
N ASP B 993 6.34 -60.64 19.42
CA ASP B 993 5.62 -61.71 20.09
C ASP B 993 4.26 -61.98 19.46
N GLN B 994 3.68 -60.97 18.80
CA GLN B 994 2.39 -61.13 18.14
C GLN B 994 2.51 -61.60 16.70
N GLY B 995 3.71 -61.89 16.23
CA GLY B 995 3.91 -62.37 14.87
C GLY B 995 4.06 -61.30 13.81
N PHE B 996 4.15 -60.04 14.19
CA PHE B 996 4.34 -58.95 13.25
C PHE B 996 5.81 -58.54 13.22
N ASN B 997 6.14 -57.68 12.26
CA ASN B 997 7.48 -57.14 12.18
C ASN B 997 7.75 -56.16 13.31
N TYR B 998 9.01 -56.04 13.70
CA TYR B 998 9.37 -55.17 14.81
C TYR B 998 9.25 -53.69 14.43
N SER B 999 9.40 -53.37 13.15
CA SER B 999 9.38 -51.99 12.69
C SER B 999 8.01 -51.54 12.21
N GLY B 1000 6.98 -52.38 12.33
CA GLY B 1000 5.67 -52.03 11.85
C GLY B 1000 5.50 -52.10 10.36
N LYS B 1001 6.46 -52.64 9.63
CA LYS B 1001 6.41 -52.74 8.17
C LYS B 1001 5.81 -54.08 7.80
N ASP B 1002 4.64 -54.06 7.18
CA ASP B 1002 3.95 -55.26 6.75
C ASP B 1002 4.19 -55.51 5.26
N MET B 1003 3.88 -56.73 4.84
CA MET B 1003 3.97 -57.13 3.44
C MET B 1003 2.56 -57.15 2.86
N LEU B 1004 2.31 -56.27 1.90
CA LEU B 1004 0.97 -56.06 1.36
C LEU B 1004 0.89 -56.53 -0.08
N TYR B 1005 -0.26 -57.11 -0.44
CA TYR B 1005 -0.58 -57.43 -1.81
C TYR B 1005 -1.43 -56.30 -2.40
N SER B 1006 -1.09 -55.90 -3.62
CA SER B 1006 -1.82 -54.83 -4.30
C SER B 1006 -3.21 -55.31 -4.67
N GLY B 1007 -4.21 -54.45 -4.48
CA GLY B 1007 -5.57 -54.82 -4.83
C GLY B 1007 -5.88 -54.73 -6.30
N ILE B 1008 -5.01 -54.10 -7.09
CA ILE B 1008 -5.26 -53.94 -8.51
C ILE B 1008 -4.72 -55.13 -9.30
N THR B 1009 -3.45 -55.49 -9.07
CA THR B 1009 -2.83 -56.59 -9.78
C THR B 1009 -2.80 -57.89 -9.00
N GLY B 1010 -2.93 -57.84 -7.68
CA GLY B 1010 -2.91 -59.04 -6.87
C GLY B 1010 -1.55 -59.46 -6.39
N GLU B 1011 -0.47 -58.94 -6.98
CA GLU B 1011 0.87 -59.39 -6.68
C GLU B 1011 1.39 -58.72 -5.42
N CYS B 1012 2.45 -59.29 -4.87
CA CYS B 1012 3.11 -58.72 -3.71
C CYS B 1012 3.80 -57.41 -4.08
N LEU B 1013 3.66 -56.42 -3.22
CA LEU B 1013 4.40 -55.18 -3.40
C LEU B 1013 5.88 -55.43 -3.15
N GLN B 1014 6.73 -54.78 -3.93
CA GLN B 1014 8.17 -54.99 -3.85
C GLN B 1014 8.84 -54.23 -2.72
N ALA B 1015 8.05 -53.64 -1.82
CA ALA B 1015 8.58 -52.98 -0.65
C ALA B 1015 7.63 -53.19 0.51
N TYR B 1016 8.19 -53.37 1.71
CA TYR B 1016 7.37 -53.50 2.90
C TYR B 1016 6.70 -52.18 3.22
N ILE B 1017 5.43 -52.24 3.60
CA ILE B 1017 4.59 -51.05 3.75
C ILE B 1017 4.39 -50.78 5.24
N PHE B 1018 4.59 -49.53 5.64
CA PHE B 1018 4.46 -49.13 7.03
C PHE B 1018 2.98 -49.00 7.36
N PHE B 1019 2.48 -49.92 8.19
CA PHE B 1019 1.06 -50.21 8.28
C PHE B 1019 0.65 -50.21 9.75
N GLY B 1020 -0.36 -49.43 10.11
CA GLY B 1020 -0.84 -49.43 11.46
C GLY B 1020 -1.84 -48.32 11.78
N PRO B 1021 -2.35 -48.30 13.01
CA PRO B 1021 -3.37 -47.30 13.35
C PRO B 1021 -2.77 -45.94 13.69
N ILE B 1022 -3.35 -44.89 13.10
CA ILE B 1022 -3.00 -43.52 13.39
C ILE B 1022 -4.28 -42.75 13.70
N TYR B 1023 -4.22 -41.90 14.72
CA TYR B 1023 -5.35 -41.06 15.08
C TYR B 1023 -5.46 -39.90 14.10
N TYR B 1024 -6.62 -39.77 13.45
CA TYR B 1024 -6.88 -38.71 12.50
C TYR B 1024 -8.03 -37.84 12.97
N GLN B 1025 -7.93 -36.56 12.68
CA GLN B 1025 -8.90 -35.55 13.06
C GLN B 1025 -9.53 -34.97 11.81
N LYS B 1026 -10.86 -34.87 11.80
CA LYS B 1026 -11.58 -34.25 10.70
C LYS B 1026 -11.79 -32.78 11.03
N LEU B 1027 -11.25 -31.90 10.21
CA LEU B 1027 -11.32 -30.48 10.47
C LEU B 1027 -12.62 -29.89 9.93
N LYS B 1028 -12.93 -28.68 10.40
CA LYS B 1028 -14.18 -28.00 10.07
C LYS B 1028 -14.21 -27.46 8.66
N HIS B 1029 -13.11 -27.50 7.94
CA HIS B 1029 -12.99 -26.89 6.62
C HIS B 1029 -13.41 -27.92 5.58
N MET B 1030 -14.66 -27.83 5.16
CA MET B 1030 -15.26 -28.77 4.23
C MET B 1030 -15.67 -28.04 2.96
N VAL B 1031 -15.60 -28.75 1.82
CA VAL B 1031 -15.74 -28.10 0.52
C VAL B 1031 -17.17 -27.64 0.27
N LEU B 1032 -18.13 -28.18 1.02
CA LEU B 1032 -19.53 -27.80 0.84
C LEU B 1032 -19.77 -26.34 1.20
N ASP B 1033 -18.97 -25.78 2.10
CA ASP B 1033 -19.09 -24.38 2.49
C ASP B 1033 -18.07 -23.48 1.81
N LYS B 1034 -17.21 -24.04 0.96
CA LYS B 1034 -16.18 -23.25 0.28
C LYS B 1034 -16.48 -23.02 -1.19
N MET B 1035 -17.23 -23.92 -1.83
CA MET B 1035 -17.51 -23.77 -3.25
C MET B 1035 -18.43 -22.58 -3.50
N HIS B 1036 -18.12 -21.81 -4.53
CA HIS B 1036 -18.87 -20.60 -4.85
C HIS B 1036 -18.77 -20.36 -6.34
N ALA B 1037 -19.86 -19.86 -6.94
CA ALA B 1037 -19.89 -19.45 -8.33
C ALA B 1037 -20.94 -18.37 -8.48
N ARG B 1038 -20.66 -17.38 -9.32
CA ARG B 1038 -21.50 -16.19 -9.38
C ARG B 1038 -22.26 -16.04 -10.69
N ALA B 1039 -21.56 -16.02 -11.82
CA ALA B 1039 -22.09 -15.56 -13.11
C ALA B 1039 -22.63 -14.14 -12.89
N ARG B 1040 -23.89 -13.85 -13.22
CA ARG B 1040 -24.46 -12.54 -12.98
C ARG B 1040 -25.36 -12.59 -11.75
N GLY B 1041 -25.28 -11.55 -10.92
CA GLY B 1041 -26.05 -11.50 -9.71
C GLY B 1041 -26.21 -10.09 -9.17
N PRO B 1042 -26.22 -9.96 -7.84
CA PRO B 1042 -26.39 -8.64 -7.23
C PRO B 1042 -25.19 -7.73 -7.50
N ARG B 1043 -25.46 -6.43 -7.50
CA ARG B 1043 -24.43 -5.41 -7.68
C ARG B 1043 -24.58 -4.33 -6.62
N ALA B 1044 -23.46 -3.71 -6.27
CA ALA B 1044 -23.47 -2.64 -5.27
C ALA B 1044 -24.16 -1.40 -5.82
N VAL B 1045 -24.82 -0.67 -4.92
CA VAL B 1045 -25.60 0.49 -5.34
C VAL B 1045 -24.68 1.65 -5.73
N LEU B 1046 -23.49 1.70 -5.14
CA LEU B 1046 -22.61 2.85 -5.35
C LEU B 1046 -21.74 2.68 -6.59
N THR B 1047 -20.92 1.62 -6.61
CA THR B 1047 -19.96 1.43 -7.68
C THR B 1047 -20.50 0.61 -8.85
N ARG B 1048 -21.69 0.03 -8.71
CA ARG B 1048 -22.30 -0.84 -9.73
C ARG B 1048 -21.36 -1.98 -10.12
N GLN B 1049 -20.71 -2.55 -9.12
CA GLN B 1049 -19.80 -3.67 -9.25
C GLN B 1049 -20.34 -4.83 -8.42
N PRO B 1050 -19.91 -6.07 -8.71
CA PRO B 1050 -20.40 -7.21 -7.94
C PRO B 1050 -20.07 -7.10 -6.46
N THR B 1051 -20.93 -7.71 -5.65
CA THR B 1051 -20.81 -7.60 -4.19
C THR B 1051 -19.65 -8.44 -3.68
N GLU B 1052 -19.51 -8.49 -2.36
CA GLU B 1052 -18.42 -9.17 -1.69
C GLU B 1052 -18.95 -10.34 -0.88
N GLY B 1053 -18.30 -11.49 -1.03
CA GLY B 1053 -18.61 -12.64 -0.21
C GLY B 1053 -19.62 -13.57 -0.87
N ARG B 1054 -19.47 -14.87 -0.58
CA ARG B 1054 -20.41 -15.86 -1.10
C ARG B 1054 -21.77 -15.81 -0.40
N SER B 1055 -21.86 -15.13 0.73
CA SER B 1055 -23.14 -14.97 1.41
C SER B 1055 -24.04 -13.95 0.72
N ARG B 1056 -23.47 -13.07 -0.10
CA ARG B 1056 -24.24 -12.11 -0.88
C ARG B 1056 -24.13 -12.38 -2.38
N ASP B 1057 -23.79 -13.63 -2.76
CA ASP B 1057 -23.59 -14.02 -4.16
C ASP B 1057 -22.56 -13.12 -4.84
N GLY B 1058 -21.48 -12.80 -4.12
CA GLY B 1058 -20.50 -11.86 -4.60
C GLY B 1058 -19.54 -12.46 -5.60
N GLY B 1059 -18.70 -11.60 -6.15
CA GLY B 1059 -17.73 -12.00 -7.14
C GLY B 1059 -16.31 -11.97 -6.61
N LEU B 1060 -15.39 -12.60 -7.33
CA LEU B 1060 -14.01 -12.63 -6.91
C LEU B 1060 -13.26 -11.40 -7.39
N ARG B 1061 -12.25 -11.00 -6.63
CA ARG B 1061 -11.52 -9.77 -6.89
C ARG B 1061 -10.30 -10.04 -7.75
N LEU B 1062 -10.21 -9.32 -8.87
CA LEU B 1062 -9.04 -9.33 -9.73
C LEU B 1062 -8.19 -8.13 -9.33
N GLY B 1063 -7.34 -8.33 -8.34
CA GLY B 1063 -6.64 -7.25 -7.70
C GLY B 1063 -5.51 -6.69 -8.55
N GLU B 1064 -4.68 -5.88 -7.91
CA GLU B 1064 -3.57 -5.23 -8.60
C GLU B 1064 -2.55 -6.25 -9.10
N MET B 1065 -2.26 -7.26 -8.28
CA MET B 1065 -1.24 -8.26 -8.64
C MET B 1065 -1.66 -9.07 -9.86
N GLU B 1066 -2.93 -9.50 -9.92
CA GLU B 1066 -3.40 -10.27 -11.06
C GLU B 1066 -3.46 -9.42 -12.31
N ARG B 1067 -3.89 -8.16 -12.16
CA ARG B 1067 -3.85 -7.20 -13.28
C ARG B 1067 -2.44 -7.06 -13.82
N ASP B 1068 -1.47 -6.97 -12.92
CA ASP B 1068 -0.07 -6.81 -13.32
C ASP B 1068 0.48 -8.06 -13.98
N CYS B 1069 0.05 -9.24 -13.53
CA CYS B 1069 0.44 -10.48 -14.20
C CYS B 1069 -0.12 -10.54 -15.61
N VAL B 1070 -1.38 -10.14 -15.79
CA VAL B 1070 -1.99 -10.10 -17.12
C VAL B 1070 -1.27 -9.08 -18.00
N ILE B 1071 -0.84 -7.96 -17.41
CA ILE B 1071 -0.03 -6.98 -18.12
C ILE B 1071 1.28 -7.60 -18.58
N ALA B 1072 1.93 -8.37 -17.70
CA ALA B 1072 3.18 -9.04 -18.03
C ALA B 1072 3.00 -10.04 -19.15
N TYR B 1073 1.83 -10.67 -19.25
CA TYR B 1073 1.55 -11.54 -20.38
C TYR B 1073 1.34 -10.77 -21.68
N GLY B 1074 0.88 -9.53 -21.61
CA GLY B 1074 0.62 -8.75 -22.80
C GLY B 1074 -0.77 -8.90 -23.38
N ALA B 1075 -1.71 -9.46 -22.62
CA ALA B 1075 -3.08 -9.66 -23.10
C ALA B 1075 -3.91 -8.42 -22.78
N SER B 1076 -4.01 -7.52 -23.76
CA SER B 1076 -4.78 -6.30 -23.56
C SER B 1076 -6.29 -6.55 -23.60
N GLN B 1077 -6.75 -7.36 -24.55
CA GLN B 1077 -8.19 -7.60 -24.69
C GLN B 1077 -8.74 -8.38 -23.50
N LEU B 1078 -7.96 -9.32 -22.97
CA LEU B 1078 -8.40 -10.04 -21.79
C LEU B 1078 -8.54 -9.12 -20.59
N LEU B 1079 -7.58 -8.20 -20.41
CA LEU B 1079 -7.67 -7.23 -19.32
C LEU B 1079 -8.87 -6.32 -19.49
N LEU B 1080 -9.14 -5.87 -20.72
CA LEU B 1080 -10.29 -5.03 -20.98
C LEU B 1080 -11.60 -5.76 -20.72
N GLU B 1081 -11.67 -7.03 -21.11
CA GLU B 1081 -12.88 -7.81 -20.87
C GLU B 1081 -13.10 -8.07 -19.39
N ARG B 1082 -12.03 -8.39 -18.65
CA ARG B 1082 -12.17 -8.71 -17.23
C ARG B 1082 -12.50 -7.47 -16.41
N LEU B 1083 -11.86 -6.34 -16.70
CA LEU B 1083 -11.98 -5.18 -15.84
C LEU B 1083 -13.02 -4.17 -16.31
N MET B 1084 -13.52 -4.27 -17.55
CA MET B 1084 -14.57 -3.36 -18.00
C MET B 1084 -15.83 -4.11 -18.41
N ILE B 1085 -15.73 -5.10 -19.30
CA ILE B 1085 -16.93 -5.78 -19.81
C ILE B 1085 -17.63 -6.56 -18.71
N SER B 1086 -16.88 -7.30 -17.90
CA SER B 1086 -17.47 -8.23 -16.95
C SER B 1086 -17.78 -7.61 -15.59
N SER B 1087 -17.36 -6.37 -15.32
CA SER B 1087 -17.57 -5.78 -14.01
C SER B 1087 -18.49 -4.57 -14.03
N ASP B 1088 -18.13 -3.49 -14.74
CA ASP B 1088 -18.84 -2.22 -14.58
C ASP B 1088 -18.96 -1.41 -15.87
N ALA B 1089 -19.13 -2.07 -17.02
CA ALA B 1089 -19.26 -1.35 -18.29
C ALA B 1089 -20.45 -0.41 -18.26
N PHE B 1090 -20.29 0.76 -18.88
CA PHE B 1090 -21.32 1.80 -18.79
C PHE B 1090 -21.21 2.70 -20.01
N GLU B 1091 -22.32 2.86 -20.71
CA GLU B 1091 -22.39 3.75 -21.87
C GLU B 1091 -22.74 5.16 -21.42
N VAL B 1092 -21.90 6.12 -21.78
CA VAL B 1092 -21.99 7.48 -21.26
C VAL B 1092 -21.86 8.46 -22.42
N ASP B 1093 -22.41 9.66 -22.19
CA ASP B 1093 -22.33 10.78 -23.13
C ASP B 1093 -21.14 11.65 -22.74
N VAL B 1094 -20.27 11.95 -23.71
CA VAL B 1094 -19.13 12.82 -23.46
C VAL B 1094 -19.20 13.99 -24.44
N CYS B 1095 -19.10 15.20 -23.91
CA CYS B 1095 -19.08 16.38 -24.77
C CYS B 1095 -17.67 16.60 -25.32
N ASP B 1096 -17.61 16.89 -26.62
CA ASP B 1096 -16.33 17.02 -27.29
C ASP B 1096 -15.69 18.39 -27.09
N LYS B 1097 -16.44 19.39 -26.63
CA LYS B 1097 -15.90 20.73 -26.46
C LYS B 1097 -15.42 20.97 -25.03
N CYS B 1098 -16.32 20.83 -24.06
CA CYS B 1098 -15.99 21.08 -22.67
C CYS B 1098 -15.42 19.86 -21.95
N GLY B 1099 -15.53 18.66 -22.54
CA GLY B 1099 -14.96 17.46 -21.97
C GLY B 1099 -15.79 16.79 -20.91
N LEU B 1100 -16.68 17.52 -20.25
CA LEU B 1100 -17.49 16.95 -19.18
C LEU B 1100 -18.55 16.01 -19.75
N MET B 1101 -19.01 15.10 -18.90
CA MET B 1101 -20.00 14.12 -19.32
C MET B 1101 -21.40 14.73 -19.30
N GLY B 1102 -22.30 14.12 -20.07
CA GLY B 1102 -23.67 14.58 -20.17
C GLY B 1102 -24.64 13.44 -19.97
N TYR B 1103 -25.93 13.75 -20.17
CA TYR B 1103 -27.00 12.78 -20.01
C TYR B 1103 -27.97 12.89 -21.18
N SER B 1104 -28.44 11.72 -21.65
CA SER B 1104 -29.49 11.62 -22.67
C SER B 1104 -29.12 12.36 -23.95
N GLY B 1105 -27.85 12.28 -24.33
CA GLY B 1105 -27.36 12.96 -25.51
C GLY B 1105 -27.47 14.46 -25.41
N TRP B 1106 -27.07 15.02 -24.26
CA TRP B 1106 -27.23 16.44 -23.99
C TRP B 1106 -26.19 16.86 -22.97
N CYS B 1107 -25.51 17.98 -23.25
CA CYS B 1107 -24.53 18.53 -22.34
C CYS B 1107 -25.18 19.67 -21.55
N THR B 1108 -25.17 19.55 -20.23
CA THR B 1108 -25.80 20.56 -19.39
C THR B 1108 -24.98 21.83 -19.29
N THR B 1109 -23.69 21.78 -19.65
CA THR B 1109 -22.84 22.97 -19.57
C THR B 1109 -22.97 23.82 -20.83
N CYS B 1110 -22.78 23.20 -22.00
CA CYS B 1110 -22.89 23.90 -23.27
C CYS B 1110 -24.34 24.09 -23.71
N LYS B 1111 -25.28 23.36 -23.10
CA LYS B 1111 -26.71 23.44 -23.43
C LYS B 1111 -26.97 23.16 -24.92
N SER B 1112 -26.25 22.18 -25.45
CA SER B 1112 -26.41 21.78 -26.84
C SER B 1112 -26.08 20.30 -26.98
N ALA B 1113 -26.64 19.68 -28.01
CA ALA B 1113 -26.44 18.27 -28.28
C ALA B 1113 -25.54 18.02 -29.50
N GLU B 1114 -24.79 19.04 -29.93
CA GLU B 1114 -24.02 18.92 -31.17
C GLU B 1114 -22.78 18.06 -30.96
N ASN B 1115 -22.12 18.18 -29.82
CA ASN B 1115 -20.82 17.56 -29.59
C ASN B 1115 -20.89 16.32 -28.70
N ILE B 1116 -22.08 15.76 -28.49
CA ILE B 1116 -22.21 14.58 -27.65
C ILE B 1116 -21.72 13.35 -28.41
N ILE B 1117 -20.90 12.54 -27.74
CA ILE B 1117 -20.35 11.31 -28.30
C ILE B 1117 -20.64 10.17 -27.33
N LYS B 1118 -21.18 9.08 -27.86
CA LYS B 1118 -21.39 7.86 -27.09
C LYS B 1118 -20.05 7.17 -26.84
N MET B 1119 -19.76 6.84 -25.59
CA MET B 1119 -18.56 6.08 -25.28
C MET B 1119 -18.89 5.04 -24.22
N THR B 1120 -17.96 4.10 -24.04
CA THR B 1120 -18.08 3.04 -23.04
C THR B 1120 -16.93 3.17 -22.05
N ILE B 1121 -17.27 3.39 -20.79
CA ILE B 1121 -16.25 3.50 -19.73
C ILE B 1121 -16.67 2.62 -18.56
N PRO B 1122 -15.72 2.23 -17.72
CA PRO B 1122 -16.09 1.64 -16.43
C PRO B 1122 -16.89 2.63 -15.58
N TYR B 1123 -17.85 2.10 -14.84
CA TYR B 1123 -18.69 2.96 -14.00
C TYR B 1123 -17.89 3.58 -12.87
N ALA B 1124 -16.82 2.91 -12.43
CA ALA B 1124 -15.96 3.49 -11.41
C ALA B 1124 -15.28 4.75 -11.92
N ALA B 1125 -14.96 4.81 -13.22
CA ALA B 1125 -14.37 6.02 -13.78
C ALA B 1125 -15.36 7.18 -13.78
N LYS B 1126 -16.62 6.90 -14.10
CA LYS B 1126 -17.65 7.95 -14.05
C LYS B 1126 -17.87 8.42 -12.62
N LEU B 1127 -17.91 7.49 -11.67
CA LEU B 1127 -18.05 7.83 -10.26
C LEU B 1127 -16.87 8.67 -9.78
N LEU B 1128 -15.65 8.32 -10.20
CA LEU B 1128 -14.46 9.09 -9.85
C LEU B 1128 -14.52 10.49 -10.45
N PHE B 1129 -14.97 10.60 -11.71
CA PHE B 1129 -15.06 11.92 -12.35
C PHE B 1129 -16.07 12.81 -11.63
N GLN B 1130 -17.22 12.26 -11.25
CA GLN B 1130 -18.20 13.05 -10.52
C GLN B 1130 -17.69 13.44 -9.14
N GLU B 1131 -16.98 12.52 -8.46
CA GLU B 1131 -16.41 12.84 -7.16
C GLU B 1131 -15.36 13.93 -7.26
N LEU B 1132 -14.53 13.89 -8.31
CA LEU B 1132 -13.53 14.94 -8.52
C LEU B 1132 -14.19 16.27 -8.86
N LEU B 1133 -15.27 16.24 -9.65
CA LEU B 1133 -16.02 17.47 -9.93
C LEU B 1133 -16.62 18.04 -8.66
N SER B 1134 -16.96 17.20 -7.69
CA SER B 1134 -17.42 17.68 -6.40
C SER B 1134 -16.27 18.21 -5.55
N MET B 1135 -15.03 17.93 -5.91
CA MET B 1135 -13.85 18.38 -5.18
C MET B 1135 -13.20 19.59 -5.84
N ASN B 1136 -13.92 20.29 -6.72
CA ASN B 1136 -13.41 21.40 -7.53
C ASN B 1136 -12.23 21.01 -8.40
N ILE B 1137 -12.25 19.79 -8.93
CA ILE B 1137 -11.29 19.33 -9.93
C ILE B 1137 -12.09 18.94 -11.18
N ALA B 1138 -11.67 19.43 -12.34
CA ALA B 1138 -12.38 19.18 -13.59
C ALA B 1138 -11.53 18.29 -14.49
N PRO B 1139 -11.76 16.98 -14.49
CA PRO B 1139 -11.03 16.08 -15.41
C PRO B 1139 -11.68 16.06 -16.79
N ARG B 1140 -11.37 17.08 -17.58
CA ARG B 1140 -11.98 17.23 -18.90
C ARG B 1140 -11.35 16.25 -19.87
N LEU B 1141 -12.16 15.33 -20.38
CA LEU B 1141 -11.69 14.34 -21.35
C LEU B 1141 -11.50 14.98 -22.72
N ARG B 1142 -10.44 14.57 -23.40
CA ARG B 1142 -10.16 15.00 -24.76
C ARG B 1142 -10.23 13.78 -25.67
N LEU B 1143 -11.02 13.87 -26.73
CA LEU B 1143 -11.32 12.73 -27.58
C LEU B 1143 -10.73 12.91 -28.97
N GLU B 1144 -10.34 11.79 -29.57
CA GLU B 1144 -9.83 11.77 -30.93
C GLU B 1144 -10.37 10.53 -31.64
N ASP B 1145 -10.34 10.58 -32.97
CA ASP B 1145 -10.83 9.48 -33.77
C ASP B 1145 -9.92 8.27 -33.64
N ILE B 1146 -10.53 7.08 -33.62
CA ILE B 1146 -9.76 5.85 -33.57
C ILE B 1146 -9.00 5.63 -34.87
N PHE B 1147 -9.63 5.94 -36.00
CA PHE B 1147 -9.06 5.72 -37.31
C PHE B 1147 -8.41 7.02 -37.81
N GLN B 1148 -7.17 6.90 -38.32
CA GLN B 1148 -6.39 8.08 -38.65
C GLN B 1148 -7.01 8.88 -39.79
N GLN B 1149 -7.57 8.18 -40.78
CA GLN B 1149 -8.24 8.79 -41.93
C GLN B 1149 -7.35 9.77 -42.69
N SER C 2 11.86 -69.15 -11.76
CA SER C 2 11.32 -69.78 -10.55
C SER C 2 9.92 -69.25 -10.26
N ASN C 3 9.28 -69.80 -9.22
CA ASN C 3 7.95 -69.38 -8.82
C ASN C 3 7.90 -69.05 -7.33
N ILE C 4 9.06 -68.74 -6.74
CA ILE C 4 9.16 -68.44 -5.33
C ILE C 4 9.48 -66.95 -5.19
N VAL C 5 8.54 -66.20 -4.63
CA VAL C 5 8.76 -64.80 -4.29
C VAL C 5 9.73 -64.75 -3.12
N GLY C 6 10.97 -64.35 -3.39
CA GLY C 6 11.97 -64.30 -2.33
C GLY C 6 11.77 -63.10 -1.44
N ILE C 7 12.01 -63.30 -0.15
CA ILE C 7 11.81 -62.27 0.86
C ILE C 7 13.18 -61.94 1.45
N GLU C 8 13.60 -60.69 1.31
CA GLU C 8 14.87 -60.22 1.82
C GLU C 8 14.62 -59.29 3.00
N TYR C 9 15.71 -58.78 3.56
CA TYR C 9 15.61 -57.91 4.73
C TYR C 9 15.17 -56.50 4.39
N ASN C 10 15.27 -56.09 3.12
CA ASN C 10 14.92 -54.73 2.73
C ASN C 10 14.03 -54.65 1.50
N ARG C 11 13.83 -55.75 0.78
CA ARG C 11 13.06 -55.71 -0.46
C ARG C 11 12.41 -57.07 -0.69
N VAL C 12 11.45 -57.09 -1.60
CA VAL C 12 10.75 -58.30 -2.01
C VAL C 12 11.03 -58.52 -3.49
N THR C 13 11.54 -59.70 -3.83
CA THR C 13 12.04 -59.98 -5.17
C THR C 13 11.19 -61.05 -5.85
N ASN C 14 11.15 -60.97 -7.18
CA ASN C 14 10.48 -61.94 -8.05
C ASN C 14 8.99 -62.05 -7.72
N THR C 15 8.28 -60.94 -7.91
CA THR C 15 6.87 -60.85 -7.58
C THR C 15 5.95 -60.93 -8.80
N THR C 16 6.50 -60.96 -10.01
CA THR C 16 5.70 -60.91 -11.22
C THR C 16 5.69 -62.28 -11.90
N SER C 17 4.51 -62.70 -12.35
CA SER C 17 4.35 -63.99 -13.00
C SER C 17 5.13 -64.03 -14.31
N THR C 18 5.83 -65.14 -14.53
CA THR C 18 6.70 -65.31 -15.70
C THR C 18 6.35 -66.59 -16.43
N ASP C 19 5.06 -66.84 -16.66
CA ASP C 19 4.60 -68.03 -17.39
C ASP C 19 3.80 -67.57 -18.60
N PHE C 20 4.50 -67.26 -19.69
CA PHE C 20 3.90 -66.85 -20.95
C PHE C 20 4.96 -66.90 -22.04
N PRO C 21 4.59 -67.24 -23.28
CA PRO C 21 5.57 -67.20 -24.38
C PRO C 21 6.05 -65.77 -24.61
N GLY C 22 7.34 -65.66 -24.92
CA GLY C 22 8.01 -64.37 -24.98
C GLY C 22 8.87 -64.08 -23.78
N PHE C 23 8.74 -64.85 -22.71
CA PHE C 23 9.64 -64.72 -21.57
C PHE C 23 11.00 -65.34 -21.85
N SER C 24 11.05 -66.36 -22.70
CA SER C 24 12.29 -67.03 -23.03
C SER C 24 12.19 -67.54 -24.46
N LYS C 25 13.34 -67.95 -25.02
CA LYS C 25 13.38 -68.44 -26.38
C LYS C 25 12.69 -69.78 -26.53
N ASP C 26 12.43 -70.49 -25.42
CA ASP C 26 11.77 -71.78 -25.51
C ASP C 26 10.32 -71.66 -25.96
N ALA C 27 9.71 -70.47 -25.75
CA ALA C 27 8.34 -70.19 -26.16
C ALA C 27 7.35 -71.18 -25.56
N GLU C 28 7.56 -71.54 -24.31
CA GLU C 28 6.72 -72.48 -23.60
C GLU C 28 5.65 -71.72 -22.82
N ASN C 29 4.92 -72.46 -21.97
CA ASN C 29 3.83 -71.93 -21.14
C ASN C 29 2.73 -71.30 -22.00
N GLU C 30 2.51 -71.85 -23.18
CA GLU C 30 1.35 -71.51 -23.99
C GLU C 30 0.10 -72.00 -23.29
N TRP C 31 -1.00 -71.25 -23.44
CA TRP C 31 -2.25 -71.58 -22.77
C TRP C 31 -2.79 -72.91 -23.30
N ASN C 32 -2.78 -73.93 -22.45
CA ASN C 32 -3.39 -75.22 -22.74
C ASN C 32 -4.36 -75.55 -21.61
N VAL C 33 -5.62 -75.79 -21.97
CA VAL C 33 -6.63 -76.03 -20.94
C VAL C 33 -6.43 -77.39 -20.28
N GLU C 34 -5.82 -78.34 -21.01
CA GLU C 34 -5.55 -79.65 -20.43
C GLU C 34 -4.45 -79.58 -19.38
N LYS C 35 -3.38 -78.83 -19.67
CA LYS C 35 -2.30 -78.67 -18.70
C LYS C 35 -2.79 -77.94 -17.45
N PHE C 36 -3.62 -76.91 -17.63
CA PHE C 36 -4.19 -76.19 -16.49
C PHE C 36 -5.12 -77.09 -15.69
N LYS C 37 -5.91 -77.93 -16.37
CA LYS C 37 -6.79 -78.86 -15.68
C LYS C 37 -6.00 -79.89 -14.88
N LYS C 38 -4.86 -80.33 -15.42
CA LYS C 38 -4.03 -81.30 -14.72
C LYS C 38 -3.33 -80.66 -13.52
N ASP C 39 -2.88 -79.40 -13.67
CA ASP C 39 -2.05 -78.78 -12.64
C ASP C 39 -2.86 -78.14 -11.51
N PHE C 40 -4.05 -77.61 -11.81
CA PHE C 40 -4.83 -76.88 -10.82
C PHE C 40 -5.35 -77.81 -9.74
N GLU C 41 -5.27 -77.35 -8.48
CA GLU C 41 -5.75 -78.14 -7.35
C GLU C 41 -6.49 -77.25 -6.36
N VAL C 42 -7.44 -77.83 -5.66
CA VAL C 42 -8.17 -77.17 -4.58
C VAL C 42 -8.13 -78.07 -3.35
N ASN C 43 -7.73 -77.52 -2.21
CA ASN C 43 -7.65 -78.28 -0.95
C ASN C 43 -8.42 -77.53 0.12
N ILE C 44 -9.53 -78.11 0.58
CA ILE C 44 -10.33 -77.50 1.63
C ILE C 44 -9.73 -77.88 2.98
N SER C 45 -9.41 -76.88 3.80
CA SER C 45 -8.89 -77.15 5.14
C SER C 45 -9.95 -76.97 6.22
N SER C 46 -10.90 -76.07 6.04
CA SER C 46 -11.96 -75.85 7.01
C SER C 46 -13.19 -75.33 6.28
N LEU C 47 -14.37 -75.79 6.69
CA LEU C 47 -15.62 -75.36 6.07
C LEU C 47 -16.69 -75.30 7.17
N ASP C 48 -16.85 -74.12 7.75
CA ASP C 48 -17.86 -73.86 8.76
C ASP C 48 -19.04 -73.14 8.12
N ALA C 49 -20.00 -72.70 8.93
CA ALA C 49 -21.15 -71.97 8.43
C ALA C 49 -20.83 -70.51 8.09
N ARG C 50 -19.81 -69.93 8.73
CA ARG C 50 -19.47 -68.52 8.55
C ARG C 50 -18.06 -68.31 8.05
N GLU C 51 -17.27 -69.37 7.87
CA GLU C 51 -15.88 -69.21 7.50
C GLU C 51 -15.41 -70.41 6.71
N ALA C 52 -14.72 -70.17 5.60
CA ALA C 52 -14.13 -71.21 4.78
C ALA C 52 -12.65 -70.90 4.54
N ASN C 53 -11.83 -71.94 4.61
CA ASN C 53 -10.40 -71.82 4.37
C ASN C 53 -10.01 -72.87 3.34
N PHE C 54 -9.45 -72.44 2.21
CA PHE C 54 -9.11 -73.39 1.16
C PHE C 54 -7.95 -72.88 0.32
N ASP C 55 -7.12 -73.82 -0.11
CA ASP C 55 -5.94 -73.52 -0.91
C ASP C 55 -6.22 -73.76 -2.39
N LEU C 56 -5.88 -72.76 -3.20
CA LEU C 56 -5.86 -72.88 -4.66
C LEU C 56 -4.42 -73.02 -5.10
N ILE C 57 -4.11 -74.11 -5.80
CA ILE C 57 -2.76 -74.46 -6.18
C ILE C 57 -2.64 -74.44 -7.69
N ASN C 58 -1.57 -73.81 -8.19
CA ASN C 58 -1.24 -73.71 -9.61
C ASN C 58 -2.29 -72.92 -10.39
N ILE C 59 -2.60 -71.73 -9.87
CA ILE C 59 -3.45 -70.76 -10.56
C ILE C 59 -2.71 -69.43 -10.56
N ASP C 60 -3.02 -68.60 -11.55
CA ASP C 60 -2.34 -67.32 -11.67
C ASP C 60 -2.88 -66.32 -10.65
N THR C 61 -2.06 -65.29 -10.39
CA THR C 61 -2.42 -64.28 -9.41
C THR C 61 -3.60 -63.42 -9.87
N SER C 62 -3.69 -63.16 -11.18
CA SER C 62 -4.75 -62.30 -11.70
C SER C 62 -6.13 -62.91 -11.45
N ILE C 63 -6.26 -64.22 -11.65
CA ILE C 63 -7.56 -64.88 -11.48
C ILE C 63 -7.95 -64.92 -10.01
N ALA C 64 -7.01 -65.21 -9.12
CA ALA C 64 -7.30 -65.22 -7.69
C ALA C 64 -7.69 -63.83 -7.20
N ASN C 65 -6.99 -62.80 -7.67
CA ASN C 65 -7.36 -61.43 -7.33
C ASN C 65 -8.72 -61.05 -7.89
N ALA C 66 -9.05 -61.54 -9.10
CA ALA C 66 -10.37 -61.29 -9.65
C ALA C 66 -11.46 -61.94 -8.80
N PHE C 67 -11.21 -63.16 -8.33
CA PHE C 67 -12.15 -63.83 -7.44
C PHE C 67 -12.34 -63.03 -6.15
N ARG C 68 -11.24 -62.54 -5.58
CA ARG C 68 -11.32 -61.73 -4.35
C ARG C 68 -12.12 -60.46 -4.57
N ARG C 69 -11.84 -59.75 -5.67
CA ARG C 69 -12.53 -58.50 -5.96
C ARG C 69 -14.01 -58.73 -6.23
N ILE C 70 -14.35 -59.82 -6.93
CA ILE C 70 -15.75 -60.10 -7.23
C ILE C 70 -16.50 -60.48 -5.95
N MET C 71 -15.87 -61.25 -5.06
CA MET C 71 -16.52 -61.54 -3.77
C MET C 71 -16.74 -60.27 -2.97
N ILE C 72 -15.77 -59.35 -2.97
CA ILE C 72 -15.91 -58.16 -2.15
C ILE C 72 -16.97 -57.22 -2.72
N SER C 73 -16.96 -56.99 -4.04
CA SER C 73 -17.73 -55.88 -4.61
C SER C 73 -18.75 -56.27 -5.68
N GLU C 74 -18.80 -57.54 -6.09
CA GLU C 74 -19.71 -57.90 -7.19
C GLU C 74 -20.75 -58.95 -6.83
N VAL C 75 -20.63 -59.66 -5.71
CA VAL C 75 -21.64 -60.64 -5.31
C VAL C 75 -22.77 -59.93 -4.58
N PRO C 76 -24.00 -60.02 -5.07
CA PRO C 76 -25.10 -59.28 -4.45
C PRO C 76 -25.52 -59.89 -3.12
N SER C 77 -26.09 -59.04 -2.26
CA SER C 77 -26.68 -59.46 -1.01
C SER C 77 -27.74 -58.45 -0.60
N VAL C 78 -28.55 -58.82 0.37
CA VAL C 78 -29.71 -58.04 0.78
C VAL C 78 -29.34 -57.19 1.99
N ALA C 79 -29.59 -55.88 1.90
CA ALA C 79 -29.39 -54.97 3.01
C ALA C 79 -30.47 -53.90 2.96
N ALA C 80 -30.74 -53.29 4.10
CA ALA C 80 -31.77 -52.27 4.19
C ALA C 80 -31.37 -51.04 3.41
N GLU C 81 -32.29 -50.55 2.57
CA GLU C 81 -32.03 -49.40 1.72
C GLU C 81 -32.85 -48.17 2.07
N TYR C 82 -34.14 -48.31 2.36
CA TYR C 82 -34.96 -47.17 2.72
C TYR C 82 -35.55 -47.38 4.11
N VAL C 83 -35.60 -46.31 4.89
CA VAL C 83 -36.20 -46.35 6.23
C VAL C 83 -37.24 -45.25 6.32
N TYR C 84 -38.46 -45.61 6.69
CA TYR C 84 -39.56 -44.68 6.90
C TYR C 84 -39.83 -44.60 8.39
N PHE C 85 -39.83 -43.38 8.91
CA PHE C 85 -39.80 -43.13 10.35
C PHE C 85 -41.16 -42.63 10.84
N PHE C 86 -41.66 -43.24 11.89
CA PHE C 86 -42.83 -42.75 12.62
C PHE C 86 -42.42 -42.55 14.07
N ASN C 87 -42.30 -41.29 14.49
CA ASN C 87 -42.07 -40.91 15.89
C ASN C 87 -40.76 -41.52 16.41
N ASN C 88 -39.66 -41.05 15.83
CA ASN C 88 -38.32 -41.37 16.34
C ASN C 88 -37.96 -40.32 17.37
N THR C 89 -38.14 -40.66 18.64
CA THR C 89 -37.95 -39.73 19.75
C THR C 89 -36.56 -39.90 20.39
N SER C 90 -35.75 -40.79 19.84
CA SER C 90 -34.46 -41.14 20.43
C SER C 90 -33.48 -39.98 20.35
N VAL C 91 -32.46 -40.05 21.22
CA VAL C 91 -31.36 -39.08 21.15
C VAL C 91 -30.49 -39.37 19.93
N ILE C 92 -30.52 -40.61 19.44
CA ILE C 92 -29.87 -40.93 18.17
C ILE C 92 -30.65 -40.28 17.04
N GLN C 93 -29.93 -39.62 16.14
CA GLN C 93 -30.57 -38.95 15.02
C GLN C 93 -31.16 -39.96 14.06
N ASP C 94 -32.08 -39.48 13.22
CA ASP C 94 -32.76 -40.35 12.27
C ASP C 94 -31.80 -40.90 11.23
N GLU C 95 -30.89 -40.05 10.74
CA GLU C 95 -29.91 -40.49 9.75
C GLU C 95 -29.01 -41.58 10.30
N VAL C 96 -28.56 -41.41 11.55
CA VAL C 96 -27.65 -42.37 12.16
C VAL C 96 -28.36 -43.71 12.37
N LEU C 97 -29.61 -43.67 12.83
CA LEU C 97 -30.36 -44.90 13.05
C LEU C 97 -30.63 -45.61 11.72
N ALA C 98 -30.98 -44.85 10.67
CA ALA C 98 -31.19 -45.45 9.37
C ALA C 98 -29.91 -46.08 8.83
N HIS C 99 -28.78 -45.41 9.02
CA HIS C 99 -27.48 -45.95 8.59
C HIS C 99 -27.15 -47.24 9.33
N ARG C 100 -27.40 -47.26 10.64
CA ARG C 100 -27.12 -48.46 11.43
C ARG C 100 -28.02 -49.62 11.03
N ILE C 101 -29.29 -49.34 10.74
CA ILE C 101 -30.19 -50.39 10.28
C ILE C 101 -29.79 -50.88 8.91
N GLY C 102 -29.30 -50.00 8.04
CA GLY C 102 -28.79 -50.43 6.77
C GLY C 102 -27.52 -51.25 6.86
N LEU C 103 -26.77 -51.09 7.96
CA LEU C 103 -25.51 -51.80 8.12
C LEU C 103 -25.66 -53.19 8.74
N VAL C 104 -26.83 -53.58 9.20
CA VAL C 104 -26.97 -54.92 9.78
C VAL C 104 -27.04 -55.95 8.65
N PRO C 105 -26.53 -57.16 8.85
CA PRO C 105 -26.68 -58.19 7.82
C PRO C 105 -27.98 -58.96 7.99
N LEU C 106 -28.61 -59.28 6.86
CA LEU C 106 -29.88 -59.98 6.85
C LEU C 106 -29.70 -61.37 6.25
N LYS C 107 -30.30 -62.36 6.91
CA LYS C 107 -30.18 -63.76 6.47
C LYS C 107 -31.24 -64.05 5.42
N VAL C 108 -31.03 -63.49 4.24
CA VAL C 108 -31.90 -63.66 3.09
C VAL C 108 -31.07 -64.20 1.94
N ASP C 109 -31.54 -65.27 1.30
CA ASP C 109 -30.90 -65.77 0.10
C ASP C 109 -31.11 -64.77 -1.03
N PRO C 110 -30.04 -64.23 -1.64
CA PRO C 110 -30.23 -63.23 -2.70
C PRO C 110 -30.91 -63.78 -3.95
N ASP C 111 -30.92 -65.10 -4.15
CA ASP C 111 -31.54 -65.69 -5.33
C ASP C 111 -33.06 -65.58 -5.31
N MET C 112 -33.66 -65.28 -4.17
CA MET C 112 -35.10 -65.21 -4.02
C MET C 112 -35.66 -63.81 -4.26
N LEU C 113 -34.81 -62.85 -4.61
CA LEU C 113 -35.22 -61.47 -4.83
C LEU C 113 -34.81 -61.03 -6.23
N THR C 114 -35.57 -60.07 -6.76
CA THR C 114 -35.36 -59.53 -8.09
C THR C 114 -34.80 -58.12 -7.97
N TRP C 115 -33.94 -57.76 -8.94
CA TRP C 115 -33.33 -56.43 -8.94
C TRP C 115 -34.39 -55.35 -9.15
N VAL C 116 -34.19 -54.22 -8.46
CA VAL C 116 -35.15 -53.12 -8.47
C VAL C 116 -34.83 -52.20 -9.64
N ASP C 117 -35.84 -51.93 -10.47
CA ASP C 117 -35.67 -51.02 -11.60
C ASP C 117 -35.72 -49.59 -11.08
N SER C 118 -34.63 -48.84 -11.30
CA SER C 118 -34.50 -47.53 -10.68
C SER C 118 -35.35 -46.48 -11.39
N ASN C 119 -35.48 -46.57 -12.72
CA ASN C 119 -36.18 -45.54 -13.47
C ASN C 119 -37.69 -45.57 -13.26
N LEU C 120 -38.22 -46.66 -12.70
CA LEU C 120 -39.64 -46.73 -12.40
C LEU C 120 -39.99 -45.77 -11.27
N PRO C 121 -41.21 -45.22 -11.28
CA PRO C 121 -41.61 -44.31 -10.20
C PRO C 121 -41.79 -45.06 -8.88
N ASP C 122 -41.76 -44.27 -7.80
CA ASP C 122 -41.74 -44.85 -6.46
C ASP C 122 -43.05 -45.54 -6.11
N ASP C 123 -44.14 -45.19 -6.80
CA ASP C 123 -45.42 -45.83 -6.53
C ASP C 123 -45.42 -47.31 -6.93
N GLU C 124 -44.69 -47.66 -7.99
CA GLU C 124 -44.63 -49.04 -8.47
C GLU C 124 -43.21 -49.58 -8.50
N LYS C 125 -42.25 -48.93 -7.83
CA LYS C 125 -40.88 -49.43 -7.82
C LYS C 125 -40.75 -50.67 -6.95
N PHE C 126 -41.37 -50.67 -5.78
CA PHE C 126 -41.27 -51.77 -4.83
C PHE C 126 -42.42 -52.73 -5.02
N THR C 127 -42.10 -53.99 -5.29
CA THR C 127 -43.07 -55.06 -5.39
C THR C 127 -42.77 -56.10 -4.31
N ASP C 128 -43.55 -57.17 -4.29
CA ASP C 128 -43.31 -58.27 -3.36
C ASP C 128 -42.20 -59.20 -3.82
N GLU C 129 -41.71 -59.03 -5.05
CA GLU C 129 -40.60 -59.83 -5.55
C GLU C 129 -39.25 -59.13 -5.39
N ASN C 130 -39.23 -57.88 -4.94
CA ASN C 130 -38.00 -57.10 -4.96
C ASN C 130 -37.81 -56.24 -3.71
N THR C 131 -38.54 -56.54 -2.64
CA THR C 131 -38.47 -55.72 -1.44
C THR C 131 -38.90 -56.55 -0.24
N ILE C 132 -38.13 -56.45 0.85
CA ILE C 132 -38.47 -57.08 2.12
C ILE C 132 -38.71 -55.98 3.14
N VAL C 133 -39.85 -56.02 3.81
CA VAL C 133 -40.26 -54.98 4.75
C VAL C 133 -39.99 -55.48 6.16
N LEU C 134 -39.21 -54.71 6.92
CA LEU C 134 -38.89 -55.01 8.31
C LEU C 134 -39.46 -53.92 9.20
N SER C 135 -40.19 -54.31 10.23
CA SER C 135 -40.86 -53.37 11.11
C SER C 135 -40.18 -53.35 12.47
N LEU C 136 -39.94 -52.15 13.00
CA LEU C 136 -39.40 -51.98 14.35
C LEU C 136 -40.36 -51.10 15.14
N ASN C 137 -40.68 -51.52 16.36
CA ASN C 137 -41.59 -50.78 17.23
C ASN C 137 -41.18 -51.03 18.66
N VAL C 138 -40.49 -50.07 19.27
CA VAL C 138 -39.99 -50.21 20.63
C VAL C 138 -40.36 -48.95 21.43
N LYS C 139 -41.01 -49.15 22.57
CA LYS C 139 -41.31 -48.09 23.52
C LYS C 139 -40.63 -48.40 24.84
N CYS C 140 -40.03 -47.39 25.46
CA CYS C 140 -39.32 -47.55 26.71
C CYS C 140 -40.15 -46.98 27.84
N THR C 141 -40.38 -47.80 28.87
CA THR C 141 -41.15 -47.40 30.04
C THR C 141 -40.35 -47.73 31.29
N ARG C 142 -40.54 -46.90 32.32
CA ARG C 142 -39.87 -47.13 33.59
C ARG C 142 -40.44 -48.36 34.29
N ASN C 143 -39.55 -49.19 34.84
CA ASN C 143 -39.96 -50.44 35.48
C ASN C 143 -40.49 -50.14 36.87
N PRO C 144 -41.74 -50.49 37.18
CA PRO C 144 -42.24 -50.28 38.55
C PRO C 144 -41.64 -51.25 39.56
N ASP C 145 -41.50 -52.53 39.18
CA ASP C 145 -40.92 -53.54 40.06
C ASP C 145 -39.40 -53.59 39.85
N ALA C 146 -38.75 -52.51 40.27
CA ALA C 146 -37.31 -52.38 40.11
C ALA C 146 -36.60 -52.45 41.45
N PRO C 147 -35.36 -52.93 41.49
CA PRO C 147 -34.59 -52.89 42.73
C PRO C 147 -34.35 -51.46 43.20
N LYS C 148 -34.25 -51.29 44.51
CA LYS C 148 -34.21 -49.95 45.10
C LYS C 148 -32.91 -49.23 44.75
N GLY C 149 -31.77 -49.91 44.92
CA GLY C 149 -30.49 -49.27 44.70
C GLY C 149 -29.79 -49.68 43.42
N SER C 150 -30.55 -50.22 42.47
CA SER C 150 -29.95 -50.67 41.22
C SER C 150 -29.55 -49.49 40.34
N THR C 151 -28.48 -49.70 39.56
CA THR C 151 -28.03 -48.73 38.58
C THR C 151 -27.98 -49.27 37.16
N ASP C 152 -28.28 -50.56 36.98
CA ASP C 152 -28.24 -51.14 35.64
C ASP C 152 -29.42 -50.65 34.81
N PRO C 153 -29.20 -50.17 33.59
CA PRO C 153 -30.31 -49.75 32.73
C PRO C 153 -31.27 -50.86 32.34
N LYS C 154 -30.85 -52.13 32.43
CA LYS C 154 -31.71 -53.26 32.11
C LYS C 154 -32.67 -53.63 33.24
N GLU C 155 -32.54 -53.00 34.41
CA GLU C 155 -33.43 -53.24 35.52
C GLU C 155 -34.28 -52.02 35.89
N LEU C 156 -33.76 -50.81 35.69
CA LEU C 156 -34.57 -49.62 35.94
C LEU C 156 -35.59 -49.41 34.83
N TYR C 157 -35.29 -49.85 33.61
CA TYR C 157 -36.14 -49.62 32.45
C TYR C 157 -36.48 -50.94 31.79
N ASN C 158 -37.49 -50.89 30.92
CA ASN C 158 -38.00 -52.09 30.26
C ASN C 158 -37.32 -52.35 28.92
N ASN C 159 -37.35 -51.37 28.02
CA ASN C 159 -36.80 -51.55 26.68
C ASN C 159 -35.69 -50.53 26.41
N ALA C 160 -34.76 -50.39 27.36
CA ALA C 160 -33.68 -49.42 27.24
C ALA C 160 -32.67 -49.79 26.16
N HIS C 161 -32.75 -50.99 25.60
CA HIS C 161 -31.83 -51.43 24.54
C HIS C 161 -32.65 -51.93 23.37
N VAL C 162 -32.58 -51.23 22.25
CA VAL C 162 -33.20 -51.66 21.00
C VAL C 162 -32.16 -52.44 20.23
N TYR C 163 -32.40 -53.75 20.09
CA TYR C 163 -31.47 -54.67 19.46
C TYR C 163 -31.85 -54.92 18.01
N ALA C 164 -31.04 -55.76 17.35
CA ALA C 164 -31.32 -56.11 15.96
C ALA C 164 -32.46 -57.11 15.87
N ARG C 165 -32.67 -57.93 16.91
CA ARG C 165 -33.74 -58.93 16.88
C ARG C 165 -35.12 -58.31 16.91
N ASP C 166 -35.24 -57.02 17.23
CA ASP C 166 -36.52 -56.33 17.21
C ASP C 166 -37.00 -56.01 15.79
N LEU C 167 -36.16 -56.20 14.78
CA LEU C 167 -36.57 -56.00 13.40
C LEU C 167 -37.43 -57.16 12.93
N LYS C 168 -38.74 -57.10 13.21
CA LYS C 168 -39.64 -58.16 12.81
C LYS C 168 -39.87 -58.14 11.30
N PHE C 169 -40.12 -59.32 10.74
CA PHE C 169 -40.36 -59.48 9.31
C PHE C 169 -41.85 -59.38 9.03
N GLU C 170 -42.21 -58.53 8.08
CA GLU C 170 -43.61 -58.36 7.66
C GLU C 170 -43.78 -58.90 6.25
N PRO C 171 -44.38 -60.08 6.08
CA PRO C 171 -44.59 -60.61 4.73
C PRO C 171 -45.59 -59.77 3.95
N GLN C 172 -45.36 -59.67 2.65
CA GLN C 172 -46.21 -58.90 1.74
C GLN C 172 -46.55 -59.76 0.54
N GLY C 173 -47.83 -60.07 0.37
CA GLY C 173 -48.26 -60.85 -0.78
C GLY C 173 -47.73 -62.27 -0.74
N ARG C 174 -47.21 -62.71 -1.90
CA ARG C 174 -46.75 -64.09 -2.03
C ARG C 174 -45.54 -64.41 -1.15
N GLN C 175 -44.90 -63.40 -0.56
CA GLN C 175 -43.86 -63.63 0.42
C GLN C 175 -44.39 -64.36 1.65
N SER C 176 -45.70 -64.36 1.87
CA SER C 176 -46.26 -65.17 2.95
C SER C 176 -46.06 -66.66 2.70
N THR C 177 -45.94 -67.06 1.43
CA THR C 177 -45.73 -68.46 1.09
C THR C 177 -44.28 -68.79 0.75
N THR C 178 -43.59 -67.91 0.01
CA THR C 178 -42.21 -68.17 -0.37
C THR C 178 -41.28 -68.17 0.84
N PHE C 179 -41.50 -67.26 1.79
CA PHE C 179 -40.67 -67.15 2.98
C PHE C 179 -41.24 -67.90 4.17
N ALA C 180 -42.00 -68.96 3.92
CA ALA C 180 -42.64 -69.69 5.02
C ALA C 180 -41.62 -70.48 5.84
N ASP C 181 -40.74 -71.21 5.17
CA ASP C 181 -39.77 -72.06 5.86
C ASP C 181 -38.47 -71.35 6.18
N CYS C 182 -38.25 -70.15 5.64
CA CYS C 182 -37.02 -69.39 5.85
C CYS C 182 -37.35 -67.93 6.15
N PRO C 183 -37.76 -67.64 7.38
CA PRO C 183 -38.14 -66.26 7.72
C PRO C 183 -36.92 -65.35 7.78
N VAL C 184 -37.16 -64.06 7.56
CA VAL C 184 -36.09 -63.08 7.52
C VAL C 184 -35.73 -62.67 8.94
N VAL C 185 -34.50 -62.97 9.34
CA VAL C 185 -33.98 -62.56 10.64
C VAL C 185 -32.59 -61.95 10.43
N PRO C 186 -32.16 -61.01 11.26
CA PRO C 186 -30.78 -60.54 11.18
C PRO C 186 -29.79 -61.65 11.50
N ALA C 187 -28.65 -61.63 10.82
CA ALA C 187 -27.62 -62.64 11.04
C ALA C 187 -26.94 -62.48 12.38
N ASP C 188 -26.97 -61.28 12.97
CA ASP C 188 -26.41 -61.02 14.28
C ASP C 188 -27.50 -60.34 15.12
N PRO C 189 -28.30 -61.12 15.83
CA PRO C 189 -29.44 -60.53 16.57
C PRO C 189 -29.02 -59.68 17.76
N ASP C 190 -27.76 -59.74 18.19
CA ASP C 190 -27.30 -58.98 19.34
C ASP C 190 -26.74 -57.61 18.98
N ILE C 191 -26.94 -57.14 17.75
CA ILE C 191 -26.47 -55.82 17.37
C ILE C 191 -27.26 -54.77 18.13
N LEU C 192 -26.55 -53.91 18.85
CA LEU C 192 -27.17 -52.87 19.66
C LEU C 192 -27.49 -51.69 18.76
N LEU C 193 -28.73 -51.63 18.29
CA LEU C 193 -29.12 -50.56 17.38
C LEU C 193 -29.28 -49.22 18.10
N ALA C 194 -29.92 -49.23 19.27
CA ALA C 194 -30.17 -47.96 19.95
C ALA C 194 -30.31 -48.17 21.44
N LYS C 195 -30.23 -47.07 22.19
CA LYS C 195 -30.47 -47.05 23.61
C LYS C 195 -31.54 -46.03 23.92
N LEU C 196 -32.46 -46.37 24.83
CA LEU C 196 -33.61 -45.54 25.13
C LEU C 196 -33.71 -45.26 26.62
N ARG C 197 -34.53 -44.28 26.94
CA ARG C 197 -34.91 -43.87 28.29
C ARG C 197 -36.41 -43.66 28.27
N PRO C 198 -37.07 -43.65 29.46
CA PRO C 198 -38.54 -43.56 29.47
C PRO C 198 -39.06 -42.30 28.77
N GLY C 199 -40.17 -42.48 28.05
CA GLY C 199 -40.75 -41.44 27.22
C GLY C 199 -40.32 -41.47 25.78
N GLN C 200 -39.34 -42.30 25.43
CA GLN C 200 -38.75 -42.36 24.10
C GLN C 200 -39.33 -43.54 23.33
N GLU C 201 -39.43 -43.37 22.01
CA GLU C 201 -40.09 -44.36 21.16
C GLU C 201 -39.40 -44.41 19.81
N ILE C 202 -39.30 -45.63 19.25
CA ILE C 202 -38.85 -45.82 17.88
C ILE C 202 -39.90 -46.65 17.16
N SER C 203 -40.30 -46.20 15.97
CA SER C 203 -41.21 -46.97 15.13
C SER C 203 -40.85 -46.69 13.69
N LEU C 204 -40.55 -47.73 12.92
CA LEU C 204 -40.05 -47.54 11.57
C LEU C 204 -40.32 -48.75 10.72
N LYS C 205 -40.34 -48.53 9.41
CA LYS C 205 -40.46 -49.58 8.40
C LYS C 205 -39.29 -49.46 7.44
N ALA C 206 -38.54 -50.55 7.28
CA ALA C 206 -37.36 -50.58 6.43
C ALA C 206 -37.66 -51.41 5.19
N HIS C 207 -37.50 -50.81 4.03
CA HIS C 207 -37.55 -51.51 2.75
C HIS C 207 -36.13 -51.95 2.40
N CYS C 208 -35.95 -53.26 2.21
CA CYS C 208 -34.66 -53.88 1.99
C CYS C 208 -34.63 -54.47 0.59
N ILE C 209 -33.62 -54.08 -0.18
CA ILE C 209 -33.44 -54.57 -1.54
C ILE C 209 -32.07 -55.22 -1.63
N LEU C 210 -31.69 -55.71 -2.81
CA LEU C 210 -30.38 -56.31 -3.00
C LEU C 210 -29.55 -55.46 -3.96
N GLY C 211 -28.26 -55.34 -3.66
CA GLY C 211 -27.33 -54.59 -4.47
C GLY C 211 -25.94 -55.17 -4.32
N ILE C 212 -24.99 -54.56 -5.01
CA ILE C 212 -23.62 -55.02 -5.02
C ILE C 212 -22.81 -54.18 -4.05
N GLY C 213 -21.67 -54.73 -3.62
CA GLY C 213 -20.83 -54.06 -2.64
C GLY C 213 -20.10 -52.84 -3.15
N GLY C 214 -19.94 -52.71 -4.47
CA GLY C 214 -19.33 -51.52 -5.02
C GLY C 214 -20.17 -50.27 -4.82
N ASP C 215 -21.50 -50.42 -4.90
CA ASP C 215 -22.39 -49.30 -4.66
C ASP C 215 -22.34 -48.84 -3.21
N HIS C 216 -22.38 -49.78 -2.27
CA HIS C 216 -22.30 -49.45 -0.86
C HIS C 216 -21.73 -50.65 -0.12
N ALA C 217 -20.98 -50.39 0.95
CA ALA C 217 -20.32 -51.45 1.69
C ALA C 217 -21.29 -52.32 2.47
N LYS C 218 -22.54 -51.87 2.65
CA LYS C 218 -23.52 -52.66 3.38
C LYS C 218 -24.01 -53.87 2.57
N PHE C 219 -23.75 -53.89 1.27
CA PHE C 219 -24.17 -54.98 0.41
C PHE C 219 -23.11 -56.06 0.26
N SER C 220 -21.93 -55.89 0.85
CA SER C 220 -20.87 -56.87 0.70
C SER C 220 -21.18 -58.10 1.57
N PRO C 221 -21.25 -59.29 0.98
CA PRO C 221 -21.63 -60.48 1.76
C PRO C 221 -20.49 -61.09 2.56
N VAL C 222 -19.28 -60.52 2.52
CA VAL C 222 -18.13 -61.09 3.19
C VAL C 222 -17.63 -60.13 4.27
N SER C 223 -17.36 -60.68 5.46
CA SER C 223 -16.68 -59.93 6.51
C SER C 223 -15.28 -59.57 6.02
N THR C 224 -14.55 -60.56 5.53
CA THR C 224 -13.33 -60.34 4.77
C THR C 224 -13.11 -61.53 3.84
N ALA C 225 -12.71 -61.21 2.62
CA ALA C 225 -12.31 -62.21 1.64
C ALA C 225 -10.90 -61.87 1.20
N SER C 226 -9.95 -62.76 1.49
CA SER C 226 -8.55 -62.47 1.24
C SER C 226 -7.80 -63.76 1.02
N TYR C 227 -6.60 -63.62 0.49
CA TYR C 227 -5.70 -64.75 0.29
C TYR C 227 -4.30 -64.36 0.73
N ARG C 228 -3.50 -65.37 1.07
CA ARG C 228 -2.09 -65.18 1.36
C ARG C 228 -1.31 -66.32 0.73
N LEU C 229 -0.15 -66.00 0.17
CA LEU C 229 0.68 -67.02 -0.45
C LEU C 229 1.27 -67.94 0.62
N LEU C 230 1.52 -69.18 0.24
CA LEU C 230 2.05 -70.17 1.17
C LEU C 230 3.50 -69.84 1.51
N PRO C 231 3.84 -69.62 2.78
CA PRO C 231 5.23 -69.35 3.14
C PRO C 231 6.11 -70.58 2.95
N GLN C 232 7.40 -70.31 2.74
CA GLN C 232 8.38 -71.36 2.48
C GLN C 232 9.69 -70.97 3.14
N ILE C 233 10.14 -71.80 4.07
CA ILE C 233 11.38 -71.56 4.81
C ILE C 233 12.36 -72.66 4.42
N ASN C 234 13.50 -72.28 3.86
CA ASN C 234 14.55 -73.22 3.47
C ASN C 234 15.75 -73.03 4.38
N ILE C 235 16.08 -74.07 5.14
CA ILE C 235 17.25 -74.05 6.00
C ILE C 235 18.41 -74.62 5.18
N LEU C 236 19.27 -73.72 4.69
CA LEU C 236 20.33 -74.12 3.77
C LEU C 236 21.42 -74.93 4.47
N GLN C 237 21.75 -74.57 5.70
CA GLN C 237 22.75 -75.28 6.48
C GLN C 237 22.15 -75.67 7.82
N PRO C 238 22.59 -76.79 8.40
CA PRO C 238 22.02 -77.23 9.68
C PRO C 238 22.27 -76.23 10.80
N ILE C 239 21.26 -76.06 11.65
CA ILE C 239 21.33 -75.17 12.79
C ILE C 239 21.19 -76.02 14.04
N LYS C 240 22.22 -76.02 14.88
CA LYS C 240 22.33 -76.94 16.00
C LYS C 240 22.54 -76.19 17.30
N GLY C 241 22.12 -76.81 18.40
CA GLY C 241 22.41 -76.30 19.72
C GLY C 241 21.50 -75.15 20.14
N GLU C 242 22.04 -74.31 21.03
CA GLU C 242 21.27 -73.22 21.62
C GLU C 242 20.78 -72.24 20.57
N SER C 243 21.58 -72.01 19.52
CA SER C 243 21.16 -71.15 18.42
C SER C 243 19.87 -71.63 17.80
N ALA C 244 19.69 -72.96 17.72
CA ALA C 244 18.45 -73.53 17.21
C ALA C 244 17.26 -73.06 18.04
N ARG C 245 17.41 -73.03 19.37
CA ARG C 245 16.35 -72.49 20.22
C ARG C 245 16.08 -71.03 19.87
N ARG C 246 17.14 -70.24 19.65
CA ARG C 246 16.96 -68.88 19.17
C ARG C 246 16.28 -68.88 17.80
N PHE C 247 16.66 -69.82 16.94
CA PHE C 247 16.00 -69.96 15.65
C PHE C 247 14.54 -70.35 15.80
N GLN C 248 14.17 -70.97 16.92
CA GLN C 248 12.77 -71.25 17.18
C GLN C 248 12.01 -70.01 17.63
N LYS C 249 12.70 -69.04 18.25
CA LYS C 249 12.03 -67.86 18.77
C LYS C 249 11.79 -66.79 17.71
N CYS C 250 12.36 -66.93 16.53
CA CYS C 250 12.14 -65.98 15.45
C CYS C 250 10.83 -66.22 14.70
N PHE C 251 10.12 -67.30 15.01
CA PHE C 251 8.93 -67.74 14.31
C PHE C 251 7.83 -68.03 15.32
N PRO C 252 6.59 -68.08 14.89
CA PRO C 252 5.50 -68.55 15.76
C PRO C 252 5.76 -69.96 16.26
N PRO C 253 5.21 -70.33 17.44
CA PRO C 253 5.68 -71.55 18.13
C PRO C 253 5.52 -72.84 17.34
N GLY C 254 4.49 -72.96 16.50
CA GLY C 254 4.25 -74.17 15.76
C GLY C 254 4.94 -74.27 14.43
N VAL C 255 5.82 -73.31 14.09
CA VAL C 255 6.39 -73.28 12.74
C VAL C 255 7.61 -74.20 12.66
N ILE C 256 8.62 -73.96 13.49
CA ILE C 256 9.89 -74.64 13.38
C ILE C 256 10.17 -75.38 14.68
N GLY C 257 10.53 -76.66 14.57
CA GLY C 257 10.74 -77.49 15.72
C GLY C 257 12.13 -78.09 15.71
N ILE C 258 12.49 -78.67 16.86
CA ILE C 258 13.82 -79.23 17.08
C ILE C 258 13.70 -80.74 17.14
N ASP C 259 14.45 -81.43 16.30
CA ASP C 259 14.47 -82.90 16.32
C ASP C 259 15.13 -83.37 17.62
N GLU C 260 14.58 -84.45 18.18
CA GLU C 260 15.11 -84.97 19.44
C GLU C 260 16.46 -85.66 19.23
N GLY C 261 16.65 -86.34 18.11
CA GLY C 261 17.87 -87.08 17.87
C GLY C 261 19.07 -86.22 17.51
N SER C 262 19.00 -85.55 16.36
CA SER C 262 20.14 -84.77 15.87
C SER C 262 20.23 -83.39 16.51
N ASP C 263 19.20 -82.95 17.25
CA ASP C 263 19.15 -81.64 17.89
C ASP C 263 19.35 -80.51 16.88
N GLU C 264 18.66 -80.62 15.74
CA GLU C 264 18.74 -79.62 14.68
C GLU C 264 17.34 -79.13 14.35
N ALA C 265 17.24 -77.89 13.90
CA ALA C 265 15.95 -77.28 13.62
C ALA C 265 15.44 -77.67 12.24
N TYR C 266 14.13 -77.83 12.13
CA TYR C 266 13.48 -78.15 10.87
C TYR C 266 12.09 -77.56 10.85
N VAL C 267 11.62 -77.26 9.64
CA VAL C 267 10.31 -76.63 9.48
C VAL C 267 9.22 -77.68 9.66
N LYS C 268 8.27 -77.39 10.55
CA LYS C 268 7.19 -78.31 10.87
C LYS C 268 5.87 -77.93 10.21
N ASP C 269 5.51 -76.65 10.24
CA ASP C 269 4.27 -76.18 9.61
C ASP C 269 4.50 -74.75 9.15
N ALA C 270 4.81 -74.58 7.87
CA ALA C 270 5.03 -73.24 7.32
C ALA C 270 3.74 -72.46 7.10
N ARG C 271 2.58 -73.12 7.21
CA ARG C 271 1.31 -72.41 7.06
C ARG C 271 1.10 -71.42 8.19
N LYS C 272 1.49 -71.79 9.41
CA LYS C 272 1.36 -70.91 10.56
C LYS C 272 2.33 -69.74 10.54
N ASP C 273 3.31 -69.77 9.63
CA ASP C 273 4.38 -68.77 9.61
C ASP C 273 3.85 -67.47 9.02
N THR C 274 3.39 -66.58 9.89
CA THR C 274 3.20 -65.20 9.47
C THR C 274 4.56 -64.56 9.24
N VAL C 275 4.73 -63.89 8.10
CA VAL C 275 6.05 -63.41 7.72
C VAL C 275 6.37 -62.15 8.52
N SER C 276 7.04 -62.33 9.65
CA SER C 276 7.55 -61.22 10.44
C SER C 276 9.01 -60.94 10.18
N ARG C 277 9.67 -61.78 9.36
CA ARG C 277 11.08 -61.72 8.96
C ARG C 277 12.01 -61.28 10.09
N GLU C 278 11.79 -61.83 11.28
CA GLU C 278 12.66 -61.54 12.41
C GLU C 278 14.02 -62.22 12.24
N VAL C 279 14.04 -63.39 11.61
CA VAL C 279 15.26 -64.18 11.50
C VAL C 279 16.30 -63.48 10.63
N LEU C 280 15.87 -62.56 9.77
CA LEU C 280 16.81 -61.81 8.94
C LEU C 280 17.47 -60.67 9.69
N ARG C 281 17.03 -60.37 10.92
CA ARG C 281 17.69 -59.31 11.69
C ARG C 281 19.06 -59.76 12.17
N TYR C 282 19.19 -61.01 12.59
CA TYR C 282 20.40 -61.50 13.23
C TYR C 282 21.41 -61.95 12.19
N GLU C 283 22.68 -61.59 12.40
CA GLU C 283 23.72 -61.91 11.43
C GLU C 283 24.14 -63.37 11.50
N GLU C 284 23.82 -64.06 12.61
CA GLU C 284 24.22 -65.46 12.72
C GLU C 284 23.42 -66.36 11.80
N PHE C 285 22.18 -65.98 11.48
CA PHE C 285 21.33 -66.76 10.60
C PHE C 285 21.44 -66.36 9.14
N ALA C 286 22.27 -65.35 8.83
CA ALA C 286 22.53 -65.03 7.44
C ALA C 286 23.30 -66.17 6.77
N ASP C 287 22.96 -66.43 5.50
CA ASP C 287 23.46 -67.56 4.73
C ASP C 287 23.17 -68.90 5.39
N LYS C 288 22.09 -68.98 6.17
CA LYS C 288 21.61 -70.22 6.75
C LYS C 288 20.12 -70.44 6.59
N VAL C 289 19.35 -69.38 6.37
CA VAL C 289 17.90 -69.47 6.21
C VAL C 289 17.50 -68.59 5.02
N LYS C 290 16.56 -69.07 4.21
CA LYS C 290 16.03 -68.31 3.09
C LYS C 290 14.51 -68.38 3.14
N LEU C 291 13.87 -67.22 3.05
CA LEU C 291 12.42 -67.13 3.15
C LEU C 291 11.80 -66.75 1.81
N GLY C 292 10.65 -67.34 1.52
CA GLY C 292 9.94 -67.00 0.31
C GLY C 292 8.48 -67.33 0.45
N ARG C 293 7.73 -67.02 -0.60
CA ARG C 293 6.32 -67.39 -0.70
C ARG C 293 6.08 -68.05 -2.04
N VAL C 294 5.28 -69.10 -2.06
CA VAL C 294 4.95 -69.74 -3.33
C VAL C 294 3.97 -68.85 -4.08
N ARG C 295 4.33 -68.46 -5.30
CA ARG C 295 3.56 -67.45 -6.02
C ARG C 295 2.23 -67.99 -6.54
N ASN C 296 2.14 -69.29 -6.76
CA ASN C 296 0.92 -69.91 -7.28
C ASN C 296 0.31 -70.87 -6.27
N HIS C 297 0.29 -70.46 -4.99
CA HIS C 297 -0.30 -71.26 -3.91
C HIS C 297 -1.00 -70.27 -2.99
N PHE C 298 -2.29 -70.10 -3.21
CA PHE C 298 -3.09 -69.10 -2.50
C PHE C 298 -3.90 -69.77 -1.40
N ILE C 299 -3.97 -69.12 -0.24
CA ILE C 299 -4.76 -69.64 0.86
C ILE C 299 -5.92 -68.69 1.10
N PHE C 300 -7.06 -68.97 0.45
CA PHE C 300 -8.23 -68.12 0.62
C PHE C 300 -8.87 -68.36 1.98
N ASN C 301 -9.18 -67.27 2.67
CA ASN C 301 -9.93 -67.30 3.93
C ASN C 301 -11.14 -66.38 3.75
N VAL C 302 -12.29 -66.97 3.46
CA VAL C 302 -13.51 -66.23 3.18
C VAL C 302 -14.41 -66.31 4.40
N GLU C 303 -14.65 -65.16 5.04
CA GLU C 303 -15.53 -65.08 6.20
C GLU C 303 -16.83 -64.41 5.75
N SER C 304 -17.95 -65.12 5.94
CA SER C 304 -19.22 -64.59 5.51
C SER C 304 -19.81 -63.66 6.56
N ALA C 305 -20.74 -62.81 6.11
CA ALA C 305 -21.45 -61.90 7.00
C ALA C 305 -22.69 -62.53 7.60
N GLY C 306 -22.98 -63.79 7.29
CA GLY C 306 -24.12 -64.50 7.81
C GLY C 306 -25.27 -64.65 6.83
N ALA C 307 -25.24 -63.93 5.71
CA ALA C 307 -26.32 -64.05 4.73
C ALA C 307 -26.32 -65.42 4.07
N MET C 308 -25.14 -65.93 3.70
CA MET C 308 -25.04 -67.19 2.99
C MET C 308 -23.63 -67.74 3.12
N THR C 309 -23.48 -69.01 2.74
CA THR C 309 -22.26 -69.75 3.00
C THR C 309 -21.09 -69.19 2.17
N PRO C 310 -19.88 -69.20 2.73
CA PRO C 310 -18.72 -68.70 1.97
C PRO C 310 -18.40 -69.49 0.71
N GLU C 311 -18.63 -70.80 0.71
CA GLU C 311 -18.40 -71.59 -0.50
C GLU C 311 -19.36 -71.16 -1.60
N GLU C 312 -20.59 -70.81 -1.24
CA GLU C 312 -21.52 -70.25 -2.21
C GLU C 312 -21.04 -68.91 -2.74
N ILE C 313 -20.41 -68.11 -1.89
CA ILE C 313 -19.86 -66.82 -2.32
C ILE C 313 -18.75 -67.02 -3.34
N PHE C 314 -17.85 -67.98 -3.07
CA PHE C 314 -16.76 -68.25 -4.00
C PHE C 314 -17.28 -68.80 -5.33
N PHE C 315 -18.26 -69.71 -5.27
CA PHE C 315 -18.87 -70.25 -6.47
C PHE C 315 -19.55 -69.16 -7.29
N LYS C 316 -20.26 -68.25 -6.61
CA LYS C 316 -20.91 -67.14 -7.29
C LYS C 316 -19.89 -66.22 -7.93
N SER C 317 -18.74 -66.02 -7.28
CA SER C 317 -17.68 -65.20 -7.86
C SER C 317 -17.12 -65.81 -9.14
N VAL C 318 -16.87 -67.13 -9.12
CA VAL C 318 -16.39 -67.81 -10.32
C VAL C 318 -17.43 -67.72 -11.44
N ARG C 319 -18.71 -67.91 -11.09
CA ARG C 319 -19.77 -67.81 -12.07
C ARG C 319 -19.88 -66.40 -12.64
N ILE C 320 -19.67 -65.38 -11.80
CA ILE C 320 -19.75 -63.99 -12.26
C ILE C 320 -18.62 -63.68 -13.23
N LEU C 321 -17.41 -64.16 -12.94
CA LEU C 321 -16.30 -63.95 -13.88
C LEU C 321 -16.56 -64.64 -15.21
N LYS C 322 -17.07 -65.89 -15.15
CA LYS C 322 -17.39 -66.60 -16.38
C LYS C 322 -18.48 -65.90 -17.17
N ASN C 323 -19.48 -65.35 -16.48
CA ASN C 323 -20.57 -64.66 -17.17
C ASN C 323 -20.11 -63.34 -17.78
N LYS C 324 -19.19 -62.65 -17.10
CA LYS C 324 -18.59 -61.45 -17.68
C LYS C 324 -17.85 -61.78 -18.97
N ALA C 325 -17.06 -62.84 -18.95
CA ALA C 325 -16.34 -63.25 -20.16
C ALA C 325 -17.30 -63.66 -21.28
N GLU C 326 -18.36 -64.40 -20.94
CA GLU C 326 -19.32 -64.81 -21.95
C GLU C 326 -20.07 -63.62 -22.53
N TYR C 327 -20.44 -62.65 -21.68
CA TYR C 327 -21.16 -61.47 -22.16
C TYR C 327 -20.28 -60.63 -23.08
N LEU C 328 -18.99 -60.49 -22.76
CA LEU C 328 -18.11 -59.78 -23.68
C LEU C 328 -17.87 -60.56 -24.97
N LYS C 329 -17.86 -61.90 -24.90
CA LYS C 329 -17.68 -62.70 -26.10
C LYS C 329 -18.89 -62.57 -27.03
N ASN C 330 -20.09 -62.51 -26.46
CA ASN C 330 -21.31 -62.46 -27.28
C ASN C 330 -21.62 -61.08 -27.82
N CYS C 331 -20.99 -60.04 -27.28
CA CYS C 331 -21.30 -58.68 -27.73
C CYS C 331 -20.66 -58.40 -29.09
N PRO C 332 -21.31 -57.61 -29.93
CA PRO C 332 -20.67 -57.14 -31.16
C PRO C 332 -19.76 -55.95 -30.92
N ILE C 333 -18.79 -55.80 -31.80
CA ILE C 333 -17.79 -54.74 -31.67
C ILE C 333 -18.18 -53.61 -32.62
N THR C 334 -18.48 -52.45 -32.06
CA THR C 334 -18.91 -51.30 -32.83
C THR C 334 -17.73 -50.38 -33.15
N GLN C 335 -17.65 -49.97 -34.41
CA GLN C 335 -16.59 -49.06 -34.85
C GLN C 335 -16.89 -47.63 -34.43
N MET D 1 -18.32 12.43 -41.86
CA MET D 1 -18.89 12.90 -43.11
C MET D 1 -18.46 14.33 -43.40
N LYS D 2 -17.63 14.51 -44.42
CA LYS D 2 -17.20 15.82 -44.88
C LYS D 2 -17.48 15.94 -46.37
N VAL D 3 -17.88 17.13 -46.80
CA VAL D 3 -18.17 17.39 -48.21
C VAL D 3 -16.92 18.02 -48.81
N LEU D 4 -16.24 17.25 -49.67
CA LEU D 4 -15.02 17.75 -50.31
C LEU D 4 -15.33 18.90 -51.26
N GLU D 5 -16.40 18.78 -52.03
CA GLU D 5 -16.85 19.86 -52.90
C GLU D 5 -18.36 19.76 -53.07
N GLU D 6 -19.02 20.93 -52.99
CA GLU D 6 -20.48 20.96 -53.12
C GLU D 6 -20.92 20.58 -54.52
N ARG D 7 -20.21 21.05 -55.55
CA ARG D 7 -20.55 20.78 -56.93
C ARG D 7 -19.32 20.23 -57.64
N ASN D 8 -19.36 18.94 -57.98
CA ASN D 8 -18.30 18.33 -58.76
C ASN D 8 -18.59 18.30 -60.25
N ALA D 9 -19.85 18.07 -60.63
CA ALA D 9 -20.24 18.05 -62.03
C ALA D 9 -21.74 18.28 -62.10
N PHE D 10 -22.22 18.64 -63.29
CA PHE D 10 -23.63 18.82 -63.56
C PHE D 10 -24.19 17.60 -64.26
N LEU D 11 -25.33 17.11 -63.77
CA LEU D 11 -25.99 15.94 -64.34
C LEU D 11 -27.28 16.36 -65.01
N SER D 12 -27.43 16.00 -66.28
CA SER D 12 -28.70 16.19 -66.96
C SER D 12 -29.70 15.16 -66.49
N ASP D 13 -30.97 15.40 -66.82
CA ASP D 13 -32.02 14.45 -66.46
C ASP D 13 -31.87 13.13 -67.21
N TYR D 14 -31.31 13.17 -68.42
CA TYR D 14 -31.10 11.96 -69.19
C TYR D 14 -30.09 11.03 -68.51
N GLU D 15 -29.00 11.61 -68.00
CA GLU D 15 -27.97 10.80 -67.34
C GLU D 15 -28.51 10.14 -66.08
N VAL D 16 -29.25 10.90 -65.27
CA VAL D 16 -29.83 10.36 -64.04
C VAL D 16 -30.86 9.29 -64.37
N LEU D 17 -31.69 9.54 -65.39
CA LEU D 17 -32.70 8.57 -65.79
C LEU D 17 -32.07 7.26 -66.27
N LYS D 18 -31.02 7.37 -67.10
CA LYS D 18 -30.35 6.17 -67.60
C LYS D 18 -29.67 5.41 -66.47
N PHE D 19 -28.99 6.13 -65.56
CA PHE D 19 -28.30 5.49 -64.45
C PHE D 19 -29.29 4.78 -63.53
N LEU D 20 -30.43 5.41 -63.24
CA LEU D 20 -31.38 4.79 -62.34
C LEU D 20 -32.13 3.64 -62.99
N THR D 21 -32.39 3.71 -64.31
CA THR D 21 -32.98 2.56 -64.99
C THR D 21 -32.00 1.39 -65.00
N ASP D 22 -30.71 1.66 -65.21
CA ASP D 22 -29.71 0.61 -65.13
C ASP D 22 -29.62 0.03 -63.73
N LEU D 23 -29.72 0.88 -62.70
CA LEU D 23 -29.72 0.39 -61.33
C LEU D 23 -30.93 -0.49 -61.04
N GLU D 24 -32.11 -0.09 -61.55
CA GLU D 24 -33.31 -0.89 -61.33
C GLU D 24 -33.22 -2.22 -62.07
N LYS D 25 -32.61 -2.23 -63.26
CA LYS D 25 -32.39 -3.48 -63.98
C LYS D 25 -31.42 -4.38 -63.22
N LYS D 26 -30.36 -3.78 -62.67
CA LYS D 26 -29.36 -4.56 -61.93
C LYS D 26 -29.93 -5.16 -60.66
N HIS D 27 -30.74 -4.39 -59.93
CA HIS D 27 -31.31 -4.84 -58.67
C HIS D 27 -32.67 -5.51 -58.84
N LEU D 28 -33.13 -5.69 -60.08
CA LEU D 28 -34.43 -6.30 -60.40
C LEU D 28 -35.57 -5.51 -59.74
N TRP D 29 -35.67 -4.24 -60.13
CA TRP D 29 -36.66 -3.34 -59.57
C TRP D 29 -37.66 -2.81 -60.58
N ASP D 30 -37.53 -3.16 -61.86
CA ASP D 30 -38.42 -2.63 -62.88
C ASP D 30 -39.83 -3.21 -62.73
N GLN D 31 -40.79 -2.56 -63.38
CA GLN D 31 -42.17 -3.02 -63.32
C GLN D 31 -42.34 -4.38 -63.98
N LYS D 32 -41.61 -4.63 -65.07
CA LYS D 32 -41.62 -5.94 -65.69
C LYS D 32 -41.01 -6.99 -64.79
N SER D 33 -39.91 -6.65 -64.10
CA SER D 33 -39.26 -7.60 -63.21
C SER D 33 -40.14 -7.97 -62.03
N LEU D 34 -40.86 -7.01 -61.45
CA LEU D 34 -41.74 -7.33 -60.34
C LEU D 34 -43.02 -8.01 -60.83
N ALA D 35 -43.45 -7.71 -62.05
CA ALA D 35 -44.62 -8.38 -62.60
C ALA D 35 -44.30 -9.83 -62.97
N ALA D 36 -43.03 -10.13 -63.22
CA ALA D 36 -42.66 -11.48 -63.63
C ALA D 36 -42.84 -12.49 -62.50
N LEU D 37 -42.12 -12.32 -61.39
CA LEU D 37 -42.07 -13.35 -60.35
C LEU D 37 -42.40 -12.82 -58.97
N LYS D 38 -42.30 -11.50 -58.75
CA LYS D 38 -42.54 -10.97 -57.42
C LYS D 38 -44.02 -11.10 -57.03
N LYS D 39 -44.93 -10.93 -57.99
CA LYS D 39 -46.35 -11.05 -57.75
C LYS D 39 -46.94 -12.07 -58.73
N SER D 40 -47.96 -12.80 -58.28
CA SER D 40 -48.79 -13.70 -59.06
C SER D 40 -48.01 -14.89 -59.64
N ARG D 41 -46.79 -15.14 -59.18
CA ARG D 41 -46.02 -16.31 -59.58
C ARG D 41 -45.46 -17.00 -58.34
N SER D 42 -45.63 -18.31 -58.28
CA SER D 42 -45.28 -19.07 -57.08
C SER D 42 -43.76 -19.18 -56.91
N LYS D 43 -43.04 -19.35 -58.00
CA LYS D 43 -41.61 -19.63 -57.92
C LYS D 43 -40.77 -18.38 -57.69
N GLY D 44 -41.09 -17.63 -56.63
CA GLY D 44 -40.29 -16.50 -56.24
C GLY D 44 -39.07 -16.83 -55.41
N LYS D 45 -38.94 -18.08 -55.00
CA LYS D 45 -37.78 -18.50 -54.21
C LYS D 45 -36.55 -18.60 -55.08
N GLN D 46 -35.38 -18.46 -54.45
CA GLN D 46 -34.03 -18.50 -55.00
C GLN D 46 -33.74 -17.32 -55.94
N ASN D 47 -34.68 -16.39 -56.12
CA ASN D 47 -34.46 -15.18 -56.91
C ASN D 47 -35.17 -14.04 -56.19
N ARG D 48 -34.40 -13.16 -55.56
CA ARG D 48 -34.97 -12.15 -54.68
C ARG D 48 -34.54 -10.76 -55.12
N PRO D 49 -35.41 -9.76 -54.93
CA PRO D 49 -35.01 -8.38 -55.25
C PRO D 49 -34.11 -7.81 -54.16
N TYR D 50 -33.58 -6.63 -54.44
CA TYR D 50 -32.78 -5.91 -53.46
C TYR D 50 -33.67 -5.43 -52.32
N ASN D 51 -33.25 -5.69 -51.09
CA ASN D 51 -34.13 -5.57 -49.93
C ASN D 51 -34.40 -4.12 -49.54
N HIS D 52 -33.48 -3.20 -49.84
CA HIS D 52 -33.53 -1.82 -49.35
C HIS D 52 -34.77 -1.09 -49.84
N PRO D 53 -35.69 -0.73 -48.94
CA PRO D 53 -36.94 -0.09 -49.38
C PRO D 53 -36.80 1.40 -49.65
N GLU D 54 -35.90 2.08 -48.93
CA GLU D 54 -35.76 3.51 -49.09
C GLU D 54 -35.21 3.87 -50.47
N LEU D 55 -34.14 3.19 -50.88
CA LEU D 55 -33.55 3.44 -52.19
C LEU D 55 -34.51 3.06 -53.30
N GLN D 56 -35.23 1.95 -53.14
CA GLN D 56 -36.22 1.55 -54.14
C GLN D 56 -37.33 2.58 -54.26
N GLY D 57 -37.81 3.11 -53.12
CA GLY D 57 -38.85 4.13 -53.16
C GLY D 57 -38.39 5.40 -53.84
N ILE D 58 -37.19 5.88 -53.48
CA ILE D 58 -36.73 7.14 -54.07
C ILE D 58 -36.42 6.96 -55.55
N THR D 59 -35.86 5.81 -55.95
CA THR D 59 -35.57 5.62 -57.37
C THR D 59 -36.84 5.44 -58.17
N ARG D 60 -37.88 4.84 -57.59
CA ARG D 60 -39.16 4.74 -58.27
C ARG D 60 -39.80 6.12 -58.44
N ASN D 61 -39.73 6.95 -57.39
CA ASN D 61 -40.28 8.30 -57.49
C ASN D 61 -39.53 9.12 -58.54
N VAL D 62 -38.20 9.01 -58.59
CA VAL D 62 -37.44 9.80 -59.55
C VAL D 62 -37.68 9.32 -60.97
N VAL D 63 -37.77 7.99 -61.18
CA VAL D 63 -38.00 7.50 -62.53
C VAL D 63 -39.42 7.83 -62.98
N ASN D 64 -40.39 7.86 -62.05
CA ASN D 64 -41.74 8.28 -62.41
C ASN D 64 -41.79 9.76 -62.75
N TYR D 65 -41.05 10.57 -62.00
CA TYR D 65 -41.03 12.01 -62.25
C TYR D 65 -40.37 12.35 -63.58
N LEU D 66 -39.25 11.70 -63.89
CA LEU D 66 -38.53 12.00 -65.12
C LEU D 66 -39.12 11.28 -66.32
N SER D 67 -39.96 10.26 -66.10
CA SER D 67 -40.57 9.54 -67.20
C SER D 67 -41.73 10.28 -67.85
N ILE D 68 -42.53 11.01 -67.05
CA ILE D 68 -43.73 11.64 -67.58
C ILE D 68 -43.38 13.00 -68.18
N ASN D 69 -44.28 13.51 -69.02
CA ASN D 69 -44.04 14.72 -69.80
C ASN D 69 -44.39 15.95 -68.97
N LYS D 70 -43.38 16.78 -68.70
CA LYS D 70 -43.63 18.03 -67.99
C LYS D 70 -44.18 19.10 -68.93
N ASN D 71 -43.82 19.03 -70.20
CA ASN D 71 -44.21 20.03 -71.20
C ASN D 71 -45.10 19.37 -72.24
N PHE D 72 -46.41 19.56 -72.11
CA PHE D 72 -47.35 18.97 -73.05
C PHE D 72 -48.65 19.75 -73.00
N ILE D 73 -49.56 19.42 -73.93
CA ILE D 73 -50.88 20.02 -73.95
C ILE D 73 -51.65 19.65 -72.68
N ASN D 74 -51.55 18.40 -72.27
CA ASN D 74 -52.23 17.91 -71.07
C ASN D 74 -51.71 18.57 -69.80
N GLU D 91 -47.09 11.21 -73.97
CA GLU D 91 -47.17 11.06 -72.53
C GLU D 91 -45.78 10.85 -71.93
N LYS D 92 -44.82 10.54 -72.78
CA LYS D 92 -43.43 10.34 -72.37
C LYS D 92 -42.68 11.67 -72.41
N SER D 93 -41.60 11.73 -71.64
CA SER D 93 -40.83 12.96 -71.50
C SER D 93 -39.83 13.18 -72.64
N GLY D 94 -39.64 12.19 -73.50
CA GLY D 94 -38.66 12.34 -74.58
C GLY D 94 -37.25 11.93 -74.22
N ILE D 95 -36.80 12.27 -73.02
CA ILE D 95 -35.47 11.86 -72.57
C ILE D 95 -35.42 10.35 -72.35
N SER D 96 -36.56 9.73 -72.07
CA SER D 96 -36.61 8.28 -71.95
C SER D 96 -36.34 7.60 -73.29
N LYS D 97 -36.84 8.15 -74.39
CA LYS D 97 -36.54 7.62 -75.71
C LYS D 97 -35.18 8.09 -76.24
N MET D 98 -34.61 9.13 -75.64
CA MET D 98 -33.33 9.64 -76.09
C MET D 98 -32.21 8.67 -75.75
N SER D 99 -31.21 8.61 -76.63
CA SER D 99 -30.06 7.74 -76.46
C SER D 99 -28.78 8.57 -76.42
N ASP D 100 -27.64 7.88 -76.38
CA ASP D 100 -26.36 8.57 -76.33
C ASP D 100 -26.06 9.32 -77.62
N GLU D 101 -26.41 8.73 -78.77
CA GLU D 101 -26.15 9.39 -80.05
C GLU D 101 -27.00 10.65 -80.20
N SER D 102 -28.27 10.57 -79.82
CA SER D 102 -29.14 11.74 -79.88
C SER D 102 -28.68 12.82 -78.91
N PHE D 103 -28.21 12.41 -77.72
CA PHE D 103 -27.67 13.37 -76.76
C PHE D 103 -26.44 14.06 -77.31
N ALA D 104 -25.54 13.31 -77.95
CA ALA D 104 -24.34 13.91 -78.53
C ALA D 104 -24.69 14.86 -79.66
N GLU D 105 -25.67 14.48 -80.49
CA GLU D 105 -26.12 15.36 -81.57
C GLU D 105 -26.71 16.65 -81.01
N LEU D 106 -27.50 16.55 -79.94
CA LEU D 106 -28.09 17.75 -79.34
C LEU D 106 -27.02 18.63 -78.71
N MET D 107 -25.99 18.01 -78.10
CA MET D 107 -24.86 18.80 -77.61
C MET D 107 -24.17 19.55 -78.75
N THR D 108 -23.91 18.87 -79.86
CA THR D 108 -23.23 19.51 -80.98
C THR D 108 -24.07 20.64 -81.57
N LYS D 109 -25.39 20.46 -81.61
CA LYS D 109 -26.27 21.50 -82.15
C LYS D 109 -26.36 22.71 -81.22
N LEU D 110 -26.50 22.46 -79.92
CA LEU D 110 -26.68 23.57 -78.98
C LEU D 110 -25.36 24.26 -78.64
N ASN D 111 -24.23 23.61 -78.88
CA ASN D 111 -22.95 24.27 -78.60
C ASN D 111 -22.65 25.36 -79.62
N SER D 112 -23.22 25.27 -80.82
CA SER D 112 -22.97 26.30 -81.83
C SER D 112 -23.73 27.59 -81.53
N PHE D 113 -24.72 27.53 -80.64
CA PHE D 113 -25.57 28.68 -80.37
C PHE D 113 -24.96 29.54 -79.26
N LYS D 114 -25.64 30.66 -78.96
CA LYS D 114 -25.11 31.68 -78.06
C LYS D 114 -25.73 31.48 -76.67
N LEU D 115 -25.42 30.34 -76.07
CA LEU D 115 -26.06 29.92 -74.82
C LEU D 115 -25.01 29.54 -73.79
N PHE D 116 -25.41 29.56 -72.52
CA PHE D 116 -24.59 29.18 -71.39
C PHE D 116 -24.85 27.74 -70.97
N LYS D 117 -24.06 27.27 -69.99
CA LYS D 117 -24.17 25.90 -69.51
C LYS D 117 -25.49 25.66 -68.80
N ALA D 118 -25.92 26.62 -67.97
CA ALA D 118 -27.17 26.47 -67.24
C ALA D 118 -28.37 26.45 -68.18
N GLU D 119 -28.36 27.32 -69.19
CA GLU D 119 -29.47 27.36 -70.15
C GLU D 119 -29.54 26.07 -70.94
N LYS D 120 -28.40 25.55 -71.39
CA LYS D 120 -28.38 24.28 -72.11
C LYS D 120 -28.85 23.13 -71.22
N LEU D 121 -28.43 23.15 -69.95
CA LEU D 121 -28.86 22.11 -69.02
C LEU D 121 -30.36 22.13 -68.81
N GLN D 122 -30.94 23.32 -68.67
CA GLN D 122 -32.39 23.42 -68.49
C GLN D 122 -33.13 23.01 -69.76
N ILE D 123 -32.57 23.35 -70.93
CA ILE D 123 -33.17 22.92 -72.20
C ILE D 123 -33.19 21.40 -72.29
N VAL D 124 -32.08 20.76 -71.91
CA VAL D 124 -32.03 19.30 -71.92
C VAL D 124 -33.01 18.71 -70.92
N ASN D 125 -33.08 19.28 -69.71
CA ASN D 125 -33.93 18.72 -68.66
C ASN D 125 -35.41 18.81 -69.02
N GLN D 126 -35.83 19.93 -69.60
CA GLN D 126 -37.26 20.16 -69.80
C GLN D 126 -37.72 19.94 -71.24
N LEU D 127 -36.86 20.17 -72.24
CA LEU D 127 -37.18 20.01 -73.66
C LEU D 127 -38.42 20.79 -74.05
N PRO D 128 -38.34 22.12 -74.15
CA PRO D 128 -39.53 22.91 -74.45
C PRO D 128 -40.08 22.66 -75.84
N ALA D 129 -41.41 22.73 -75.95
CA ALA D 129 -42.09 22.75 -77.23
C ALA D 129 -42.96 23.99 -77.28
N ASN D 130 -43.43 24.43 -76.12
CA ASN D 130 -44.11 25.71 -76.02
C ASN D 130 -43.12 26.85 -76.19
N MET D 131 -43.60 27.94 -76.78
CA MET D 131 -42.71 29.03 -77.14
C MET D 131 -42.37 29.85 -75.90
N VAL D 132 -43.39 30.15 -75.08
CA VAL D 132 -43.22 30.97 -73.88
C VAL D 132 -42.34 30.26 -72.87
N HIS D 133 -42.34 28.92 -72.88
CA HIS D 133 -41.41 28.18 -72.03
C HIS D 133 -39.96 28.47 -72.41
N LEU D 134 -39.68 28.55 -73.72
CA LEU D 134 -38.33 28.90 -74.16
C LEU D 134 -38.01 30.36 -73.89
N TYR D 135 -39.03 31.24 -73.90
CA TYR D 135 -38.85 32.58 -73.33
C TYR D 135 -38.45 32.52 -71.86
N SER D 136 -39.04 31.59 -71.11
CA SER D 136 -38.83 31.58 -69.66
C SER D 136 -37.46 31.02 -69.30
N ILE D 137 -36.97 30.03 -70.04
CA ILE D 137 -35.72 29.38 -69.67
C ILE D 137 -34.53 30.33 -69.85
N VAL D 138 -34.43 30.98 -71.01
CA VAL D 138 -33.33 31.91 -71.28
C VAL D 138 -33.84 33.34 -71.15
N GLU D 139 -33.13 34.14 -70.37
CA GLU D 139 -33.57 35.49 -70.05
C GLU D 139 -32.92 36.52 -70.98
N GLU D 140 -33.68 37.57 -71.28
CA GLU D 140 -33.36 38.53 -72.34
C GLU D 140 -33.15 37.83 -73.68
N CYS D 141 -34.16 37.06 -74.08
CA CYS D 141 -34.13 36.41 -75.40
C CYS D 141 -34.20 37.45 -76.52
N ASP D 142 -35.00 38.51 -76.33
CA ASP D 142 -35.16 39.52 -77.36
C ASP D 142 -33.88 40.33 -77.55
N ALA D 143 -33.09 40.49 -76.49
CA ALA D 143 -31.87 41.27 -76.55
C ALA D 143 -30.65 40.46 -76.97
N ARG D 144 -30.82 39.16 -77.20
CA ARG D 144 -29.72 38.29 -77.59
C ARG D 144 -29.95 37.54 -78.89
N PHE D 145 -31.18 37.11 -79.15
CA PHE D 145 -31.50 36.32 -80.33
C PHE D 145 -32.59 37.01 -81.14
N ASP D 146 -32.47 36.96 -82.46
CA ASP D 146 -33.54 37.39 -83.34
C ASP D 146 -34.55 36.26 -83.53
N GLU D 147 -35.54 36.51 -84.38
CA GLU D 147 -36.60 35.53 -84.59
C GLU D 147 -36.09 34.29 -85.32
N LYS D 148 -35.12 34.47 -86.23
CA LYS D 148 -34.61 33.34 -87.01
C LYS D 148 -33.86 32.35 -86.13
N THR D 149 -32.98 32.86 -85.26
CA THR D 149 -32.24 31.98 -84.36
C THR D 149 -33.15 31.30 -83.34
N ILE D 150 -34.16 32.03 -82.86
CA ILE D 150 -35.12 31.45 -81.93
C ILE D 150 -35.91 30.32 -82.61
N GLU D 151 -36.34 30.55 -83.84
CA GLU D 151 -37.04 29.50 -84.59
C GLU D 151 -36.13 28.31 -84.85
N GLU D 152 -34.85 28.56 -85.14
CA GLU D 152 -33.91 27.47 -85.36
C GLU D 152 -33.72 26.64 -84.09
N MET D 153 -33.59 27.31 -82.94
CA MET D 153 -33.46 26.58 -81.67
C MET D 153 -34.71 25.79 -81.37
N LEU D 154 -35.89 26.37 -81.63
CA LEU D 154 -37.14 25.65 -81.38
C LEU D 154 -37.28 24.45 -82.31
N GLU D 155 -36.78 24.56 -83.54
CA GLU D 155 -36.78 23.42 -84.46
C GLU D 155 -35.82 22.33 -83.97
N ILE D 156 -34.67 22.73 -83.44
CA ILE D 156 -33.71 21.74 -82.92
C ILE D 156 -34.31 20.98 -81.74
N ILE D 157 -34.93 21.71 -80.80
CA ILE D 157 -35.52 21.05 -79.64
C ILE D 157 -36.82 20.33 -79.98
N SER D 158 -37.45 20.68 -81.11
CA SER D 158 -38.76 20.10 -81.44
C SER D 158 -38.67 18.60 -81.71
N GLY D 159 -37.65 18.16 -82.43
CA GLY D 159 -37.49 16.76 -82.75
C GLY D 159 -36.83 15.91 -81.69
N TYR D 160 -36.47 16.51 -80.54
CA TYR D 160 -35.83 15.82 -79.42
C TYR D 160 -34.47 15.23 -79.81
N ALA D 161 -33.91 15.72 -80.91
CA ALA D 161 -32.63 15.28 -81.48
C ALA D 161 -32.55 13.76 -81.66
N MET E 1 59.66 20.46 7.57
CA MET E 1 58.63 19.52 7.98
C MET E 1 58.23 18.62 6.82
N ASP E 2 58.28 17.30 7.05
CA ASP E 2 57.92 16.35 6.00
C ASP E 2 56.42 16.38 5.73
N GLN E 3 55.60 16.33 6.78
CA GLN E 3 54.16 16.22 6.62
C GLN E 3 53.57 17.47 5.98
N GLU E 4 54.04 18.64 6.38
CA GLU E 4 53.46 19.88 5.86
C GLU E 4 53.86 20.16 4.42
N ASN E 5 55.06 19.73 4.01
CA ASN E 5 55.61 20.10 2.71
C ASN E 5 55.50 18.97 1.69
N GLU E 6 56.05 17.79 1.99
CA GLU E 6 56.14 16.73 1.00
C GLU E 6 54.77 16.19 0.62
N ARG E 7 53.88 16.05 1.61
CA ARG E 7 52.53 15.56 1.32
C ARG E 7 51.77 16.55 0.44
N ASN E 8 51.91 17.85 0.72
CA ASN E 8 51.27 18.86 -0.11
C ASN E 8 51.85 18.86 -1.53
N ILE E 9 53.17 18.67 -1.65
CA ILE E 9 53.79 18.63 -2.97
C ILE E 9 53.28 17.44 -3.78
N SER E 10 53.21 16.26 -3.15
CA SER E 10 52.71 15.08 -3.85
C SER E 10 51.24 15.25 -4.23
N ARG E 11 50.45 15.82 -3.31
CA ARG E 11 49.03 16.06 -3.56
C ARG E 11 48.83 16.97 -4.76
N LEU E 12 49.55 18.09 -4.80
CA LEU E 12 49.38 19.06 -5.87
C LEU E 12 49.97 18.53 -7.18
N TRP E 13 51.01 17.70 -7.09
CA TRP E 13 51.55 17.05 -8.29
C TRP E 13 50.55 16.09 -8.91
N ARG E 14 49.86 15.30 -8.08
CA ARG E 14 48.82 14.43 -8.60
C ARG E 14 47.66 15.23 -9.17
N ALA E 15 47.33 16.36 -8.55
CA ALA E 15 46.30 17.24 -9.10
C ALA E 15 46.70 17.77 -10.47
N PHE E 16 47.98 18.16 -10.63
CA PHE E 16 48.48 18.62 -11.92
C PHE E 16 48.40 17.51 -12.97
N ARG E 17 48.75 16.29 -12.58
CA ARG E 17 48.65 15.14 -13.48
C ARG E 17 47.22 14.95 -13.95
N THR E 18 46.26 15.04 -13.02
CA THR E 18 44.86 14.85 -13.38
C THR E 18 44.35 15.98 -14.27
N VAL E 19 44.79 17.21 -14.01
CA VAL E 19 44.39 18.34 -14.85
C VAL E 19 44.95 18.18 -16.27
N LYS E 20 46.20 17.72 -16.38
CA LYS E 20 46.78 17.46 -17.70
C LYS E 20 46.01 16.38 -18.43
N GLU E 21 45.64 15.30 -17.74
CA GLU E 21 44.86 14.25 -18.39
C GLU E 21 43.48 14.75 -18.81
N MET E 22 42.87 15.60 -17.99
CA MET E 22 41.58 16.18 -18.33
C MET E 22 41.67 17.03 -19.59
N VAL E 23 42.67 17.90 -19.65
CA VAL E 23 42.79 18.80 -20.80
C VAL E 23 43.14 18.03 -22.06
N LYS E 24 43.95 16.97 -21.91
CA LYS E 24 44.24 16.10 -23.05
C LYS E 24 42.99 15.36 -23.53
N ASP E 25 42.14 14.93 -22.59
CA ASP E 25 40.93 14.18 -22.96
C ASP E 25 39.88 15.05 -23.63
N ARG E 26 39.97 16.37 -23.50
CA ARG E 26 39.03 17.28 -24.14
C ARG E 26 39.41 17.59 -25.58
N GLY E 27 40.53 17.07 -26.06
CA GLY E 27 40.98 17.33 -27.42
C GLY E 27 42.05 18.37 -27.55
N TYR E 28 42.60 18.87 -26.45
CA TYR E 28 43.64 19.88 -26.52
C TYR E 28 45.01 19.23 -26.63
N PHE E 29 45.98 20.00 -27.14
CA PHE E 29 47.29 19.47 -27.50
C PHE E 29 48.17 19.51 -26.24
N ILE E 30 48.31 18.36 -25.59
CA ILE E 30 49.35 18.14 -24.59
C ILE E 30 50.09 16.86 -24.97
N THR E 31 51.41 16.96 -25.09
CA THR E 31 52.19 15.80 -25.49
C THR E 31 52.18 14.75 -24.39
N GLN E 32 52.40 13.49 -24.80
CA GLN E 32 52.31 12.37 -23.88
C GLN E 32 53.40 12.44 -22.81
N GLU E 33 54.61 12.85 -23.18
CA GLU E 33 55.72 12.92 -22.23
C GLU E 33 55.48 13.95 -21.12
N GLU E 34 54.60 14.93 -21.35
CA GLU E 34 54.29 15.93 -20.35
C GLU E 34 53.41 15.40 -19.23
N VAL E 35 52.56 14.41 -19.51
CA VAL E 35 51.66 13.86 -18.50
C VAL E 35 52.39 13.01 -17.46
N GLU E 36 53.42 12.26 -17.85
CA GLU E 36 54.16 11.41 -16.92
C GLU E 36 55.36 12.13 -16.31
N LEU E 37 55.27 13.44 -16.10
CA LEU E 37 56.31 14.22 -15.43
C LEU E 37 56.53 13.66 -14.02
N PRO E 38 57.75 13.25 -13.69
CA PRO E 38 58.01 12.68 -12.37
C PRO E 38 58.01 13.75 -11.29
N LEU E 39 58.00 13.28 -10.04
CA LEU E 39 57.96 14.21 -8.90
C LEU E 39 59.26 15.00 -8.80
N GLU E 40 60.39 14.42 -9.19
CA GLU E 40 61.66 15.12 -9.13
C GLU E 40 61.70 16.30 -10.11
N ASP E 41 61.25 16.06 -11.35
CA ASP E 41 61.19 17.14 -12.32
C ASP E 41 60.17 18.19 -11.92
N PHE E 42 59.07 17.76 -11.29
CA PHE E 42 58.07 18.70 -10.79
C PHE E 42 58.65 19.60 -9.72
N LYS E 43 59.43 19.03 -8.80
CA LYS E 43 60.11 19.82 -7.78
C LYS E 43 61.12 20.77 -8.40
N ALA E 44 61.87 20.29 -9.39
CA ALA E 44 62.93 21.10 -9.99
C ALA E 44 62.37 22.22 -10.85
N LYS E 45 61.15 22.08 -11.37
CA LYS E 45 60.61 23.05 -12.30
C LYS E 45 59.56 23.98 -11.69
N TYR E 46 58.61 23.44 -10.93
CA TYR E 46 57.47 24.23 -10.48
C TYR E 46 57.55 24.63 -9.01
N CYS E 47 58.51 24.12 -8.25
CA CYS E 47 58.62 24.45 -6.84
C CYS E 47 59.66 25.54 -6.62
N ASP E 48 59.63 26.11 -5.41
CA ASP E 48 60.54 27.19 -5.06
C ASP E 48 61.95 26.64 -4.78
N SER E 49 62.87 27.57 -4.55
CA SER E 49 64.24 27.19 -4.23
C SER E 49 64.33 26.46 -2.90
N MET E 50 63.58 26.91 -1.90
CA MET E 50 63.61 26.33 -0.57
C MET E 50 62.44 25.38 -0.31
N GLY E 51 61.67 25.03 -1.34
CA GLY E 51 60.66 24.01 -1.21
C GLY E 51 59.25 24.49 -0.88
N ARG E 52 58.70 25.37 -1.71
CA ARG E 52 57.33 25.82 -1.56
C ARG E 52 56.57 25.66 -2.86
N PRO E 53 55.28 25.32 -2.80
CA PRO E 53 54.45 25.23 -4.02
C PRO E 53 54.24 26.59 -4.63
N GLN E 54 54.68 26.76 -5.87
CA GLN E 54 54.48 28.02 -6.61
C GLN E 54 53.30 27.81 -7.55
N ARG E 55 52.10 28.08 -7.05
CA ARG E 55 50.89 27.86 -7.84
C ARG E 55 50.71 28.87 -8.96
N LYS E 56 51.38 30.03 -8.88
CA LYS E 56 51.23 31.03 -9.93
C LYS E 56 52.01 30.67 -11.19
N MET E 57 53.13 29.97 -11.04
CA MET E 57 53.96 29.60 -12.19
C MET E 57 53.32 28.48 -13.01
N MET E 58 52.56 27.60 -12.37
CA MET E 58 52.04 26.37 -12.96
C MET E 58 50.75 26.57 -13.73
N SER E 59 50.16 27.76 -13.71
CA SER E 59 49.05 28.08 -14.59
C SER E 59 49.52 28.16 -16.04
N PHE E 60 48.71 27.64 -16.96
CA PHE E 60 49.13 27.62 -18.36
C PHE E 60 47.92 27.75 -19.26
N GLN E 61 48.19 27.66 -20.57
CA GLN E 61 47.17 27.76 -21.61
C GLN E 61 47.33 26.58 -22.57
N ALA E 62 46.20 26.10 -23.07
CA ALA E 62 46.18 24.96 -23.98
C ALA E 62 45.41 25.31 -25.25
N ASN E 63 45.95 24.85 -26.39
CA ASN E 63 45.38 25.09 -27.71
C ASN E 63 44.79 23.80 -28.28
N PRO E 64 43.73 23.90 -29.07
CA PRO E 64 43.09 22.68 -29.60
C PRO E 64 43.96 21.98 -30.63
N THR E 65 43.75 20.67 -30.73
CA THR E 65 44.47 19.81 -31.67
C THR E 65 43.80 19.90 -33.05
N GLU E 66 44.57 19.58 -34.09
CA GLU E 66 44.08 19.69 -35.47
C GLU E 66 42.88 18.77 -35.70
N GLU E 67 42.93 17.54 -35.19
CA GLU E 67 41.79 16.65 -35.30
C GLU E 67 40.60 17.18 -34.51
N SER E 68 40.86 17.75 -33.33
CA SER E 68 39.77 18.29 -32.51
C SER E 68 39.12 19.50 -33.17
N ILE E 69 39.93 20.40 -33.74
CA ILE E 69 39.36 21.57 -34.41
C ILE E 69 38.72 21.16 -35.73
N SER E 70 39.12 20.01 -36.29
CA SER E 70 38.40 19.47 -37.43
C SER E 70 37.02 18.96 -37.03
N LYS E 71 36.94 18.24 -35.91
CA LYS E 71 35.64 17.73 -35.44
C LYS E 71 34.81 18.86 -34.84
N PHE E 72 35.42 19.72 -34.03
CA PHE E 72 34.73 20.82 -33.36
C PHE E 72 35.33 22.13 -33.86
N PRO E 73 34.73 22.76 -34.87
CA PRO E 73 35.32 24.00 -35.41
C PRO E 73 35.25 25.19 -34.48
N ASP E 74 34.39 25.16 -33.47
CA ASP E 74 34.20 26.30 -32.57
C ASP E 74 35.07 26.23 -31.32
N MET E 75 35.92 25.21 -31.19
CA MET E 75 36.73 25.07 -29.99
C MET E 75 37.86 26.09 -29.98
N GLY E 76 38.12 26.67 -28.80
CA GLY E 76 39.16 27.66 -28.64
C GLY E 76 40.07 27.32 -27.49
N SER E 77 41.16 28.07 -27.39
CA SER E 77 42.17 27.84 -26.37
C SER E 77 41.63 28.11 -24.97
N LEU E 78 42.11 27.35 -24.00
CA LEU E 78 41.71 27.51 -22.61
C LEU E 78 42.88 27.97 -21.76
N TRP E 79 42.55 28.53 -20.61
CA TRP E 79 43.52 28.96 -19.61
C TRP E 79 43.18 28.30 -18.29
N VAL E 80 44.12 27.54 -17.75
CA VAL E 80 43.92 26.87 -16.46
C VAL E 80 44.85 27.52 -15.43
N GLU E 81 44.28 27.84 -14.28
CA GLU E 81 44.96 28.61 -13.24
C GLU E 81 44.76 27.94 -11.89
N PHE E 82 45.78 27.99 -11.05
CA PHE E 82 45.71 27.46 -9.69
C PHE E 82 45.77 28.63 -8.71
N CYS E 83 44.80 28.69 -7.80
CA CYS E 83 44.65 29.80 -6.89
C CYS E 83 45.52 29.58 -5.66
N ASP E 84 46.39 30.54 -5.35
CA ASP E 84 47.26 30.42 -4.19
C ASP E 84 46.49 30.68 -2.91
N GLU E 85 45.38 31.41 -2.99
CA GLU E 85 44.60 31.72 -1.80
C GLU E 85 43.91 30.47 -1.28
N PRO E 86 43.94 30.24 0.04
CA PRO E 86 43.26 29.05 0.58
C PRO E 86 41.75 29.08 0.39
N SER E 87 41.12 30.23 0.61
CA SER E 87 39.70 30.42 0.34
C SER E 87 39.56 31.43 -0.78
N VAL E 88 38.68 31.12 -1.75
CA VAL E 88 38.56 31.98 -2.92
C VAL E 88 37.80 33.25 -2.56
N GLY E 89 38.46 34.39 -2.74
CA GLY E 89 37.82 35.67 -2.53
C GLY E 89 37.23 36.21 -3.82
N VAL E 90 36.41 37.24 -3.71
CA VAL E 90 35.81 37.84 -4.90
C VAL E 90 36.88 38.53 -5.74
N LYS E 91 37.86 39.16 -5.08
CA LYS E 91 38.87 39.93 -5.79
C LYS E 91 39.72 39.04 -6.70
N THR E 92 40.16 37.89 -6.20
CA THR E 92 40.93 36.97 -7.02
C THR E 92 40.07 36.36 -8.12
N MET E 93 38.82 36.03 -7.80
CA MET E 93 37.92 35.44 -8.79
C MET E 93 37.56 36.47 -9.87
N LYS E 94 37.32 37.72 -9.45
CA LYS E 94 37.07 38.78 -10.42
C LYS E 94 38.30 39.03 -11.27
N THR E 95 39.50 38.92 -10.68
CA THR E 95 40.72 39.06 -11.47
C THR E 95 40.84 37.96 -12.51
N PHE E 96 40.48 36.72 -12.13
CA PHE E 96 40.50 35.62 -13.08
C PHE E 96 39.50 35.84 -14.21
N VAL E 97 38.29 36.30 -13.87
CA VAL E 97 37.27 36.56 -14.88
C VAL E 97 37.71 37.67 -15.82
N ILE E 98 38.30 38.73 -15.27
CA ILE E 98 38.80 39.85 -16.07
C ILE E 98 39.91 39.38 -17.00
N HIS E 99 40.81 38.52 -16.50
CA HIS E 99 41.89 38.00 -17.35
C HIS E 99 41.35 37.15 -18.48
N ILE E 100 40.35 36.30 -18.20
CA ILE E 100 39.74 35.47 -19.23
C ILE E 100 39.05 36.33 -20.28
N GLN E 101 38.32 37.35 -19.84
CA GLN E 101 37.62 38.23 -20.77
C GLN E 101 38.59 39.05 -21.61
N GLU E 102 39.68 39.52 -21.00
CA GLU E 102 40.63 40.38 -21.72
C GLU E 102 41.46 39.59 -22.71
N LYS E 103 41.83 38.36 -22.36
CA LYS E 103 42.67 37.55 -23.23
C LYS E 103 41.86 36.78 -24.28
N ASN E 104 40.53 36.93 -24.27
CA ASN E 104 39.63 36.29 -25.24
C ASN E 104 39.79 34.78 -25.26
N PHE E 105 39.89 34.18 -24.08
CA PHE E 105 39.94 32.73 -23.96
C PHE E 105 38.53 32.16 -24.03
N GLN E 106 38.39 31.04 -24.74
CA GLN E 106 37.07 30.43 -24.92
C GLN E 106 36.51 29.89 -23.61
N THR E 107 37.37 29.29 -22.80
CA THR E 107 36.95 28.78 -21.50
C THR E 107 38.13 28.81 -20.53
N GLY E 108 37.82 28.75 -19.25
CA GLY E 108 38.85 28.78 -18.22
C GLY E 108 38.57 27.77 -17.13
N ILE E 109 39.63 27.15 -16.63
CA ILE E 109 39.55 26.17 -15.57
C ILE E 109 40.18 26.77 -14.32
N PHE E 110 39.39 26.87 -13.25
CA PHE E 110 39.81 27.46 -12.00
C PHE E 110 39.92 26.36 -10.95
N VAL E 111 41.14 26.12 -10.47
CA VAL E 111 41.40 25.05 -9.52
C VAL E 111 41.63 25.71 -8.16
N TYR E 112 40.66 25.54 -7.26
CA TYR E 112 40.78 26.10 -5.93
C TYR E 112 41.28 25.06 -4.94
N GLN E 113 41.68 25.53 -3.75
CA GLN E 113 42.36 24.68 -2.79
C GLN E 113 41.42 24.06 -1.76
N ASN E 114 40.71 24.88 -0.98
CA ASN E 114 39.92 24.34 0.11
C ASN E 114 38.42 24.49 -0.14
N ASN E 115 37.96 25.73 -0.31
CA ASN E 115 36.54 26.01 -0.50
C ASN E 115 36.39 27.25 -1.36
N ILE E 116 35.21 27.39 -1.96
CA ILE E 116 34.87 28.53 -2.79
C ILE E 116 33.66 29.23 -2.18
N THR E 117 33.71 30.56 -2.11
CA THR E 117 32.66 31.34 -1.50
C THR E 117 31.49 31.52 -2.48
N PRO E 118 30.26 31.63 -1.95
CA PRO E 118 29.09 31.77 -2.85
C PRO E 118 29.12 33.02 -3.72
N SER E 119 29.66 34.14 -3.21
CA SER E 119 29.71 35.35 -4.03
C SER E 119 30.66 35.18 -5.21
N ALA E 120 31.81 34.55 -4.99
CA ALA E 120 32.71 34.25 -6.08
C ALA E 120 32.12 33.19 -7.01
N MET E 121 31.22 32.35 -6.49
CA MET E 121 30.57 31.34 -7.32
C MET E 121 29.58 31.95 -8.28
N LYS E 122 29.09 33.16 -8.02
CA LYS E 122 28.10 33.79 -8.89
C LYS E 122 28.74 34.37 -10.15
N LEU E 123 30.07 34.42 -10.20
CA LEU E 123 30.74 35.07 -11.32
C LEU E 123 31.02 34.13 -12.49
N VAL E 124 30.73 32.84 -12.39
CA VAL E 124 30.91 31.97 -13.55
C VAL E 124 29.87 32.20 -14.66
N PRO E 125 28.66 32.70 -14.42
CA PRO E 125 27.85 33.17 -15.55
C PRO E 125 28.17 34.56 -16.06
N SER E 126 29.18 35.24 -15.49
CA SER E 126 29.37 36.66 -15.77
C SER E 126 29.79 36.91 -17.23
N ILE E 127 30.66 36.05 -17.76
CA ILE E 127 31.08 36.22 -19.16
C ILE E 127 30.04 35.56 -20.07
N PRO E 128 29.43 36.30 -20.99
CA PRO E 128 28.40 35.69 -21.86
C PRO E 128 28.96 34.67 -22.85
N PRO E 129 30.02 34.94 -23.61
CA PRO E 129 30.44 33.93 -24.61
C PRO E 129 31.45 32.90 -24.11
N ALA E 130 31.85 32.97 -22.84
CA ALA E 130 32.86 32.05 -22.30
C ALA E 130 32.32 31.39 -21.04
N THR E 131 32.80 30.18 -20.79
CA THR E 131 32.38 29.38 -19.65
C THR E 131 33.56 29.16 -18.72
N ILE E 132 33.34 29.37 -17.42
CA ILE E 132 34.35 29.19 -16.40
C ILE E 132 33.98 27.96 -15.57
N GLU E 133 34.91 27.03 -15.46
CA GLU E 133 34.70 25.80 -14.71
C GLU E 133 35.61 25.78 -13.48
N THR E 134 35.02 25.35 -12.36
CA THR E 134 35.72 25.32 -11.08
C THR E 134 35.98 23.88 -10.66
N PHE E 135 37.18 23.63 -10.15
CA PHE E 135 37.57 22.32 -9.68
C PHE E 135 38.28 22.44 -8.34
N ASN E 136 38.23 21.36 -7.58
CA ASN E 136 38.88 21.27 -6.27
C ASN E 136 40.11 20.38 -6.38
N GLU E 137 41.18 20.77 -5.69
CA GLU E 137 42.40 19.97 -5.68
C GLU E 137 42.16 18.61 -5.02
N ALA E 138 41.32 18.57 -3.99
CA ALA E 138 41.00 17.32 -3.33
C ALA E 138 40.17 16.42 -4.25
N ALA E 139 39.40 17.01 -5.15
CA ALA E 139 38.65 16.22 -6.12
C ALA E 139 39.49 15.79 -7.31
N LEU E 140 40.66 16.40 -7.50
CA LEU E 140 41.54 16.08 -8.62
C LEU E 140 42.73 15.22 -8.21
N VAL E 141 42.66 14.55 -7.06
CA VAL E 141 43.79 13.75 -6.62
C VAL E 141 43.97 12.53 -7.51
N VAL E 142 42.88 11.83 -7.79
CA VAL E 142 42.89 10.66 -8.66
C VAL E 142 41.90 10.91 -9.79
N ASN E 143 42.19 10.37 -10.96
CA ASN E 143 41.34 10.57 -12.13
C ASN E 143 40.16 9.61 -12.07
N ILE E 144 38.94 10.17 -12.13
CA ILE E 144 37.74 9.35 -12.07
C ILE E 144 37.48 8.58 -13.35
N THR E 145 38.00 9.04 -14.49
CA THR E 145 37.81 8.31 -15.74
C THR E 145 38.68 7.06 -15.80
N HIS E 146 39.69 6.95 -14.95
CA HIS E 146 40.51 5.76 -14.85
C HIS E 146 39.96 4.75 -13.86
N HIS E 147 38.87 5.08 -13.18
CA HIS E 147 38.23 4.13 -12.27
C HIS E 147 37.62 2.98 -13.06
N GLU E 148 37.66 1.79 -12.47
CA GLU E 148 37.10 0.61 -13.14
C GLU E 148 35.58 0.71 -13.26
N LEU E 149 34.93 1.48 -12.38
CA LEU E 149 33.48 1.64 -12.46
C LEU E 149 33.07 2.55 -13.61
N VAL E 150 33.81 3.63 -13.84
CA VAL E 150 33.42 4.60 -14.87
C VAL E 150 33.79 4.06 -16.24
N PRO E 151 32.84 3.90 -17.14
CA PRO E 151 33.14 3.44 -18.50
C PRO E 151 33.63 4.60 -19.36
N LYS E 152 33.86 4.30 -20.64
CA LYS E 152 34.42 5.29 -21.56
C LYS E 152 33.32 6.21 -22.07
N HIS E 153 33.50 7.51 -21.83
CA HIS E 153 32.61 8.54 -22.32
C HIS E 153 33.30 9.29 -23.46
N ILE E 154 32.60 9.43 -24.58
CA ILE E 154 33.14 10.07 -25.78
C ILE E 154 32.14 11.14 -26.21
N ARG E 155 32.59 12.39 -26.26
CA ARG E 155 31.69 13.46 -26.65
C ARG E 155 31.49 13.47 -28.16
N LEU E 156 30.24 13.57 -28.58
CA LEU E 156 29.87 13.53 -29.99
C LEU E 156 29.68 14.95 -30.53
N SER E 157 30.13 15.17 -31.76
CA SER E 157 29.96 16.46 -32.40
C SER E 157 28.50 16.65 -32.84
N SER E 158 28.22 17.84 -33.38
CA SER E 158 26.87 18.14 -33.84
C SER E 158 26.47 17.27 -35.02
N ASP E 159 27.41 17.02 -35.94
CA ASP E 159 27.13 16.17 -37.08
C ASP E 159 26.81 14.74 -36.65
N GLU E 160 27.60 14.20 -35.71
CA GLU E 160 27.35 12.86 -35.21
C GLU E 160 26.05 12.79 -34.44
N LYS E 161 25.72 13.84 -33.69
CA LYS E 161 24.44 13.89 -32.98
C LYS E 161 23.27 13.88 -33.95
N ARG E 162 23.35 14.67 -35.02
CA ARG E 162 22.29 14.67 -36.02
C ARG E 162 22.17 13.33 -36.70
N GLU E 163 23.31 12.68 -36.97
CA GLU E 163 23.28 11.33 -37.57
C GLU E 163 22.61 10.33 -36.63
N LEU E 164 22.88 10.44 -35.32
CA LEU E 164 22.24 9.55 -34.35
C LEU E 164 20.73 9.79 -34.29
N LEU E 165 20.33 11.06 -34.26
CA LEU E 165 18.90 11.39 -34.22
C LEU E 165 18.19 10.94 -35.50
N LYS E 166 18.88 11.00 -36.64
CA LYS E 166 18.30 10.51 -37.88
C LYS E 166 18.22 8.99 -37.91
N ARG E 167 19.23 8.33 -37.35
CA ARG E 167 19.27 6.87 -37.34
C ARG E 167 18.16 6.29 -36.47
N TYR E 168 18.01 6.80 -35.26
CA TYR E 168 16.98 6.27 -34.37
C TYR E 168 15.65 7.00 -34.49
N ARG E 169 15.59 8.08 -35.26
CA ARG E 169 14.35 8.80 -35.59
C ARG E 169 13.64 9.28 -34.32
N LEU E 170 14.31 10.19 -33.61
CA LEU E 170 13.82 10.67 -32.34
C LEU E 170 14.22 12.12 -32.14
N LYS E 171 13.50 12.82 -31.27
CA LYS E 171 13.88 14.17 -30.89
C LYS E 171 14.71 14.14 -29.61
N GLU E 172 15.46 15.23 -29.39
CA GLU E 172 16.51 15.25 -28.38
C GLU E 172 15.99 15.11 -26.96
N SER E 173 14.69 15.27 -26.73
CA SER E 173 14.12 15.13 -25.40
C SER E 173 13.80 13.68 -25.05
N GLN E 174 14.02 12.73 -25.97
CA GLN E 174 13.71 11.34 -25.75
C GLN E 174 14.92 10.50 -25.36
N LEU E 175 16.13 11.04 -25.45
CA LEU E 175 17.33 10.32 -25.07
C LEU E 175 17.43 10.23 -23.55
N PRO E 176 18.17 9.25 -23.04
CA PRO E 176 18.54 9.28 -21.61
C PRO E 176 19.37 10.51 -21.31
N ARG E 177 19.22 11.02 -20.09
CA ARG E 177 19.81 12.29 -19.73
C ARG E 177 20.99 12.10 -18.77
N ILE E 178 21.96 13.00 -18.87
CA ILE E 178 23.06 13.11 -17.94
C ILE E 178 23.11 14.54 -17.44
N GLN E 179 23.18 14.70 -16.12
CA GLN E 179 23.17 16.04 -15.55
C GLN E 179 24.51 16.74 -15.80
N ARG E 180 24.46 18.05 -15.96
CA ARG E 180 25.68 18.83 -15.76
C ARG E 180 25.89 19.01 -14.27
N ALA E 181 27.15 19.24 -13.90
CA ALA E 181 27.76 19.14 -12.57
C ALA E 181 27.92 17.67 -12.17
N ASP E 182 27.60 16.73 -13.05
CA ASP E 182 28.06 15.36 -12.88
C ASP E 182 29.57 15.32 -13.03
N PRO E 183 30.26 14.51 -12.22
CA PRO E 183 31.74 14.49 -12.25
C PRO E 183 32.33 14.17 -13.61
N VAL E 184 31.77 13.21 -14.35
CA VAL E 184 32.26 12.93 -15.69
C VAL E 184 31.91 14.05 -16.65
N ALA E 185 30.71 14.62 -16.51
CA ALA E 185 30.32 15.75 -17.35
C ALA E 185 31.19 16.97 -17.07
N LEU E 186 31.57 17.19 -15.80
CA LEU E 186 32.52 18.25 -15.48
C LEU E 186 33.89 17.94 -16.05
N TYR E 187 34.28 16.67 -16.05
CA TYR E 187 35.57 16.28 -16.61
C TYR E 187 35.64 16.56 -18.11
N LEU E 188 34.57 16.23 -18.84
CA LEU E 188 34.55 16.43 -20.28
C LEU E 188 34.14 17.84 -20.69
N GLY E 189 33.66 18.65 -19.76
CA GLY E 189 33.21 19.99 -20.09
C GLY E 189 31.98 20.00 -20.98
N LEU E 190 31.01 19.16 -20.67
CA LEU E 190 29.80 19.06 -21.47
C LEU E 190 28.94 20.31 -21.32
N LYS E 191 28.39 20.77 -22.43
CA LYS E 191 27.42 21.86 -22.45
C LYS E 191 26.01 21.29 -22.61
N ARG E 192 25.02 22.16 -22.47
CA ARG E 192 23.64 21.73 -22.60
C ARG E 192 23.33 21.32 -24.03
N GLY E 193 22.70 20.17 -24.18
CA GLY E 193 22.39 19.63 -25.48
C GLY E 193 23.46 18.77 -26.10
N GLU E 194 24.61 18.63 -25.45
CA GLU E 194 25.70 17.81 -25.98
C GLU E 194 25.42 16.34 -25.70
N VAL E 195 25.68 15.49 -26.69
CA VAL E 195 25.41 14.07 -26.59
C VAL E 195 26.71 13.32 -26.34
N VAL E 196 26.70 12.48 -25.32
CA VAL E 196 27.87 11.69 -24.93
C VAL E 196 27.56 10.22 -25.22
N LYS E 197 28.53 9.53 -25.83
CA LYS E 197 28.42 8.12 -26.13
C LYS E 197 29.21 7.32 -25.10
N ILE E 198 28.56 6.34 -24.49
CA ILE E 198 29.11 5.59 -23.37
C ILE E 198 29.31 4.16 -23.81
N ILE E 199 30.55 3.68 -23.73
CA ILE E 199 30.89 2.32 -24.11
C ILE E 199 30.81 1.45 -22.86
N ARG E 200 29.77 0.64 -22.77
CA ARG E 200 29.53 -0.19 -21.59
C ARG E 200 30.03 -1.61 -21.85
N LYS E 201 30.69 -2.16 -20.84
CA LYS E 201 31.21 -3.53 -20.86
C LYS E 201 30.39 -4.37 -19.90
N SER E 202 29.58 -5.28 -20.44
CA SER E 202 28.79 -6.22 -19.66
C SER E 202 29.28 -7.62 -19.93
N GLU E 203 29.30 -8.46 -18.88
CA GLU E 203 29.78 -9.83 -19.03
C GLU E 203 28.80 -10.68 -19.82
N THR E 204 27.55 -10.25 -19.95
CA THR E 204 26.55 -11.03 -20.68
C THR E 204 26.84 -11.03 -22.18
N SER E 205 27.13 -9.85 -22.74
CA SER E 205 27.32 -9.70 -24.19
C SER E 205 28.73 -9.26 -24.55
N GLY E 206 29.22 -8.21 -23.93
CA GLY E 206 30.51 -7.65 -24.29
C GLY E 206 30.50 -6.14 -24.27
N ARG E 207 30.86 -5.50 -25.38
CA ARG E 207 30.87 -4.05 -25.47
C ARG E 207 29.66 -3.57 -26.26
N TYR E 208 28.90 -2.65 -25.67
CA TYR E 208 27.77 -2.07 -26.38
C TYR E 208 27.71 -0.57 -26.08
N ALA E 209 27.12 0.17 -27.00
CA ALA E 209 27.11 1.62 -26.93
C ALA E 209 25.76 2.14 -26.46
N SER E 210 25.77 3.03 -25.47
CA SER E 210 24.61 3.77 -25.04
C SER E 210 24.85 5.25 -25.28
N TYR E 211 23.79 6.04 -25.21
CA TYR E 211 23.87 7.46 -25.47
C TYR E 211 23.15 8.24 -24.39
N ARG E 212 23.71 9.39 -24.01
CA ARG E 212 23.09 10.27 -23.04
C ARG E 212 23.18 11.70 -23.55
N ILE E 213 22.26 12.55 -23.09
CA ILE E 213 22.22 13.95 -23.49
C ILE E 213 22.35 14.80 -22.23
N CYS E 214 23.16 15.85 -22.32
CA CYS E 214 23.39 16.71 -21.17
C CYS E 214 22.24 17.69 -20.98
N MET E 215 21.79 17.84 -19.74
CA MET E 215 20.70 18.74 -19.43
C MET E 215 21.16 19.83 -18.45
N GLU F 71 1.44 8.88 -46.51
CA GLU F 71 2.82 9.37 -46.56
C GLU F 71 3.68 8.70 -45.49
N LYS F 72 3.02 8.09 -44.51
CA LYS F 72 3.70 7.39 -43.43
C LYS F 72 3.92 5.91 -43.73
N ALA F 73 3.46 5.43 -44.88
CA ALA F 73 3.57 4.01 -45.22
C ALA F 73 4.94 3.72 -45.80
N ILE F 74 5.71 2.89 -45.10
CA ILE F 74 7.00 2.44 -45.63
C ILE F 74 6.74 1.48 -46.80
N PRO F 75 7.40 1.67 -47.94
CA PRO F 75 7.19 0.76 -49.08
C PRO F 75 7.69 -0.65 -48.77
N LYS F 76 7.20 -1.60 -49.56
CA LYS F 76 7.45 -3.02 -49.30
C LYS F 76 8.92 -3.37 -49.45
N ASP F 77 9.66 -2.65 -50.31
CA ASP F 77 11.07 -2.98 -50.53
C ASP F 77 11.92 -2.60 -49.31
N GLN F 78 11.59 -1.50 -48.64
CA GLN F 78 12.40 -0.97 -47.56
C GLN F 78 11.86 -1.34 -46.18
N ARG F 79 11.30 -2.53 -46.04
CA ARG F 79 10.79 -2.98 -44.74
C ARG F 79 11.93 -3.48 -43.88
N ALA F 80 12.01 -2.97 -42.64
CA ALA F 80 13.14 -3.25 -41.77
C ALA F 80 12.79 -4.07 -40.54
N THR F 81 11.51 -4.26 -40.23
CA THR F 81 11.15 -5.05 -39.07
C THR F 81 11.36 -6.54 -39.35
N THR F 82 11.21 -7.34 -38.30
CA THR F 82 11.46 -8.77 -38.42
C THR F 82 10.38 -9.43 -39.28
N PRO F 83 10.74 -10.44 -40.07
CA PRO F 83 9.73 -11.15 -40.87
C PRO F 83 9.04 -12.30 -40.15
N TYR F 84 9.25 -12.44 -38.85
CA TYR F 84 8.66 -13.52 -38.07
C TYR F 84 7.46 -13.00 -37.30
N MET F 85 6.43 -13.83 -37.20
CA MET F 85 5.21 -13.45 -36.49
C MET F 85 5.42 -13.62 -34.99
N THR F 86 5.22 -12.55 -34.24
CA THR F 86 5.34 -12.61 -32.79
C THR F 86 4.13 -13.35 -32.21
N LYS F 87 4.26 -13.74 -30.94
CA LYS F 87 3.17 -14.42 -30.25
C LYS F 87 1.95 -13.50 -30.09
N TYR F 88 2.20 -12.21 -29.90
CA TYR F 88 1.10 -11.26 -29.75
C TYR F 88 0.35 -11.09 -31.06
N GLU F 89 1.06 -11.10 -32.19
CA GLU F 89 0.40 -11.03 -33.49
C GLU F 89 -0.46 -12.27 -33.73
N ARG F 90 0.06 -13.44 -33.36
CA ARG F 90 -0.72 -14.68 -33.50
C ARG F 90 -1.98 -14.64 -32.65
N ALA F 91 -1.85 -14.18 -31.39
CA ALA F 91 -3.01 -14.11 -30.50
C ALA F 91 -4.04 -13.12 -31.01
N ARG F 92 -3.61 -11.94 -31.45
CA ARG F 92 -4.54 -10.94 -31.94
C ARG F 92 -5.22 -11.39 -33.24
N ILE F 93 -4.47 -12.04 -34.13
CA ILE F 93 -5.05 -12.53 -35.38
C ILE F 93 -6.09 -13.61 -35.10
N LEU F 94 -5.78 -14.54 -34.20
CA LEU F 94 -6.72 -15.59 -33.85
C LEU F 94 -7.97 -15.01 -33.19
N GLY F 95 -7.81 -14.02 -32.30
CA GLY F 95 -8.96 -13.42 -31.67
C GLY F 95 -9.84 -12.68 -32.66
N THR F 96 -9.22 -11.93 -33.57
CA THR F 96 -9.98 -11.19 -34.58
C THR F 96 -10.73 -12.13 -35.50
N ARG F 97 -10.08 -13.20 -35.96
CA ARG F 97 -10.76 -14.15 -36.86
C ARG F 97 -11.86 -14.92 -36.14
N ALA F 98 -11.65 -15.28 -34.87
CA ALA F 98 -12.69 -15.95 -34.11
C ALA F 98 -13.88 -15.02 -33.89
N LEU F 99 -13.62 -13.74 -33.62
CA LEU F 99 -14.72 -12.78 -33.46
C LEU F 99 -15.48 -12.58 -34.77
N GLN F 100 -14.76 -12.59 -35.89
CA GLN F 100 -15.43 -12.47 -37.19
C GLN F 100 -16.28 -13.69 -37.49
N ILE F 101 -15.75 -14.89 -37.22
CA ILE F 101 -16.50 -16.12 -37.48
C ILE F 101 -17.71 -16.21 -36.56
N SER F 102 -17.58 -15.75 -35.31
CA SER F 102 -18.71 -15.75 -34.39
C SER F 102 -19.82 -14.82 -34.85
N MET F 103 -19.50 -13.85 -35.70
CA MET F 103 -20.50 -13.00 -36.32
C MET F 103 -20.81 -13.40 -37.76
N ASN F 104 -20.73 -14.70 -38.06
CA ASN F 104 -21.19 -15.29 -39.32
C ASN F 104 -20.38 -14.78 -40.52
N ALA F 105 -19.06 -14.76 -40.39
CA ALA F 105 -18.23 -14.51 -41.55
C ALA F 105 -17.91 -15.82 -42.27
N PRO F 106 -17.73 -15.78 -43.59
CA PRO F 106 -17.38 -17.01 -44.30
C PRO F 106 -15.98 -17.48 -43.96
N VAL F 107 -15.79 -18.80 -44.02
CA VAL F 107 -14.51 -19.43 -43.75
C VAL F 107 -13.97 -20.01 -45.04
N PHE F 108 -12.64 -20.16 -45.09
CA PHE F 108 -11.94 -20.60 -46.29
C PHE F 108 -11.30 -21.97 -46.10
N VAL F 109 -11.82 -22.77 -45.16
CA VAL F 109 -11.28 -24.10 -44.88
C VAL F 109 -12.42 -25.11 -44.90
N ASP F 110 -12.05 -26.37 -45.10
CA ASP F 110 -13.02 -27.47 -45.06
C ASP F 110 -13.13 -27.93 -43.61
N LEU F 111 -13.99 -27.24 -42.86
CA LEU F 111 -14.17 -27.55 -41.46
C LEU F 111 -14.86 -28.90 -41.31
N GLU F 112 -14.30 -29.75 -40.46
CA GLU F 112 -14.81 -31.11 -40.26
C GLU F 112 -15.67 -31.17 -39.00
N GLY F 113 -16.84 -30.53 -39.10
CA GLY F 113 -17.78 -30.52 -38.01
C GLY F 113 -17.40 -29.61 -36.86
N GLU F 114 -16.42 -28.73 -37.04
CA GLU F 114 -16.04 -27.80 -35.98
C GLU F 114 -17.12 -26.73 -35.81
N THR F 115 -17.39 -26.39 -34.55
CA THR F 115 -18.38 -25.37 -34.22
C THR F 115 -17.80 -24.17 -33.49
N ASP F 116 -16.72 -24.35 -32.75
CA ASP F 116 -16.10 -23.22 -32.05
C ASP F 116 -15.36 -22.34 -33.04
N PRO F 117 -15.57 -21.02 -33.01
CA PRO F 117 -14.83 -20.14 -33.94
C PRO F 117 -13.33 -20.17 -33.77
N LEU F 118 -12.85 -20.39 -32.54
CA LEU F 118 -11.42 -20.38 -32.27
C LEU F 118 -10.69 -21.49 -32.99
N ARG F 119 -11.27 -22.70 -32.99
CA ARG F 119 -10.61 -23.82 -33.65
C ARG F 119 -10.65 -23.68 -35.17
N ILE F 120 -11.72 -23.07 -35.70
CA ILE F 120 -11.77 -22.77 -37.12
C ILE F 120 -10.70 -21.75 -37.49
N ALA F 121 -10.49 -20.74 -36.64
CA ALA F 121 -9.44 -19.76 -36.89
C ALA F 121 -8.06 -20.40 -36.81
N MET F 122 -7.87 -21.35 -35.89
CA MET F 122 -6.61 -22.09 -35.81
C MET F 122 -6.36 -22.89 -37.08
N LYS F 123 -7.40 -23.55 -37.59
CA LYS F 123 -7.26 -24.29 -38.85
C LYS F 123 -6.97 -23.34 -40.01
N GLU F 124 -7.58 -22.15 -40.00
CA GLU F 124 -7.30 -21.16 -41.04
C GLU F 124 -5.86 -20.69 -41.00
N LEU F 125 -5.32 -20.47 -39.80
CA LEU F 125 -3.92 -20.06 -39.69
C LEU F 125 -2.97 -21.21 -39.98
N ALA F 126 -3.45 -22.45 -39.88
CA ALA F 126 -2.58 -23.61 -40.08
C ALA F 126 -2.03 -23.67 -41.50
N GLU F 127 -2.86 -23.35 -42.50
CA GLU F 127 -2.42 -23.34 -43.89
C GLU F 127 -2.49 -21.96 -44.53
N LYS F 128 -2.49 -20.90 -43.72
CA LYS F 128 -2.35 -19.51 -44.17
C LYS F 128 -3.46 -19.12 -45.15
N LYS F 129 -4.70 -19.20 -44.67
CA LYS F 129 -5.87 -18.85 -45.45
C LYS F 129 -6.71 -17.79 -44.74
N ILE F 130 -6.05 -16.75 -44.24
CA ILE F 130 -6.70 -15.70 -43.45
C ILE F 130 -6.46 -14.35 -44.11
N PRO F 131 -7.51 -13.57 -44.39
CA PRO F 131 -7.36 -12.27 -45.09
C PRO F 131 -7.19 -11.04 -44.18
N LEU F 132 -6.04 -10.95 -43.53
CA LEU F 132 -5.71 -9.82 -42.68
C LEU F 132 -4.26 -9.45 -42.86
N VAL F 133 -3.92 -8.20 -42.54
CA VAL F 133 -2.53 -7.74 -42.54
C VAL F 133 -2.24 -7.08 -41.20
N ILE F 134 -0.98 -7.11 -40.80
CA ILE F 134 -0.52 -6.50 -39.56
C ILE F 134 0.14 -5.16 -39.89
N ARG F 135 -0.32 -4.12 -39.22
CA ARG F 135 0.21 -2.77 -39.40
C ARG F 135 1.09 -2.45 -38.19
N ARG F 136 2.39 -2.66 -38.35
CA ARG F 136 3.35 -2.47 -37.27
C ARG F 136 3.77 -1.00 -37.21
N TYR F 137 3.45 -0.33 -36.11
CA TYR F 137 3.70 1.10 -35.97
C TYR F 137 5.05 1.32 -35.30
N LEU F 138 5.97 1.96 -36.02
CA LEU F 138 7.23 2.36 -35.45
C LEU F 138 7.01 3.53 -34.50
N PRO F 139 7.91 3.74 -33.53
CA PRO F 139 7.70 4.83 -32.55
C PRO F 139 7.67 6.22 -33.16
N ASP F 140 8.32 6.45 -34.32
CA ASP F 140 8.31 7.78 -34.91
C ASP F 140 6.93 8.14 -35.44
N GLY F 141 6.19 7.16 -35.96
CA GLY F 141 4.87 7.40 -36.51
C GLY F 141 4.62 6.62 -37.78
N SER F 142 5.70 6.27 -38.49
CA SER F 142 5.58 5.47 -39.70
C SER F 142 5.14 4.06 -39.36
N PHE F 143 4.34 3.46 -40.23
CA PHE F 143 3.89 2.10 -40.03
C PHE F 143 4.44 1.19 -41.12
N GLU F 144 4.02 -0.07 -41.09
CA GLU F 144 4.66 -1.11 -41.89
C GLU F 144 3.65 -2.24 -42.06
N ASP F 145 3.18 -2.46 -43.28
CA ASP F 145 2.16 -3.45 -43.55
C ASP F 145 2.79 -4.79 -43.91
N TRP F 146 2.42 -5.83 -43.16
CA TRP F 146 2.92 -7.18 -43.39
C TRP F 146 1.73 -8.11 -43.58
N SER F 147 1.72 -8.83 -44.69
CA SER F 147 0.68 -9.83 -44.90
C SER F 147 0.90 -11.01 -43.97
N VAL F 148 -0.21 -11.56 -43.44
CA VAL F 148 -0.10 -12.66 -42.49
C VAL F 148 0.47 -13.90 -43.17
N GLU F 149 0.07 -14.16 -44.42
CA GLU F 149 0.62 -15.28 -45.16
C GLU F 149 2.10 -15.09 -45.47
N GLU F 150 2.56 -13.83 -45.53
CA GLU F 150 3.98 -13.57 -45.75
C GLU F 150 4.81 -13.82 -44.50
N LEU F 151 4.25 -13.52 -43.33
CA LEU F 151 4.98 -13.70 -42.08
C LEU F 151 5.23 -15.18 -41.79
N ILE F 152 6.37 -15.46 -41.17
CA ILE F 152 6.80 -16.83 -40.89
C ILE F 152 6.42 -17.20 -39.48
N VAL F 153 5.69 -18.30 -39.33
CA VAL F 153 5.26 -18.77 -38.02
C VAL F 153 5.68 -20.23 -37.83
N MET G 1 -30.63 20.76 -61.67
CA MET G 1 -31.56 20.00 -60.84
C MET G 1 -30.82 18.95 -60.03
N PHE G 2 -30.11 18.07 -60.72
CA PHE G 2 -29.32 17.01 -60.10
C PHE G 2 -27.84 17.31 -60.32
N ILE G 3 -27.05 17.25 -59.25
CA ILE G 3 -25.62 17.48 -59.30
C ILE G 3 -24.90 16.32 -58.61
N LEU G 4 -23.58 16.32 -58.73
CA LEU G 4 -22.72 15.30 -58.15
C LEU G 4 -21.93 15.92 -57.01
N SER G 5 -21.97 15.28 -55.84
CA SER G 5 -21.24 15.75 -54.66
C SER G 5 -20.18 14.72 -54.29
N LYS G 6 -18.97 15.20 -54.03
CA LYS G 6 -17.85 14.36 -53.65
C LYS G 6 -17.73 14.38 -52.12
N ILE G 7 -17.94 13.23 -51.50
CA ILE G 7 -18.05 13.12 -50.04
C ILE G 7 -17.11 12.02 -49.57
N ALA G 8 -16.37 12.30 -48.50
CA ALA G 8 -15.54 11.31 -47.82
C ALA G 8 -16.28 10.82 -46.58
N ASP G 9 -16.30 9.51 -46.38
CA ASP G 9 -17.10 8.92 -45.31
C ASP G 9 -16.38 7.69 -44.77
N LEU G 10 -16.83 7.24 -43.59
CA LEU G 10 -16.31 6.05 -42.93
C LEU G 10 -17.44 5.03 -42.88
N VAL G 11 -17.31 3.95 -43.65
CA VAL G 11 -18.33 2.92 -43.74
C VAL G 11 -17.92 1.74 -42.87
N ARG G 12 -18.91 1.11 -42.24
CA ARG G 12 -18.68 -0.05 -41.40
C ARG G 12 -19.31 -1.26 -42.08
N ILE G 13 -18.46 -2.16 -42.59
CA ILE G 13 -18.91 -3.39 -43.22
C ILE G 13 -18.96 -4.48 -42.15
N PRO G 14 -20.13 -5.06 -41.87
CA PRO G 14 -20.20 -6.15 -40.92
C PRO G 14 -19.52 -7.38 -41.47
N PRO G 15 -19.00 -8.26 -40.62
CA PRO G 15 -18.28 -9.45 -41.11
C PRO G 15 -19.17 -10.44 -41.87
N ASP G 16 -20.49 -10.39 -41.68
CA ASP G 16 -21.36 -11.27 -42.45
C ASP G 16 -21.54 -10.81 -43.89
N GLN G 17 -21.11 -9.60 -44.23
CA GLN G 17 -21.14 -9.10 -45.60
C GLN G 17 -19.82 -9.30 -46.33
N PHE G 18 -18.88 -10.03 -45.73
CA PHE G 18 -17.58 -10.24 -46.37
C PHE G 18 -17.68 -11.11 -47.62
N HIS G 19 -18.73 -11.93 -47.71
CA HIS G 19 -18.90 -12.77 -48.90
C HIS G 19 -19.25 -11.94 -50.13
N ARG G 20 -19.90 -10.80 -49.93
CA ARG G 20 -20.24 -9.91 -51.03
C ARG G 20 -18.98 -9.23 -51.57
N ASP G 21 -19.10 -8.69 -52.78
CA ASP G 21 -18.03 -7.86 -53.32
C ASP G 21 -17.89 -6.60 -52.49
N THR G 22 -16.64 -6.12 -52.36
CA THR G 22 -16.37 -4.99 -51.47
C THR G 22 -17.04 -3.72 -51.98
N ILE G 23 -17.05 -3.52 -53.30
CA ILE G 23 -17.74 -2.36 -53.88
C ILE G 23 -19.22 -2.40 -53.56
N SER G 24 -19.84 -3.57 -53.69
CA SER G 24 -21.27 -3.71 -53.41
C SER G 24 -21.57 -3.47 -51.94
N ALA G 25 -20.72 -3.99 -51.04
CA ALA G 25 -20.94 -3.79 -49.61
C ALA G 25 -20.78 -2.33 -49.21
N ILE G 26 -19.76 -1.66 -49.75
CA ILE G 26 -19.55 -0.24 -49.46
C ILE G 26 -20.72 0.58 -50.00
N THR G 27 -21.17 0.27 -51.21
CA THR G 27 -22.31 0.98 -51.79
C THR G 27 -23.59 0.75 -50.99
N HIS G 28 -23.78 -0.47 -50.49
CA HIS G 28 -24.95 -0.78 -49.67
C HIS G 28 -24.94 0.02 -48.37
N GLN G 29 -23.79 0.06 -47.70
CA GLN G 29 -23.69 0.85 -46.46
C GLN G 29 -23.90 2.34 -46.74
N LEU G 30 -23.34 2.83 -47.86
CA LEU G 30 -23.51 4.23 -48.21
C LEU G 30 -24.96 4.54 -48.56
N ASN G 31 -25.69 3.57 -49.10
CA ASN G 31 -27.09 3.78 -49.42
C ASN G 31 -27.95 3.71 -48.16
N ASN G 32 -27.55 2.91 -47.17
CA ASN G 32 -28.20 2.96 -45.87
C ASN G 32 -28.01 4.33 -45.23
N LYS G 33 -26.80 4.88 -45.32
CA LYS G 33 -26.51 6.14 -44.62
C LYS G 33 -27.03 7.37 -45.35
N PHE G 34 -27.02 7.39 -46.69
CA PHE G 34 -27.17 8.62 -47.44
C PHE G 34 -28.42 8.71 -48.29
N ALA G 35 -28.95 7.59 -48.78
CA ALA G 35 -30.03 7.64 -49.77
C ALA G 35 -31.32 8.17 -49.17
N ASN G 36 -31.99 9.04 -49.92
CA ASN G 36 -33.27 9.66 -49.52
C ASN G 36 -33.14 10.40 -48.19
N LYS G 37 -32.02 11.11 -48.05
CA LYS G 37 -31.75 11.85 -46.82
C LYS G 37 -31.13 13.19 -47.17
N ILE G 38 -31.23 14.13 -46.23
CA ILE G 38 -30.77 15.50 -46.43
C ILE G 38 -29.32 15.59 -45.95
N ILE G 39 -28.42 15.89 -46.88
CA ILE G 39 -27.05 16.27 -46.53
C ILE G 39 -27.09 17.76 -46.21
N PRO G 40 -26.68 18.17 -45.00
CA PRO G 40 -26.82 19.56 -44.59
C PRO G 40 -25.99 20.49 -45.46
N ASN G 41 -26.58 21.64 -45.80
CA ASN G 41 -26.01 22.66 -46.68
C ASN G 41 -25.67 22.12 -48.07
N VAL G 42 -26.23 20.96 -48.44
CA VAL G 42 -25.99 20.38 -49.76
C VAL G 42 -27.33 20.11 -50.45
N GLY G 43 -28.18 19.32 -49.83
CA GLY G 43 -29.47 19.06 -50.46
C GLY G 43 -30.00 17.69 -50.08
N LEU G 44 -30.65 17.05 -51.04
CA LEU G 44 -31.26 15.74 -50.85
C LEU G 44 -30.53 14.73 -51.73
N CYS G 45 -29.98 13.69 -51.11
CA CYS G 45 -29.22 12.68 -51.82
C CYS G 45 -30.17 11.63 -52.40
N ILE G 46 -29.89 11.21 -53.64
CA ILE G 46 -30.72 10.23 -54.31
C ILE G 46 -30.06 8.86 -54.24
N THR G 47 -28.90 8.73 -54.86
CA THR G 47 -28.19 7.46 -54.94
C THR G 47 -26.70 7.72 -55.06
N ILE G 48 -25.91 6.80 -54.51
CA ILE G 48 -24.47 6.86 -54.66
C ILE G 48 -24.09 6.59 -56.12
N TYR G 49 -23.45 7.57 -56.75
CA TYR G 49 -23.11 7.43 -58.17
C TYR G 49 -21.94 6.47 -58.35
N ASP G 50 -20.79 6.77 -57.74
CA ASP G 50 -19.64 5.88 -57.87
C ASP G 50 -18.68 6.14 -56.73
N LEU G 51 -17.69 5.25 -56.60
CA LEU G 51 -16.62 5.37 -55.62
C LEU G 51 -15.31 5.71 -56.34
N LEU G 52 -14.58 6.67 -55.80
CA LEU G 52 -13.32 7.10 -56.40
C LEU G 52 -12.10 6.45 -55.74
N THR G 53 -11.95 6.59 -54.43
CA THR G 53 -10.81 6.01 -53.72
C THR G 53 -11.31 5.22 -52.53
N VAL G 54 -10.70 4.05 -52.32
CA VAL G 54 -11.03 3.16 -51.20
C VAL G 54 -9.75 2.90 -50.43
N GLU G 55 -9.81 3.05 -49.11
CA GLU G 55 -8.67 2.79 -48.25
C GLU G 55 -8.76 1.39 -47.66
N GLU G 56 -7.66 0.98 -47.02
CA GLU G 56 -7.62 -0.33 -46.37
C GLU G 56 -8.54 -0.35 -45.16
N GLY G 57 -9.23 -1.46 -44.98
CA GLY G 57 -10.19 -1.60 -43.90
C GLY G 57 -9.53 -1.75 -42.54
N GLN G 58 -9.75 -0.78 -41.66
CA GLN G 58 -9.19 -0.81 -40.31
C GLN G 58 -10.19 -1.44 -39.36
N LEU G 59 -9.68 -2.15 -38.36
CA LEU G 59 -10.51 -2.92 -37.44
C LEU G 59 -10.37 -2.36 -36.04
N LYS G 60 -11.49 -2.05 -35.42
CA LYS G 60 -11.56 -1.62 -34.03
C LYS G 60 -11.31 -2.81 -33.10
N PRO G 61 -10.48 -2.63 -32.08
CA PRO G 61 -10.27 -3.72 -31.11
C PRO G 61 -11.54 -3.99 -30.31
N GLY G 62 -12.12 -5.18 -30.52
CA GLY G 62 -13.37 -5.55 -29.90
C GLY G 62 -14.52 -5.72 -30.86
N ASP G 63 -14.31 -5.53 -32.16
CA ASP G 63 -15.35 -5.71 -33.16
C ASP G 63 -14.72 -6.24 -34.44
N GLY G 64 -15.38 -7.22 -35.06
CA GLY G 64 -14.87 -7.79 -36.29
C GLY G 64 -15.23 -7.04 -37.55
N SER G 65 -16.10 -6.03 -37.44
CA SER G 65 -16.48 -5.25 -38.60
C SER G 65 -15.30 -4.42 -39.10
N SER G 66 -15.28 -4.16 -40.40
CA SER G 66 -14.18 -3.45 -41.03
C SER G 66 -14.62 -2.03 -41.35
N TYR G 67 -13.84 -1.04 -40.92
CA TYR G 67 -14.13 0.36 -41.17
C TYR G 67 -13.27 0.85 -42.31
N ILE G 68 -13.91 1.39 -43.35
CA ILE G 68 -13.22 1.79 -44.57
C ILE G 68 -13.48 3.27 -44.81
N ASN G 69 -12.40 4.01 -45.08
CA ASN G 69 -12.50 5.40 -45.49
C ASN G 69 -12.71 5.43 -47.00
N VAL G 70 -13.89 5.84 -47.43
CA VAL G 70 -14.29 5.78 -48.83
C VAL G 70 -14.68 7.18 -49.30
N THR G 71 -14.16 7.57 -50.46
CA THR G 71 -14.55 8.80 -51.13
C THR G 71 -15.46 8.45 -52.30
N PHE G 72 -16.61 9.13 -52.39
CA PHE G 72 -17.60 8.74 -53.36
C PHE G 72 -18.29 9.98 -53.93
N ARG G 73 -18.70 9.87 -55.18
CA ARG G 73 -19.58 10.86 -55.80
C ARG G 73 -21.01 10.34 -55.73
N ALA G 74 -21.91 11.20 -55.27
CA ALA G 74 -23.31 10.87 -55.07
C ALA G 74 -24.19 11.87 -55.79
N VAL G 75 -25.31 11.40 -56.32
CA VAL G 75 -26.27 12.25 -57.03
C VAL G 75 -27.17 12.91 -55.99
N VAL G 76 -27.07 14.24 -55.88
CA VAL G 76 -27.87 14.98 -54.91
C VAL G 76 -28.72 16.01 -55.66
N PHE G 77 -29.94 16.20 -55.16
CA PHE G 77 -30.95 17.00 -55.82
C PHE G 77 -30.83 18.43 -55.32
N LYS G 78 -30.18 19.29 -56.11
CA LYS G 78 -29.95 20.70 -55.76
C LYS G 78 -30.38 21.58 -56.92
N PRO G 79 -31.63 22.03 -56.93
CA PRO G 79 -32.05 23.02 -57.94
C PRO G 79 -31.36 24.35 -57.69
N PHE G 80 -30.57 24.79 -58.67
CA PHE G 80 -29.85 26.04 -58.54
C PHE G 80 -30.79 27.23 -58.70
N LEU G 81 -30.28 28.40 -58.33
CA LEU G 81 -31.09 29.62 -58.40
C LEU G 81 -31.38 29.98 -59.85
N GLY G 82 -32.65 30.31 -60.12
CA GLY G 82 -33.09 30.64 -61.45
C GLY G 82 -33.57 29.47 -62.28
N GLU G 83 -33.42 28.24 -61.80
CA GLU G 83 -33.91 27.09 -62.53
C GLU G 83 -35.41 26.93 -62.31
N ILE G 84 -36.14 26.70 -63.40
CA ILE G 84 -37.58 26.51 -63.35
C ILE G 84 -37.88 25.02 -63.37
N VAL G 85 -39.00 24.64 -62.75
CA VAL G 85 -39.34 23.24 -62.55
C VAL G 85 -40.86 23.11 -62.42
N THR G 86 -41.35 21.94 -62.83
CA THR G 86 -42.78 21.63 -62.89
C THR G 86 -43.15 20.67 -61.77
N GLY G 87 -44.20 21.01 -61.02
CA GLY G 87 -44.67 20.18 -59.93
C GLY G 87 -46.18 20.09 -59.93
N TRP G 88 -46.71 19.44 -58.89
CA TRP G 88 -48.14 19.25 -58.70
C TRP G 88 -48.56 19.91 -57.39
N ILE G 89 -49.64 20.71 -57.45
CA ILE G 89 -50.12 21.40 -56.25
C ILE G 89 -50.71 20.38 -55.29
N SER G 90 -50.28 20.44 -54.03
CA SER G 90 -50.80 19.53 -53.02
C SER G 90 -51.87 20.18 -52.14
N LYS G 91 -51.60 21.40 -51.67
CA LYS G 91 -52.51 22.09 -50.77
C LYS G 91 -52.19 23.57 -50.80
N CYS G 92 -53.22 24.41 -50.69
CA CYS G 92 -53.08 25.85 -50.74
C CYS G 92 -53.54 26.45 -49.42
N THR G 93 -52.77 27.42 -48.91
CA THR G 93 -53.07 28.11 -47.66
C THR G 93 -53.29 29.60 -47.95
N ALA G 94 -53.56 30.35 -46.88
CA ALA G 94 -53.70 31.80 -47.02
C ALA G 94 -52.35 32.46 -47.26
N GLU G 95 -51.30 31.96 -46.61
CA GLU G 95 -49.97 32.51 -46.79
C GLU G 95 -49.40 32.24 -48.19
N GLY G 96 -49.69 31.09 -48.76
CA GLY G 96 -49.17 30.76 -50.07
C GLY G 96 -49.71 29.41 -50.53
N ILE G 97 -48.96 28.79 -51.45
CA ILE G 97 -49.38 27.54 -52.07
C ILE G 97 -48.25 26.53 -51.97
N LYS G 98 -48.60 25.26 -51.78
CA LYS G 98 -47.63 24.19 -51.58
C LYS G 98 -47.63 23.25 -52.76
N VAL G 99 -46.45 22.96 -53.29
CA VAL G 99 -46.29 22.13 -54.47
C VAL G 99 -45.28 21.03 -54.20
N SER G 100 -45.57 19.83 -54.72
CA SER G 100 -44.73 18.66 -54.53
C SER G 100 -44.25 18.17 -55.89
N LEU G 101 -43.03 17.64 -55.92
CA LEU G 101 -42.45 17.13 -57.16
C LEU G 101 -42.69 15.62 -57.32
N LEU G 102 -43.96 15.23 -57.15
CA LEU G 102 -44.43 13.85 -57.28
C LEU G 102 -43.62 12.91 -56.36
N GLY G 103 -43.80 13.13 -55.07
CA GLY G 103 -43.24 12.26 -54.05
C GLY G 103 -41.76 12.43 -53.79
N ILE G 104 -41.00 13.04 -54.70
CA ILE G 104 -39.57 13.23 -54.48
C ILE G 104 -39.32 14.20 -53.34
N PHE G 105 -40.00 15.35 -53.36
CA PHE G 105 -39.74 16.41 -52.39
C PHE G 105 -41.00 17.26 -52.29
N ASP G 106 -41.75 17.07 -51.19
CA ASP G 106 -43.03 17.74 -51.01
C ASP G 106 -42.93 18.99 -50.13
N ASP G 107 -41.79 19.69 -50.20
CA ASP G 107 -41.49 20.79 -49.30
C ASP G 107 -41.17 22.05 -50.08
N ILE G 108 -41.99 22.37 -51.07
CA ILE G 108 -41.83 23.58 -51.89
C ILE G 108 -43.02 24.48 -51.63
N PHE G 109 -42.75 25.73 -51.27
CA PHE G 109 -43.77 26.69 -50.88
C PHE G 109 -43.57 27.97 -51.68
N ILE G 110 -44.64 28.43 -52.32
CA ILE G 110 -44.64 29.68 -53.08
C ILE G 110 -45.48 30.70 -52.31
N PRO G 111 -44.88 31.79 -51.84
CA PRO G 111 -45.63 32.76 -51.04
C PRO G 111 -46.33 33.80 -51.90
N GLN G 112 -46.99 34.74 -51.21
CA GLN G 112 -47.75 35.78 -51.90
C GLN G 112 -46.86 36.80 -52.59
N ASN G 113 -45.67 37.07 -52.02
CA ASN G 113 -44.81 38.13 -52.53
C ASN G 113 -44.31 37.82 -53.93
N MET G 114 -43.92 36.58 -54.19
CA MET G 114 -43.36 36.20 -55.48
C MET G 114 -44.40 35.58 -56.42
N LEU G 115 -45.68 35.58 -56.04
CA LEU G 115 -46.73 35.00 -56.85
C LEU G 115 -47.23 36.02 -57.86
N PHE G 116 -48.16 35.60 -58.73
CA PHE G 116 -48.78 36.49 -59.70
C PHE G 116 -49.44 37.68 -59.01
N GLU G 117 -49.29 38.86 -59.61
CA GLU G 117 -49.84 40.07 -59.04
C GLU G 117 -51.36 40.05 -59.07
N GLY G 118 -51.97 40.43 -57.95
CA GLY G 118 -53.41 40.49 -57.85
C GLY G 118 -54.09 39.22 -57.40
N CYS G 119 -53.34 38.13 -57.20
CA CYS G 119 -53.93 36.88 -56.75
C CYS G 119 -54.56 37.03 -55.38
N TYR G 120 -55.72 36.40 -55.18
CA TYR G 120 -56.35 36.39 -53.87
C TYR G 120 -56.90 35.00 -53.60
N TYR G 121 -56.95 34.65 -52.31
CA TYR G 121 -57.41 33.34 -51.85
C TYR G 121 -58.74 33.48 -51.14
N THR G 122 -59.72 32.68 -51.54
CA THR G 122 -61.03 32.67 -50.93
C THR G 122 -61.37 31.25 -50.49
N PRO G 123 -61.79 31.04 -49.24
CA PRO G 123 -61.84 29.67 -48.69
C PRO G 123 -62.83 28.73 -49.36
N GLU G 124 -63.92 29.23 -49.97
CA GLU G 124 -65.00 28.32 -50.37
C GLU G 124 -64.60 27.42 -51.54
N GLU G 125 -63.77 27.92 -52.45
CA GLU G 125 -63.33 27.10 -53.57
C GLU G 125 -61.93 26.53 -53.39
N SER G 126 -61.19 27.02 -52.40
CA SER G 126 -59.83 26.55 -52.07
C SER G 126 -58.89 26.66 -53.27
N ALA G 127 -58.74 27.89 -53.76
CA ALA G 127 -57.86 28.16 -54.89
C ALA G 127 -57.49 29.64 -54.88
N TRP G 128 -56.46 29.98 -55.63
CA TRP G 128 -56.01 31.36 -55.79
C TRP G 128 -56.47 31.89 -57.14
N ILE G 129 -56.94 33.13 -57.15
CA ILE G 129 -57.49 33.76 -58.35
C ILE G 129 -56.52 34.84 -58.83
N TRP G 130 -56.19 34.79 -60.12
CA TRP G 130 -55.34 35.77 -60.78
C TRP G 130 -56.16 36.56 -61.79
N PRO G 131 -56.45 37.83 -61.54
CA PRO G 131 -57.21 38.64 -62.52
C PRO G 131 -56.32 39.18 -63.64
N MET G 132 -55.98 38.30 -64.58
CA MET G 132 -55.09 38.68 -65.66
C MET G 132 -55.78 39.59 -66.67
N ASP G 133 -57.04 39.30 -66.98
CA ASP G 133 -57.76 40.05 -68.01
C ASP G 133 -59.26 39.90 -67.73
N GLU G 134 -60.08 40.22 -68.73
CA GLU G 134 -61.53 40.06 -68.58
C GLU G 134 -61.90 38.60 -68.37
N GLU G 135 -61.23 37.69 -69.07
CA GLU G 135 -61.39 36.25 -68.84
C GLU G 135 -60.49 35.83 -67.68
N THR G 136 -60.88 36.24 -66.48
CA THR G 136 -60.10 36.03 -65.28
C THR G 136 -60.47 34.73 -64.56
N LYS G 137 -61.29 33.88 -65.18
CA LYS G 137 -61.71 32.61 -64.57
C LYS G 137 -60.57 31.60 -64.67
N LEU G 138 -59.51 31.87 -63.91
CA LEU G 138 -58.34 31.02 -63.83
C LEU G 138 -58.06 30.69 -62.38
N TYR G 139 -57.95 29.41 -62.05
CA TYR G 139 -57.83 28.95 -60.68
C TYR G 139 -56.58 28.10 -60.52
N PHE G 140 -55.88 28.30 -59.39
CA PHE G 140 -54.77 27.44 -59.00
C PHE G 140 -55.31 26.20 -58.30
N ASP G 141 -55.94 25.35 -59.09
CA ASP G 141 -56.58 24.15 -58.57
C ASP G 141 -55.55 23.15 -58.05
N VAL G 142 -55.93 22.41 -57.01
CA VAL G 142 -55.06 21.39 -56.47
C VAL G 142 -54.97 20.21 -57.43
N ASN G 143 -53.91 19.40 -57.25
CA ASN G 143 -53.64 18.23 -58.09
C ASN G 143 -53.52 18.61 -59.56
N GLU G 144 -52.87 19.73 -59.83
CA GLU G 144 -52.69 20.24 -61.18
C GLU G 144 -51.22 20.57 -61.42
N LYS G 145 -50.83 20.58 -62.69
CA LYS G 145 -49.44 20.74 -63.10
C LYS G 145 -49.10 22.23 -63.16
N ILE G 146 -48.21 22.67 -62.27
CA ILE G 146 -47.79 24.05 -62.19
C ILE G 146 -46.31 24.12 -62.55
N ARG G 147 -45.89 25.28 -63.07
CA ARG G 147 -44.50 25.56 -63.36
C ARG G 147 -44.06 26.76 -62.55
N PHE G 148 -42.91 26.66 -61.89
CA PHE G 148 -42.46 27.75 -61.04
C PHE G 148 -40.94 27.86 -61.14
N ARG G 149 -40.41 28.93 -60.55
CA ARG G 149 -38.99 29.24 -60.62
C ARG G 149 -38.42 29.32 -59.21
N ILE G 150 -37.32 28.62 -58.98
CA ILE G 150 -36.68 28.58 -57.67
C ILE G 150 -35.96 29.90 -57.44
N GLU G 151 -36.22 30.53 -56.29
CA GLU G 151 -35.62 31.80 -55.93
C GLU G 151 -34.81 31.77 -54.65
N ARG G 152 -35.15 30.91 -53.69
CA ARG G 152 -34.42 30.82 -52.43
C ARG G 152 -34.29 29.36 -52.01
N GLU G 153 -33.10 29.00 -51.56
CA GLU G 153 -32.81 27.68 -51.00
C GLU G 153 -32.48 27.90 -49.53
N VAL G 154 -33.38 27.47 -48.63
CA VAL G 154 -33.24 27.73 -47.21
C VAL G 154 -32.89 26.44 -46.48
N PHE G 155 -31.90 26.52 -45.61
CA PHE G 155 -31.49 25.45 -44.71
C PHE G 155 -31.68 25.90 -43.28
N VAL G 156 -32.22 25.03 -42.44
CA VAL G 156 -32.31 25.29 -41.01
C VAL G 156 -31.62 24.16 -40.26
N ASP G 157 -31.24 24.43 -39.03
CA ASP G 157 -30.56 23.44 -38.21
C ASP G 157 -31.54 22.36 -37.75
N VAL G 158 -30.97 21.21 -37.39
CA VAL G 158 -31.75 20.07 -36.91
C VAL G 158 -31.45 19.95 -35.41
N LYS G 159 -31.16 21.10 -34.80
CA LYS G 159 -30.74 21.13 -33.40
C LYS G 159 -31.86 20.63 -32.49
N PRO G 160 -31.63 19.58 -31.70
CA PRO G 160 -32.64 19.11 -30.77
C PRO G 160 -32.78 20.03 -29.56
N LYS G 161 -33.95 19.95 -28.93
CA LYS G 161 -34.23 20.75 -27.75
C LYS G 161 -33.65 20.08 -26.51
N SER G 162 -33.87 20.72 -25.36
CA SER G 162 -33.47 20.14 -24.09
C SER G 162 -34.26 18.86 -23.83
N PRO G 163 -33.68 17.90 -23.10
CA PRO G 163 -34.43 16.66 -22.82
C PRO G 163 -35.74 16.89 -22.11
N LYS G 164 -35.73 17.61 -20.98
CA LYS G 164 -36.96 17.85 -20.23
C LYS G 164 -38.01 18.54 -21.09
N GLU G 165 -37.58 19.51 -21.90
CA GLU G 165 -38.45 20.14 -22.89
C GLU G 165 -38.91 19.18 -23.98
N ARG G 166 -38.27 18.02 -24.11
CA ARG G 166 -38.71 17.00 -25.06
C ARG G 166 -39.72 16.04 -24.45
N GLU G 167 -39.50 15.58 -23.20
CA GLU G 167 -40.53 14.73 -22.59
C GLU G 167 -41.80 15.52 -22.29
N LEU G 168 -41.69 16.81 -21.92
CA LEU G 168 -42.92 17.56 -21.65
C LEU G 168 -43.70 17.79 -22.95
N GLU G 169 -42.99 18.06 -24.04
CA GLU G 169 -43.66 18.23 -25.33
C GLU G 169 -44.28 16.92 -25.80
N GLU G 170 -43.59 15.79 -25.59
CA GLU G 170 -44.16 14.50 -25.95
C GLU G 170 -45.38 14.17 -25.11
N ARG G 171 -45.34 14.50 -23.82
CA ARG G 171 -46.49 14.28 -22.95
C ARG G 171 -47.68 15.14 -23.36
N ALA G 172 -47.42 16.40 -23.72
CA ALA G 172 -48.49 17.27 -24.20
C ALA G 172 -49.07 16.76 -25.53
N GLN G 173 -48.21 16.25 -26.42
CA GLN G 173 -48.69 15.72 -27.69
C GLN G 173 -49.51 14.46 -27.49
N LEU G 174 -49.11 13.60 -26.54
CA LEU G 174 -49.86 12.38 -26.27
C LEU G 174 -51.25 12.69 -25.71
N GLU G 175 -51.34 13.70 -24.84
CA GLU G 175 -52.61 14.10 -24.24
C GLU G 175 -53.50 14.78 -25.28
N GLU G 189 -45.47 20.03 -36.15
CA GLU G 189 -44.84 20.72 -37.28
C GLU G 189 -43.45 21.23 -36.91
N LYS G 190 -42.45 20.87 -37.71
CA LYS G 190 -41.08 21.26 -37.50
C LYS G 190 -40.52 21.86 -38.79
N PRO G 191 -39.57 22.79 -38.68
CA PRO G 191 -38.99 23.39 -39.89
C PRO G 191 -38.13 22.38 -40.64
N PRO G 192 -38.43 22.13 -41.91
CA PRO G 192 -37.61 21.19 -42.69
C PRO G 192 -36.21 21.71 -42.90
N ALA G 193 -35.23 20.81 -42.84
CA ALA G 193 -33.83 21.19 -42.96
C ALA G 193 -33.49 21.67 -44.36
N TYR G 194 -34.30 21.32 -45.34
CA TYR G 194 -34.12 21.77 -46.72
C TYR G 194 -35.46 22.24 -47.25
N ALA G 195 -35.50 23.45 -47.80
CA ALA G 195 -36.72 23.92 -48.44
C ALA G 195 -36.37 24.90 -49.55
N LEU G 196 -37.29 25.03 -50.50
CA LEU G 196 -37.12 25.93 -51.64
C LEU G 196 -38.34 26.82 -51.76
N LEU G 197 -38.11 28.05 -52.24
CA LEU G 197 -39.16 29.05 -52.38
C LEU G 197 -39.35 29.34 -53.86
N GLY G 198 -40.53 29.00 -54.39
CA GLY G 198 -40.84 29.24 -55.78
C GLY G 198 -41.28 30.67 -56.04
N SER G 199 -41.38 30.99 -57.33
CA SER G 199 -41.78 32.34 -57.74
C SER G 199 -42.60 32.25 -59.02
N CYS G 200 -43.47 33.24 -59.21
CA CYS G 200 -44.35 33.33 -60.37
C CYS G 200 -44.34 34.78 -60.86
N GLN G 201 -43.16 35.36 -61.00
CA GLN G 201 -43.01 36.75 -61.39
C GLN G 201 -42.81 36.94 -62.88
N THR G 202 -43.02 35.90 -63.69
CA THR G 202 -42.78 35.96 -65.12
C THR G 202 -43.92 35.24 -65.83
N ASP G 203 -44.22 35.68 -67.05
CA ASP G 203 -45.18 34.99 -67.88
C ASP G 203 -44.67 33.60 -68.25
N GLY G 204 -45.59 32.64 -68.28
CA GLY G 204 -45.26 31.25 -68.54
C GLY G 204 -45.27 30.37 -67.30
N MET G 205 -45.18 30.95 -66.11
CA MET G 205 -45.35 30.17 -64.89
C MET G 205 -46.82 29.93 -64.62
N GLY G 206 -47.10 29.24 -63.53
CA GLY G 206 -48.45 28.82 -63.24
C GLY G 206 -48.78 27.50 -63.92
N LEU G 207 -50.07 27.35 -64.23
CA LEU G 207 -50.53 26.14 -64.88
C LEU G 207 -49.91 26.01 -66.27
N VAL G 208 -49.45 24.80 -66.59
CA VAL G 208 -48.82 24.56 -67.89
C VAL G 208 -49.87 24.59 -69.01
N SER G 209 -51.12 24.21 -68.69
CA SER G 209 -52.17 24.19 -69.70
C SER G 209 -52.63 25.60 -70.07
N TRP G 210 -52.37 26.58 -69.19
CA TRP G 210 -52.78 27.95 -69.47
C TRP G 210 -52.02 28.52 -70.66
N TRP G 211 -50.73 28.21 -70.78
CA TRP G 211 -49.90 28.71 -71.87
C TRP G 211 -49.78 27.72 -73.02
N GLU G 212 -50.83 26.95 -73.30
CA GLU G 212 -50.85 26.02 -74.41
C GLU G 212 -50.70 26.73 -75.75
N SER H 2 31.98 -65.39 -38.63
CA SER H 2 31.49 -64.64 -39.78
C SER H 2 31.03 -63.24 -39.35
N ASN H 3 30.07 -63.21 -38.42
CA ASN H 3 29.54 -61.96 -37.89
C ASN H 3 30.23 -61.53 -36.60
N THR H 4 31.27 -62.25 -36.18
CA THR H 4 31.97 -61.96 -34.94
C THR H 4 32.91 -60.79 -35.16
N LEU H 5 32.58 -59.64 -34.57
CA LEU H 5 33.46 -58.48 -34.68
C LEU H 5 34.65 -58.59 -33.73
N PHE H 6 34.43 -59.15 -32.54
CA PHE H 6 35.46 -59.22 -31.52
C PHE H 6 35.28 -60.51 -30.73
N ASP H 7 36.39 -61.09 -30.26
CA ASP H 7 36.35 -62.33 -29.49
C ASP H 7 37.63 -62.38 -28.69
N ASP H 8 37.51 -62.55 -27.37
CA ASP H 8 38.69 -62.60 -26.52
C ASP H 8 38.30 -63.22 -25.18
N ILE H 9 39.27 -63.86 -24.54
CA ILE H 9 39.09 -64.49 -23.23
C ILE H 9 39.67 -63.57 -22.16
N PHE H 10 38.90 -63.30 -21.12
CA PHE H 10 39.27 -62.35 -20.08
C PHE H 10 39.32 -63.03 -18.73
N GLN H 11 40.13 -62.47 -17.84
CA GLN H 11 40.26 -62.89 -16.46
C GLN H 11 39.72 -61.76 -15.57
N VAL H 12 38.77 -62.08 -14.71
CA VAL H 12 38.12 -61.08 -13.89
C VAL H 12 38.99 -60.78 -12.67
N SER H 13 39.29 -59.50 -12.45
CA SER H 13 40.12 -59.08 -11.34
C SER H 13 39.33 -58.59 -10.13
N GLU H 14 38.20 -57.91 -10.34
CA GLU H 14 37.41 -57.41 -9.23
C GLU H 14 35.94 -57.34 -9.63
N VAL H 15 35.07 -57.38 -8.62
CA VAL H 15 33.63 -57.25 -8.79
C VAL H 15 33.15 -56.20 -7.80
N ASP H 16 32.40 -55.20 -8.29
CA ASP H 16 31.92 -54.11 -7.45
C ASP H 16 30.40 -54.17 -7.39
N PRO H 17 29.83 -54.75 -6.33
CA PRO H 17 28.37 -54.80 -6.21
C PRO H 17 27.80 -53.60 -5.50
N GLY H 18 28.57 -52.52 -5.39
CA GLY H 18 28.23 -51.37 -4.57
C GLY H 18 26.91 -50.70 -4.87
N ARG H 19 26.10 -50.52 -3.84
CA ARG H 19 24.80 -49.84 -3.88
C ARG H 19 23.78 -50.54 -4.76
N TYR H 20 24.06 -51.78 -5.18
CA TYR H 20 23.20 -52.51 -6.11
C TYR H 20 23.03 -53.93 -5.61
N ASN H 21 21.90 -54.54 -5.99
CA ASN H 21 21.59 -55.90 -5.57
C ASN H 21 21.50 -56.89 -6.72
N LYS H 22 21.36 -56.44 -7.96
CA LYS H 22 21.26 -57.32 -9.11
C LYS H 22 22.31 -57.09 -10.17
N VAL H 23 22.93 -55.91 -10.22
CA VAL H 23 23.89 -55.56 -11.26
C VAL H 23 25.24 -55.30 -10.61
N CYS H 24 26.28 -55.93 -11.14
CA CYS H 24 27.64 -55.77 -10.64
C CYS H 24 28.55 -55.29 -11.77
N ARG H 25 29.43 -54.35 -11.43
CA ARG H 25 30.42 -53.82 -12.36
C ARG H 25 31.71 -54.62 -12.20
N ILE H 26 32.05 -55.41 -13.23
CA ILE H 26 33.24 -56.25 -13.20
C ILE H 26 34.32 -55.59 -14.04
N GLU H 27 35.57 -55.80 -13.63
CA GLU H 27 36.75 -55.37 -14.36
C GLU H 27 37.55 -56.61 -14.73
N ALA H 28 37.96 -56.71 -15.99
CA ALA H 28 38.65 -57.88 -16.48
C ALA H 28 39.83 -57.47 -17.36
N ALA H 29 40.86 -58.30 -17.32
CA ALA H 29 42.05 -58.11 -18.13
C ALA H 29 42.18 -59.25 -19.13
N SER H 30 42.57 -58.92 -20.35
CA SER H 30 42.67 -59.89 -21.42
C SER H 30 43.94 -60.72 -21.27
N THR H 31 43.79 -62.03 -21.35
CA THR H 31 44.95 -62.91 -21.24
C THR H 31 45.79 -62.90 -22.51
N THR H 32 45.14 -62.88 -23.67
CA THR H 32 45.87 -62.96 -24.94
C THR H 32 46.60 -61.66 -25.24
N GLN H 33 45.92 -60.52 -25.07
CA GLN H 33 46.48 -59.21 -25.37
C GLN H 33 46.65 -58.44 -24.09
N ASP H 34 47.82 -57.81 -23.92
CA ASP H 34 48.10 -57.08 -22.69
C ASP H 34 47.35 -55.75 -22.65
N GLN H 35 47.09 -55.15 -23.82
CA GLN H 35 46.49 -53.81 -23.84
C GLN H 35 45.01 -53.86 -23.52
N CYS H 36 44.32 -54.94 -23.92
CA CYS H 36 42.87 -54.97 -23.83
C CYS H 36 42.41 -55.15 -22.38
N LYS H 37 41.50 -54.29 -21.95
CA LYS H 37 40.83 -54.39 -20.67
C LYS H 37 39.35 -54.09 -20.85
N LEU H 38 38.55 -54.59 -19.90
CA LEU H 38 37.10 -54.55 -20.04
C LEU H 38 36.48 -54.13 -18.71
N THR H 39 35.54 -53.20 -18.76
CA THR H 39 34.71 -52.85 -17.61
C THR H 39 33.26 -53.01 -18.02
N LEU H 40 32.52 -53.89 -17.32
CA LEU H 40 31.23 -54.31 -17.82
C LEU H 40 30.22 -54.44 -16.69
N ASP H 41 29.01 -53.96 -16.92
CA ASP H 41 27.90 -54.15 -15.99
C ASP H 41 27.15 -55.42 -16.35
N ILE H 42 27.02 -56.33 -15.40
CA ILE H 42 26.43 -57.65 -15.62
C ILE H 42 25.37 -57.90 -14.56
N ASN H 43 24.19 -58.36 -15.00
CA ASN H 43 23.18 -58.87 -14.09
C ASN H 43 23.72 -60.11 -13.40
N VAL H 44 24.05 -59.99 -12.12
CA VAL H 44 24.73 -61.07 -11.41
C VAL H 44 23.76 -62.19 -11.06
N GLU H 45 22.46 -61.89 -10.99
CA GLU H 45 21.49 -62.92 -10.66
C GLU H 45 21.37 -63.94 -11.79
N LEU H 46 21.31 -63.47 -13.04
CA LEU H 46 21.23 -64.39 -14.16
C LEU H 46 22.57 -65.02 -14.49
N PHE H 47 23.66 -64.26 -14.34
CA PHE H 47 25.01 -64.70 -14.69
C PHE H 47 25.93 -64.41 -13.51
N PRO H 48 26.05 -65.34 -12.57
CA PRO H 48 26.91 -65.09 -11.41
C PRO H 48 28.38 -65.08 -11.78
N VAL H 49 29.07 -64.00 -11.39
CA VAL H 49 30.48 -63.80 -11.69
C VAL H 49 31.24 -63.68 -10.38
N ALA H 50 32.30 -64.46 -10.24
CA ALA H 50 33.17 -64.40 -9.08
C ALA H 50 34.54 -63.86 -9.49
N ALA H 51 35.31 -63.44 -8.49
CA ALA H 51 36.66 -62.95 -8.76
C ALA H 51 37.56 -64.10 -9.21
N GLN H 52 38.54 -63.77 -10.04
CA GLN H 52 39.50 -64.73 -10.61
C GLN H 52 38.79 -65.85 -11.36
N ASP H 53 37.80 -65.49 -12.16
CA ASP H 53 37.06 -66.43 -12.99
C ASP H 53 37.25 -66.05 -14.46
N SER H 54 37.68 -67.01 -15.26
CA SER H 54 37.91 -66.77 -16.68
C SER H 54 36.60 -66.84 -17.45
N LEU H 55 36.42 -65.94 -18.40
CA LEU H 55 35.20 -65.91 -19.19
C LEU H 55 35.47 -65.34 -20.57
N THR H 56 34.78 -65.90 -21.57
CA THR H 56 34.96 -65.52 -22.96
C THR H 56 33.93 -64.48 -23.35
N VAL H 57 34.40 -63.36 -23.90
CA VAL H 57 33.55 -62.26 -24.32
C VAL H 57 33.70 -62.11 -25.83
N THR H 58 32.58 -62.11 -26.55
CA THR H 58 32.59 -61.82 -27.97
C THR H 58 31.51 -60.79 -28.28
N ILE H 59 31.79 -59.99 -29.30
CA ILE H 59 30.88 -58.96 -29.80
C ILE H 59 30.59 -59.28 -31.25
N ALA H 60 29.31 -59.41 -31.58
CA ALA H 60 28.87 -59.81 -32.91
C ALA H 60 27.86 -58.80 -33.44
N SER H 61 27.70 -58.80 -34.76
CA SER H 61 26.73 -57.93 -35.41
C SER H 61 25.36 -58.56 -35.51
N SER H 62 25.27 -59.88 -35.58
CA SER H 62 24.00 -60.59 -35.67
C SER H 62 24.21 -62.02 -35.20
N LEU H 63 23.16 -62.59 -34.60
CA LEU H 63 23.24 -63.95 -34.08
C LEU H 63 22.95 -65.00 -35.15
N ASN H 64 22.60 -64.59 -36.36
CA ASN H 64 22.35 -65.55 -37.43
C ASN H 64 23.66 -66.24 -37.84
N LEU H 65 23.58 -67.54 -38.07
CA LEU H 65 24.74 -68.32 -38.43
C LEU H 65 24.97 -68.33 -39.94
N THR H 76 5.48 -56.21 -39.18
CA THR H 76 5.53 -55.26 -38.08
C THR H 76 6.97 -54.81 -37.81
N ARG H 77 7.11 -53.71 -37.07
CA ARG H 77 8.41 -53.16 -36.75
C ARG H 77 8.86 -53.51 -35.33
N SER H 78 7.93 -53.86 -34.44
CA SER H 78 8.29 -54.27 -33.09
C SER H 78 9.06 -55.59 -33.11
N TRP H 79 9.87 -55.79 -32.08
CA TRP H 79 10.78 -56.93 -32.04
C TRP H 79 10.01 -58.22 -31.84
N ARG H 80 10.37 -59.24 -32.63
CA ARG H 80 9.80 -60.56 -32.52
C ARG H 80 10.86 -61.55 -32.05
N PRO H 81 10.55 -62.38 -31.06
CA PRO H 81 11.53 -63.36 -30.59
C PRO H 81 11.87 -64.37 -31.67
N PRO H 82 13.09 -64.89 -31.68
CA PRO H 82 13.41 -65.98 -32.61
C PRO H 82 12.58 -67.22 -32.30
N GLN H 83 12.23 -67.95 -33.35
CA GLN H 83 11.42 -69.15 -33.19
C GLN H 83 12.20 -70.21 -32.42
N ALA H 84 11.49 -70.95 -31.57
CA ALA H 84 12.13 -72.02 -30.82
C ALA H 84 12.55 -73.15 -31.75
N GLY H 85 13.79 -73.61 -31.58
CA GLY H 85 14.34 -74.65 -32.41
C GLY H 85 15.30 -74.19 -33.48
N ASP H 86 15.44 -72.89 -33.71
CA ASP H 86 16.40 -72.39 -34.67
C ASP H 86 17.82 -72.41 -34.08
N ARG H 87 18.81 -72.31 -34.96
CA ARG H 87 20.21 -72.30 -34.57
C ARG H 87 20.75 -70.88 -34.65
N SER H 88 21.32 -70.40 -33.55
CA SER H 88 21.89 -69.07 -33.47
C SER H 88 23.21 -69.13 -32.74
N LEU H 89 23.93 -68.00 -32.75
CA LEU H 89 25.20 -67.90 -32.04
C LEU H 89 25.01 -67.95 -30.53
N ALA H 90 23.80 -67.67 -30.04
CA ALA H 90 23.52 -67.66 -28.62
C ALA H 90 23.35 -69.05 -28.02
N ASP H 91 23.30 -70.09 -28.86
CA ASP H 91 23.06 -71.44 -28.34
C ASP H 91 24.23 -71.92 -27.47
N ASP H 92 25.45 -71.60 -27.87
CA ASP H 92 26.64 -72.00 -27.12
C ASP H 92 27.24 -70.86 -26.30
N TYR H 93 26.39 -70.00 -25.74
CA TYR H 93 26.82 -68.94 -24.84
C TYR H 93 25.83 -68.85 -23.68
N ASP H 94 26.27 -68.22 -22.59
CA ASP H 94 25.50 -68.19 -21.36
C ASP H 94 24.85 -66.84 -21.06
N TYR H 95 25.28 -65.76 -21.70
CA TYR H 95 24.73 -64.45 -21.37
C TYR H 95 24.82 -63.55 -22.60
N VAL H 96 23.69 -63.24 -23.22
CA VAL H 96 23.64 -62.45 -24.45
C VAL H 96 22.95 -61.13 -24.14
N MET H 97 23.58 -60.04 -24.58
CA MET H 97 23.09 -58.69 -24.36
C MET H 97 23.01 -57.97 -25.70
N TYR H 98 22.15 -56.96 -25.79
CA TYR H 98 21.97 -56.19 -27.00
C TYR H 98 22.15 -54.72 -26.68
N GLY H 99 22.98 -54.02 -27.47
CA GLY H 99 23.21 -52.63 -27.17
C GLY H 99 23.75 -51.81 -28.33
N THR H 100 24.08 -50.55 -28.06
CA THR H 100 24.56 -49.62 -29.08
C THR H 100 25.91 -49.06 -28.69
N ALA H 101 26.81 -48.98 -29.65
CA ALA H 101 28.08 -48.27 -29.45
C ALA H 101 27.87 -46.80 -29.70
N TYR H 102 28.17 -45.97 -28.71
CA TYR H 102 27.90 -44.54 -28.80
C TYR H 102 29.13 -43.66 -28.67
N LYS H 103 30.30 -44.23 -28.38
CA LYS H 103 31.48 -43.39 -28.18
C LYS H 103 32.73 -44.19 -28.49
N PHE H 104 33.53 -43.68 -29.41
CA PHE H 104 34.89 -44.15 -29.65
C PHE H 104 35.82 -43.02 -29.25
N GLU H 105 36.71 -43.28 -28.29
CA GLU H 105 37.63 -42.26 -27.82
C GLU H 105 39.05 -42.81 -27.80
N GLU H 106 40.01 -41.92 -27.64
CA GLU H 106 41.42 -42.29 -27.58
C GLU H 106 41.94 -42.09 -26.16
N VAL H 107 42.69 -43.07 -25.68
CA VAL H 107 43.36 -42.93 -24.39
C VAL H 107 44.81 -42.50 -24.57
N SER H 108 45.49 -43.07 -25.55
CA SER H 108 46.85 -42.71 -25.92
C SER H 108 47.07 -43.17 -27.36
N LYS H 109 48.32 -43.09 -27.81
CA LYS H 109 48.65 -43.63 -29.12
C LYS H 109 48.55 -45.15 -29.10
N ASP H 110 48.03 -45.71 -30.20
CA ASP H 110 47.86 -47.16 -30.39
C ASP H 110 46.96 -47.76 -29.31
N LEU H 111 45.97 -47.00 -28.84
CA LEU H 111 45.10 -47.47 -27.76
C LEU H 111 43.82 -46.64 -27.78
N ILE H 112 42.69 -47.28 -28.05
CA ILE H 112 41.39 -46.63 -28.10
C ILE H 112 40.41 -47.36 -27.19
N ALA H 113 39.36 -46.66 -26.81
CA ALA H 113 38.31 -47.19 -25.95
C ALA H 113 36.96 -47.06 -26.65
N VAL H 114 36.17 -48.13 -26.58
CA VAL H 114 34.84 -48.21 -27.19
C VAL H 114 33.83 -48.35 -26.06
N TYR H 115 32.73 -47.59 -26.16
CA TYR H 115 31.70 -47.60 -25.13
C TYR H 115 30.41 -48.16 -25.71
N TYR H 116 29.90 -49.21 -25.08
CA TYR H 116 28.64 -49.83 -25.43
C TYR H 116 27.64 -49.65 -24.29
N SER H 117 26.38 -49.47 -24.65
CA SER H 117 25.30 -49.34 -23.65
C SER H 117 24.19 -50.30 -24.03
N PHE H 118 24.00 -51.33 -23.20
CA PHE H 118 22.97 -52.33 -23.42
C PHE H 118 21.74 -51.98 -22.59
N GLY H 119 21.07 -50.92 -23.03
CA GLY H 119 19.88 -50.43 -22.34
C GLY H 119 20.15 -49.89 -20.96
N GLY H 120 21.32 -49.29 -20.75
CA GLY H 120 21.68 -48.71 -19.47
C GLY H 120 22.80 -49.42 -18.75
N LEU H 121 23.11 -50.65 -19.13
CA LEU H 121 24.25 -51.38 -18.58
C LEU H 121 25.46 -51.11 -19.49
N LEU H 122 26.54 -50.59 -18.91
CA LEU H 122 27.62 -50.06 -19.72
C LEU H 122 28.74 -51.08 -19.92
N MET H 123 29.54 -50.83 -20.95
CA MET H 123 30.76 -51.60 -21.20
C MET H 123 31.79 -50.68 -21.83
N ARG H 124 32.96 -50.62 -21.22
CA ARG H 124 34.12 -49.94 -21.76
C ARG H 124 35.15 -50.98 -22.15
N LEU H 125 35.51 -51.01 -23.44
CA LEU H 125 36.48 -51.96 -23.97
C LEU H 125 37.66 -51.17 -24.49
N GLU H 126 38.83 -51.34 -23.86
CA GLU H 126 40.02 -50.59 -24.21
C GLU H 126 41.05 -51.53 -24.83
N GLY H 127 41.63 -51.12 -25.94
CA GLY H 127 42.61 -51.95 -26.61
C GLY H 127 43.18 -51.23 -27.81
N ASN H 128 44.20 -51.88 -28.39
CA ASN H 128 44.84 -51.33 -29.58
C ASN H 128 43.84 -51.27 -30.73
N TYR H 129 43.94 -50.22 -31.54
CA TYR H 129 42.97 -50.03 -32.62
C TYR H 129 43.14 -51.05 -33.74
N ARG H 130 44.23 -51.81 -33.77
CA ARG H 130 44.33 -52.93 -34.69
C ARG H 130 43.30 -54.01 -34.36
N ASN H 131 43.13 -54.30 -33.07
CA ASN H 131 42.19 -55.33 -32.65
C ASN H 131 40.74 -54.85 -32.70
N LEU H 132 40.49 -53.57 -32.42
CA LEU H 132 39.14 -53.01 -32.40
C LEU H 132 38.78 -52.32 -33.70
N ASN H 133 39.32 -52.80 -34.82
CA ASN H 133 39.07 -52.15 -36.10
C ASN H 133 37.69 -52.48 -36.66
N ASN H 134 37.06 -53.56 -36.19
CA ASN H 134 35.81 -54.04 -36.76
C ASN H 134 34.57 -53.43 -36.13
N LEU H 135 34.71 -52.67 -35.04
CA LEU H 135 33.56 -52.05 -34.41
C LEU H 135 33.19 -50.77 -35.16
N LYS H 136 31.91 -50.65 -35.53
CA LYS H 136 31.49 -49.66 -36.53
C LYS H 136 30.43 -48.70 -35.99
N GLN H 137 30.29 -48.59 -34.66
CA GLN H 137 29.33 -47.69 -34.02
C GLN H 137 27.90 -47.99 -34.49
N GLU H 138 27.43 -49.17 -34.11
CA GLU H 138 26.09 -49.62 -34.46
C GLU H 138 25.60 -50.57 -33.38
N ASN H 139 24.42 -51.11 -33.59
CA ASN H 139 23.86 -52.09 -32.66
C ASN H 139 24.64 -53.39 -32.72
N ALA H 140 24.85 -53.99 -31.55
CA ALA H 140 25.69 -55.18 -31.47
C ALA H 140 25.24 -56.06 -30.32
N TYR H 141 25.57 -57.35 -30.44
CA TYR H 141 25.31 -58.36 -29.42
C TYR H 141 26.59 -58.66 -28.67
N LEU H 142 26.46 -58.79 -27.35
CA LEU H 142 27.56 -59.13 -26.45
C LEU H 142 27.27 -60.51 -25.87
N LEU H 143 28.07 -61.50 -26.24
CA LEU H 143 27.89 -62.87 -25.79
C LEU H 143 29.02 -63.22 -24.83
N ILE H 144 28.64 -63.68 -23.63
CA ILE H 144 29.58 -64.00 -22.56
C ILE H 144 29.36 -65.45 -22.17
N ARG H 145 30.46 -66.20 -22.07
CA ARG H 145 30.43 -67.62 -21.71
C ARG H 145 31.40 -67.86 -20.56
N ARG H 146 31.01 -68.70 -19.63
CA ARG H 146 31.89 -69.07 -18.53
C ARG H 146 32.87 -70.17 -18.95
N MET I 1 35.61 20.87 37.05
CA MET I 1 35.78 21.08 38.48
C MET I 1 34.54 20.60 39.24
N LEU I 2 34.76 19.74 40.23
CA LEU I 2 33.69 19.19 41.05
C LEU I 2 34.08 19.38 42.52
N SER I 3 33.72 20.53 43.07
CA SER I 3 33.97 20.85 44.46
C SER I 3 32.68 21.36 45.10
N PHE I 4 32.53 21.09 46.39
CA PHE I 4 31.31 21.44 47.11
C PHE I 4 31.64 22.28 48.33
N CYS I 5 30.71 23.17 48.67
CA CYS I 5 30.91 24.08 49.79
C CYS I 5 30.92 23.32 51.11
N PRO I 6 31.86 23.62 52.02
CA PRO I 6 31.85 22.92 53.31
C PRO I 6 30.70 23.32 54.23
N SER I 7 30.13 24.51 54.05
CA SER I 7 29.10 24.97 54.98
C SER I 7 27.76 24.31 54.71
N CYS I 8 27.40 24.09 53.44
CA CYS I 8 26.08 23.58 53.10
C CYS I 8 26.10 22.41 52.13
N ASN I 9 27.27 21.94 51.72
CA ASN I 9 27.43 20.83 50.77
C ASN I 9 26.67 21.08 49.48
N ASN I 10 26.76 22.30 48.97
CA ASN I 10 26.20 22.68 47.69
C ASN I 10 27.34 22.97 46.72
N MET I 11 27.01 23.01 45.43
CA MET I 11 28.03 23.10 44.40
C MET I 11 28.73 24.45 44.42
N LEU I 12 30.06 24.41 44.30
CA LEU I 12 30.89 25.61 44.27
C LEU I 12 31.15 26.01 42.83
N LEU I 13 30.95 27.28 42.52
CA LEU I 13 31.15 27.81 41.18
C LEU I 13 32.19 28.92 41.22
N ILE I 14 32.96 29.05 40.15
CA ILE I 14 34.04 30.03 40.10
C ILE I 14 33.48 31.34 39.54
N THR I 15 33.65 32.41 40.30
CA THR I 15 33.11 33.73 39.95
C THR I 15 34.26 34.69 39.69
N SER I 16 34.08 35.54 38.68
CA SER I 16 35.11 36.52 38.34
C SER I 16 35.13 37.67 39.34
N GLY I 17 33.96 38.13 39.76
CA GLY I 17 33.86 39.19 40.74
C GLY I 17 34.16 40.56 40.16
N ASP I 18 34.11 41.57 41.03
CA ASP I 18 34.41 42.93 40.61
C ASP I 18 35.90 43.15 40.45
N SER I 19 36.72 42.50 41.29
CA SER I 19 38.16 42.67 41.24
C SER I 19 38.81 41.99 40.05
N GLY I 20 38.09 41.14 39.33
CA GLY I 20 38.64 40.43 38.20
C GLY I 20 39.41 39.18 38.54
N VAL I 21 39.48 38.79 39.81
CA VAL I 21 40.19 37.60 40.25
C VAL I 21 39.16 36.53 40.59
N TYR I 22 39.40 35.31 40.10
CA TYR I 22 38.45 34.22 40.28
C TYR I 22 38.39 33.78 41.74
N THR I 23 37.20 33.40 42.19
CA THR I 23 37.01 32.88 43.54
C THR I 23 36.06 31.70 43.50
N LEU I 24 36.34 30.67 44.30
CA LEU I 24 35.40 29.57 44.51
C LEU I 24 34.26 30.06 45.39
N ALA I 25 33.19 30.55 44.78
CA ALA I 25 32.07 31.12 45.51
C ALA I 25 30.91 30.14 45.52
N CYS I 26 30.14 30.19 46.60
CA CYS I 26 28.92 29.42 46.76
C CYS I 26 27.73 30.35 46.64
N ARG I 27 26.81 30.02 45.73
CA ARG I 27 25.67 30.89 45.47
C ARG I 27 24.52 30.68 46.45
N SER I 28 24.66 29.74 47.39
CA SER I 28 23.64 29.49 48.40
C SER I 28 23.89 30.26 49.68
N CYS I 29 25.12 30.20 50.17
CA CYS I 29 25.52 30.74 51.47
C CYS I 29 26.72 31.66 51.28
N PRO I 30 26.95 32.58 52.21
CA PRO I 30 28.11 33.48 52.08
C PRO I 30 29.43 32.76 52.35
N TYR I 31 29.97 32.10 51.33
CA TYR I 31 31.25 31.42 51.41
C TYR I 31 32.06 31.68 50.15
N GLU I 32 33.34 32.01 50.32
CA GLU I 32 34.26 32.15 49.21
C GLU I 32 35.61 31.55 49.56
N PHE I 33 36.25 30.98 48.55
CA PHE I 33 37.62 30.46 48.65
C PHE I 33 38.48 31.23 47.66
N PRO I 34 39.34 32.12 48.14
CA PRO I 34 40.29 32.79 47.24
C PRO I 34 41.35 31.82 46.73
N ILE I 35 41.81 32.08 45.52
CA ILE I 35 42.79 31.22 44.87
C ILE I 35 43.98 32.00 44.34
N GLU I 36 44.27 33.16 44.92
CA GLU I 36 45.45 33.92 44.53
C GLU I 36 46.70 33.26 45.07
N GLY I 37 47.61 32.87 44.18
CA GLY I 37 48.80 32.15 44.56
C GLY I 37 48.60 30.66 44.74
N ILE I 38 47.38 30.16 44.56
CA ILE I 38 47.07 28.74 44.68
C ILE I 38 46.50 28.26 43.35
N GLU I 39 47.09 27.20 42.81
CA GLU I 39 46.65 26.63 41.54
C GLU I 39 45.70 25.47 41.82
N ILE I 40 44.44 25.64 41.44
CA ILE I 40 43.44 24.59 41.59
C ILE I 40 43.25 23.93 40.23
N TYR I 41 43.40 22.60 40.20
CA TYR I 41 43.29 21.84 38.96
C TYR I 41 42.58 20.53 39.21
N ASP I 42 41.73 20.13 38.27
CA ASP I 42 41.05 18.84 38.30
C ASP I 42 41.47 18.06 37.07
N ARG I 43 42.06 16.89 37.28
CA ARG I 43 42.65 16.10 36.20
C ARG I 43 41.75 14.91 35.88
N LYS I 44 41.43 14.76 34.60
CA LYS I 44 40.66 13.63 34.09
C LYS I 44 41.63 12.70 33.38
N LYS I 45 42.15 11.71 34.11
CA LYS I 45 43.12 10.77 33.56
C LYS I 45 42.42 9.84 32.58
N LEU I 46 42.66 10.05 31.29
CA LEU I 46 42.04 9.23 30.26
C LEU I 46 42.63 7.82 30.27
N PRO I 47 41.82 6.81 30.00
CA PRO I 47 42.32 5.43 30.02
C PRO I 47 43.26 5.15 28.87
N ARG I 48 44.40 4.54 29.17
CA ARG I 48 45.40 4.20 28.18
C ARG I 48 45.45 2.69 28.02
N LYS I 49 45.23 2.21 26.81
CA LYS I 49 45.25 0.78 26.50
C LYS I 49 46.53 0.41 25.79
N GLU I 50 46.86 -0.88 25.85
CA GLU I 50 48.10 -1.38 25.27
C GLU I 50 48.01 -1.38 23.74
N VAL I 51 49.06 -0.87 23.09
CA VAL I 51 49.14 -0.79 21.65
C VAL I 51 50.37 -1.57 21.19
N ASP I 52 50.22 -2.34 20.12
CA ASP I 52 51.33 -3.09 19.58
C ASP I 52 52.24 -2.18 18.75
N ASP I 53 53.54 -2.37 18.89
CA ASP I 53 54.52 -1.61 18.12
C ASP I 53 54.44 -2.05 16.67
N VAL I 54 53.88 -1.21 15.81
CA VAL I 54 53.61 -1.61 14.43
C VAL I 54 54.91 -1.70 13.63
N LEU I 55 55.95 -0.98 14.05
CA LEU I 55 57.28 -1.10 13.47
C LEU I 55 58.19 -2.02 14.25
N GLY I 56 57.75 -2.52 15.40
CA GLY I 56 58.61 -3.36 16.21
C GLY I 56 58.86 -4.71 15.57
N GLY I 57 60.09 -5.20 15.74
CA GLY I 57 60.51 -6.47 15.19
C GLY I 57 61.01 -6.42 13.76
N GLY I 58 60.92 -5.28 13.10
CA GLY I 58 61.40 -5.14 11.73
C GLY I 58 62.84 -4.75 11.59
N TRP I 59 63.56 -4.58 12.69
CA TRP I 59 64.97 -4.21 12.67
C TRP I 59 65.88 -5.37 13.09
N ASP I 60 65.38 -6.60 13.04
CA ASP I 60 66.14 -7.78 13.40
C ASP I 60 66.67 -8.45 12.15
N ASN I 61 67.97 -8.76 12.15
CA ASN I 61 68.66 -9.42 11.05
C ASN I 61 68.51 -8.62 9.74
N VAL I 62 68.92 -7.36 9.81
CA VAL I 62 68.87 -6.45 8.66
C VAL I 62 70.21 -5.74 8.54
N ASP I 63 70.45 -5.20 7.34
CA ASP I 63 71.70 -4.50 7.07
C ASP I 63 71.77 -3.19 7.85
N GLN I 64 72.99 -2.74 8.11
CA GLN I 64 73.26 -1.52 8.84
C GLN I 64 73.76 -0.44 7.89
N THR I 65 73.79 0.79 8.38
CA THR I 65 74.24 1.93 7.60
C THR I 65 74.95 2.92 8.50
N LYS I 66 75.74 3.80 7.88
CA LYS I 66 76.51 4.82 8.60
C LYS I 66 75.78 6.14 8.45
N THR I 67 74.78 6.35 9.32
CA THR I 67 74.01 7.58 9.34
C THR I 67 73.95 8.11 10.77
N GLN I 68 74.29 9.39 10.94
CA GLN I 68 74.29 10.00 12.25
C GLN I 68 72.87 10.23 12.74
N CYS I 69 72.61 9.88 14.01
CA CYS I 69 71.31 10.12 14.60
C CYS I 69 71.06 11.61 14.78
N PRO I 70 69.80 12.06 14.72
CA PRO I 70 69.52 13.49 14.87
C PRO I 70 69.94 14.08 16.21
N ASN I 71 69.96 13.28 17.27
CA ASN I 71 70.39 13.76 18.59
C ASN I 71 71.91 13.66 18.70
N TYR I 72 72.58 14.52 17.93
CA TYR I 72 74.04 14.52 17.91
C TYR I 72 74.62 15.15 19.17
N ASP I 73 73.88 16.05 19.82
CA ASP I 73 74.39 16.72 21.00
C ASP I 73 74.49 15.78 22.19
N THR I 74 73.66 14.72 22.22
CA THR I 74 73.68 13.78 23.34
C THR I 74 74.57 12.59 23.10
N CYS I 75 74.72 12.16 21.85
CA CYS I 75 75.53 10.98 21.54
C CYS I 75 76.03 11.10 20.10
N GLY I 76 77.05 10.31 19.79
CA GLY I 76 77.64 10.33 18.47
C GLY I 76 77.64 9.00 17.76
N GLY I 77 76.57 8.23 17.92
CA GLY I 77 76.48 6.95 17.25
C GLY I 77 76.33 7.12 15.74
N GLU I 78 77.01 6.24 15.00
CA GLU I 78 77.00 6.28 13.54
C GLU I 78 76.34 5.06 12.91
N SER I 79 76.66 3.87 13.38
CA SER I 79 76.03 2.66 12.84
C SER I 79 74.57 2.58 13.31
N ALA I 80 73.67 2.38 12.35
CA ALA I 80 72.25 2.33 12.67
C ALA I 80 71.57 1.33 11.75
N TYR I 81 70.59 0.61 12.28
CA TYR I 81 69.82 -0.31 11.47
C TYR I 81 68.86 0.46 10.58
N PHE I 82 68.64 -0.05 9.37
CA PHE I 82 67.77 0.63 8.43
C PHE I 82 67.05 -0.39 7.56
N PHE I 83 65.87 -0.01 7.08
CA PHE I 83 65.17 -0.84 6.10
C PHE I 83 64.20 0.02 5.30
N GLN I 84 63.68 -0.59 4.24
CA GLN I 84 62.83 0.07 3.27
C GLN I 84 61.37 -0.34 3.47
N LEU I 85 60.46 0.55 3.12
CA LEU I 85 59.04 0.21 3.18
C LEU I 85 58.27 1.10 2.23
N GLN I 86 57.23 0.54 1.62
CA GLN I 86 56.37 1.26 0.69
C GLN I 86 55.03 1.52 1.39
N ILE I 87 54.81 2.77 1.81
CA ILE I 87 53.57 3.14 2.47
C ILE I 87 52.92 4.27 1.69
N ARG I 88 53.45 4.54 0.50
CA ARG I 88 52.94 5.63 -0.34
C ARG I 88 52.58 5.10 -1.72
N SER I 89 52.32 6.00 -2.66
CA SER I 89 52.02 5.60 -4.03
C SER I 89 53.26 5.04 -4.71
N ALA I 90 53.05 4.29 -5.79
CA ALA I 90 54.14 3.64 -6.50
C ALA I 90 54.98 4.60 -7.33
N ASP I 91 54.53 5.83 -7.52
CA ASP I 91 55.24 6.81 -8.34
C ASP I 91 56.08 7.78 -7.51
N GLU I 92 56.17 7.56 -6.20
CA GLU I 92 56.93 8.41 -5.30
C GLU I 92 57.87 7.53 -4.48
N PRO I 93 59.00 8.07 -4.01
CA PRO I 93 60.08 7.21 -3.50
C PRO I 93 59.68 6.39 -2.28
N MET I 94 60.29 5.21 -2.19
CA MET I 94 60.06 4.27 -1.09
C MET I 94 60.68 4.82 0.19
N THR I 95 59.91 4.78 1.28
CA THR I 95 60.38 5.45 2.49
C THR I 95 61.35 4.56 3.28
N THR I 96 62.17 5.21 4.10
CA THR I 96 63.31 4.60 4.75
C THR I 96 63.21 4.78 6.25
N PHE I 97 63.29 3.69 7.00
CA PHE I 97 63.24 3.71 8.46
C PHE I 97 64.60 3.40 9.03
N TYR I 98 65.00 4.16 10.06
CA TYR I 98 66.29 4.04 10.71
C TYR I 98 66.09 3.98 12.22
N LYS I 99 66.88 3.10 12.86
CA LYS I 99 66.92 2.99 14.31
C LYS I 99 68.38 3.03 14.75
N CYS I 100 68.72 3.99 15.60
CA CYS I 100 70.06 4.06 16.17
C CYS I 100 70.28 2.90 17.14
N VAL I 101 71.47 2.31 17.09
CA VAL I 101 71.77 1.14 17.90
C VAL I 101 72.18 1.49 19.33
N ASN I 102 72.36 2.78 19.64
CA ASN I 102 72.79 3.21 20.95
C ASN I 102 71.76 4.00 21.72
N CYS I 103 71.07 4.94 21.07
CA CYS I 103 70.14 5.83 21.74
C CYS I 103 68.68 5.58 21.39
N GLY I 104 68.40 4.65 20.48
CA GLY I 104 67.02 4.47 20.04
C GLY I 104 66.57 5.66 19.20
N HIS I 105 65.40 6.19 19.54
CA HIS I 105 64.81 7.36 18.88
C HIS I 105 64.66 7.12 17.38
N ARG I 106 63.81 6.15 17.04
CA ARG I 106 63.63 5.72 15.66
C ARG I 106 63.05 6.83 14.79
N TRP I 107 63.59 6.98 13.59
CA TRP I 107 63.15 8.05 12.70
C TRP I 107 63.06 7.55 11.26
N LYS I 108 62.13 8.13 10.51
CA LYS I 108 61.99 7.85 9.07
C LYS I 108 62.56 9.05 8.32
N GLU I 109 63.44 8.78 7.35
CA GLU I 109 64.06 9.88 6.62
C GLU I 109 63.18 10.36 5.48
N ASN I 110 62.94 9.50 4.50
CA ASN I 110 62.17 9.89 3.31
C ASN I 110 61.70 8.65 2.55
N MET J 1 -20.80 -41.95 19.42
CA MET J 1 -21.66 -41.89 20.61
C MET J 1 -22.16 -43.28 21.00
N ILE J 2 -22.24 -44.18 20.01
CA ILE J 2 -22.65 -45.55 20.22
C ILE J 2 -21.71 -46.42 19.40
N VAL J 3 -21.60 -47.69 19.79
CA VAL J 3 -20.64 -48.60 19.14
C VAL J 3 -21.02 -48.79 17.67
N PRO J 4 -20.06 -48.72 16.74
CA PRO J 4 -20.40 -48.92 15.33
C PRO J 4 -20.84 -50.35 15.07
N VAL J 5 -21.75 -50.50 14.11
CA VAL J 5 -22.26 -51.82 13.76
C VAL J 5 -21.19 -52.66 13.07
N ARG J 6 -20.40 -52.03 12.20
CA ARG J 6 -19.41 -52.73 11.40
C ARG J 6 -18.05 -52.09 11.57
N CYS J 7 -17.00 -52.91 11.55
CA CYS J 7 -15.63 -52.42 11.57
C CYS J 7 -15.34 -51.66 10.28
N PHE J 8 -14.70 -50.50 10.43
CA PHE J 8 -14.49 -49.60 9.29
C PHE J 8 -13.61 -50.23 8.21
N SER J 9 -12.55 -50.92 8.62
CA SER J 9 -11.55 -51.39 7.67
C SER J 9 -12.06 -52.59 6.87
N CYS J 10 -12.36 -53.69 7.55
CA CYS J 10 -12.73 -54.92 6.87
C CYS J 10 -14.23 -55.02 6.64
N GLY J 11 -15.02 -54.96 7.71
CA GLY J 11 -16.46 -55.05 7.59
C GLY J 11 -17.09 -56.01 8.57
N LYS J 12 -16.30 -56.49 9.53
CA LYS J 12 -16.80 -57.41 10.53
C LYS J 12 -17.79 -56.71 11.45
N VAL J 13 -18.85 -57.42 11.83
CA VAL J 13 -19.88 -56.87 12.70
C VAL J 13 -19.34 -56.90 14.12
N VAL J 14 -18.95 -55.72 14.64
CA VAL J 14 -18.46 -55.59 15.99
C VAL J 14 -19.46 -54.93 16.92
N GLY J 15 -20.65 -54.59 16.43
CA GLY J 15 -21.65 -53.94 17.25
C GLY J 15 -22.27 -54.85 18.29
N ASP J 16 -22.21 -56.16 18.07
CA ASP J 16 -22.77 -57.13 19.01
C ASP J 16 -21.76 -57.64 20.03
N LYS J 17 -20.54 -57.12 20.03
CA LYS J 17 -19.52 -57.52 20.99
C LYS J 17 -19.37 -56.56 22.16
N TRP J 18 -20.08 -55.43 22.15
CA TRP J 18 -19.86 -54.41 23.17
C TRP J 18 -20.36 -54.86 24.54
N GLU J 19 -21.59 -55.40 24.60
CA GLU J 19 -22.14 -55.84 25.87
C GLU J 19 -21.35 -57.01 26.44
N SER J 20 -20.95 -57.95 25.58
CA SER J 20 -20.14 -59.08 26.03
C SER J 20 -18.78 -58.62 26.52
N TYR J 21 -18.18 -57.63 25.85
CA TYR J 21 -16.91 -57.07 26.29
C TYR J 21 -17.04 -56.44 27.67
N LEU J 22 -18.10 -55.66 27.89
CA LEU J 22 -18.32 -55.04 29.19
C LEU J 22 -18.56 -56.09 30.26
N ASN J 23 -19.29 -57.15 29.93
CA ASN J 23 -19.50 -58.23 30.90
C ASN J 23 -18.20 -58.95 31.24
N LEU J 24 -17.34 -59.17 30.24
CA LEU J 24 -16.08 -59.85 30.49
C LEU J 24 -15.16 -59.02 31.38
N LEU J 25 -15.09 -57.71 31.15
CA LEU J 25 -14.28 -56.86 32.03
C LEU J 25 -14.90 -56.72 33.41
N GLN J 26 -16.23 -56.65 33.51
CA GLN J 26 -16.85 -56.38 34.80
C GLN J 26 -16.99 -57.66 35.63
N GLU J 27 -17.59 -58.70 35.07
CA GLU J 27 -17.88 -59.90 35.83
C GLU J 27 -16.65 -60.79 35.97
N ASP J 28 -16.10 -61.25 34.85
CA ASP J 28 -15.00 -62.22 34.87
C ASP J 28 -13.66 -61.61 35.24
N GLU J 29 -13.57 -60.28 35.31
CA GLU J 29 -12.35 -59.55 35.68
C GLU J 29 -11.18 -59.89 34.77
N LEU J 30 -11.45 -60.16 33.49
CA LEU J 30 -10.40 -60.39 32.53
C LEU J 30 -9.77 -59.08 32.10
N ASP J 31 -8.52 -59.17 31.67
CA ASP J 31 -7.84 -58.00 31.11
C ASP J 31 -8.43 -57.66 29.74
N GLU J 32 -8.14 -56.44 29.28
CA GLU J 32 -8.71 -55.96 28.03
C GLU J 32 -8.16 -56.70 26.84
N GLY J 33 -6.90 -57.17 26.91
CA GLY J 33 -6.31 -57.87 25.80
C GLY J 33 -6.80 -59.29 25.60
N THR J 34 -7.29 -59.93 26.65
CA THR J 34 -7.81 -61.29 26.55
C THR J 34 -9.29 -61.32 26.26
N ALA J 35 -10.05 -60.33 26.74
CA ALA J 35 -11.47 -60.24 26.44
C ALA J 35 -11.70 -60.04 24.95
N LEU J 36 -10.85 -59.24 24.29
CA LEU J 36 -10.96 -59.04 22.86
C LEU J 36 -10.69 -60.34 22.10
N SER J 37 -9.71 -61.12 22.56
CA SER J 37 -9.40 -62.38 21.89
C SER J 37 -10.50 -63.41 22.11
N ARG J 38 -11.15 -63.36 23.29
CA ARG J 38 -12.24 -64.29 23.57
C ARG J 38 -13.48 -64.02 22.73
N LEU J 39 -13.64 -62.81 22.21
CA LEU J 39 -14.79 -62.44 21.40
C LEU J 39 -14.58 -62.67 19.91
N GLY J 40 -13.46 -63.26 19.52
CA GLY J 40 -13.19 -63.53 18.12
C GLY J 40 -12.57 -62.38 17.36
N LEU J 41 -12.15 -61.31 18.03
CA LEU J 41 -11.49 -60.19 17.38
C LEU J 41 -10.00 -60.47 17.30
N LYS J 42 -9.57 -60.99 16.16
CA LYS J 42 -8.16 -61.30 15.92
C LYS J 42 -7.44 -60.16 15.20
N ARG J 43 -8.04 -59.65 14.13
CA ARG J 43 -7.46 -58.54 13.40
C ARG J 43 -7.48 -57.27 14.24
N TYR J 44 -6.42 -56.48 14.15
CA TYR J 44 -6.29 -55.31 15.03
C TYR J 44 -7.27 -54.21 14.65
N CYS J 45 -7.72 -54.19 13.38
CA CYS J 45 -8.70 -53.21 12.94
C CYS J 45 -10.03 -53.39 13.67
N CYS J 46 -10.40 -54.64 13.95
CA CYS J 46 -11.62 -54.88 14.72
C CYS J 46 -11.39 -54.62 16.20
N ARG J 47 -10.18 -54.89 16.70
CA ARG J 47 -9.90 -54.70 18.11
C ARG J 47 -9.94 -53.22 18.48
N ARG J 48 -9.43 -52.35 17.61
CA ARG J 48 -9.47 -50.92 17.88
C ARG J 48 -10.88 -50.34 17.79
N MET J 49 -11.84 -51.10 17.27
CA MET J 49 -13.20 -50.60 17.18
C MET J 49 -13.87 -50.51 18.54
N ILE J 50 -13.70 -51.53 19.39
CA ILE J 50 -14.28 -51.50 20.73
C ILE J 50 -13.23 -51.36 21.81
N LEU J 51 -11.95 -51.21 21.45
CA LEU J 51 -10.94 -50.82 22.41
C LEU J 51 -10.80 -49.30 22.52
N THR J 52 -11.12 -48.58 21.45
CA THR J 52 -11.05 -47.12 21.42
C THR J 52 -12.42 -46.47 21.53
N HIS J 53 -13.48 -47.25 21.65
CA HIS J 53 -14.83 -46.70 21.63
C HIS J 53 -15.12 -45.97 22.93
N VAL J 54 -15.61 -44.74 22.81
CA VAL J 54 -16.04 -43.94 23.95
C VAL J 54 -17.56 -43.96 23.94
N ASP J 55 -18.16 -44.61 24.93
CA ASP J 55 -19.61 -44.80 24.98
C ASP J 55 -20.24 -43.54 25.53
N LEU J 56 -20.49 -42.57 24.64
CA LEU J 56 -21.08 -41.30 25.02
C LEU J 56 -22.59 -41.33 25.07
N ILE J 57 -23.21 -42.46 24.73
CA ILE J 57 -24.67 -42.54 24.71
C ILE J 57 -25.24 -42.43 26.12
N GLU J 58 -24.54 -43.03 27.10
CA GLU J 58 -25.02 -42.99 28.47
C GLU J 58 -24.96 -41.58 29.05
N LYS J 59 -23.92 -40.83 28.70
CA LYS J 59 -23.82 -39.44 29.16
C LYS J 59 -24.87 -38.57 28.51
N PHE J 60 -25.13 -38.79 27.22
CA PHE J 60 -26.15 -38.00 26.52
C PHE J 60 -27.55 -38.32 27.02
N LEU J 61 -27.79 -39.56 27.45
CA LEU J 61 -29.11 -39.94 27.92
C LEU J 61 -29.44 -39.40 29.31
N ARG J 62 -28.47 -38.82 30.01
CA ARG J 62 -28.76 -38.17 31.29
C ARG J 62 -29.64 -36.94 31.12
N TYR J 63 -29.65 -36.34 29.93
CA TYR J 63 -30.36 -35.10 29.66
C TYR J 63 -31.61 -35.34 28.83
N ASN J 64 -32.33 -36.42 29.13
CA ASN J 64 -33.54 -36.76 28.39
C ASN J 64 -34.59 -35.68 28.57
N PRO J 65 -35.21 -35.20 27.49
CA PRO J 65 -36.16 -34.08 27.59
C PRO J 65 -37.60 -34.46 27.83
N LEU J 66 -37.97 -35.73 27.76
CA LEU J 66 -39.36 -36.14 27.96
C LEU J 66 -39.59 -36.84 29.29
N GLU J 67 -38.60 -36.84 30.19
CA GLU J 67 -38.79 -37.40 31.53
C GLU J 67 -37.77 -36.80 32.48
N LYS J 68 -39.09 -35.58 35.06
CA LYS J 68 -38.06 -34.77 35.70
C LYS J 68 -36.74 -35.52 35.76
N ARG J 69 -35.63 -34.78 35.68
CA ARG J 69 -34.31 -35.39 35.82
C ARG J 69 -33.92 -35.48 37.29
N GLU K 41 -31.73 -55.90 -29.60
CA GLU K 41 -31.39 -56.91 -28.59
C GLU K 41 -29.90 -56.98 -28.22
N PRO K 42 -28.96 -57.03 -29.18
CA PRO K 42 -27.54 -57.05 -28.78
C PRO K 42 -27.11 -55.70 -28.21
N ASP K 43 -26.13 -55.75 -27.31
CA ASP K 43 -25.62 -54.56 -26.66
C ASP K 43 -24.55 -53.94 -27.54
N ARG K 44 -24.93 -52.88 -28.28
CA ARG K 44 -23.98 -52.20 -29.15
C ARG K 44 -23.09 -51.22 -28.40
N GLU K 45 -23.45 -50.87 -27.16
CA GLU K 45 -22.72 -49.88 -26.39
C GLU K 45 -21.67 -50.48 -25.47
N LYS K 46 -21.54 -51.81 -25.44
CA LYS K 46 -20.66 -52.45 -24.47
C LYS K 46 -19.19 -52.31 -24.87
N ILE K 47 -18.82 -52.86 -26.03
CA ILE K 47 -17.44 -52.89 -26.48
C ILE K 47 -17.35 -52.18 -27.82
N LYS K 48 -16.38 -51.27 -27.93
CA LYS K 48 -16.15 -50.49 -29.15
C LYS K 48 -14.71 -50.65 -29.60
N LEU K 49 -14.50 -50.51 -30.90
CA LEU K 49 -13.16 -50.51 -31.50
C LEU K 49 -12.82 -49.07 -31.84
N LEU K 50 -11.82 -48.52 -31.17
CA LEU K 50 -11.41 -47.14 -31.41
C LEU K 50 -10.66 -47.06 -32.72
N THR K 51 -11.26 -46.41 -33.72
CA THR K 51 -10.69 -46.35 -35.05
C THR K 51 -9.43 -45.49 -35.09
N GLN K 52 -9.39 -44.42 -34.30
CA GLN K 52 -8.24 -43.53 -34.28
C GLN K 52 -6.99 -44.17 -33.69
N ALA K 53 -7.11 -45.34 -33.06
CA ALA K 53 -5.95 -46.04 -32.51
C ALA K 53 -5.65 -47.36 -33.17
N THR K 54 -6.55 -47.90 -33.99
CA THR K 54 -6.33 -49.19 -34.61
C THR K 54 -5.42 -49.07 -35.83
N SER K 55 -5.04 -50.21 -36.39
CA SER K 55 -4.19 -50.28 -37.56
C SER K 55 -5.02 -50.55 -38.81
N GLU K 56 -4.39 -50.34 -39.97
CA GLU K 56 -5.09 -50.51 -41.24
C GLU K 56 -5.45 -51.97 -41.49
N ASP K 57 -4.54 -52.88 -41.16
CA ASP K 57 -4.74 -54.31 -41.39
C ASP K 57 -5.38 -55.03 -40.22
N GLY K 58 -5.69 -54.32 -39.14
CA GLY K 58 -6.29 -54.94 -37.97
C GLY K 58 -5.32 -55.67 -37.07
N THR K 59 -4.02 -55.59 -37.34
CA THR K 59 -3.04 -56.25 -36.50
C THR K 59 -3.00 -55.65 -35.10
N SER K 60 -3.03 -54.33 -35.01
CA SER K 60 -3.07 -53.61 -33.75
C SER K 60 -4.42 -52.96 -33.58
N ALA K 61 -5.00 -53.07 -32.39
CA ALA K 61 -6.31 -52.49 -32.14
C ALA K 61 -6.43 -52.11 -30.67
N SER K 62 -7.38 -51.23 -30.41
CA SER K 62 -7.71 -50.78 -29.05
C SER K 62 -9.21 -50.84 -28.88
N PHE K 63 -9.65 -51.44 -27.77
CA PHE K 63 -11.06 -51.66 -27.50
C PHE K 63 -11.45 -50.92 -26.21
N GLN K 64 -12.61 -50.27 -26.25
CA GLN K 64 -13.15 -49.57 -25.11
C GLN K 64 -14.35 -50.36 -24.58
N ILE K 65 -14.29 -50.74 -23.31
CA ILE K 65 -15.31 -51.57 -22.68
C ILE K 65 -15.92 -50.78 -21.54
N VAL K 66 -17.25 -50.76 -21.49
CA VAL K 66 -18.02 -49.98 -20.53
C VAL K 66 -18.41 -50.90 -19.38
N GLU K 67 -18.42 -50.35 -18.16
CA GLU K 67 -18.82 -51.06 -16.94
C GLU K 67 -17.89 -52.23 -16.63
N GLU K 68 -16.59 -52.01 -16.81
CA GLU K 68 -15.59 -52.99 -16.43
C GLU K 68 -14.43 -52.28 -15.74
N ASP K 69 -13.65 -53.06 -15.01
CA ASP K 69 -12.55 -52.53 -14.21
C ASP K 69 -11.44 -53.57 -14.18
N HIS K 70 -10.54 -53.45 -13.20
CA HIS K 70 -9.33 -54.28 -13.16
C HIS K 70 -9.64 -55.77 -13.05
N THR K 71 -10.79 -56.13 -12.48
CA THR K 71 -11.08 -57.53 -12.19
C THR K 71 -11.26 -58.35 -13.46
N LEU K 72 -11.55 -57.70 -14.58
CA LEU K 72 -11.58 -58.37 -15.88
C LEU K 72 -10.40 -57.99 -16.75
N GLY K 73 -9.91 -56.75 -16.61
CA GLY K 73 -8.77 -56.33 -17.41
C GLY K 73 -7.51 -57.12 -17.13
N ASN K 74 -7.24 -57.38 -15.84
CA ASN K 74 -6.04 -58.14 -15.48
C ASN K 74 -6.13 -59.58 -15.97
N ALA K 75 -7.30 -60.21 -15.82
CA ALA K 75 -7.49 -61.57 -16.29
C ALA K 75 -7.37 -61.66 -17.81
N LEU K 76 -7.96 -60.71 -18.52
CA LEU K 76 -7.82 -60.67 -19.98
C LEU K 76 -6.37 -60.46 -20.39
N ARG K 77 -5.65 -59.58 -19.69
CA ARG K 77 -4.25 -59.35 -19.99
C ARG K 77 -3.44 -60.63 -19.83
N TYR K 78 -3.67 -61.35 -18.72
CA TYR K 78 -2.92 -62.58 -18.46
C TYR K 78 -3.24 -63.64 -19.51
N VAL K 79 -4.52 -63.79 -19.86
CA VAL K 79 -4.89 -64.85 -20.79
C VAL K 79 -4.44 -64.53 -22.21
N ILE K 80 -4.65 -63.29 -22.66
CA ILE K 80 -4.27 -62.92 -24.02
C ILE K 80 -2.75 -62.93 -24.18
N MET K 81 -2.01 -62.57 -23.13
CA MET K 81 -0.56 -62.57 -23.22
C MET K 81 0.00 -63.98 -23.39
N LYS K 82 -0.76 -65.01 -23.01
CA LYS K 82 -0.35 -66.39 -23.23
C LYS K 82 -0.52 -66.84 -24.69
N ASN K 83 -1.17 -66.03 -25.52
CA ASN K 83 -1.25 -66.34 -26.95
C ASN K 83 0.10 -66.10 -27.60
N PRO K 84 0.67 -67.08 -28.30
CA PRO K 84 1.98 -66.87 -28.94
C PRO K 84 1.99 -65.77 -30.01
N ASP K 85 0.84 -65.42 -30.58
CA ASP K 85 0.76 -64.43 -31.63
C ASP K 85 0.59 -63.00 -31.11
N VAL K 86 0.47 -62.81 -29.80
CA VAL K 86 0.22 -61.49 -29.22
C VAL K 86 1.51 -60.98 -28.60
N GLU K 87 1.93 -59.78 -29.00
CA GLU K 87 3.13 -59.17 -28.44
C GLU K 87 2.82 -57.98 -27.54
N PHE K 88 1.62 -57.42 -27.59
CA PHE K 88 1.31 -56.26 -26.75
C PHE K 88 -0.13 -56.38 -26.27
N CYS K 89 -0.33 -56.80 -25.02
CA CYS K 89 -1.66 -56.76 -24.41
C CYS K 89 -1.61 -55.95 -23.14
N GLY K 90 -2.37 -54.84 -23.11
CA GLY K 90 -2.37 -54.01 -21.93
C GLY K 90 -3.63 -53.20 -21.72
N TYR K 91 -4.12 -53.13 -20.48
CA TYR K 91 -5.35 -52.42 -20.18
C TYR K 91 -5.07 -51.18 -19.34
N SER K 92 -6.02 -50.26 -19.33
CA SER K 92 -5.91 -49.04 -18.57
C SER K 92 -7.29 -48.50 -18.24
N ILE K 93 -7.38 -47.87 -17.08
CA ILE K 93 -8.57 -47.11 -16.67
C ILE K 93 -8.21 -45.63 -16.75
N PRO K 94 -8.69 -44.92 -17.76
CA PRO K 94 -8.26 -43.51 -17.93
C PRO K 94 -8.65 -42.60 -16.79
N HIS K 95 -9.79 -42.84 -16.14
CA HIS K 95 -10.21 -42.02 -15.03
C HIS K 95 -11.09 -42.85 -14.11
N PRO K 96 -10.85 -42.83 -12.80
CA PRO K 96 -11.73 -43.57 -11.88
C PRO K 96 -13.17 -43.09 -11.87
N SER K 97 -13.41 -41.83 -12.25
CA SER K 97 -14.77 -41.32 -12.29
C SER K 97 -15.59 -41.96 -13.40
N GLU K 98 -14.94 -42.36 -14.49
CA GLU K 98 -15.60 -43.01 -15.61
C GLU K 98 -15.43 -44.52 -15.49
N ASN K 99 -16.55 -45.25 -15.55
CA ASN K 99 -16.52 -46.70 -15.50
C ASN K 99 -16.19 -47.18 -16.92
N LEU K 100 -14.90 -47.23 -17.22
CA LEU K 100 -14.44 -47.47 -18.59
C LEU K 100 -13.12 -48.22 -18.53
N LEU K 101 -12.80 -48.92 -19.61
CA LEU K 101 -11.54 -49.67 -19.69
C LEU K 101 -11.07 -49.70 -21.14
N ASN K 102 -9.84 -49.26 -21.39
CA ASN K 102 -9.24 -49.34 -22.71
C ASN K 102 -8.20 -50.45 -22.72
N ILE K 103 -8.38 -51.43 -23.59
CA ILE K 103 -7.45 -52.56 -23.72
C ILE K 103 -6.84 -52.52 -25.12
N ARG K 104 -5.52 -52.53 -25.18
CA ARG K 104 -4.80 -52.50 -26.45
C ARG K 104 -4.17 -53.86 -26.70
N ILE K 105 -4.45 -54.42 -27.88
CA ILE K 105 -3.89 -55.68 -28.32
C ILE K 105 -3.19 -55.44 -29.65
N GLN K 106 -1.87 -55.60 -29.67
CA GLN K 106 -1.08 -55.60 -30.89
C GLN K 106 -0.47 -56.98 -31.07
N THR K 107 -0.65 -57.56 -32.25
CA THR K 107 -0.23 -58.91 -32.57
C THR K 107 0.89 -58.87 -33.61
N TYR K 108 1.26 -60.04 -34.09
CA TYR K 108 2.07 -60.16 -35.30
C TYR K 108 1.12 -60.28 -36.49
N GLY K 109 1.65 -60.63 -37.66
CA GLY K 109 0.82 -60.67 -38.84
C GLY K 109 -0.06 -61.90 -39.00
N GLU K 110 0.06 -62.89 -38.12
CA GLU K 110 -0.67 -64.14 -38.33
C GLU K 110 -2.14 -64.00 -37.96
N THR K 111 -2.45 -63.28 -36.89
CA THR K 111 -3.82 -63.13 -36.44
C THR K 111 -4.11 -61.66 -36.13
N THR K 112 -5.37 -61.28 -36.26
CA THR K 112 -5.82 -59.95 -35.93
C THR K 112 -6.07 -59.82 -34.42
N ALA K 113 -6.27 -58.58 -33.98
CA ALA K 113 -6.46 -58.34 -32.55
C ALA K 113 -7.83 -58.78 -32.07
N VAL K 114 -8.83 -58.72 -32.95
CA VAL K 114 -10.18 -59.17 -32.59
C VAL K 114 -10.19 -60.66 -32.30
N ASP K 115 -9.50 -61.44 -33.14
CA ASP K 115 -9.40 -62.88 -32.91
C ASP K 115 -8.67 -63.17 -31.61
N ALA K 116 -7.63 -62.40 -31.30
CA ALA K 116 -6.92 -62.57 -30.04
C ALA K 116 -7.82 -62.28 -28.85
N LEU K 117 -8.64 -61.23 -28.94
CA LEU K 117 -9.55 -60.90 -27.85
C LEU K 117 -10.60 -61.98 -27.65
N GLN K 118 -11.17 -62.49 -28.75
CA GLN K 118 -12.18 -63.54 -28.66
C GLN K 118 -11.58 -64.82 -28.08
N LYS K 119 -10.37 -65.18 -28.52
CA LYS K 119 -9.70 -66.36 -28.00
C LYS K 119 -9.39 -66.20 -26.51
N GLY K 120 -8.97 -65.00 -26.10
CA GLY K 120 -8.71 -64.77 -24.70
C GLY K 120 -9.95 -64.89 -23.84
N LEU K 121 -11.08 -64.36 -24.32
CA LEU K 121 -12.33 -64.48 -23.58
C LEU K 121 -12.78 -65.93 -23.49
N LYS K 122 -12.64 -66.69 -24.58
CA LYS K 122 -13.01 -68.10 -24.56
C LYS K 122 -12.13 -68.89 -23.59
N ASP K 123 -10.83 -68.58 -23.58
CA ASP K 123 -9.92 -69.28 -22.67
C ASP K 123 -10.20 -68.90 -21.22
N LEU K 124 -10.61 -67.66 -20.97
CA LEU K 124 -11.00 -67.27 -19.62
C LEU K 124 -12.25 -68.02 -19.18
N MET K 125 -13.21 -68.21 -20.09
CA MET K 125 -14.37 -69.04 -19.79
C MET K 125 -13.97 -70.46 -19.45
N ASP K 126 -13.03 -71.03 -20.22
CA ASP K 126 -12.58 -72.39 -19.95
C ASP K 126 -11.88 -72.50 -18.60
N LEU K 127 -11.06 -71.49 -18.27
CA LEU K 127 -10.40 -71.47 -16.96
C LEU K 127 -11.41 -71.42 -15.83
N CYS K 128 -12.43 -70.56 -15.96
CA CYS K 128 -13.45 -70.48 -14.92
C CYS K 128 -14.23 -71.78 -14.80
N ASP K 129 -14.51 -72.44 -15.93
CA ASP K 129 -15.20 -73.72 -15.87
C ASP K 129 -14.35 -74.78 -15.16
N VAL K 130 -13.05 -74.80 -15.42
CA VAL K 130 -12.17 -75.77 -14.76
C VAL K 130 -12.12 -75.52 -13.27
N VAL K 131 -11.98 -74.25 -12.86
CA VAL K 131 -11.95 -73.90 -11.44
C VAL K 131 -13.26 -74.27 -10.77
N GLU K 132 -14.38 -74.00 -11.44
CA GLU K 132 -15.70 -74.35 -10.91
C GLU K 132 -15.85 -75.84 -10.71
N SER K 133 -15.42 -76.64 -11.71
CA SER K 133 -15.56 -78.08 -11.60
C SER K 133 -14.70 -78.65 -10.47
N LYS K 134 -13.45 -78.18 -10.36
CA LYS K 134 -12.59 -78.66 -9.29
C LYS K 134 -13.13 -78.27 -7.92
N PHE K 135 -13.62 -77.04 -7.79
CA PHE K 135 -14.14 -76.59 -6.50
C PHE K 135 -15.38 -77.39 -6.10
N THR K 136 -16.32 -77.61 -7.03
CA THR K 136 -17.51 -78.36 -6.65
C THR K 136 -17.20 -79.82 -6.38
N GLU K 137 -16.20 -80.39 -7.08
CA GLU K 137 -15.79 -81.75 -6.79
C GLU K 137 -15.19 -81.87 -5.39
N LYS K 138 -14.37 -80.89 -4.99
CA LYS K 138 -13.79 -80.93 -3.65
C LYS K 138 -14.83 -80.67 -2.56
N ILE K 139 -15.82 -79.81 -2.82
CA ILE K 139 -16.88 -79.61 -1.83
C ILE K 139 -17.73 -80.86 -1.68
N LYS K 140 -18.07 -81.52 -2.80
CA LYS K 140 -18.84 -82.76 -2.70
C LYS K 140 -18.03 -83.90 -2.10
N SER K 141 -16.70 -83.86 -2.24
CA SER K 141 -15.86 -84.92 -1.67
C SER K 141 -15.88 -84.88 -0.15
N MET K 142 -15.80 -83.70 0.44
CA MET K 142 -15.80 -83.57 1.90
C MET K 142 -17.15 -83.10 2.41
N THR L 26 -54.79 -30.67 20.37
CA THR L 26 -53.63 -31.43 19.89
C THR L 26 -52.41 -31.16 20.76
N LEU L 27 -51.92 -32.20 21.44
CA LEU L 27 -50.72 -32.08 22.26
C LEU L 27 -49.50 -31.92 21.35
N LYS L 28 -48.79 -30.80 21.51
CA LYS L 28 -47.75 -30.43 20.55
C LYS L 28 -46.46 -29.90 21.18
N TYR L 29 -46.42 -29.62 22.48
CA TYR L 29 -45.29 -28.91 23.06
C TYR L 29 -44.81 -29.61 24.33
N ILE L 30 -43.52 -29.42 24.62
CA ILE L 30 -42.86 -30.02 25.78
C ILE L 30 -42.27 -28.90 26.62
N CYS L 31 -42.51 -28.94 27.92
CA CYS L 31 -41.79 -28.06 28.83
C CYS L 31 -40.37 -28.58 28.99
N ALA L 32 -39.40 -27.67 28.87
CA ALA L 32 -38.00 -28.10 28.89
C ALA L 32 -37.53 -28.53 30.27
N GLU L 33 -38.28 -28.22 31.34
CA GLU L 33 -37.89 -28.59 32.69
C GLU L 33 -38.71 -29.75 33.24
N CYS L 34 -40.04 -29.63 33.26
CA CYS L 34 -40.90 -30.65 33.85
C CYS L 34 -41.29 -31.75 32.88
N SER L 35 -41.03 -31.56 31.58
CA SER L 35 -41.24 -32.58 30.54
C SER L 35 -42.70 -33.07 30.50
N SER L 36 -43.62 -32.13 30.33
CA SER L 36 -45.04 -32.44 30.28
C SER L 36 -45.63 -31.97 28.96
N LYS L 37 -46.45 -32.81 28.35
CA LYS L 37 -47.15 -32.44 27.12
C LYS L 37 -48.16 -31.35 27.40
N LEU L 38 -48.21 -30.35 26.53
CA LEU L 38 -49.16 -29.26 26.68
C LEU L 38 -49.40 -28.61 25.33
N SER L 39 -50.52 -27.91 25.22
CA SER L 39 -50.91 -27.23 24.00
C SER L 39 -51.23 -25.77 24.29
N LEU L 40 -51.07 -24.92 23.27
CA LEU L 40 -51.26 -23.48 23.40
C LEU L 40 -52.44 -23.04 22.56
N SER L 41 -53.30 -22.20 23.12
CA SER L 41 -54.38 -21.59 22.39
C SER L 41 -53.92 -20.24 21.82
N ARG L 42 -54.86 -19.47 21.29
CA ARG L 42 -54.51 -18.17 20.72
C ARG L 42 -54.18 -17.16 21.81
N THR L 43 -54.88 -17.22 22.93
CA THR L 43 -54.70 -16.26 24.02
C THR L 43 -53.77 -16.77 25.12
N ASP L 44 -53.24 -17.98 24.99
CA ASP L 44 -52.36 -18.53 26.01
C ASP L 44 -50.96 -17.96 25.90
N ALA L 45 -50.36 -17.64 27.04
CA ALA L 45 -48.99 -17.14 27.07
C ALA L 45 -48.01 -18.29 26.85
N VAL L 46 -46.77 -17.92 26.51
CA VAL L 46 -45.73 -18.91 26.20
C VAL L 46 -45.08 -19.27 27.54
N ARG L 47 -45.72 -20.18 28.25
CA ARG L 47 -45.19 -20.72 29.50
C ARG L 47 -45.89 -22.04 29.79
N CYS L 48 -45.25 -22.85 30.62
CA CYS L 48 -45.85 -24.12 31.02
C CYS L 48 -46.99 -23.87 32.00
N LYS L 49 -47.88 -24.86 32.09
CA LYS L 49 -49.01 -24.77 33.02
C LYS L 49 -48.72 -25.49 34.33
N ASP L 50 -47.95 -26.58 34.31
CA ASP L 50 -47.61 -27.30 35.52
C ASP L 50 -46.54 -26.60 36.34
N CYS L 51 -45.78 -25.69 35.72
CA CYS L 51 -44.76 -24.92 36.43
C CYS L 51 -44.56 -23.62 35.67
N GLY L 52 -43.77 -22.73 36.26
CA GLY L 52 -43.55 -21.42 35.66
C GLY L 52 -42.46 -21.34 34.63
N HIS L 53 -41.97 -22.48 34.15
CA HIS L 53 -40.87 -22.49 33.19
C HIS L 53 -41.34 -21.96 31.85
N ARG L 54 -40.51 -21.12 31.22
CA ARG L 54 -40.93 -20.32 30.07
C ARG L 54 -40.24 -20.73 28.77
N ILE L 55 -39.71 -21.94 28.70
CA ILE L 55 -39.10 -22.46 27.48
C ILE L 55 -39.91 -23.68 27.03
N LEU L 56 -40.41 -23.62 25.80
CA LEU L 56 -41.21 -24.70 25.24
C LEU L 56 -40.55 -25.22 23.98
N LEU L 57 -40.47 -26.54 23.86
CA LEU L 57 -39.87 -27.20 22.71
C LEU L 57 -40.98 -27.86 21.89
N LYS L 58 -40.98 -27.64 20.59
CA LYS L 58 -41.96 -28.27 19.72
C LYS L 58 -41.71 -29.77 19.64
N ALA L 59 -42.78 -30.55 19.75
CA ALA L 59 -42.66 -31.99 19.68
C ALA L 59 -42.45 -32.45 18.24
N ARG L 60 -42.04 -33.70 18.09
CA ARG L 60 -41.79 -34.26 16.77
C ARG L 60 -43.10 -34.41 16.00
N THR L 61 -43.03 -34.15 14.71
CA THR L 61 -44.21 -34.24 13.84
C THR L 61 -44.64 -35.70 13.69
N LYS L 62 -45.89 -35.89 13.29
CA LYS L 62 -46.45 -37.20 13.06
C LYS L 62 -46.37 -37.63 11.59
N ARG L 63 -45.80 -36.79 10.72
CA ARG L 63 -45.73 -37.11 9.31
C ARG L 63 -44.63 -38.13 9.04
N LEU L 64 -44.80 -38.89 7.96
CA LEU L 64 -43.78 -39.83 7.53
C LEU L 64 -42.57 -39.07 7.00
N VAL L 65 -41.39 -39.48 7.46
CA VAL L 65 -40.13 -38.90 6.99
C VAL L 65 -39.25 -40.05 6.48
N GLN L 66 -38.71 -39.88 5.28
CA GLN L 66 -38.00 -40.95 4.58
C GLN L 66 -36.51 -40.66 4.55
N PHE L 67 -35.70 -41.68 4.85
CA PHE L 67 -34.25 -41.59 4.79
C PHE L 67 -33.69 -42.76 4.00
N GLU L 68 -32.62 -42.51 3.26
CA GLU L 68 -31.87 -43.60 2.66
C GLU L 68 -30.82 -44.10 3.64
N ALA L 69 -30.61 -45.41 3.66
CA ALA L 69 -29.68 -46.04 4.62
C ALA L 69 -28.27 -46.08 4.04
N ARG L 70 -27.72 -44.89 3.82
CA ARG L 70 -26.39 -44.75 3.24
C ARG L 70 -25.55 -43.74 4.02
N ASP M 68 29.97 -23.00 73.13
CA ASP M 68 28.55 -22.85 73.45
C ASP M 68 28.25 -22.34 74.88
N PRO M 69 29.00 -22.77 75.91
CA PRO M 69 28.86 -22.10 77.21
C PRO M 69 29.25 -20.63 77.14
N VAL M 70 28.57 -19.83 77.94
CA VAL M 70 28.78 -18.38 78.00
C VAL M 70 29.84 -18.08 79.06
N ILE M 71 30.77 -17.18 78.72
CA ILE M 71 31.84 -16.83 79.64
C ILE M 71 31.51 -15.53 80.38
N GLU M 72 30.71 -14.67 79.76
CA GLU M 72 30.33 -13.41 80.37
C GLU M 72 29.01 -12.93 79.78
N GLU M 73 28.18 -12.32 80.63
CA GLU M 73 26.90 -11.77 80.21
C GLU M 73 26.79 -10.34 80.72
N PHE M 74 26.17 -9.48 79.91
CA PHE M 74 26.00 -8.07 80.25
C PHE M 74 24.52 -7.76 80.37
N PRO M 75 24.05 -7.29 81.52
CA PRO M 75 22.62 -6.99 81.67
C PRO M 75 22.16 -5.85 80.76
N LEU M 76 20.93 -5.98 80.26
CA LEU M 76 20.31 -5.04 79.34
C LEU M 76 18.99 -4.58 79.94
N LYS M 77 18.89 -3.29 80.23
CA LYS M 77 17.72 -2.73 80.90
C LYS M 77 17.09 -1.66 80.03
N ILE M 78 15.79 -1.44 80.24
CA ILE M 78 15.02 -0.44 79.52
C ILE M 78 14.39 0.51 80.53
N SER M 79 14.52 1.81 80.28
CA SER M 79 13.96 2.82 81.16
C SER M 79 13.66 4.07 80.35
N GLY M 80 12.96 5.01 80.99
CA GLY M 80 12.67 6.28 80.37
C GLY M 80 11.51 6.25 79.39
N GLU M 81 10.32 5.94 79.88
CA GLU M 81 9.14 5.90 79.02
C GLU M 81 8.53 7.28 78.78
N GLU M 82 9.01 8.32 79.49
CA GLU M 82 8.46 9.66 79.36
C GLU M 82 9.54 10.68 79.02
N GLU M 83 10.71 10.22 78.58
CA GLU M 83 11.82 11.15 78.33
C GLU M 83 11.62 11.99 77.09
N SER M 84 10.89 11.46 76.09
CA SER M 84 10.68 12.12 74.79
C SER M 84 12.02 12.47 74.15
N LEU M 85 12.78 11.42 73.84
CA LEU M 85 14.15 11.56 73.36
C LEU M 85 14.16 11.68 71.85
N HIS M 86 14.88 12.70 71.35
CA HIS M 86 15.02 12.93 69.92
C HIS M 86 16.47 12.75 69.49
N VAL M 87 16.65 12.39 68.22
CA VAL M 87 17.97 12.18 67.65
C VAL M 87 18.07 12.99 66.37
N PHE M 88 19.06 13.88 66.31
CA PHE M 88 19.30 14.70 65.14
C PHE M 88 20.32 14.02 64.24
N GLN M 89 20.22 14.30 62.93
CA GLN M 89 21.11 13.73 61.94
C GLN M 89 21.54 14.87 61.01
N TYR M 90 22.73 15.41 61.25
CA TYR M 90 23.27 16.49 60.42
C TYR M 90 23.73 15.89 59.09
N ALA M 91 22.96 16.12 58.03
CA ALA M 91 23.30 15.56 56.74
C ALA M 91 24.53 16.20 56.12
N ASN M 92 25.00 17.32 56.66
CA ASN M 92 26.15 18.03 56.12
C ASN M 92 27.42 17.86 56.96
N ARG M 93 27.28 17.82 58.29
CA ARG M 93 28.44 17.73 59.15
C ARG M 93 28.97 16.29 59.18
N PRO M 94 30.23 16.06 58.80
CA PRO M 94 30.78 14.71 58.89
C PRO M 94 31.09 14.32 60.32
N ARG M 95 31.13 13.01 60.56
CA ARG M 95 31.39 12.50 61.90
C ARG M 95 32.89 12.47 62.21
N LEU M 96 33.69 11.96 61.28
CA LEU M 96 35.12 11.82 61.47
C LEU M 96 35.85 12.69 60.46
N VAL M 97 36.77 13.52 60.94
CA VAL M 97 37.69 14.27 60.09
C VAL M 97 39.09 13.67 60.30
N GLY M 98 39.74 13.32 59.19
CA GLY M 98 40.99 12.61 59.27
C GLY M 98 40.82 11.23 59.87
N ARG M 99 41.32 11.05 61.10
CA ARG M 99 41.15 9.80 61.83
C ARG M 99 40.48 9.99 63.19
N LYS M 100 40.26 11.22 63.62
CA LYS M 100 39.68 11.53 64.92
C LYS M 100 38.27 12.06 64.77
N PRO M 101 37.42 11.92 65.79
CA PRO M 101 36.07 12.48 65.71
C PRO M 101 36.08 13.99 65.55
N ALA M 102 35.14 14.49 64.75
CA ALA M 102 35.05 15.91 64.47
C ALA M 102 34.50 16.68 65.66
N GLU M 103 34.85 17.96 65.74
CA GLU M 103 34.35 18.82 66.80
C GLU M 103 32.86 19.08 66.61
N HIS M 104 32.11 19.04 67.70
CA HIS M 104 30.68 19.28 67.63
C HIS M 104 30.41 20.75 67.30
N PRO M 105 29.47 21.03 66.41
CA PRO M 105 29.12 22.43 66.12
C PRO M 105 28.46 23.09 67.31
N PHE M 106 28.60 24.41 67.39
CA PHE M 106 28.02 25.20 68.47
C PHE M 106 26.61 25.64 68.05
N ILE M 107 25.62 25.26 68.84
CA ILE M 107 24.21 25.57 68.55
C ILE M 107 23.85 26.85 69.29
N SER M 108 23.30 27.82 68.55
CA SER M 108 22.90 29.10 69.12
C SER M 108 21.41 29.16 69.46
N ALA M 109 20.54 28.86 68.48
CA ALA M 109 19.11 28.94 68.68
C ALA M 109 18.45 27.67 68.17
N ALA M 110 17.36 27.27 68.83
CA ALA M 110 16.61 26.09 68.46
C ALA M 110 15.12 26.42 68.47
N ARG M 111 14.43 25.98 67.43
CA ARG M 111 12.99 26.17 67.30
C ARG M 111 12.34 24.83 66.93
N TYR M 112 11.14 24.62 67.44
CA TYR M 112 10.47 23.33 67.26
C TYR M 112 8.96 23.56 67.28
N LYS M 113 8.31 23.38 66.13
CA LYS M 113 6.86 23.38 66.08
C LYS M 113 6.36 22.04 66.61
N PRO M 114 5.54 22.02 67.66
CA PRO M 114 5.16 20.74 68.28
C PRO M 114 4.36 19.80 67.40
N LYS M 115 3.22 20.25 66.87
CA LYS M 115 2.35 19.32 66.15
C LYS M 115 2.81 19.08 64.73
N SER M 116 3.68 19.92 64.18
CA SER M 116 4.23 19.70 62.86
C SER M 116 5.61 19.04 62.89
N HIS M 117 6.26 19.01 64.07
CA HIS M 117 7.56 18.37 64.26
C HIS M 117 8.63 18.92 63.32
N LEU M 118 8.69 20.25 63.21
CA LEU M 118 9.68 20.93 62.38
C LEU M 118 10.79 21.47 63.29
N TRP M 119 11.96 20.84 63.23
CA TRP M 119 13.12 21.29 63.98
C TRP M 119 13.94 22.26 63.16
N GLU M 120 14.40 23.33 63.81
CA GLU M 120 15.20 24.36 63.15
C GLU M 120 16.35 24.73 64.10
N ILE M 121 17.58 24.51 63.65
CA ILE M 121 18.77 24.72 64.47
C ILE M 121 19.66 25.76 63.79
N ASP M 122 20.02 26.80 64.54
CA ASP M 122 20.90 27.85 64.03
C ASP M 122 22.32 27.61 64.51
N ILE M 123 23.28 27.67 63.58
CA ILE M 123 24.69 27.50 63.90
C ILE M 123 25.43 28.73 63.39
N PRO M 124 26.11 29.50 64.25
CA PRO M 124 26.87 30.65 63.76
C PRO M 124 28.14 30.22 63.06
N LEU M 125 28.29 30.67 61.82
CA LEU M 125 29.47 30.33 61.03
C LEU M 125 30.53 31.42 61.15
N ASP M 126 31.78 31.02 60.99
CA ASP M 126 32.90 31.94 61.20
C ASP M 126 32.90 33.05 60.16
N GLU M 127 33.11 34.28 60.63
CA GLU M 127 33.10 35.45 59.77
C GLU M 127 34.50 35.95 59.42
N GLN M 128 35.51 35.57 60.20
CA GLN M 128 36.87 36.02 59.94
C GLN M 128 37.43 35.41 58.66
N ALA M 129 37.20 34.11 58.46
CA ALA M 129 37.75 33.39 57.33
C ALA M 129 36.63 32.88 56.44
N PHE M 130 36.73 33.16 55.13
CA PHE M 130 35.80 32.67 54.11
C PHE M 130 34.36 33.07 54.40
N TYR M 131 34.11 34.38 54.38
CA TYR M 131 32.77 34.86 54.66
C TYR M 131 32.09 35.59 53.52
N ASN M 132 32.84 36.35 52.71
CA ASN M 132 32.28 37.15 51.61
C ASN M 132 31.24 38.14 52.14
N LYS M 133 31.75 39.13 52.89
CA LYS M 133 30.90 40.12 53.55
C LYS M 133 30.00 40.86 52.56
N ASP M 134 30.48 41.07 51.34
CA ASP M 134 29.79 41.95 50.40
C ASP M 134 28.43 41.38 49.97
N LYS M 135 28.41 40.12 49.56
CA LYS M 135 27.16 39.52 49.09
C LYS M 135 26.13 39.41 50.20
N ALA M 136 26.57 38.99 51.40
CA ALA M 136 25.66 38.85 52.52
C ALA M 136 25.10 40.20 52.94
N GLU M 137 25.94 41.23 53.00
CA GLU M 137 25.47 42.55 53.37
C GLU M 137 24.65 43.21 52.26
N SER M 138 24.78 42.74 51.01
CA SER M 138 24.04 43.35 49.91
C SER M 138 22.66 42.74 49.75
N GLU M 139 22.59 41.42 49.51
CA GLU M 139 21.33 40.80 49.14
C GLU M 139 20.77 39.83 50.18
N TRP M 140 21.52 39.52 51.23
CA TRP M 140 21.05 38.55 52.22
C TRP M 140 20.96 39.14 53.63
N ASN M 141 20.96 40.47 53.73
CA ASN M 141 20.77 41.19 54.99
C ASN M 141 21.82 40.82 56.04
N GLY M 142 23.03 40.54 55.59
CA GLY M 142 24.14 40.24 56.47
C GLY M 142 23.95 39.00 57.33
N VAL M 143 23.52 37.91 56.71
CA VAL M 143 23.30 36.66 57.44
C VAL M 143 24.64 36.07 57.86
N ASN M 144 24.73 35.66 59.13
CA ASN M 144 25.94 35.06 59.67
C ASN M 144 25.69 33.72 60.33
N VAL M 145 24.48 33.17 60.21
CA VAL M 145 24.13 31.89 60.82
C VAL M 145 23.57 30.98 59.74
N GLN M 146 23.97 29.72 59.75
CA GLN M 146 23.40 28.71 58.87
C GLN M 146 22.37 27.91 59.65
N THR M 147 21.19 27.74 59.07
CA THR M 147 20.10 27.04 59.74
C THR M 147 19.88 25.68 59.10
N LEU M 148 19.57 24.70 59.94
CA LEU M 148 19.27 23.34 59.53
C LEU M 148 17.83 23.01 59.92
N LYS M 149 17.05 22.58 58.94
CA LYS M 149 15.65 22.24 59.13
C LYS M 149 15.45 20.74 58.92
N GLY M 150 14.62 20.15 59.77
CA GLY M 150 14.32 18.74 59.67
C GLY M 150 12.94 18.44 60.19
N VAL M 151 12.47 17.23 59.88
CA VAL M 151 11.16 16.75 60.31
C VAL M 151 11.37 15.46 61.09
N GLY M 152 10.81 15.41 62.30
CA GLY M 152 10.91 14.23 63.12
C GLY M 152 10.01 13.11 62.65
N VAL M 153 10.60 11.97 62.32
CA VAL M 153 9.86 10.81 61.82
C VAL M 153 9.75 9.78 62.93
N GLU M 154 8.54 9.30 63.17
CA GLU M 154 8.30 8.28 64.20
C GLU M 154 8.90 6.95 63.74
N ASN M 155 10.00 6.56 64.37
CA ASN M 155 10.68 5.30 64.07
C ASN M 155 10.52 4.38 65.26
N ASN M 156 9.98 3.19 65.03
CA ASN M 156 9.70 2.24 66.08
C ASN M 156 10.84 1.22 66.20
N GLY M 157 11.19 0.87 67.42
CA GLY M 157 12.25 -0.08 67.68
C GLY M 157 13.62 0.51 67.83
N GLN M 158 13.74 1.82 68.00
CA GLN M 158 15.03 2.48 68.16
C GLN M 158 15.22 2.88 69.61
N TYR M 159 16.38 2.54 70.17
CA TYR M 159 16.72 2.84 71.55
C TYR M 159 18.12 3.40 71.62
N ALA M 160 18.28 4.53 72.30
CA ALA M 160 19.58 5.11 72.58
C ALA M 160 20.13 4.49 73.86
N ALA M 161 21.35 3.98 73.81
CA ALA M 161 21.90 3.18 74.90
C ALA M 161 23.17 3.82 75.45
N PHE M 162 23.35 3.69 76.76
CA PHE M 162 24.62 4.02 77.39
C PHE M 162 25.02 2.87 78.30
N VAL M 163 26.24 2.93 78.82
CA VAL M 163 26.82 1.86 79.61
C VAL M 163 27.23 2.41 80.98
N LYS M 164 26.76 1.76 82.04
CA LYS M 164 27.08 2.14 83.42
C LYS M 164 27.41 0.88 84.20
N ASP M 165 28.65 0.77 84.67
CA ASP M 165 29.16 -0.42 85.36
C ASP M 165 28.97 -1.67 84.49
N MET M 166 29.24 -1.50 83.20
CA MET M 166 29.12 -2.54 82.18
C MET M 166 27.69 -3.11 82.17
N GLN M 167 26.72 -2.21 82.26
CA GLN M 167 25.30 -2.53 82.13
C GLN M 167 24.71 -1.63 81.07
N VAL M 168 23.99 -2.19 80.10
CA VAL M 168 23.53 -1.43 78.95
C VAL M 168 22.12 -0.95 79.23
N TYR M 169 21.97 0.37 79.37
CA TYR M 169 20.68 1.00 79.62
C TYR M 169 20.15 1.60 78.32
N LEU M 170 18.88 1.33 78.04
CA LEU M 170 18.21 1.78 76.82
C LEU M 170 17.13 2.80 77.16
N VAL M 171 17.02 3.82 76.32
CA VAL M 171 15.94 4.80 76.41
C VAL M 171 15.29 4.87 75.04
N PRO M 172 13.96 4.74 74.93
CA PRO M 172 13.31 4.80 73.62
C PRO M 172 13.51 6.15 72.94
N ILE M 173 13.71 6.11 71.62
CA ILE M 173 13.89 7.30 70.81
C ILE M 173 12.56 7.61 70.13
N GLU M 174 12.04 8.81 70.39
CA GLU M 174 10.72 9.15 69.85
C GLU M 174 10.79 9.42 68.35
N ARG M 175 11.54 10.44 67.94
CA ARG M 175 11.61 10.81 66.54
C ARG M 175 13.06 11.01 66.14
N VAL M 176 13.34 10.83 64.85
CA VAL M 176 14.66 11.05 64.28
C VAL M 176 14.51 12.13 63.20
N ALA M 177 15.31 13.19 63.32
CA ALA M 177 15.23 14.33 62.42
C ALA M 177 16.41 14.32 61.46
N GLN M 178 16.14 14.58 60.19
CA GLN M 178 17.17 14.68 59.15
C GLN M 178 17.41 16.17 58.90
N LEU M 179 18.33 16.75 59.65
CA LEU M 179 18.58 18.19 59.55
C LEU M 179 19.36 18.48 58.27
N LYS M 180 18.77 19.27 57.39
CA LYS M 180 19.36 19.63 56.11
C LYS M 180 19.40 21.15 56.00
N PRO M 181 20.34 21.69 55.22
CA PRO M 181 20.50 23.15 55.17
C PRO M 181 19.25 23.85 54.65
N PHE M 182 18.95 25.00 55.26
CA PHE M 182 17.80 25.81 54.91
C PHE M 182 18.30 27.21 54.58
N PHE M 183 17.66 27.85 53.60
CA PHE M 183 18.11 29.12 53.05
C PHE M 183 16.99 30.13 53.08
N LYS M 184 16.40 30.31 54.27
CA LYS M 184 15.23 31.18 54.42
C LYS M 184 15.51 32.62 54.03
N TYR M 185 16.78 33.06 54.07
CA TYR M 185 17.09 34.40 53.61
C TYR M 185 16.93 34.53 52.10
N ILE M 186 17.22 33.47 51.35
CA ILE M 186 16.99 33.49 49.90
C ILE M 186 15.50 33.62 49.60
N ASP M 187 14.68 32.85 50.31
CA ASP M 187 13.24 32.92 50.12
C ASP M 187 12.69 34.29 50.53
N ASP M 188 13.22 34.85 51.63
CA ASP M 188 12.79 36.18 52.06
C ASP M 188 13.16 37.24 51.04
N ALA M 189 14.38 37.18 50.50
CA ALA M 189 14.78 38.12 49.46
C ALA M 189 13.92 37.98 48.21
N ASN M 190 13.60 36.73 47.82
CA ASN M 190 12.77 36.51 46.65
C ASN M 190 11.36 37.06 46.85
N VAL M 191 10.76 36.83 48.02
CA VAL M 191 9.40 37.30 48.24
C VAL M 191 9.38 38.82 48.39
N THR M 192 10.43 39.41 48.97
CA THR M 192 10.52 40.86 49.05
C THR M 192 10.65 41.48 47.67
N ARG M 193 11.47 40.87 46.80
CA ARG M 193 11.60 41.35 45.43
C ARG M 193 10.29 41.23 44.67
N LYS M 194 9.58 40.11 44.85
CA LYS M 194 8.29 39.93 44.19
C LYS M 194 7.27 40.96 44.66
N GLN M 195 7.24 41.23 45.97
CA GLN M 195 6.31 42.23 46.50
C GLN M 195 6.64 43.62 45.99
N GLU M 196 7.94 43.98 45.97
CA GLU M 196 8.32 45.32 45.53
C GLU M 196 8.19 45.50 44.03
N ASP M 197 8.17 44.39 43.27
CA ASP M 197 7.94 44.49 41.83
C ASP M 197 6.46 44.41 41.48
N ALA M 198 5.63 43.82 42.33
CA ALA M 198 4.20 43.74 42.08
C ALA M 198 3.46 44.98 42.56
N ARG M 199 3.90 45.58 43.68
CA ARG M 199 3.23 46.76 44.19
C ARG M 199 3.54 48.00 43.37
N ARG M 200 4.61 47.99 42.58
CA ARG M 200 4.93 49.14 41.75
C ARG M 200 3.93 49.31 40.63
N ASN M 201 3.54 48.21 39.98
CA ASN M 201 2.58 48.24 38.88
C ASN M 201 1.86 46.91 38.75
N PRO M 202 0.78 46.69 39.52
CA PRO M 202 0.04 45.44 39.41
C PRO M 202 -0.63 45.29 38.06
N ASN M 203 -0.74 44.04 37.60
CA ASN M 203 -1.34 43.75 36.31
C ASN M 203 -1.90 42.34 36.28
N SER M 223 -15.40 27.06 53.72
CA SER M 223 -15.87 26.62 52.41
C SER M 223 -14.71 26.33 51.48
N GLN M 224 -13.68 27.18 51.52
CA GLN M 224 -12.51 27.02 50.68
C GLN M 224 -11.43 26.14 51.31
N ASN M 225 -11.66 25.63 52.53
CA ASN M 225 -10.67 24.81 53.22
C ASN M 225 -10.89 23.34 52.89
N ARG M 226 -10.73 23.04 51.60
CA ARG M 226 -10.82 21.67 51.11
C ARG M 226 -9.46 20.98 51.04
N LEU M 227 -8.41 21.62 51.53
CA LEU M 227 -7.08 21.04 51.46
C LEU M 227 -6.95 19.85 52.41
N THR M 228 -6.49 18.72 51.87
CA THR M 228 -6.25 17.52 52.66
C THR M 228 -4.93 16.91 52.24
N GLY M 229 -4.26 16.26 53.19
CA GLY M 229 -3.03 15.56 52.90
C GLY M 229 -1.82 16.46 53.08
N SER M 230 -0.98 16.52 52.04
CA SER M 230 0.26 17.28 52.14
C SER M 230 0.00 18.78 52.16
N LEU M 231 -1.01 19.24 51.44
CA LEU M 231 -1.32 20.67 51.41
C LEU M 231 -1.76 21.17 52.78
N LEU M 232 -2.61 20.41 53.46
CA LEU M 232 -3.05 20.80 54.79
C LEU M 232 -1.87 20.80 55.77
N ALA M 233 -0.98 19.81 55.67
CA ALA M 233 0.19 19.76 56.54
C ALA M 233 1.11 20.96 56.30
N HIS M 234 1.33 21.31 55.03
CA HIS M 234 2.17 22.46 54.72
C HIS M 234 1.54 23.75 55.21
N LYS M 235 0.22 23.90 55.04
CA LYS M 235 -0.45 25.11 55.50
C LYS M 235 -0.42 25.24 57.02
N VAL M 236 -0.65 24.12 57.73
CA VAL M 236 -0.65 24.19 59.18
C VAL M 236 0.77 24.33 59.72
N ALA M 237 1.78 23.91 58.95
CA ALA M 237 3.16 24.16 59.35
C ALA M 237 3.54 25.61 59.14
N ASP M 238 3.09 26.22 58.04
CA ASP M 238 3.38 27.62 57.78
C ASP M 238 2.67 28.53 58.77
N GLU M 239 1.42 28.20 59.11
CA GLU M 239 0.65 29.05 60.03
C GLU M 239 1.15 28.92 61.46
N GLU M 240 1.82 27.82 61.78
CA GLU M 240 2.18 27.51 63.15
C GLU M 240 3.28 28.44 63.66
N ALA M 241 3.12 28.91 64.89
CA ALA M 241 4.14 29.75 65.53
C ALA M 241 5.22 28.88 66.15
N ASN M 242 6.47 29.25 65.91
CA ASN M 242 7.60 28.48 66.41
C ASN M 242 7.74 28.64 67.92
N ILE M 243 8.23 27.59 68.58
CA ILE M 243 8.48 27.60 70.01
C ILE M 243 9.98 27.75 70.23
N GLU M 244 10.39 28.83 70.87
CA GLU M 244 11.79 29.09 71.15
C GLU M 244 12.23 28.25 72.34
N LEU M 245 13.27 27.44 72.15
CA LEU M 245 13.74 26.54 73.20
C LEU M 245 15.04 27.05 73.80
N THR M 246 15.23 26.76 75.09
CA THR M 246 16.45 27.12 75.80
C THR M 246 17.44 25.99 75.63
N TRP M 247 18.41 26.19 74.74
CA TRP M 247 19.43 25.18 74.52
C TRP M 247 20.36 25.07 75.72
N ALA M 248 20.74 23.83 76.04
CA ALA M 248 21.59 23.59 77.20
C ALA M 248 22.48 22.39 76.93
N GLU M 249 23.61 22.35 77.64
CA GLU M 249 24.58 21.28 77.52
C GLU M 249 25.03 20.87 78.91
N GLY M 250 25.77 19.76 78.98
CA GLY M 250 26.31 19.28 80.24
C GLY M 250 25.27 18.81 81.22
N THR M 251 24.19 18.20 80.74
CA THR M 251 23.13 17.67 81.59
C THR M 251 23.01 16.16 81.52
N PHE M 252 24.05 15.48 81.03
CA PHE M 252 24.01 14.02 80.89
C PHE M 252 23.98 13.32 82.25
N GLU M 253 24.51 13.97 83.30
CA GLU M 253 24.60 13.33 84.61
C GLU M 253 23.21 13.09 85.21
N GLN M 254 22.33 14.09 85.15
CA GLN M 254 20.98 13.92 85.70
C GLN M 254 20.19 12.89 84.92
N PHE M 255 20.32 12.89 83.59
CA PHE M 255 19.64 11.91 82.76
C PHE M 255 20.12 10.50 83.07
N LYS M 256 21.44 10.33 83.19
CA LYS M 256 22.00 9.02 83.56
C LYS M 256 21.50 8.60 84.93
N ASP M 257 21.48 9.52 85.90
CA ASP M 257 21.04 9.19 87.25
C ASP M 257 19.59 8.74 87.28
N THR M 258 18.71 9.45 86.58
CA THR M 258 17.30 9.08 86.63
C THR M 258 17.04 7.78 85.86
N ILE M 259 17.76 7.55 84.75
CA ILE M 259 17.55 6.32 83.99
C ILE M 259 18.04 5.12 84.80
N VAL M 260 19.23 5.23 85.42
CA VAL M 260 19.74 4.13 86.23
C VAL M 260 18.85 3.89 87.45
N LYS M 261 18.36 4.97 88.07
CA LYS M 261 17.51 4.83 89.24
C LYS M 261 16.21 4.12 88.89
N GLU M 262 15.62 4.46 87.74
CA GLU M 262 14.37 3.82 87.33
C GLU M 262 14.60 2.37 86.91
N ALA M 263 15.75 2.08 86.30
CA ALA M 263 15.93 0.77 85.68
C ALA M 263 16.43 -0.28 86.67
N GLU M 264 17.18 0.13 87.69
CA GLU M 264 17.90 -0.86 88.50
C GLU M 264 16.98 -1.63 89.43
N ASP M 265 15.89 -1.00 89.88
CA ASP M 265 15.07 -1.60 90.93
C ASP M 265 14.25 -2.77 90.40
N LYS M 266 13.63 -2.60 89.23
CA LYS M 266 12.71 -3.61 88.73
C LYS M 266 13.45 -4.73 88.00
N THR M 267 12.89 -5.94 88.09
CA THR M 267 13.44 -7.11 87.42
C THR M 267 12.28 -7.93 86.88
N LEU M 268 12.25 -8.13 85.57
CA LEU M 268 11.17 -8.83 84.90
C LEU M 268 11.60 -10.23 84.49
N VAL M 269 10.68 -11.18 84.64
CA VAL M 269 10.89 -12.57 84.26
C VAL M 269 10.01 -12.89 83.05
N ALA M 270 10.44 -13.84 82.24
CA ALA M 270 9.86 -14.03 80.92
C ALA M 270 8.53 -14.76 80.96
N LEU M 271 7.76 -14.61 79.89
CA LEU M 271 6.50 -15.32 79.70
C LEU M 271 6.51 -16.21 78.47
N GLU M 272 6.83 -15.66 77.30
CA GLU M 272 6.63 -16.37 76.05
C GLU M 272 7.71 -17.42 75.80
N LYS M 273 7.30 -18.50 75.14
CA LYS M 273 8.19 -19.54 74.69
C LYS M 273 8.94 -19.08 73.44
N GLN M 274 10.03 -19.77 73.11
CA GLN M 274 10.82 -19.42 71.94
C GLN M 274 10.02 -19.60 70.65
N GLU M 275 9.23 -20.68 70.57
CA GLU M 275 8.46 -20.93 69.36
C GLU M 275 7.30 -19.94 69.23
N ASP M 276 6.74 -19.49 70.35
CA ASP M 276 5.61 -18.57 70.31
C ASP M 276 6.01 -17.23 69.72
N TYR M 277 7.26 -16.82 69.89
CA TYR M 277 7.73 -15.59 69.26
C TYR M 277 7.85 -15.75 67.75
N ILE M 278 8.28 -16.93 67.29
CA ILE M 278 8.38 -17.18 65.86
C ILE M 278 6.99 -17.35 65.25
N ASP M 279 6.00 -17.67 66.09
CA ASP M 279 4.64 -17.82 65.59
C ASP M 279 4.07 -16.51 65.07
N ASN M 280 4.35 -15.40 65.74
CA ASN M 280 3.76 -14.10 65.40
C ASN M 280 4.85 -13.05 65.32
N LEU M 281 5.05 -12.49 64.11
CA LEU M 281 5.94 -11.37 63.86
C LEU M 281 7.35 -11.66 64.36
N VAL M 282 8.01 -12.58 63.66
CA VAL M 282 9.35 -13.04 63.99
C VAL M 282 10.36 -11.88 64.05
N ARG N 195 41.85 23.86 62.42
CA ARG N 195 40.40 23.98 62.52
C ARG N 195 39.83 24.60 61.25
N ILE N 196 40.65 25.40 60.56
CA ILE N 196 40.21 26.00 59.31
C ILE N 196 40.26 24.99 58.16
N GLU N 197 40.94 23.87 58.35
CA GLU N 197 41.00 22.82 57.32
C GLU N 197 39.62 22.24 57.04
N GLN N 198 38.71 22.29 58.01
CA GLN N 198 37.34 21.86 57.78
C GLN N 198 36.58 22.79 56.84
N LEU N 199 37.07 24.00 56.63
CA LEU N 199 36.45 24.96 55.72
C LEU N 199 37.02 24.89 54.31
N PHE N 200 37.91 23.93 54.04
CA PHE N 200 38.35 23.69 52.68
C PHE N 200 37.18 23.14 51.84
N PRO N 201 37.20 23.37 50.52
CA PRO N 201 36.16 22.81 49.66
C PRO N 201 36.08 21.28 49.73
N VAL N 202 34.88 20.74 49.79
CA VAL N 202 34.71 19.31 49.97
C VAL N 202 34.89 18.60 48.63
N ARG N 203 35.85 17.69 48.58
CA ARG N 203 36.04 16.86 47.42
C ARG N 203 35.43 15.49 47.66
N PRO N 204 34.47 15.07 46.83
CA PRO N 204 33.85 13.76 47.03
C PRO N 204 34.82 12.63 46.76
N VAL N 205 34.60 11.51 47.47
CA VAL N 205 35.42 10.33 47.26
C VAL N 205 35.09 9.72 45.90
N ARG N 206 36.13 9.37 45.15
CA ARG N 206 35.98 8.87 43.79
C ARG N 206 36.77 7.57 43.66
N VAL N 207 36.09 6.53 43.18
CA VAL N 207 36.71 5.23 42.91
C VAL N 207 36.41 4.88 41.46
N ARG N 208 37.39 4.27 40.79
CA ARG N 208 37.20 3.81 39.43
C ARG N 208 36.16 2.69 39.39
N HIS N 209 35.52 2.54 38.22
CA HIS N 209 34.41 1.59 38.09
C HIS N 209 34.90 0.15 38.21
N GLU N 210 36.14 -0.11 37.80
CA GLU N 210 36.65 -1.48 37.86
C GLU N 210 36.91 -1.93 39.29
N ASP N 211 37.20 -1.00 40.19
CA ASP N 211 37.56 -1.32 41.57
C ASP N 211 36.51 -0.84 42.57
N VAL N 212 35.27 -0.61 42.13
CA VAL N 212 34.25 -0.10 43.03
C VAL N 212 33.78 -1.19 43.99
N GLU N 213 33.90 -2.46 43.58
CA GLU N 213 33.46 -3.55 44.43
C GLU N 213 34.55 -4.03 45.39
N THR N 214 35.82 -3.84 45.03
CA THR N 214 36.92 -4.28 45.86
C THR N 214 37.22 -3.29 46.99
N VAL N 215 37.04 -2.00 46.74
CA VAL N 215 37.39 -0.97 47.72
C VAL N 215 36.42 -0.91 48.89
N LYS N 216 35.24 -1.53 48.75
CA LYS N 216 34.18 -1.39 49.75
C LYS N 216 34.61 -1.95 51.10
N ARG N 217 35.41 -3.02 51.09
CA ARG N 217 35.93 -3.58 52.33
C ARG N 217 36.82 -2.57 53.05
N GLU N 218 37.66 -1.85 52.30
CA GLU N 218 38.49 -0.82 52.90
C GLU N 218 37.67 0.38 53.36
N ILE N 219 36.66 0.75 52.58
CA ILE N 219 35.87 1.95 52.88
C ILE N 219 35.03 1.76 54.13
N GLN N 220 34.45 0.56 54.29
CA GLN N 220 33.63 0.29 55.47
C GLN N 220 34.46 0.38 56.76
N GLU N 221 35.72 -0.06 56.71
CA GLU N 221 36.58 0.08 57.87
C GLU N 221 37.07 1.52 58.04
N ALA N 222 37.28 2.23 56.93
CA ALA N 222 37.79 3.59 56.97
C ALA N 222 36.73 4.60 57.44
N LEU N 223 35.45 4.26 57.34
CA LEU N 223 34.39 5.13 57.83
C LEU N 223 34.17 5.02 59.33
N SER N 224 35.01 4.26 60.04
CA SER N 224 34.93 4.14 61.48
C SER N 224 36.30 4.46 62.09
N GLU N 225 36.29 4.84 63.36
CA GLU N 225 37.54 5.17 64.04
C GLU N 225 38.39 3.93 64.24
N LYS N 226 39.69 4.06 63.98
CA LYS N 226 40.64 2.97 64.09
C LYS N 226 41.35 3.04 65.43
N PRO N 227 41.23 2.04 66.30
CA PRO N 227 41.90 2.03 67.60
C PRO N 227 43.31 1.45 67.54
N GLY N 273 29.15 -22.01 49.60
CA GLY N 273 28.85 -20.70 49.07
C GLY N 273 29.85 -19.65 49.49
N LYS N 274 30.38 -18.90 48.51
CA LYS N 274 31.32 -17.84 48.81
C LYS N 274 30.67 -16.72 49.60
N GLU N 275 29.45 -16.33 49.23
CA GLU N 275 28.76 -15.24 49.90
C GLU N 275 28.46 -15.58 51.35
N ALA N 276 28.06 -16.83 51.63
CA ALA N 276 27.78 -17.23 53.00
C ALA N 276 29.03 -17.16 53.87
N ALA N 277 30.17 -17.62 53.34
CA ALA N 277 31.42 -17.55 54.11
C ALA N 277 31.87 -16.11 54.32
N ALA N 278 31.72 -15.26 53.29
CA ALA N 278 32.08 -13.86 53.43
C ALA N 278 31.20 -13.17 54.49
N GLU N 279 29.90 -13.46 54.48
CA GLU N 279 29.01 -12.88 55.48
C GLU N 279 29.30 -13.42 56.87
N LEU N 280 29.69 -14.69 56.98
CA LEU N 280 30.07 -15.22 58.29
C LEU N 280 31.32 -14.53 58.83
N GLU N 281 32.31 -14.31 57.97
CA GLU N 281 33.52 -13.60 58.40
C GLU N 281 33.20 -12.16 58.79
N LEU N 282 32.36 -11.49 58.01
CA LEU N 282 31.98 -10.13 58.34
C LEU N 282 31.18 -10.07 59.63
N LEU N 283 30.34 -11.07 59.88
CA LEU N 283 29.56 -11.12 61.12
C LEU N 283 30.47 -11.34 62.33
N ASN N 284 31.48 -12.19 62.19
CA ASN N 284 32.44 -12.36 63.29
C ASN N 284 33.22 -11.08 63.56
N ALA N 285 33.64 -10.39 62.50
CA ALA N 285 34.33 -9.11 62.67
C ALA N 285 33.42 -8.08 63.34
N ASP N 286 32.14 -8.04 62.94
CA ASP N 286 31.20 -7.11 63.55
C ASP N 286 30.95 -7.45 65.02
N HIS N 287 30.91 -8.75 65.35
CA HIS N 287 30.74 -9.14 66.75
C HIS N 287 31.93 -8.69 67.59
N GLN N 288 33.15 -8.87 67.07
CA GLN N 288 34.33 -8.40 67.80
C GLN N 288 34.32 -6.88 67.96
N HIS N 289 33.93 -6.16 66.89
CA HIS N 289 33.88 -4.70 66.97
C HIS N 289 32.81 -4.24 67.95
N ILE N 290 31.67 -4.92 67.99
CA ILE N 290 30.61 -4.56 68.92
C ILE N 290 31.06 -4.77 70.36
N LEU N 291 31.72 -5.90 70.63
CA LEU N 291 32.23 -6.14 71.98
C LEU N 291 33.27 -5.10 72.38
N ARG N 292 34.19 -4.77 71.47
CA ARG N 292 35.20 -3.76 71.77
C ARG N 292 34.57 -2.39 72.02
N LYS N 293 33.59 -2.00 71.19
CA LYS N 293 32.94 -0.71 71.35
C LYS N 293 32.14 -0.64 72.64
N LEU N 294 31.50 -1.76 73.02
CA LEU N 294 30.79 -1.80 74.30
C LEU N 294 31.75 -1.66 75.47
N LYS N 295 32.93 -2.26 75.35
CA LYS N 295 33.92 -2.13 76.43
C LYS N 295 34.49 -0.71 76.50
N LYS N 296 34.71 -0.07 75.35
CA LYS N 296 35.35 1.24 75.35
C LYS N 296 34.43 2.38 75.76
N MET N 297 33.11 2.18 75.81
CA MET N 297 32.20 3.23 76.22
C MET N 297 31.68 3.02 77.64
N ASN N 298 32.39 2.24 78.45
CA ASN N 298 32.00 2.02 79.84
C ASN N 298 32.25 3.27 80.68
N ASN N 299 31.19 3.83 81.24
CA ASN N 299 31.17 4.98 82.16
C ASN N 299 31.65 6.27 81.52
N LYS N 300 31.95 6.30 80.23
CA LYS N 300 32.35 7.54 79.60
C LYS N 300 31.13 8.41 79.33
N PRO N 301 31.12 9.66 79.79
CA PRO N 301 29.93 10.51 79.61
C PRO N 301 29.79 10.99 78.18
N GLU N 302 28.58 11.45 77.87
CA GLU N 302 28.19 11.96 76.55
C GLU N 302 28.40 10.92 75.45
N ARG N 303 28.20 9.64 75.76
CA ARG N 303 28.41 8.55 74.81
C ARG N 303 27.10 7.80 74.64
N PHE N 304 26.66 7.64 73.40
CA PHE N 304 25.42 6.94 73.10
C PHE N 304 25.63 6.01 71.91
N MET N 305 24.81 4.97 71.87
CA MET N 305 24.84 3.98 70.79
C MET N 305 23.43 3.49 70.55
N VAL N 306 23.00 3.46 69.29
CA VAL N 306 21.61 3.20 68.95
C VAL N 306 21.39 1.70 68.76
N PHE N 307 20.47 1.15 69.54
CA PHE N 307 19.97 -0.21 69.37
C PHE N 307 18.79 -0.17 68.41
N GLN N 308 18.74 -1.12 67.48
CA GLN N 308 17.54 -1.37 66.70
C GLN N 308 16.98 -2.72 67.13
N LEU N 309 16.01 -2.68 68.03
CA LEU N 309 15.34 -3.85 68.58
C LEU N 309 14.09 -4.14 67.78
N PRO N 310 13.55 -5.37 67.86
CA PRO N 310 12.25 -5.64 67.24
C PRO N 310 11.15 -4.74 67.81
N THR N 311 10.23 -4.35 66.93
CA THR N 311 9.18 -3.41 67.33
C THR N 311 8.18 -4.04 68.28
N ARG N 312 8.14 -5.37 68.32
CA ARG N 312 7.29 -6.11 69.25
C ARG N 312 8.21 -7.04 70.05
N LEU N 313 8.63 -6.59 71.22
CA LEU N 313 9.43 -7.40 72.11
C LEU N 313 8.58 -8.54 72.67
N PRO N 314 9.21 -9.65 73.09
CA PRO N 314 8.46 -10.74 73.69
C PRO N 314 7.69 -10.29 74.94
N ALA N 315 6.51 -10.87 75.12
CA ALA N 315 5.61 -10.43 76.17
C ALA N 315 6.16 -10.76 77.55
N PHE N 316 6.01 -9.81 78.46
CA PHE N 316 6.36 -9.98 79.87
C PHE N 316 5.12 -9.75 80.71
N GLU N 317 4.85 -10.66 81.64
CA GLU N 317 3.64 -10.55 82.45
C GLU N 317 3.74 -9.37 83.41
N ARG N 318 2.58 -8.79 83.72
CA ARG N 318 2.52 -7.58 84.51
C ARG N 318 2.94 -7.85 85.95
N PRO N 319 3.66 -6.90 86.58
CA PRO N 319 4.11 -7.03 87.97
C PRO N 319 2.94 -7.05 88.95
N ALA N 350 1.36 -9.57 77.35
CA ALA N 350 0.76 -8.88 78.49
C ALA N 350 1.14 -7.39 78.48
N LEU N 351 2.39 -7.10 78.80
CA LEU N 351 2.87 -5.73 78.80
C LEU N 351 3.02 -5.22 77.37
N SER N 352 2.77 -3.92 77.20
CA SER N 352 2.86 -3.31 75.89
C SER N 352 4.32 -3.18 75.44
N THR N 353 4.50 -2.87 74.15
CA THR N 353 5.84 -2.74 73.60
C THR N 353 6.52 -1.46 74.08
N ARG N 354 5.75 -0.52 74.61
CA ARG N 354 6.30 0.72 75.15
C ARG N 354 6.40 0.71 76.67
N GLU N 355 5.76 -0.25 77.34
CA GLU N 355 5.66 -0.27 78.79
C GLU N 355 6.74 -1.11 79.47
N LEU N 356 7.69 -1.68 78.72
CA LEU N 356 8.73 -2.47 79.35
C LEU N 356 9.68 -1.58 80.15
N ALA N 357 9.97 -2.02 81.37
CA ALA N 357 10.89 -1.30 82.26
C ALA N 357 11.75 -2.32 82.99
N GLY N 358 12.87 -1.85 83.51
CA GLY N 358 13.79 -2.72 84.21
C GLY N 358 14.55 -3.63 83.27
N LYS N 359 15.11 -4.69 83.86
CA LYS N 359 15.89 -5.64 83.09
C LYS N 359 15.00 -6.47 82.16
N VAL N 360 15.39 -6.55 80.89
CA VAL N 360 14.62 -7.30 79.90
C VAL N 360 15.40 -8.44 79.30
N GLY N 361 16.71 -8.51 79.51
CA GLY N 361 17.51 -9.56 78.90
C GLY N 361 18.98 -9.33 79.18
N SER N 362 19.80 -9.93 78.32
CA SER N 362 21.24 -9.89 78.49
C SER N 362 21.93 -9.95 77.14
N ILE N 363 23.18 -9.49 77.11
CA ILE N 363 24.07 -9.66 75.97
C ILE N 363 25.17 -10.62 76.38
N ARG N 364 25.25 -11.76 75.71
CA ARG N 364 26.11 -12.86 76.10
C ARG N 364 27.21 -13.05 75.07
N VAL N 365 28.44 -13.23 75.55
CA VAL N 365 29.61 -13.45 74.72
C VAL N 365 30.08 -14.87 74.92
N HIS N 366 30.28 -15.60 73.83
CA HIS N 366 30.74 -16.97 73.87
C HIS N 366 32.26 -17.03 73.70
N LYS N 367 32.81 -18.23 73.79
CA LYS N 367 34.26 -18.38 73.69
C LYS N 367 34.75 -18.14 72.27
N SER N 368 33.90 -18.39 71.28
CA SER N 368 34.31 -18.19 69.89
C SER N 368 34.35 -16.72 69.51
N GLY N 369 33.82 -15.85 70.35
CA GLY N 369 33.77 -14.43 70.06
C GLY N 369 32.43 -13.93 69.56
N LYS N 370 31.50 -14.83 69.25
CA LYS N 370 30.18 -14.41 68.80
C LYS N 370 29.37 -13.86 69.96
N LEU N 371 28.43 -12.98 69.65
CA LEU N 371 27.57 -12.35 70.64
C LEU N 371 26.12 -12.71 70.37
N SER N 372 25.34 -12.91 71.43
CA SER N 372 23.93 -13.23 71.31
C SER N 372 23.13 -12.44 72.32
N VAL N 373 22.01 -11.86 71.90
CA VAL N 373 21.18 -11.05 72.78
C VAL N 373 19.98 -11.90 73.19
N LYS N 374 19.90 -12.26 74.46
CA LYS N 374 18.81 -13.06 74.97
C LYS N 374 17.78 -12.15 75.63
N ILE N 375 16.60 -12.04 75.01
CA ILE N 375 15.50 -11.26 75.54
C ILE N 375 14.41 -12.22 76.00
N GLY N 376 14.05 -12.13 77.28
CA GLY N 376 13.08 -13.06 77.83
C GLY N 376 13.56 -14.49 77.75
N ASN N 377 12.97 -15.29 76.85
CA ASN N 377 13.41 -16.65 76.61
C ASN N 377 13.90 -16.88 75.19
N VAL N 378 14.02 -15.83 74.37
CA VAL N 378 14.40 -15.99 72.97
C VAL N 378 15.79 -15.42 72.75
N VAL N 379 16.57 -16.11 71.93
CA VAL N 379 17.93 -15.70 71.58
C VAL N 379 17.91 -15.03 70.22
N MET N 380 18.61 -13.91 70.09
CA MET N 380 18.62 -13.10 68.88
C MET N 380 20.07 -12.83 68.48
N ASP N 381 20.27 -12.69 67.18
CA ASP N 381 21.57 -12.35 66.63
C ASP N 381 21.77 -10.83 66.68
N ILE N 382 23.03 -10.40 66.59
CA ILE N 382 23.39 -9.00 66.71
C ILE N 382 24.35 -8.63 65.59
N GLY N 383 24.12 -7.48 64.96
CA GLY N 383 24.96 -7.02 63.87
C GLY N 383 25.29 -5.55 64.03
N LYS N 384 26.29 -5.11 63.26
CA LYS N 384 26.78 -3.75 63.34
C LYS N 384 25.94 -2.76 62.53
N GLY N 385 25.04 -3.24 61.68
CA GLY N 385 24.17 -2.34 60.96
C GLY N 385 24.87 -1.49 59.92
N ALA N 386 24.17 -0.49 59.39
CA ALA N 386 24.75 0.40 58.38
C ALA N 386 25.77 1.34 59.01
N GLU N 387 26.77 1.72 58.22
CA GLU N 387 27.80 2.66 58.63
C GLU N 387 27.37 4.06 58.23
N THR N 388 27.43 5.00 59.18
CA THR N 388 26.98 6.37 58.97
C THR N 388 28.18 7.31 59.01
N THR N 389 28.33 8.12 57.96
CA THR N 389 29.41 9.10 57.93
C THR N 389 28.99 10.42 58.56
N PHE N 390 27.69 10.66 58.68
CA PHE N 390 27.20 11.94 59.19
C PHE N 390 27.18 11.94 60.71
N LEU N 391 26.97 13.13 61.28
CA LEU N 391 27.01 13.31 62.72
C LEU N 391 25.62 13.10 63.31
N GLN N 392 25.58 12.44 64.47
CA GLN N 392 24.35 12.19 65.20
C GLN N 392 24.52 12.63 66.64
N ASP N 393 23.49 13.26 67.19
CA ASP N 393 23.49 13.66 68.59
C ASP N 393 22.13 13.40 69.21
N VAL N 394 22.13 13.05 70.49
CA VAL N 394 20.91 12.73 71.22
C VAL N 394 20.42 13.99 71.92
N ILE N 395 19.14 14.31 71.72
CA ILE N 395 18.54 15.53 72.24
C ILE N 395 17.35 15.14 73.12
N ALA N 396 17.34 15.64 74.34
CA ALA N 396 16.21 15.49 75.23
C ALA N 396 15.34 16.74 75.17
N LEU N 397 14.05 16.54 74.91
CA LEU N 397 13.11 17.63 74.67
C LEU N 397 12.09 17.70 75.80
N SER N 398 11.88 18.89 76.33
CA SER N 398 10.88 19.14 77.36
C SER N 398 10.05 20.34 76.94
N ILE N 399 8.79 20.10 76.58
CA ILE N 399 7.87 21.14 76.15
C ILE N 399 7.05 21.55 77.36
N ALA N 400 7.29 22.77 77.86
CA ALA N 400 6.58 23.30 79.01
C ALA N 400 6.19 24.75 78.72
N ASP N 401 5.06 25.17 79.29
CA ASP N 401 4.59 26.54 79.07
C ASP N 401 5.50 27.54 79.78
N ASP N 402 5.97 27.20 80.98
CA ASP N 402 6.82 28.12 81.73
C ASP N 402 8.19 28.27 81.07
N ALA N 403 8.82 27.15 80.72
CA ALA N 403 10.13 27.17 80.10
C ALA N 403 10.33 25.88 79.33
N SER N 404 10.49 25.99 78.01
CA SER N 404 10.71 24.84 77.14
C SER N 404 12.20 24.74 76.84
N SER N 405 12.79 23.59 77.16
CA SER N 405 14.23 23.40 77.07
C SER N 405 14.54 22.18 76.22
N ALA N 406 15.46 22.35 75.27
CA ALA N 406 16.02 21.24 74.49
C ALA N 406 17.46 21.04 74.93
N GLU N 407 17.78 19.84 75.39
CA GLU N 407 19.05 19.56 76.05
C GLU N 407 19.85 18.56 75.23
N LEU N 408 21.15 18.81 75.11
CA LEU N 408 22.06 17.88 74.45
C LEU N 408 22.69 16.94 75.46
N LEU N 409 22.57 15.64 75.21
CA LEU N 409 23.07 14.62 76.11
C LEU N 409 24.36 13.95 75.64
N GLY N 410 24.68 14.03 74.37
CA GLY N 410 25.86 13.38 73.84
C GLY N 410 25.68 13.10 72.36
N ARG N 411 26.63 12.37 71.81
CA ARG N 411 26.57 12.00 70.40
C ARG N 411 26.54 10.48 70.26
N VAL N 412 25.98 10.03 69.14
CA VAL N 412 25.81 8.61 68.86
C VAL N 412 27.09 8.09 68.23
N ASP N 413 27.66 7.05 68.82
CA ASP N 413 28.85 6.39 68.30
C ASP N 413 28.46 5.00 67.82
N GLY N 414 28.01 4.92 66.58
CA GLY N 414 27.68 3.64 65.96
C GLY N 414 26.27 3.18 66.26
N LYS N 415 25.86 2.14 65.53
CA LYS N 415 24.56 1.52 65.66
C LYS N 415 24.75 0.01 65.74
N ILE N 416 23.86 -0.67 66.46
CA ILE N 416 23.82 -2.13 66.44
C ILE N 416 22.36 -2.56 66.29
N VAL N 417 22.15 -3.67 65.60
CA VAL N 417 20.81 -4.16 65.26
C VAL N 417 20.66 -5.56 65.85
N VAL N 418 19.56 -5.77 66.57
CA VAL N 418 19.25 -7.06 67.18
C VAL N 418 18.11 -7.70 66.41
N THR N 419 18.34 -8.87 65.84
CA THR N 419 17.40 -9.51 64.94
C THR N 419 17.04 -10.90 65.45
N PRO N 420 15.76 -11.26 65.42
CA PRO N 420 15.37 -12.63 65.79
C PRO N 420 16.00 -13.65 64.85
N GLN N 421 16.42 -14.78 65.42
CA GLN N 421 17.01 -15.86 64.64
C GLN N 421 15.89 -16.82 64.22
N ILE N 422 16.03 -17.40 63.04
CA ILE N 422 15.00 -18.29 62.52
C ILE N 422 15.62 -19.64 62.17
N LYS O 24 -40.31 34.09 -7.13
CA LYS O 24 -40.27 32.64 -7.29
C LYS O 24 -38.84 32.15 -7.46
N LEU O 25 -38.67 30.84 -7.58
CA LEU O 25 -37.35 30.26 -7.79
C LEU O 25 -36.85 30.57 -9.20
N VAL O 26 -35.55 30.85 -9.29
CA VAL O 26 -34.88 31.05 -10.58
C VAL O 26 -33.94 29.89 -10.81
N THR O 27 -33.99 29.32 -12.01
CA THR O 27 -33.16 28.18 -12.34
C THR O 27 -31.74 28.63 -12.64
N PRO O 28 -30.76 27.73 -12.51
CA PRO O 28 -29.40 28.05 -12.99
C PRO O 28 -29.35 28.34 -14.48
N GLU O 29 -30.28 27.79 -15.25
CA GLU O 29 -30.41 28.16 -16.66
C GLU O 29 -30.71 29.65 -16.81
N ASP O 30 -31.67 30.15 -16.04
CA ASP O 30 -32.01 31.57 -16.11
C ASP O 30 -30.87 32.44 -15.59
N VAL O 31 -30.18 31.99 -14.55
CA VAL O 31 -29.04 32.74 -14.02
C VAL O 31 -27.93 32.83 -15.06
N MET O 32 -27.62 31.72 -15.73
CA MET O 32 -26.58 31.73 -16.75
C MET O 32 -27.01 32.49 -17.99
N THR O 33 -28.32 32.61 -18.24
CA THR O 33 -28.79 33.29 -19.44
C THR O 33 -28.90 34.79 -19.24
N ILE O 34 -29.70 35.24 -18.27
CA ILE O 34 -30.06 36.64 -18.18
C ILE O 34 -29.14 37.47 -17.30
N SER O 35 -28.27 36.84 -16.52
CA SER O 35 -27.36 37.58 -15.65
C SER O 35 -25.95 37.54 -16.23
N SER O 36 -25.03 38.20 -15.54
CA SER O 36 -23.64 38.34 -15.97
C SER O 36 -22.71 37.43 -15.20
N LEU O 37 -23.14 36.21 -14.88
CA LEU O 37 -22.31 35.31 -14.09
C LEU O 37 -21.11 34.81 -14.89
N GLU O 38 -21.30 34.59 -16.19
CA GLU O 38 -20.19 34.11 -17.02
C GLU O 38 -19.11 35.18 -17.17
N GLN O 39 -19.48 36.45 -17.19
CA GLN O 39 -18.52 37.53 -17.33
C GLN O 39 -17.86 37.93 -16.02
N ARG O 40 -18.37 37.45 -14.89
CA ARG O 40 -17.77 37.79 -13.59
C ARG O 40 -16.45 37.06 -13.35
N THR O 41 -16.13 36.05 -14.14
CA THR O 41 -14.92 35.28 -13.97
C THR O 41 -13.78 35.73 -14.89
N LEU O 42 -13.93 36.88 -15.54
CA LEU O 42 -12.94 37.41 -16.45
C LEU O 42 -12.17 38.56 -15.79
N ASN O 43 -10.87 38.61 -16.05
CA ASN O 43 -10.06 39.70 -15.53
C ASN O 43 -10.49 41.01 -16.19
N PRO O 44 -10.71 42.08 -15.43
CA PRO O 44 -11.22 43.33 -16.02
C PRO O 44 -10.31 43.95 -17.07
N ASP O 45 -8.99 43.84 -16.90
CA ASP O 45 -8.08 44.38 -17.91
C ASP O 45 -8.24 43.64 -19.24
N LEU O 46 -8.16 42.32 -19.20
CA LEU O 46 -8.29 41.51 -20.41
C LEU O 46 -9.66 41.67 -21.04
N PHE O 47 -10.71 41.65 -20.21
CA PHE O 47 -12.08 41.75 -20.72
C PHE O 47 -12.31 43.11 -21.38
N LEU O 48 -11.84 44.19 -20.73
CA LEU O 48 -12.01 45.53 -21.30
C LEU O 48 -11.22 45.70 -22.58
N TYR O 49 -9.95 45.29 -22.60
CA TYR O 49 -9.13 45.48 -23.79
C TYR O 49 -9.64 44.65 -24.96
N LYS O 50 -10.01 43.39 -24.71
CA LYS O 50 -10.57 42.55 -25.75
C LYS O 50 -11.90 43.08 -26.26
N GLU O 51 -12.77 43.57 -25.38
CA GLU O 51 -14.04 44.12 -25.82
C GLU O 51 -13.85 45.37 -26.67
N LEU O 52 -12.95 46.26 -26.27
CA LEU O 52 -12.72 47.48 -27.05
C LEU O 52 -12.14 47.15 -28.41
N VAL O 53 -11.15 46.25 -28.46
CA VAL O 53 -10.53 45.90 -29.74
C VAL O 53 -11.52 45.16 -30.63
N LYS O 54 -12.35 44.30 -30.06
CA LYS O 54 -13.34 43.58 -30.86
C LYS O 54 -14.45 44.52 -31.35
N ALA O 55 -14.73 45.57 -30.58
CA ALA O 55 -15.76 46.53 -31.02
C ALA O 55 -15.24 47.41 -32.15
N HIS O 56 -14.00 47.89 -32.05
CA HIS O 56 -13.48 48.81 -33.05
C HIS O 56 -12.81 48.06 -34.21
N LEU O 57 -11.81 47.25 -33.91
CA LEU O 57 -11.22 46.37 -34.91
C LEU O 57 -11.97 45.04 -34.91
N GLY O 58 -11.41 44.03 -35.58
CA GLY O 58 -12.09 42.77 -35.73
C GLY O 58 -11.76 41.77 -34.63
N GLU O 59 -12.22 40.54 -34.85
CA GLU O 59 -12.01 39.47 -33.87
C GLU O 59 -10.59 38.93 -33.90
N ARG O 60 -9.92 39.03 -35.05
CA ARG O 60 -8.52 38.62 -35.14
C ARG O 60 -7.62 39.49 -34.25
N ALA O 61 -7.79 40.81 -34.34
CA ALA O 61 -7.04 41.71 -33.48
C ALA O 61 -7.43 41.51 -32.02
N ALA O 62 -8.70 41.21 -31.76
CA ALA O 62 -9.12 40.89 -30.39
C ALA O 62 -8.44 39.66 -29.85
N SER O 63 -8.30 38.62 -30.68
CA SER O 63 -7.59 37.41 -30.27
C SER O 63 -6.12 37.70 -29.99
N VAL O 64 -5.48 38.48 -30.85
CA VAL O 64 -4.07 38.79 -30.65
C VAL O 64 -3.85 39.61 -29.39
N ILE O 65 -4.69 40.63 -29.17
CA ILE O 65 -4.58 41.46 -27.97
C ILE O 65 -4.86 40.64 -26.72
N GLY O 66 -5.89 39.78 -26.77
CA GLY O 66 -6.18 38.95 -25.61
C GLY O 66 -5.06 37.98 -25.29
N MET O 67 -4.44 37.41 -26.31
CA MET O 67 -3.34 36.47 -26.07
C MET O 67 -2.13 37.21 -25.52
N LEU O 68 -1.87 38.42 -26.00
CA LEU O 68 -0.75 39.21 -25.49
C LEU O 68 -1.01 39.65 -24.05
N VAL O 69 -2.25 39.95 -23.70
CA VAL O 69 -2.58 40.31 -22.32
C VAL O 69 -2.44 39.08 -21.42
N ALA O 70 -2.88 37.92 -21.90
CA ALA O 70 -2.87 36.72 -21.07
C ALA O 70 -1.46 36.18 -20.85
N LEU O 71 -0.60 36.24 -21.87
CA LEU O 71 0.71 35.61 -21.78
C LEU O 71 1.86 36.60 -21.76
N GLY O 72 1.60 37.90 -21.71
CA GLY O 72 2.68 38.87 -21.75
C GLY O 72 3.23 39.05 -23.15
N ARG O 73 4.51 39.38 -23.28
CA ARG O 73 5.11 39.58 -24.58
C ARG O 73 5.24 38.25 -25.32
N LEU O 74 5.04 38.30 -26.63
CA LEU O 74 5.07 37.11 -27.47
C LEU O 74 5.66 37.46 -28.82
N SER O 75 6.19 36.45 -29.49
CA SER O 75 6.69 36.59 -30.84
C SER O 75 5.59 36.27 -31.85
N VAL O 76 5.92 36.43 -33.14
CA VAL O 76 4.98 36.05 -34.19
C VAL O 76 4.80 34.54 -34.20
N ARG O 77 5.89 33.79 -34.06
CA ARG O 77 5.81 32.34 -34.02
C ARG O 77 5.01 31.84 -32.82
N GLU O 78 5.22 32.46 -31.66
CA GLU O 78 4.46 32.08 -30.47
C GLU O 78 2.99 32.41 -30.61
N LEU O 79 2.66 33.55 -31.23
CA LEU O 79 1.28 33.91 -31.45
C LEU O 79 0.62 32.96 -32.44
N VAL O 80 1.37 32.50 -33.44
CA VAL O 80 0.85 31.50 -34.37
C VAL O 80 0.59 30.18 -33.67
N GLU O 81 1.54 29.74 -32.85
CA GLU O 81 1.41 28.44 -32.18
C GLU O 81 0.45 28.46 -31.00
N LYS O 82 0.05 29.65 -30.52
CA LYS O 82 -0.86 29.71 -29.39
C LYS O 82 -2.31 29.95 -29.79
N ILE O 83 -2.54 30.58 -30.94
CA ILE O 83 -3.89 30.87 -31.42
C ILE O 83 -4.22 29.90 -32.54
N ASP O 84 -5.34 29.19 -32.40
CA ASP O 84 -5.76 28.25 -33.43
C ASP O 84 -6.57 28.97 -34.50
N GLY O 85 -6.27 28.67 -35.76
CA GLY O 85 -6.96 29.27 -36.88
C GLY O 85 -6.28 30.48 -37.49
N MET O 86 -5.05 30.80 -37.09
CA MET O 86 -4.30 31.90 -37.65
C MET O 86 -2.91 31.43 -38.05
N ASP O 87 -2.49 31.80 -39.25
CA ASP O 87 -1.17 31.48 -39.76
C ASP O 87 -0.27 32.72 -39.67
N VAL O 88 0.94 32.61 -40.21
CA VAL O 88 1.95 33.65 -40.03
C VAL O 88 1.52 34.95 -40.73
N ASP O 89 1.00 34.84 -41.95
CA ASP O 89 0.62 36.04 -42.70
C ASP O 89 -0.55 36.77 -42.04
N SER O 90 -1.54 36.01 -41.54
CA SER O 90 -2.67 36.62 -40.84
C SER O 90 -2.23 37.34 -39.58
N VAL O 91 -1.34 36.71 -38.80
CA VAL O 91 -0.85 37.32 -37.57
C VAL O 91 -0.04 38.58 -37.89
N LYS O 92 0.78 38.53 -38.95
CA LYS O 92 1.53 39.71 -39.35
C LYS O 92 0.62 40.84 -39.79
N THR O 93 -0.44 40.51 -40.54
CA THR O 93 -1.37 41.55 -41.00
C THR O 93 -2.10 42.20 -39.84
N THR O 94 -2.59 41.39 -38.89
CA THR O 94 -3.30 41.98 -37.76
C THR O 94 -2.35 42.70 -36.82
N LEU O 95 -1.08 42.29 -36.75
CA LEU O 95 -0.10 43.04 -35.99
C LEU O 95 0.20 44.38 -36.63
N VAL O 96 0.22 44.44 -37.97
CA VAL O 96 0.37 45.71 -38.66
C VAL O 96 -0.82 46.62 -38.34
N SER O 97 -2.03 46.05 -38.39
CA SER O 97 -3.24 46.83 -38.12
C SER O 97 -3.25 47.37 -36.69
N LEU O 98 -2.81 46.55 -35.73
CA LEU O 98 -2.75 47.01 -34.35
C LEU O 98 -1.64 48.02 -34.13
N THR O 99 -0.49 47.85 -34.80
CA THR O 99 0.64 48.74 -34.62
C THR O 99 0.37 50.12 -35.20
N GLN O 100 -0.37 50.17 -36.31
CA GLN O 100 -0.70 51.46 -36.91
C GLN O 100 -1.59 52.29 -35.99
N LEU O 101 -2.55 51.65 -35.33
CA LEU O 101 -3.38 52.31 -34.34
C LEU O 101 -2.74 52.37 -32.96
N ARG O 102 -1.46 51.97 -32.86
CA ARG O 102 -0.65 52.09 -31.65
C ARG O 102 -1.24 51.28 -30.49
N CYS O 103 -1.78 50.10 -30.80
CA CYS O 103 -2.30 49.19 -29.80
C CYS O 103 -1.30 48.11 -29.40
N VAL O 104 -0.15 48.01 -30.09
CA VAL O 104 0.87 47.02 -29.81
C VAL O 104 2.23 47.71 -29.79
N LYS O 105 2.95 47.56 -28.68
CA LYS O 105 4.36 47.93 -28.60
C LYS O 105 5.23 46.76 -29.00
N TYR O 106 6.47 47.06 -29.41
CA TYR O 106 7.37 46.01 -29.84
C TYR O 106 8.78 46.33 -29.37
N LEU O 107 9.60 45.29 -29.28
CA LEU O 107 11.00 45.40 -28.93
C LEU O 107 11.80 44.36 -29.70
N GLN O 108 12.83 44.82 -30.41
CA GLN O 108 13.71 43.94 -31.16
C GLN O 108 14.95 43.66 -30.33
N GLU O 109 15.20 42.38 -30.03
CA GLU O 109 16.33 42.01 -29.20
C GLU O 109 17.12 40.89 -29.86
N THR O 110 18.43 40.91 -29.65
CA THR O 110 19.35 39.94 -30.24
C THR O 110 19.87 39.01 -29.16
N ALA O 111 19.81 37.72 -29.43
CA ALA O 111 20.34 36.73 -28.50
C ALA O 111 21.87 36.68 -28.58
N ILE O 112 22.47 35.93 -27.65
CA ILE O 112 23.92 35.77 -27.64
C ILE O 112 24.37 35.00 -28.88
N SER O 113 23.58 34.03 -29.32
CA SER O 113 23.90 33.25 -30.51
C SER O 113 23.79 34.05 -31.80
N GLY O 114 23.21 35.25 -31.77
CA GLY O 114 23.10 36.09 -32.93
C GLY O 114 21.71 36.17 -33.54
N LYS O 115 20.77 35.34 -33.08
CA LYS O 115 19.42 35.38 -33.60
C LYS O 115 18.70 36.64 -33.10
N LYS O 116 18.01 37.31 -34.03
CA LYS O 116 17.25 38.52 -33.72
C LYS O 116 15.77 38.18 -33.69
N THR O 117 15.10 38.60 -32.61
CA THR O 117 13.69 38.29 -32.42
C THR O 117 12.95 39.55 -31.98
N THR O 118 11.77 39.75 -32.56
CA THR O 118 10.90 40.86 -32.20
C THR O 118 9.81 40.35 -31.27
N TYR O 119 9.68 40.98 -30.10
CA TYR O 119 8.69 40.62 -29.10
C TYR O 119 7.65 41.72 -29.01
N TYR O 120 6.39 41.36 -29.16
CA TYR O 120 5.30 42.32 -29.18
C TYR O 120 4.61 42.37 -27.82
N TYR O 121 4.40 43.58 -27.33
CA TYR O 121 3.73 43.82 -26.05
C TYR O 121 2.34 44.39 -26.31
N TYR O 122 1.69 44.80 -25.24
CA TYR O 122 0.49 45.62 -25.33
C TYR O 122 0.70 46.90 -24.54
N ASN O 123 0.20 48.01 -25.06
CA ASN O 123 0.26 49.29 -24.37
C ASN O 123 -1.15 49.78 -24.11
N GLU O 124 -1.39 50.28 -22.90
CA GLU O 124 -2.70 50.83 -22.56
C GLU O 124 -2.99 52.14 -23.28
N GLU O 125 -1.97 52.76 -23.90
CA GLU O 125 -2.16 54.07 -24.54
C GLU O 125 -3.15 53.98 -25.70
N GLY O 126 -2.93 53.03 -26.61
CA GLY O 126 -3.81 52.92 -27.76
C GLY O 126 -5.21 52.46 -27.40
N ILE O 127 -5.32 51.53 -26.45
CA ILE O 127 -6.63 51.06 -26.04
C ILE O 127 -7.40 52.16 -25.33
N HIS O 128 -6.70 52.99 -24.55
CA HIS O 128 -7.36 54.13 -23.92
C HIS O 128 -7.73 55.19 -24.95
N ILE O 129 -6.94 55.32 -26.02
CA ILE O 129 -7.29 56.21 -27.13
C ILE O 129 -8.59 55.75 -27.78
N LEU O 130 -8.73 54.44 -27.98
CA LEU O 130 -9.99 53.89 -28.48
C LEU O 130 -11.12 54.13 -27.49
N LEU O 131 -10.84 54.01 -26.19
CA LEU O 131 -11.85 54.16 -25.16
C LEU O 131 -12.25 55.62 -24.94
N TYR O 132 -11.32 56.56 -25.10
CA TYR O 132 -11.55 57.96 -24.82
C TYR O 132 -11.82 58.79 -26.07
N SER O 133 -12.12 58.14 -27.19
CA SER O 133 -12.04 58.80 -28.50
C SER O 133 -13.01 59.97 -28.62
N GLY O 134 -14.29 59.75 -28.32
CA GLY O 134 -15.25 60.83 -28.38
C GLY O 134 -15.00 61.90 -27.34
N LEU O 135 -14.57 61.49 -26.14
CA LEU O 135 -14.16 62.44 -25.12
C LEU O 135 -12.97 63.27 -25.59
N ILE O 136 -12.02 62.63 -26.28
CA ILE O 136 -10.88 63.35 -26.84
C ILE O 136 -11.34 64.38 -27.86
N ILE O 137 -12.25 63.98 -28.75
CA ILE O 137 -12.74 64.90 -29.79
C ILE O 137 -13.46 66.08 -29.14
N ASP O 138 -14.29 65.81 -28.13
CA ASP O 138 -15.00 66.89 -27.44
C ASP O 138 -14.04 67.82 -26.71
N GLU O 139 -12.99 67.27 -26.09
CA GLU O 139 -12.01 68.10 -25.39
C GLU O 139 -11.23 68.96 -26.37
N ILE O 140 -10.87 68.39 -27.53
CA ILE O 140 -10.18 69.17 -28.57
C ILE O 140 -11.07 70.31 -29.05
N ILE O 141 -12.36 70.01 -29.29
CA ILE O 141 -13.28 71.01 -29.81
C ILE O 141 -13.49 72.14 -28.80
N THR O 142 -13.65 71.78 -27.52
CA THR O 142 -13.91 72.78 -26.50
C THR O 142 -12.68 73.58 -26.10
N GLN O 143 -11.49 72.97 -26.14
CA GLN O 143 -10.32 73.58 -25.50
C GLN O 143 -9.77 74.78 -26.25
N MET O 144 -9.78 74.77 -27.59
CA MET O 144 -9.13 75.81 -28.37
C MET O 144 -10.05 77.00 -28.66
N ARG O 145 -11.23 77.05 -28.04
CA ARG O 145 -12.16 78.18 -28.14
C ARG O 145 -12.60 78.43 -29.57
N VAL O 146 -12.99 77.35 -30.26
CA VAL O 146 -13.58 77.48 -31.60
C VAL O 146 -15.09 77.41 -31.47
N ASN O 147 -15.59 77.71 -30.26
CA ASN O 147 -17.03 77.65 -29.99
C ASN O 147 -17.81 78.75 -30.68
N ASP O 148 -17.12 79.73 -31.29
CA ASP O 148 -17.81 80.91 -31.82
C ASP O 148 -18.62 80.56 -33.06
N GLU O 149 -18.08 79.74 -33.96
CA GLU O 149 -18.69 79.50 -35.26
C GLU O 149 -18.59 78.02 -35.64
N GLU O 150 -18.80 77.74 -36.94
CA GLU O 150 -19.18 76.39 -37.35
C GLU O 150 -18.10 75.70 -38.19
N GLU O 151 -17.45 76.43 -39.10
CA GLU O 151 -16.55 75.76 -40.03
C GLU O 151 -15.31 75.19 -39.33
N HIS O 152 -14.78 75.91 -38.33
CA HIS O 152 -13.65 75.33 -37.61
C HIS O 152 -14.09 74.18 -36.71
N LYS O 153 -15.35 74.20 -36.24
CA LYS O 153 -15.92 73.00 -35.62
C LYS O 153 -15.88 71.81 -36.56
N GLN O 154 -16.20 72.00 -37.84
CA GLN O 154 -16.14 70.88 -38.78
C GLN O 154 -14.70 70.42 -39.01
N LEU O 155 -13.79 71.36 -39.30
CA LEU O 155 -12.43 70.98 -39.66
C LEU O 155 -11.67 70.34 -38.50
N VAL O 156 -11.78 70.92 -37.29
CA VAL O 156 -11.08 70.34 -36.13
C VAL O 156 -11.59 68.94 -35.85
N ALA O 157 -12.92 68.76 -35.88
CA ALA O 157 -13.49 67.46 -35.62
C ALA O 157 -13.03 66.43 -36.65
N GLU O 158 -13.02 66.80 -37.94
CA GLU O 158 -12.64 65.83 -38.95
C GLU O 158 -11.16 65.49 -38.88
N ILE O 159 -10.29 66.48 -38.61
CA ILE O 159 -8.86 66.18 -38.57
C ILE O 159 -8.52 65.33 -37.35
N VAL O 160 -9.14 65.62 -36.19
CA VAL O 160 -8.85 64.83 -35.00
C VAL O 160 -9.41 63.42 -35.13
N GLN O 161 -10.62 63.30 -35.71
CA GLN O 161 -11.19 61.98 -35.94
C GLN O 161 -10.33 61.16 -36.89
N ASN O 162 -9.81 61.78 -37.94
CA ASN O 162 -8.94 61.06 -38.86
C ASN O 162 -7.62 60.66 -38.20
N VAL O 163 -7.06 61.53 -37.37
CA VAL O 163 -5.81 61.22 -36.67
C VAL O 163 -6.01 60.05 -35.72
N ILE O 164 -7.11 60.04 -34.98
CA ILE O 164 -7.35 58.95 -34.05
C ILE O 164 -7.67 57.65 -34.78
N SER O 165 -8.44 57.74 -35.88
CA SER O 165 -8.85 56.54 -36.59
C SER O 165 -7.67 55.89 -37.32
N LEU O 166 -6.81 56.69 -37.94
CA LEU O 166 -5.68 56.16 -38.69
C LEU O 166 -4.44 55.98 -37.83
N GLY O 167 -4.50 56.31 -36.54
CA GLY O 167 -3.35 56.18 -35.66
C GLY O 167 -2.38 57.33 -35.80
N SER O 168 -1.70 57.41 -36.94
CA SER O 168 -0.78 58.49 -37.22
C SER O 168 -0.81 58.79 -38.71
N LEU O 169 -0.88 60.07 -39.06
CA LEU O 169 -0.94 60.47 -40.45
C LEU O 169 -0.01 61.66 -40.68
N THR O 170 0.50 61.76 -41.90
CA THR O 170 1.31 62.90 -42.31
C THR O 170 0.42 63.98 -42.90
N VAL O 171 0.87 65.23 -42.76
CA VAL O 171 0.07 66.38 -43.20
C VAL O 171 -0.03 66.44 -44.71
N GLU O 172 1.05 66.08 -45.42
CA GLU O 172 1.01 66.12 -46.88
C GLU O 172 0.01 65.11 -47.44
N ASP O 173 -0.05 63.92 -46.85
CA ASP O 173 -0.99 62.91 -47.31
C ASP O 173 -2.42 63.31 -46.99
N TYR O 174 -2.63 64.02 -45.88
CA TYR O 174 -3.96 64.54 -45.57
C TYR O 174 -4.38 65.62 -46.56
N LEU O 175 -3.45 66.54 -46.88
CA LEU O 175 -3.77 67.65 -47.77
C LEU O 175 -3.83 67.24 -49.23
N SER O 176 -3.31 66.06 -49.58
CA SER O 176 -3.42 65.57 -50.95
C SER O 176 -4.87 65.31 -51.36
N SER O 177 -5.76 65.10 -50.41
CA SER O 177 -7.17 64.84 -50.71
C SER O 177 -8.02 66.10 -50.75
N VAL O 178 -7.41 67.28 -50.59
CA VAL O 178 -8.12 68.55 -50.60
C VAL O 178 -7.68 69.35 -51.82
N THR O 179 -8.64 69.92 -52.55
CA THR O 179 -8.35 70.65 -53.77
C THR O 179 -8.44 72.16 -53.63
N SER O 180 -9.08 72.67 -52.58
CA SER O 180 -9.20 74.11 -52.40
C SER O 180 -7.99 74.66 -51.67
N ASP O 181 -7.39 75.73 -52.23
CA ASP O 181 -6.19 76.31 -51.65
C ASP O 181 -6.47 76.96 -50.29
N SER O 182 -7.58 77.68 -50.18
CA SER O 182 -7.95 78.31 -48.92
C SER O 182 -8.25 77.26 -47.85
N MET O 183 -8.94 76.19 -48.25
CA MET O 183 -9.21 75.10 -47.31
C MET O 183 -7.92 74.43 -46.84
N LYS O 184 -6.97 74.25 -47.77
CA LYS O 184 -5.68 73.69 -47.40
C LYS O 184 -4.94 74.60 -46.43
N TYR O 185 -4.99 75.91 -46.66
CA TYR O 185 -4.33 76.86 -45.77
C TYR O 185 -4.96 76.84 -44.37
N THR O 186 -6.29 76.77 -44.30
CA THR O 186 -6.96 76.71 -43.01
C THR O 186 -6.64 75.40 -42.28
N ILE O 187 -6.59 74.29 -43.01
CA ILE O 187 -6.24 73.00 -42.41
C ILE O 187 -4.81 73.04 -41.87
N SER O 188 -3.88 73.61 -42.64
CA SER O 188 -2.50 73.73 -42.18
C SER O 188 -2.40 74.60 -40.94
N SER O 189 -3.12 75.73 -40.92
CA SER O 189 -3.12 76.60 -39.74
C SER O 189 -3.69 75.89 -38.53
N LEU O 190 -4.73 75.09 -38.73
CA LEU O 190 -5.33 74.36 -37.61
C LEU O 190 -4.40 73.28 -37.10
N PHE O 191 -3.66 72.62 -38.00
CA PHE O 191 -2.66 71.65 -37.59
C PHE O 191 -1.56 72.31 -36.77
N VAL O 192 -1.12 73.51 -37.19
CA VAL O 192 -0.14 74.26 -36.43
C VAL O 192 -0.69 74.62 -35.05
N GLN O 193 -1.95 75.04 -34.99
CA GLN O 193 -2.56 75.40 -33.71
C GLN O 193 -2.65 74.21 -32.77
N LEU O 194 -2.98 73.03 -33.31
CA LEU O 194 -2.98 71.81 -32.50
C LEU O 194 -1.57 71.46 -32.02
N CYS O 195 -0.57 71.61 -32.89
CA CYS O 195 0.80 71.24 -32.50
C CYS O 195 1.37 72.20 -31.46
N GLU O 196 0.98 73.48 -31.50
CA GLU O 196 1.51 74.45 -30.55
C GLU O 196 1.10 74.12 -29.12
N MET O 197 -0.15 73.73 -28.92
CA MET O 197 -0.69 73.55 -27.58
C MET O 197 -0.59 72.11 -27.08
N GLY O 198 0.19 71.27 -27.76
CA GLY O 198 0.61 70.00 -27.21
C GLY O 198 -0.31 68.82 -27.47
N TYR O 199 -1.44 69.02 -28.14
CA TYR O 199 -2.37 67.92 -28.35
C TYR O 199 -1.92 66.95 -29.42
N LEU O 200 -1.23 67.43 -30.45
CA LEU O 200 -0.63 66.58 -31.46
C LEU O 200 0.88 66.64 -31.34
N ILE O 201 1.52 65.47 -31.28
CA ILE O 201 2.96 65.38 -31.14
C ILE O 201 3.52 64.54 -32.29
N GLN O 202 4.84 64.39 -32.31
CA GLN O 202 5.51 63.58 -33.32
C GLN O 202 5.63 62.15 -32.84
N ILE O 203 5.14 61.22 -33.64
CA ILE O 203 5.25 59.80 -33.32
C ILE O 203 6.64 59.32 -33.71
N SER O 204 7.18 58.39 -32.92
CA SER O 204 8.51 57.85 -33.14
C SER O 204 8.58 56.46 -32.52
N LYS O 205 9.79 55.89 -32.51
CA LYS O 205 9.96 54.58 -31.89
C LYS O 205 9.91 54.64 -30.37
N LEU O 206 9.97 55.84 -29.79
CA LEU O 206 9.82 55.96 -28.34
C LEU O 206 8.43 55.55 -27.90
N HIS O 207 7.41 55.91 -28.68
CA HIS O 207 6.04 55.53 -28.37
C HIS O 207 5.76 54.06 -28.62
N TYR O 208 6.68 53.34 -29.27
CA TYR O 208 6.52 51.92 -29.51
C TYR O 208 7.46 51.05 -28.68
N THR O 209 8.41 51.64 -27.97
CA THR O 209 9.24 50.81 -27.12
C THR O 209 8.76 50.87 -25.68
N PRO O 210 8.86 49.77 -24.93
CA PRO O 210 8.47 49.80 -23.52
C PRO O 210 9.38 50.69 -22.69
N ILE O 211 8.80 51.28 -21.65
CA ILE O 211 9.55 52.17 -20.77
C ILE O 211 10.59 51.39 -19.98
N GLU O 212 10.21 50.21 -19.46
CA GLU O 212 11.14 49.41 -18.68
C GLU O 212 12.33 48.96 -19.51
N ASP O 213 12.09 48.53 -20.75
CA ASP O 213 13.18 48.10 -21.61
C ASP O 213 14.11 49.26 -21.95
N LEU O 214 13.54 50.44 -22.20
CA LEU O 214 14.35 51.62 -22.48
C LEU O 214 15.23 51.97 -21.28
N TRP O 215 14.66 51.94 -20.08
CA TRP O 215 15.46 52.27 -18.89
C TRP O 215 16.50 51.20 -18.61
N GLN O 216 16.18 49.93 -18.88
CA GLN O 216 17.16 48.86 -18.70
C GLN O 216 18.32 49.03 -19.66
N PHE O 217 18.02 49.38 -20.92
CA PHE O 217 19.07 49.63 -21.91
C PHE O 217 19.96 50.80 -21.49
N LEU O 218 19.34 51.90 -21.05
CA LEU O 218 20.13 53.06 -20.63
C LEU O 218 20.98 52.75 -19.40
N TYR O 219 20.41 52.03 -18.43
CA TYR O 219 21.15 51.71 -17.22
C TYR O 219 22.31 50.77 -17.51
N GLU O 220 22.11 49.76 -18.35
CA GLU O 220 23.21 48.87 -18.73
C GLU O 220 24.28 49.61 -19.51
N LYS O 221 23.88 50.51 -20.42
CA LYS O 221 24.85 51.28 -21.19
C LYS O 221 25.71 52.16 -20.28
N HIS O 222 25.06 52.83 -19.33
CA HIS O 222 25.83 53.71 -18.42
C HIS O 222 26.60 52.89 -17.39
N TYR O 223 26.21 51.64 -17.18
CA TYR O 223 26.99 50.76 -16.31
C TYR O 223 28.27 50.28 -17.00
N LYS O 224 28.17 49.98 -18.30
CA LYS O 224 29.36 49.53 -19.03
C LYS O 224 30.35 50.67 -19.24
N ASN O 225 29.85 51.90 -19.39
CA ASN O 225 30.74 53.03 -19.66
C ASN O 225 31.58 53.40 -18.44
N ILE O 226 31.21 52.91 -17.26
CA ILE O 226 32.03 53.10 -16.06
C ILE O 226 33.30 52.30 -16.24
N PRO O 227 34.47 52.91 -16.07
CA PRO O 227 35.73 52.19 -16.31
C PRO O 227 35.93 51.04 -15.35
N ARG O 228 36.55 49.97 -15.85
CA ARG O 228 36.83 48.79 -15.03
C ARG O 228 37.96 49.09 -14.06
N ASN O 229 37.97 48.34 -12.95
CA ASN O 229 38.90 48.53 -11.84
C ASN O 229 38.82 49.94 -11.29
N SER O 230 37.61 50.48 -11.22
CA SER O 230 37.39 51.82 -10.70
C SER O 230 37.52 51.83 -9.18
N PRO O 231 37.95 52.96 -8.61
CA PRO O 231 37.97 53.07 -7.14
C PRO O 231 36.59 52.98 -6.51
N LEU O 232 35.54 53.29 -7.26
CA LEU O 232 34.19 53.22 -6.71
C LEU O 232 33.79 51.78 -6.44
N SER O 233 32.97 51.59 -5.41
CA SER O 233 32.44 50.27 -5.09
C SER O 233 31.26 49.94 -6.00
N ASP O 234 30.63 48.80 -5.72
CA ASP O 234 29.49 48.36 -6.54
C ASP O 234 28.31 49.31 -6.39
N LEU O 235 28.02 49.74 -5.15
CA LEU O 235 26.88 50.63 -4.94
C LEU O 235 27.11 52.00 -5.53
N LYS O 236 28.36 52.50 -5.47
CA LYS O 236 28.67 53.79 -6.09
C LYS O 236 28.53 53.72 -7.60
N LYS O 237 28.97 52.61 -8.19
CA LYS O 237 28.79 52.41 -9.64
C LYS O 237 27.31 52.37 -10.00
N ARG O 238 26.50 51.66 -9.19
CA ARG O 238 25.07 51.60 -9.44
C ARG O 238 24.42 52.98 -9.32
N SER O 239 24.83 53.76 -8.33
CA SER O 239 24.25 55.10 -8.15
C SER O 239 24.63 56.03 -9.30
N GLN O 240 25.89 55.98 -9.75
CA GLN O 240 26.31 56.82 -10.87
C GLN O 240 25.59 56.40 -12.15
N ALA O 241 25.45 55.10 -12.38
CA ALA O 241 24.71 54.61 -13.54
C ALA O 241 23.25 55.02 -13.47
N LYS O 242 22.66 54.98 -12.27
CA LYS O 242 21.27 55.40 -12.12
C LYS O 242 21.10 56.88 -12.41
N MET O 243 22.04 57.71 -11.97
CA MET O 243 21.95 59.14 -12.24
C MET O 243 22.06 59.44 -13.74
N ASN O 244 23.03 58.82 -14.41
CA ASN O 244 23.18 59.02 -15.85
C ASN O 244 21.97 58.48 -16.62
N ALA O 245 21.46 57.32 -16.22
CA ALA O 245 20.29 56.75 -16.85
C ALA O 245 19.07 57.63 -16.64
N LYS O 246 18.92 58.21 -15.45
CA LYS O 246 17.80 59.11 -15.19
C LYS O 246 17.86 60.37 -16.02
N THR O 247 19.03 61.01 -16.14
CA THR O 247 19.06 62.21 -16.98
C THR O 247 18.87 61.91 -18.46
N ASP O 248 19.45 60.80 -18.97
CA ASP O 248 19.23 60.43 -20.36
C ASP O 248 17.77 60.05 -20.61
N PHE O 249 17.16 59.35 -19.66
CA PHE O 249 15.76 58.97 -19.77
C PHE O 249 14.85 60.19 -19.75
N ALA O 250 15.14 61.17 -18.90
CA ALA O 250 14.36 62.40 -18.89
C ALA O 250 14.46 63.13 -20.21
N LYS O 251 15.67 63.21 -20.78
CA LYS O 251 15.84 63.85 -22.08
C LYS O 251 15.05 63.12 -23.17
N ILE O 252 15.13 61.78 -23.18
CA ILE O 252 14.44 61.00 -24.20
C ILE O 252 12.93 61.14 -24.08
N ILE O 253 12.41 61.12 -22.84
CA ILE O 253 10.97 61.24 -22.63
C ILE O 253 10.48 62.62 -23.03
N ASN O 254 11.22 63.67 -22.67
CA ASN O 254 10.79 65.02 -22.97
C ASN O 254 11.10 65.45 -24.41
N LYS O 255 11.83 64.63 -25.17
CA LYS O 255 12.13 64.97 -26.56
C LYS O 255 10.89 65.17 -27.43
N PRO O 256 9.79 64.40 -27.28
CA PRO O 256 8.56 64.74 -28.01
C PRO O 256 8.06 66.17 -27.83
N ASN O 257 8.24 66.77 -26.66
CA ASN O 257 7.56 68.02 -26.32
C ASN O 257 8.41 69.26 -26.58
N GLU O 258 9.42 69.17 -27.42
CA GLU O 258 10.30 70.31 -27.68
C GLU O 258 9.90 71.13 -28.90
N LEU O 259 8.80 70.77 -29.56
CA LEU O 259 8.30 71.48 -30.75
C LEU O 259 9.35 71.53 -31.86
N SER O 260 9.93 70.37 -32.16
CA SER O 260 10.92 70.26 -33.23
C SER O 260 10.29 70.04 -34.60
N GLN O 261 8.99 69.77 -34.67
CA GLN O 261 8.31 69.51 -35.94
C GLN O 261 7.64 70.75 -36.52
N ILE O 262 7.77 71.90 -35.87
CA ILE O 262 7.03 73.10 -36.26
C ILE O 262 7.97 74.22 -36.71
N LEU O 263 9.28 74.04 -36.56
CA LEU O 263 10.24 75.12 -36.82
C LEU O 263 10.30 75.48 -38.31
N THR O 264 9.86 74.57 -39.18
CA THR O 264 9.92 74.82 -40.61
C THR O 264 8.94 75.92 -41.02
N VAL O 265 9.44 76.88 -41.79
CA VAL O 265 8.61 77.95 -42.34
C VAL O 265 8.32 77.63 -43.81
N ASP O 266 7.17 78.11 -44.29
CA ASP O 266 6.75 77.83 -45.65
C ASP O 266 7.61 78.64 -46.62
N PRO O 267 7.73 78.19 -47.88
CA PRO O 267 8.46 79.01 -48.87
C PRO O 267 7.94 80.44 -49.02
N LYS O 268 6.64 80.68 -48.91
CA LYS O 268 6.17 82.06 -48.81
C LYS O 268 6.31 82.51 -47.36
N THR O 269 6.62 83.79 -47.17
CA THR O 269 6.98 84.28 -45.86
C THR O 269 5.75 84.48 -44.98
N SER O 270 6.02 84.76 -43.69
CA SER O 270 5.04 85.10 -42.65
C SER O 270 4.05 83.99 -42.35
N LEU O 271 4.39 82.73 -42.63
CA LEU O 271 3.52 81.61 -42.32
C LEU O 271 4.33 80.50 -41.64
N ARG O 272 3.87 80.06 -40.48
CA ARG O 272 4.47 78.93 -39.78
C ARG O 272 3.69 77.66 -40.12
N ILE O 273 4.40 76.63 -40.56
CA ILE O 273 3.77 75.39 -40.97
C ILE O 273 4.40 74.22 -40.24
N VAL O 274 3.60 73.17 -40.04
CA VAL O 274 4.13 71.90 -39.58
C VAL O 274 4.89 71.25 -40.73
N LYS O 275 5.92 70.47 -40.40
CA LYS O 275 6.74 69.84 -41.42
C LYS O 275 5.89 68.86 -42.23
N PRO O 276 6.13 68.76 -43.55
CA PRO O 276 5.24 67.92 -44.38
C PRO O 276 5.41 66.43 -44.14
N THR O 277 6.65 65.94 -44.07
CA THR O 277 6.91 64.50 -44.00
C THR O 277 6.85 63.95 -42.58
N VAL O 278 6.65 64.80 -41.57
CA VAL O 278 6.59 64.30 -40.20
C VAL O 278 5.25 63.62 -39.97
N SER O 279 5.23 62.62 -39.11
CA SER O 279 4.02 61.86 -38.80
C SER O 279 3.52 62.31 -37.43
N LEU O 280 2.30 62.84 -37.40
CA LEU O 280 1.71 63.36 -36.18
C LEU O 280 0.78 62.34 -35.55
N THR O 281 0.71 62.36 -34.22
CA THR O 281 -0.12 61.45 -33.47
C THR O 281 -0.77 62.20 -32.32
N ILE O 282 -1.87 61.65 -31.82
CA ILE O 282 -2.58 62.26 -30.71
C ILE O 282 -1.83 62.00 -29.41
N ASN O 283 -1.75 63.03 -28.56
CA ASN O 283 -1.01 62.97 -27.31
C ASN O 283 -1.99 62.65 -26.19
N LEU O 284 -1.82 61.48 -25.58
CA LEU O 284 -2.73 61.07 -24.51
C LEU O 284 -2.46 61.81 -23.21
N ASP O 285 -1.19 62.14 -22.94
CA ASP O 285 -0.84 62.78 -21.66
C ASP O 285 -1.48 64.14 -21.51
N ARG O 286 -1.52 64.93 -22.59
CA ARG O 286 -2.16 66.24 -22.54
C ARG O 286 -3.67 66.10 -22.29
N PHE O 287 -4.30 65.11 -22.92
CA PHE O 287 -5.72 64.89 -22.70
C PHE O 287 -6.00 64.46 -21.26
N MET O 288 -5.14 63.62 -20.68
CA MET O 288 -5.33 63.24 -19.29
C MET O 288 -5.05 64.41 -18.35
N LYS O 289 -4.15 65.31 -18.73
CA LYS O 289 -3.97 66.54 -17.96
C LYS O 289 -5.24 67.38 -17.98
N GLY O 290 -5.89 67.47 -19.14
CA GLY O 290 -7.18 68.16 -19.22
C GLY O 290 -8.25 67.50 -18.38
N ARG O 291 -8.29 66.17 -18.38
CA ARG O 291 -9.25 65.45 -17.55
C ARG O 291 -9.00 65.67 -16.07
N ARG O 292 -7.73 65.69 -15.66
CA ARG O 292 -7.39 65.98 -14.27
C ARG O 292 -7.79 67.40 -13.89
N SER O 293 -7.60 68.35 -14.82
CA SER O 293 -8.05 69.72 -14.57
C SER O 293 -9.56 69.78 -14.39
N LYS O 294 -10.31 69.05 -15.22
CA LYS O 294 -11.77 69.00 -15.06
C LYS O 294 -12.16 68.38 -13.73
N GLN O 295 -11.48 67.32 -13.31
CA GLN O 295 -11.77 66.71 -12.01
C GLN O 295 -11.50 67.67 -10.87
N LEU O 296 -10.40 68.43 -10.96
CA LEU O 296 -10.07 69.39 -9.91
C LEU O 296 -11.08 70.54 -9.88
N ILE O 297 -11.55 70.98 -11.05
CA ILE O 297 -12.59 72.01 -11.09
C ILE O 297 -13.88 71.49 -10.46
N ASN O 298 -14.25 70.25 -10.76
CA ASN O 298 -15.45 69.67 -10.16
C ASN O 298 -15.31 69.52 -8.65
N LEU O 299 -14.10 69.18 -8.17
CA LEU O 299 -13.87 69.11 -6.74
C LEU O 299 -13.96 70.48 -6.09
N ALA O 300 -13.42 71.50 -6.75
CA ALA O 300 -13.43 72.86 -6.19
C ALA O 300 -14.83 73.46 -6.23
N LYS O 301 -15.70 72.98 -7.12
CA LYS O 301 -17.06 73.49 -7.17
C LYS O 301 -17.89 73.09 -5.95
N THR O 302 -17.42 72.14 -5.15
CA THR O 302 -18.14 71.68 -3.97
C THR O 302 -17.59 72.27 -2.68
N ARG O 303 -16.55 73.08 -2.75
CA ARG O 303 -15.96 73.67 -1.55
C ARG O 303 -15.98 75.19 -1.54
N VAL O 304 -15.64 75.83 -2.65
CA VAL O 304 -15.53 77.29 -2.72
C VAL O 304 -16.33 77.80 -3.93
N GLY O 305 -17.58 78.20 -3.66
CA GLY O 305 -18.39 79.00 -4.56
C GLY O 305 -18.56 78.55 -5.99
N SER O 306 -18.91 79.49 -6.86
CA SER O 306 -19.02 79.26 -8.30
C SER O 306 -18.16 80.23 -9.11
N VAL O 307 -18.08 81.49 -8.68
CA VAL O 307 -17.19 82.45 -9.34
C VAL O 307 -15.73 82.09 -9.07
N THR O 308 -15.43 81.72 -7.82
CA THR O 308 -14.09 81.25 -7.48
C THR O 308 -13.77 79.96 -8.24
N ALA O 309 -14.79 79.14 -8.48
CA ALA O 309 -14.61 77.96 -9.32
C ALA O 309 -14.24 78.34 -10.75
N GLN O 310 -14.84 79.41 -11.28
CA GLN O 310 -14.47 79.89 -12.62
C GLN O 310 -13.03 80.39 -12.64
N VAL O 311 -12.62 81.11 -11.59
CA VAL O 311 -11.23 81.59 -11.53
C VAL O 311 -10.26 80.41 -11.48
N TYR O 312 -10.58 79.39 -10.67
CA TYR O 312 -9.75 78.19 -10.62
C TYR O 312 -9.73 77.48 -11.96
N LYS O 313 -10.86 77.46 -12.66
CA LYS O 313 -10.92 76.83 -13.98
C LYS O 313 -10.00 77.51 -14.96
N ILE O 314 -10.02 78.84 -14.98
CA ILE O 314 -9.16 79.59 -15.89
C ILE O 314 -7.69 79.41 -15.52
N ALA O 315 -7.39 79.37 -14.22
CA ALA O 315 -6.02 79.16 -13.77
C ALA O 315 -5.51 77.78 -14.19
N LEU O 316 -6.36 76.75 -14.11
CA LEU O 316 -5.93 75.41 -14.47
C LEU O 316 -5.82 75.25 -15.99
N ARG O 317 -6.70 75.90 -16.75
CA ARG O 317 -6.58 75.86 -18.21
C ARG O 317 -5.32 76.58 -18.67
N LEU O 318 -4.93 77.64 -17.98
CA LEU O 318 -3.72 78.37 -18.37
C LEU O 318 -2.46 77.54 -18.09
N THR O 319 -2.35 77.00 -16.88
CA THR O 319 -1.19 76.19 -16.50
C THR O 319 -1.47 74.71 -16.66
N GLU O 320 -1.82 74.28 -17.87
CA GLU O 320 -2.16 72.89 -18.13
C GLU O 320 -1.15 72.18 -19.02
N GLN O 321 -0.65 72.85 -20.06
CA GLN O 321 0.31 72.22 -20.96
C GLN O 321 1.63 71.96 -20.26
N LYS O 322 2.06 72.88 -19.39
CA LYS O 322 3.31 72.74 -18.66
C LYS O 322 3.15 72.04 -17.32
N SER O 323 1.93 71.55 -17.01
CA SER O 323 1.69 70.88 -15.75
C SER O 323 2.41 69.53 -15.71
N PRO O 324 2.68 69.01 -14.51
CA PRO O 324 3.32 67.70 -14.41
C PRO O 324 2.46 66.59 -15.02
N LYS O 325 3.14 65.56 -15.53
CA LYS O 325 2.46 64.46 -16.16
C LYS O 325 1.64 63.67 -15.14
N ILE O 326 0.65 62.93 -15.65
CA ILE O 326 -0.27 62.20 -14.78
C ILE O 326 0.47 61.07 -14.05
N ARG O 327 1.29 60.33 -14.79
CA ARG O 327 2.13 59.27 -14.22
C ARG O 327 3.57 59.53 -14.62
N ASP O 328 4.45 59.52 -13.62
CA ASP O 328 5.88 59.63 -13.88
C ASP O 328 6.36 58.33 -14.52
N PRO O 329 6.94 58.38 -15.73
CA PRO O 329 7.41 57.14 -16.37
C PRO O 329 8.48 56.40 -15.58
N LEU O 330 9.30 57.12 -14.81
CA LEU O 330 10.32 56.48 -13.99
C LEU O 330 9.72 55.57 -12.92
N THR O 331 8.44 55.77 -12.58
CA THR O 331 7.79 54.89 -11.63
C THR O 331 7.43 53.54 -12.23
N GLN O 332 7.41 53.43 -13.57
CA GLN O 332 7.13 52.15 -14.21
C GLN O 332 8.39 51.38 -14.57
N THR O 333 9.55 51.84 -14.14
CA THR O 333 10.83 51.21 -14.46
C THR O 333 11.27 50.21 -13.40
N GLY O 334 10.45 49.95 -12.39
CA GLY O 334 10.85 49.04 -11.34
C GLY O 334 11.88 49.59 -10.38
N LEU O 335 11.96 50.91 -10.26
CA LEU O 335 12.97 51.56 -9.45
C LEU O 335 12.49 51.87 -8.03
N LEU O 336 11.24 51.53 -7.70
CA LEU O 336 10.70 51.86 -6.38
C LEU O 336 11.05 50.84 -5.31
N GLN O 337 11.81 49.80 -5.64
CA GLN O 337 12.23 48.84 -4.61
C GLN O 337 13.20 49.47 -3.62
N ASP O 338 13.86 50.57 -3.99
CA ASP O 338 14.69 51.33 -3.08
C ASP O 338 13.86 52.45 -2.48
N LEU O 339 13.91 52.58 -1.16
CA LEU O 339 13.14 53.62 -0.46
C LEU O 339 13.68 55.00 -0.78
N GLU O 340 15.01 55.12 -0.93
CA GLU O 340 15.63 56.38 -1.27
C GLU O 340 15.16 56.87 -2.64
N GLU O 341 14.96 55.94 -3.58
CA GLU O 341 14.41 56.31 -4.88
C GLU O 341 12.99 56.84 -4.76
N ALA O 342 12.19 56.26 -3.85
CA ALA O 342 10.83 56.74 -3.64
C ALA O 342 10.83 58.16 -3.08
N LYS O 343 11.68 58.42 -2.09
CA LYS O 343 11.77 59.79 -1.56
C LYS O 343 12.31 60.75 -2.62
N SER O 344 13.26 60.30 -3.45
CA SER O 344 13.77 61.16 -4.51
C SER O 344 12.70 61.50 -5.52
N PHE O 345 11.87 60.51 -5.89
CA PHE O 345 10.77 60.78 -6.81
C PHE O 345 9.77 61.77 -6.22
N GLN O 346 9.43 61.59 -4.94
CA GLN O 346 8.48 62.50 -4.30
C GLN O 346 9.03 63.93 -4.23
N ASP O 347 10.31 64.06 -3.86
CA ASP O 347 10.92 65.39 -3.80
C ASP O 347 11.03 66.02 -5.18
N GLU O 348 11.36 65.22 -6.19
CA GLU O 348 11.44 65.74 -7.56
C GLU O 348 10.08 66.20 -8.05
N ALA O 349 9.02 65.46 -7.72
CA ALA O 349 7.67 65.88 -8.10
C ALA O 349 7.29 67.18 -7.41
N GLU O 350 7.59 67.29 -6.11
CA GLU O 350 7.31 68.53 -5.39
C GLU O 350 8.12 69.69 -5.93
N LEU O 351 9.31 69.42 -6.47
CA LEU O 351 10.12 70.49 -7.05
C LEU O 351 9.58 70.93 -8.40
N VAL O 352 9.15 69.97 -9.25
CA VAL O 352 8.76 70.34 -10.61
C VAL O 352 7.39 70.99 -10.61
N GLU O 353 6.53 70.62 -9.65
CA GLU O 353 5.21 71.23 -9.60
C GLU O 353 5.27 72.70 -9.15
N GLU O 354 6.40 73.13 -8.60
CA GLU O 354 6.57 74.48 -8.07
C GLU O 354 7.48 75.35 -8.91
N LYS O 355 8.66 74.85 -9.29
CA LYS O 355 9.69 75.67 -9.91
C LYS O 355 9.65 75.62 -11.43
N THR O 356 8.64 74.99 -12.02
CA THR O 356 8.44 75.10 -13.46
C THR O 356 8.06 76.53 -13.80
N PRO O 357 8.73 77.16 -14.78
CA PRO O 357 8.49 78.60 -15.03
C PRO O 357 7.07 78.94 -15.41
N GLY O 358 6.37 78.06 -16.12
CA GLY O 358 5.03 78.36 -16.56
C GLY O 358 3.91 78.02 -15.60
N LEU O 359 4.22 77.52 -14.41
CA LEU O 359 3.19 77.09 -13.48
C LEU O 359 2.78 78.17 -12.50
N THR O 360 3.73 79.00 -12.03
CA THR O 360 3.38 80.10 -11.15
C THR O 360 2.62 81.17 -11.92
N PHE O 361 1.66 81.81 -11.25
CA PHE O 361 0.83 82.81 -11.88
C PHE O 361 0.41 83.85 -10.86
N ASN O 362 0.02 85.02 -11.36
CA ASN O 362 -0.42 86.15 -10.55
C ASN O 362 -1.86 86.49 -10.90
N ALA O 363 -2.40 87.50 -10.22
CA ALA O 363 -3.72 88.00 -10.56
C ALA O 363 -3.70 88.77 -11.87
N ILE O 364 -2.59 89.47 -12.14
CA ILE O 364 -2.46 90.23 -13.39
C ILE O 364 -2.45 89.29 -14.59
N ASP O 365 -1.83 88.12 -14.44
CA ASP O 365 -1.81 87.14 -15.52
C ASP O 365 -3.21 86.62 -15.82
N LEU O 366 -4.04 86.42 -14.79
CA LEU O 366 -5.39 85.93 -15.00
C LEU O 366 -6.36 87.03 -15.40
N ALA O 367 -5.95 88.29 -15.22
CA ALA O 367 -6.85 89.40 -15.55
C ALA O 367 -7.15 89.48 -17.04
N ARG O 368 -6.17 89.15 -17.89
CA ARG O 368 -6.36 89.22 -19.33
C ARG O 368 -7.21 88.07 -19.86
N HIS O 369 -7.26 86.94 -19.16
CA HIS O 369 -7.94 85.74 -19.62
C HIS O 369 -9.36 85.60 -19.09
N LEU O 370 -9.85 86.57 -18.30
CA LEU O 370 -11.22 86.47 -17.82
C LEU O 370 -12.21 86.75 -18.94
N PRO O 371 -13.34 86.05 -18.97
CA PRO O 371 -14.34 86.30 -20.01
C PRO O 371 -15.16 87.54 -19.71
N ALA O 372 -15.95 87.95 -20.72
CA ALA O 372 -16.76 89.16 -20.59
C ALA O 372 -17.93 88.94 -19.64
N GLU O 373 -18.49 87.73 -19.62
CA GLU O 373 -19.66 87.47 -18.77
C GLU O 373 -19.28 87.48 -17.30
N LEU O 374 -18.07 87.04 -16.97
CA LEU O 374 -17.62 87.01 -15.58
C LEU O 374 -17.45 88.42 -15.05
N ASP O 375 -17.94 88.66 -13.83
CA ASP O 375 -18.09 90.01 -13.30
C ASP O 375 -17.19 90.29 -12.10
N LEU O 376 -17.23 89.42 -11.08
CA LEU O 376 -16.43 89.50 -9.85
C LEU O 376 -16.78 90.70 -8.97
N ARG O 377 -17.76 91.51 -9.36
CA ARG O 377 -17.99 92.79 -8.70
C ARG O 377 -18.53 92.64 -7.29
N GLY O 378 -19.71 92.03 -7.14
CA GLY O 378 -20.34 91.93 -5.84
C GLY O 378 -20.22 90.57 -5.20
N SER O 379 -19.21 89.79 -5.60
CA SER O 379 -19.11 88.41 -5.15
C SER O 379 -18.56 88.28 -3.74
N LEU O 380 -17.97 89.33 -3.17
CA LEU O 380 -17.34 89.26 -1.86
C LEU O 380 -17.92 90.31 -0.93
N LEU O 381 -18.04 89.95 0.35
CA LEU O 381 -18.37 90.88 1.42
C LEU O 381 -17.17 90.98 2.34
N SER O 382 -16.66 92.20 2.52
CA SER O 382 -15.43 92.40 3.28
C SER O 382 -15.66 92.30 4.78
N ARG O 383 -16.87 92.61 5.25
CA ARG O 383 -17.16 92.61 6.68
C ARG O 383 -18.49 91.93 6.94
N LYS O 384 -18.65 91.42 8.15
CA LYS O 384 -19.87 90.74 8.56
C LYS O 384 -21.02 91.73 8.71
N PRO O 447 -14.78 94.81 -12.38
CA PRO O 447 -14.40 94.75 -13.80
C PRO O 447 -13.05 94.07 -14.01
N HIS O 448 -12.94 92.81 -13.56
CA HIS O 448 -11.72 92.01 -13.69
C HIS O 448 -10.51 92.71 -13.07
N SER O 449 -10.71 93.31 -11.91
CA SER O 449 -9.61 93.95 -11.20
C SER O 449 -8.70 92.92 -10.58
N ALA O 450 -7.44 93.31 -10.32
CA ALA O 450 -6.46 92.39 -9.77
C ALA O 450 -6.76 92.03 -8.33
N SER O 451 -7.31 92.98 -7.56
CA SER O 451 -7.57 92.74 -6.15
C SER O 451 -8.65 91.67 -5.95
N LEU O 452 -9.69 91.69 -6.78
CA LEU O 452 -10.75 90.70 -6.66
C LEU O 452 -10.26 89.29 -7.01
N ILE O 453 -9.44 89.20 -8.06
CA ILE O 453 -8.83 87.91 -8.42
C ILE O 453 -7.92 87.42 -7.31
N ASN O 454 -7.17 88.34 -6.69
CA ASN O 454 -6.30 87.97 -5.59
C ASN O 454 -7.11 87.46 -4.40
N SER O 455 -8.24 88.11 -4.11
CA SER O 455 -9.11 87.65 -3.03
C SER O 455 -9.68 86.26 -3.31
N HIS O 456 -10.11 86.02 -4.54
CA HIS O 456 -10.61 84.70 -4.91
C HIS O 456 -9.52 83.63 -4.80
N LEU O 457 -8.31 83.93 -5.26
CA LEU O 457 -7.22 82.96 -5.17
C LEU O 457 -6.79 82.74 -3.74
N LYS O 458 -6.94 83.75 -2.87
CA LYS O 458 -6.62 83.56 -1.46
C LYS O 458 -7.69 82.72 -0.77
N ILE O 459 -8.94 82.85 -1.20
CA ILE O 459 -9.98 81.93 -0.75
C ILE O 459 -9.66 80.50 -1.17
N LEU O 460 -9.20 80.32 -2.41
CA LEU O 460 -8.80 78.99 -2.88
C LEU O 460 -7.64 78.44 -2.08
N ALA O 461 -6.65 79.28 -1.77
CA ALA O 461 -5.45 78.82 -1.08
C ALA O 461 -5.70 78.57 0.41
N SER O 462 -6.65 79.26 1.02
CA SER O 462 -6.93 79.11 2.44
C SER O 462 -7.97 78.03 2.74
N SER O 463 -8.46 77.34 1.71
CA SER O 463 -9.45 76.29 1.93
C SER O 463 -8.79 75.07 2.58
N ASN O 464 -9.64 74.17 3.08
CA ASN O 464 -9.13 72.95 3.70
C ASN O 464 -8.43 72.07 2.68
N PHE O 465 -8.99 71.93 1.50
CA PHE O 465 -8.32 71.21 0.43
C PHE O 465 -7.23 72.09 -0.18
N PRO O 466 -6.05 71.53 -0.43
CA PRO O 466 -4.93 72.36 -0.95
C PRO O 466 -5.06 72.62 -2.44
N PHE O 467 -6.03 73.46 -2.80
CA PHE O 467 -6.21 73.84 -4.20
C PHE O 467 -5.04 74.67 -4.71
N LEU O 468 -4.54 75.58 -3.88
CA LEU O 468 -3.40 76.42 -4.23
C LEU O 468 -2.54 76.61 -3.00
N ASN O 469 -1.27 76.92 -3.23
CA ASN O 469 -0.31 77.16 -2.16
C ASN O 469 0.49 78.42 -2.47
N GLU O 470 1.01 79.05 -1.41
CA GLU O 470 1.73 80.31 -1.52
C GLU O 470 3.23 80.05 -1.36
N THR O 471 4.00 80.32 -2.41
CA THR O 471 5.46 80.33 -2.28
C THR O 471 5.93 81.65 -1.71
N LYS O 472 5.63 82.73 -2.41
CA LYS O 472 5.87 84.10 -1.99
C LYS O 472 4.56 84.86 -2.16
N PRO O 473 4.31 85.93 -1.37
CA PRO O 473 2.93 86.42 -1.28
C PRO O 473 2.41 87.20 -2.48
N GLY O 474 1.38 86.61 -3.10
CA GLY O 474 0.86 87.07 -4.37
C GLY O 474 1.14 86.15 -5.54
N VAL O 475 1.96 85.11 -5.34
CA VAL O 475 2.27 84.14 -6.38
C VAL O 475 1.69 82.79 -5.95
N TYR O 476 0.95 82.16 -6.86
CA TYR O 476 0.19 80.96 -6.57
C TYR O 476 0.58 79.84 -7.53
N TYR O 477 0.52 78.59 -7.04
CA TYR O 477 0.78 77.43 -7.86
C TYR O 477 -0.04 76.26 -7.35
N VAL O 478 -0.41 75.36 -8.26
CA VAL O 478 -1.27 74.23 -7.91
C VAL O 478 -0.42 73.12 -7.32
N PRO O 479 -0.69 72.67 -6.09
CA PRO O 479 0.08 71.58 -5.46
C PRO O 479 -0.41 70.19 -5.91
N TYR O 480 0.05 69.78 -7.09
CA TYR O 480 -0.40 68.52 -7.68
C TYR O 480 0.03 67.30 -6.88
N SER O 481 1.09 67.40 -6.07
CA SER O 481 1.52 66.27 -5.26
C SER O 481 0.63 66.08 -4.05
N LYS O 482 0.08 67.16 -3.51
CA LYS O 482 -0.71 67.09 -2.28
C LYS O 482 -2.21 67.13 -2.52
N LEU O 483 -2.65 67.56 -3.71
CA LEU O 483 -4.07 67.72 -3.99
C LEU O 483 -4.71 66.44 -4.52
N MET O 484 -3.93 65.58 -5.17
CA MET O 484 -4.53 64.44 -5.86
C MET O 484 -4.91 63.28 -4.93
N PRO O 485 -4.16 62.93 -3.87
CA PRO O 485 -4.73 61.99 -2.90
C PRO O 485 -6.01 62.48 -2.26
N VAL O 486 -6.13 63.78 -2.03
CA VAL O 486 -7.37 64.35 -1.52
C VAL O 486 -8.51 64.13 -2.51
N LEU O 487 -8.25 64.34 -3.80
CA LEU O 487 -9.25 64.11 -4.83
C LEU O 487 -9.67 62.64 -4.88
N LYS O 488 -8.69 61.74 -4.81
CA LYS O 488 -8.99 60.31 -4.83
C LYS O 488 -9.85 59.91 -3.64
N SER O 489 -9.48 60.40 -2.44
CA SER O 489 -10.23 60.06 -1.24
C SER O 489 -11.64 60.63 -1.29
N SER O 490 -11.80 61.86 -1.77
CA SER O 490 -13.13 62.46 -1.87
C SER O 490 -14.02 61.71 -2.85
N VAL O 491 -13.48 61.37 -4.02
CA VAL O 491 -14.25 60.63 -5.01
C VAL O 491 -14.64 59.26 -4.47
N TYR O 492 -13.70 58.57 -3.82
CA TYR O 492 -13.97 57.25 -3.26
C TYR O 492 -15.03 57.30 -2.17
N GLU O 493 -14.92 58.27 -1.27
CA GLU O 493 -15.90 58.40 -0.18
C GLU O 493 -17.27 58.77 -0.71
N TYR O 494 -17.35 59.63 -1.73
CA TYR O 494 -18.65 59.98 -2.25
C TYR O 494 -19.27 58.87 -3.10
N VAL O 495 -18.45 58.05 -3.75
CA VAL O 495 -18.99 56.87 -4.42
C VAL O 495 -19.59 55.91 -3.40
N ILE O 496 -18.88 55.69 -2.29
CA ILE O 496 -19.42 54.84 -1.23
C ILE O 496 -20.69 55.45 -0.64
N ALA O 497 -20.73 56.77 -0.50
CA ALA O 497 -21.93 57.44 0.00
C ALA O 497 -23.11 57.23 -0.94
N SER O 498 -22.87 57.34 -2.25
CA SER O 498 -23.94 57.16 -3.22
C SER O 498 -24.41 55.72 -3.31
N THR O 499 -23.52 54.75 -3.08
CA THR O 499 -23.88 53.34 -3.22
C THR O 499 -24.39 52.74 -1.92
N LEU O 500 -23.55 52.70 -0.90
CA LEU O 500 -23.88 52.03 0.36
C LEU O 500 -24.53 52.94 1.39
N GLY O 501 -24.61 54.24 1.15
CA GLY O 501 -25.28 55.14 2.05
C GLY O 501 -24.35 56.11 2.74
N PRO O 502 -24.91 57.22 3.25
CA PRO O 502 -24.10 58.20 3.98
C PRO O 502 -23.50 57.64 5.27
N SER O 503 -24.17 56.69 5.92
CA SER O 503 -23.61 56.06 7.10
C SER O 503 -22.32 55.32 6.77
N ALA O 504 -22.22 54.78 5.55
CA ALA O 504 -20.98 54.17 5.11
C ALA O 504 -19.87 55.19 4.99
N MET O 505 -20.19 56.40 4.48
CA MET O 505 -19.21 57.48 4.48
C MET O 505 -18.75 57.80 5.89
N ARG O 506 -19.70 57.91 6.82
CA ARG O 506 -19.37 58.26 8.20
C ARG O 506 -18.47 57.21 8.83
N LEU O 507 -18.79 55.94 8.63
CA LEU O 507 -17.99 54.87 9.22
C LEU O 507 -16.60 54.81 8.59
N SER O 508 -16.52 54.97 7.26
CA SER O 508 -15.22 54.94 6.59
C SER O 508 -14.33 56.09 7.05
N ARG O 509 -14.89 57.29 7.12
CA ARG O 509 -14.09 58.44 7.55
C ARG O 509 -13.75 58.37 9.03
N CYS O 510 -14.62 57.77 9.85
CA CYS O 510 -14.30 57.55 11.25
C CYS O 510 -13.12 56.61 11.40
N ILE O 511 -13.15 55.47 10.69
CA ILE O 511 -12.04 54.53 10.76
C ILE O 511 -10.77 55.13 10.17
N ARG O 512 -10.91 56.06 9.22
CA ARG O 512 -9.74 56.69 8.63
C ARG O 512 -9.10 57.70 9.58
N ASP O 513 -9.91 58.49 10.30
CA ASP O 513 -9.37 59.62 11.05
C ASP O 513 -8.47 59.17 12.20
N ASN O 514 -8.95 58.25 13.03
CA ASN O 514 -8.07 57.54 13.96
C ASN O 514 -7.85 56.14 13.41
N LYS O 515 -6.58 55.79 13.19
CA LYS O 515 -6.24 54.78 12.20
C LYS O 515 -6.71 53.39 12.59
N LEU O 516 -6.46 52.96 13.82
CA LEU O 516 -6.85 51.64 14.28
C LEU O 516 -7.83 51.78 15.43
N VAL O 517 -9.04 51.25 15.24
CA VAL O 517 -10.15 51.46 16.17
C VAL O 517 -10.83 50.13 16.46
N SER O 518 -11.55 50.10 17.58
CA SER O 518 -12.39 48.99 17.97
C SER O 518 -13.86 49.36 17.79
N GLU O 519 -14.73 48.35 18.00
CA GLU O 519 -16.16 48.57 17.81
C GLU O 519 -16.72 49.56 18.83
N LYS O 520 -16.29 49.45 20.09
CA LYS O 520 -16.76 50.37 21.12
C LYS O 520 -16.26 51.78 20.87
N ILE O 521 -15.01 51.91 20.40
CA ILE O 521 -14.47 53.23 20.09
C ILE O 521 -15.19 53.84 18.90
N ILE O 522 -15.59 53.01 17.93
CA ILE O 522 -16.40 53.48 16.82
C ILE O 522 -17.76 53.97 17.34
N ASN O 523 -18.38 53.20 18.23
CA ASN O 523 -19.70 53.56 18.75
C ASN O 523 -19.65 54.86 19.55
N SER O 524 -18.58 55.05 20.33
CA SER O 524 -18.44 56.29 21.09
C SER O 524 -18.12 57.47 20.18
N THR O 525 -17.16 57.30 19.27
CA THR O 525 -16.71 58.41 18.43
C THR O 525 -17.73 58.74 17.35
N ALA O 526 -18.27 57.72 16.68
CA ALA O 526 -19.31 57.91 15.68
C ALA O 526 -20.64 57.51 16.32
N LEU O 527 -21.53 58.48 16.47
CA LEU O 527 -22.75 58.30 17.28
C LEU O 527 -23.83 57.69 16.40
N MET O 528 -23.87 56.36 16.36
CA MET O 528 -24.95 55.64 15.70
C MET O 528 -25.05 54.26 16.32
N LYS O 529 -26.16 53.58 16.03
CA LYS O 529 -26.49 52.33 16.71
C LYS O 529 -25.46 51.25 16.42
N GLU O 530 -25.25 50.38 17.41
CA GLU O 530 -24.21 49.37 17.31
C GLU O 530 -24.51 48.34 16.22
N LYS O 531 -25.77 47.91 16.11
CA LYS O 531 -26.12 46.94 15.07
C LYS O 531 -25.99 47.56 13.68
N ASP O 532 -26.32 48.85 13.55
CA ASP O 532 -26.09 49.56 12.29
C ASP O 532 -24.60 49.64 11.99
N ILE O 533 -23.77 49.86 13.01
CA ILE O 533 -22.33 49.88 12.83
C ILE O 533 -21.83 48.55 12.30
N ARG O 534 -22.30 47.45 12.91
CA ARG O 534 -21.85 46.12 12.53
C ARG O 534 -22.29 45.79 11.10
N SER O 535 -23.53 46.10 10.75
CA SER O 535 -24.02 45.83 9.41
C SER O 535 -23.27 46.67 8.37
N THR O 536 -23.04 47.95 8.68
CA THR O 536 -22.35 48.83 7.74
C THR O 536 -20.90 48.39 7.52
N LEU O 537 -20.19 48.00 8.59
CA LEU O 537 -18.81 47.58 8.40
C LEU O 537 -18.75 46.22 7.72
N ALA O 538 -19.73 45.35 7.97
CA ALA O 538 -19.79 44.08 7.25
C ALA O 538 -20.00 44.32 5.76
N SER O 539 -20.82 45.30 5.40
CA SER O 539 -20.98 45.66 4.00
C SER O 539 -19.69 46.27 3.44
N LEU O 540 -19.00 47.09 4.23
CA LEU O 540 -17.80 47.76 3.75
C LEU O 540 -16.63 46.79 3.58
N ILE O 541 -16.60 45.71 4.37
CA ILE O 541 -15.51 44.74 4.28
C ILE O 541 -15.51 44.05 2.93
N ARG O 542 -16.69 43.83 2.34
CA ARG O 542 -16.79 43.13 1.06
C ARG O 542 -16.14 43.91 -0.09
N TYR O 543 -15.91 45.21 0.07
CA TYR O 543 -15.36 46.05 -0.99
C TYR O 543 -13.96 46.57 -0.65
N ASN O 544 -13.22 45.87 0.21
CA ASN O 544 -11.88 46.24 0.66
C ASN O 544 -11.82 47.61 1.33
N SER O 545 -12.96 48.13 1.79
CA SER O 545 -12.95 49.43 2.45
C SER O 545 -12.37 49.34 3.86
N VAL O 546 -12.73 48.30 4.60
CA VAL O 546 -12.32 48.12 5.97
C VAL O 546 -11.64 46.76 6.11
N GLU O 547 -10.44 46.74 6.67
CA GLU O 547 -9.69 45.52 6.91
C GLU O 547 -9.69 45.19 8.39
N ILE O 548 -10.01 43.94 8.70
CA ILE O 548 -10.07 43.45 10.07
C ILE O 548 -8.67 43.07 10.51
N GLN O 549 -8.23 43.63 11.63
CA GLN O 549 -6.99 43.25 12.27
C GLN O 549 -7.33 42.39 13.48
N GLU O 550 -6.92 41.12 13.43
CA GLU O 550 -7.21 40.18 14.50
C GLU O 550 -6.04 40.15 15.48
N VAL O 551 -6.30 40.46 16.74
CA VAL O 551 -5.30 40.41 17.79
C VAL O 551 -5.62 39.21 18.67
N PRO O 552 -4.84 38.13 18.60
CA PRO O 552 -5.18 36.92 19.35
C PRO O 552 -4.73 37.00 20.80
N ARG O 553 -5.57 36.45 21.69
CA ARG O 553 -5.30 36.44 23.12
C ARG O 553 -5.10 35.03 23.66
N THR O 554 -4.95 34.04 22.79
CA THR O 554 -4.73 32.67 23.19
C THR O 554 -3.58 32.10 22.39
N ALA O 555 -3.19 30.87 22.72
CA ALA O 555 -2.16 30.18 21.97
C ALA O 555 -2.60 29.92 20.54
N ASP O 556 -3.84 29.46 20.36
CA ASP O 556 -4.44 29.30 19.05
C ASP O 556 -5.31 30.52 18.76
N ARG O 557 -5.22 31.04 17.53
CA ARG O 557 -5.91 32.27 17.18
C ARG O 557 -7.40 32.03 16.97
N SER O 558 -8.11 31.69 18.05
CA SER O 558 -9.54 31.48 17.97
C SER O 558 -10.27 32.81 17.83
N ALA O 559 -11.36 32.80 17.05
CA ALA O 559 -12.10 34.03 16.81
C ALA O 559 -12.90 34.46 18.03
N SER O 560 -13.25 33.52 18.90
CA SER O 560 -14.05 33.87 20.07
C SER O 560 -13.24 34.63 21.11
N ARG O 561 -11.98 34.27 21.29
CA ARG O 561 -11.15 34.88 22.31
C ARG O 561 -10.33 36.06 21.81
N ALA O 562 -10.12 36.16 20.50
CA ALA O 562 -9.35 37.28 19.95
C ALA O 562 -10.20 38.54 19.93
N VAL O 563 -9.53 39.68 19.75
CA VAL O 563 -10.19 40.97 19.64
C VAL O 563 -9.96 41.52 18.24
N PHE O 564 -11.00 42.05 17.62
CA PHE O 564 -10.96 42.46 16.22
C PHE O 564 -11.02 43.98 16.15
N LEU O 565 -9.93 44.58 15.67
CA LEU O 565 -9.89 46.01 15.38
C LEU O 565 -10.09 46.22 13.88
N PHE O 566 -10.31 47.48 13.50
CA PHE O 566 -10.58 47.81 12.12
C PHE O 566 -9.65 48.92 11.65
N ARG O 567 -9.08 48.74 10.46
CA ARG O 567 -8.24 49.76 9.85
C ARG O 567 -8.67 49.96 8.41
N CYS O 568 -8.32 51.12 7.86
CA CYS O 568 -8.71 51.48 6.50
C CYS O 568 -7.44 51.70 5.68
N LYS O 569 -7.15 50.76 4.79
CA LYS O 569 -6.03 50.87 3.87
C LYS O 569 -6.51 51.51 2.56
N GLU O 570 -5.83 52.57 2.14
CA GLU O 570 -6.28 53.33 0.98
C GLU O 570 -6.02 52.57 -0.31
N THR O 571 -4.84 51.96 -0.43
CA THR O 571 -4.40 51.42 -1.73
C THR O 571 -5.24 50.22 -2.14
N HIS O 572 -5.57 49.34 -1.18
CA HIS O 572 -6.39 48.16 -1.48
C HIS O 572 -7.75 48.58 -2.00
N SER O 573 -8.39 49.52 -1.32
CA SER O 573 -9.72 49.97 -1.71
C SER O 573 -9.70 50.68 -3.05
N TYR O 574 -8.67 51.52 -3.28
CA TYR O 574 -8.58 52.22 -4.56
C TYR O 574 -8.37 51.26 -5.71
N ASN O 575 -7.50 50.27 -5.54
CA ASN O 575 -7.28 49.28 -6.58
C ASN O 575 -8.53 48.45 -6.83
N PHE O 576 -9.23 48.07 -5.76
CA PHE O 576 -10.45 47.29 -5.93
C PHE O 576 -11.52 48.06 -6.68
N MET O 577 -11.69 49.35 -6.36
CA MET O 577 -12.72 50.11 -7.05
C MET O 577 -12.33 50.42 -8.49
N ARG O 578 -11.04 50.61 -8.75
CA ARG O 578 -10.58 50.77 -10.13
C ARG O 578 -10.89 49.53 -10.96
N GLN O 579 -10.61 48.36 -10.40
CA GLN O 579 -10.93 47.11 -11.08
C GLN O 579 -12.44 46.96 -11.27
N ASN O 580 -13.23 47.36 -10.27
CA ASN O 580 -14.68 47.25 -10.38
C ASN O 580 -15.22 48.15 -11.48
N LEU O 581 -14.72 49.38 -11.57
CA LEU O 581 -15.18 50.28 -12.62
C LEU O 581 -14.74 49.80 -14.01
N GLU O 582 -13.53 49.22 -14.10
CA GLU O 582 -13.11 48.63 -15.37
C GLU O 582 -14.03 47.48 -15.78
N TRP O 583 -14.39 46.61 -14.83
CA TRP O 583 -15.30 45.52 -15.14
C TRP O 583 -16.67 46.02 -15.56
N ASN O 584 -17.16 47.08 -14.91
CA ASN O 584 -18.46 47.63 -15.29
C ASN O 584 -18.43 48.23 -16.69
N MET O 585 -17.36 48.95 -17.02
CA MET O 585 -17.20 49.49 -18.37
C MET O 585 -17.15 48.38 -19.41
N ALA O 586 -16.39 47.33 -19.13
CA ALA O 586 -16.27 46.21 -20.06
C ALA O 586 -17.59 45.47 -20.22
N ASN O 587 -18.33 45.29 -19.13
CA ASN O 587 -19.63 44.63 -19.21
C ASN O 587 -20.63 45.46 -20.01
N LEU O 588 -20.57 46.79 -19.85
CA LEU O 588 -21.43 47.68 -20.63
C LEU O 588 -21.12 47.57 -22.12
N LEU O 589 -19.83 47.57 -22.47
CA LEU O 589 -19.45 47.43 -23.88
C LEU O 589 -19.84 46.06 -24.43
N PHE O 590 -19.72 45.02 -23.60
CA PHE O 590 -20.12 43.68 -24.01
C PHE O 590 -21.62 43.61 -24.29
N LYS O 591 -22.43 44.24 -23.42
CA LYS O 591 -23.86 44.27 -23.64
C LYS O 591 -24.21 45.03 -24.92
N LYS O 592 -23.53 46.15 -25.17
CA LYS O 592 -23.78 46.91 -26.39
C LYS O 592 -23.44 46.09 -27.63
N GLU O 593 -22.30 45.40 -27.60
CA GLU O 593 -21.90 44.57 -28.75
C GLU O 593 -22.87 43.42 -28.96
N LYS O 594 -23.36 42.81 -27.88
CA LYS O 594 -24.34 41.74 -28.00
C LYS O 594 -25.65 42.25 -28.60
N LEU O 595 -26.09 43.43 -28.18
CA LEU O 595 -27.32 44.01 -28.74
C LEU O 595 -27.16 44.31 -30.22
N LYS O 596 -26.01 44.87 -30.61
CA LYS O 596 -25.79 45.15 -32.04
C LYS O 596 -25.69 43.86 -32.85
N GLN O 597 -25.06 42.83 -32.29
CA GLN O 597 -24.96 41.55 -33.01
C GLN O 597 -26.33 40.90 -33.14
N GLU O 598 -27.22 41.13 -32.16
CA GLU O 598 -28.57 40.59 -32.24
C GLU O 598 -29.43 41.34 -33.25
N ASN O 599 -29.26 42.66 -33.38
CA ASN O 599 -30.07 43.45 -34.31
C ASN O 599 -29.30 43.84 -35.57
N SER O 600 -28.23 43.11 -35.89
CA SER O 600 -27.35 43.41 -37.02
C SER O 600 -28.10 43.58 -38.34
N THR O 601 -29.09 42.74 -38.61
CA THR O 601 -29.81 42.83 -39.88
C THR O 601 -30.54 44.17 -40.00
N LEU O 602 -31.24 44.57 -38.95
CA LEU O 602 -32.00 45.83 -38.99
C LEU O 602 -31.05 47.02 -39.00
N LEU O 603 -29.94 46.95 -38.28
CA LEU O 603 -28.98 48.05 -38.30
C LEU O 603 -28.28 48.17 -39.65
N LYS O 604 -28.02 47.05 -40.31
CA LYS O 604 -27.43 47.10 -41.65
C LYS O 604 -28.42 47.65 -42.66
N LYS O 605 -29.70 47.29 -42.51
CA LYS O 605 -30.73 47.85 -43.39
C LYS O 605 -30.90 49.35 -43.17
N ALA O 606 -30.86 49.80 -41.91
CA ALA O 606 -31.13 51.21 -41.62
C ALA O 606 -29.96 52.11 -41.97
N ASN O 607 -28.74 51.59 -41.94
CA ASN O 607 -27.55 52.39 -42.16
C ASN O 607 -27.17 52.51 -43.63
N ARG O 608 -27.97 51.94 -44.54
CA ARG O 608 -27.68 52.03 -45.96
C ARG O 608 -27.88 53.47 -46.45
N ASP O 609 -27.19 53.83 -47.54
CA ASP O 609 -27.15 55.21 -47.99
C ASP O 609 -28.53 55.72 -48.41
N ASP O 610 -29.29 54.90 -49.14
CA ASP O 610 -30.61 55.32 -49.56
C ASP O 610 -31.60 55.30 -48.39
N VAL O 611 -31.42 54.34 -47.48
CA VAL O 611 -32.34 54.22 -46.35
C VAL O 611 -32.14 55.36 -45.35
N LYS O 612 -30.89 55.77 -45.13
CA LYS O 612 -30.60 56.81 -44.16
C LYS O 612 -31.21 58.15 -44.59
N GLY O 613 -31.69 58.92 -43.61
CA GLY O 613 -32.38 60.16 -43.88
C GLY O 613 -33.81 60.00 -44.33
N ARG O 614 -34.26 58.77 -44.61
CA ARG O 614 -35.61 58.48 -45.04
C ARG O 614 -36.15 57.25 -44.32
N GLU O 615 -35.86 57.13 -43.03
CA GLU O 615 -36.23 55.93 -42.28
C GLU O 615 -37.74 55.80 -42.13
N ASN O 616 -38.44 56.93 -42.00
CA ASN O 616 -39.90 56.88 -41.88
C ASN O 616 -40.54 56.37 -43.17
N GLU O 617 -40.03 56.83 -44.32
CA GLU O 617 -40.63 56.47 -45.59
C GLU O 617 -40.31 55.02 -45.99
N LEU O 618 -39.07 54.60 -45.80
CA LEU O 618 -38.57 53.36 -46.38
C LEU O 618 -38.57 52.17 -45.42
N LEU O 619 -39.11 52.32 -44.21
CA LEU O 619 -39.10 51.24 -43.24
C LEU O 619 -40.48 51.06 -42.62
N LEU O 620 -40.76 49.83 -42.21
CA LEU O 620 -42.01 49.51 -41.55
C LEU O 620 -42.03 50.12 -40.15
N PRO O 621 -43.23 50.39 -39.61
CA PRO O 621 -43.29 50.96 -38.24
C PRO O 621 -42.68 50.09 -37.16
N SER O 622 -42.79 48.75 -37.28
CA SER O 622 -42.20 47.87 -36.28
C SER O 622 -40.68 47.93 -36.33
N GLU O 623 -40.11 47.89 -37.53
CA GLU O 623 -38.66 48.04 -37.66
C GLU O 623 -38.22 49.42 -37.19
N LEU O 624 -39.03 50.43 -37.45
CA LEU O 624 -38.72 51.78 -36.98
C LEU O 624 -38.69 51.85 -35.45
N ASN O 625 -39.65 51.20 -34.79
CA ASN O 625 -39.66 51.20 -33.33
C ASN O 625 -38.49 50.41 -32.76
N GLN O 626 -38.14 49.29 -33.40
CA GLN O 626 -36.96 48.53 -32.96
C GLN O 626 -35.69 49.35 -33.11
N LEU O 627 -35.56 50.08 -34.23
CA LEU O 627 -34.42 50.97 -34.43
C LEU O 627 -34.40 52.08 -33.39
N LYS O 628 -35.59 52.61 -33.06
CA LYS O 628 -35.75 53.59 -31.99
C LYS O 628 -35.16 53.09 -30.68
N MET O 629 -35.60 51.90 -30.26
CA MET O 629 -35.15 51.33 -29.00
C MET O 629 -33.66 51.02 -29.03
N VAL O 630 -33.16 50.47 -30.15
CA VAL O 630 -31.75 50.08 -30.23
C VAL O 630 -30.86 51.32 -30.15
N ASN O 631 -31.20 52.39 -30.87
CA ASN O 631 -30.37 53.58 -30.84
C ASN O 631 -30.44 54.27 -29.49
N GLU O 632 -31.61 54.29 -28.85
CA GLU O 632 -31.71 54.86 -27.51
C GLU O 632 -30.86 54.06 -26.51
N ARG O 633 -30.89 52.73 -26.61
CA ARG O 633 -30.08 51.90 -25.72
C ARG O 633 -28.59 52.11 -25.96
N GLU O 634 -28.18 52.25 -27.22
CA GLU O 634 -26.77 52.48 -27.52
C GLU O 634 -26.30 53.84 -26.99
N LEU O 635 -27.12 54.87 -27.16
CA LEU O 635 -26.79 56.18 -26.60
C LEU O 635 -26.69 56.15 -25.08
N ASN O 636 -27.61 55.43 -24.43
CA ASN O 636 -27.54 55.30 -22.98
C ASN O 636 -26.29 54.55 -22.55
N VAL O 637 -25.90 53.51 -23.31
CA VAL O 637 -24.68 52.77 -23.02
C VAL O 637 -23.47 53.70 -23.09
N PHE O 638 -23.39 54.51 -24.13
CA PHE O 638 -22.22 55.38 -24.28
C PHE O 638 -22.22 56.50 -23.25
N ALA O 639 -23.41 57.00 -22.87
CA ALA O 639 -23.47 58.01 -21.82
C ALA O 639 -23.01 57.45 -20.47
N ARG O 640 -23.46 56.24 -20.14
CA ARG O 640 -23.01 55.61 -18.90
C ARG O 640 -21.51 55.29 -18.95
N LEU O 641 -20.99 54.96 -20.14
CA LEU O 641 -19.56 54.76 -20.31
C LEU O 641 -18.79 56.04 -20.03
N SER O 642 -19.27 57.17 -20.54
CA SER O 642 -18.61 58.45 -20.28
C SER O 642 -18.66 58.79 -18.79
N ARG O 643 -19.80 58.56 -18.15
CA ARG O 643 -19.91 58.84 -16.72
C ARG O 643 -18.98 57.95 -15.89
N LEU O 644 -18.84 56.68 -16.31
CA LEU O 644 -17.88 55.79 -15.66
C LEU O 644 -16.45 56.27 -15.86
N LEU O 645 -16.13 56.74 -17.07
CA LEU O 645 -14.78 57.23 -17.35
C LEU O 645 -14.45 58.45 -16.52
N SER O 646 -15.46 59.30 -16.25
CA SER O 646 -15.24 60.42 -15.35
C SER O 646 -14.98 59.95 -13.93
N LEU O 647 -15.43 58.75 -13.58
CA LEU O 647 -15.31 58.22 -12.24
C LEU O 647 -14.13 57.26 -12.08
N TRP O 648 -13.53 56.80 -13.17
CA TRP O 648 -12.49 55.78 -13.14
C TRP O 648 -11.09 56.34 -13.35
N GLU O 649 -10.95 57.46 -14.08
CA GLU O 649 -9.63 58.00 -14.35
C GLU O 649 -8.97 58.60 -13.10
N VAL O 650 -9.74 58.85 -12.05
CA VAL O 650 -9.16 59.41 -10.82
C VAL O 650 -8.23 58.40 -10.17
N PHE O 651 -8.58 57.11 -10.22
CA PHE O 651 -7.73 56.08 -9.65
C PHE O 651 -6.61 55.64 -10.59
N GLN O 652 -6.59 56.13 -11.81
CA GLN O 652 -5.48 55.93 -12.72
C GLN O 652 -4.48 57.08 -12.69
N MET O 653 -4.69 58.05 -11.82
CA MET O 653 -3.82 59.23 -11.72
C MET O 653 -2.50 58.89 -11.05
N GLY P 162 -21.70 60.42 28.14
CA GLY P 162 -22.48 61.64 28.09
C GLY P 162 -23.97 61.42 28.27
N PRO P 163 -24.77 62.42 27.91
CA PRO P 163 -26.22 62.30 28.03
C PRO P 163 -26.90 61.58 26.88
N TRP P 164 -26.14 61.02 25.93
CA TRP P 164 -26.75 60.39 24.77
C TRP P 164 -27.33 59.02 25.11
N PHE P 165 -26.77 58.37 26.13
CA PHE P 165 -27.22 57.04 26.52
C PHE P 165 -28.61 57.10 27.12
N THR P 166 -29.56 56.40 26.51
CA THR P 166 -30.92 56.27 27.02
C THR P 166 -31.23 54.78 27.18
N ASP P 167 -31.39 54.35 28.43
CA ASP P 167 -31.66 52.95 28.78
C ASP P 167 -30.56 52.01 28.30
N GLY P 168 -29.33 52.52 28.21
CA GLY P 168 -28.19 51.72 27.78
C GLY P 168 -27.84 51.82 26.32
N GLU P 169 -28.61 52.56 25.52
CA GLU P 169 -28.33 52.71 24.10
C GLU P 169 -28.50 54.17 23.71
N LEU P 170 -27.93 54.51 22.55
CA LEU P 170 -28.01 55.88 22.06
C LEU P 170 -29.43 56.20 21.59
N ASP P 171 -29.83 57.46 21.75
CA ASP P 171 -31.12 57.95 21.27
C ASP P 171 -30.86 58.70 19.96
N ILE P 172 -31.16 58.03 18.84
CA ILE P 172 -30.77 58.56 17.53
C ILE P 172 -31.61 59.76 17.13
N GLU P 173 -32.85 59.86 17.62
CA GLU P 173 -33.68 61.02 17.30
C GLU P 173 -33.12 62.28 17.95
N PHE P 174 -32.71 62.19 19.22
CA PHE P 174 -32.06 63.30 19.90
C PHE P 174 -30.74 63.65 19.24
N ILE P 175 -29.99 62.63 18.80
CA ILE P 175 -28.74 62.86 18.08
C ILE P 175 -29.00 63.65 16.81
N ASN P 176 -30.00 63.24 16.03
CA ASN P 176 -30.30 63.91 14.77
C ASN P 176 -30.74 65.35 14.99
N SER P 177 -31.60 65.59 15.98
CA SER P 177 -32.06 66.94 16.25
C SER P 177 -30.91 67.83 16.72
N LEU P 178 -30.07 67.32 17.62
CA LEU P 178 -28.94 68.10 18.13
C LEU P 178 -27.94 68.42 17.03
N LEU P 179 -27.63 67.42 16.19
CA LEU P 179 -26.70 67.65 15.08
C LEU P 179 -27.27 68.64 14.08
N THR P 180 -28.57 68.56 13.82
CA THR P 180 -29.20 69.48 12.88
C THR P 180 -29.14 70.91 13.40
N ILE P 181 -29.45 71.12 14.69
CA ILE P 181 -29.44 72.47 15.21
C ILE P 181 -28.02 73.03 15.28
N VAL P 182 -27.02 72.18 15.59
CA VAL P 182 -25.64 72.63 15.61
C VAL P 182 -25.17 73.00 14.22
N TRP P 183 -25.51 72.17 13.22
CA TRP P 183 -25.13 72.44 11.84
C TRP P 183 -25.79 73.71 11.34
N ARG P 184 -27.05 73.94 11.69
CA ARG P 184 -27.72 75.17 11.28
C ARG P 184 -27.09 76.39 11.94
N PHE P 185 -26.68 76.30 13.20
CA PHE P 185 -26.02 77.43 13.85
C PHE P 185 -24.70 77.76 13.17
N ILE P 186 -23.89 76.73 12.88
CA ILE P 186 -22.60 76.98 12.23
C ILE P 186 -22.81 77.49 10.80
N SER P 187 -23.86 77.01 10.12
CA SER P 187 -24.18 77.52 8.79
C SER P 187 -24.57 78.99 8.84
N GLU P 188 -25.32 79.39 9.87
CA GLU P 188 -25.63 80.80 10.03
C GLU P 188 -24.38 81.62 10.33
N ASN P 189 -23.41 81.02 11.04
CA ASN P 189 -22.19 81.75 11.36
C ASN P 189 -21.33 81.97 10.12
N THR P 190 -21.09 80.92 9.34
CA THR P 190 -20.05 80.99 8.30
C THR P 190 -20.49 81.77 7.07
N PHE P 191 -21.76 81.65 6.68
CA PHE P 191 -22.23 82.33 5.48
C PHE P 191 -22.81 83.68 5.87
N PRO P 192 -22.87 84.64 4.92
CA PRO P 192 -23.39 85.97 5.26
C PRO P 192 -24.80 85.96 5.83
N ASN P 193 -25.68 85.13 5.28
CA ASN P 193 -27.02 84.91 5.83
C ASN P 193 -27.35 83.44 5.67
N GLY P 194 -27.62 82.77 6.79
CA GLY P 194 -27.88 81.34 6.78
C GLY P 194 -29.13 80.96 6.00
N PHE P 195 -28.94 80.16 4.94
CA PHE P 195 -30.03 79.66 4.09
C PHE P 195 -30.86 80.79 3.50
N LYS P 196 -30.23 81.91 3.17
CA LYS P 196 -30.90 83.04 2.52
C LYS P 196 -30.29 83.36 1.17
N ASN P 197 -28.96 83.43 1.08
CA ASN P 197 -28.32 83.67 -0.21
C ASN P 197 -28.46 82.46 -1.12
N PHE P 198 -28.62 81.28 -0.53
CA PHE P 198 -28.70 80.06 -1.35
C PHE P 198 -30.06 79.92 -2.02
N GLU P 199 -31.07 80.63 -1.53
CA GLU P 199 -32.29 80.79 -2.30
C GLU P 199 -32.02 81.70 -3.49
N ASN P 200 -32.46 81.27 -4.68
CA ASN P 200 -32.00 81.83 -5.96
C ASN P 200 -30.48 81.80 -6.01
N GLY P 201 -29.90 80.64 -5.69
CA GLY P 201 -28.50 80.48 -5.42
C GLY P 201 -27.54 80.67 -6.59
N PRO P 202 -27.66 79.90 -7.67
CA PRO P 202 -26.59 79.88 -8.69
C PRO P 202 -26.28 81.24 -9.33
N LYS P 203 -27.26 82.13 -9.43
CA LYS P 203 -26.96 83.43 -10.01
C LYS P 203 -26.45 84.41 -8.95
N LYS P 204 -27.15 84.55 -7.82
CA LYS P 204 -26.86 85.54 -6.79
C LYS P 204 -26.57 84.83 -5.47
N ASN P 205 -25.30 84.54 -5.23
CA ASN P 205 -24.83 84.02 -3.95
C ASN P 205 -23.47 84.63 -3.63
N VAL P 206 -23.30 85.08 -2.39
CA VAL P 206 -22.07 85.76 -1.97
C VAL P 206 -21.43 84.98 -0.83
N PHE P 207 -20.13 85.17 -0.66
CA PHE P 207 -19.34 84.52 0.38
C PHE P 207 -18.47 85.56 1.07
N TYR P 208 -17.94 85.19 2.23
CA TYR P 208 -17.11 86.09 3.01
C TYR P 208 -15.71 86.22 2.40
N ALA P 209 -15.09 87.36 2.67
CA ALA P 209 -13.70 87.57 2.30
C ALA P 209 -12.79 86.68 3.14
N PRO P 210 -11.59 86.35 2.62
CA PRO P 210 -10.70 85.44 3.37
C PRO P 210 -10.27 85.98 4.74
N ASN P 211 -10.18 87.30 4.91
CA ASN P 211 -9.77 87.84 6.19
C ASN P 211 -10.88 87.78 7.24
N VAL P 212 -12.12 87.50 6.83
CA VAL P 212 -13.23 87.42 7.76
C VAL P 212 -13.17 86.12 8.53
N LYS P 213 -13.39 86.21 9.84
CA LYS P 213 -13.38 85.03 10.72
C LYS P 213 -14.75 84.36 10.68
N ASN P 214 -14.99 83.64 9.58
CA ASN P 214 -16.28 82.98 9.39
C ASN P 214 -16.43 81.73 10.26
N TYR P 215 -15.34 81.21 10.80
CA TYR P 215 -15.42 80.01 11.62
C TYR P 215 -16.10 80.30 12.95
N SER P 216 -16.87 79.33 13.43
CA SER P 216 -17.53 79.42 14.73
C SER P 216 -16.82 78.52 15.72
N THR P 217 -16.44 79.10 16.86
CA THR P 217 -15.68 78.35 17.85
C THR P 217 -16.60 77.47 18.68
N THR P 218 -15.99 76.63 19.52
CA THR P 218 -16.75 75.69 20.34
C THR P 218 -17.56 76.41 21.41
N GLN P 219 -17.02 77.50 21.95
CA GLN P 219 -17.71 78.22 23.02
C GLN P 219 -19.01 78.83 22.53
N GLU P 220 -19.02 79.39 21.32
CA GLU P 220 -20.25 79.96 20.76
C GLU P 220 -21.31 78.89 20.56
N ILE P 221 -20.92 77.71 20.07
CA ILE P 221 -21.87 76.62 19.87
C ILE P 221 -22.42 76.15 21.21
N LEU P 222 -21.55 76.05 22.23
CA LEU P 222 -22.01 75.63 23.56
C LEU P 222 -22.99 76.65 24.14
N GLU P 223 -22.68 77.94 24.01
CA GLU P 223 -23.60 78.96 24.52
C GLU P 223 -24.92 78.95 23.77
N PHE P 224 -24.89 78.76 22.44
CA PHE P 224 -26.12 78.73 21.66
C PHE P 224 -26.99 77.53 22.04
N ILE P 225 -26.36 76.36 22.24
CA ILE P 225 -27.14 75.17 22.56
C ILE P 225 -27.60 75.20 24.01
N THR P 226 -26.90 75.95 24.87
CA THR P 226 -27.38 76.14 26.23
C THR P 226 -28.58 77.08 26.26
N ALA P 227 -28.53 78.17 25.49
CA ALA P 227 -29.65 79.11 25.46
C ALA P 227 -30.83 78.55 24.68
N ALA P 228 -30.59 77.57 23.81
CA ALA P 228 -31.66 77.03 22.98
C ALA P 228 -32.60 76.14 23.81
N GLN P 229 -32.11 75.61 24.93
CA GLN P 229 -32.84 74.74 25.85
C GLN P 229 -33.37 73.47 25.19
N VAL P 230 -32.71 72.99 24.13
CA VAL P 230 -33.16 71.77 23.48
C VAL P 230 -32.52 70.54 24.14
N ALA P 231 -31.27 70.68 24.58
CA ALA P 231 -30.55 69.53 25.15
C ALA P 231 -31.15 69.10 26.48
N ASN P 232 -31.72 70.05 27.24
CA ASN P 232 -32.37 69.85 28.53
C ASN P 232 -31.42 69.38 29.63
N VAL P 233 -30.13 69.22 29.34
CA VAL P 233 -29.14 68.83 30.32
C VAL P 233 -27.88 69.67 30.11
N GLU P 234 -26.94 69.58 31.05
CA GLU P 234 -25.66 70.26 30.87
C GLU P 234 -24.86 69.56 29.78
N LEU P 235 -24.05 70.34 29.06
CA LEU P 235 -23.23 69.81 27.98
C LEU P 235 -21.77 70.21 28.22
N THR P 236 -20.93 69.20 28.48
CA THR P 236 -19.50 69.41 28.57
C THR P 236 -18.98 69.80 27.18
N PRO P 237 -17.97 70.68 27.11
CA PRO P 237 -17.35 70.98 25.80
C PRO P 237 -16.81 69.75 25.09
N SER P 238 -16.43 68.70 25.82
CA SER P 238 -16.05 67.46 25.18
C SER P 238 -17.22 66.85 24.40
N ASN P 239 -18.44 66.98 24.94
CA ASN P 239 -19.61 66.39 24.28
C ASN P 239 -19.93 67.12 22.98
N ILE P 240 -19.94 68.46 23.01
CA ILE P 240 -20.21 69.23 21.80
C ILE P 240 -19.08 69.04 20.79
N ARG P 241 -17.84 68.88 21.28
CA ARG P 241 -16.73 68.59 20.37
C ARG P 241 -16.90 67.21 19.72
N SER P 242 -17.35 66.22 20.49
CA SER P 242 -17.56 64.88 19.94
C SER P 242 -18.66 64.87 18.88
N LEU P 243 -19.77 65.57 19.15
CA LEU P 243 -20.85 65.59 18.16
C LEU P 243 -20.46 66.42 16.93
N CYS P 244 -19.62 67.45 17.10
CA CYS P 244 -19.12 68.15 15.94
C CYS P 244 -18.12 67.30 15.15
N GLU P 245 -17.40 66.40 15.83
CA GLU P 245 -16.60 65.42 15.11
C GLU P 245 -17.47 64.43 14.35
N VAL P 246 -18.64 64.09 14.91
CA VAL P 246 -19.60 63.29 14.16
C VAL P 246 -20.05 64.04 12.92
N LEU P 247 -20.27 65.34 13.04
CA LEU P 247 -20.66 66.15 11.89
C LEU P 247 -19.54 66.20 10.84
N VAL P 248 -18.29 66.34 11.27
CA VAL P 248 -17.20 66.44 10.30
C VAL P 248 -16.92 65.07 9.68
N TYR P 249 -17.34 63.98 10.34
CA TYR P 249 -17.26 62.67 9.72
C TYR P 249 -18.26 62.54 8.58
N ASP P 250 -19.40 63.23 8.68
CA ASP P 250 -20.42 63.20 7.65
C ASP P 250 -20.11 64.12 6.48
N ASP P 251 -18.97 64.83 6.53
CA ASP P 251 -18.58 65.87 5.58
C ASP P 251 -19.56 67.03 5.55
N LYS P 252 -20.36 67.21 6.60
CA LYS P 252 -21.25 68.36 6.68
C LYS P 252 -20.45 69.64 6.95
N LEU P 253 -19.43 69.54 7.80
CA LEU P 253 -18.56 70.68 8.05
C LEU P 253 -17.10 70.25 7.99
N GLU P 254 -16.19 71.16 8.33
CA GLU P 254 -14.76 70.90 8.26
C GLU P 254 -14.08 71.67 9.38
N LYS P 255 -12.90 71.18 9.76
CA LYS P 255 -12.12 71.77 10.84
C LYS P 255 -10.90 72.48 10.26
N VAL P 256 -10.76 73.76 10.58
CA VAL P 256 -9.62 74.54 10.15
C VAL P 256 -8.64 74.83 11.28
N THR P 257 -9.11 74.89 12.52
CA THR P 257 -8.26 75.15 13.68
C THR P 257 -8.88 74.37 14.83
N HIS P 258 -8.07 74.05 15.83
CA HIS P 258 -8.57 73.37 17.02
C HIS P 258 -9.67 74.19 17.67
N ASP P 259 -10.78 73.53 17.99
CA ASP P 259 -12.00 74.18 18.51
C ASP P 259 -12.53 75.24 17.55
N CYS P 260 -12.41 74.97 16.25
CA CYS P 260 -12.94 75.87 15.22
C CYS P 260 -13.49 75.02 14.08
N TYR P 261 -14.67 75.38 13.59
CA TYR P 261 -15.33 74.61 12.54
C TYR P 261 -16.02 75.54 11.56
N ARG P 262 -16.26 75.03 10.35
CA ARG P 262 -16.87 75.81 9.28
C ARG P 262 -17.67 74.87 8.38
N VAL P 263 -18.89 75.27 8.04
CA VAL P 263 -19.77 74.43 7.23
C VAL P 263 -19.29 74.39 5.78
N THR P 264 -19.17 73.17 5.25
CA THR P 264 -18.82 72.98 3.85
C THR P 264 -19.99 73.35 2.94
N LEU P 265 -19.66 73.76 1.71
CA LEU P 265 -20.69 74.17 0.76
C LEU P 265 -21.48 72.97 0.24
N GLU P 266 -20.87 71.78 0.24
CA GLU P 266 -21.55 70.60 -0.27
C GLU P 266 -22.76 70.24 0.59
N SER P 267 -22.64 70.37 1.91
CA SER P 267 -23.77 70.11 2.79
C SER P 267 -24.90 71.10 2.54
N ILE P 268 -24.55 72.34 2.22
CA ILE P 268 -25.57 73.34 1.89
C ILE P 268 -26.26 72.99 0.58
N LEU P 269 -25.50 72.52 -0.40
CA LEU P 269 -26.11 72.13 -1.67
C LEU P 269 -26.91 70.84 -1.55
N GLN P 270 -26.63 70.03 -0.52
CA GLN P 270 -27.27 68.74 -0.40
C GLN P 270 -28.73 68.84 0.06
N MET P 271 -29.12 69.96 0.68
CA MET P 271 -30.48 70.06 1.21
C MET P 271 -31.50 70.26 0.10
N ASN P 272 -31.05 70.72 -1.07
CA ASN P 272 -31.95 70.95 -2.19
C ASN P 272 -31.71 69.94 -3.30
N GLU P 289 -25.62 71.58 -17.34
CA GLU P 289 -25.08 70.83 -16.21
C GLU P 289 -24.28 69.62 -16.69
N GLU P 290 -23.20 69.31 -15.98
CA GLU P 290 -22.32 68.20 -16.32
C GLU P 290 -22.20 67.28 -15.13
N PHE P 291 -22.06 65.98 -15.41
CA PHE P 291 -22.12 64.97 -14.36
C PHE P 291 -20.92 65.06 -13.43
N SER P 292 -21.20 64.96 -12.13
CA SER P 292 -20.18 64.87 -11.10
C SER P 292 -20.63 63.86 -10.06
N ILE P 293 -19.67 63.25 -9.36
CA ILE P 293 -20.03 62.27 -8.34
C ILE P 293 -20.54 62.96 -7.10
N PHE P 294 -20.13 64.21 -6.87
CA PHE P 294 -20.44 64.88 -5.60
C PHE P 294 -21.90 65.30 -5.55
N ASN P 295 -22.47 65.72 -6.68
CA ASN P 295 -23.89 66.05 -6.76
C ASN P 295 -24.75 64.84 -7.17
N TYR P 296 -24.53 63.73 -6.47
CA TYR P 296 -25.22 62.48 -6.80
C TYR P 296 -26.68 62.52 -6.40
N PHE P 297 -27.05 63.38 -5.45
CA PHE P 297 -28.45 63.46 -5.02
C PHE P 297 -29.35 64.01 -6.10
N LYS P 298 -28.80 64.81 -7.01
CA LYS P 298 -29.59 65.36 -8.11
C LYS P 298 -29.89 64.30 -9.17
N MET P 299 -29.09 63.23 -9.24
CA MET P 299 -29.30 62.21 -10.26
C MET P 299 -30.52 61.38 -9.95
N PHE P 300 -31.25 60.98 -11.01
CA PHE P 300 -32.47 60.19 -10.90
C PHE P 300 -32.18 58.72 -11.17
N PRO P 301 -32.87 57.82 -10.48
CA PRO P 301 -32.67 56.38 -10.72
C PRO P 301 -33.17 55.98 -12.10
N ALA P 302 -32.57 54.91 -12.62
CA ALA P 302 -32.95 54.40 -13.93
C ALA P 302 -34.33 53.76 -13.88
N SER P 303 -35.04 53.82 -15.01
CA SER P 303 -36.34 53.19 -15.12
C SER P 303 -36.20 51.68 -15.12
N LYS P 304 -37.28 51.00 -14.74
CA LYS P 304 -37.28 49.55 -14.70
C LYS P 304 -37.25 48.99 -16.13
N HIS P 305 -36.95 47.69 -16.22
CA HIS P 305 -36.77 46.98 -17.48
C HIS P 305 -35.68 47.63 -18.34
N ASP P 306 -34.62 48.09 -17.69
CA ASP P 306 -33.44 48.62 -18.36
C ASP P 306 -32.30 47.64 -18.14
N LYS P 307 -31.86 46.99 -19.22
CA LYS P 307 -30.85 45.94 -19.11
C LYS P 307 -29.47 46.54 -18.84
N GLU P 308 -29.15 47.65 -19.48
CA GLU P 308 -27.80 48.21 -19.46
C GLU P 308 -27.66 49.25 -18.33
N VAL P 309 -27.85 48.75 -17.12
CA VAL P 309 -27.76 49.55 -15.91
C VAL P 309 -26.57 49.06 -15.08
N VAL P 310 -25.78 49.99 -14.57
CA VAL P 310 -24.51 49.67 -13.94
C VAL P 310 -24.69 49.56 -12.43
N TYR P 311 -24.27 48.43 -11.87
CA TYR P 311 -24.41 48.15 -10.45
C TYR P 311 -23.05 48.11 -9.79
N PHE P 312 -22.96 48.73 -8.61
CA PHE P 312 -21.72 48.67 -7.82
C PHE P 312 -21.56 47.30 -7.16
N ASP P 313 -22.66 46.63 -6.85
CA ASP P 313 -22.59 45.34 -6.17
C ASP P 313 -22.15 44.24 -7.13
N GLU P 314 -22.28 44.47 -8.43
CA GLU P 314 -21.90 43.47 -9.42
C GLU P 314 -20.38 43.32 -9.44
N TRP P 315 -19.93 42.18 -9.96
CA TRP P 315 -18.55 41.64 -9.97
C TRP P 315 -18.18 41.11 -8.58
N THR P 316 -19.02 41.31 -7.56
CA THR P 316 -18.78 40.75 -6.23
C THR P 316 -19.91 39.85 -5.78
N ILE P 317 -20.95 39.70 -6.59
CA ILE P 317 -22.12 38.91 -6.20
C ILE P 317 -22.13 37.58 -6.95
N ASN Q 14 -24.46 17.82 17.31
CA ASN Q 14 -25.70 18.33 16.76
C ASN Q 14 -25.45 19.40 15.70
N TYR Q 15 -24.51 20.31 15.99
CA TYR Q 15 -24.06 21.43 15.17
C TYR Q 15 -25.15 22.48 14.97
N MET Q 16 -26.29 22.35 15.63
CA MET Q 16 -27.43 23.24 15.40
C MET Q 16 -27.82 24.03 16.64
N SER Q 17 -27.22 23.73 17.80
CA SER Q 17 -27.72 24.26 19.06
C SER Q 17 -27.35 25.73 19.25
N ASN Q 18 -26.12 26.10 18.93
CA ASN Q 18 -25.59 27.41 19.26
C ASN Q 18 -25.98 28.43 18.20
N LEU Q 19 -26.60 29.53 18.64
CA LEU Q 19 -27.08 30.65 17.84
C LEU Q 19 -26.50 31.95 18.36
N PRO Q 20 -26.23 32.92 17.48
CA PRO Q 20 -25.83 34.25 17.93
C PRO Q 20 -26.99 34.97 18.60
N PHE Q 21 -26.65 35.98 19.40
CA PHE Q 21 -27.66 36.70 20.18
C PHE Q 21 -28.62 37.46 19.28
N GLY Q 22 -28.09 38.09 18.23
CA GLY Q 22 -28.94 38.90 17.36
C GLY Q 22 -29.94 38.08 16.57
N LEU Q 23 -29.55 36.89 16.13
CA LEU Q 23 -30.38 36.08 15.27
C LEU Q 23 -31.33 35.20 16.08
N GLY Q 24 -32.36 34.69 15.39
CA GLY Q 24 -33.26 33.73 15.97
C GLY Q 24 -33.42 32.54 15.05
N TYR Q 25 -34.15 31.53 15.55
CA TYR Q 25 -34.35 30.31 14.78
C TYR Q 25 -35.21 30.55 13.54
N GLY Q 26 -36.14 31.51 13.61
CA GLY Q 26 -37.04 31.73 12.49
C GLY Q 26 -36.34 32.31 11.27
N ASP Q 27 -35.37 33.19 11.48
CA ASP Q 27 -34.74 33.94 10.41
C ASP Q 27 -33.53 33.25 9.81
N VAL Q 28 -33.20 32.04 10.27
CA VAL Q 28 -32.01 31.33 9.79
C VAL Q 28 -32.45 29.99 9.22
N GLY Q 29 -31.56 29.40 8.42
CA GLY Q 29 -31.80 28.12 7.80
C GLY Q 29 -32.31 28.16 6.37
N LYS Q 30 -32.33 29.34 5.75
CA LYS Q 30 -32.82 29.48 4.38
C LYS Q 30 -31.70 29.56 3.34
N ASN Q 31 -30.73 30.45 3.54
CA ASN Q 31 -29.57 30.60 2.66
C ASN Q 31 -30.00 30.91 1.22
N HIS Q 32 -30.62 32.08 1.06
CA HIS Q 32 -31.04 32.56 -0.26
C HIS Q 32 -30.18 33.78 -0.59
N ILE Q 33 -29.05 33.54 -1.26
CA ILE Q 33 -28.17 34.60 -1.75
C ILE Q 33 -28.50 34.82 -3.22
N THR Q 34 -28.93 36.04 -3.54
CA THR Q 34 -29.34 36.34 -4.90
C THR Q 34 -28.13 36.45 -5.83
N GLU Q 35 -28.35 36.13 -7.10
CA GLU Q 35 -27.34 36.30 -8.13
C GLU Q 35 -27.42 37.66 -8.81
N PHE Q 36 -28.35 38.52 -8.39
CA PHE Q 36 -28.61 39.79 -9.03
C PHE Q 36 -28.28 40.94 -8.09
N PRO Q 37 -27.49 41.91 -8.52
CA PRO Q 37 -27.13 43.02 -7.65
C PRO Q 37 -28.29 43.98 -7.44
N SER Q 38 -28.18 44.77 -6.36
CA SER Q 38 -29.24 45.72 -6.02
C SER Q 38 -28.69 47.08 -5.59
N ILE Q 39 -27.43 47.39 -5.88
CA ILE Q 39 -26.84 48.66 -5.49
C ILE Q 39 -26.39 49.41 -6.74
N PRO Q 40 -27.21 50.31 -7.28
CA PRO Q 40 -26.83 50.99 -8.52
C PRO Q 40 -26.03 52.26 -8.29
N LEU Q 41 -25.13 52.54 -9.22
CA LEU Q 41 -24.41 53.80 -9.27
C LEU Q 41 -25.34 54.90 -9.76
N PRO Q 42 -25.06 56.16 -9.41
CA PRO Q 42 -25.91 57.26 -9.88
C PRO Q 42 -25.72 57.63 -11.34
N ILE Q 43 -24.88 56.89 -12.07
CA ILE Q 43 -24.60 57.20 -13.47
C ILE Q 43 -25.72 56.78 -14.42
N ASN Q 44 -26.80 56.19 -13.90
CA ASN Q 44 -27.86 55.65 -14.73
C ASN Q 44 -28.99 56.63 -14.97
N GLY Q 45 -28.72 57.93 -14.89
CA GLY Q 45 -29.74 58.93 -15.10
C GLY Q 45 -30.04 59.14 -16.57
N PRO Q 46 -30.99 60.03 -16.84
CA PRO Q 46 -31.33 60.35 -18.23
C PRO Q 46 -30.19 61.07 -18.93
N ILE Q 47 -30.11 60.87 -20.25
CA ILE Q 47 -29.07 61.46 -21.07
C ILE Q 47 -29.35 62.94 -21.27
N THR Q 48 -28.31 63.74 -21.47
CA THR Q 48 -28.44 65.16 -21.74
C THR Q 48 -27.96 65.45 -23.16
N ASN Q 49 -27.97 66.74 -23.52
CA ASN Q 49 -27.62 67.13 -24.88
C ASN Q 49 -26.13 66.95 -25.14
N LYS Q 50 -25.30 67.40 -24.19
CA LYS Q 50 -23.85 67.23 -24.34
C LYS Q 50 -23.47 65.75 -24.34
N GLU Q 51 -24.11 64.96 -23.49
CA GLU Q 51 -23.88 63.52 -23.49
C GLU Q 51 -24.39 62.87 -24.77
N ARG Q 52 -25.48 63.40 -25.35
CA ARG Q 52 -25.95 62.89 -26.63
C ARG Q 52 -24.96 63.16 -27.76
N SER Q 53 -24.38 64.37 -27.78
CA SER Q 53 -23.36 64.69 -28.78
C SER Q 53 -22.11 63.83 -28.58
N LEU Q 54 -21.73 63.60 -27.33
CA LEU Q 54 -20.58 62.74 -27.04
C LEU Q 54 -20.86 61.30 -27.49
N ALA Q 55 -22.09 60.82 -27.27
CA ALA Q 55 -22.44 59.46 -27.67
C ALA Q 55 -22.46 59.32 -29.19
N VAL Q 56 -22.96 60.33 -29.91
CA VAL Q 56 -22.95 60.21 -31.36
C VAL Q 56 -21.54 60.35 -31.91
N LYS Q 57 -20.66 61.06 -31.19
CA LYS Q 57 -19.25 61.06 -31.55
C LYS Q 57 -18.63 59.67 -31.38
N TYR Q 58 -18.96 58.99 -30.27
CA TYR Q 58 -18.56 57.59 -30.09
C TYR Q 58 -19.03 56.70 -31.23
N ILE Q 59 -20.31 56.83 -31.60
CA ILE Q 59 -20.87 55.99 -32.66
C ILE Q 59 -20.19 56.27 -33.99
N ASN Q 60 -19.98 57.55 -34.30
CA ASN Q 60 -19.32 57.92 -35.56
C ASN Q 60 -17.89 57.39 -35.61
N PHE Q 61 -17.15 57.49 -34.51
CA PHE Q 61 -15.79 56.96 -34.50
C PHE Q 61 -15.77 55.45 -34.65
N GLY Q 62 -16.69 54.75 -33.97
CA GLY Q 62 -16.76 53.30 -34.11
C GLY Q 62 -17.08 52.89 -35.53
N LYS Q 63 -18.00 53.60 -36.18
CA LYS Q 63 -18.34 53.29 -37.56
C LYS Q 63 -17.19 53.60 -38.51
N THR Q 64 -16.47 54.70 -38.28
CA THR Q 64 -15.40 55.07 -39.21
C THR Q 64 -14.16 54.21 -39.01
N VAL Q 65 -14.02 53.57 -37.86
CA VAL Q 65 -12.95 52.58 -37.70
C VAL Q 65 -13.41 51.22 -38.21
N LYS Q 66 -14.73 50.97 -38.17
CA LYS Q 66 -15.28 49.69 -38.61
C LYS Q 66 -15.03 49.47 -40.11
N ASP Q 67 -15.19 50.50 -40.92
CA ASP Q 67 -15.04 50.39 -42.37
C ASP Q 67 -13.69 50.91 -42.87
N GLY Q 68 -12.75 51.19 -41.97
CA GLY Q 68 -11.47 51.70 -42.38
C GLY Q 68 -10.56 50.63 -42.91
N PRO Q 69 -9.36 51.05 -43.34
CA PRO Q 69 -8.40 50.08 -43.89
C PRO Q 69 -7.86 49.09 -42.87
N PHE Q 70 -7.95 49.40 -41.58
CA PHE Q 70 -7.46 48.53 -40.51
C PHE Q 70 -8.67 47.99 -39.75
N TYR Q 71 -9.22 46.88 -40.23
CA TYR Q 71 -10.34 46.24 -39.55
C TYR Q 71 -9.99 44.83 -39.07
N THR Q 72 -9.52 43.97 -39.98
CA THR Q 72 -9.12 42.59 -39.68
C THR Q 72 -10.24 41.82 -38.98
N GLY Q 73 -11.33 41.61 -39.71
CA GLY Q 73 -12.56 41.10 -39.15
C GLY Q 73 -12.58 39.65 -38.73
N SER Q 74 -13.76 39.04 -38.76
CA SER Q 74 -13.95 37.70 -38.22
C SER Q 74 -13.11 36.67 -38.98
N MET Q 75 -12.59 35.70 -38.24
CA MET Q 75 -11.74 34.66 -38.81
C MET Q 75 -12.50 33.37 -39.04
N THR Q 101 -24.93 34.31 -54.43
CA THR Q 101 -24.24 33.70 -53.29
C THR Q 101 -22.86 33.19 -53.70
N ASN Q 102 -22.25 33.87 -54.67
CA ASN Q 102 -20.94 33.55 -55.22
C ASN Q 102 -20.85 32.12 -55.74
N ASP Q 103 -21.93 31.63 -56.36
CA ASP Q 103 -21.90 30.30 -56.95
C ASP Q 103 -21.01 30.27 -58.18
N GLY Q 104 -20.48 29.08 -58.47
CA GLY Q 104 -19.64 28.92 -59.65
C GLY Q 104 -20.41 28.91 -60.96
N ILE Q 105 -21.74 28.87 -60.89
CA ILE Q 105 -22.56 28.87 -62.10
C ILE Q 105 -22.50 30.24 -62.74
N GLU Q 106 -22.47 30.26 -64.08
CA GLU Q 106 -22.37 31.50 -64.84
C GLU Q 106 -23.70 31.77 -65.54
N ARG Q 107 -24.21 32.99 -65.38
CA ARG Q 107 -25.46 33.40 -66.01
C ARG Q 107 -25.23 34.67 -66.80
N TYR Q 108 -26.17 34.96 -67.71
CA TYR Q 108 -26.12 36.20 -68.46
C TYR Q 108 -26.52 37.40 -67.61
N SER Q 109 -27.04 37.16 -66.40
CA SER Q 109 -27.33 38.26 -65.48
C SER Q 109 -26.08 38.80 -64.82
N ASP Q 110 -24.92 38.17 -65.03
CA ASP Q 110 -23.68 38.70 -64.47
C ASP Q 110 -23.36 40.08 -65.03
N LYS Q 111 -23.52 40.25 -66.34
CA LYS Q 111 -23.52 41.59 -66.90
C LYS Q 111 -24.86 42.27 -66.58
N TYR Q 112 -24.83 43.60 -66.54
CA TYR Q 112 -25.84 44.51 -65.97
C TYR Q 112 -25.89 44.39 -64.45
N LEU Q 113 -24.97 43.67 -63.82
CA LEU Q 113 -24.87 43.58 -62.38
C LEU Q 113 -23.55 44.22 -61.95
N LYS Q 114 -23.65 45.23 -61.09
CA LYS Q 114 -22.49 46.03 -60.71
C LYS Q 114 -21.67 45.31 -59.64
N LYS Q 115 -20.40 45.69 -59.54
CA LYS Q 115 -19.49 45.17 -58.53
C LYS Q 115 -19.77 45.84 -57.19
N ARG Q 116 -19.61 45.08 -56.11
CA ARG Q 116 -20.02 45.54 -54.79
C ARG Q 116 -19.23 46.77 -54.36
N LYS Q 117 -17.92 46.62 -54.15
CA LYS Q 117 -17.08 47.72 -53.70
C LYS Q 117 -15.62 47.35 -53.91
N ILE Q 118 -14.83 48.32 -54.35
CA ILE Q 118 -13.36 48.16 -54.43
C ILE Q 118 -12.81 48.69 -53.11
N GLY Q 119 -12.79 47.81 -52.11
CA GLY Q 119 -12.39 48.22 -50.79
C GLY Q 119 -10.89 48.42 -50.66
N ILE Q 120 -10.51 49.30 -49.75
CA ILE Q 120 -9.10 49.56 -49.46
C ILE Q 120 -8.56 48.42 -48.60
N SER Q 121 -7.36 47.96 -48.92
CA SER Q 121 -6.78 46.80 -48.23
C SER Q 121 -5.72 47.25 -47.23
N ILE Q 122 -5.04 46.27 -46.64
CA ILE Q 122 -4.03 46.56 -45.62
C ILE Q 122 -2.76 47.10 -46.27
N ASP Q 123 -2.54 46.80 -47.54
CA ASP Q 123 -1.32 47.19 -48.24
C ASP Q 123 -1.52 48.44 -49.10
N ASP Q 124 -2.63 49.15 -48.93
CA ASP Q 124 -2.93 50.36 -49.68
C ASP Q 124 -2.96 51.57 -48.76
N HIS Q 125 -2.00 51.66 -47.85
CA HIS Q 125 -1.91 52.77 -46.91
C HIS Q 125 -0.49 53.32 -46.89
N PRO Q 126 -0.33 54.64 -46.79
CA PRO Q 126 1.02 55.24 -46.72
C PRO Q 126 1.67 55.06 -45.34
N TYR Q 127 2.27 53.89 -45.14
CA TYR Q 127 2.87 53.56 -43.86
C TYR Q 127 4.17 54.32 -43.65
N ASN Q 128 4.43 54.68 -42.40
CA ASN Q 128 5.73 55.22 -41.99
C ASN Q 128 6.57 54.03 -41.57
N LEU Q 129 7.53 53.63 -42.43
CA LEU Q 129 8.27 52.39 -42.23
C LEU Q 129 9.25 52.46 -41.07
N ASN Q 130 9.50 53.64 -40.51
CA ASN Q 130 10.38 53.74 -39.35
C ASN Q 130 9.72 53.26 -38.06
N LEU Q 131 8.39 53.13 -38.05
CA LEU Q 131 7.66 52.74 -36.85
C LEU Q 131 7.33 51.26 -36.82
N PHE Q 132 7.72 50.49 -37.83
CA PHE Q 132 7.32 49.10 -37.91
C PHE Q 132 8.54 48.18 -37.89
N PRO Q 133 8.41 46.97 -37.34
CA PRO Q 133 9.51 46.01 -37.38
C PRO Q 133 9.79 45.55 -38.81
N ASN Q 134 11.01 45.05 -39.01
CA ASN Q 134 11.44 44.64 -40.34
C ASN Q 134 10.70 43.40 -40.83
N GLU Q 135 10.16 42.59 -39.91
CA GLU Q 135 9.50 41.35 -40.33
C GLU Q 135 8.10 41.58 -40.86
N LEU Q 136 7.53 42.77 -40.65
CA LEU Q 136 6.19 43.08 -41.13
C LEU Q 136 6.19 43.73 -42.51
N TYR Q 137 7.36 43.95 -43.11
CA TYR Q 137 7.44 44.63 -44.39
C TYR Q 137 6.82 43.82 -45.52
N ASN Q 138 6.77 42.49 -45.38
CA ASN Q 138 6.32 41.63 -46.47
C ASN Q 138 4.83 41.79 -46.73
N VAL Q 139 4.05 42.07 -45.68
CA VAL Q 139 2.59 42.08 -45.81
C VAL Q 139 2.01 43.47 -46.00
N MET Q 140 2.81 44.51 -45.94
CA MET Q 140 2.31 45.88 -46.10
C MET Q 140 2.43 46.39 -47.53
N GLY Q 141 3.07 45.65 -48.42
CA GLY Q 141 3.25 46.11 -49.79
C GLY Q 141 4.07 47.37 -49.88
N ILE Q 142 5.37 47.25 -49.60
CA ILE Q 142 6.23 48.43 -49.49
C ILE Q 142 6.33 49.16 -50.83
N ASN Q 143 6.18 48.45 -51.93
CA ASN Q 143 6.17 49.05 -53.27
C ASN Q 143 4.82 48.73 -53.91
N LYS Q 144 3.82 49.56 -53.60
CA LYS Q 144 2.47 49.44 -54.14
C LYS Q 144 1.88 50.83 -54.21
N LYS Q 145 0.64 50.92 -54.70
CA LYS Q 145 -0.06 52.20 -54.75
C LYS Q 145 -0.45 52.64 -53.33
N LYS Q 146 -0.32 53.94 -53.07
CA LYS Q 146 -0.55 54.49 -51.75
C LYS Q 146 -1.75 55.44 -51.81
N LEU Q 147 -2.80 55.12 -51.06
CA LEU Q 147 -3.98 55.96 -50.94
C LEU Q 147 -4.28 56.16 -49.46
N LEU Q 148 -4.60 57.39 -49.08
CA LEU Q 148 -4.97 57.70 -47.70
C LEU Q 148 -6.49 57.80 -47.62
N ALA Q 149 -7.10 56.86 -46.90
CA ALA Q 149 -8.55 56.82 -46.73
C ALA Q 149 -8.94 57.82 -45.66
N ILE Q 150 -9.42 58.99 -46.07
CA ILE Q 150 -9.81 60.06 -45.17
C ILE Q 150 -11.32 60.11 -45.13
N SER Q 151 -11.89 59.91 -43.94
CA SER Q 151 -13.33 59.99 -43.77
C SER Q 151 -13.78 61.43 -43.60
N LYS Q 152 -15.06 61.67 -43.86
CA LYS Q 152 -15.67 62.98 -43.70
C LYS Q 152 -16.51 62.98 -42.43
N PHE Q 153 -16.34 64.01 -41.61
CA PHE Q 153 -17.09 64.10 -40.36
C PHE Q 153 -18.57 64.32 -40.62
N ASN Q 154 -19.40 63.59 -39.89
CA ASN Q 154 -20.85 63.76 -39.95
C ASN Q 154 -21.24 64.84 -38.95
N ASN Q 155 -21.63 66.01 -39.46
CA ASN Q 155 -21.92 67.14 -38.59
C ASN Q 155 -23.14 66.89 -37.71
N ALA Q 156 -24.25 66.48 -38.32
CA ALA Q 156 -25.48 66.29 -37.58
C ALA Q 156 -25.46 64.98 -36.80
N ASP Q 157 -26.17 64.97 -35.68
CA ASP Q 157 -26.39 63.76 -34.90
C ASP Q 157 -27.41 62.91 -35.66
N ASP Q 158 -26.90 62.14 -36.62
CA ASP Q 158 -27.74 61.39 -37.55
C ASP Q 158 -28.35 60.14 -36.93
N VAL Q 159 -28.10 59.88 -35.64
CA VAL Q 159 -28.81 58.81 -34.94
C VAL Q 159 -30.28 59.15 -34.87
N PHE Q 160 -31.12 58.23 -35.33
CA PHE Q 160 -32.55 58.46 -35.37
C PHE Q 160 -33.10 58.39 -33.95
N THR Q 161 -33.00 59.52 -33.25
CA THR Q 161 -33.37 59.71 -31.83
C THR Q 161 -32.94 58.56 -30.93
#